data_5MYU
#
_entry.id   5MYU
#
_cell.length_a   1.000
_cell.length_b   1.000
_cell.length_c   1.000
_cell.angle_alpha   90.00
_cell.angle_beta   90.00
_cell.angle_gamma   90.00
#
_symmetry.space_group_name_H-M   'P 1'
#
loop_
_entity.id
_entity.type
_entity.pdbx_description
1 polymer 'Uncharacterized protein'
2 polymer 'Type VI secretion system protein ImpC'
#
loop_
_entity_poly.entity_id
_entity_poly.type
_entity_poly.pdbx_seq_one_letter_code
_entity_poly.pdbx_strand_id
1 'polypeptide(L)'
;SKEGSVAPKERINIKYIPATGDAQAEAEVELPLKTLVVGDFKGHAEQTPLEERATVTVDKNNFEAVMRESELKITATVKN
KLTDDENAELPVELNFKSLADFAPDAVASQVPELKKLIELREALVAL
;
a,b,c,d,e,f
2 'polypeptide(L)'
;NKSLVDQMLVELDKKISAQMDEILHNSQFQAMESAWRGLKLFVDRTDFRENNKVEILHVTKDELLEDFEFAPETAQSGLY
KHVYSAGYGQFGGEPVGAIIGNYAFTPSTPDMKLLQYMGALGAMAHAPFISSVGPEFFGIDSFEELPNIKDLKSTFESPK
YTKWRSLRESEDARYLGLTAPRFLLRVPYDPIENPVKSFNYAENVSASHEHYLWGNTAFAFATRLTDSFAKYRWCPNIIG
PQSGGAVEDLPVHVFESMGALQSKIPTEVLITDRKEFELAEEGFIALTMRKGSDNAAFFSANSIQKPKVFPNTKEGKEAE
TNYKLGTQLPYMMIINRLAHYVKVLQREQIGAWKERQDLERELNSWIKQYVADQENPPADVRSRRPLRAARIEVMDVEGN
PGWYQVSLSVRPHFKYMGANFELSLVGRLD
;
A,B,C,D,E,F
#
# COMPACT_ATOMS: atom_id res chain seq x y z
N SER A 1 -14.73 -86.33 16.59
CA SER A 1 -14.24 -85.12 17.23
C SER A 1 -14.76 -83.91 16.51
N LYS A 2 -14.50 -82.75 17.10
CA LYS A 2 -14.96 -81.49 16.52
C LYS A 2 -13.88 -80.42 16.40
N GLU A 3 -12.75 -80.56 17.09
CA GLU A 3 -11.69 -79.57 17.04
C GLU A 3 -10.63 -79.88 15.99
N GLY A 4 -10.87 -80.86 15.15
CA GLY A 4 -9.83 -81.28 14.25
C GLY A 4 -8.76 -82.03 15.03
N SER A 5 -7.57 -82.09 14.43
CA SER A 5 -6.44 -82.71 15.10
C SER A 5 -5.18 -82.00 14.65
N VAL A 6 -4.11 -82.24 15.41
CA VAL A 6 -2.81 -81.68 15.10
C VAL A 6 -1.79 -82.81 15.08
N ALA A 7 -0.62 -82.52 14.54
CA ALA A 7 0.51 -83.41 14.66
C ALA A 7 1.11 -83.25 16.05
N PRO A 8 1.95 -84.18 16.50
CA PRO A 8 2.78 -83.90 17.67
C PRO A 8 3.74 -82.77 17.35
N LYS A 9 4.12 -82.03 18.39
CA LYS A 9 4.79 -80.73 18.24
C LYS A 9 6.19 -80.92 17.64
N GLU A 10 6.48 -80.09 16.66
CA GLU A 10 7.74 -80.17 15.94
C GLU A 10 8.45 -78.83 16.11
N ARG A 11 9.52 -78.61 15.35
CA ARG A 11 10.17 -77.31 15.30
C ARG A 11 9.26 -76.25 14.70
N ILE A 12 8.54 -76.59 13.64
CA ILE A 12 7.66 -75.66 12.96
C ILE A 12 6.26 -76.23 13.03
N ASN A 13 5.43 -75.69 13.91
CA ASN A 13 4.05 -76.14 14.04
C ASN A 13 3.17 -75.33 13.11
N ILE A 14 2.55 -75.99 12.14
CA ILE A 14 1.60 -75.34 11.25
C ILE A 14 0.28 -76.08 11.36
N LYS A 15 -0.75 -75.37 11.76
CA LYS A 15 -2.10 -75.88 11.77
C LYS A 15 -3.02 -74.79 11.27
N TYR A 16 -4.17 -75.19 10.76
CA TYR A 16 -5.12 -74.23 10.24
C TYR A 16 -6.34 -74.18 11.14
N ILE A 17 -6.72 -72.97 11.52
CA ILE A 17 -7.91 -72.75 12.33
C ILE A 17 -8.89 -71.94 11.50
N PRO A 18 -10.14 -71.86 11.91
CA PRO A 18 -11.01 -70.86 11.29
C PRO A 18 -10.53 -69.48 11.72
N ALA A 19 -9.83 -68.83 10.81
CA ALA A 19 -9.05 -67.65 11.16
C ALA A 19 -9.89 -66.40 11.18
N THR A 20 -11.21 -66.52 11.09
CA THR A 20 -12.07 -65.37 11.23
C THR A 20 -11.97 -64.77 12.62
N GLY A 21 -11.77 -65.63 13.62
CA GLY A 21 -11.57 -65.21 14.99
C GLY A 21 -12.80 -64.54 15.55
N ASP A 22 -13.96 -64.95 15.05
CA ASP A 22 -15.20 -64.26 15.34
C ASP A 22 -15.64 -64.62 16.75
N ALA A 23 -15.11 -63.85 17.70
CA ALA A 23 -15.67 -63.86 19.04
C ALA A 23 -17.08 -63.29 18.99
N GLN A 24 -17.90 -63.76 19.93
CA GLN A 24 -19.34 -63.46 20.00
C GLN A 24 -20.04 -63.87 18.70
N ALA A 25 -19.68 -65.04 18.18
CA ALA A 25 -20.37 -65.65 17.05
C ALA A 25 -20.69 -67.10 17.40
N GLU A 26 -21.96 -67.43 17.39
CA GLU A 26 -22.43 -68.78 17.67
C GLU A 26 -23.31 -69.24 16.53
N ALA A 27 -23.43 -70.54 16.36
CA ALA A 27 -24.12 -71.13 15.23
C ALA A 27 -25.48 -71.63 15.68
N GLU A 28 -26.50 -71.35 14.88
CA GLU A 28 -27.83 -71.86 15.09
C GLU A 28 -28.42 -72.27 13.75
N VAL A 29 -29.16 -73.38 13.75
CA VAL A 29 -29.95 -73.70 12.58
C VAL A 29 -31.20 -72.83 12.60
N GLU A 30 -31.60 -72.32 11.43
CA GLU A 30 -32.87 -71.63 11.34
C GLU A 30 -33.98 -72.60 11.71
N LEU A 31 -34.59 -72.36 12.86
CA LEU A 31 -35.51 -73.31 13.44
C LEU A 31 -36.76 -73.42 12.60
N PRO A 32 -37.26 -74.62 12.35
CA PRO A 32 -38.45 -74.74 11.51
C PRO A 32 -39.69 -74.29 12.26
N LEU A 33 -40.55 -73.57 11.56
CA LEU A 33 -41.86 -73.19 12.09
C LEU A 33 -42.76 -74.42 12.02
N LYS A 34 -42.60 -75.29 13.01
CA LYS A 34 -43.21 -76.60 12.92
C LYS A 34 -44.68 -76.54 13.32
N THR A 35 -45.54 -76.39 12.34
CA THR A 35 -46.97 -76.33 12.57
C THR A 35 -47.49 -77.71 12.90
N LEU A 36 -48.25 -77.80 13.98
CA LEU A 36 -48.78 -79.07 14.43
C LEU A 36 -50.28 -79.07 14.17
N VAL A 37 -50.69 -79.51 12.99
CA VAL A 37 -52.09 -79.56 12.64
C VAL A 37 -52.74 -80.69 13.39
N VAL A 38 -53.72 -80.37 14.23
CA VAL A 38 -54.44 -81.34 15.04
C VAL A 38 -55.91 -81.29 14.66
N GLY A 39 -56.43 -82.40 14.15
CA GLY A 39 -57.83 -82.43 13.79
C GLY A 39 -58.30 -83.84 13.56
N ASP A 40 -59.61 -83.99 13.42
CA ASP A 40 -60.24 -85.30 13.23
C ASP A 40 -59.89 -85.80 11.83
N PHE A 41 -59.08 -86.85 11.80
CA PHE A 41 -58.50 -87.34 10.55
C PHE A 41 -58.83 -88.79 10.24
N LYS A 42 -59.57 -89.47 11.10
CA LYS A 42 -59.98 -90.84 10.87
C LYS A 42 -61.42 -91.00 11.32
N GLY A 43 -62.07 -92.03 10.82
CA GLY A 43 -63.50 -92.15 11.03
C GLY A 43 -63.92 -92.73 12.35
N HIS A 44 -63.01 -92.84 13.31
CA HIS A 44 -63.34 -93.55 14.54
C HIS A 44 -62.41 -93.10 15.65
N ALA A 45 -62.81 -93.40 16.87
CA ALA A 45 -61.95 -93.21 18.02
C ALA A 45 -60.96 -94.36 18.10
N GLU A 46 -59.76 -94.04 18.56
CA GLU A 46 -58.76 -95.05 18.81
C GLU A 46 -58.58 -95.27 20.30
N GLN A 47 -58.48 -96.54 20.69
CA GLN A 47 -58.32 -96.88 22.11
C GLN A 47 -56.94 -96.51 22.62
N THR A 48 -55.98 -96.28 21.72
CA THR A 48 -54.61 -96.02 22.11
C THR A 48 -54.52 -94.66 22.81
N PRO A 49 -53.89 -94.59 23.99
CA PRO A 49 -53.86 -93.33 24.73
C PRO A 49 -53.04 -92.28 24.00
N LEU A 50 -53.23 -91.03 24.41
CA LEU A 50 -52.78 -89.92 23.59
C LEU A 50 -51.26 -89.79 23.61
N GLU A 51 -50.63 -90.23 24.70
CA GLU A 51 -49.17 -90.13 24.79
C GLU A 51 -48.46 -91.14 23.91
N GLU A 52 -49.14 -92.20 23.47
CA GLU A 52 -48.45 -93.25 22.74
C GLU A 52 -48.59 -93.13 21.24
N ARG A 53 -49.68 -92.56 20.73
CA ARG A 53 -49.80 -92.41 19.29
C ARG A 53 -48.84 -91.34 18.81
N ALA A 54 -48.39 -91.45 17.56
CA ALA A 54 -47.24 -90.69 17.10
C ALA A 54 -47.65 -89.62 16.09
N THR A 55 -46.80 -88.60 15.98
CA THR A 55 -46.97 -87.57 14.97
C THR A 55 -46.52 -88.11 13.62
N VAL A 56 -47.11 -87.57 12.57
CA VAL A 56 -46.83 -88.01 11.21
C VAL A 56 -46.31 -86.83 10.42
N THR A 57 -45.07 -86.92 9.98
CA THR A 57 -44.49 -85.86 9.17
C THR A 57 -45.12 -85.88 7.80
N VAL A 58 -45.58 -84.73 7.33
CA VAL A 58 -46.24 -84.60 6.04
C VAL A 58 -45.51 -83.54 5.24
N ASP A 59 -45.11 -83.88 4.04
CA ASP A 59 -44.72 -82.83 3.11
C ASP A 59 -45.49 -83.03 1.81
N LYS A 60 -45.11 -82.27 0.80
CA LYS A 60 -45.72 -82.44 -0.51
C LYS A 60 -45.27 -83.75 -1.13
N ASN A 61 -44.13 -84.27 -0.73
CA ASN A 61 -43.53 -85.40 -1.42
C ASN A 61 -44.01 -86.73 -0.90
N ASN A 62 -44.72 -86.78 0.22
CA ASN A 62 -45.29 -88.06 0.61
C ASN A 62 -46.73 -87.96 1.11
N PHE A 63 -47.52 -86.99 0.66
CA PHE A 63 -48.86 -86.83 1.19
C PHE A 63 -49.75 -87.97 0.79
N GLU A 64 -49.59 -88.47 -0.43
CA GLU A 64 -50.33 -89.67 -0.82
C GLU A 64 -49.84 -90.89 -0.05
N ALA A 65 -48.57 -90.87 0.36
CA ALA A 65 -48.09 -91.95 1.21
C ALA A 65 -48.62 -91.82 2.62
N VAL A 66 -48.89 -90.59 3.06
CA VAL A 66 -49.45 -90.40 4.40
C VAL A 66 -50.91 -90.83 4.43
N MET A 67 -51.68 -90.44 3.41
CA MET A 67 -53.04 -90.94 3.33
C MET A 67 -53.07 -92.44 3.06
N ARG A 68 -52.03 -92.96 2.43
CA ARG A 68 -51.96 -94.39 2.16
C ARG A 68 -51.73 -95.17 3.45
N GLU A 69 -50.78 -94.72 4.27
CA GLU A 69 -50.47 -95.44 5.49
C GLU A 69 -51.50 -95.16 6.58
N SER A 70 -52.31 -94.12 6.41
CA SER A 70 -53.26 -93.77 7.46
C SER A 70 -54.37 -94.78 7.59
N GLU A 71 -54.66 -95.53 6.52
CA GLU A 71 -55.72 -96.54 6.44
C GLU A 71 -57.07 -95.96 6.79
N LEU A 72 -57.52 -95.00 5.99
CA LEU A 72 -58.76 -94.29 6.23
C LEU A 72 -59.94 -95.23 6.06
N LYS A 73 -61.08 -94.86 6.65
CA LYS A 73 -62.25 -95.71 6.61
C LYS A 73 -63.46 -94.88 7.00
N ILE A 74 -64.57 -95.12 6.31
CA ILE A 74 -65.89 -94.63 6.72
C ILE A 74 -66.87 -95.79 6.56
N THR A 75 -67.59 -96.10 7.63
CA THR A 75 -68.62 -97.13 7.61
C THR A 75 -69.91 -96.51 8.14
N ALA A 76 -70.90 -96.29 7.26
CA ALA A 76 -72.07 -95.55 7.65
C ALA A 76 -73.27 -95.95 6.81
N THR A 77 -74.37 -95.23 7.02
CA THR A 77 -75.66 -95.53 6.43
C THR A 77 -76.23 -94.28 5.79
N VAL A 78 -76.73 -94.40 4.56
CA VAL A 78 -77.36 -93.29 3.85
C VAL A 78 -78.78 -93.67 3.45
N LYS A 79 -79.56 -92.65 3.11
CA LYS A 79 -80.88 -92.88 2.53
C LYS A 79 -80.74 -93.38 1.10
N ASN A 80 -81.47 -94.43 0.76
CA ASN A 80 -81.37 -95.09 -0.53
C ASN A 80 -82.46 -94.56 -1.45
N LYS A 81 -82.07 -93.98 -2.60
CA LYS A 81 -83.00 -93.36 -3.53
C LYS A 81 -83.00 -94.02 -4.90
N LEU A 82 -82.79 -95.33 -4.97
CA LEU A 82 -82.95 -96.07 -6.21
C LEU A 82 -84.35 -96.64 -6.39
N THR A 83 -85.28 -96.27 -5.52
CA THR A 83 -86.65 -96.76 -5.57
C THR A 83 -87.55 -95.70 -4.95
N ASP A 84 -88.75 -96.09 -4.54
CA ASP A 84 -89.71 -95.14 -4.02
C ASP A 84 -90.11 -95.45 -2.57
N ASP A 85 -89.12 -95.74 -1.71
CA ASP A 85 -89.39 -96.12 -0.33
C ASP A 85 -88.52 -95.26 0.58
N GLU A 86 -89.13 -94.78 1.67
CA GLU A 86 -88.39 -93.96 2.65
C GLU A 86 -87.55 -94.82 3.59
N ASN A 87 -88.06 -95.96 4.01
CA ASN A 87 -87.37 -96.83 4.96
C ASN A 87 -86.18 -97.55 4.34
N ALA A 88 -86.10 -97.58 3.01
CA ALA A 88 -85.02 -98.27 2.33
C ALA A 88 -83.73 -97.48 2.53
N GLU A 89 -82.76 -98.10 3.19
CA GLU A 89 -81.50 -97.46 3.48
C GLU A 89 -80.40 -98.21 2.77
N LEU A 90 -79.31 -97.51 2.48
CA LEU A 90 -78.18 -98.12 1.80
C LEU A 90 -76.97 -98.12 2.72
N PRO A 91 -76.54 -99.26 3.21
CA PRO A 91 -75.28 -99.29 3.96
C PRO A 91 -74.08 -99.21 3.02
N VAL A 92 -73.10 -98.40 3.39
CA VAL A 92 -71.88 -98.27 2.59
C VAL A 92 -70.70 -98.66 3.46
N GLU A 93 -69.67 -99.18 2.80
CA GLU A 93 -68.41 -99.57 3.44
C GLU A 93 -67.28 -99.19 2.49
N LEU A 94 -66.58 -98.10 2.80
CA LEU A 94 -65.62 -97.54 1.88
C LEU A 94 -64.19 -97.77 2.36
N ASN A 95 -63.24 -97.62 1.44
CA ASN A 95 -61.82 -97.61 1.77
C ASN A 95 -61.14 -96.54 0.95
N PHE A 96 -60.29 -95.77 1.61
CA PHE A 96 -59.74 -94.56 1.03
C PHE A 96 -58.22 -94.66 1.04
N LYS A 97 -57.59 -94.21 -0.03
CA LYS A 97 -56.14 -94.23 -0.08
C LYS A 97 -55.52 -92.90 -0.47
N SER A 98 -56.16 -92.12 -1.33
CA SER A 98 -55.63 -90.81 -1.70
C SER A 98 -56.80 -89.91 -2.04
N LEU A 99 -56.50 -88.69 -2.48
CA LEU A 99 -57.57 -87.74 -2.71
C LEU A 99 -58.30 -87.99 -4.02
N ALA A 100 -57.88 -88.98 -4.80
CA ALA A 100 -58.74 -89.43 -5.88
C ALA A 100 -59.95 -90.16 -5.35
N ASP A 101 -59.87 -90.75 -4.15
CA ASP A 101 -60.92 -91.62 -3.66
C ASP A 101 -62.14 -90.88 -3.15
N PHE A 102 -62.12 -89.56 -3.15
CA PHE A 102 -63.31 -88.80 -2.74
C PHE A 102 -64.14 -88.35 -3.93
N ALA A 103 -63.66 -88.62 -5.14
CA ALA A 103 -64.39 -88.31 -6.35
C ALA A 103 -65.60 -89.25 -6.47
N PRO A 104 -66.62 -88.87 -7.26
CA PRO A 104 -67.74 -89.80 -7.46
C PRO A 104 -67.39 -91.01 -8.31
N ASP A 105 -66.23 -91.01 -8.96
CA ASP A 105 -65.81 -92.19 -9.71
C ASP A 105 -65.47 -93.33 -8.78
N ALA A 106 -64.53 -93.11 -7.86
CA ALA A 106 -64.12 -94.16 -6.95
C ALA A 106 -65.21 -94.49 -5.94
N VAL A 107 -66.00 -93.49 -5.54
CA VAL A 107 -67.15 -93.75 -4.68
C VAL A 107 -68.19 -94.55 -5.45
N ALA A 108 -68.29 -94.31 -6.76
CA ALA A 108 -69.19 -95.10 -7.58
C ALA A 108 -68.66 -96.53 -7.75
N SER A 109 -67.36 -96.71 -7.59
CA SER A 109 -66.82 -98.07 -7.68
C SER A 109 -66.91 -98.81 -6.36
N GLN A 110 -66.86 -98.09 -5.23
CA GLN A 110 -66.78 -98.75 -3.94
C GLN A 110 -68.13 -99.08 -3.32
N VAL A 111 -69.22 -98.72 -3.97
CA VAL A 111 -70.53 -99.17 -3.50
C VAL A 111 -71.13 -100.01 -4.61
N PRO A 112 -71.31 -101.32 -4.39
CA PRO A 112 -71.76 -102.21 -5.49
C PRO A 112 -73.17 -101.91 -5.97
N GLU A 113 -74.01 -101.34 -5.12
CA GLU A 113 -75.35 -100.94 -5.54
C GLU A 113 -75.33 -99.76 -6.49
N LEU A 114 -74.20 -99.08 -6.62
CA LEU A 114 -73.98 -98.15 -7.71
C LEU A 114 -73.07 -98.71 -8.80
N LYS A 115 -72.16 -99.61 -8.45
CA LYS A 115 -71.22 -100.16 -9.42
C LYS A 115 -71.94 -100.99 -10.48
N LYS A 116 -72.97 -101.73 -10.04
CA LYS A 116 -73.77 -102.50 -11.00
C LYS A 116 -74.56 -101.59 -11.92
N LEU A 117 -74.92 -100.38 -11.46
CA LEU A 117 -75.61 -99.45 -12.33
C LEU A 117 -74.66 -98.73 -13.27
N ILE A 118 -73.40 -98.53 -12.86
CA ILE A 118 -72.41 -97.99 -13.79
C ILE A 118 -72.13 -99.00 -14.88
N GLU A 119 -71.98 -100.27 -14.52
CA GLU A 119 -71.73 -101.30 -15.53
C GLU A 119 -72.95 -101.52 -16.41
N LEU A 120 -74.15 -101.40 -15.83
CA LEU A 120 -75.38 -101.53 -16.62
C LEU A 120 -75.53 -100.35 -17.57
N ARG A 121 -75.08 -99.17 -17.13
CA ARG A 121 -75.01 -98.03 -18.02
C ARG A 121 -74.01 -98.28 -19.14
N GLU A 122 -72.92 -98.99 -18.83
CA GLU A 122 -71.96 -99.34 -19.87
C GLU A 122 -72.52 -100.41 -20.81
N ALA A 123 -73.51 -101.17 -20.35
CA ALA A 123 -74.22 -102.08 -21.25
C ALA A 123 -75.19 -101.31 -22.14
N LEU A 124 -75.80 -100.25 -21.62
CA LEU A 124 -76.77 -99.51 -22.42
C LEU A 124 -76.09 -98.58 -23.41
N VAL A 125 -74.89 -98.10 -23.10
CA VAL A 125 -74.19 -97.21 -24.02
C VAL A 125 -73.61 -98.00 -25.19
N ALA A 126 -72.99 -99.16 -24.91
CA ALA A 126 -72.39 -99.97 -25.96
C ALA A 126 -73.42 -100.62 -26.87
N LEU A 127 -74.60 -100.93 -26.33
CA LEU A 127 -75.76 -101.47 -27.05
C LEU A 127 -75.47 -102.79 -27.76
N ASN B 1 -85.64 -95.67 -31.70
CA ASN B 1 -84.98 -96.77 -30.99
C ASN B 1 -83.82 -96.24 -30.16
N LYS B 2 -82.90 -95.53 -30.83
CA LYS B 2 -81.71 -95.01 -30.17
C LYS B 2 -82.09 -93.94 -29.16
N SER B 3 -83.11 -93.14 -29.47
CA SER B 3 -83.53 -92.07 -28.59
C SER B 3 -84.14 -92.62 -27.31
N LEU B 4 -84.76 -93.79 -27.38
CA LEU B 4 -85.28 -94.42 -26.18
C LEU B 4 -84.14 -94.93 -25.31
N VAL B 5 -83.06 -95.41 -25.93
CA VAL B 5 -81.88 -95.82 -25.18
C VAL B 5 -81.25 -94.63 -24.49
N ASP B 6 -81.20 -93.48 -25.17
CA ASP B 6 -80.66 -92.27 -24.56
C ASP B 6 -81.55 -91.74 -23.43
N GLN B 7 -82.86 -91.90 -23.57
CA GLN B 7 -83.75 -91.53 -22.47
C GLN B 7 -83.55 -92.44 -21.27
N MET B 8 -83.27 -93.72 -21.51
CA MET B 8 -82.91 -94.61 -20.41
C MET B 8 -81.56 -94.22 -19.79
N LEU B 9 -80.65 -93.65 -20.59
CA LEU B 9 -79.40 -93.17 -20.04
C LEU B 9 -79.60 -91.94 -19.17
N VAL B 10 -80.52 -91.04 -19.56
CA VAL B 10 -80.78 -89.84 -18.77
C VAL B 10 -81.47 -90.20 -17.46
N GLU B 11 -82.44 -91.13 -17.51
CA GLU B 11 -83.11 -91.55 -16.28
C GLU B 11 -82.16 -92.33 -15.37
N LEU B 12 -81.28 -93.15 -15.95
CA LEU B 12 -80.34 -93.90 -15.14
C LEU B 12 -79.30 -92.98 -14.50
N ASP B 13 -78.88 -91.94 -15.23
CA ASP B 13 -77.98 -90.94 -14.64
C ASP B 13 -78.68 -90.14 -13.55
N LYS B 14 -80.00 -89.99 -13.66
CA LYS B 14 -80.76 -89.38 -12.57
C LYS B 14 -80.77 -90.30 -11.35
N LYS B 15 -80.75 -91.61 -11.58
CA LYS B 15 -80.75 -92.52 -10.44
C LYS B 15 -79.39 -92.56 -9.75
N ILE B 16 -78.31 -92.71 -10.53
CA ILE B 16 -76.98 -92.83 -9.93
C ILE B 16 -76.54 -91.50 -9.35
N SER B 17 -76.87 -90.40 -10.03
CA SER B 17 -76.57 -89.09 -9.46
C SER B 17 -77.44 -88.80 -8.24
N ALA B 18 -78.66 -89.36 -8.22
CA ALA B 18 -79.53 -89.17 -7.07
C ALA B 18 -78.99 -89.87 -5.84
N GLN B 19 -78.37 -91.04 -6.02
CA GLN B 19 -77.76 -91.69 -4.86
C GLN B 19 -76.44 -91.05 -4.49
N MET B 20 -75.67 -90.64 -5.50
CA MET B 20 -74.34 -90.06 -5.27
C MET B 20 -74.44 -88.75 -4.54
N ASP B 21 -75.53 -88.01 -4.78
CA ASP B 21 -75.81 -86.82 -3.97
C ASP B 21 -76.03 -87.18 -2.51
N GLU B 22 -76.52 -88.39 -2.22
CA GLU B 22 -76.75 -88.75 -0.83
C GLU B 22 -75.48 -89.25 -0.18
N ILE B 23 -74.59 -89.90 -0.93
CA ILE B 23 -73.34 -90.34 -0.31
C ILE B 23 -72.41 -89.16 -0.08
N LEU B 24 -72.26 -88.30 -1.08
CA LEU B 24 -71.30 -87.21 -0.94
C LEU B 24 -71.74 -86.14 0.03
N HIS B 25 -73.01 -86.10 0.41
CA HIS B 25 -73.45 -85.13 1.40
C HIS B 25 -73.52 -85.73 2.78
N ASN B 26 -72.91 -86.90 2.99
CA ASN B 26 -72.91 -87.53 4.31
C ASN B 26 -72.02 -86.74 5.25
N SER B 27 -72.50 -86.57 6.48
CA SER B 27 -71.87 -85.64 7.41
C SER B 27 -70.50 -86.13 7.87
N GLN B 28 -70.39 -87.42 8.18
CA GLN B 28 -69.09 -87.99 8.49
C GLN B 28 -68.18 -87.93 7.28
N PHE B 29 -68.75 -88.11 6.09
CA PHE B 29 -67.96 -88.04 4.87
C PHE B 29 -67.57 -86.61 4.57
N GLN B 30 -68.40 -85.65 4.98
CA GLN B 30 -67.98 -84.27 4.86
C GLN B 30 -66.90 -83.93 5.87
N ALA B 31 -66.89 -84.63 7.01
CA ALA B 31 -65.83 -84.39 7.98
C ALA B 31 -64.51 -84.92 7.48
N MET B 32 -64.51 -86.13 6.92
CA MET B 32 -63.29 -86.72 6.39
C MET B 32 -62.79 -85.94 5.19
N GLU B 33 -63.68 -85.70 4.23
CA GLU B 33 -63.30 -85.03 2.99
C GLU B 33 -62.92 -83.59 3.26
N SER B 34 -63.59 -82.95 4.20
CA SER B 34 -63.27 -81.59 4.56
C SER B 34 -61.91 -81.50 5.23
N ALA B 35 -61.62 -82.44 6.11
CA ALA B 35 -60.35 -82.42 6.84
C ALA B 35 -59.19 -82.71 5.90
N TRP B 36 -59.33 -83.73 5.06
CA TRP B 36 -58.19 -84.09 4.22
C TRP B 36 -58.04 -83.17 3.03
N ARG B 37 -59.13 -82.82 2.37
CA ARG B 37 -59.01 -81.96 1.20
C ARG B 37 -58.61 -80.55 1.62
N GLY B 38 -59.14 -80.10 2.76
CA GLY B 38 -58.66 -78.86 3.33
C GLY B 38 -57.21 -78.97 3.76
N LEU B 39 -56.79 -80.16 4.17
CA LEU B 39 -55.40 -80.34 4.57
C LEU B 39 -54.48 -80.22 3.39
N LYS B 40 -54.87 -80.76 2.23
CA LYS B 40 -54.02 -80.57 1.06
C LYS B 40 -54.06 -79.13 0.60
N LEU B 41 -55.19 -78.44 0.82
CA LEU B 41 -55.27 -77.02 0.50
C LEU B 41 -54.30 -76.21 1.34
N PHE B 42 -54.09 -76.61 2.59
CA PHE B 42 -53.03 -75.98 3.38
C PHE B 42 -51.65 -76.41 2.90
N VAL B 43 -51.49 -77.67 2.53
CA VAL B 43 -50.15 -78.22 2.30
C VAL B 43 -49.53 -77.64 1.04
N ASP B 44 -50.27 -77.68 -0.08
CA ASP B 44 -49.62 -77.31 -1.34
C ASP B 44 -49.41 -75.82 -1.51
N ARG B 45 -49.99 -74.99 -0.64
CA ARG B 45 -49.79 -73.55 -0.73
C ARG B 45 -48.60 -73.07 0.08
N THR B 46 -47.97 -73.95 0.85
CA THR B 46 -46.78 -73.60 1.59
C THR B 46 -45.55 -73.90 0.74
N ASP B 47 -44.37 -73.76 1.35
CA ASP B 47 -43.13 -73.93 0.60
C ASP B 47 -42.13 -74.67 1.49
N PHE B 48 -42.09 -76.01 1.34
CA PHE B 48 -41.30 -76.84 2.25
C PHE B 48 -39.83 -76.86 1.90
N ARG B 49 -39.42 -76.21 0.82
CA ARG B 49 -38.01 -76.01 0.59
C ARG B 49 -37.46 -74.79 1.33
N GLU B 50 -38.26 -74.15 2.18
CA GLU B 50 -37.77 -73.09 3.03
C GLU B 50 -37.93 -73.42 4.51
N ASN B 51 -37.68 -74.67 4.88
CA ASN B 51 -37.63 -75.14 6.27
C ASN B 51 -38.95 -74.94 7.00
N ASN B 52 -39.99 -75.61 6.53
CA ASN B 52 -41.26 -75.68 7.23
C ASN B 52 -41.67 -77.12 7.35
N LYS B 53 -42.13 -77.53 8.53
CA LYS B 53 -42.61 -78.88 8.66
C LYS B 53 -44.01 -78.84 9.25
N VAL B 54 -44.89 -79.63 8.67
CA VAL B 54 -46.23 -79.76 9.21
C VAL B 54 -46.41 -81.20 9.66
N GLU B 55 -46.80 -81.34 10.91
CA GLU B 55 -47.01 -82.65 11.48
C GLU B 55 -48.48 -82.84 11.77
N ILE B 56 -48.89 -84.09 11.78
CA ILE B 56 -50.28 -84.47 11.87
C ILE B 56 -50.45 -85.34 13.09
N LEU B 57 -51.43 -85.02 13.93
CA LEU B 57 -51.78 -85.90 15.04
C LEU B 57 -53.29 -86.04 15.11
N HIS B 58 -53.78 -87.25 14.86
CA HIS B 58 -55.20 -87.53 14.84
C HIS B 58 -55.78 -87.44 16.24
N VAL B 59 -56.46 -86.35 16.55
CA VAL B 59 -57.08 -86.20 17.87
C VAL B 59 -58.48 -85.66 17.65
N THR B 60 -59.47 -86.29 18.26
CA THR B 60 -60.79 -85.69 18.32
C THR B 60 -60.93 -84.95 19.64
N LYS B 61 -61.95 -84.08 19.73
CA LYS B 61 -62.09 -83.18 20.86
C LYS B 61 -62.33 -83.93 22.16
N ASP B 62 -63.04 -85.04 22.06
CA ASP B 62 -63.45 -85.76 23.26
C ASP B 62 -62.25 -86.43 23.93
N GLU B 63 -61.19 -86.67 23.19
CA GLU B 63 -60.01 -87.19 23.88
C GLU B 63 -59.01 -86.10 24.23
N LEU B 64 -59.18 -84.87 23.74
CA LEU B 64 -58.46 -83.77 24.38
C LEU B 64 -59.07 -83.48 25.74
N LEU B 65 -60.39 -83.53 25.83
CA LEU B 65 -61.01 -83.24 27.12
C LEU B 65 -60.87 -84.41 28.08
N GLU B 66 -61.09 -85.62 27.59
CA GLU B 66 -60.89 -86.81 28.41
C GLU B 66 -59.41 -86.96 28.77
N ASP B 67 -58.53 -86.53 27.87
CA ASP B 67 -57.10 -86.60 28.15
C ASP B 67 -56.67 -85.60 29.20
N PHE B 68 -57.04 -84.34 29.00
CA PHE B 68 -56.67 -83.29 29.96
C PHE B 68 -57.30 -83.52 31.32
N GLU B 69 -58.53 -83.97 31.38
CA GLU B 69 -59.10 -84.25 32.69
C GLU B 69 -58.53 -85.53 33.29
N PHE B 70 -58.11 -86.48 32.46
CA PHE B 70 -57.47 -87.67 32.98
C PHE B 70 -56.06 -87.36 33.42
N ALA B 71 -55.46 -86.33 32.85
CA ALA B 71 -54.14 -85.90 33.28
C ALA B 71 -54.27 -85.15 34.61
N PRO B 72 -53.30 -85.29 35.51
CA PRO B 72 -53.43 -84.68 36.82
C PRO B 72 -53.28 -83.17 36.79
N GLU B 73 -52.70 -82.67 35.71
CA GLU B 73 -52.56 -81.26 35.47
C GLU B 73 -52.41 -81.05 33.98
N THR B 74 -51.98 -79.86 33.57
CA THR B 74 -51.68 -79.68 32.16
C THR B 74 -50.31 -80.21 31.82
N ALA B 75 -49.46 -80.37 32.81
CA ALA B 75 -48.04 -80.59 32.56
C ALA B 75 -47.68 -82.06 32.40
N GLN B 76 -48.64 -82.97 32.38
CA GLN B 76 -48.33 -84.37 32.19
C GLN B 76 -49.25 -85.04 31.20
N SER B 77 -49.97 -84.27 30.38
CA SER B 77 -50.86 -84.88 29.42
C SER B 77 -50.08 -85.45 28.25
N GLY B 78 -50.82 -86.04 27.30
CA GLY B 78 -50.16 -86.53 26.10
C GLY B 78 -49.72 -85.40 25.20
N LEU B 79 -50.59 -84.42 24.97
CA LEU B 79 -50.30 -83.37 24.00
C LEU B 79 -49.21 -82.46 24.51
N TYR B 80 -49.07 -82.35 25.82
CA TYR B 80 -47.95 -81.62 26.38
C TYR B 80 -46.64 -82.34 26.14
N LYS B 81 -46.69 -83.66 25.97
CA LYS B 81 -45.48 -84.41 25.68
C LYS B 81 -45.19 -84.42 24.19
N HIS B 82 -46.20 -84.22 23.34
CA HIS B 82 -45.90 -84.14 21.92
C HIS B 82 -45.49 -82.74 21.51
N VAL B 83 -45.92 -81.72 22.24
CA VAL B 83 -45.59 -80.35 21.89
C VAL B 83 -44.39 -79.87 22.67
N TYR B 84 -44.47 -79.95 24.00
CA TYR B 84 -43.43 -79.37 24.84
C TYR B 84 -42.23 -80.29 24.97
N SER B 85 -42.46 -81.51 25.48
CA SER B 85 -41.36 -82.32 25.97
C SER B 85 -40.58 -82.96 24.83
N ALA B 86 -41.25 -83.35 23.77
CA ALA B 86 -40.53 -83.85 22.60
C ALA B 86 -40.02 -82.74 21.71
N GLY B 87 -40.43 -81.52 21.98
CA GLY B 87 -40.01 -80.38 21.19
C GLY B 87 -39.15 -79.41 21.96
N TYR B 88 -39.81 -78.37 22.48
CA TYR B 88 -39.19 -77.14 22.94
C TYR B 88 -38.19 -77.36 24.06
N GLY B 89 -38.50 -78.28 24.96
CA GLY B 89 -37.65 -78.46 26.12
C GLY B 89 -36.79 -79.71 26.05
N GLN B 90 -36.54 -80.21 24.85
CA GLN B 90 -35.71 -81.39 24.66
C GLN B 90 -34.38 -80.94 24.10
N PHE B 91 -33.30 -81.54 24.61
CA PHE B 91 -31.96 -81.16 24.17
C PHE B 91 -31.78 -81.52 22.71
N GLY B 92 -31.75 -80.48 21.86
CA GLY B 92 -31.52 -80.65 20.45
C GLY B 92 -32.77 -80.66 19.59
N GLY B 93 -33.95 -80.65 20.18
CA GLY B 93 -35.19 -80.67 19.42
C GLY B 93 -35.48 -79.34 18.78
N GLU B 94 -36.70 -79.22 18.26
CA GLU B 94 -37.10 -78.04 17.53
C GLU B 94 -38.41 -77.54 18.11
N PRO B 95 -38.61 -76.25 18.18
CA PRO B 95 -39.82 -75.75 18.86
C PRO B 95 -41.05 -75.84 17.99
N VAL B 96 -42.22 -75.95 18.61
CA VAL B 96 -43.48 -75.90 17.87
C VAL B 96 -43.85 -74.44 17.63
N GLY B 97 -44.00 -74.07 16.36
CA GLY B 97 -44.21 -72.68 16.03
C GLY B 97 -45.64 -72.25 16.21
N ALA B 98 -46.57 -73.08 15.76
CA ALA B 98 -47.99 -72.77 15.85
C ALA B 98 -48.77 -74.07 15.85
N ILE B 99 -49.98 -74.02 16.40
CA ILE B 99 -50.85 -75.18 16.46
C ILE B 99 -52.15 -74.80 15.79
N ILE B 100 -52.57 -75.61 14.83
CA ILE B 100 -53.76 -75.33 14.06
C ILE B 100 -54.79 -76.39 14.41
N GLY B 101 -55.95 -75.96 14.89
CA GLY B 101 -56.99 -76.88 15.30
C GLY B 101 -58.06 -77.00 14.24
N ASN B 102 -58.23 -78.20 13.71
CA ASN B 102 -59.28 -78.47 12.74
C ASN B 102 -60.54 -78.87 13.51
N TYR B 103 -61.03 -77.92 14.31
CA TYR B 103 -62.16 -78.14 15.19
C TYR B 103 -63.21 -77.08 14.92
N ALA B 104 -64.32 -77.19 15.63
CA ALA B 104 -65.32 -76.14 15.68
C ALA B 104 -65.80 -76.01 17.11
N PHE B 105 -65.87 -74.78 17.62
CA PHE B 105 -66.10 -74.56 19.03
C PHE B 105 -67.47 -73.97 19.29
N THR B 106 -68.13 -74.47 20.33
CA THR B 106 -69.46 -74.07 20.76
C THR B 106 -69.29 -73.36 22.10
N PRO B 107 -70.32 -72.73 22.66
CA PRO B 107 -70.19 -72.23 24.03
C PRO B 107 -70.35 -73.30 25.11
N SER B 108 -70.29 -74.59 24.75
CA SER B 108 -70.45 -75.62 25.75
C SER B 108 -69.24 -75.67 26.67
N THR B 109 -69.52 -75.93 27.95
CA THR B 109 -68.50 -76.04 28.98
C THR B 109 -67.34 -76.98 28.65
N PRO B 110 -67.52 -78.12 27.95
CA PRO B 110 -66.33 -78.83 27.45
C PRO B 110 -65.44 -78.02 26.51
N ASP B 111 -66.02 -77.17 25.67
CA ASP B 111 -65.19 -76.44 24.73
C ASP B 111 -64.42 -75.32 25.42
N MET B 112 -65.03 -74.68 26.40
CA MET B 112 -64.33 -73.58 27.06
C MET B 112 -63.31 -74.11 28.07
N LYS B 113 -63.56 -75.31 28.63
CA LYS B 113 -62.50 -75.93 29.40
C LYS B 113 -61.35 -76.35 28.50
N LEU B 114 -61.68 -76.77 27.27
CA LEU B 114 -60.65 -77.08 26.28
C LEU B 114 -59.81 -75.86 25.95
N LEU B 115 -60.43 -74.70 25.81
CA LEU B 115 -59.64 -73.52 25.47
C LEU B 115 -58.88 -72.98 26.67
N GLN B 116 -59.36 -73.21 27.89
CA GLN B 116 -58.53 -72.83 29.03
C GLN B 116 -57.27 -73.67 29.07
N TYR B 117 -57.42 -74.97 28.86
CA TYR B 117 -56.25 -75.83 28.90
C TYR B 117 -55.31 -75.60 27.72
N MET B 118 -55.84 -75.36 26.53
CA MET B 118 -54.95 -75.08 25.40
C MET B 118 -54.35 -73.70 25.49
N GLY B 119 -54.97 -72.81 26.26
CA GLY B 119 -54.28 -71.61 26.65
C GLY B 119 -53.08 -71.91 27.54
N ALA B 120 -53.22 -72.92 28.42
CA ALA B 120 -52.09 -73.27 29.27
C ALA B 120 -50.97 -73.93 28.48
N LEU B 121 -51.32 -74.82 27.55
CA LEU B 121 -50.31 -75.46 26.71
C LEU B 121 -49.62 -74.44 25.83
N GLY B 122 -50.39 -73.52 25.26
CA GLY B 122 -49.79 -72.43 24.52
C GLY B 122 -48.95 -71.52 25.39
N ALA B 123 -49.21 -71.51 26.69
CA ALA B 123 -48.38 -70.71 27.58
C ALA B 123 -47.03 -71.37 27.81
N MET B 124 -47.02 -72.65 28.14
CA MET B 124 -45.73 -73.25 28.49
C MET B 124 -44.96 -73.67 27.27
N ALA B 125 -45.59 -73.71 26.10
CA ALA B 125 -44.87 -74.19 24.94
C ALA B 125 -44.73 -73.16 23.83
N HIS B 126 -45.26 -71.94 24.04
CA HIS B 126 -45.17 -70.83 23.09
C HIS B 126 -45.71 -71.19 21.72
N ALA B 127 -46.92 -71.72 21.69
CA ALA B 127 -47.52 -72.11 20.46
C ALA B 127 -48.94 -71.55 20.45
N PRO B 128 -49.25 -70.63 19.55
CA PRO B 128 -50.61 -70.13 19.46
C PRO B 128 -51.54 -71.19 18.89
N PHE B 129 -52.72 -71.28 19.48
CA PHE B 129 -53.71 -72.24 19.05
C PHE B 129 -54.76 -71.52 18.22
N ILE B 130 -55.02 -72.02 17.01
CA ILE B 130 -55.95 -71.42 16.09
C ILE B 130 -57.04 -72.43 15.78
N SER B 131 -58.29 -72.00 15.76
CA SER B 131 -59.36 -72.94 15.51
C SER B 131 -60.50 -72.20 14.82
N SER B 132 -61.67 -72.81 14.80
CA SER B 132 -62.83 -72.20 14.15
C SER B 132 -63.98 -72.03 15.11
N VAL B 133 -64.59 -70.88 15.04
CA VAL B 133 -65.86 -70.60 15.68
C VAL B 133 -66.96 -71.20 14.82
N GLY B 134 -67.74 -72.07 15.44
CA GLY B 134 -68.84 -72.72 14.77
C GLY B 134 -70.02 -71.78 14.60
N PRO B 135 -71.00 -72.21 13.82
CA PRO B 135 -72.16 -71.34 13.59
C PRO B 135 -73.00 -71.09 14.82
N GLU B 136 -73.12 -72.04 15.75
CA GLU B 136 -73.98 -71.78 16.89
C GLU B 136 -73.27 -71.05 18.01
N PHE B 137 -72.08 -70.54 17.77
CA PHE B 137 -71.41 -69.77 18.81
C PHE B 137 -71.99 -68.37 18.91
N PHE B 138 -72.64 -67.90 17.85
CA PHE B 138 -73.20 -66.56 17.84
C PHE B 138 -74.67 -66.57 18.16
N GLY B 139 -75.25 -67.76 18.35
CA GLY B 139 -76.65 -67.90 18.66
C GLY B 139 -77.55 -68.14 17.47
N ILE B 140 -77.00 -68.39 16.29
CA ILE B 140 -77.79 -68.50 15.08
C ILE B 140 -77.59 -69.86 14.45
N ASP B 141 -78.32 -70.09 13.36
CA ASP B 141 -78.31 -71.39 12.70
C ASP B 141 -77.02 -71.63 11.94
N SER B 142 -76.79 -70.84 10.92
CA SER B 142 -75.58 -70.94 10.11
C SER B 142 -75.14 -69.54 9.78
N PHE B 143 -73.99 -69.43 9.11
CA PHE B 143 -73.33 -68.15 8.98
C PHE B 143 -74.01 -67.19 8.03
N GLU B 144 -75.07 -67.62 7.35
CA GLU B 144 -75.68 -66.71 6.40
C GLU B 144 -76.67 -65.75 7.04
N GLU B 145 -76.54 -65.45 8.32
CA GLU B 145 -77.33 -64.38 8.93
C GLU B 145 -76.46 -63.36 9.67
N LEU B 146 -75.16 -63.31 9.41
CA LEU B 146 -74.37 -62.20 9.90
C LEU B 146 -74.77 -60.83 9.33
N PRO B 147 -75.32 -60.70 8.12
CA PRO B 147 -76.03 -59.45 7.82
C PRO B 147 -77.34 -59.27 8.56
N ASN B 148 -77.85 -60.29 9.24
CA ASN B 148 -79.14 -60.15 9.88
C ASN B 148 -79.06 -60.02 11.39
N ILE B 149 -77.87 -60.03 11.99
CA ILE B 149 -77.73 -59.81 13.42
C ILE B 149 -77.46 -58.34 13.65
N LYS B 150 -78.26 -57.71 14.51
CA LYS B 150 -78.19 -56.26 14.67
C LYS B 150 -76.95 -55.82 15.43
N ASP B 151 -76.56 -56.53 16.48
CA ASP B 151 -75.45 -56.05 17.29
C ASP B 151 -74.78 -57.21 18.02
N LEU B 152 -73.47 -57.37 17.83
CA LEU B 152 -72.77 -58.48 18.45
C LEU B 152 -72.32 -58.15 19.87
N LYS B 153 -71.95 -56.88 20.10
CA LYS B 153 -71.48 -56.47 21.42
C LYS B 153 -72.59 -56.58 22.44
N SER B 154 -73.83 -56.35 22.03
CA SER B 154 -74.95 -56.56 22.95
C SER B 154 -75.43 -58.01 22.93
N THR B 155 -75.01 -58.79 21.92
CA THR B 155 -75.35 -60.20 21.93
C THR B 155 -74.54 -60.93 22.99
N PHE B 156 -73.26 -60.59 23.13
CA PHE B 156 -72.42 -61.36 24.03
C PHE B 156 -72.57 -60.99 25.50
N GLU B 157 -73.60 -60.25 25.90
CA GLU B 157 -73.79 -60.02 27.33
C GLU B 157 -74.75 -61.00 27.97
N SER B 158 -75.29 -61.94 27.21
CA SER B 158 -76.24 -62.90 27.76
C SER B 158 -75.53 -63.84 28.73
N PRO B 159 -76.26 -64.38 29.72
CA PRO B 159 -75.63 -65.35 30.62
C PRO B 159 -75.29 -66.68 30.00
N LYS B 160 -75.61 -66.89 28.72
CA LYS B 160 -75.08 -68.06 28.02
C LYS B 160 -73.57 -67.97 27.88
N TYR B 161 -73.03 -66.76 27.75
CA TYR B 161 -71.64 -66.58 27.36
C TYR B 161 -70.76 -66.18 28.54
N THR B 162 -71.21 -66.46 29.76
CA THR B 162 -70.49 -66.04 30.96
C THR B 162 -69.14 -66.72 31.05
N LYS B 163 -69.07 -67.97 30.62
CA LYS B 163 -67.79 -68.66 30.62
C LYS B 163 -66.84 -68.08 29.57
N TRP B 164 -67.40 -67.65 28.44
CA TRP B 164 -66.58 -67.03 27.40
C TRP B 164 -66.00 -65.71 27.85
N ARG B 165 -66.81 -64.86 28.48
CA ARG B 165 -66.26 -63.61 29.01
C ARG B 165 -65.35 -63.87 30.19
N SER B 166 -65.49 -65.02 30.83
CA SER B 166 -64.47 -65.38 31.80
C SER B 166 -63.21 -65.87 31.09
N LEU B 167 -63.31 -66.25 29.81
CA LEU B 167 -62.14 -66.77 29.12
C LEU B 167 -61.30 -65.65 28.51
N ARG B 168 -61.94 -64.63 27.95
CA ARG B 168 -61.17 -63.53 27.35
C ARG B 168 -60.35 -62.77 28.36
N GLU B 169 -60.83 -62.61 29.58
CA GLU B 169 -60.10 -61.85 30.56
C GLU B 169 -58.93 -62.63 31.14
N SER B 170 -58.81 -63.91 30.85
CA SER B 170 -57.71 -64.68 31.40
C SER B 170 -56.41 -64.26 30.74
N GLU B 171 -55.31 -64.45 31.46
CA GLU B 171 -54.03 -64.00 30.94
C GLU B 171 -53.45 -64.95 29.91
N ASP B 172 -54.06 -66.11 29.69
CA ASP B 172 -53.59 -67.01 28.65
C ASP B 172 -54.35 -66.87 27.34
N ALA B 173 -55.20 -65.85 27.20
CA ALA B 173 -55.89 -65.69 25.94
C ALA B 173 -55.06 -64.96 24.90
N ARG B 174 -53.80 -64.69 25.17
CA ARG B 174 -52.91 -64.25 24.12
C ARG B 174 -52.63 -65.34 23.10
N TYR B 175 -52.80 -66.59 23.49
CA TYR B 175 -52.32 -67.71 22.72
C TYR B 175 -53.43 -68.43 21.98
N LEU B 176 -54.64 -67.88 21.97
CA LEU B 176 -55.74 -68.46 21.23
C LEU B 176 -56.16 -67.50 20.15
N GLY B 177 -56.66 -68.03 19.05
CA GLY B 177 -57.33 -67.20 18.08
C GLY B 177 -58.43 -68.01 17.47
N LEU B 178 -59.66 -67.52 17.53
CA LEU B 178 -60.77 -68.24 16.97
C LEU B 178 -61.23 -67.53 15.72
N THR B 179 -61.42 -68.27 14.65
CA THR B 179 -61.66 -67.66 13.35
C THR B 179 -63.11 -67.79 12.94
N ALA B 180 -63.61 -66.72 12.33
CA ALA B 180 -64.94 -66.54 11.78
C ALA B 180 -64.90 -67.02 10.32
N PRO B 181 -65.91 -66.79 9.47
CA PRO B 181 -66.58 -67.91 8.80
C PRO B 181 -65.70 -68.72 7.86
N ARG B 182 -66.21 -69.92 7.53
CA ARG B 182 -65.48 -70.93 6.78
C ARG B 182 -65.43 -70.55 5.30
N PHE B 183 -64.91 -71.43 4.44
CA PHE B 183 -64.89 -71.13 3.02
C PHE B 183 -64.88 -72.42 2.21
N LEU B 184 -65.16 -72.28 0.93
CA LEU B 184 -65.30 -73.43 0.04
C LEU B 184 -63.96 -74.11 -0.22
N LEU B 185 -63.99 -75.43 -0.35
CA LEU B 185 -62.82 -76.16 -0.81
C LEU B 185 -62.92 -76.58 -2.25
N ARG B 186 -64.13 -76.89 -2.71
CA ARG B 186 -64.34 -77.67 -3.92
C ARG B 186 -65.51 -77.12 -4.70
N VAL B 187 -65.30 -76.89 -5.98
CA VAL B 187 -66.39 -76.53 -6.88
C VAL B 187 -67.37 -77.69 -6.93
N PRO B 188 -68.66 -77.44 -6.76
CA PRO B 188 -69.65 -78.50 -6.96
C PRO B 188 -69.63 -79.00 -8.39
N TYR B 189 -69.86 -80.31 -8.55
CA TYR B 189 -69.63 -81.01 -9.80
C TYR B 189 -70.62 -80.61 -10.87
N ASP B 190 -70.27 -80.92 -12.11
CA ASP B 190 -70.97 -80.42 -13.24
C ASP B 190 -70.42 -81.32 -14.34
N PRO B 191 -71.11 -81.48 -15.46
CA PRO B 191 -70.52 -82.25 -16.57
C PRO B 191 -69.31 -81.58 -17.17
N ILE B 192 -69.31 -80.25 -17.20
CA ILE B 192 -68.26 -79.49 -17.87
C ILE B 192 -67.24 -78.95 -16.88
N GLU B 193 -67.72 -78.30 -15.81
CA GLU B 193 -66.86 -77.46 -14.98
C GLU B 193 -65.91 -78.23 -14.10
N ASN B 194 -66.31 -79.39 -13.61
CA ASN B 194 -65.40 -80.22 -12.85
C ASN B 194 -65.82 -81.66 -13.09
N PRO B 195 -65.39 -82.26 -14.19
CA PRO B 195 -66.03 -83.49 -14.66
C PRO B 195 -65.58 -84.72 -13.91
N VAL B 196 -66.33 -85.79 -14.13
CA VAL B 196 -66.04 -87.10 -13.58
C VAL B 196 -65.86 -88.08 -14.75
N LYS B 197 -65.07 -89.12 -14.52
CA LYS B 197 -64.76 -90.06 -15.59
C LYS B 197 -65.83 -91.12 -15.70
N SER B 198 -66.17 -91.45 -16.96
CA SER B 198 -67.03 -92.56 -17.36
C SER B 198 -68.47 -92.44 -16.85
N PHE B 199 -68.89 -91.23 -16.47
CA PHE B 199 -70.23 -91.04 -15.94
C PHE B 199 -70.67 -89.59 -16.11
N ASN B 200 -71.97 -89.37 -16.25
CA ASN B 200 -72.54 -88.02 -16.28
C ASN B 200 -73.15 -87.71 -14.90
N TYR B 201 -72.44 -86.86 -14.15
CA TYR B 201 -72.89 -86.45 -12.83
C TYR B 201 -73.10 -84.95 -12.77
N ALA B 202 -74.23 -84.54 -12.20
CA ALA B 202 -74.57 -83.13 -12.04
C ALA B 202 -75.03 -82.92 -10.61
N GLU B 203 -74.17 -82.34 -9.78
CA GLU B 203 -74.45 -82.22 -8.36
C GLU B 203 -75.54 -81.18 -8.13
N ASN B 204 -76.70 -81.64 -7.73
CA ASN B 204 -77.87 -80.79 -7.52
C ASN B 204 -77.78 -80.28 -6.09
N VAL B 205 -77.09 -79.15 -5.91
CA VAL B 205 -77.04 -78.53 -4.60
C VAL B 205 -78.28 -77.69 -4.40
N SER B 206 -78.95 -77.88 -3.26
CA SER B 206 -80.20 -77.21 -2.96
C SER B 206 -79.97 -75.80 -2.48
N ALA B 207 -81.01 -75.19 -1.90
CA ALA B 207 -80.87 -73.90 -1.25
C ALA B 207 -80.15 -73.99 0.09
N SER B 208 -80.19 -75.13 0.77
CA SER B 208 -79.51 -75.29 2.05
C SER B 208 -78.02 -75.44 1.76
N HIS B 209 -77.22 -74.51 2.30
CA HIS B 209 -75.84 -74.45 1.88
C HIS B 209 -74.93 -75.37 2.66
N GLU B 210 -75.46 -76.31 3.42
CA GLU B 210 -74.60 -77.32 3.99
C GLU B 210 -74.13 -78.34 2.96
N HIS B 211 -74.71 -78.33 1.76
CA HIS B 211 -74.37 -79.35 0.77
C HIS B 211 -73.02 -79.08 0.13
N TYR B 212 -72.57 -77.83 0.15
CA TYR B 212 -71.21 -77.53 -0.24
C TYR B 212 -70.22 -78.18 0.72
N LEU B 213 -69.00 -78.36 0.25
CA LEU B 213 -67.94 -78.84 1.13
C LEU B 213 -67.26 -77.64 1.77
N TRP B 214 -67.54 -77.41 3.04
CA TRP B 214 -66.91 -76.29 3.71
C TRP B 214 -65.65 -76.72 4.45
N GLY B 215 -64.57 -76.00 4.21
CA GLY B 215 -63.34 -76.34 4.88
C GLY B 215 -63.09 -75.40 6.04
N ASN B 216 -62.08 -75.69 6.84
CA ASN B 216 -61.82 -74.87 8.02
C ASN B 216 -61.05 -73.63 7.59
N THR B 217 -61.25 -72.53 8.32
CA THR B 217 -60.53 -71.29 8.06
C THR B 217 -59.12 -71.38 8.58
N ALA B 218 -58.92 -72.13 9.66
CA ALA B 218 -57.65 -72.13 10.38
C ALA B 218 -56.55 -72.72 9.53
N PHE B 219 -56.91 -73.58 8.57
CA PHE B 219 -55.96 -74.00 7.56
C PHE B 219 -55.50 -72.84 6.70
N ALA B 220 -56.42 -71.98 6.26
CA ALA B 220 -56.02 -70.87 5.41
C ALA B 220 -55.17 -69.88 6.17
N PHE B 221 -55.52 -69.64 7.44
CA PHE B 221 -54.68 -68.83 8.29
C PHE B 221 -53.31 -69.45 8.48
N ALA B 222 -53.25 -70.78 8.49
CA ALA B 222 -51.96 -71.45 8.60
C ALA B 222 -51.15 -71.33 7.32
N THR B 223 -51.81 -71.25 6.16
CA THR B 223 -51.08 -70.96 4.94
C THR B 223 -50.47 -69.58 5.01
N ARG B 224 -51.16 -68.64 5.66
CA ARG B 224 -50.58 -67.31 5.76
C ARG B 224 -49.41 -67.27 6.74
N LEU B 225 -49.47 -68.04 7.83
CA LEU B 225 -48.32 -68.12 8.72
C LEU B 225 -47.12 -68.74 8.04
N THR B 226 -47.31 -69.91 7.42
CA THR B 226 -46.17 -70.64 6.90
C THR B 226 -45.60 -69.98 5.66
N ASP B 227 -46.45 -69.36 4.84
CA ASP B 227 -45.94 -68.62 3.69
C ASP B 227 -45.19 -67.36 4.12
N SER B 228 -45.69 -66.67 5.15
CA SER B 228 -44.98 -65.50 5.62
C SER B 228 -43.62 -65.89 6.19
N PHE B 229 -43.55 -67.06 6.83
CA PHE B 229 -42.27 -67.52 7.35
C PHE B 229 -41.35 -67.95 6.23
N ALA B 230 -41.91 -68.47 5.14
CA ALA B 230 -41.07 -68.91 4.04
C ALA B 230 -40.49 -67.72 3.30
N LYS B 231 -41.23 -66.62 3.25
CA LYS B 231 -40.65 -65.44 2.64
C LYS B 231 -39.66 -64.77 3.56
N TYR B 232 -40.01 -64.57 4.82
CA TYR B 232 -39.35 -63.55 5.63
C TYR B 232 -38.74 -64.04 6.92
N ARG B 233 -38.74 -65.34 7.20
CA ARG B 233 -38.20 -65.97 8.41
C ARG B 233 -38.83 -65.46 9.70
N TRP B 234 -40.02 -64.90 9.63
CA TRP B 234 -40.79 -64.49 10.80
C TRP B 234 -42.25 -64.63 10.43
N CYS B 235 -43.14 -64.38 11.38
CA CYS B 235 -44.56 -64.33 11.05
C CYS B 235 -45.27 -63.09 11.58
N PRO B 236 -44.89 -61.86 11.17
CA PRO B 236 -45.76 -60.74 11.52
C PRO B 236 -46.68 -60.33 10.37
N ASN B 237 -46.50 -60.91 9.19
CA ASN B 237 -47.15 -60.42 7.99
C ASN B 237 -48.32 -61.32 7.62
N ILE B 238 -49.41 -61.16 8.34
CA ILE B 238 -50.61 -61.97 8.07
C ILE B 238 -51.87 -61.10 8.04
N ILE B 239 -51.73 -59.79 7.95
CA ILE B 239 -52.83 -58.90 8.26
C ILE B 239 -53.26 -57.92 7.20
N GLY B 240 -53.19 -58.28 5.94
CA GLY B 240 -53.60 -57.33 4.94
C GLY B 240 -53.96 -57.91 3.60
N PRO B 241 -54.59 -57.09 2.76
CA PRO B 241 -54.70 -57.46 1.35
C PRO B 241 -53.36 -57.41 0.63
N GLN B 242 -52.41 -56.64 1.15
CA GLN B 242 -51.10 -56.54 0.51
C GLN B 242 -49.95 -56.81 1.45
N SER B 243 -50.15 -56.74 2.75
CA SER B 243 -49.02 -56.92 3.66
C SER B 243 -48.64 -58.38 3.80
N GLY B 244 -49.49 -59.29 3.37
CA GLY B 244 -49.13 -60.69 3.37
C GLY B 244 -50.31 -61.59 3.64
N GLY B 245 -51.38 -61.03 4.18
CA GLY B 245 -52.49 -61.84 4.64
C GLY B 245 -53.47 -62.23 3.57
N ALA B 246 -53.18 -61.90 2.31
CA ALA B 246 -54.12 -62.17 1.24
C ALA B 246 -54.16 -63.65 0.93
N VAL B 247 -55.32 -64.26 1.08
CA VAL B 247 -55.53 -65.64 0.68
C VAL B 247 -56.15 -65.62 -0.70
N GLU B 248 -55.38 -66.00 -1.71
CA GLU B 248 -55.83 -65.93 -3.09
C GLU B 248 -56.44 -67.25 -3.52
N ASP B 249 -57.01 -67.24 -4.71
CA ASP B 249 -57.48 -68.42 -5.43
C ASP B 249 -58.56 -69.18 -4.66
N LEU B 250 -59.73 -68.60 -4.53
CA LEU B 250 -60.81 -69.39 -3.97
C LEU B 250 -61.78 -69.83 -5.07
N PRO B 251 -62.39 -70.99 -4.92
CA PRO B 251 -63.30 -71.48 -5.95
C PRO B 251 -64.62 -70.73 -5.95
N VAL B 252 -65.15 -70.51 -7.15
CA VAL B 252 -66.43 -69.84 -7.33
C VAL B 252 -67.44 -70.86 -7.79
N HIS B 253 -68.71 -70.45 -7.76
CA HIS B 253 -69.76 -71.34 -8.23
C HIS B 253 -70.89 -70.45 -8.78
N VAL B 254 -70.82 -70.18 -10.08
CA VAL B 254 -71.84 -69.37 -10.72
C VAL B 254 -73.06 -70.25 -10.97
N PHE B 255 -74.18 -69.91 -10.35
CA PHE B 255 -75.36 -70.74 -10.49
C PHE B 255 -76.57 -69.85 -10.73
N GLU B 256 -77.58 -70.43 -11.36
CA GLU B 256 -78.74 -69.66 -11.80
C GLU B 256 -79.63 -69.26 -10.63
N SER B 257 -79.83 -67.96 -10.48
CA SER B 257 -80.67 -67.39 -9.44
C SER B 257 -82.10 -67.26 -9.97
N MET B 258 -82.96 -66.45 -9.38
CA MET B 258 -84.31 -66.24 -9.87
C MET B 258 -84.32 -65.44 -11.18
N GLY B 259 -83.92 -66.08 -12.27
CA GLY B 259 -83.86 -65.45 -13.56
C GLY B 259 -82.50 -64.95 -13.97
N ALA B 260 -81.67 -64.54 -13.03
CA ALA B 260 -80.36 -64.00 -13.34
C ALA B 260 -79.27 -64.95 -12.86
N LEU B 261 -78.02 -64.58 -13.11
CA LEU B 261 -76.88 -65.28 -12.56
C LEU B 261 -76.46 -64.57 -11.29
N GLN B 262 -75.82 -65.32 -10.40
CA GLN B 262 -75.11 -64.73 -9.28
C GLN B 262 -74.00 -65.67 -8.87
N SER B 263 -72.97 -65.10 -8.27
CA SER B 263 -71.86 -65.88 -7.77
C SER B 263 -72.17 -66.32 -6.35
N LYS B 264 -72.12 -67.62 -6.11
CA LYS B 264 -72.14 -68.05 -4.72
C LYS B 264 -70.83 -67.69 -4.07
N ILE B 265 -70.93 -67.01 -2.94
CA ILE B 265 -69.75 -66.43 -2.30
C ILE B 265 -68.88 -67.55 -1.75
N PRO B 266 -67.56 -67.49 -1.92
CA PRO B 266 -66.69 -68.55 -1.41
C PRO B 266 -66.68 -68.64 0.09
N THR B 267 -66.64 -67.54 0.81
CA THR B 267 -66.98 -67.56 2.21
C THR B 267 -68.50 -67.60 2.32
N GLU B 268 -69.01 -67.87 3.50
CA GLU B 268 -70.46 -68.00 3.63
C GLU B 268 -71.16 -66.67 3.45
N VAL B 269 -70.54 -65.59 3.90
CA VAL B 269 -71.14 -64.27 3.75
C VAL B 269 -70.07 -63.29 3.27
N LEU B 270 -70.57 -62.20 2.72
CA LEU B 270 -69.79 -60.99 2.46
C LEU B 270 -69.90 -60.16 3.73
N ILE B 271 -68.86 -60.23 4.56
CA ILE B 271 -68.85 -59.47 5.80
C ILE B 271 -68.58 -58.01 5.48
N THR B 272 -69.53 -57.15 5.79
CA THR B 272 -69.31 -55.72 5.63
C THR B 272 -68.33 -55.22 6.68
N ASP B 273 -67.74 -54.06 6.41
CA ASP B 273 -66.54 -53.67 7.15
C ASP B 273 -66.85 -53.28 8.59
N ARG B 274 -68.05 -52.77 8.85
CA ARG B 274 -68.46 -52.57 10.22
C ARG B 274 -68.59 -53.90 10.96
N LYS B 275 -69.11 -54.91 10.27
CA LYS B 275 -69.21 -56.22 10.89
C LYS B 275 -67.84 -56.84 11.09
N GLU B 276 -66.89 -56.52 10.22
CA GLU B 276 -65.53 -57.03 10.39
C GLU B 276 -64.87 -56.39 11.59
N PHE B 277 -65.02 -55.07 11.75
CA PHE B 277 -64.38 -54.42 12.89
C PHE B 277 -65.01 -54.86 14.19
N GLU B 278 -66.29 -55.22 14.15
CA GLU B 278 -66.91 -55.76 15.36
C GLU B 278 -66.37 -57.14 15.68
N LEU B 279 -66.19 -57.98 14.65
CA LEU B 279 -65.58 -59.28 14.90
C LEU B 279 -64.13 -59.15 15.32
N ALA B 280 -63.48 -58.06 14.93
CA ALA B 280 -62.11 -57.86 15.37
C ALA B 280 -62.06 -57.39 16.81
N GLU B 281 -63.08 -56.65 17.26
CA GLU B 281 -63.08 -56.23 18.66
C GLU B 281 -63.48 -57.37 19.58
N GLU B 282 -64.18 -58.37 19.06
CA GLU B 282 -64.57 -59.49 19.90
C GLU B 282 -63.51 -60.57 19.97
N GLY B 283 -62.38 -60.36 19.32
CA GLY B 283 -61.32 -61.34 19.33
C GLY B 283 -61.43 -62.42 18.29
N PHE B 284 -62.00 -62.13 17.13
CA PHE B 284 -62.17 -63.12 16.08
C PHE B 284 -61.41 -62.65 14.84
N ILE B 285 -61.00 -63.62 14.03
CA ILE B 285 -60.27 -63.34 12.80
C ILE B 285 -61.26 -63.50 11.66
N ALA B 286 -61.69 -62.40 11.08
CA ALA B 286 -62.74 -62.43 10.09
C ALA B 286 -62.13 -62.65 8.71
N LEU B 287 -62.38 -63.80 8.13
CA LEU B 287 -62.04 -64.03 6.74
C LEU B 287 -63.02 -63.25 5.88
N THR B 288 -62.56 -62.15 5.28
CA THR B 288 -63.45 -61.27 4.53
C THR B 288 -63.30 -61.49 3.04
N MET B 289 -64.43 -61.74 2.39
CA MET B 289 -64.47 -61.92 0.95
C MET B 289 -64.35 -60.56 0.30
N ARG B 290 -63.58 -60.50 -0.78
CA ARG B 290 -63.54 -59.30 -1.60
C ARG B 290 -64.59 -59.42 -2.70
N LYS B 291 -65.62 -58.58 -2.61
CA LYS B 291 -66.79 -58.69 -3.47
C LYS B 291 -66.44 -58.49 -4.93
N GLY B 292 -66.93 -59.39 -5.77
CA GLY B 292 -66.66 -59.32 -7.18
C GLY B 292 -65.37 -59.97 -7.59
N SER B 293 -64.68 -60.62 -6.66
CA SER B 293 -63.44 -61.31 -6.98
C SER B 293 -63.60 -62.75 -6.54
N ASP B 294 -62.51 -63.49 -6.58
CA ASP B 294 -62.42 -64.83 -5.99
C ASP B 294 -61.33 -64.85 -4.92
N ASN B 295 -61.08 -63.71 -4.31
CA ASN B 295 -59.98 -63.54 -3.39
C ASN B 295 -60.51 -63.10 -2.05
N ALA B 296 -59.84 -63.47 -0.98
CA ALA B 296 -60.28 -63.11 0.35
C ALA B 296 -59.11 -62.58 1.15
N ALA B 297 -59.40 -62.00 2.32
CA ALA B 297 -58.34 -61.35 3.07
C ALA B 297 -58.69 -61.31 4.55
N PHE B 298 -57.65 -61.32 5.37
CA PHE B 298 -57.74 -61.06 6.80
C PHE B 298 -57.47 -59.59 7.01
N PHE B 299 -58.51 -58.80 7.25
CA PHE B 299 -58.27 -57.41 7.60
C PHE B 299 -57.72 -57.27 9.02
N SER B 300 -57.86 -58.30 9.84
CA SER B 300 -57.46 -58.21 11.23
C SER B 300 -57.16 -59.61 11.73
N ALA B 301 -56.23 -59.71 12.68
CA ALA B 301 -55.87 -60.98 13.28
C ALA B 301 -55.70 -60.79 14.78
N ASN B 302 -56.69 -60.21 15.43
CA ASN B 302 -56.65 -60.11 16.89
C ASN B 302 -56.73 -61.48 17.54
N SER B 303 -56.27 -61.55 18.79
CA SER B 303 -56.44 -62.74 19.61
C SER B 303 -57.59 -62.52 20.58
N ILE B 304 -57.77 -63.49 21.49
CA ILE B 304 -58.99 -63.55 22.29
C ILE B 304 -59.02 -62.47 23.35
N GLN B 305 -57.87 -62.09 23.90
CA GLN B 305 -57.83 -61.39 25.18
C GLN B 305 -58.39 -59.98 25.07
N LYS B 306 -59.25 -59.63 25.98
CA LYS B 306 -59.93 -58.36 25.99
C LYS B 306 -58.94 -57.24 26.23
N PRO B 307 -58.87 -56.27 25.34
CA PRO B 307 -57.92 -55.19 25.52
C PRO B 307 -58.34 -54.31 26.68
N LYS B 308 -57.44 -54.16 27.66
CA LYS B 308 -57.78 -53.47 28.90
C LYS B 308 -57.95 -51.97 28.70
N VAL B 309 -58.69 -51.36 29.63
CA VAL B 309 -58.85 -49.91 29.69
C VAL B 309 -58.14 -49.40 30.93
N PHE B 310 -57.24 -48.44 30.75
CA PHE B 310 -56.48 -47.84 31.83
C PHE B 310 -56.88 -46.38 31.97
N PRO B 311 -56.57 -45.71 33.08
CA PRO B 311 -56.97 -44.30 33.20
C PRO B 311 -56.28 -43.43 32.17
N ASN B 312 -56.93 -42.34 31.78
CA ASN B 312 -56.43 -41.51 30.69
C ASN B 312 -55.42 -40.49 31.24
N THR B 313 -54.26 -41.00 31.61
CA THR B 313 -53.10 -40.18 31.92
C THR B 313 -52.02 -40.54 30.93
N LYS B 314 -50.81 -40.03 31.17
CA LYS B 314 -49.68 -40.38 30.31
C LYS B 314 -49.27 -41.84 30.52
N GLU B 315 -49.07 -42.21 31.78
CA GLU B 315 -48.70 -43.59 32.11
C GLU B 315 -49.81 -44.57 31.75
N GLY B 316 -51.06 -44.12 31.85
CA GLY B 316 -52.17 -44.98 31.49
C GLY B 316 -52.21 -45.29 30.01
N LYS B 317 -51.91 -44.30 29.17
CA LYS B 317 -51.93 -44.60 27.75
C LYS B 317 -50.71 -45.39 27.32
N GLU B 318 -49.58 -45.27 28.04
CA GLU B 318 -48.47 -46.17 27.75
C GLU B 318 -48.82 -47.61 28.11
N ALA B 319 -49.48 -47.79 29.25
CA ALA B 319 -49.76 -49.16 29.67
C ALA B 319 -50.86 -49.78 28.82
N GLU B 320 -51.81 -48.96 28.34
CA GLU B 320 -52.76 -49.48 27.35
C GLU B 320 -52.07 -49.81 26.04
N THR B 321 -51.07 -49.01 25.66
CA THR B 321 -50.37 -49.26 24.41
C THR B 321 -49.64 -50.60 24.47
N ASN B 322 -49.03 -50.88 25.61
CA ASN B 322 -48.33 -52.14 25.74
C ASN B 322 -49.32 -53.29 25.80
N TYR B 323 -50.47 -53.03 26.40
CA TYR B 323 -51.40 -54.13 26.57
C TYR B 323 -52.14 -54.45 25.30
N LYS B 324 -52.27 -53.48 24.38
CA LYS B 324 -52.84 -53.84 23.08
C LYS B 324 -51.78 -54.32 22.12
N LEU B 325 -50.50 -54.07 22.39
CA LEU B 325 -49.48 -54.76 21.61
C LEU B 325 -49.42 -56.22 21.99
N GLY B 326 -49.67 -56.54 23.25
CA GLY B 326 -49.54 -57.92 23.69
C GLY B 326 -50.62 -58.82 23.14
N THR B 327 -51.79 -58.28 22.87
CA THR B 327 -52.91 -59.15 22.60
C THR B 327 -53.22 -59.36 21.12
N GLN B 328 -52.27 -59.13 20.23
CA GLN B 328 -52.51 -59.38 18.81
C GLN B 328 -51.47 -60.33 18.27
N LEU B 329 -51.94 -61.33 17.52
CA LEU B 329 -51.06 -62.38 17.01
C LEU B 329 -49.88 -61.94 16.15
N PRO B 330 -49.96 -60.93 15.27
CA PRO B 330 -48.74 -60.57 14.51
C PRO B 330 -47.65 -59.92 15.33
N TYR B 331 -47.83 -59.77 16.63
CA TYR B 331 -46.74 -59.41 17.52
C TYR B 331 -46.36 -60.57 18.42
N MET B 332 -47.33 -61.40 18.79
CA MET B 332 -47.01 -62.56 19.58
C MET B 332 -46.25 -63.60 18.77
N MET B 333 -46.31 -63.55 17.45
CA MET B 333 -45.44 -64.43 16.71
C MET B 333 -44.00 -63.94 16.76
N ILE B 334 -43.81 -62.63 16.85
CA ILE B 334 -42.47 -62.09 17.04
C ILE B 334 -41.92 -62.52 18.40
N ILE B 335 -42.75 -62.45 19.44
CA ILE B 335 -42.26 -62.83 20.76
C ILE B 335 -42.12 -64.34 20.88
N ASN B 336 -42.91 -65.09 20.12
CA ASN B 336 -42.72 -66.54 20.09
C ASN B 336 -41.39 -66.90 19.45
N ARG B 337 -41.02 -66.22 18.35
CA ARG B 337 -39.75 -66.56 17.71
C ARG B 337 -38.56 -66.09 18.54
N LEU B 338 -38.70 -64.98 19.27
CA LEU B 338 -37.64 -64.62 20.19
C LEU B 338 -37.55 -65.58 21.36
N ALA B 339 -38.68 -66.10 21.83
CA ALA B 339 -38.64 -67.05 22.93
C ALA B 339 -37.98 -68.35 22.49
N HIS B 340 -38.22 -68.74 21.24
CA HIS B 340 -37.62 -69.95 20.73
C HIS B 340 -36.12 -69.79 20.51
N TYR B 341 -35.69 -68.67 19.94
CA TYR B 341 -34.26 -68.49 19.77
C TYR B 341 -33.54 -68.30 21.10
N VAL B 342 -34.20 -67.70 22.08
CA VAL B 342 -33.56 -67.49 23.37
C VAL B 342 -33.41 -68.80 24.12
N LYS B 343 -34.41 -69.68 24.02
CA LYS B 343 -34.28 -71.00 24.63
C LYS B 343 -33.21 -71.81 23.93
N VAL B 344 -33.30 -71.91 22.61
CA VAL B 344 -32.46 -72.85 21.87
C VAL B 344 -31.01 -72.39 21.85
N LEU B 345 -30.78 -71.08 21.64
CA LEU B 345 -29.40 -70.61 21.71
C LEU B 345 -28.88 -70.50 23.12
N GLN B 346 -29.71 -70.12 24.08
CA GLN B 346 -29.19 -69.98 25.44
C GLN B 346 -29.18 -71.30 26.18
N ARG B 347 -29.40 -72.43 25.49
CA ARG B 347 -28.96 -73.68 26.09
C ARG B 347 -27.53 -74.03 25.68
N GLU B 348 -27.02 -73.40 24.63
CA GLU B 348 -25.68 -73.76 24.20
C GLU B 348 -24.62 -73.01 24.98
N GLN B 349 -25.02 -72.08 25.83
CA GLN B 349 -24.04 -71.33 26.59
C GLN B 349 -23.94 -71.78 28.04
N ILE B 350 -24.73 -72.76 28.46
CA ILE B 350 -24.61 -73.28 29.81
C ILE B 350 -23.25 -73.95 29.97
N GLY B 351 -22.41 -73.35 30.79
CA GLY B 351 -21.06 -73.83 30.94
C GLY B 351 -20.00 -72.92 30.36
N ALA B 352 -20.37 -71.75 29.90
CA ALA B 352 -19.36 -70.81 29.49
C ALA B 352 -19.09 -69.81 30.60
N TRP B 353 -17.85 -69.34 30.66
CA TRP B 353 -17.42 -68.42 31.71
C TRP B 353 -18.07 -67.07 31.45
N LYS B 354 -19.22 -66.86 32.07
CA LYS B 354 -20.01 -65.66 31.84
C LYS B 354 -20.15 -64.87 33.12
N GLU B 355 -20.06 -63.57 33.01
CA GLU B 355 -20.46 -62.69 34.09
C GLU B 355 -21.79 -62.04 33.76
N ARG B 356 -22.19 -61.07 34.58
CA ARG B 356 -23.44 -60.37 34.35
C ARG B 356 -23.37 -59.49 33.11
N GLN B 357 -22.39 -58.60 33.05
CA GLN B 357 -22.18 -57.77 31.88
C GLN B 357 -21.78 -58.56 30.66
N ASP B 358 -21.33 -59.81 30.83
CA ASP B 358 -21.21 -60.70 29.69
C ASP B 358 -22.57 -60.95 29.05
N LEU B 359 -23.60 -61.20 29.86
CA LEU B 359 -24.91 -61.41 29.26
C LEU B 359 -25.49 -60.12 28.72
N GLU B 360 -25.16 -58.98 29.31
CA GLU B 360 -25.60 -57.72 28.71
C GLU B 360 -24.96 -57.53 27.34
N ARG B 361 -23.67 -57.84 27.23
CA ARG B 361 -22.98 -57.59 25.98
C ARG B 361 -23.38 -58.61 24.92
N GLU B 362 -23.53 -59.87 25.31
CA GLU B 362 -23.82 -60.89 24.32
C GLU B 362 -25.28 -60.88 23.92
N LEU B 363 -26.19 -60.48 24.81
CA LEU B 363 -27.56 -60.37 24.37
C LEU B 363 -27.80 -59.10 23.58
N ASN B 364 -27.10 -58.02 23.91
CA ASN B 364 -27.29 -56.80 23.13
C ASN B 364 -26.68 -56.94 21.74
N SER B 365 -25.50 -57.56 21.64
CA SER B 365 -24.97 -57.86 20.32
C SER B 365 -25.73 -58.99 19.66
N TRP B 366 -26.49 -59.77 20.43
CA TRP B 366 -27.34 -60.79 19.84
C TRP B 366 -28.57 -60.16 19.21
N ILE B 367 -29.08 -59.10 19.82
CA ILE B 367 -30.36 -58.55 19.42
C ILE B 367 -30.17 -57.35 18.50
N LYS B 368 -28.93 -56.89 18.32
CA LYS B 368 -28.68 -55.90 17.26
C LYS B 368 -28.78 -56.53 15.88
N GLN B 369 -28.84 -57.86 15.83
CA GLN B 369 -29.26 -58.56 14.63
C GLN B 369 -30.66 -58.16 14.19
N TYR B 370 -31.57 -57.92 15.13
CA TYR B 370 -32.97 -57.77 14.78
C TYR B 370 -33.48 -56.35 14.97
N VAL B 371 -32.61 -55.37 15.06
CA VAL B 371 -33.01 -53.99 15.24
C VAL B 371 -32.89 -53.26 13.92
N ALA B 372 -33.98 -52.65 13.47
CA ALA B 372 -33.95 -51.86 12.25
C ALA B 372 -34.33 -50.43 12.63
N ASP B 373 -33.35 -49.65 13.09
CA ASP B 373 -33.62 -48.34 13.69
C ASP B 373 -33.12 -47.19 12.84
N GLN B 374 -33.19 -47.30 11.54
CA GLN B 374 -32.82 -46.18 10.70
C GLN B 374 -33.98 -45.18 10.62
N GLU B 375 -33.85 -44.23 9.70
CA GLU B 375 -34.86 -43.19 9.62
C GLU B 375 -36.14 -43.72 8.97
N ASN B 376 -36.00 -44.45 7.89
CA ASN B 376 -37.18 -44.88 7.17
C ASN B 376 -36.86 -46.15 6.41
N PRO B 377 -36.90 -47.32 7.06
CA PRO B 377 -36.59 -48.54 6.34
C PRO B 377 -37.76 -48.95 5.47
N PRO B 378 -37.51 -49.53 4.30
CA PRO B 378 -38.61 -49.98 3.45
C PRO B 378 -39.28 -51.22 4.01
N ALA B 379 -40.31 -51.69 3.30
CA ALA B 379 -41.22 -52.67 3.88
C ALA B 379 -40.55 -54.03 4.08
N ASP B 380 -39.57 -54.37 3.24
CA ASP B 380 -38.95 -55.68 3.33
C ASP B 380 -38.00 -55.76 4.52
N VAL B 381 -37.21 -54.72 4.73
CA VAL B 381 -36.27 -54.71 5.84
C VAL B 381 -37.00 -54.62 7.17
N ARG B 382 -38.16 -53.96 7.17
CA ARG B 382 -39.05 -54.07 8.31
C ARG B 382 -39.64 -55.47 8.42
N SER B 383 -39.79 -56.17 7.30
CA SER B 383 -40.44 -57.47 7.37
C SER B 383 -39.50 -58.51 7.95
N ARG B 384 -38.20 -58.37 7.72
CA ARG B 384 -37.28 -59.39 8.23
C ARG B 384 -36.48 -58.95 9.44
N ARG B 385 -36.60 -57.70 9.85
CA ARG B 385 -36.04 -57.22 11.11
C ARG B 385 -37.16 -56.54 11.86
N PRO B 386 -37.95 -57.28 12.62
CA PRO B 386 -39.24 -56.76 13.02
C PRO B 386 -39.19 -55.77 14.16
N LEU B 387 -38.26 -55.88 15.09
CA LEU B 387 -38.34 -55.09 16.31
C LEU B 387 -37.44 -53.86 16.19
N ARG B 388 -37.93 -52.72 16.65
CA ARG B 388 -37.22 -51.47 16.39
C ARG B 388 -36.29 -51.10 17.54
N ALA B 389 -36.67 -51.41 18.76
CA ALA B 389 -35.81 -51.12 19.90
C ALA B 389 -35.68 -52.36 20.76
N ALA B 390 -34.61 -52.42 21.52
CA ALA B 390 -34.46 -53.51 22.48
C ALA B 390 -33.68 -52.99 23.67
N ARG B 391 -34.23 -53.21 24.85
CA ARG B 391 -33.62 -52.79 26.10
C ARG B 391 -33.51 -53.99 27.02
N ILE B 392 -32.29 -54.41 27.31
CA ILE B 392 -32.04 -55.65 28.04
C ILE B 392 -31.41 -55.30 29.37
N GLU B 393 -31.97 -55.84 30.44
CA GLU B 393 -31.39 -55.70 31.76
C GLU B 393 -31.05 -57.09 32.28
N VAL B 394 -29.81 -57.25 32.74
CA VAL B 394 -29.34 -58.52 33.26
C VAL B 394 -28.95 -58.33 34.71
N MET B 395 -29.57 -59.11 35.59
CA MET B 395 -29.30 -59.05 37.01
C MET B 395 -29.01 -60.45 37.53
N ASP B 396 -28.41 -60.52 38.71
CA ASP B 396 -28.05 -61.79 39.31
C ASP B 396 -29.14 -62.23 40.27
N VAL B 397 -29.36 -63.54 40.35
CA VAL B 397 -30.14 -64.08 41.44
C VAL B 397 -29.19 -64.13 42.63
N GLU B 398 -29.43 -63.27 43.62
CA GLU B 398 -28.50 -63.12 44.73
C GLU B 398 -28.52 -64.35 45.62
N GLY B 399 -27.34 -64.82 45.98
CA GLY B 399 -27.27 -66.01 46.80
C GLY B 399 -27.54 -67.29 46.06
N ASN B 400 -27.48 -67.27 44.74
CA ASN B 400 -27.64 -68.48 43.93
C ASN B 400 -26.76 -68.30 42.71
N PRO B 401 -25.48 -68.66 42.81
CA PRO B 401 -24.47 -68.05 41.95
C PRO B 401 -24.51 -68.56 40.53
N GLY B 402 -24.23 -67.67 39.60
CA GLY B 402 -24.31 -67.97 38.19
C GLY B 402 -25.67 -67.68 37.59
N TRP B 403 -26.75 -67.93 38.32
CA TRP B 403 -28.10 -67.79 37.83
C TRP B 403 -28.41 -66.33 37.56
N TYR B 404 -28.66 -66.01 36.31
CA TYR B 404 -28.83 -64.64 35.88
C TYR B 404 -30.29 -64.40 35.54
N GLN B 405 -30.74 -63.16 35.71
CA GLN B 405 -32.15 -62.82 35.58
C GLN B 405 -32.28 -61.70 34.57
N VAL B 406 -32.95 -61.96 33.46
CA VAL B 406 -32.89 -61.10 32.29
C VAL B 406 -34.29 -60.62 31.94
N SER B 407 -34.41 -59.32 31.67
CA SER B 407 -35.64 -58.76 31.11
C SER B 407 -35.34 -58.27 29.70
N LEU B 408 -35.99 -58.88 28.72
CA LEU B 408 -35.80 -58.53 27.33
C LEU B 408 -37.09 -57.90 26.82
N SER B 409 -37.06 -56.61 26.55
CA SER B 409 -38.23 -55.83 26.18
C SER B 409 -38.05 -55.26 24.79
N VAL B 410 -39.00 -55.50 23.90
CA VAL B 410 -38.88 -55.08 22.52
C VAL B 410 -40.01 -54.13 22.18
N ARG B 411 -39.82 -53.38 21.09
CA ARG B 411 -40.84 -52.46 20.58
C ARG B 411 -40.98 -52.71 19.09
N PRO B 412 -41.99 -53.42 18.65
CA PRO B 412 -42.06 -53.83 17.25
C PRO B 412 -42.48 -52.69 16.36
N HIS B 413 -42.36 -52.92 15.05
CA HIS B 413 -42.91 -51.98 14.11
C HIS B 413 -44.43 -52.03 14.15
N PHE B 414 -45.04 -50.86 14.29
CA PHE B 414 -46.48 -50.77 14.29
C PHE B 414 -47.00 -50.96 12.88
N LYS B 415 -47.94 -51.88 12.73
CA LYS B 415 -48.55 -52.09 11.43
C LYS B 415 -49.88 -51.35 11.37
N TYR B 416 -50.16 -50.76 10.22
CA TYR B 416 -51.24 -49.79 10.04
C TYR B 416 -52.59 -50.47 10.19
N MET B 417 -53.28 -50.25 11.30
CA MET B 417 -54.54 -50.94 11.55
C MET B 417 -55.66 -49.99 11.95
N GLY B 418 -55.88 -48.93 11.20
CA GLY B 418 -57.07 -48.12 11.37
C GLY B 418 -56.72 -46.65 11.52
N ALA B 419 -57.58 -45.81 10.96
CA ALA B 419 -57.41 -44.38 11.09
C ALA B 419 -58.75 -43.71 10.93
N ASN B 420 -58.84 -42.49 11.45
CA ASN B 420 -60.02 -41.65 11.25
C ASN B 420 -59.62 -40.45 10.40
N PHE B 421 -60.48 -40.10 9.45
CA PHE B 421 -60.21 -38.96 8.57
C PHE B 421 -61.29 -37.92 8.71
N GLU B 422 -60.87 -36.67 8.74
CA GLU B 422 -61.76 -35.52 8.72
C GLU B 422 -61.33 -34.62 7.58
N LEU B 423 -62.25 -34.30 6.69
CA LEU B 423 -61.94 -33.46 5.53
C LEU B 423 -62.70 -32.15 5.64
N SER B 424 -62.15 -31.09 5.04
CA SER B 424 -62.79 -29.79 5.09
C SER B 424 -62.32 -28.90 3.96
N LEU B 425 -63.25 -28.38 3.19
CA LEU B 425 -62.93 -27.36 2.22
C LEU B 425 -62.59 -26.08 2.94
N VAL B 426 -61.62 -25.33 2.43
CA VAL B 426 -61.24 -24.04 3.02
C VAL B 426 -60.56 -23.22 1.94
N GLY B 427 -60.67 -21.90 2.05
CA GLY B 427 -59.86 -20.99 1.27
C GLY B 427 -58.60 -20.69 2.05
N ARG B 428 -57.82 -19.71 1.57
CA ARG B 428 -56.76 -19.03 2.33
C ARG B 428 -55.57 -19.94 2.68
N LEU B 429 -55.60 -21.22 2.34
CA LEU B 429 -54.58 -22.14 2.80
C LEU B 429 -53.30 -21.99 1.99
N ASP B 430 -52.17 -22.11 2.68
CA ASP B 430 -50.86 -22.06 2.04
C ASP B 430 -50.60 -23.32 1.24
N SER C 1 -81.71 -32.90 13.71
CA SER C 1 -80.42 -32.79 14.35
C SER C 1 -79.63 -31.64 13.77
N LYS C 2 -78.49 -31.35 14.38
CA LYS C 2 -77.66 -30.26 13.92
C LYS C 2 -76.18 -30.63 13.73
N GLU C 3 -75.72 -31.76 14.28
CA GLU C 3 -74.33 -32.15 14.16
C GLU C 3 -74.07 -33.08 12.98
N GLY C 4 -75.06 -33.26 12.11
CA GLY C 4 -74.90 -34.26 11.09
C GLY C 4 -75.00 -35.64 11.70
N SER C 5 -74.47 -36.62 10.98
CA SER C 5 -74.43 -37.98 11.47
C SER C 5 -73.18 -38.64 10.92
N VAL C 6 -72.83 -39.78 11.53
CA VAL C 6 -71.70 -40.57 11.11
C VAL C 6 -72.15 -42.00 10.91
N ALA C 7 -71.33 -42.79 10.26
CA ALA C 7 -71.52 -44.22 10.21
C ALA C 7 -71.06 -44.82 11.52
N PRO C 8 -71.44 -46.07 11.82
CA PRO C 8 -70.76 -46.79 12.90
C PRO C 8 -69.30 -47.00 12.53
N LYS C 9 -68.45 -47.08 13.55
CA LYS C 9 -67.00 -47.00 13.39
C LYS C 9 -66.47 -48.21 12.63
N GLU C 10 -65.61 -47.92 11.66
CA GLU C 10 -65.05 -48.93 10.80
C GLU C 10 -63.53 -48.89 10.96
N ARG C 11 -62.82 -49.61 10.10
CA ARG C 11 -61.37 -49.50 10.04
C ARG C 11 -60.92 -48.11 9.60
N ILE C 12 -61.59 -47.54 8.61
CA ILE C 12 -61.24 -46.23 8.09
C ILE C 12 -62.44 -45.33 8.30
N ASN C 13 -62.39 -44.45 9.29
CA ASN C 13 -63.47 -43.52 9.55
C ASN C 13 -63.22 -42.25 8.77
N ILE C 14 -64.12 -41.92 7.85
CA ILE C 14 -64.06 -40.68 7.11
C ILE C 14 -65.35 -39.94 7.31
N LYS C 15 -65.25 -38.74 7.88
CA LYS C 15 -66.39 -37.84 8.02
C LYS C 15 -65.90 -36.44 7.68
N TYR C 16 -66.84 -35.60 7.28
CA TYR C 16 -66.50 -34.24 6.93
C TYR C 16 -67.06 -33.29 7.97
N ILE C 17 -66.21 -32.40 8.45
CA ILE C 17 -66.60 -31.37 9.40
C ILE C 17 -66.41 -30.03 8.73
N PRO C 18 -66.97 -28.96 9.29
CA PRO C 18 -66.55 -27.64 8.83
C PRO C 18 -65.12 -27.41 9.27
N ALA C 19 -64.21 -27.56 8.31
CA ALA C 19 -62.81 -27.69 8.64
C ALA C 19 -62.13 -26.35 8.82
N THR C 20 -62.91 -25.27 8.88
CA THR C 20 -62.35 -23.96 9.17
C THR C 20 -61.77 -23.93 10.57
N GLY C 21 -62.39 -24.65 11.49
CA GLY C 21 -61.91 -24.79 12.85
C GLY C 21 -61.95 -23.47 13.58
N ASP C 22 -62.89 -22.62 13.20
CA ASP C 22 -62.92 -21.25 13.66
C ASP C 22 -63.42 -21.23 15.09
N ALA C 23 -62.48 -21.41 16.01
CA ALA C 23 -62.75 -21.10 17.41
C ALA C 23 -62.98 -19.61 17.55
N GLN C 24 -63.78 -19.25 18.56
CA GLN C 24 -64.25 -17.89 18.79
C GLN C 24 -64.98 -17.33 17.57
N ALA C 25 -65.81 -18.16 16.95
CA ALA C 25 -66.71 -17.74 15.87
C ALA C 25 -68.11 -18.23 16.19
N GLU C 26 -69.04 -17.31 16.30
CA GLU C 26 -70.43 -17.63 16.57
C GLU C 26 -71.28 -16.95 15.52
N ALA C 27 -72.48 -17.49 15.30
CA ALA C 27 -73.35 -17.05 14.22
C ALA C 27 -74.46 -16.19 14.80
N GLU C 28 -74.74 -15.08 14.14
CA GLU C 28 -75.86 -14.22 14.48
C GLU C 28 -76.53 -13.76 13.20
N VAL C 29 -77.85 -13.68 13.22
CA VAL C 29 -78.55 -13.02 12.13
C VAL C 29 -78.42 -11.53 12.34
N GLU C 30 -78.21 -10.78 11.25
CA GLU C 30 -78.26 -9.32 11.34
C GLU C 30 -79.65 -8.92 11.79
N LEU C 31 -79.73 -8.42 13.01
CA LEU C 31 -81.01 -8.19 13.65
C LEU C 31 -81.74 -7.06 12.94
N PRO C 32 -83.03 -7.20 12.70
CA PRO C 32 -83.75 -6.14 12.00
C PRO C 32 -83.98 -4.96 12.90
N LEU C 33 -83.80 -3.77 12.34
CA LEU C 33 -84.13 -2.52 13.04
C LEU C 33 -85.65 -2.35 13.02
N LYS C 34 -86.31 -3.06 13.94
CA LYS C 34 -87.75 -3.19 13.85
C LYS C 34 -88.43 -1.95 14.41
N THR C 35 -88.75 -1.01 13.55
CA THR C 35 -89.41 0.22 13.95
C THR C 35 -90.86 -0.07 14.26
N LEU C 36 -91.31 0.39 15.41
CA LEU C 36 -92.67 0.15 15.86
C LEU C 36 -93.42 1.46 15.77
N VAL C 37 -94.03 1.74 14.63
CA VAL C 37 -94.78 2.97 14.43
C VAL C 37 -96.09 2.85 15.21
N VAL C 38 -96.29 3.75 16.15
CA VAL C 38 -97.47 3.78 16.99
C VAL C 38 -98.18 5.10 16.78
N GLY C 39 -99.41 5.06 16.29
CA GLY C 39 -100.15 6.29 16.09
C GLY C 39 -101.60 6.00 15.85
N ASP C 40 -102.39 7.08 15.85
CA ASP C 40 -103.84 6.97 15.66
C ASP C 40 -104.12 6.61 14.20
N PHE C 41 -104.62 5.39 14.02
CA PHE C 41 -104.76 4.81 12.71
C PHE C 41 -106.18 4.39 12.36
N LYS C 42 -107.14 4.57 13.25
CA LYS C 42 -108.53 4.26 13.01
C LYS C 42 -109.39 5.36 13.61
N GLY C 43 -110.61 5.46 13.13
CA GLY C 43 -111.43 6.60 13.49
C GLY C 43 -112.13 6.50 14.82
N HIS C 44 -111.75 5.55 15.68
CA HIS C 44 -112.51 5.32 16.89
C HIS C 44 -111.64 4.61 17.91
N ALA C 45 -112.09 4.65 19.16
CA ALA C 45 -111.47 3.87 20.20
C ALA C 45 -111.96 2.42 20.12
N GLU C 46 -111.07 1.51 20.45
CA GLU C 46 -111.44 0.10 20.53
C GLU C 46 -111.51 -0.34 21.98
N GLN C 47 -112.56 -1.11 22.29
CA GLN C 47 -112.74 -1.60 23.64
C GLN C 47 -111.72 -2.66 24.02
N THR C 48 -111.06 -3.25 23.03
CA THR C 48 -110.13 -4.34 23.28
C THR C 48 -108.91 -3.82 24.03
N PRO C 49 -108.51 -4.46 25.12
CA PRO C 49 -107.39 -3.94 25.92
C PRO C 49 -106.09 -4.04 25.17
N LEU C 50 -105.09 -3.30 25.65
CA LEU C 50 -103.92 -3.03 24.85
C LEU C 50 -103.04 -4.26 24.70
N GLU C 51 -103.09 -5.16 25.68
CA GLU C 51 -102.27 -6.35 25.61
C GLU C 51 -102.78 -7.37 24.60
N GLU C 52 -104.05 -7.26 24.19
CA GLU C 52 -104.63 -8.30 23.34
C GLU C 52 -104.61 -7.93 21.86
N ARG C 53 -104.67 -6.64 21.52
CA ARG C 53 -104.62 -6.28 20.11
C ARG C 53 -103.21 -6.51 19.58
N ALA C 54 -103.11 -6.79 18.29
CA ALA C 54 -101.88 -7.33 17.73
C ALA C 54 -101.17 -6.33 16.83
N THR C 55 -99.87 -6.53 16.67
CA THR C 55 -99.08 -5.74 15.74
C THR C 55 -99.33 -6.22 14.33
N VAL C 56 -99.18 -5.32 13.38
CA VAL C 56 -99.44 -5.60 11.98
C VAL C 56 -98.17 -5.35 11.20
N THR C 57 -97.62 -6.41 10.61
CA THR C 57 -96.43 -6.26 9.81
C THR C 57 -96.80 -5.57 8.50
N VAL C 58 -96.04 -4.54 8.16
CA VAL C 58 -96.27 -3.75 6.95
C VAL C 58 -95.00 -3.74 6.14
N ASP C 59 -95.10 -4.10 4.87
CA ASP C 59 -94.03 -3.80 3.96
C ASP C 59 -94.60 -3.07 2.76
N LYS C 60 -93.76 -2.89 1.75
CA LYS C 60 -94.24 -2.30 0.52
C LYS C 60 -95.15 -3.24 -0.23
N ASN C 61 -95.01 -4.54 0.01
CA ASN C 61 -95.69 -5.53 -0.80
C ASN C 61 -97.09 -5.86 -0.30
N ASN C 62 -97.46 -5.43 0.89
CA ASN C 62 -98.85 -5.62 1.28
C ASN C 62 -99.49 -4.40 1.95
N PHE C 63 -99.05 -3.19 1.64
CA PHE C 63 -99.58 -2.02 2.33
C PHE C 63 -101.03 -1.77 1.98
N GLU C 64 -101.40 -2.02 0.73
CA GLU C 64 -102.81 -1.94 0.37
C GLU C 64 -103.59 -3.08 1.00
N ALA C 65 -102.94 -4.19 1.28
CA ALA C 65 -103.62 -5.27 1.99
C ALA C 65 -103.75 -4.91 3.47
N VAL C 66 -102.82 -4.12 4.00
CA VAL C 66 -102.92 -3.72 5.39
C VAL C 66 -104.02 -2.69 5.57
N MET C 67 -104.10 -1.71 4.67
CA MET C 67 -105.21 -0.78 4.73
C MET C 67 -106.52 -1.47 4.39
N ARG C 68 -106.46 -2.55 3.60
CA ARG C 68 -107.66 -3.29 3.27
C ARG C 68 -108.20 -4.04 4.48
N GLU C 69 -107.32 -4.74 5.19
CA GLU C 69 -107.76 -5.51 6.34
C GLU C 69 -108.03 -4.63 7.55
N SER C 70 -107.55 -3.39 7.54
CA SER C 70 -107.70 -2.53 8.70
C SER C 70 -109.15 -2.10 8.90
N GLU C 71 -109.94 -2.10 7.84
CA GLU C 71 -111.35 -1.70 7.82
C GLU C 71 -111.53 -0.29 8.36
N LEU C 72 -110.95 0.68 7.67
CA LEU C 72 -110.95 2.07 8.08
C LEU C 72 -112.37 2.62 8.00
N LYS C 73 -112.61 3.71 8.73
CA LYS C 73 -113.93 4.29 8.80
C LYS C 73 -113.83 5.70 9.35
N ILE C 74 -114.61 6.62 8.80
CA ILE C 74 -114.85 7.94 9.37
C ILE C 74 -116.34 8.22 9.27
N THR C 75 -116.96 8.54 10.39
CA THR C 75 -118.36 8.91 10.44
C THR C 75 -118.48 10.25 11.15
N ALA C 76 -118.80 11.30 10.40
CA ALA C 76 -118.74 12.65 10.96
C ALA C 76 -119.71 13.58 10.24
N THR C 77 -119.64 14.84 10.62
CA THR C 77 -120.56 15.88 10.16
C THR C 77 -119.76 17.08 9.66
N VAL C 78 -120.14 17.60 8.50
CA VAL C 78 -119.51 18.77 7.91
C VAL C 78 -120.56 19.86 7.65
N LYS C 79 -120.08 21.07 7.46
CA LYS C 79 -120.96 22.16 7.03
C LYS C 79 -121.33 21.97 5.57
N ASN C 80 -122.62 22.12 5.26
CA ASN C 80 -123.15 21.85 3.93
C ASN C 80 -123.26 23.17 3.17
N LYS C 81 -122.58 23.27 2.03
CA LYS C 81 -122.52 24.49 1.24
C LYS C 81 -123.11 24.33 -0.16
N LEU C 82 -124.14 23.51 -0.32
CA LEU C 82 -124.88 23.42 -1.57
C LEU C 82 -126.07 24.36 -1.62
N THR C 83 -126.21 25.23 -0.63
CA THR C 83 -127.33 26.16 -0.54
C THR C 83 -126.86 27.39 0.24
N ASP C 84 -127.80 28.17 0.74
CA ASP C 84 -127.46 29.40 1.43
C ASP C 84 -127.90 29.40 2.89
N ASP C 85 -127.65 28.31 3.61
CA ASP C 85 -128.09 28.17 5.00
C ASP C 85 -126.90 27.74 5.85
N GLU C 86 -126.76 28.36 7.03
CA GLU C 86 -125.68 28.03 7.95
C GLU C 86 -125.97 26.76 8.75
N ASN C 87 -127.21 26.57 9.17
CA ASN C 87 -127.61 25.42 9.98
C ASN C 87 -127.64 24.13 9.19
N ALA C 88 -127.64 24.20 7.86
CA ALA C 88 -127.70 23.02 7.02
C ALA C 88 -126.36 22.29 7.11
N GLU C 89 -126.40 21.07 7.63
CA GLU C 89 -125.21 20.27 7.81
C GLU C 89 -125.31 19.04 6.93
N LEU C 90 -124.16 18.50 6.55
CA LEU C 90 -124.13 17.31 5.72
C LEU C 90 -123.50 16.16 6.49
N PRO C 91 -124.26 15.16 6.88
CA PRO C 91 -123.64 13.97 7.48
C PRO C 91 -122.99 13.11 6.41
N VAL C 92 -121.77 12.62 6.70
CA VAL C 92 -121.06 11.75 5.78
C VAL C 92 -120.80 10.43 6.49
N GLU C 93 -120.73 9.37 5.69
CA GLU C 93 -120.42 8.02 6.16
C GLU C 93 -119.54 7.37 5.10
N LEU C 94 -118.24 7.27 5.39
CA LEU C 94 -117.28 6.84 4.39
C LEU C 94 -116.75 5.45 4.69
N ASN C 95 -116.16 4.82 3.68
CA ASN C 95 -115.43 3.58 3.84
C ASN C 95 -114.17 3.63 3.00
N PHE C 96 -113.06 3.22 3.60
CA PHE C 96 -111.75 3.42 3.02
C PHE C 96 -111.07 2.07 2.86
N LYS C 97 -110.38 1.88 1.75
CA LYS C 97 -109.67 0.64 1.53
C LYS C 97 -108.21 0.83 1.14
N SER C 98 -107.87 1.88 0.40
CA SER C 98 -106.48 2.13 0.04
C SER C 98 -106.31 3.63 -0.11
N LEU C 99 -105.11 4.04 -0.52
CA LEU C 99 -104.83 5.46 -0.58
C LEU C 99 -105.42 6.13 -1.82
N ALA C 100 -106.08 5.36 -2.69
CA ALA C 100 -106.91 5.99 -3.67
C ALA C 100 -108.15 6.61 -3.05
N ASP C 101 -108.60 6.09 -1.91
CA ASP C 101 -109.88 6.49 -1.34
C ASP C 101 -109.85 7.85 -0.67
N PHE C 102 -108.69 8.50 -0.58
CA PHE C 102 -108.64 9.83 0.00
C PHE C 102 -108.69 10.92 -1.07
N ALA C 103 -108.69 10.53 -2.34
CA ALA C 103 -108.81 11.47 -3.44
C ALA C 103 -110.23 12.04 -3.47
N PRO C 104 -110.43 13.20 -4.12
CA PRO C 104 -111.80 13.72 -4.24
C PRO C 104 -112.68 12.93 -5.18
N ASP C 105 -112.10 12.00 -5.96
CA ASP C 105 -112.92 11.15 -6.81
C ASP C 105 -113.72 10.17 -5.98
N ALA C 106 -113.04 9.36 -5.16
CA ALA C 106 -113.72 8.37 -4.36
C ALA C 106 -114.54 9.01 -3.26
N VAL C 107 -114.08 10.14 -2.72
CA VAL C 107 -114.87 10.88 -1.75
C VAL C 107 -116.11 11.47 -2.44
N ALA C 108 -115.96 11.84 -3.70
CA ALA C 108 -117.11 12.31 -4.47
C ALA C 108 -118.08 11.17 -4.75
N SER C 109 -117.58 9.93 -4.77
CA SER C 109 -118.47 8.80 -4.98
C SER C 109 -119.14 8.35 -3.69
N GLN C 110 -118.48 8.52 -2.54
CA GLN C 110 -118.99 7.95 -1.31
C GLN C 110 -119.95 8.87 -0.56
N VAL C 111 -120.20 10.07 -1.06
CA VAL C 111 -121.24 10.90 -0.46
C VAL C 111 -122.29 11.13 -1.54
N PRO C 112 -123.51 10.59 -1.37
CA PRO C 112 -124.52 10.67 -2.45
C PRO C 112 -124.97 12.09 -2.76
N GLU C 113 -124.89 13.00 -1.78
CA GLU C 113 -125.23 14.39 -2.03
C GLU C 113 -124.21 15.10 -2.91
N LEU C 114 -123.07 14.48 -3.14
CA LEU C 114 -122.16 14.88 -4.20
C LEU C 114 -122.20 13.98 -5.41
N LYS C 115 -122.51 12.69 -5.21
CA LYS C 115 -122.53 11.73 -6.31
C LYS C 115 -123.63 12.07 -7.32
N LYS C 116 -124.77 12.53 -6.82
CA LYS C 116 -125.85 12.94 -7.70
C LYS C 116 -125.47 14.19 -8.48
N LEU C 117 -124.61 15.04 -7.92
CA LEU C 117 -124.17 16.21 -8.66
C LEU C 117 -123.08 15.88 -9.66
N ILE C 118 -122.27 14.85 -9.39
CA ILE C 118 -121.32 14.39 -10.40
C ILE C 118 -122.06 13.78 -11.57
N GLU C 119 -123.08 12.96 -11.29
CA GLU C 119 -123.85 12.36 -12.37
C GLU C 119 -124.67 13.41 -13.12
N LEU C 120 -125.17 14.43 -12.40
CA LEU C 120 -125.90 15.50 -13.05
C LEU C 120 -124.98 16.35 -13.90
N ARG C 121 -123.73 16.49 -13.46
CA ARG C 121 -122.72 17.12 -14.30
C ARG C 121 -122.45 16.29 -15.53
N GLU C 122 -122.50 14.96 -15.39
CA GLU C 122 -122.35 14.09 -16.55
C GLU C 122 -123.55 14.16 -17.48
N ALA C 123 -124.71 14.56 -16.94
CA ALA C 123 -125.87 14.82 -17.80
C ALA C 123 -125.71 16.15 -18.53
N LEU C 124 -125.08 17.13 -17.89
CA LEU C 124 -124.95 18.44 -18.53
C LEU C 124 -123.81 18.45 -19.55
N VAL C 125 -122.80 17.62 -19.35
CA VAL C 125 -121.68 17.58 -20.31
C VAL C 125 -122.10 16.84 -21.57
N ALA C 126 -122.76 15.69 -21.42
CA ALA C 126 -123.18 14.89 -22.57
C ALA C 126 -124.28 15.57 -23.39
N LEU C 127 -125.13 16.35 -22.74
CA LEU C 127 -126.19 17.17 -23.35
C LEU C 127 -127.19 16.34 -24.15
N ASN D 1 -126.25 29.11 -26.52
CA ASN D 1 -126.84 27.91 -25.96
C ASN D 1 -125.80 27.08 -25.23
N LYS D 2 -124.74 26.73 -25.97
CA LYS D 2 -123.67 25.90 -25.42
C LYS D 2 -122.92 26.63 -24.31
N SER D 3 -122.74 27.94 -24.48
CA SER D 3 -122.02 28.73 -23.49
C SER D 3 -122.79 28.82 -22.18
N LEU D 4 -124.11 28.76 -22.25
CA LEU D 4 -124.90 28.74 -21.02
C LEU D 4 -124.76 27.40 -20.31
N VAL D 5 -124.63 26.32 -21.08
CA VAL D 5 -124.38 25.00 -20.50
C VAL D 5 -123.02 24.97 -19.82
N ASP D 6 -122.02 25.61 -20.44
CA ASP D 6 -120.69 25.67 -19.85
C ASP D 6 -120.66 26.54 -18.60
N GLN D 7 -121.47 27.61 -18.58
CA GLN D 7 -121.59 28.43 -17.37
C GLN D 7 -122.25 27.65 -16.25
N MET D 8 -123.21 26.78 -16.59
CA MET D 8 -123.79 25.89 -15.59
C MET D 8 -122.77 24.86 -15.11
N LEU D 9 -121.83 24.48 -15.98
CA LEU D 9 -120.76 23.57 -15.55
C LEU D 9 -119.79 24.26 -14.60
N VAL D 10 -119.49 25.54 -14.84
CA VAL D 10 -118.58 26.27 -13.95
C VAL D 10 -119.22 26.51 -12.59
N GLU D 11 -120.51 26.88 -12.59
CA GLU D 11 -121.19 27.09 -11.31
C GLU D 11 -121.38 25.78 -10.55
N LEU D 12 -121.64 24.69 -11.28
CA LEU D 12 -121.81 23.40 -10.61
C LEU D 12 -120.48 22.89 -10.05
N ASP D 13 -119.38 23.15 -10.76
CA ASP D 13 -118.06 22.81 -10.24
C ASP D 13 -117.71 23.67 -9.04
N LYS D 14 -118.24 24.89 -8.98
CA LYS D 14 -118.09 25.70 -7.79
C LYS D 14 -118.87 25.10 -6.62
N LYS D 15 -120.00 24.46 -6.91
CA LYS D 15 -120.76 23.85 -5.84
C LYS D 15 -120.09 22.59 -5.31
N ILE D 16 -119.70 21.68 -6.21
CA ILE D 16 -119.13 20.41 -5.78
C ILE D 16 -117.74 20.62 -5.19
N SER D 17 -116.97 21.54 -5.76
CA SER D 17 -115.68 21.89 -5.16
C SER D 17 -115.85 22.62 -3.85
N ALA D 18 -116.94 23.38 -3.71
CA ALA D 18 -117.21 24.08 -2.47
C ALA D 18 -117.53 23.11 -1.34
N GLN D 19 -118.21 22.01 -1.64
CA GLN D 19 -118.46 21.01 -0.61
C GLN D 19 -117.22 20.16 -0.36
N MET D 20 -116.50 19.83 -1.42
CA MET D 20 -115.34 18.96 -1.32
C MET D 20 -114.24 19.61 -0.51
N ASP D 21 -114.15 20.95 -0.58
CA ASP D 21 -113.26 21.69 0.31
C ASP D 21 -113.65 21.51 1.77
N GLU D 22 -114.95 21.29 2.04
CA GLU D 22 -115.35 21.13 3.43
C GLU D 22 -115.13 19.70 3.91
N ILE D 23 -115.25 18.71 3.03
CA ILE D 23 -115.00 17.35 3.48
C ILE D 23 -113.51 17.11 3.66
N LEU D 24 -112.70 17.53 2.69
CA LEU D 24 -111.27 17.25 2.77
C LEU D 24 -110.56 18.04 3.85
N HIS D 25 -111.16 19.10 4.37
CA HIS D 25 -110.53 19.84 5.46
C HIS D 25 -111.07 19.42 6.80
N ASN D 26 -111.77 18.29 6.88
CA ASN D 26 -112.29 17.81 8.15
C ASN D 26 -111.14 17.32 9.03
N SER D 27 -111.22 17.67 10.31
CA SER D 27 -110.10 17.48 11.21
C SER D 27 -109.82 16.01 11.47
N GLN D 28 -110.87 15.23 11.71
CA GLN D 28 -110.70 13.79 11.83
C GLN D 28 -110.22 13.19 10.53
N PHE D 29 -110.67 13.74 9.40
CA PHE D 29 -110.22 13.26 8.11
C PHE D 29 -108.78 13.68 7.85
N GLN D 30 -108.38 14.81 8.40
CA GLN D 30 -106.97 15.17 8.30
C GLN D 30 -106.13 14.29 9.20
N ALA D 31 -106.71 13.78 10.28
CA ALA D 31 -105.96 12.87 11.15
C ALA D 31 -105.75 11.53 10.46
N MET D 32 -106.81 11.00 9.84
CA MET D 32 -106.70 9.73 9.16
C MET D 32 -105.80 9.84 7.94
N GLU D 33 -106.05 10.85 7.11
CA GLU D 33 -105.30 11.01 5.86
C GLU D 33 -103.85 11.37 6.16
N SER D 34 -103.64 12.15 7.21
CA SER D 34 -102.28 12.52 7.59
C SER D 34 -101.52 11.31 8.11
N ALA D 35 -102.17 10.48 8.92
CA ALA D 35 -101.50 9.32 9.47
C ALA D 35 -101.18 8.30 8.40
N TRP D 36 -102.15 8.00 7.53
CA TRP D 36 -101.88 6.96 6.56
C TRP D 36 -101.04 7.44 5.40
N ARG D 37 -101.30 8.63 4.89
CA ARG D 37 -100.51 9.11 3.76
C ARG D 37 -99.09 9.42 4.20
N GLY D 38 -98.95 9.96 5.41
CA GLY D 38 -97.62 10.10 5.99
C GLY D 38 -96.97 8.75 6.24
N LEU D 39 -97.79 7.74 6.54
CA LEU D 39 -97.24 6.42 6.78
C LEU D 39 -96.69 5.83 5.49
N LYS D 40 -97.36 6.03 4.37
CA LYS D 40 -96.80 5.56 3.11
C LYS D 40 -95.56 6.37 2.74
N LEU D 41 -95.55 7.65 3.12
CA LEU D 41 -94.37 8.47 2.89
C LEU D 41 -93.17 7.95 3.65
N PHE D 42 -93.39 7.41 4.84
CA PHE D 42 -92.30 6.73 5.54
C PHE D 42 -91.98 5.38 4.89
N VAL D 43 -92.99 4.66 4.44
CA VAL D 43 -92.78 3.27 4.02
C VAL D 43 -92.00 3.19 2.72
N ASP D 44 -92.42 3.94 1.71
CA ASP D 44 -91.80 3.73 0.40
C ASP D 44 -90.40 4.32 0.29
N ARG D 45 -89.96 5.12 1.26
CA ARG D 45 -88.62 5.69 1.21
C ARG D 45 -87.60 4.81 1.91
N THR D 46 -88.03 3.73 2.54
CA THR D 46 -87.11 2.80 3.16
C THR D 46 -86.77 1.70 2.18
N ASP D 47 -86.04 0.69 2.64
CA ASP D 47 -85.57 -0.37 1.75
C ASP D 47 -85.69 -1.71 2.48
N PHE D 48 -86.81 -2.40 2.26
CA PHE D 48 -87.13 -3.60 3.02
C PHE D 48 -86.41 -4.82 2.51
N ARG D 49 -85.66 -4.71 1.43
CA ARG D 49 -84.78 -5.79 1.05
C ARG D 49 -83.44 -5.74 1.77
N GLU D 50 -83.28 -4.84 2.74
CA GLU D 50 -82.10 -4.83 3.59
C GLU D 50 -82.45 -5.04 5.06
N ASN D 51 -83.39 -5.95 5.34
CA ASN D 51 -83.75 -6.39 6.68
C ASN D 51 -84.25 -5.25 7.57
N ASN D 52 -85.36 -4.64 7.19
CA ASN D 52 -86.04 -3.68 8.02
C ASN D 52 -87.49 -4.07 8.12
N LYS D 53 -88.05 -4.02 9.31
CA LYS D 53 -89.47 -4.30 9.44
C LYS D 53 -90.13 -3.17 10.18
N VAL D 54 -91.27 -2.73 9.66
CA VAL D 54 -92.05 -1.72 10.35
C VAL D 54 -93.37 -2.35 10.74
N GLU D 55 -93.69 -2.24 12.02
CA GLU D 55 -94.90 -2.80 12.55
C GLU D 55 -95.81 -1.66 12.99
N ILE D 56 -97.09 -1.94 12.98
CA ILE D 56 -98.12 -0.95 13.21
C ILE D 56 -98.94 -1.41 14.40
N LEU D 57 -99.15 -0.51 15.36
CA LEU D 57 -100.06 -0.79 16.46
C LEU D 57 -100.95 0.42 16.69
N HIS D 58 -102.24 0.26 16.43
CA HIS D 58 -103.20 1.35 16.57
C HIS D 58 -103.40 1.70 18.03
N VAL D 59 -102.80 2.80 18.47
CA VAL D 59 -102.96 3.24 19.85
C VAL D 59 -103.20 4.74 19.83
N THR D 60 -104.25 5.19 20.51
CA THR D 60 -104.39 6.61 20.76
C THR D 60 -103.81 6.94 22.12
N LYS D 61 -103.57 8.25 22.37
CA LYS D 61 -102.84 8.67 23.55
C LYS D 61 -103.59 8.34 24.82
N ASP D 62 -104.91 8.39 24.76
CA ASP D 62 -105.72 8.23 25.96
C ASP D 62 -105.69 6.80 26.46
N GLU D 63 -105.36 5.85 25.58
CA GLU D 63 -105.21 4.50 26.10
C GLU D 63 -103.77 4.14 26.38
N LEU D 64 -102.80 4.96 25.98
CA LEU D 64 -101.48 4.83 26.60
C LEU D 64 -101.51 5.32 28.03
N LEU D 65 -102.23 6.41 28.27
CA LEU D 65 -102.27 6.93 29.64
C LEU D 65 -103.19 6.11 30.51
N GLU D 66 -104.37 5.74 29.99
CA GLU D 66 -105.27 4.87 30.72
C GLU D 66 -104.65 3.49 30.90
N ASP D 67 -103.84 3.06 29.93
CA ASP D 67 -103.18 1.77 30.04
C ASP D 67 -102.08 1.77 31.08
N PHE D 68 -101.19 2.75 31.00
CA PHE D 68 -100.09 2.83 31.94
C PHE D 68 -100.56 3.08 33.36
N GLU D 69 -101.60 3.91 33.54
CA GLU D 69 -102.10 4.09 34.90
C GLU D 69 -102.90 2.89 35.35
N PHE D 70 -103.52 2.16 34.43
CA PHE D 70 -104.23 0.95 34.82
C PHE D 70 -103.24 -0.17 35.12
N ALA D 71 -102.06 -0.09 34.52
CA ALA D 71 -101.00 -1.04 34.83
C ALA D 71 -100.41 -0.72 36.19
N PRO D 72 -100.03 -1.73 36.96
CA PRO D 72 -99.54 -1.49 38.32
C PRO D 72 -98.17 -0.85 38.34
N GLU D 73 -97.46 -0.96 37.23
CA GLU D 73 -96.17 -0.34 37.05
C GLU D 73 -95.94 -0.18 35.57
N THR D 74 -94.70 0.10 35.18
CA THR D 74 -94.42 0.11 33.75
C THR D 74 -94.18 -1.28 33.22
N ALA D 75 -93.88 -2.23 34.10
CA ALA D 75 -93.36 -3.51 33.68
C ALA D 75 -94.45 -4.54 33.41
N GLN D 76 -95.72 -4.16 33.45
CA GLN D 76 -96.77 -5.12 33.15
C GLN D 76 -97.83 -4.53 32.23
N SER D 77 -97.54 -3.44 31.55
CA SER D 77 -98.52 -2.86 30.67
C SER D 77 -98.64 -3.67 29.38
N GLY D 78 -99.53 -3.22 28.50
CA GLY D 78 -99.64 -3.87 27.22
C GLY D 78 -98.46 -3.57 26.32
N LEU D 79 -98.05 -2.30 26.24
CA LEU D 79 -97.02 -1.90 25.30
C LEU D 79 -95.66 -2.45 25.73
N TYR D 80 -95.48 -2.68 27.02
CA TYR D 80 -94.28 -3.34 27.49
C TYR D 80 -94.25 -4.79 27.05
N LYS D 81 -95.41 -5.38 26.84
CA LYS D 81 -95.45 -6.76 26.36
C LYS D 81 -95.34 -6.83 24.84
N HIS D 82 -95.68 -5.75 24.13
CA HIS D 82 -95.48 -5.79 22.69
C HIS D 82 -94.07 -5.39 22.31
N VAL D 83 -93.41 -4.61 23.14
CA VAL D 83 -92.06 -4.15 22.82
C VAL D 83 -91.03 -5.03 23.49
N TYR D 84 -91.12 -5.18 24.81
CA TYR D 84 -90.08 -5.87 25.55
C TYR D 84 -90.26 -7.39 25.50
N SER D 85 -91.42 -7.87 25.96
CA SER D 85 -91.56 -9.27 26.28
C SER D 85 -91.74 -10.12 25.03
N ALA D 86 -92.43 -9.60 24.03
CA ALA D 86 -92.51 -10.33 22.78
C ALA D 86 -91.31 -10.09 21.88
N GLY D 87 -90.45 -9.17 22.26
CA GLY D 87 -89.27 -8.86 21.49
C GLY D 87 -87.99 -9.20 22.20
N TYR D 88 -87.43 -8.17 22.85
CA TYR D 88 -86.04 -8.15 23.29
C TYR D 88 -85.71 -9.25 24.29
N GLY D 89 -86.65 -9.57 25.16
CA GLY D 89 -86.37 -10.52 26.20
C GLY D 89 -87.00 -11.87 25.98
N GLN D 90 -87.33 -12.19 24.73
CA GLN D 90 -87.92 -13.48 24.39
C GLN D 90 -86.87 -14.32 23.70
N PHE D 91 -86.83 -15.61 24.06
CA PHE D 91 -85.85 -16.51 23.48
C PHE D 91 -86.08 -16.66 21.99
N GLY D 92 -85.19 -16.05 21.21
CA GLY D 92 -85.24 -16.15 19.76
C GLY D 92 -85.88 -14.99 19.06
N GLY D 93 -86.47 -14.04 19.77
CA GLY D 93 -87.12 -12.91 19.17
C GLY D 93 -86.12 -11.90 18.62
N GLU D 94 -86.64 -10.74 18.26
CA GLU D 94 -85.83 -9.70 17.64
C GLU D 94 -86.07 -8.41 18.40
N PRO D 95 -85.05 -7.59 18.56
CA PRO D 95 -85.22 -6.40 19.38
C PRO D 95 -85.92 -5.28 18.66
N VAL D 96 -86.60 -4.41 19.41
CA VAL D 96 -87.20 -3.22 18.82
C VAL D 96 -86.14 -2.15 18.70
N GLY D 97 -85.91 -1.67 17.48
CA GLY D 97 -84.81 -0.75 17.24
C GLY D 97 -85.17 0.67 17.60
N ALA D 98 -86.36 1.11 17.23
CA ALA D 98 -86.81 2.46 17.50
C ALA D 98 -88.33 2.47 17.53
N ILE D 99 -88.88 3.47 18.20
CA ILE D 99 -90.33 3.63 18.31
C ILE D 99 -90.66 5.01 17.81
N ILE D 100 -91.59 5.09 16.87
CA ILE D 100 -91.96 6.34 16.26
C ILE D 100 -93.39 6.65 16.66
N GLY D 101 -93.61 7.80 17.30
CA GLY D 101 -94.91 8.17 17.77
C GLY D 101 -95.57 9.16 16.84
N ASN D 102 -96.69 8.76 16.27
CA ASN D 102 -97.47 9.66 15.42
C ASN D 102 -98.43 10.44 16.31
N TYR D 103 -97.86 11.23 17.20
CA TYR D 103 -98.61 11.97 18.19
C TYR D 103 -98.23 13.44 18.10
N ALA D 104 -98.88 14.24 18.92
CA ALA D 104 -98.47 15.62 19.15
C ALA D 104 -98.58 15.92 20.63
N PHE D 105 -97.55 16.53 21.20
CA PHE D 105 -97.46 16.66 22.64
C PHE D 105 -97.63 18.11 23.09
N THR D 106 -98.38 18.28 24.16
CA THR D 106 -98.70 19.56 24.76
C THR D 106 -97.99 19.60 26.11
N PRO D 107 -97.96 20.74 26.82
CA PRO D 107 -97.45 20.71 28.20
C PRO D 107 -98.43 20.17 29.22
N SER D 108 -99.52 19.52 28.80
CA SER D 108 -100.48 19.01 29.76
C SER D 108 -99.89 17.84 30.52
N THR D 109 -100.24 17.78 31.81
CA THR D 109 -99.81 16.73 32.71
C THR D 109 -100.04 15.30 32.20
N PRO D 110 -101.12 14.97 31.46
CA PRO D 110 -101.14 13.65 30.81
C PRO D 110 -100.01 13.42 29.81
N ASP D 111 -99.58 14.44 29.08
CA ASP D 111 -98.54 14.23 28.09
C ASP D 111 -97.18 14.04 28.75
N MET D 112 -96.91 14.76 29.82
CA MET D 112 -95.61 14.63 30.45
C MET D 112 -95.54 13.37 31.31
N LYS D 113 -96.68 12.91 31.83
CA LYS D 113 -96.67 11.59 32.45
C LYS D 113 -96.48 10.52 31.39
N LEU D 114 -97.02 10.74 30.19
CA LEU D 114 -96.78 9.82 29.08
C LEU D 114 -95.31 9.76 28.72
N LEU D 115 -94.62 10.90 28.71
CA LEU D 115 -93.22 10.85 28.35
C LEU D 115 -92.34 10.32 29.47
N GLN D 116 -92.77 10.46 30.72
CA GLN D 116 -92.01 9.80 31.78
C GLN D 116 -92.09 8.29 31.63
N TYR D 117 -93.29 7.79 31.37
CA TYR D 117 -93.44 6.36 31.24
C TYR D 117 -92.78 5.82 29.97
N MET D 118 -92.85 6.55 28.86
CA MET D 118 -92.19 6.07 27.65
C MET D 118 -90.69 6.23 27.75
N GLY D 119 -90.23 7.11 28.63
CA GLY D 119 -88.83 7.08 29.00
C GLY D 119 -88.48 5.79 29.72
N ALA D 120 -89.39 5.29 30.55
CA ALA D 120 -89.12 4.05 31.26
C ALA D 120 -89.14 2.85 30.31
N LEU D 121 -90.09 2.82 29.38
CA LEU D 121 -90.15 1.74 28.41
C LEU D 121 -88.94 1.77 27.49
N GLY D 122 -88.53 2.96 27.08
CA GLY D 122 -87.31 3.09 26.33
C GLY D 122 -86.08 2.72 27.14
N ALA D 123 -86.19 2.78 28.46
CA ALA D 123 -85.07 2.37 29.29
C ALA D 123 -84.95 0.85 29.32
N MET D 124 -86.05 0.16 29.58
CA MET D 124 -85.91 -1.29 29.76
C MET D 124 -85.90 -2.01 28.43
N ALA D 125 -86.26 -1.34 27.34
CA ALA D 125 -86.34 -2.05 26.08
C ALA D 125 -85.38 -1.52 25.02
N HIS D 126 -84.61 -0.49 25.35
CA HIS D 126 -83.61 0.12 24.46
C HIS D 126 -84.21 0.57 23.14
N ALA D 127 -85.28 1.35 23.22
CA ALA D 127 -85.95 1.82 22.05
C ALA D 127 -86.17 3.31 22.23
N PRO D 128 -85.55 4.14 21.41
CA PRO D 128 -85.80 5.58 21.51
C PRO D 128 -87.18 5.91 20.99
N PHE D 129 -87.86 6.80 21.71
CA PHE D 129 -89.20 7.22 21.35
C PHE D 129 -89.11 8.59 20.69
N ILE D 130 -89.70 8.71 19.51
CA ILE D 130 -89.66 9.93 18.71
C ILE D 130 -91.09 10.39 18.48
N SER D 131 -91.35 11.68 18.63
CA SER D 131 -92.70 12.15 18.45
C SER D 131 -92.65 13.58 17.94
N SER D 132 -93.77 14.28 18.03
CA SER D 132 -93.83 15.65 17.54
C SER D 132 -94.25 16.60 18.64
N VAL D 133 -93.57 17.72 18.69
CA VAL D 133 -93.96 18.87 19.49
C VAL D 133 -95.05 19.61 18.74
N GLY D 134 -96.19 19.77 19.40
CA GLY D 134 -97.30 20.46 18.82
C GLY D 134 -97.10 21.96 18.84
N PRO D 135 -97.98 22.69 18.16
CA PRO D 135 -97.81 24.14 18.11
C PRO D 135 -98.00 24.83 19.44
N GLU D 136 -98.87 24.34 20.31
CA GLU D 136 -99.07 25.06 21.56
C GLU D 136 -98.06 24.69 22.63
N PHE D 137 -97.01 23.95 22.29
CA PHE D 137 -96.00 23.64 23.27
C PHE D 137 -95.09 24.83 23.51
N PHE D 138 -95.03 25.76 22.56
CA PHE D 138 -94.15 26.90 22.68
C PHE D 138 -94.90 28.12 23.17
N GLY D 139 -96.21 27.99 23.36
CA GLY D 139 -97.04 29.08 23.82
C GLY D 139 -97.72 29.88 22.74
N ILE D 140 -97.67 29.43 21.50
CA ILE D 140 -98.18 30.19 20.37
C ILE D 140 -99.27 29.42 19.66
N ASP D 141 -99.84 30.07 18.64
CA ASP D 141 -100.98 29.49 17.93
C ASP D 141 -100.54 28.36 17.01
N SER D 142 -99.74 28.69 16.01
CA SER D 142 -99.25 27.71 15.07
C SER D 142 -97.80 28.07 14.76
N PHE D 143 -97.15 27.23 13.97
CA PHE D 143 -95.71 27.33 13.83
C PHE D 143 -95.25 28.51 13.02
N GLU D 144 -96.15 29.27 12.44
CA GLU D 144 -95.69 30.38 11.61
C GLU D 144 -95.35 31.63 12.40
N GLU D 145 -95.01 31.52 13.68
CA GLU D 145 -94.47 32.64 14.44
C GLU D 145 -93.15 32.33 15.12
N LEU D 146 -92.46 31.27 14.71
CA LEU D 146 -91.08 31.09 15.16
C LEU D 146 -90.12 32.19 14.72
N PRO D 147 -90.30 32.88 13.59
CA PRO D 147 -89.57 34.15 13.44
C PRO D 147 -90.08 35.27 14.33
N ASN D 148 -91.20 35.11 15.01
CA ASN D 148 -91.73 36.20 15.80
C ASN D 148 -91.55 36.01 17.30
N ILE D 149 -90.95 34.91 17.74
CA ILE D 149 -90.68 34.73 19.16
C ILE D 149 -89.26 35.20 19.44
N LYS D 150 -89.12 36.10 20.41
CA LYS D 150 -87.82 36.74 20.64
C LYS D 150 -86.81 35.82 21.27
N ASP D 151 -87.21 34.99 22.24
CA ASP D 151 -86.23 34.18 22.94
C ASP D 151 -86.88 32.94 23.52
N LEU D 152 -86.35 31.76 23.18
CA LEU D 152 -86.96 30.52 23.66
C LEU D 152 -86.42 30.12 25.03
N LYS D 153 -85.13 30.41 25.27
CA LYS D 153 -84.52 30.06 26.55
C LYS D 153 -85.17 30.82 27.70
N SER D 154 -85.60 32.05 27.44
CA SER D 154 -86.34 32.78 28.47
C SER D 154 -87.83 32.48 28.42
N THR D 155 -88.30 31.86 27.35
CA THR D 155 -89.70 31.42 27.32
C THR D 155 -89.90 30.23 28.24
N PHE D 156 -88.96 29.29 28.24
CA PHE D 156 -89.17 28.07 29.00
C PHE D 156 -88.92 28.21 30.50
N GLU D 157 -88.80 29.41 31.06
CA GLU D 157 -88.67 29.51 32.50
C GLU D 157 -89.99 29.75 33.20
N SER D 158 -91.09 29.84 32.46
CA SER D 158 -92.39 30.09 33.06
C SER D 158 -92.84 28.91 33.89
N PRO D 159 -93.66 29.12 34.92
CA PRO D 159 -94.16 27.99 35.71
C PRO D 159 -95.15 27.11 34.98
N LYS D 160 -95.50 27.43 33.73
CA LYS D 160 -96.25 26.49 32.92
C LYS D 160 -95.42 25.26 32.61
N TYR D 161 -94.10 25.41 32.49
CA TYR D 161 -93.24 24.38 31.95
C TYR D 161 -92.45 23.67 33.04
N THR D 162 -92.90 23.76 34.29
CA THR D 162 -92.16 23.20 35.42
C THR D 162 -92.06 21.70 35.32
N LYS D 163 -93.10 21.06 34.81
CA LYS D 163 -93.06 19.61 34.63
C LYS D 163 -92.09 19.24 33.52
N TRP D 164 -92.01 20.07 32.47
CA TRP D 164 -91.09 19.81 31.38
C TRP D 164 -89.64 19.92 31.83
N ARG D 165 -89.31 20.95 32.60
CA ARG D 165 -87.95 21.04 33.11
C ARG D 165 -87.70 20.00 34.18
N SER D 166 -88.75 19.46 34.76
CA SER D 166 -88.53 18.28 35.59
C SER D 166 -88.33 17.05 34.72
N LEU D 167 -88.72 17.11 33.44
CA LEU D 167 -88.59 15.93 32.59
C LEU D 167 -87.21 15.84 31.94
N ARG D 168 -86.65 16.98 31.52
CA ARG D 168 -85.34 16.95 30.89
C ARG D 168 -84.24 16.49 31.84
N GLU D 169 -84.34 16.83 33.11
CA GLU D 169 -83.30 16.47 34.05
C GLU D 169 -83.37 15.01 34.45
N SER D 170 -84.43 14.30 34.07
CA SER D 170 -84.52 12.91 34.45
C SER D 170 -83.51 12.08 33.67
N GLU D 171 -83.11 10.96 34.25
CA GLU D 171 -82.09 10.15 33.61
C GLU D 171 -82.63 9.31 32.47
N ASP D 172 -83.94 9.27 32.26
CA ASP D 172 -84.49 8.55 31.13
C ASP D 172 -84.77 9.44 29.93
N ALA D 173 -84.32 10.68 29.94
CA ALA D 173 -84.56 11.52 28.77
C ALA D 173 -83.52 11.31 27.68
N ARG D 174 -82.64 10.32 27.83
CA ARG D 174 -81.82 9.92 26.70
C ARG D 174 -82.64 9.26 25.61
N TYR D 175 -83.80 8.73 25.95
CA TYR D 175 -84.54 7.85 25.07
C TYR D 175 -85.73 8.53 24.42
N LEU D 176 -85.87 9.84 24.58
CA LEU D 176 -86.94 10.58 23.95
C LEU D 176 -86.33 11.57 22.97
N GLY D 177 -87.06 11.86 21.91
CA GLY D 177 -86.69 12.97 21.07
C GLY D 177 -87.95 13.59 20.55
N LEU D 178 -88.15 14.88 20.78
CA LEU D 178 -89.34 15.54 20.31
C LEU D 178 -88.97 16.44 19.16
N THR D 179 -89.73 16.37 18.07
CA THR D 179 -89.33 17.04 16.86
C THR D 179 -90.18 18.26 16.60
N ALA D 180 -89.53 19.30 16.11
CA ALA D 180 -90.05 20.61 15.73
C ALA D 180 -90.46 20.51 14.25
N PRO D 181 -90.79 21.60 13.53
CA PRO D 181 -92.10 21.69 12.88
C PRO D 181 -92.37 20.65 11.81
N ARG D 182 -93.66 20.53 11.48
CA ARG D 182 -94.18 19.49 10.60
C ARG D 182 -93.85 19.82 9.15
N PHE D 183 -94.35 19.03 8.20
CA PHE D 183 -94.11 19.35 6.80
C PHE D 183 -95.23 18.79 5.93
N LEU D 184 -95.28 19.27 4.69
CA LEU D 184 -96.34 18.91 3.77
C LEU D 184 -96.25 17.46 3.32
N LEU D 185 -97.41 16.85 3.13
CA LEU D 185 -97.46 15.53 2.50
C LEU D 185 -97.89 15.60 1.05
N ARG D 186 -98.77 16.52 0.73
CA ARG D 186 -99.57 16.45 -0.48
C ARG D 186 -99.69 17.84 -1.10
N VAL D 187 -99.41 17.93 -2.38
CA VAL D 187 -99.66 19.15 -3.14
C VAL D 187 -101.16 19.42 -3.13
N PRO D 188 -101.60 20.63 -2.80
CA PRO D 188 -103.00 20.96 -2.94
C PRO D 188 -103.45 20.88 -4.39
N TYR D 189 -104.69 20.45 -4.58
CA TYR D 189 -105.20 20.04 -5.89
C TYR D 189 -105.38 21.23 -6.82
N ASP D 190 -105.49 20.92 -8.10
CA ASP D 190 -105.41 21.91 -9.12
C ASP D 190 -105.93 21.13 -10.32
N PRO D 191 -106.43 21.78 -11.36
CA PRO D 191 -106.82 21.03 -12.56
C PRO D 191 -105.63 20.40 -13.27
N ILE D 192 -104.49 21.08 -13.23
CA ILE D 192 -103.32 20.65 -13.97
C ILE D 192 -102.32 19.92 -13.08
N GLU D 193 -101.98 20.52 -11.93
CA GLU D 193 -100.81 20.11 -11.17
C GLU D 193 -100.99 18.79 -10.43
N ASN D 194 -102.18 18.50 -9.97
CA ASN D 194 -102.43 17.21 -9.37
C ASN D 194 -103.89 16.87 -9.62
N PRO D 195 -104.21 16.34 -10.79
CA PRO D 195 -105.60 16.34 -11.25
C PRO D 195 -106.41 15.23 -10.61
N VAL D 196 -107.72 15.35 -10.80
CA VAL D 196 -108.71 14.38 -10.37
C VAL D 196 -109.47 13.88 -11.59
N LYS D 197 -109.96 12.66 -11.51
CA LYS D 197 -110.63 12.05 -12.65
C LYS D 197 -112.10 12.45 -12.70
N SER D 198 -112.56 12.73 -13.93
CA SER D 198 -113.96 12.96 -14.28
C SER D 198 -114.58 14.18 -13.60
N PHE D 199 -113.74 15.10 -13.11
CA PHE D 199 -114.24 16.28 -12.43
C PHE D 199 -113.22 17.41 -12.46
N ASN D 200 -113.69 18.66 -12.44
CA ASN D 200 -112.82 19.82 -12.33
C ASN D 200 -112.83 20.32 -10.89
N TYR D 201 -111.73 20.06 -10.18
CA TYR D 201 -111.59 20.48 -8.79
C TYR D 201 -110.39 21.40 -8.63
N ALA D 202 -110.60 22.51 -7.92
CA ALA D 202 -109.56 23.48 -7.65
C ALA D 202 -109.59 23.81 -6.16
N GLU D 203 -108.64 23.26 -5.41
CA GLU D 203 -108.67 23.39 -3.96
C GLU D 203 -108.31 24.81 -3.56
N ASN D 204 -109.29 25.51 -3.05
CA ASN D 204 -109.14 26.91 -2.66
C ASN D 204 -108.64 26.93 -1.23
N VAL D 205 -107.32 26.88 -1.07
CA VAL D 205 -106.74 26.97 0.24
C VAL D 205 -106.64 28.44 0.64
N SER D 206 -107.12 28.77 1.83
CA SER D 206 -107.17 30.15 2.31
C SER D 206 -105.81 30.59 2.83
N ALA D 207 -105.82 31.71 3.55
CA ALA D 207 -104.62 32.16 4.25
C ALA D 207 -104.31 31.32 5.49
N SER D 208 -105.32 30.72 6.11
CA SER D 208 -105.10 29.89 7.29
C SER D 208 -104.47 28.58 6.83
N HIS D 209 -103.26 28.30 7.32
CA HIS D 209 -102.52 27.19 6.74
C HIS D 209 -102.84 25.86 7.37
N GLU D 210 -103.92 25.75 8.14
CA GLU D 210 -104.33 24.42 8.54
C GLU D 210 -104.99 23.64 7.42
N HIS D 211 -105.29 24.28 6.30
CA HIS D 211 -106.01 23.61 5.24
C HIS D 211 -105.11 22.68 4.45
N TYR D 212 -103.81 22.91 4.48
CA TYR D 212 -102.86 21.95 3.95
C TYR D 212 -102.91 20.66 4.76
N LEU D 213 -102.46 19.57 4.15
CA LEU D 213 -102.33 18.31 4.88
C LEU D 213 -100.94 18.25 5.49
N TRP D 214 -100.86 18.46 6.79
CA TRP D 214 -99.57 18.40 7.45
C TRP D 214 -99.30 17.02 8.01
N GLY D 215 -98.13 16.48 7.69
CA GLY D 215 -97.79 15.17 8.20
C GLY D 215 -96.85 15.28 9.36
N ASN D 216 -96.57 14.17 10.03
CA ASN D 216 -95.71 14.22 11.20
C ASN D 216 -94.26 14.23 10.76
N THR D 217 -93.40 14.88 11.57
CA THR D 217 -91.97 14.92 11.28
C THR D 217 -91.33 13.60 11.64
N ALA D 218 -91.86 12.91 12.65
CA ALA D 218 -91.22 11.74 13.22
C ALA D 218 -91.17 10.60 12.21
N PHE D 219 -92.12 10.60 11.27
CA PHE D 219 -92.01 9.70 10.13
C PHE D 219 -90.79 10.00 9.28
N ALA D 220 -90.51 11.28 8.99
CA ALA D 220 -89.37 11.61 8.15
C ALA D 220 -88.07 11.27 8.88
N PHE D 221 -88.04 11.52 10.18
CA PHE D 221 -86.88 11.11 10.98
C PHE D 221 -86.73 9.60 10.97
N ALA D 222 -87.85 8.89 10.90
CA ALA D 222 -87.78 7.43 10.83
C ALA D 222 -87.28 6.96 9.47
N THR D 223 -87.56 7.71 8.40
CA THR D 223 -86.96 7.38 7.12
C THR D 223 -85.46 7.54 7.19
N ARG D 224 -84.99 8.52 7.97
CA ARG D 224 -83.54 8.69 8.07
C ARG D 224 -82.90 7.59 8.91
N LEU D 225 -83.58 7.12 9.95
CA LEU D 225 -83.06 5.98 10.70
C LEU D 225 -83.00 4.72 9.86
N THR D 226 -84.11 4.38 9.20
CA THR D 226 -84.19 3.10 8.51
C THR D 226 -83.33 3.10 7.25
N ASP D 227 -83.24 4.24 6.57
CA ASP D 227 -82.36 4.32 5.41
C ASP D 227 -80.90 4.26 5.81
N SER D 228 -80.54 4.90 6.92
CA SER D 228 -79.15 4.82 7.38
C SER D 228 -78.80 3.40 7.77
N PHE D 229 -79.76 2.67 8.33
CA PHE D 229 -79.51 1.28 8.68
C PHE D 229 -79.43 0.40 7.44
N ALA D 230 -80.17 0.76 6.40
CA ALA D 230 -80.14 -0.05 5.18
C ALA D 230 -78.84 0.16 4.44
N LYS D 231 -78.27 1.35 4.54
CA LYS D 231 -76.96 1.52 3.92
C LYS D 231 -75.86 0.90 4.76
N TYR D 232 -75.85 1.14 6.06
CA TYR D 232 -74.63 0.98 6.84
C TYR D 232 -74.73 0.06 8.04
N ARG D 233 -75.85 -0.63 8.23
CA ARG D 233 -76.09 -1.56 9.34
C ARG D 233 -75.96 -0.93 10.72
N TRP D 234 -76.07 0.38 10.82
CA TRP D 234 -76.09 1.09 12.08
C TRP D 234 -76.96 2.33 11.88
N CYS D 235 -77.19 3.09 12.93
CA CYS D 235 -77.85 4.37 12.78
C CYS D 235 -77.14 5.54 13.45
N PRO D 236 -75.90 5.88 13.05
CA PRO D 236 -75.36 7.14 13.56
C PRO D 236 -75.49 8.28 12.55
N ASN D 237 -75.92 7.98 11.33
CA ASN D 237 -75.84 8.94 10.25
C ASN D 237 -77.21 9.53 9.95
N ILE D 238 -77.62 10.45 10.81
CA ILE D 238 -78.91 11.11 10.63
C ILE D 238 -78.81 12.62 10.79
N ILE D 239 -77.60 13.17 10.75
CA ILE D 239 -77.40 14.52 11.24
C ILE D 239 -76.77 15.52 10.28
N GLY D 240 -77.07 15.43 9.00
CA GLY D 240 -76.47 16.39 8.11
C GLY D 240 -77.17 16.57 6.78
N PRO D 241 -76.79 17.63 6.07
CA PRO D 241 -77.19 17.71 4.67
C PRO D 241 -76.48 16.68 3.80
N GLN D 242 -75.32 16.19 4.25
CA GLN D 242 -74.59 15.21 3.47
C GLN D 242 -74.22 13.96 4.24
N SER D 243 -74.24 14.00 5.58
CA SER D 243 -73.82 12.83 6.34
C SER D 243 -74.88 11.75 6.36
N GLY D 244 -76.10 12.08 5.98
CA GLY D 244 -77.13 11.08 5.86
C GLY D 244 -78.50 11.60 6.23
N GLY D 245 -78.54 12.73 6.92
CA GLY D 245 -79.81 13.20 7.45
C GLY D 245 -80.64 13.98 6.48
N ALA D 246 -80.24 14.06 5.22
CA ALA D 246 -80.95 14.87 4.25
C ALA D 246 -82.25 14.19 3.87
N VAL D 247 -83.37 14.86 4.13
CA VAL D 247 -84.68 14.40 3.68
C VAL D 247 -84.98 15.11 2.38
N GLU D 248 -84.95 14.39 1.28
CA GLU D 248 -85.12 14.97 -0.03
C GLU D 248 -86.57 14.88 -0.46
N ASP D 249 -86.88 15.54 -1.59
CA ASP D 249 -88.14 15.43 -2.30
C ASP D 249 -89.33 15.88 -1.46
N LEU D 250 -89.42 17.15 -1.15
CA LEU D 250 -90.64 17.60 -0.53
C LEU D 250 -91.52 18.35 -1.52
N PRO D 251 -92.84 18.27 -1.36
CA PRO D 251 -93.74 18.94 -2.31
C PRO D 251 -93.75 20.44 -2.12
N VAL D 252 -93.85 21.16 -3.23
CA VAL D 252 -93.91 22.61 -3.22
C VAL D 252 -95.31 23.02 -3.61
N HIS D 253 -95.60 24.30 -3.42
CA HIS D 253 -96.89 24.83 -3.81
C HIS D 253 -96.70 26.30 -4.20
N VAL D 254 -96.46 26.54 -5.47
CA VAL D 254 -96.28 27.90 -5.95
C VAL D 254 -97.66 28.54 -6.10
N PHE D 255 -97.93 29.58 -5.34
CA PHE D 255 -99.24 30.19 -5.38
C PHE D 255 -99.08 31.70 -5.44
N GLU D 256 -100.11 32.36 -5.97
CA GLU D 256 -100.04 33.79 -6.25
C GLU D 256 -100.12 34.61 -4.97
N SER D 257 -99.10 35.42 -4.73
CA SER D 257 -99.01 36.28 -3.56
C SER D 257 -99.63 37.63 -3.91
N MET D 258 -99.35 38.72 -3.19
CA MET D 258 -99.87 40.04 -3.52
C MET D 258 -99.19 40.61 -4.77
N GLY D 259 -99.56 40.08 -5.92
CA GLY D 259 -99.01 40.51 -7.19
C GLY D 259 -97.90 39.65 -7.72
N ALA D 260 -97.11 39.02 -6.86
CA ALA D 260 -95.98 38.21 -7.29
C ALA D 260 -96.25 36.75 -6.99
N LEU D 261 -95.31 35.90 -7.37
CA LEU D 261 -95.32 34.50 -6.99
C LEU D 261 -94.48 34.33 -5.74
N GLN D 262 -94.80 33.30 -4.97
CA GLN D 262 -93.92 32.85 -3.91
C GLN D 262 -94.15 31.37 -3.68
N SER D 263 -93.14 30.70 -3.18
CA SER D 263 -93.24 29.29 -2.84
C SER D 263 -93.75 29.17 -1.42
N LYS D 264 -94.84 28.44 -1.25
CA LYS D 264 -95.22 28.07 0.11
C LYS D 264 -94.24 27.05 0.62
N ILE D 265 -93.69 27.33 1.79
CA ILE D 265 -92.58 26.54 2.32
C ILE D 265 -93.09 25.16 2.71
N PRO D 266 -92.37 24.08 2.39
CA PRO D 266 -92.85 22.74 2.73
C PRO D 266 -92.91 22.49 4.22
N THR D 267 -91.91 22.93 4.98
CA THR D 267 -92.10 23.03 6.42
C THR D 267 -92.88 24.30 6.69
N GLU D 268 -93.37 24.45 7.92
CA GLU D 268 -94.21 25.62 8.19
C GLU D 268 -93.41 26.91 8.17
N VAL D 269 -92.16 26.86 8.60
CA VAL D 269 -91.33 28.05 8.58
C VAL D 269 -89.96 27.70 8.04
N LEU D 270 -89.27 28.74 7.60
CA LEU D 270 -87.84 28.71 7.32
C LEU D 270 -87.15 29.06 8.64
N ILE D 271 -86.69 28.03 9.35
CA ILE D 271 -86.00 28.25 10.60
C ILE D 271 -84.61 28.79 10.33
N THR D 272 -84.35 30.01 10.79
CA THR D 272 -83.01 30.55 10.67
C THR D 272 -82.07 29.82 11.63
N ASP D 273 -80.77 29.94 11.36
CA ASP D 273 -79.81 29.03 11.97
C ASP D 273 -79.62 29.30 13.45
N ARG D 274 -79.78 30.55 13.87
CA ARG D 274 -79.79 30.83 15.31
C ARG D 274 -80.98 30.18 15.98
N LYS D 275 -82.13 30.19 15.31
CA LYS D 275 -83.31 29.55 15.86
C LYS D 275 -83.15 28.04 15.87
N GLU D 276 -82.41 27.50 14.91
CA GLU D 276 -82.15 26.07 14.90
C GLU D 276 -81.25 25.67 16.05
N PHE D 277 -80.19 26.44 16.30
CA PHE D 277 -79.29 26.09 17.38
C PHE D 277 -79.97 26.24 18.73
N GLU D 278 -80.92 27.16 18.82
CA GLU D 278 -81.69 27.26 20.06
C GLU D 278 -82.61 26.07 20.24
N LEU D 279 -83.25 25.61 19.16
CA LEU D 279 -84.07 24.41 19.27
C LEU D 279 -83.22 23.18 19.53
N ALA D 280 -81.95 23.23 19.13
CA ALA D 280 -81.06 22.10 19.40
C ALA D 280 -80.64 22.11 20.86
N GLU D 281 -80.49 23.29 21.46
CA GLU D 281 -80.12 23.33 22.87
C GLU D 281 -81.29 22.99 23.77
N GLU D 282 -82.51 23.15 23.29
CA GLU D 282 -83.67 22.82 24.10
C GLU D 282 -84.07 21.36 23.99
N GLY D 283 -83.32 20.58 23.22
CA GLY D 283 -83.63 19.17 23.07
C GLY D 283 -84.63 18.85 21.98
N PHE D 284 -84.68 19.64 20.93
CA PHE D 284 -85.63 19.42 19.86
C PHE D 284 -84.88 19.15 18.57
N ILE D 285 -85.50 18.42 17.66
CA ILE D 285 -84.92 18.09 16.37
C ILE D 285 -85.57 19.00 15.34
N ALA D 286 -84.84 19.99 14.87
CA ALA D 286 -85.42 21.00 14.00
C ALA D 286 -85.31 20.54 12.56
N LEU D 287 -86.45 20.25 11.95
CA LEU D 287 -86.48 20.02 10.51
C LEU D 287 -86.31 21.36 9.81
N THR D 288 -85.15 21.58 9.22
CA THR D 288 -84.84 22.88 8.63
C THR D 288 -84.99 22.83 7.12
N MET D 289 -85.78 23.76 6.60
CA MET D 289 -85.98 23.88 5.17
C MET D 289 -84.75 24.54 4.58
N ARG D 290 -84.32 24.05 3.42
CA ARG D 290 -83.28 24.72 2.66
C ARG D 290 -83.92 25.70 1.69
N LYS D 291 -83.71 26.99 1.94
CA LYS D 291 -84.42 28.04 1.21
C LYS D 291 -84.09 28.02 -0.27
N GLY D 292 -85.12 28.10 -1.09
CA GLY D 292 -84.95 28.07 -2.52
C GLY D 292 -84.87 26.69 -3.11
N SER D 293 -85.05 25.65 -2.30
CA SER D 293 -85.04 24.31 -2.80
C SER D 293 -86.36 23.65 -2.41
N ASP D 294 -86.44 22.35 -2.61
CA ASP D 294 -87.53 21.53 -2.11
C ASP D 294 -87.00 20.46 -1.18
N ASN D 295 -85.88 20.74 -0.53
CA ASN D 295 -85.15 19.76 0.26
C ASN D 295 -85.03 20.28 1.68
N ALA D 296 -85.00 19.38 2.64
CA ALA D 296 -84.89 19.77 4.04
C ALA D 296 -83.82 18.93 4.73
N ALA D 297 -83.46 19.34 5.93
CA ALA D 297 -82.36 18.66 6.60
C ALA D 297 -82.47 18.79 8.10
N PHE D 298 -81.96 17.79 8.79
CA PHE D 298 -81.75 17.82 10.24
C PHE D 298 -80.34 18.30 10.49
N PHE D 299 -80.18 19.56 10.89
CA PHE D 299 -78.85 20.00 11.29
C PHE D 299 -78.44 19.44 12.63
N SER D 300 -79.38 18.94 13.41
CA SER D 300 -79.09 18.46 14.75
C SER D 300 -80.14 17.44 15.14
N ALA D 301 -79.74 16.48 15.97
CA ALA D 301 -80.64 15.46 16.45
C ALA D 301 -80.38 15.22 17.93
N ASN D 302 -80.37 16.27 18.73
CA ASN D 302 -80.24 16.11 20.17
C ASN D 302 -81.46 15.40 20.76
N SER D 303 -81.27 14.82 21.95
CA SER D 303 -82.37 14.27 22.71
C SER D 303 -82.76 15.23 23.82
N ILE D 304 -83.66 14.79 24.69
CA ILE D 304 -84.31 15.70 25.61
C ILE D 304 -83.39 16.15 26.74
N GLN D 305 -82.47 15.28 27.17
CA GLN D 305 -81.82 15.45 28.47
C GLN D 305 -80.89 16.63 28.49
N LYS D 306 -81.01 17.43 29.51
CA LYS D 306 -80.26 18.66 29.67
C LYS D 306 -78.80 18.34 29.86
N PRO D 307 -77.93 18.87 29.01
CA PRO D 307 -76.51 18.59 29.13
C PRO D 307 -75.96 19.23 30.38
N LYS D 308 -75.36 18.42 31.25
CA LYS D 308 -74.91 18.91 32.55
C LYS D 308 -73.72 19.84 32.45
N VAL D 309 -73.54 20.65 33.49
CA VAL D 309 -72.37 21.50 33.65
C VAL D 309 -71.56 21.00 34.82
N PHE D 310 -70.27 20.75 34.59
CA PHE D 310 -69.35 20.25 35.61
C PHE D 310 -68.29 21.31 35.85
N PRO D 311 -67.54 21.25 36.96
CA PRO D 311 -66.53 22.28 37.20
C PRO D 311 -65.45 22.26 36.14
N ASN D 312 -64.84 23.41 35.89
CA ASN D 312 -63.88 23.54 34.80
C ASN D 312 -62.49 23.12 35.28
N THR D 313 -62.34 21.82 35.49
CA THR D 313 -61.04 21.20 35.70
C THR D 313 -60.81 20.22 34.57
N LYS D 314 -59.76 19.41 34.70
CA LYS D 314 -59.51 18.38 33.70
C LYS D 314 -60.55 17.26 33.79
N GLU D 315 -60.76 16.75 34.99
CA GLU D 315 -61.76 15.70 35.20
C GLU D 315 -63.17 16.20 34.93
N GLY D 316 -63.41 17.49 35.19
CA GLY D 316 -64.72 18.05 34.91
C GLY D 316 -65.03 18.11 33.44
N LYS D 317 -64.03 18.46 32.63
CA LYS D 317 -64.32 18.50 31.20
C LYS D 317 -64.40 17.11 30.60
N GLU D 318 -63.71 16.12 31.19
CA GLU D 318 -63.93 14.76 30.72
C GLU D 318 -65.34 14.29 31.05
N ALA D 319 -65.82 14.61 32.24
CA ALA D 319 -67.14 14.12 32.62
C ALA D 319 -68.23 14.86 31.87
N GLU D 320 -68.03 16.13 31.54
CA GLU D 320 -68.96 16.81 30.65
C GLU D 320 -68.92 16.23 29.25
N THR D 321 -67.73 15.82 28.80
CA THR D 321 -67.60 15.24 27.47
C THR D 321 -68.38 13.95 27.37
N ASN D 322 -68.30 13.13 28.42
CA ASN D 322 -69.04 11.88 28.41
C ASN D 322 -70.53 12.15 28.51
N TYR D 323 -70.89 13.19 29.26
CA TYR D 323 -72.29 13.40 29.49
C TYR D 323 -72.97 14.05 28.29
N LYS D 324 -72.21 14.75 27.44
CA LYS D 324 -72.82 15.22 26.20
C LYS D 324 -72.72 14.19 25.10
N LEU D 325 -71.84 13.20 25.23
CA LEU D 325 -71.94 12.07 24.31
C LEU D 325 -73.16 11.24 24.60
N GLY D 326 -73.54 11.13 25.87
CA GLY D 326 -74.66 10.27 26.21
C GLY D 326 -75.99 10.81 25.74
N THR D 327 -76.13 12.12 25.63
CA THR D 327 -77.45 12.67 25.46
C THR D 327 -77.80 13.02 24.02
N GLN D 328 -77.14 12.43 23.03
CA GLN D 328 -77.49 12.70 21.65
C GLN D 328 -77.80 11.39 20.94
N LEU D 329 -78.91 11.38 20.20
CA LEU D 329 -79.37 10.16 19.54
C LEU D 329 -78.41 9.48 18.56
N PRO D 330 -77.59 10.17 17.75
CA PRO D 330 -76.68 9.41 16.88
C PRO D 330 -75.56 8.69 17.60
N TYR D 331 -75.50 8.76 18.92
CA TYR D 331 -74.63 7.90 19.70
C TYR D 331 -75.42 6.88 20.49
N MET D 332 -76.62 7.25 20.92
CA MET D 332 -77.45 6.28 21.61
C MET D 332 -77.98 5.22 20.67
N MET D 333 -77.98 5.46 19.37
CA MET D 333 -78.31 4.37 18.48
C MET D 333 -77.16 3.38 18.39
N ILE D 334 -75.93 3.86 18.52
CA ILE D 334 -74.79 2.96 18.60
C ILE D 334 -74.87 2.11 19.86
N ILE D 335 -75.20 2.72 20.99
CA ILE D 335 -75.27 1.95 22.22
C ILE D 335 -76.51 1.05 22.24
N ASN D 336 -77.56 1.45 21.54
CA ASN D 336 -78.71 0.55 21.42
C ASN D 336 -78.37 -0.69 20.60
N ARG D 337 -77.60 -0.52 19.51
CA ARG D 337 -77.26 -1.69 18.72
C ARG D 337 -76.25 -2.57 19.43
N LEU D 338 -75.35 -1.99 20.22
CA LEU D 338 -74.48 -2.84 21.03
C LEU D 338 -75.26 -3.55 22.13
N ALA D 339 -76.27 -2.90 22.70
CA ALA D 339 -77.05 -3.55 23.74
C ALA D 339 -77.85 -4.70 23.15
N HIS D 340 -78.33 -4.54 21.92
CA HIS D 340 -79.08 -5.61 21.29
C HIS D 340 -78.19 -6.78 20.91
N TYR D 341 -77.00 -6.51 20.36
CA TYR D 341 -76.12 -7.62 20.02
C TYR D 341 -75.59 -8.30 21.28
N VAL D 342 -75.38 -7.55 22.35
CA VAL D 342 -74.86 -8.16 23.57
C VAL D 342 -75.92 -9.04 24.22
N LYS D 343 -77.18 -8.62 24.21
CA LYS D 343 -78.24 -9.47 24.72
C LYS D 343 -78.42 -10.71 23.86
N VAL D 344 -78.56 -10.52 22.55
CA VAL D 344 -78.96 -11.61 21.68
C VAL D 344 -77.82 -12.62 21.52
N LEU D 345 -76.59 -12.14 21.35
CA LEU D 345 -75.48 -13.08 21.28
C LEU D 345 -75.10 -13.66 22.63
N GLN D 346 -75.18 -12.87 23.70
CA GLN D 346 -74.77 -13.42 24.99
C GLN D 346 -75.91 -14.19 25.66
N ARG D 347 -76.99 -14.48 24.95
CA ARG D 347 -77.86 -15.55 25.42
C ARG D 347 -77.44 -16.90 24.83
N GLU D 348 -76.65 -16.88 23.77
CA GLU D 348 -76.29 -18.16 23.17
C GLU D 348 -75.09 -18.79 23.85
N GLN D 349 -74.48 -18.09 24.79
CA GLN D 349 -73.32 -18.66 25.48
C GLN D 349 -73.64 -19.14 26.88
N ILE D 350 -74.89 -19.01 27.33
CA ILE D 350 -75.25 -19.55 28.64
C ILE D 350 -75.14 -21.05 28.60
N GLY D 351 -74.19 -21.58 29.35
CA GLY D 351 -73.92 -22.99 29.32
C GLY D 351 -72.61 -23.36 28.67
N ALA D 352 -71.79 -22.40 28.31
CA ALA D 352 -70.48 -22.76 27.84
C ALA D 352 -69.46 -22.61 28.96
N TRP D 353 -68.43 -23.45 28.90
CA TRP D 353 -67.40 -23.49 29.94
C TRP D 353 -66.58 -22.22 29.83
N LYS D 354 -66.95 -21.20 30.59
CA LYS D 354 -66.32 -19.89 30.52
C LYS D 354 -65.70 -19.54 31.85
N GLU D 355 -64.52 -18.95 31.79
CA GLU D 355 -63.96 -18.31 32.94
C GLU D 355 -64.08 -16.79 32.81
N ARG D 356 -63.42 -16.08 33.72
CA ARG D 356 -63.45 -14.62 33.67
C ARG D 356 -62.69 -14.09 32.47
N GLN D 357 -61.42 -14.47 32.35
CA GLN D 357 -60.60 -14.08 31.21
C GLN D 357 -61.11 -14.67 29.90
N ASP D 358 -61.96 -15.70 29.95
CA ASP D 358 -62.68 -16.10 28.76
C ASP D 358 -63.60 -15.00 28.28
N LEU D 359 -64.32 -14.34 29.19
CA LEU D 359 -65.16 -13.25 28.73
C LEU D 359 -64.35 -12.04 28.33
N GLU D 360 -63.18 -11.83 28.95
CA GLU D 360 -62.35 -10.74 28.45
C GLU D 360 -61.87 -11.02 27.03
N ARG D 361 -61.49 -12.26 26.76
CA ARG D 361 -60.94 -12.57 25.45
C ARG D 361 -62.03 -12.61 24.40
N GLU D 362 -63.20 -13.16 24.73
CA GLU D 362 -64.24 -13.29 23.73
C GLU D 362 -64.97 -11.99 23.50
N LEU D 363 -65.07 -11.13 24.51
CA LEU D 363 -65.69 -9.85 24.24
C LEU D 363 -64.71 -8.91 23.55
N ASN D 364 -63.41 -9.00 23.85
CA ASN D 364 -62.47 -8.13 23.16
C ASN D 364 -62.30 -8.54 21.71
N SER D 365 -62.25 -9.85 21.45
CA SER D 365 -62.25 -10.29 20.06
C SER D 365 -63.63 -10.12 19.42
N TRP D 366 -64.67 -9.96 20.24
CA TRP D 366 -65.99 -9.67 19.69
C TRP D 366 -66.09 -8.24 19.25
N ILE D 367 -65.41 -7.34 19.96
CA ILE D 367 -65.58 -5.92 19.74
C ILE D 367 -64.47 -5.36 18.88
N LYS D 368 -63.44 -6.17 18.58
CA LYS D 368 -62.48 -5.76 17.55
C LYS D 368 -63.09 -5.82 16.16
N GLN D 369 -64.27 -6.42 16.05
CA GLN D 369 -65.10 -6.27 14.86
C GLN D 369 -65.47 -4.81 14.61
N TYR D 370 -65.72 -4.03 15.66
CA TYR D 370 -66.30 -2.71 15.48
C TYR D 370 -65.33 -1.59 15.79
N VAL D 371 -64.04 -1.86 15.83
CA VAL D 371 -63.04 -0.83 16.13
C VAL D 371 -62.37 -0.41 14.84
N ALA D 372 -62.40 0.88 14.55
CA ALA D 372 -61.72 1.42 13.38
C ALA D 372 -60.68 2.40 13.88
N ASP D 373 -59.51 1.90 14.26
CA ASP D 373 -58.50 2.71 14.95
C ASP D 373 -57.26 2.97 14.12
N GLN D 374 -57.42 3.14 12.83
CA GLN D 374 -56.27 3.50 12.00
C GLN D 374 -56.01 5.00 12.11
N GLU D 375 -55.13 5.48 11.24
CA GLU D 375 -54.75 6.88 11.32
C GLU D 375 -55.85 7.78 10.81
N ASN D 376 -56.43 7.43 9.68
CA ASN D 376 -57.40 8.32 9.07
C ASN D 376 -58.34 7.50 8.22
N PRO D 377 -59.37 6.87 8.80
CA PRO D 377 -60.27 6.08 8.00
C PRO D 377 -61.23 6.99 7.24
N PRO D 378 -61.62 6.62 6.03
CA PRO D 378 -62.57 7.44 5.29
C PRO D 378 -63.98 7.32 5.86
N ALA D 379 -64.90 8.05 5.25
CA ALA D 379 -66.21 8.26 5.87
C ALA D 379 -67.05 6.99 5.93
N ASP D 380 -66.85 6.09 4.96
CA ASP D 380 -67.66 4.89 4.92
C ASP D 380 -67.24 3.88 5.99
N VAL D 381 -65.94 3.70 6.16
CA VAL D 381 -65.44 2.76 7.15
C VAL D 381 -65.72 3.27 8.56
N ARG D 382 -65.72 4.60 8.72
CA ARG D 382 -66.27 5.16 9.94
C ARG D 382 -67.76 4.95 10.05
N SER D 383 -68.46 4.87 8.92
CA SER D 383 -69.92 4.75 9.01
C SER D 383 -70.34 3.35 9.42
N ARG D 384 -69.56 2.33 9.05
CA ARG D 384 -69.96 0.98 9.39
C ARG D 384 -69.16 0.36 10.52
N ARG D 385 -68.13 1.04 11.02
CA ARG D 385 -67.43 0.64 12.23
C ARG D 385 -67.39 1.86 13.13
N PRO D 386 -68.41 2.06 13.93
CA PRO D 386 -68.61 3.38 14.51
C PRO D 386 -67.71 3.69 15.68
N LEU D 387 -67.33 2.72 16.49
CA LEU D 387 -66.67 3.03 17.75
C LEU D 387 -65.16 2.89 17.60
N ARG D 388 -64.41 3.84 18.17
CA ARG D 388 -62.98 3.89 17.89
C ARG D 388 -62.18 3.13 18.93
N ALA D 389 -62.61 3.16 20.18
CA ALA D 389 -61.92 2.42 21.22
C ALA D 389 -62.92 1.57 22.01
N ALA D 390 -62.42 0.53 22.64
CA ALA D 390 -63.27 -0.26 23.51
C ALA D 390 -62.41 -0.82 24.62
N ARG D 391 -62.87 -0.61 25.85
CA ARG D 391 -62.17 -1.07 27.04
C ARG D 391 -63.13 -1.88 27.88
N ILE D 392 -62.88 -3.17 28.00
CA ILE D 392 -63.81 -4.10 28.63
C ILE D 392 -63.18 -4.62 29.91
N GLU D 393 -63.91 -4.55 31.00
CA GLU D 393 -63.47 -5.15 32.25
C GLU D 393 -64.49 -6.20 32.66
N VAL D 394 -64.00 -7.40 32.95
CA VAL D 394 -64.86 -8.51 33.36
C VAL D 394 -64.48 -8.93 34.76
N MET D 395 -65.45 -8.90 35.67
CA MET D 395 -65.24 -9.28 37.05
C MET D 395 -66.30 -10.29 37.45
N ASP D 396 -66.03 -10.98 38.56
CA ASP D 396 -66.95 -12.01 39.04
C ASP D 396 -67.87 -11.42 40.09
N VAL D 397 -69.10 -11.90 40.13
CA VAL D 397 -69.94 -11.64 41.28
C VAL D 397 -69.49 -12.62 42.35
N GLU D 398 -68.85 -12.11 43.40
CA GLU D 398 -68.24 -12.97 44.40
C GLU D 398 -69.31 -13.68 45.22
N GLY D 399 -69.11 -14.98 45.43
CA GLY D 399 -70.08 -15.73 46.17
C GLY D 399 -71.34 -16.06 45.40
N ASN D 400 -71.30 -15.94 44.08
CA ASN D 400 -72.44 -16.31 43.24
C ASN D 400 -71.87 -16.82 41.93
N PRO D 401 -71.53 -18.10 41.86
CA PRO D 401 -70.50 -18.55 40.93
C PRO D 401 -70.98 -18.60 39.50
N GLY D 402 -70.09 -18.28 38.59
CA GLY D 402 -70.40 -18.16 37.20
C GLY D 402 -70.85 -16.79 36.77
N TRP D 403 -71.60 -16.09 37.60
CA TRP D 403 -72.17 -14.79 37.28
C TRP D 403 -71.05 -13.77 37.11
N TYR D 404 -70.93 -13.23 35.92
CA TYR D 404 -69.84 -12.34 35.58
C TYR D 404 -70.38 -10.93 35.43
N GLN D 405 -69.54 -9.95 35.71
CA GLN D 405 -69.95 -8.55 35.77
C GLN D 405 -69.06 -7.75 34.83
N VAL D 406 -69.65 -7.17 33.80
CA VAL D 406 -68.89 -6.64 32.67
C VAL D 406 -69.18 -5.16 32.51
N SER D 407 -68.14 -4.37 32.32
CA SER D 407 -68.27 -2.97 31.94
C SER D 407 -67.72 -2.79 30.53
N LEU D 408 -68.58 -2.43 29.60
CA LEU D 408 -68.20 -2.23 28.21
C LEU D 408 -68.33 -0.76 27.89
N SER D 409 -67.19 -0.11 27.69
CA SER D 409 -67.12 1.33 27.49
C SER D 409 -66.55 1.64 26.12
N VAL D 410 -67.27 2.44 25.34
CA VAL D 410 -66.86 2.73 23.97
C VAL D 410 -66.60 4.21 23.82
N ARG D 411 -65.88 4.58 22.76
CA ARG D 411 -65.60 5.96 22.41
C ARG D 411 -65.91 6.14 20.94
N PRO D 412 -67.04 6.71 20.58
CA PRO D 412 -67.46 6.73 19.19
C PRO D 412 -66.69 7.77 18.40
N HIS D 413 -66.84 7.72 17.09
CA HIS D 413 -66.32 8.79 16.25
C HIS D 413 -67.13 10.05 16.47
N PHE D 414 -66.44 11.14 16.74
CA PHE D 414 -67.09 12.43 16.91
C PHE D 414 -67.53 12.95 15.56
N LYS D 415 -68.79 13.32 15.47
CA LYS D 415 -69.30 13.88 14.24
C LYS D 415 -69.33 15.40 14.37
N TYR D 416 -68.99 16.09 13.29
CA TYR D 416 -68.70 17.52 13.29
C TYR D 416 -69.97 18.32 13.55
N MET D 417 -70.11 18.86 14.75
CA MET D 417 -71.33 19.58 15.11
C MET D 417 -71.08 20.97 15.67
N GLY D 418 -70.28 21.77 15.01
CA GLY D 418 -70.17 23.18 15.36
C GLY D 418 -68.74 23.59 15.55
N ALA D 419 -68.46 24.83 15.13
CA ALA D 419 -67.12 25.38 15.31
C ALA D 419 -67.22 26.89 15.34
N ASN D 420 -66.21 27.52 15.93
CA ASN D 420 -66.08 28.97 15.91
C ASN D 420 -64.87 29.34 15.09
N PHE D 421 -65.00 30.36 14.26
CA PHE D 421 -63.90 30.81 13.42
C PHE D 421 -63.54 32.24 13.74
N GLU D 422 -62.24 32.52 13.78
CA GLU D 422 -61.71 33.86 13.92
C GLU D 422 -60.73 34.08 12.79
N LEU D 423 -60.93 35.14 12.02
CA LEU D 423 -60.06 35.44 10.89
C LEU D 423 -59.32 36.74 11.14
N SER D 424 -58.14 36.87 10.54
CA SER D 424 -57.34 38.07 10.73
C SER D 424 -56.36 38.25 9.59
N LEU D 425 -56.38 39.42 8.97
CA LEU D 425 -55.35 39.76 8.02
C LEU D 425 -54.06 40.03 8.77
N VAL D 426 -52.93 39.64 8.19
CA VAL D 426 -51.63 39.89 8.78
C VAL D 426 -50.58 39.85 7.69
N GLY D 427 -49.51 40.60 7.87
CA GLY D 427 -48.31 40.47 7.06
C GLY D 427 -47.41 39.44 7.70
N ARG D 428 -46.18 39.33 7.19
CA ARG D 428 -45.05 38.66 7.85
C ARG D 428 -45.22 37.15 8.02
N LEU D 429 -46.35 36.57 7.61
CA LEU D 429 -46.63 35.18 7.90
C LEU D 429 -45.86 34.26 6.96
N ASP D 430 -45.38 33.14 7.51
CA ASP D 430 -44.69 32.13 6.73
C ASP D 430 -45.65 31.37 5.84
N SER E 1 -69.46 51.65 21.25
CA SER E 1 -68.70 50.52 21.75
C SER E 1 -67.32 50.49 21.13
N LYS E 2 -66.49 49.59 21.62
CA LYS E 2 -65.12 49.47 21.13
C LYS E 2 -64.71 48.06 20.75
N GLU E 3 -65.44 47.03 21.18
CA GLU E 3 -65.08 45.65 20.89
C GLU E 3 -65.77 45.11 19.65
N GLY E 4 -66.44 45.98 18.90
CA GLY E 4 -67.23 45.47 17.80
C GLY E 4 -68.47 44.78 18.35
N SER E 5 -69.04 43.92 17.52
CA SER E 5 -70.19 43.13 17.93
C SER E 5 -70.14 41.80 17.22
N VAL E 6 -70.93 40.86 17.73
CA VAL E 6 -71.06 39.54 17.13
C VAL E 6 -72.53 39.24 16.92
N ALA E 7 -72.79 38.21 16.14
CA ALA E 7 -74.14 37.67 16.04
C ALA E 7 -74.40 36.80 17.25
N PRO E 8 -75.66 36.47 17.54
CA PRO E 8 -75.91 35.39 18.49
C PRO E 8 -75.37 34.08 17.94
N LYS E 9 -75.01 33.19 18.86
CA LYS E 9 -74.19 32.01 18.55
C LYS E 9 -74.99 31.04 17.67
N GLU E 10 -74.32 30.58 16.63
CA GLU E 10 -74.92 29.69 15.65
C GLU E 10 -74.11 28.39 15.64
N ARG E 11 -74.39 27.53 14.67
CA ARG E 11 -73.57 26.36 14.45
C ARG E 11 -72.15 26.72 14.02
N ILE E 12 -72.01 27.70 13.15
CA ILE E 12 -70.71 28.13 12.67
C ILE E 12 -70.52 29.59 13.05
N ASN E 13 -69.73 29.85 14.08
CA ASN E 13 -69.47 31.21 14.51
C ASN E 13 -68.25 31.75 13.76
N ILE E 14 -68.44 32.79 12.97
CA ILE E 14 -67.34 33.45 12.29
C ILE E 14 -67.36 34.91 12.69
N LYS E 15 -66.27 35.35 13.29
CA LYS E 15 -66.06 36.75 13.60
C LYS E 15 -64.62 37.09 13.28
N TYR E 16 -64.36 38.36 13.05
CA TYR E 16 -63.03 38.80 12.71
C TYR E 16 -62.47 39.63 13.86
N ILE E 17 -61.27 39.28 14.29
CA ILE E 17 -60.57 40.02 15.33
C ILE E 17 -59.33 40.62 14.71
N PRO E 18 -58.67 41.56 15.39
CA PRO E 18 -57.33 41.93 14.95
C PRO E 18 -56.40 40.76 15.23
N ALA E 19 -56.09 40.03 14.16
CA ALA E 19 -55.48 38.72 14.32
C ALA E 19 -53.99 38.80 14.50
N THR E 20 -53.44 40.00 14.69
CA THR E 20 -52.03 40.14 14.99
C THR E 20 -51.69 39.48 16.32
N GLY E 21 -52.61 39.54 17.26
CA GLY E 21 -52.46 38.88 18.55
C GLY E 21 -51.34 39.49 19.34
N ASP E 22 -51.09 40.77 19.11
CA ASP E 22 -49.92 41.44 19.64
C ASP E 22 -50.12 41.70 21.13
N ALA E 23 -49.80 40.69 21.93
CA ALA E 23 -49.65 40.90 23.35
C ALA E 23 -48.47 41.83 23.60
N GLN E 24 -48.56 42.56 24.70
CA GLN E 24 -47.62 43.62 25.06
C GLN E 24 -47.52 44.68 23.96
N ALA E 25 -48.67 45.05 23.41
CA ALA E 25 -48.77 46.15 22.46
C ALA E 25 -49.90 47.07 22.90
N GLU E 26 -49.57 48.32 23.17
CA GLU E 26 -50.54 49.32 23.57
C GLU E 26 -50.41 50.52 22.66
N ALA E 27 -51.48 51.30 22.56
CA ALA E 27 -51.55 52.40 21.60
C ALA E 27 -51.36 53.70 22.36
N GLU E 28 -50.56 54.58 21.78
CA GLU E 28 -50.38 55.93 22.29
C GLU E 28 -50.34 56.89 21.11
N VAL E 29 -50.93 58.07 21.29
CA VAL E 29 -50.73 59.14 20.32
C VAL E 29 -49.37 59.75 20.60
N GLU E 30 -48.64 60.07 19.54
CA GLU E 30 -47.41 60.84 19.70
C GLU E 30 -47.74 62.18 20.32
N LEU E 31 -47.34 62.35 21.56
CA LEU E 31 -47.78 63.48 22.36
C LEU E 31 -47.18 64.76 21.80
N PRO E 32 -47.96 65.82 21.70
CA PRO E 32 -47.43 67.06 21.14
C PRO E 32 -46.50 67.73 22.12
N LEU E 33 -45.39 68.25 21.61
CA LEU E 33 -44.47 69.07 22.39
C LEU E 33 -45.09 70.45 22.56
N LYS E 34 -46.01 70.55 23.51
CA LYS E 34 -46.86 71.73 23.58
C LYS E 34 -46.13 72.86 24.28
N THR E 35 -45.49 73.72 23.50
CA THR E 35 -44.76 74.84 24.03
C THR E 35 -45.73 75.90 24.50
N LEU E 36 -45.56 76.38 25.71
CA LEU E 36 -46.44 77.38 26.30
C LEU E 36 -45.69 78.69 26.36
N VAL E 37 -45.77 79.48 25.32
CA VAL E 37 -45.10 80.77 25.27
C VAL E 37 -45.84 81.72 26.18
N VAL E 38 -45.15 82.25 27.19
CA VAL E 38 -45.72 83.16 28.15
C VAL E 38 -44.93 84.46 28.10
N GLY E 39 -45.60 85.54 27.75
CA GLY E 39 -44.91 86.82 27.69
C GLY E 39 -45.90 87.96 27.60
N ASP E 40 -45.38 89.17 27.75
CA ASP E 40 -46.19 90.38 27.72
C ASP E 40 -46.67 90.61 26.29
N PHE E 41 -47.97 90.45 26.11
CA PHE E 41 -48.57 90.44 24.78
C PHE E 41 -49.65 91.50 24.58
N LYS E 42 -49.97 92.29 25.59
CA LYS E 42 -50.94 93.36 25.49
C LYS E 42 -50.42 94.57 26.24
N GLY E 43 -50.95 95.73 25.91
CA GLY E 43 -50.38 96.96 26.42
C GLY E 43 -50.80 97.34 27.82
N HIS E 44 -51.43 96.44 28.56
CA HIS E 44 -51.98 96.81 29.84
C HIS E 44 -52.14 95.59 30.72
N ALA E 45 -52.32 95.84 32.02
CA ALA E 45 -52.67 94.79 32.94
C ALA E 45 -54.16 94.49 32.85
N GLU E 46 -54.50 93.23 33.02
CA GLU E 46 -55.89 92.82 33.07
C GLU E 46 -56.29 92.48 34.50
N GLN E 47 -57.47 92.95 34.88
CA GLN E 47 -57.97 92.70 36.23
C GLN E 47 -58.37 91.24 36.43
N THR E 48 -58.57 90.51 35.34
CA THR E 48 -59.04 89.13 35.43
C THR E 48 -57.95 88.26 36.06
N PRO E 49 -58.29 87.45 37.06
CA PRO E 49 -57.27 86.65 37.75
C PRO E 49 -56.70 85.59 36.85
N LEU E 50 -55.56 85.06 37.26
CA LEU E 50 -54.74 84.29 36.34
C LEU E 50 -55.37 82.93 36.04
N GLU E 51 -56.15 82.40 36.97
CA GLU E 51 -56.77 81.10 36.75
C GLU E 51 -57.92 81.16 35.75
N GLU E 52 -58.47 82.35 35.49
CA GLU E 52 -59.66 82.43 34.66
C GLU E 52 -59.36 82.78 33.21
N ARG E 53 -58.29 83.52 32.94
CA ARG E 53 -57.97 83.84 31.56
C ARG E 53 -57.46 82.58 30.86
N ALA E 54 -57.67 82.51 29.55
CA ALA E 54 -57.52 81.25 28.83
C ALA E 54 -56.31 81.26 27.90
N THR E 55 -55.83 80.08 27.59
CA THR E 55 -54.76 79.91 26.62
C THR E 55 -55.32 80.05 25.22
N VAL E 56 -54.48 80.50 24.30
CA VAL E 56 -54.88 80.75 22.93
C VAL E 56 -54.04 79.89 22.03
N THR E 57 -54.68 78.96 21.33
CA THR E 57 -53.97 78.11 20.40
C THR E 57 -53.56 78.93 19.18
N VAL E 58 -52.30 78.84 18.81
CA VAL E 58 -51.74 79.59 17.68
C VAL E 58 -51.10 78.61 16.73
N ASP E 59 -51.50 78.67 15.46
CA ASP E 59 -50.70 78.02 14.45
C ASP E 59 -50.38 79.02 13.36
N LYS E 60 -49.80 78.52 12.28
CA LYS E 60 -49.56 79.38 11.13
C LYS E 60 -50.85 79.77 10.45
N ASN E 61 -51.90 78.97 10.61
CA ASN E 61 -53.10 79.17 9.83
C ASN E 61 -54.08 80.13 10.47
N ASN E 62 -53.88 80.52 11.72
CA ASN E 62 -54.74 81.56 12.25
C ASN E 62 -54.01 82.63 13.05
N PHE E 63 -52.74 82.91 12.76
CA PHE E 63 -51.99 83.86 13.56
C PHE E 63 -52.52 85.28 13.39
N GLU E 64 -52.93 85.62 12.17
CA GLU E 64 -53.59 86.91 11.98
C GLU E 64 -54.95 86.93 12.64
N ALA E 65 -55.58 85.78 12.78
CA ALA E 65 -56.83 85.73 13.52
C ALA E 65 -56.58 85.83 15.01
N VAL E 66 -55.41 85.38 15.48
CA VAL E 66 -55.09 85.49 16.89
C VAL E 66 -54.77 86.93 17.24
N MET E 67 -53.98 87.60 16.41
CA MET E 67 -53.73 89.01 16.63
C MET E 67 -55.00 89.82 16.42
N ARG E 68 -55.90 89.32 15.57
CA ARG E 68 -57.16 90.03 15.35
C ARG E 68 -58.06 89.96 16.57
N GLU E 69 -58.21 88.77 17.14
CA GLU E 69 -59.08 88.62 18.29
C GLU E 69 -58.44 89.14 19.57
N SER E 70 -57.12 89.35 19.55
CA SER E 70 -56.45 89.77 20.77
C SER E 70 -56.80 91.19 21.17
N GLU E 71 -57.21 92.02 20.20
CA GLU E 71 -57.58 93.42 20.36
C GLU E 71 -56.45 94.21 20.99
N LEU E 72 -55.33 94.29 20.28
CA LEU E 72 -54.13 94.94 20.77
C LEU E 72 -54.36 96.44 20.88
N LYS E 73 -53.54 97.10 21.68
CA LYS E 73 -53.70 98.52 21.93
C LYS E 73 -52.43 99.07 22.54
N ILE E 74 -52.04 100.27 22.12
CA ILE E 74 -51.01 101.07 22.79
C ILE E 74 -51.52 102.49 22.87
N THR E 75 -51.54 103.04 24.07
CA THR E 75 -51.93 104.42 24.30
C THR E 75 -50.81 105.11 25.09
N ALA E 76 -50.09 106.00 24.43
CA ALA E 76 -48.89 106.57 25.05
C ALA E 76 -48.58 107.95 24.49
N THR E 77 -47.45 108.48 24.92
CA THR E 77 -47.03 109.84 24.62
C THR E 77 -45.61 109.83 24.10
N VAL E 78 -45.37 110.56 23.00
CA VAL E 78 -44.03 110.68 22.42
C VAL E 78 -43.64 112.15 22.34
N LYS E 79 -42.35 112.38 22.15
CA LYS E 79 -41.86 113.72 21.88
C LYS E 79 -42.22 114.13 20.46
N ASN E 80 -42.75 115.35 20.32
CA ASN E 80 -43.26 115.83 19.03
C ASN E 80 -42.19 116.68 18.37
N LYS E 81 -41.79 116.30 17.15
CA LYS E 81 -40.72 116.96 16.43
C LYS E 81 -41.17 117.55 15.10
N LEU E 82 -42.40 118.05 15.02
CA LEU E 82 -42.87 118.78 13.85
C LEU E 82 -42.66 120.28 13.99
N THR E 83 -41.97 120.72 15.03
CA THR E 83 -41.73 122.13 15.30
C THR E 83 -40.41 122.25 16.07
N ASP E 84 -40.23 123.39 16.73
CA ASP E 84 -38.97 123.62 17.44
C ASP E 84 -39.17 123.82 18.93
N ASP E 85 -39.97 122.97 19.57
CA ASP E 85 -40.30 123.10 20.98
C ASP E 85 -40.05 121.76 21.67
N GLU E 86 -39.43 121.82 22.86
CA GLU E 86 -39.16 120.61 23.62
C GLU E 86 -40.39 120.12 24.39
N ASN E 87 -41.18 121.03 24.94
CA ASN E 87 -42.35 120.70 25.73
C ASN E 87 -43.50 120.16 24.88
N ALA E 88 -43.46 120.37 23.57
CA ALA E 88 -44.52 119.92 22.69
C ALA E 88 -44.47 118.41 22.59
N GLU E 89 -45.53 117.76 23.04
CA GLU E 89 -45.61 116.32 23.04
C GLU E 89 -46.74 115.90 22.12
N LEU E 90 -46.64 114.69 21.59
CA LEU E 90 -47.67 114.16 20.70
C LEU E 90 -48.33 112.96 21.34
N PRO E 91 -49.57 113.05 21.75
CA PRO E 91 -50.28 111.86 22.22
C PRO E 91 -50.70 110.99 21.04
N VAL E 92 -50.50 109.67 21.15
CA VAL E 92 -50.90 108.73 20.13
C VAL E 92 -51.90 107.76 20.73
N GLU E 93 -52.80 107.27 19.88
CA GLU E 93 -53.80 106.27 20.23
C GLU E 93 -53.92 105.31 19.05
N LEU E 94 -53.36 104.12 19.19
CA LEU E 94 -53.25 103.22 18.07
C LEU E 94 -54.19 102.02 18.24
N ASN E 95 -54.44 101.33 17.13
CA ASN E 95 -55.14 100.05 17.15
C ASN E 95 -54.46 99.10 16.18
N PHE E 96 -54.27 97.87 16.62
CA PHE E 96 -53.44 96.92 15.91
C PHE E 96 -54.25 95.68 15.60
N LYS E 97 -54.08 95.15 14.41
CA LYS E 97 -54.80 93.94 14.04
C LYS E 97 -53.90 92.83 13.51
N SER E 98 -52.85 93.16 12.78
CA SER E 98 -51.93 92.14 12.28
C SER E 98 -50.55 92.76 12.19
N LEU E 99 -49.60 91.98 11.67
CA LEU E 99 -48.23 92.48 11.65
C LEU E 99 -47.96 93.47 10.52
N ALA E 100 -48.97 93.76 9.69
CA ALA E 100 -48.86 94.91 8.83
C ALA E 100 -48.95 96.20 9.63
N ASP E 101 -49.61 96.19 10.79
CA ASP E 101 -49.90 97.41 11.52
C ASP E 101 -48.70 97.98 12.25
N PHE E 102 -47.56 97.32 12.24
CA PHE E 102 -46.37 97.86 12.87
C PHE E 102 -45.47 98.58 11.88
N ALA E 103 -45.83 98.54 10.60
CA ALA E 103 -45.09 99.26 9.57
C ALA E 103 -45.32 100.77 9.73
N PRO E 104 -44.43 101.60 9.17
CA PRO E 104 -44.68 103.05 9.23
C PRO E 104 -45.81 103.52 8.35
N ASP E 105 -46.33 102.65 7.47
CA ASP E 105 -47.49 103.03 6.67
C ASP E 105 -48.74 103.12 7.54
N ALA E 106 -49.07 102.03 8.23
CA ALA E 106 -50.26 102.02 9.06
C ALA E 106 -50.10 102.91 10.28
N VAL E 107 -48.90 103.01 10.81
CA VAL E 107 -48.64 103.94 11.90
C VAL E 107 -48.77 105.37 11.40
N ALA E 108 -48.38 105.59 10.13
CA ALA E 108 -48.57 106.92 9.53
C ALA E 108 -50.06 107.20 9.30
N SER E 109 -50.86 106.15 9.17
CA SER E 109 -52.29 106.37 9.00
C SER E 109 -53.01 106.55 10.34
N GLN E 110 -52.50 105.95 11.40
CA GLN E 110 -53.24 105.94 12.67
C GLN E 110 -52.92 107.12 13.56
N VAL E 111 -52.02 108.01 13.16
CA VAL E 111 -51.82 109.24 13.91
C VAL E 111 -52.16 110.39 12.98
N PRO E 112 -53.24 111.14 13.24
CA PRO E 112 -53.69 112.17 12.30
C PRO E 112 -52.72 113.31 12.11
N GLU E 113 -51.88 113.57 13.12
CA GLU E 113 -50.85 114.60 12.99
C GLU E 113 -49.73 114.19 12.03
N LEU E 114 -49.69 112.93 11.64
CA LEU E 114 -48.89 112.49 10.51
C LEU E 114 -49.72 112.22 9.27
N LYS E 115 -50.98 111.81 9.43
CA LYS E 115 -51.83 111.49 8.29
C LYS E 115 -52.12 112.71 7.44
N LYS E 116 -52.30 113.86 8.09
CA LYS E 116 -52.50 115.11 7.36
C LYS E 116 -51.23 115.51 6.61
N LEU E 117 -50.06 115.13 7.10
CA LEU E 117 -48.83 115.43 6.38
C LEU E 117 -48.58 114.45 5.25
N ILE E 118 -49.06 113.21 5.37
CA ILE E 118 -48.98 112.29 4.24
C ILE E 118 -49.91 112.76 3.12
N GLU E 119 -51.11 113.19 3.48
CA GLU E 119 -52.05 113.69 2.47
C GLU E 119 -51.56 115.01 1.87
N LEU E 120 -50.93 115.84 2.69
CA LEU E 120 -50.38 117.10 2.19
C LEU E 120 -49.19 116.84 1.27
N ARG E 121 -48.43 115.79 1.57
CA ARG E 121 -47.39 115.34 0.67
C ARG E 121 -48.00 114.84 -0.64
N GLU E 122 -49.17 114.21 -0.56
CA GLU E 122 -49.85 113.78 -1.78
C GLU E 122 -50.42 114.96 -2.54
N ALA E 123 -50.65 116.09 -1.86
CA ALA E 123 -51.01 117.31 -2.57
C ALA E 123 -49.80 117.94 -3.25
N LEU E 124 -48.62 117.82 -2.63
CA LEU E 124 -47.44 118.44 -3.22
C LEU E 124 -46.87 117.60 -4.35
N VAL E 125 -47.07 116.28 -4.32
CA VAL E 125 -46.56 115.44 -5.39
C VAL E 125 -47.42 115.57 -6.64
N ALA E 126 -48.75 115.55 -6.47
CA ALA E 126 -49.66 115.65 -7.61
C ALA E 126 -49.65 117.02 -8.26
N LEU E 127 -49.39 118.07 -7.48
CA LEU E 127 -49.23 119.46 -7.91
C LEU E 127 -50.46 120.00 -8.64
N ASN F 1 -39.00 125.89 -10.47
CA ASN F 1 -40.33 125.73 -9.89
C ASN F 1 -40.51 124.33 -9.34
N LYS F 2 -40.28 123.34 -10.20
CA LYS F 2 -40.45 121.95 -9.82
C LYS F 2 -39.42 121.54 -8.78
N SER F 3 -38.21 122.07 -8.89
CA SER F 3 -37.14 121.72 -7.96
C SER F 3 -37.44 122.26 -6.56
N LEU F 4 -38.16 123.38 -6.48
CA LEU F 4 -38.56 123.89 -5.17
C LEU F 4 -39.64 123.00 -4.56
N VAL F 5 -40.51 122.45 -5.38
CA VAL F 5 -41.52 121.50 -4.90
C VAL F 5 -40.85 120.23 -4.38
N ASP F 6 -39.80 119.78 -5.09
CA ASP F 6 -39.07 118.59 -4.64
C ASP F 6 -38.28 118.86 -3.36
N GLN F 7 -37.77 120.09 -3.20
CA GLN F 7 -37.11 120.44 -1.95
C GLN F 7 -38.10 120.48 -0.79
N MET F 8 -39.33 120.91 -1.06
CA MET F 8 -40.38 120.83 -0.05
C MET F 8 -40.75 119.38 0.26
N LEU F 9 -40.62 118.49 -0.73
CA LEU F 9 -40.85 117.07 -0.48
C LEU F 9 -39.76 116.47 0.40
N VAL F 10 -38.51 116.88 0.19
CA VAL F 10 -37.40 116.36 0.99
C VAL F 10 -37.49 116.87 2.43
N GLU F 11 -37.83 118.15 2.60
CA GLU F 11 -37.98 118.68 3.96
C GLU F 11 -39.19 118.08 4.67
N LEU F 12 -40.28 117.85 3.92
CA LEU F 12 -41.47 117.26 4.54
C LEU F 12 -41.22 115.81 4.92
N ASP F 13 -40.45 115.08 4.09
CA ASP F 13 -40.07 113.72 4.45
C ASP F 13 -39.13 113.70 5.65
N LYS F 14 -38.35 114.77 5.82
CA LYS F 14 -37.55 114.89 7.03
C LYS F 14 -38.45 115.11 8.24
N LYS F 15 -39.58 115.79 8.04
CA LYS F 15 -40.48 116.01 9.18
C LYS F 15 -41.22 114.73 9.55
N ILE F 16 -41.81 114.06 8.58
CA ILE F 16 -42.61 112.87 8.87
C ILE F 16 -41.72 111.72 9.31
N SER F 17 -40.54 111.58 8.70
CA SER F 17 -39.60 110.58 9.17
C SER F 17 -39.03 110.94 10.53
N ALA F 18 -38.93 112.24 10.82
CA ALA F 18 -38.44 112.66 12.13
C ALA F 18 -39.42 112.30 13.23
N GLN F 19 -40.72 112.38 12.96
CA GLN F 19 -41.69 111.96 13.95
C GLN F 19 -41.80 110.44 14.02
N MET F 20 -41.73 109.79 12.87
CA MET F 20 -41.90 108.34 12.80
C MET F 20 -40.76 107.63 13.51
N ASP F 21 -39.57 108.23 13.49
CA ASP F 21 -38.47 107.74 14.31
C ASP F 21 -38.80 107.81 15.79
N GLU F 22 -39.64 108.77 16.20
CA GLU F 22 -39.97 108.85 17.62
C GLU F 22 -41.08 107.90 18.00
N ILE F 23 -42.01 107.62 17.09
CA ILE F 23 -43.05 106.66 17.43
C ILE F 23 -42.50 105.24 17.43
N LEU F 24 -41.74 104.88 16.40
CA LEU F 24 -41.27 103.50 16.30
C LEU F 24 -40.20 103.16 17.32
N HIS F 25 -39.58 104.14 17.97
CA HIS F 25 -38.62 103.84 19.01
C HIS F 25 -39.23 103.93 20.39
N ASN F 26 -40.55 103.94 20.49
CA ASN F 26 -41.21 103.98 21.79
C ASN F 26 -41.04 102.65 22.50
N SER F 27 -40.77 102.74 23.79
CA SER F 27 -40.35 101.57 24.56
C SER F 27 -41.47 100.56 24.71
N GLN F 28 -42.68 101.04 25.02
CA GLN F 28 -43.84 100.16 25.05
C GLN F 28 -44.12 99.60 23.67
N PHE F 29 -43.89 100.40 22.64
CA PHE F 29 -44.10 99.93 21.28
C PHE F 29 -43.02 98.94 20.87
N GLN F 30 -41.82 99.10 21.43
CA GLN F 30 -40.81 98.09 21.19
C GLN F 30 -41.14 96.82 21.95
N ALA F 31 -41.85 96.93 23.06
CA ALA F 31 -42.24 95.72 23.79
C ALA F 31 -43.30 94.96 23.02
N MET F 32 -44.30 95.66 22.50
CA MET F 32 -45.35 95.02 21.74
C MET F 32 -44.82 94.46 20.43
N GLU F 33 -44.08 95.28 19.69
CA GLU F 33 -43.58 94.87 18.38
C GLU F 33 -42.54 93.78 18.52
N SER F 34 -41.74 93.86 19.58
CA SER F 34 -40.75 92.84 19.82
C SER F 34 -41.39 91.51 20.19
N ALA F 35 -42.42 91.56 21.01
CA ALA F 35 -43.08 90.33 21.44
C ALA F 35 -43.81 89.67 20.29
N TRP F 36 -44.57 90.46 19.52
CA TRP F 36 -45.35 89.83 18.47
C TRP F 36 -44.52 89.49 17.25
N ARG F 37 -43.63 90.37 16.83
CA ARG F 37 -42.83 90.07 15.65
C ARG F 37 -41.83 88.97 15.94
N GLY F 38 -41.28 88.97 17.15
CA GLY F 38 -40.49 87.83 17.58
C GLY F 38 -41.33 86.57 17.69
N LEU F 39 -42.61 86.72 18.02
CA LEU F 39 -43.47 85.55 18.13
C LEU F 39 -43.71 84.94 16.76
N LYS F 40 -43.89 85.77 15.73
CA LYS F 40 -44.03 85.19 14.40
C LYS F 40 -42.71 84.60 13.93
N LEU F 41 -41.60 85.18 14.37
CA LEU F 41 -40.30 84.61 14.05
C LEU F 41 -40.13 83.22 14.64
N PHE F 42 -40.69 82.99 15.82
CA PHE F 42 -40.72 81.64 16.35
C PHE F 42 -41.72 80.76 15.60
N VAL F 43 -42.87 81.33 15.23
CA VAL F 43 -43.97 80.50 14.73
C VAL F 43 -43.66 79.95 13.35
N ASP F 44 -43.23 80.81 12.42
CA ASP F 44 -43.12 80.33 11.04
C ASP F 44 -41.92 79.45 10.81
N ARG F 45 -40.99 79.35 11.76
CA ARG F 45 -39.82 78.50 11.58
C ARG F 45 -40.06 77.09 12.12
N THR F 46 -41.19 76.85 12.74
CA THR F 46 -41.52 75.52 13.21
C THR F 46 -42.31 74.79 12.13
N ASP F 47 -42.81 73.61 12.46
CA ASP F 47 -43.50 72.78 11.47
C ASP F 47 -44.71 72.13 12.14
N PHE F 48 -45.87 72.77 12.02
CA PHE F 48 -47.05 72.33 12.74
C PHE F 48 -47.76 71.17 12.09
N ARG F 49 -47.30 70.72 10.94
CA ARG F 49 -47.80 69.47 10.41
C ARG F 49 -47.06 68.26 10.97
N GLU F 50 -46.20 68.45 11.96
CA GLU F 50 -45.58 67.34 12.68
C GLU F 50 -45.91 67.34 14.16
N ASN F 51 -47.16 67.67 14.50
CA ASN F 51 -47.71 67.60 15.86
C ASN F 51 -46.96 68.47 16.85
N ASN F 52 -47.00 69.78 16.63
CA ASN F 52 -46.49 70.74 17.58
C ASN F 52 -47.57 71.78 17.82
N LYS F 53 -47.80 72.12 19.07
CA LYS F 53 -48.75 73.19 19.34
C LYS F 53 -48.10 74.23 20.21
N VAL F 54 -48.31 75.49 19.84
CA VAL F 54 -47.82 76.57 20.67
C VAL F 54 -49.02 77.35 21.18
N GLU F 55 -49.06 77.51 22.49
CA GLU F 55 -50.15 78.21 23.12
C GLU F 55 -49.62 79.49 23.72
N ILE F 56 -50.52 80.45 23.85
CA ILE F 56 -50.18 81.80 24.24
C ILE F 56 -50.97 82.14 25.49
N LEU F 57 -50.29 82.64 26.51
CA LEU F 57 -50.97 83.14 27.69
C LEU F 57 -50.38 84.48 28.08
N HIS F 58 -51.17 85.55 27.97
CA HIS F 58 -50.72 86.89 28.27
C HIS F 58 -50.49 87.06 29.75
N VAL F 59 -49.24 87.04 30.18
CA VAL F 59 -48.91 87.23 31.59
C VAL F 59 -47.75 88.20 31.68
N THR F 60 -47.88 89.24 32.49
CA THR F 60 -46.71 90.04 32.83
C THR F 60 -46.11 89.53 34.13
N LYS F 61 -44.87 89.96 34.40
CA LYS F 61 -44.11 89.40 35.52
C LYS F 61 -44.76 89.73 36.85
N ASP F 62 -45.39 90.89 36.95
CA ASP F 62 -45.91 91.35 38.22
C ASP F 62 -47.13 90.53 38.64
N GLU F 63 -47.80 89.89 37.69
CA GLU F 63 -48.88 89.02 38.12
C GLU F 63 -48.45 87.57 38.21
N LEU F 64 -47.26 87.20 37.74
CA LEU F 64 -46.69 85.93 38.20
C LEU F 64 -46.27 86.02 39.64
N LEU F 65 -45.69 87.16 40.03
CA LEU F 65 -45.25 87.28 41.41
C LEU F 65 -46.40 87.55 42.34
N GLU F 66 -47.32 88.43 41.94
CA GLU F 66 -48.52 88.67 42.72
C GLU F 66 -49.39 87.43 42.76
N ASP F 67 -49.38 86.64 41.69
CA ASP F 67 -50.16 85.42 41.65
C ASP F 67 -49.58 84.35 42.56
N PHE F 68 -48.28 84.09 42.43
CA PHE F 68 -47.64 83.08 43.24
C PHE F 68 -47.65 83.44 44.72
N GLU F 69 -47.45 84.71 45.06
CA GLU F 69 -47.53 85.06 46.47
C GLU F 69 -48.97 85.08 46.95
N PHE F 70 -49.92 85.36 46.06
CA PHE F 70 -51.32 85.31 46.47
C PHE F 70 -51.78 83.87 46.60
N ALA F 71 -51.13 82.97 45.87
CA ALA F 71 -51.41 81.55 46.01
C ALA F 71 -50.81 81.03 47.31
N PRO F 72 -51.49 80.10 47.98
CA PRO F 72 -51.01 79.64 49.29
C PRO F 72 -49.77 78.79 49.19
N GLU F 73 -49.53 78.26 47.99
CA GLU F 73 -48.33 77.49 47.71
C GLU F 73 -48.10 77.56 46.21
N THR F 74 -47.24 76.69 45.70
CA THR F 74 -47.11 76.63 44.25
C THR F 74 -48.20 75.79 43.63
N ALA F 75 -48.84 74.95 44.42
CA ALA F 75 -49.70 73.92 43.87
C ALA F 75 -51.14 74.36 43.68
N GLN F 76 -51.46 75.62 43.88
CA GLN F 76 -52.81 76.08 43.66
C GLN F 76 -52.86 77.39 42.89
N SER F 77 -51.78 77.78 42.25
CA SER F 77 -51.78 79.03 41.51
C SER F 77 -52.56 78.88 40.20
N GLY F 78 -52.63 79.98 39.46
CA GLY F 78 -53.26 79.91 38.16
C GLY F 78 -52.43 79.15 37.15
N LEU F 79 -51.13 79.46 37.09
CA LEU F 79 -50.28 78.88 36.06
C LEU F 79 -50.05 77.40 36.31
N TYR F 80 -50.14 76.97 37.56
CA TYR F 80 -50.10 75.55 37.85
C TYR F 80 -51.34 74.85 37.34
N LYS F 81 -52.45 75.58 37.23
CA LYS F 81 -53.66 74.99 36.69
C LYS F 81 -53.68 75.03 35.17
N HIS F 82 -52.94 75.95 34.55
CA HIS F 82 -52.89 75.94 33.10
C HIS F 82 -51.84 74.98 32.58
N VAL F 83 -50.81 74.70 33.37
CA VAL F 83 -49.74 73.82 32.93
C VAL F 83 -49.97 72.41 33.42
N TYR F 84 -50.12 72.25 34.74
CA TYR F 84 -50.19 70.92 35.32
C TYR F 84 -51.59 70.33 35.21
N SER F 85 -52.58 71.02 35.78
CA SER F 85 -53.87 70.39 36.04
C SER F 85 -54.71 70.28 34.78
N ALA F 86 -54.62 71.25 33.89
CA ALA F 86 -55.31 71.11 32.62
C ALA F 86 -54.51 70.31 31.62
N GLY F 87 -53.26 70.00 31.93
CA GLY F 87 -52.42 69.24 31.04
C GLY F 87 -52.06 67.88 31.59
N TYR F 88 -50.88 67.83 32.22
CA TYR F 88 -50.16 66.60 32.50
C TYR F 88 -50.93 65.65 33.40
N GLY F 89 -51.66 66.18 34.35
CA GLY F 89 -52.32 65.33 35.31
C GLY F 89 -53.82 65.22 35.09
N GLN F 90 -54.27 65.50 33.87
CA GLN F 90 -55.68 65.40 33.53
C GLN F 90 -55.89 64.16 32.69
N PHE F 91 -56.98 63.44 32.97
CA PHE F 91 -57.27 62.21 32.25
C PHE F 91 -57.53 62.52 30.78
N GLY F 92 -56.57 62.16 29.93
CA GLY F 92 -56.70 62.33 28.51
C GLY F 92 -56.04 63.55 27.93
N GLY F 93 -55.50 64.44 28.76
CA GLY F 93 -54.85 65.64 28.29
C GLY F 93 -53.50 65.38 27.69
N GLU F 94 -52.76 66.45 27.44
CA GLU F 94 -51.47 66.34 26.79
C GLU F 94 -50.45 67.10 27.64
N PRO F 95 -49.24 66.62 27.73
CA PRO F 95 -48.28 67.26 28.62
C PRO F 95 -47.68 68.52 28.04
N VAL F 96 -47.26 69.44 28.90
CA VAL F 96 -46.55 70.62 28.45
C VAL F 96 -45.08 70.28 28.26
N GLY F 97 -44.58 70.47 27.04
CA GLY F 97 -43.23 70.02 26.73
C GLY F 97 -42.18 70.99 27.21
N ALA F 98 -42.41 72.29 27.00
CA ALA F 98 -41.46 73.32 27.38
C ALA F 98 -42.22 74.62 27.58
N ILE F 99 -41.64 75.51 28.36
CA ILE F 99 -42.23 76.80 28.64
C ILE F 99 -41.21 77.85 28.26
N ILE F 100 -41.61 78.79 27.43
CA ILE F 100 -40.74 79.82 26.93
C ILE F 100 -41.19 81.15 27.51
N GLY F 101 -40.29 81.84 28.22
CA GLY F 101 -40.62 83.08 28.86
C GLY F 101 -40.11 84.25 28.06
N ASN F 102 -41.04 85.09 27.60
CA ASN F 102 -40.67 86.31 26.90
C ASN F 102 -40.47 87.42 27.93
N TYR F 103 -39.48 87.21 28.79
CA TYR F 103 -39.20 88.10 29.89
C TYR F 103 -37.76 88.53 29.84
N ALA F 104 -37.37 89.37 30.77
CA ALA F 104 -35.97 89.71 31.01
C ALA F 104 -35.76 89.76 32.51
N PHE F 105 -34.70 89.11 32.99
CA PHE F 105 -34.52 88.92 34.42
C PHE F 105 -33.35 89.75 34.95
N THR F 106 -33.57 90.34 36.11
CA THR F 106 -32.61 91.18 36.81
C THR F 106 -32.20 90.44 38.06
N PRO F 107 -31.19 90.88 38.82
CA PRO F 107 -30.94 90.26 40.13
C PRO F 107 -31.88 90.71 41.23
N SER F 108 -33.00 91.36 40.90
CA SER F 108 -33.91 91.81 41.93
C SER F 108 -34.62 90.63 42.57
N THR F 109 -34.82 90.74 43.89
CA THR F 109 -35.51 89.72 44.68
C THR F 109 -36.87 89.27 44.12
N PRO F 110 -37.70 90.12 43.50
CA PRO F 110 -38.86 89.56 42.78
C PRO F 110 -38.49 88.59 41.66
N ASP F 111 -37.41 88.83 40.93
CA ASP F 111 -37.08 87.95 39.82
C ASP F 111 -36.55 86.61 40.30
N MET F 112 -35.77 86.61 41.38
CA MET F 112 -35.22 85.36 41.85
C MET F 112 -36.27 84.56 42.63
N LYS F 113 -37.22 85.24 43.25
CA LYS F 113 -38.35 84.49 43.80
C LYS F 113 -39.20 83.91 42.67
N LEU F 114 -39.30 84.64 41.56
CA LEU F 114 -39.98 84.11 40.38
C LEU F 114 -39.30 82.87 39.85
N LEU F 115 -37.97 82.85 39.81
CA LEU F 115 -37.31 81.66 39.30
C LEU F 115 -37.31 80.51 40.28
N GLN F 116 -37.38 80.79 41.59
CA GLN F 116 -37.56 79.68 42.51
C GLN F 116 -38.90 79.02 42.30
N TYR F 117 -39.94 79.82 42.15
CA TYR F 117 -41.26 79.24 41.96
C TYR F 117 -41.41 78.57 40.61
N MET F 118 -40.84 79.13 39.55
CA MET F 118 -40.93 78.47 38.25
C MET F 118 -40.02 77.25 38.18
N GLY F 119 -39.02 77.20 39.04
CA GLY F 119 -38.34 75.94 39.25
C GLY F 119 -39.26 74.90 39.87
N ALA F 120 -40.15 75.34 40.77
CA ALA F 120 -41.07 74.38 41.38
C ALA F 120 -42.13 73.91 40.38
N LEU F 121 -42.65 74.83 39.56
CA LEU F 121 -43.62 74.46 38.54
C LEU F 121 -42.99 73.54 37.50
N GLY F 122 -41.77 73.86 37.11
CA GLY F 122 -41.05 72.96 36.23
C GLY F 122 -40.74 71.63 36.87
N ALA F 123 -40.73 71.59 38.20
CA ALA F 123 -40.51 70.32 38.88
C ALA F 123 -41.75 69.45 38.82
N MET F 124 -42.90 70.01 39.16
CA MET F 124 -44.07 69.14 39.25
C MET F 124 -44.71 68.94 37.89
N ALA F 125 -44.33 69.72 36.89
CA ALA F 125 -45.01 69.57 35.61
C ALA F 125 -44.08 69.17 34.48
N HIS F 126 -42.79 68.98 34.76
CA HIS F 126 -41.77 68.54 33.81
C HIS F 126 -41.70 69.44 32.58
N ALA F 127 -41.57 70.74 32.82
CA ALA F 127 -41.52 71.70 31.76
C ALA F 127 -40.34 72.61 32.05
N PRO F 128 -39.31 72.60 31.21
CA PRO F 128 -38.20 73.53 31.41
C PRO F 128 -38.63 74.94 31.06
N PHE F 129 -38.20 75.87 31.89
CA PHE F 129 -38.51 77.27 31.71
C PHE F 129 -37.30 77.96 31.11
N ILE F 130 -37.50 78.67 30.01
CA ILE F 130 -36.44 79.36 29.29
C ILE F 130 -36.78 80.84 29.24
N SER F 131 -35.79 81.69 29.48
CA SER F 131 -36.05 83.11 29.49
C SER F 131 -34.81 83.84 29.04
N SER F 132 -34.76 85.15 29.29
CA SER F 132 -33.62 85.94 28.89
C SER F 132 -33.00 86.65 30.08
N VAL F 133 -31.69 86.62 30.11
CA VAL F 133 -30.88 87.44 31.00
C VAL F 133 -30.80 88.83 30.41
N GLY F 134 -31.23 89.80 31.21
CA GLY F 134 -31.21 91.17 30.80
C GLY F 134 -29.82 91.75 30.87
N PRO F 135 -29.63 92.95 30.33
CA PRO F 135 -28.30 93.55 30.33
C PRO F 135 -27.78 93.90 31.71
N GLU F 136 -28.64 94.28 32.65
CA GLU F 136 -28.09 94.66 33.96
C GLU F 136 -27.89 93.48 34.88
N PHE F 137 -28.01 92.25 34.38
CA PHE F 137 -27.75 91.11 35.23
C PHE F 137 -26.25 90.89 35.41
N PHE F 138 -25.44 91.42 34.52
CA PHE F 138 -24.00 91.23 34.60
C PHE F 138 -23.33 92.44 35.22
N GLY F 139 -24.10 93.46 35.56
CA GLY F 139 -23.56 94.66 36.17
C GLY F 139 -23.24 95.78 35.21
N ILE F 140 -23.62 95.66 33.94
CA ILE F 140 -23.23 96.63 32.93
C ILE F 140 -24.46 97.25 32.31
N ASP F 141 -24.20 98.20 31.40
CA ASP F 141 -25.29 98.97 30.78
C ASP F 141 -26.04 98.14 29.78
N SER F 142 -25.38 97.75 28.70
CA SER F 142 -25.99 96.95 27.66
C SER F 142 -24.95 95.93 27.21
N PHE F 143 -25.36 95.05 26.31
CA PHE F 143 -24.55 93.88 26.01
C PHE F 143 -23.31 94.18 25.21
N GLU F 144 -23.11 95.41 24.77
CA GLU F 144 -21.94 95.68 23.96
C GLU F 144 -20.68 95.91 24.77
N GLU F 145 -20.59 95.41 26.00
CA GLU F 145 -19.34 95.42 26.75
C GLU F 145 -18.93 94.05 27.25
N LEU F 146 -19.49 92.98 26.71
CA LEU F 146 -18.95 91.66 27.00
C LEU F 146 -17.52 91.43 26.51
N PRO F 147 -17.03 92.08 25.43
CA PRO F 147 -15.56 92.11 25.26
C PRO F 147 -14.85 93.00 26.27
N ASN F 148 -15.55 93.79 27.05
CA ASN F 148 -14.86 94.70 27.97
C ASN F 148 -14.91 94.26 29.42
N ILE F 149 -15.55 93.14 29.74
CA ILE F 149 -15.55 92.64 31.11
C ILE F 149 -14.41 91.63 31.24
N LYS F 150 -13.56 91.83 32.24
CA LYS F 150 -12.35 91.03 32.35
C LYS F 150 -12.62 89.60 32.81
N ASP F 151 -13.53 89.41 33.77
CA ASP F 151 -13.72 88.09 34.31
C ASP F 151 -15.11 87.94 34.91
N LEU F 152 -15.87 86.94 34.44
CA LEU F 152 -17.24 86.78 34.93
C LEU F 152 -17.29 85.95 36.20
N LYS F 153 -16.39 84.97 36.32
CA LYS F 153 -16.37 84.11 37.50
C LYS F 153 -16.02 84.90 38.75
N SER F 154 -15.19 85.92 38.61
CA SER F 154 -14.91 86.79 39.74
C SER F 154 -15.92 87.92 39.85
N THR F 155 -16.71 88.15 38.81
CA THR F 155 -17.79 89.12 38.91
C THR F 155 -18.91 88.58 39.79
N PHE F 156 -19.24 87.31 39.64
CA PHE F 156 -20.39 86.79 40.36
C PHE F 156 -20.13 86.45 41.82
N GLU F 157 -19.02 86.88 42.42
CA GLU F 157 -18.86 86.64 43.84
C GLU F 157 -19.29 87.81 44.70
N SER F 158 -19.79 88.89 44.10
CA SER F 158 -20.21 90.05 44.86
C SER F 158 -21.45 89.73 45.67
N PRO F 159 -21.67 90.41 46.80
CA PRO F 159 -22.89 90.18 47.58
C PRO F 159 -24.16 90.68 46.92
N LYS F 160 -24.08 91.29 45.75
CA LYS F 160 -25.28 91.56 44.98
C LYS F 160 -25.92 90.26 44.51
N TYR F 161 -25.13 89.23 44.24
CA TYR F 161 -25.60 88.04 43.56
C TYR F 161 -25.79 86.87 44.52
N THR F 162 -25.93 87.14 45.81
CA THR F 162 -26.02 86.10 46.82
C THR F 162 -27.26 85.26 46.64
N LYS F 163 -28.35 85.90 46.22
CA LYS F 163 -29.57 85.16 45.96
C LYS F 163 -29.43 84.28 44.73
N TRP F 164 -28.68 84.75 43.72
CA TRP F 164 -28.45 83.97 42.52
C TRP F 164 -27.62 82.74 42.80
N ARG F 165 -26.56 82.88 43.59
CA ARG F 165 -25.78 81.70 43.94
C ARG F 165 -26.54 80.82 44.92
N SER F 166 -27.54 81.38 45.59
CA SER F 166 -28.42 80.50 46.32
C SER F 166 -29.40 79.81 45.38
N LEU F 167 -29.57 80.33 44.16
CA LEU F 167 -30.53 79.74 43.24
C LEU F 167 -29.91 78.60 42.43
N ARG F 168 -28.66 78.74 42.01
CA ARG F 168 -28.03 77.68 41.24
C ARG F 168 -27.86 76.40 42.02
N GLU F 169 -27.59 76.49 43.31
CA GLU F 169 -27.37 75.30 44.10
C GLU F 169 -28.66 74.59 44.44
N SER F 170 -29.81 75.17 44.15
CA SER F 170 -31.06 74.51 44.47
C SER F 170 -31.27 73.32 43.54
N GLU F 171 -32.02 72.35 44.01
CA GLU F 171 -32.22 71.14 43.22
C GLU F 171 -33.23 71.32 42.11
N ASP F 172 -33.92 72.45 42.04
CA ASP F 172 -34.85 72.71 40.95
C ASP F 172 -34.24 73.54 39.83
N ALA F 173 -32.94 73.78 39.85
CA ALA F 173 -32.35 74.54 38.77
C ALA F 173 -32.02 73.68 37.56
N ARG F 174 -32.42 72.42 37.56
CA ARG F 174 -32.38 71.65 36.31
C ARG F 174 -33.38 72.16 35.29
N TYR F 175 -34.42 72.84 35.74
CA TYR F 175 -35.56 73.14 34.90
C TYR F 175 -35.58 74.58 34.43
N LEU F 176 -34.52 75.34 34.67
CA LEU F 176 -34.42 76.71 34.19
C LEU F 176 -33.28 76.81 33.22
N GLY F 177 -33.42 77.71 32.26
CA GLY F 177 -32.28 78.05 31.44
C GLY F 177 -32.40 79.51 31.09
N LEU F 178 -31.38 80.30 31.41
CA LEU F 178 -31.42 81.71 31.11
C LEU F 178 -30.47 81.99 29.97
N THR F 179 -30.94 82.73 28.98
CA THR F 179 -30.17 82.88 27.76
C THR F 179 -29.55 84.26 27.67
N ALA F 180 -28.32 84.28 27.16
CA ALA F 180 -27.46 85.43 26.91
C ALA F 180 -27.78 85.91 25.49
N PRO F 181 -27.01 86.83 24.87
CA PRO F 181 -27.60 88.08 24.37
C PRO F 181 -28.66 87.92 23.29
N ARG F 182 -29.41 89.00 23.10
CA ARG F 182 -30.59 89.03 22.24
C ARG F 182 -30.15 89.10 20.78
N PHE F 183 -31.10 89.25 19.84
CA PHE F 183 -30.73 89.37 18.45
C PHE F 183 -31.79 90.16 17.68
N LEU F 184 -31.41 90.59 16.48
CA LEU F 184 -32.27 91.43 15.67
C LEU F 184 -33.49 90.69 15.14
N LEU F 185 -34.61 91.39 15.06
CA LEU F 185 -35.77 90.85 14.38
C LEU F 185 -35.96 91.43 12.99
N ARG F 186 -35.60 92.69 12.81
CA ARG F 186 -36.08 93.48 11.70
C ARG F 186 -34.96 94.37 11.17
N VAL F 187 -34.75 94.33 9.87
CA VAL F 187 -33.83 95.25 9.21
C VAL F 187 -34.37 96.67 9.41
N PRO F 188 -33.53 97.62 9.84
CA PRO F 188 -33.97 99.01 9.89
C PRO F 188 -34.28 99.52 8.49
N TYR F 189 -35.29 100.39 8.42
CA TYR F 189 -35.90 100.78 7.16
C TYR F 189 -34.99 101.65 6.32
N ASP F 190 -35.32 101.74 5.03
CA ASP F 190 -34.45 102.30 4.08
C ASP F 190 -35.39 102.50 2.90
N PRO F 191 -35.11 103.39 1.96
CA PRO F 191 -35.96 103.49 0.77
C PRO F 191 -35.91 102.25 -0.10
N ILE F 192 -34.76 101.61 -0.15
CA ILE F 192 -34.55 100.48 -1.04
C ILE F 192 -34.65 99.15 -0.30
N GLU F 193 -33.95 99.01 0.83
CA GLU F 193 -33.70 97.71 1.42
C GLU F 193 -34.93 97.12 2.11
N ASN F 194 -35.77 97.93 2.69
CA ASN F 194 -37.01 97.41 3.25
C ASN F 194 -38.03 98.53 3.14
N PRO F 195 -38.67 98.68 2.00
CA PRO F 195 -39.38 99.92 1.70
C PRO F 195 -40.74 99.99 2.37
N VAL F 196 -41.30 101.20 2.33
CA VAL F 196 -42.63 101.48 2.83
C VAL F 196 -43.45 102.04 1.67
N LYS F 197 -44.76 101.84 1.75
CA LYS F 197 -45.63 102.25 0.67
C LYS F 197 -46.03 103.71 0.80
N SER F 198 -46.05 104.40 -0.34
CA SER F 198 -46.55 105.76 -0.53
C SER F 198 -45.80 106.81 0.28
N PHE F 199 -44.58 106.50 0.72
CA PHE F 199 -43.80 107.44 1.51
C PHE F 199 -42.32 107.13 1.42
N ASN F 200 -41.48 108.16 1.56
CA ASN F 200 -40.03 107.98 1.62
C ASN F 200 -39.59 108.08 3.09
N TYR F 201 -39.26 106.91 3.64
CA TYR F 201 -38.79 106.82 5.02
C TYR F 201 -37.39 106.25 5.10
N ALA F 202 -36.54 106.89 5.88
CA ALA F 202 -35.16 106.45 6.09
C ALA F 202 -34.88 106.46 7.59
N GLU F 203 -34.86 105.28 8.19
CA GLU F 203 -34.75 105.19 9.63
C GLU F 203 -33.33 105.54 10.06
N ASN F 204 -33.21 106.69 10.73
CA ASN F 204 -31.92 107.21 11.16
C ASN F 204 -31.64 106.60 12.52
N VAL F 205 -31.01 105.44 12.52
CA VAL F 205 -30.62 104.81 13.77
C VAL F 205 -29.30 105.42 14.22
N SER F 206 -29.24 105.86 15.47
CA SER F 206 -28.07 106.52 16.03
C SER F 206 -26.99 105.54 16.41
N ALA F 207 -26.02 106.00 17.19
CA ALA F 207 -25.01 105.12 17.77
C ALA F 207 -25.56 104.28 18.92
N SER F 208 -26.59 104.76 19.62
CA SER F 208 -27.18 104.01 20.72
C SER F 208 -27.99 102.88 20.13
N HIS F 209 -27.62 101.64 20.46
CA HIS F 209 -28.20 100.51 19.75
C HIS F 209 -29.51 100.04 20.34
N GLU F 210 -30.14 100.81 21.21
CA GLU F 210 -31.49 100.45 21.60
C GLU F 210 -32.51 100.77 20.53
N HIS F 211 -32.12 101.49 19.48
CA HIS F 211 -33.07 101.89 18.48
C HIS F 211 -33.44 100.75 17.55
N TYR F 212 -32.58 99.75 17.44
CA TYR F 212 -32.94 98.52 16.76
C TYR F 212 -34.07 97.81 17.50
N LEU F 213 -34.78 96.96 16.79
CA LEU F 213 -35.80 96.12 17.43
C LEU F 213 -35.13 94.84 17.87
N TRP F 214 -34.90 94.71 19.17
CA TRP F 214 -34.29 93.48 19.67
C TRP F 214 -35.34 92.49 20.13
N GLY F 215 -35.22 91.26 19.64
CA GLY F 215 -36.16 90.24 20.04
C GLY F 215 -35.58 89.36 21.10
N ASN F 216 -36.38 88.48 21.68
CA ASN F 216 -35.90 87.62 22.74
C ASN F 216 -35.16 86.44 22.13
N THR F 217 -34.16 85.93 22.87
CA THR F 217 -33.41 84.77 22.43
C THR F 217 -34.22 83.50 22.64
N ALA F 218 -35.06 83.50 23.68
CA ALA F 218 -35.75 82.28 24.10
C ALA F 218 -36.72 81.80 23.04
N PHE F 219 -37.20 82.71 22.20
CA PHE F 219 -37.94 82.31 21.02
C PHE F 219 -37.08 81.53 20.06
N ALA F 220 -35.84 81.97 19.81
CA ALA F 220 -34.99 81.26 18.86
C ALA F 220 -34.62 79.88 19.40
N PHE F 221 -34.36 79.82 20.71
CA PHE F 221 -34.12 78.54 21.36
C PHE F 221 -35.36 77.64 21.26
N ALA F 222 -36.53 78.25 21.27
CA ALA F 222 -37.75 77.47 21.12
C ALA F 222 -37.94 76.98 19.70
N THR F 223 -37.44 77.72 18.70
CA THR F 223 -37.43 77.20 17.34
C THR F 223 -36.54 76.00 17.26
N ARG F 224 -35.44 75.98 18.02
CA ARG F 224 -34.57 74.82 17.96
C ARG F 224 -35.18 73.61 18.67
N LEU F 225 -35.92 73.83 19.76
CA LEU F 225 -36.62 72.71 20.39
C LEU F 225 -37.70 72.14 19.48
N THR F 226 -38.56 73.00 18.93
CA THR F 226 -39.72 72.50 18.19
C THR F 226 -39.29 71.93 16.84
N ASP F 227 -38.28 72.51 16.22
CA ASP F 227 -37.78 71.94 14.97
C ASP F 227 -37.09 70.60 15.20
N SER F 228 -36.34 70.48 16.29
CA SER F 228 -35.70 69.20 16.58
C SER F 228 -36.74 68.14 16.86
N PHE F 229 -37.85 68.52 17.49
CA PHE F 229 -38.92 67.57 17.74
C PHE F 229 -39.65 67.21 16.46
N ALA F 230 -39.75 68.16 15.52
CA ALA F 230 -40.43 67.88 14.27
C ALA F 230 -39.61 66.95 13.40
N LYS F 231 -38.29 67.05 13.49
CA LYS F 231 -37.49 66.10 12.73
C LYS F 231 -37.47 64.73 13.41
N TYR F 232 -37.23 64.69 14.71
CA TYR F 232 -36.74 63.47 15.34
C TYR F 232 -37.57 62.94 16.49
N ARG F 233 -38.72 63.54 16.78
CA ARG F 233 -39.64 63.13 17.86
C ARG F 233 -39.00 63.17 19.25
N TRP F 234 -37.93 63.92 19.42
CA TRP F 234 -37.30 64.14 20.71
C TRP F 234 -36.69 65.51 20.67
N CYS F 235 -36.12 65.96 21.78
CA CYS F 235 -35.36 67.20 21.77
C CYS F 235 -33.98 67.09 22.42
N PRO F 236 -33.06 66.24 21.89
CA PRO F 236 -31.69 66.36 22.40
C PRO F 236 -30.79 67.16 21.48
N ASN F 237 -31.29 67.53 20.29
CA ASN F 237 -30.43 68.08 19.26
C ASN F 237 -30.62 69.58 19.15
N ILE F 238 -30.02 70.29 20.10
CA ILE F 238 -30.11 71.75 20.10
C ILE F 238 -28.75 72.40 20.33
N ILE F 239 -27.67 71.65 20.17
CA ILE F 239 -26.39 72.10 20.71
C ILE F 239 -25.23 72.19 19.73
N GLY F 240 -25.46 72.56 18.49
CA GLY F 240 -24.35 72.63 17.59
C GLY F 240 -24.56 73.48 16.36
N PRO F 241 -23.48 73.78 15.67
CA PRO F 241 -23.63 74.33 14.32
C PRO F 241 -24.17 73.32 13.33
N GLN F 242 -24.00 72.03 13.62
CA GLN F 242 -24.49 71.00 12.72
C GLN F 242 -25.37 69.96 13.38
N SER F 243 -25.33 69.85 14.70
CA SER F 243 -26.11 68.80 15.35
C SER F 243 -27.58 69.16 15.44
N GLY F 244 -27.91 70.42 15.22
CA GLY F 244 -29.30 70.81 15.17
C GLY F 244 -29.55 72.19 15.72
N GLY F 245 -28.58 72.71 16.46
CA GLY F 245 -28.80 73.96 17.16
C GLY F 245 -28.56 75.20 16.32
N ALA F 246 -28.31 75.04 15.04
CA ALA F 246 -27.98 76.18 14.20
C ALA F 246 -29.23 77.00 13.93
N VAL F 247 -29.21 78.26 14.35
CA VAL F 247 -30.28 79.20 14.03
C VAL F 247 -29.83 79.98 12.81
N GLU F 248 -30.46 79.72 11.68
CA GLU F 248 -30.06 80.34 10.43
C GLU F 248 -30.87 81.59 10.16
N ASP F 249 -30.48 82.30 9.11
CA ASP F 249 -31.22 83.42 8.54
C ASP F 249 -31.42 84.56 9.53
N LEU F 250 -30.36 85.23 9.91
CA LEU F 250 -30.57 86.44 10.70
C LEU F 250 -30.39 87.69 9.85
N PRO F 251 -31.12 88.76 10.16
CA PRO F 251 -31.02 89.97 9.35
C PRO F 251 -29.73 90.72 9.62
N VAL F 252 -29.17 91.30 8.56
CA VAL F 252 -27.95 92.08 8.64
C VAL F 252 -28.30 93.54 8.44
N HIS F 253 -27.34 94.40 8.74
CA HIS F 253 -27.56 95.83 8.51
C HIS F 253 -26.19 96.45 8.19
N VAL F 254 -25.88 96.52 6.90
CA VAL F 254 -24.62 97.12 6.48
C VAL F 254 -24.77 98.63 6.51
N PHE F 255 -23.99 99.28 7.36
CA PHE F 255 -24.12 100.72 7.50
C PHE F 255 -22.75 101.36 7.50
N GLU F 256 -22.70 102.63 7.12
CA GLU F 256 -21.44 103.32 6.91
C GLU F 256 -20.76 103.65 8.24
N SER F 257 -19.54 103.15 8.39
CA SER F 257 -18.74 103.36 9.59
C SER F 257 -17.88 104.62 9.38
N MET F 258 -16.80 104.83 10.12
CA MET F 258 -15.92 105.98 9.92
C MET F 258 -15.11 105.84 8.63
N GLY F 259 -15.77 106.04 7.49
CA GLY F 259 -15.13 105.93 6.20
C GLY F 259 -15.32 104.61 5.51
N ALA F 260 -15.45 103.52 6.24
CA ALA F 260 -15.59 102.20 5.64
C ALA F 260 -16.99 101.66 5.88
N LEU F 261 -17.24 100.47 5.36
CA LEU F 261 -18.46 99.74 5.68
C LEU F 261 -18.15 98.78 6.81
N GLN F 262 -19.19 98.43 7.56
CA GLN F 262 -19.12 97.32 8.49
C GLN F 262 -20.51 96.76 8.67
N SER F 263 -20.57 95.49 9.02
CA SER F 263 -21.83 94.82 9.30
C SER F 263 -22.19 95.03 10.75
N LYS F 264 -23.37 95.57 11.01
CA LYS F 264 -23.86 95.54 12.38
C LYS F 264 -24.23 94.12 12.73
N ILE F 265 -23.70 93.64 13.84
CA ILE F 265 -23.81 92.23 14.19
C ILE F 265 -25.25 91.93 14.56
N PRO F 266 -25.82 90.82 14.11
CA PRO F 266 -27.22 90.51 14.44
C PRO F 266 -27.44 90.25 15.91
N THR F 267 -26.55 89.53 16.58
CA THR F 267 -26.54 89.55 18.02
C THR F 267 -25.84 90.83 18.45
N GLU F 268 -25.93 91.16 19.73
CA GLU F 268 -25.35 92.43 20.16
C GLU F 268 -23.84 92.41 20.11
N VAL F 269 -23.23 91.27 20.40
CA VAL F 269 -21.79 91.15 20.35
C VAL F 269 -21.40 89.86 19.63
N LEU F 270 -20.16 89.85 19.17
CA LEU F 270 -19.47 88.65 18.73
C LEU F 270 -18.81 88.07 19.98
N ILE F 271 -19.45 87.07 20.56
CA ILE F 271 -18.89 86.45 21.75
C ILE F 271 -17.73 85.56 21.35
N THR F 272 -16.54 85.88 21.84
CA THR F 272 -15.39 85.02 21.60
C THR F 272 -15.53 83.74 22.41
N ASP F 273 -14.78 82.72 21.99
CA ASP F 273 -15.08 81.36 22.45
C ASP F 273 -14.72 81.15 23.91
N ARG F 274 -13.73 81.87 24.41
CA ARG F 274 -13.46 81.84 25.84
C ARG F 274 -14.62 82.46 26.61
N LYS F 275 -15.20 83.53 26.08
CA LYS F 275 -16.34 84.14 26.73
C LYS F 275 -17.56 83.25 26.65
N GLU F 276 -17.66 82.46 25.58
CA GLU F 276 -18.77 81.52 25.47
C GLU F 276 -18.65 80.41 26.48
N PHE F 277 -17.44 79.86 26.64
CA PHE F 277 -17.28 78.77 27.60
C PHE F 277 -17.48 79.26 29.02
N GLU F 278 -17.16 80.53 29.27
CA GLU F 278 -17.44 81.08 30.59
C GLU F 278 -18.94 81.24 30.81
N LEU F 279 -19.67 81.71 29.80
CA LEU F 279 -21.11 81.78 29.94
C LEU F 279 -21.74 80.40 30.03
N ALA F 280 -21.07 79.39 29.49
CA ALA F 280 -21.59 78.04 29.61
C ALA F 280 -21.35 77.49 31.01
N GLU F 281 -20.24 77.89 31.64
CA GLU F 281 -20.00 77.42 32.99
C GLU F 281 -20.87 78.13 34.00
N GLU F 282 -21.36 79.32 33.68
CA GLU F 282 -22.21 80.04 34.60
C GLU F 282 -23.67 79.66 34.47
N GLY F 283 -23.98 78.72 33.58
CA GLY F 283 -25.36 78.31 33.39
C GLY F 283 -26.16 79.13 32.41
N PHE F 284 -25.53 79.71 31.41
CA PHE F 284 -26.20 80.54 30.45
C PHE F 284 -26.06 79.92 29.06
N ILE F 285 -27.03 80.20 28.19
CA ILE F 285 -27.04 79.69 26.83
C ILE F 285 -26.59 80.84 25.93
N ALA F 286 -25.38 80.77 25.44
CA ALA F 286 -24.81 81.88 24.69
C ALA F 286 -25.17 81.74 23.22
N LEU F 287 -26.01 82.63 22.73
CA LEU F 287 -26.25 82.72 21.30
C LEU F 287 -25.02 83.34 20.66
N THR F 288 -24.23 82.53 19.95
CA THR F 288 -22.97 82.99 19.39
C THR F 288 -23.10 83.29 17.90
N MET F 289 -22.72 84.49 17.53
CA MET F 289 -22.73 84.90 16.14
C MET F 289 -21.54 84.25 15.44
N ARG F 290 -21.77 83.78 14.23
CA ARG F 290 -20.68 83.32 13.38
C ARG F 290 -20.17 84.48 12.54
N LYS F 291 -18.95 84.93 12.82
CA LYS F 291 -18.40 86.14 12.24
C LYS F 291 -18.28 86.04 10.74
N GLY F 292 -18.75 87.06 10.04
CA GLY F 292 -18.70 87.08 8.60
C GLY F 292 -19.86 86.38 7.94
N SER F 293 -20.83 85.93 8.72
CA SER F 293 -22.01 85.30 8.15
C SER F 293 -23.23 86.05 8.65
N ASP F 294 -24.40 85.49 8.39
CA ASP F 294 -25.65 85.95 8.97
C ASP F 294 -26.29 84.83 9.78
N ASN F 295 -25.48 83.93 10.31
CA ASN F 295 -25.94 82.73 10.96
C ASN F 295 -25.41 82.71 12.39
N ALA F 296 -26.15 82.10 13.28
CA ALA F 296 -25.74 82.04 14.68
C ALA F 296 -25.92 80.62 15.19
N ALA F 297 -25.37 80.36 16.38
CA ALA F 297 -25.39 79.00 16.88
C ALA F 297 -25.31 78.98 18.39
N PHE F 298 -25.90 77.95 18.97
CA PHE F 298 -25.76 77.61 20.38
C PHE F 298 -24.62 76.61 20.49
N PHE F 299 -23.46 77.06 20.93
CA PHE F 299 -22.40 76.10 21.20
C PHE F 299 -22.66 75.29 22.45
N SER F 300 -23.55 75.75 23.31
CA SER F 300 -23.79 75.09 24.58
C SER F 300 -25.21 75.43 25.04
N ALA F 301 -25.82 74.50 25.76
CA ALA F 301 -27.15 74.70 26.30
C ALA F 301 -27.20 74.17 27.72
N ASN F 302 -26.27 74.60 28.57
CA ASN F 302 -26.33 74.23 29.97
C ASN F 302 -27.55 74.83 30.66
N SER F 303 -27.94 74.24 31.79
CA SER F 303 -28.96 74.80 32.64
C SER F 303 -28.31 75.48 33.84
N ILE F 304 -29.13 75.92 34.78
CA ILE F 304 -28.66 76.83 35.82
C ILE F 304 -27.80 76.12 36.85
N GLN F 305 -28.08 74.85 37.13
CA GLN F 305 -27.59 74.22 38.35
C GLN F 305 -26.09 74.01 38.33
N LYS F 306 -25.45 74.39 39.40
CA LYS F 306 -24.01 74.34 39.52
C LYS F 306 -23.55 72.90 39.53
N PRO F 307 -22.66 72.54 38.62
CA PRO F 307 -22.19 71.16 38.56
C PRO F 307 -21.33 70.87 39.78
N LYS F 308 -21.71 69.84 40.53
CA LYS F 308 -21.06 69.54 41.79
C LYS F 308 -19.66 69.00 41.60
N VAL F 309 -18.84 69.12 42.65
CA VAL F 309 -17.51 68.53 42.72
C VAL F 309 -17.52 67.43 43.77
N PHE F 310 -17.10 66.24 43.37
CA PHE F 310 -17.04 65.08 44.26
C PHE F 310 -15.58 64.68 44.44
N PRO F 311 -15.24 63.87 45.45
CA PRO F 311 -13.84 63.48 45.62
C PRO F 311 -13.33 62.67 44.45
N ASN F 312 -12.03 62.78 44.18
CA ASN F 312 -11.45 62.15 43.00
C ASN F 312 -11.10 60.69 43.29
N THR F 313 -12.15 59.88 43.42
CA THR F 313 -12.02 58.44 43.46
C THR F 313 -12.77 57.89 42.25
N LYS F 314 -12.94 56.57 42.23
CA LYS F 314 -13.72 55.95 41.15
C LYS F 314 -15.19 56.27 41.30
N GLU F 315 -15.74 56.05 42.49
CA GLU F 315 -17.14 56.34 42.76
C GLU F 315 -17.42 57.84 42.67
N GLY F 316 -16.43 58.66 43.03
CA GLY F 316 -16.61 60.10 42.93
C GLY F 316 -16.73 60.58 41.50
N LYS F 317 -15.95 60.00 40.60
CA LYS F 317 -16.07 60.44 39.22
C LYS F 317 -17.32 59.88 38.57
N GLU F 318 -17.81 58.72 39.02
CA GLU F 318 -19.11 58.28 38.51
C GLU F 318 -20.23 59.21 38.97
N ALA F 319 -20.17 59.64 40.23
CA ALA F 319 -21.26 60.47 40.73
C ALA F 319 -21.18 61.88 40.15
N GLU F 320 -19.98 62.37 39.87
CA GLU F 320 -19.88 63.63 39.12
C GLU F 320 -20.39 63.47 37.70
N THR F 321 -20.14 62.30 37.09
CA THR F 321 -20.60 62.07 35.73
C THR F 321 -22.11 62.10 35.66
N ASN F 322 -22.76 61.49 36.65
CA ASN F 322 -24.20 61.49 36.66
C ASN F 322 -24.73 62.88 36.94
N TYR F 323 -24.00 63.62 37.78
CA TYR F 323 -24.51 64.92 38.17
C TYR F 323 -24.32 65.95 37.08
N LYS F 324 -23.35 65.77 36.20
CA LYS F 324 -23.26 66.68 35.07
C LYS F 324 -24.12 66.21 33.91
N LEU F 325 -24.53 64.94 33.89
CA LEU F 325 -25.57 64.58 32.93
C LEU F 325 -26.91 65.17 33.31
N GLY F 326 -27.17 65.29 34.62
CA GLY F 326 -28.46 65.76 35.03
C GLY F 326 -28.69 67.24 34.75
N THR F 327 -27.62 68.02 34.72
CA THR F 327 -27.82 69.46 34.73
C THR F 327 -27.71 70.10 33.36
N GLN F 328 -27.90 69.37 32.28
CA GLN F 328 -27.87 69.97 30.95
C GLN F 328 -29.16 69.68 30.22
N LEU F 329 -29.73 70.71 29.61
CA LEU F 329 -31.03 70.57 28.95
C LEU F 329 -31.14 69.53 27.84
N PRO F 330 -30.15 69.27 26.97
CA PRO F 330 -30.36 68.22 25.96
C PRO F 330 -30.40 66.81 26.51
N TYR F 331 -30.30 66.63 27.82
CA TYR F 331 -30.59 65.35 28.45
C TYR F 331 -31.85 65.42 29.27
N MET F 332 -32.14 66.59 29.85
CA MET F 332 -33.38 66.73 30.58
C MET F 332 -34.58 66.75 29.66
N MET F 333 -34.39 67.04 28.38
CA MET F 333 -35.51 66.88 27.48
C MET F 333 -35.79 65.41 27.21
N ILE F 334 -34.74 64.59 27.22
CA ILE F 334 -34.94 63.15 27.13
C ILE F 334 -35.71 62.62 28.34
N ILE F 335 -35.32 63.08 29.53
CA ILE F 335 -36.02 62.59 30.72
C ILE F 335 -37.41 63.21 30.84
N ASN F 336 -37.61 64.39 30.28
CA ASN F 336 -38.96 64.94 30.25
C ASN F 336 -39.87 64.12 29.34
N ARG F 337 -39.36 63.69 28.18
CA ARG F 337 -40.21 62.91 27.30
C ARG F 337 -40.46 61.50 27.83
N LEU F 338 -39.49 60.94 28.55
CA LEU F 338 -39.77 59.68 29.21
C LEU F 338 -40.75 59.84 30.36
N ALA F 339 -40.69 60.96 31.07
CA ALA F 339 -41.64 61.16 32.15
C ALA F 339 -43.04 61.34 31.61
N HIS F 340 -43.16 61.98 30.45
CA HIS F 340 -44.46 62.17 29.85
C HIS F 340 -45.04 60.87 29.32
N TYR F 341 -44.21 60.06 28.64
CA TYR F 341 -44.73 58.79 28.15
C TYR F 341 -45.03 57.83 29.30
N VAL F 342 -44.27 57.90 30.38
CA VAL F 342 -44.51 57.00 31.50
C VAL F 342 -45.80 57.38 32.22
N LYS F 343 -46.06 58.67 32.38
CA LYS F 343 -47.33 59.09 32.96
C LYS F 343 -48.50 58.72 32.07
N VAL F 344 -48.42 59.11 30.80
CA VAL F 344 -49.58 59.00 29.92
C VAL F 344 -49.88 57.55 29.57
N LEU F 345 -48.85 56.75 29.31
CA LEU F 345 -49.10 55.34 29.06
C LEU F 345 -49.38 54.56 30.32
N GLN F 346 -48.73 54.89 31.43
CA GLN F 346 -48.98 54.11 32.64
C GLN F 346 -50.21 54.61 33.40
N ARG F 347 -51.02 55.48 32.79
CA ARG F 347 -52.38 55.61 33.31
C ARG F 347 -53.33 54.66 32.61
N GLU F 348 -52.94 54.12 31.47
CA GLU F 348 -53.86 53.24 30.76
C GLU F 348 -53.79 51.81 31.27
N GLN F 349 -52.87 51.52 32.17
CA GLN F 349 -52.76 50.17 32.69
C GLN F 349 -53.33 50.02 34.10
N ILE F 350 -53.83 51.10 34.69
CA ILE F 350 -54.46 50.99 36.00
C ILE F 350 -55.71 50.13 35.87
N GLY F 351 -55.68 48.97 36.48
CA GLY F 351 -56.77 48.02 36.36
C GLY F 351 -56.43 46.81 35.54
N ALA F 352 -55.19 46.63 35.15
CA ALA F 352 -54.83 45.39 34.50
C ALA F 352 -54.18 44.45 35.51
N TRP F 353 -54.38 43.15 35.29
CA TRP F 353 -53.87 42.12 36.20
C TRP F 353 -52.36 42.07 36.05
N LYS F 354 -51.67 42.81 36.91
CA LYS F 354 -50.23 42.94 36.83
C LYS F 354 -49.59 42.41 38.09
N GLU F 355 -48.49 41.71 37.93
CA GLU F 355 -47.62 41.41 39.06
C GLU F 355 -46.39 42.29 39.00
N ARG F 356 -45.42 41.99 39.87
CA ARG F 356 -44.17 42.74 39.90
C ARG F 356 -43.36 42.50 38.64
N GLN F 357 -43.05 41.24 38.36
CA GLN F 357 -42.32 40.88 37.16
C GLN F 357 -43.10 41.18 35.89
N ASP F 358 -44.41 41.38 35.99
CA ASP F 358 -45.14 41.94 34.87
C ASP F 358 -44.65 43.34 34.54
N LEU F 359 -44.44 44.18 35.56
CA LEU F 359 -43.93 45.51 35.27
C LEU F 359 -42.49 45.47 34.83
N GLU F 360 -41.71 44.50 35.32
CA GLU F 360 -40.35 44.39 34.79
C GLU F 360 -40.37 44.02 33.31
N ARG F 361 -41.25 43.11 32.94
CA ARG F 361 -41.26 42.64 31.56
C ARG F 361 -41.86 43.69 30.64
N GLU F 362 -42.91 44.36 31.09
CA GLU F 362 -43.58 45.31 30.19
C GLU F 362 -42.82 46.62 30.11
N LEU F 363 -42.13 47.01 31.17
CA LEU F 363 -41.32 48.22 31.04
C LEU F 363 -40.03 47.94 30.28
N ASN F 364 -39.45 46.75 30.44
CA ASN F 364 -38.23 46.46 29.68
C ASN F 364 -38.52 46.30 28.21
N SER F 365 -39.63 45.63 27.88
CA SER F 365 -40.03 45.58 26.47
C SER F 365 -40.59 46.92 26.02
N TRP F 366 -40.97 47.78 26.95
CA TRP F 366 -41.39 49.13 26.57
C TRP F 366 -40.20 49.99 26.22
N ILE F 367 -39.08 49.77 26.89
CA ILE F 367 -37.94 50.67 26.76
C ILE F 367 -36.91 50.09 25.80
N LYS F 368 -37.09 48.84 25.35
CA LYS F 368 -36.27 48.36 24.24
C LYS F 368 -36.65 49.02 22.93
N GLN F 369 -37.77 49.75 22.92
CA GLN F 369 -38.07 50.69 21.85
C GLN F 369 -37.00 51.76 21.72
N TYR F 370 -36.44 52.23 22.82
CA TYR F 370 -35.59 53.41 22.79
C TYR F 370 -34.13 53.10 23.03
N VAL F 371 -33.71 51.86 22.91
CA VAL F 371 -32.32 51.50 23.15
C VAL F 371 -31.64 51.30 21.81
N ALA F 372 -30.53 52.01 21.59
CA ALA F 372 -29.75 51.83 20.38
C ALA F 372 -28.36 51.38 20.81
N ASP F 373 -28.20 50.07 21.02
CA ASP F 373 -26.98 49.54 21.64
C ASP F 373 -26.15 48.71 20.69
N GLN F 374 -26.10 49.09 19.43
CA GLN F 374 -25.22 48.40 18.50
C GLN F 374 -23.79 48.89 18.65
N GLU F 375 -22.95 48.51 17.71
CA GLU F 375 -21.54 48.87 17.82
C GLU F 375 -21.33 50.33 17.49
N ASN F 376 -21.93 50.79 16.41
CA ASN F 376 -21.68 52.14 15.96
C ASN F 376 -22.87 52.64 15.18
N PRO F 377 -23.92 53.13 15.85
CA PRO F 377 -25.07 53.61 15.11
C PRO F 377 -24.78 54.97 14.52
N PRO F 378 -25.31 55.27 13.34
CA PRO F 378 -25.10 56.60 12.75
C PRO F 378 -25.89 57.66 13.48
N ALA F 379 -25.75 58.91 13.01
CA ALA F 379 -26.22 60.05 13.79
C ALA F 379 -27.73 60.11 13.87
N ASP F 380 -28.43 59.61 12.85
CA ASP F 380 -29.88 59.71 12.84
C ASP F 380 -30.51 58.72 13.80
N VAL F 381 -30.02 57.48 13.81
CA VAL F 381 -30.57 56.46 14.69
C VAL F 381 -30.23 56.79 16.14
N ARG F 382 -29.10 57.44 16.37
CA ARG F 382 -28.86 58.03 17.68
C ARG F 382 -29.80 59.19 17.94
N SER F 383 -30.24 59.89 16.90
CA SER F 383 -31.07 61.06 17.14
C SER F 383 -32.49 60.66 17.53
N ARG F 384 -32.97 59.54 17.03
CA ARG F 384 -34.34 59.16 17.33
C ARG F 384 -34.46 58.02 18.34
N ARG F 385 -33.35 57.43 18.75
CA ARG F 385 -33.31 56.47 19.85
C ARG F 385 -32.24 56.94 20.80
N PRO F 386 -32.58 57.82 21.72
CA PRO F 386 -31.52 58.57 22.39
C PRO F 386 -30.78 57.82 23.46
N LEU F 387 -31.42 56.90 24.18
CA LEU F 387 -30.80 56.34 25.37
C LEU F 387 -30.15 54.99 25.03
N ARG F 388 -28.96 54.76 25.56
CA ARG F 388 -28.19 53.60 25.13
C ARG F 388 -28.42 52.41 26.03
N ALA F 389 -28.61 52.62 27.32
CA ALA F 389 -28.89 51.53 28.23
C ALA F 389 -30.09 51.87 29.09
N ALA F 390 -30.74 50.84 29.60
CA ALA F 390 -31.84 51.05 30.52
C ALA F 390 -31.87 49.90 31.50
N ARG F 391 -31.90 50.25 32.78
CA ARG F 391 -31.94 49.28 33.86
C ARG F 391 -33.11 49.60 34.76
N ILE F 392 -34.09 48.70 34.78
CA ILE F 392 -35.36 48.95 35.47
C ILE F 392 -35.47 47.99 36.64
N GLU F 393 -35.76 48.52 37.81
CA GLU F 393 -36.04 47.70 38.97
C GLU F 393 -37.46 47.99 39.44
N VAL F 394 -38.24 46.93 39.61
CA VAL F 394 -39.63 47.05 40.06
C VAL F 394 -39.78 46.34 41.38
N MET F 395 -40.22 47.07 42.40
CA MET F 395 -40.43 46.53 43.73
C MET F 395 -41.83 46.89 44.20
N ASP F 396 -42.28 46.17 45.22
CA ASP F 396 -43.62 46.37 45.76
C ASP F 396 -43.55 47.33 46.93
N VAL F 397 -44.60 48.14 47.09
CA VAL F 397 -44.78 48.85 48.34
C VAL F 397 -45.39 47.84 49.30
N GLU F 398 -44.61 47.42 50.29
CA GLU F 398 -45.03 46.34 51.18
C GLU F 398 -46.17 46.79 52.07
N GLY F 399 -47.18 45.94 52.19
CA GLY F 399 -48.31 46.31 53.00
C GLY F 399 -49.25 47.31 52.36
N ASN F 400 -49.14 47.52 51.06
CA ASN F 400 -50.04 48.40 50.33
C ASN F 400 -50.21 47.81 48.94
N PRO F 401 -51.15 46.89 48.77
CA PRO F 401 -51.03 45.89 47.71
C PRO F 401 -51.33 46.46 46.34
N GLY F 402 -50.62 45.97 45.35
CA GLY F 402 -50.70 46.47 44.01
C GLY F 402 -49.75 47.60 43.70
N TRP F 403 -49.51 48.49 44.65
CA TRP F 403 -48.68 49.66 44.46
C TRP F 403 -47.24 49.26 44.22
N TYR F 404 -46.73 49.56 43.05
CA TYR F 404 -45.42 49.12 42.63
C TYR F 404 -44.47 50.30 42.62
N GLN F 405 -43.19 50.04 42.85
CA GLN F 405 -42.20 51.10 43.03
C GLN F 405 -41.07 50.85 42.04
N VAL F 406 -40.88 51.77 41.11
CA VAL F 406 -40.06 51.53 39.93
C VAL F 406 -38.93 52.54 39.88
N SER F 407 -37.73 52.07 39.61
CA SER F 407 -36.59 52.93 39.32
C SER F 407 -36.17 52.73 37.88
N LEU F 408 -36.31 53.76 37.06
CA LEU F 408 -35.97 53.71 35.65
C LEU F 408 -34.77 54.60 35.42
N SER F 409 -33.63 53.98 35.12
CA SER F 409 -32.36 54.66 34.99
C SER F 409 -31.82 54.50 33.58
N VAL F 410 -31.50 55.60 32.93
CA VAL F 410 -31.07 55.57 31.54
C VAL F 410 -29.66 56.12 31.43
N ARG F 411 -29.00 55.82 30.32
CA ARG F 411 -27.66 56.32 30.01
C ARG F 411 -27.69 56.86 28.59
N PRO F 412 -27.77 58.15 28.40
CA PRO F 412 -27.99 58.70 27.07
C PRO F 412 -26.70 58.66 26.25
N HIS F 413 -26.85 58.93 24.96
CA HIS F 413 -25.68 59.13 24.13
C HIS F 413 -24.99 60.43 24.50
N PHE F 414 -23.70 60.34 24.73
CA PHE F 414 -22.92 61.52 25.05
C PHE F 414 -22.70 62.33 23.79
N LYS F 415 -23.03 63.60 23.86
CA LYS F 415 -22.81 64.47 22.73
C LYS F 415 -21.52 65.26 22.94
N TYR F 416 -20.76 65.43 21.86
CA TYR F 416 -19.38 65.91 21.90
C TYR F 416 -19.34 67.36 22.34
N MET F 417 -18.91 67.61 23.58
CA MET F 417 -18.91 68.97 24.11
C MET F 417 -17.58 69.39 24.71
N GLY F 418 -16.48 69.20 24.00
CA GLY F 418 -15.21 69.76 24.41
C GLY F 418 -14.13 68.72 24.46
N ALA F 419 -12.92 69.15 24.08
CA ALA F 419 -11.77 68.26 24.13
C ALA F 419 -10.52 69.10 24.25
N ASN F 420 -9.46 68.49 24.75
CA ASN F 420 -8.14 69.10 24.78
C ASN F 420 -7.22 68.35 23.85
N PHE F 421 -6.41 69.08 23.09
CA PHE F 421 -5.48 68.47 22.16
C PHE F 421 -4.06 68.85 22.50
N GLU F 422 -3.18 67.86 22.41
CA GLU F 422 -1.75 68.07 22.56
C GLU F 422 -1.07 67.48 21.33
N LEU F 423 -0.28 68.28 20.65
CA LEU F 423 0.41 67.83 19.44
C LEU F 423 1.91 67.81 19.68
N SER F 424 2.61 66.95 18.95
CA SER F 424 4.05 66.83 19.11
C SER F 424 4.70 66.22 17.88
N LEU F 425 5.68 66.92 17.32
CA LEU F 425 6.48 66.32 16.27
C LEU F 425 7.38 65.26 16.89
N VAL F 426 7.59 64.17 16.15
CA VAL F 426 8.49 63.11 16.62
C VAL F 426 8.97 62.34 15.40
N GLY F 427 10.16 61.76 15.51
CA GLY F 427 10.63 60.78 14.56
C GLY F 427 10.21 59.40 15.04
N ARG F 428 10.72 58.36 14.39
CA ARG F 428 10.73 56.98 14.88
C ARG F 428 9.34 56.34 14.98
N LEU F 429 8.27 57.07 14.69
CA LEU F 429 6.93 56.57 14.94
C LEU F 429 6.50 55.57 13.87
N ASP F 430 5.80 54.52 14.31
CA ASP F 430 5.26 53.52 13.40
C ASP F 430 4.11 54.07 12.58
N SER G 1 9.81 82.79 31.62
CA SER G 1 9.21 81.51 31.97
C SER G 1 9.89 80.39 31.21
N LYS G 2 9.54 79.16 31.55
CA LYS G 2 10.11 78.00 30.89
C LYS G 2 9.09 76.98 30.41
N GLU G 3 7.84 77.03 30.86
CA GLU G 3 6.84 76.07 30.46
C GLU G 3 6.01 76.54 29.28
N GLY G 4 6.40 77.65 28.66
CA GLY G 4 5.54 78.20 27.63
C GLY G 4 4.34 78.84 28.29
N SER G 5 3.30 79.01 27.49
CA SER G 5 2.04 79.55 27.98
C SER G 5 0.90 78.93 27.21
N VAL G 6 -0.30 79.07 27.75
CA VAL G 6 -1.51 78.58 27.11
C VAL G 6 -2.51 79.72 27.05
N ALA G 7 -3.55 79.53 26.25
CA ALA G 7 -4.69 80.41 26.27
C ALA G 7 -5.56 80.05 27.47
N PRO G 8 -6.48 80.93 27.87
CA PRO G 8 -7.53 80.48 28.79
C PRO G 8 -8.39 79.44 28.13
N LYS G 9 -8.97 78.55 28.96
CA LYS G 9 -9.57 77.31 28.49
C LYS G 9 -10.82 77.61 27.66
N GLU G 10 -10.90 76.94 26.52
CA GLU G 10 -11.99 77.12 25.58
C GLU G 10 -12.69 75.78 25.41
N ARG G 11 -13.59 75.70 24.43
CA ARG G 11 -14.19 74.43 24.06
C ARG G 11 -13.17 73.45 23.50
N ILE G 12 -12.27 73.94 22.67
CA ILE G 12 -11.25 73.09 22.06
C ILE G 12 -9.89 73.63 22.49
N ASN G 13 -9.24 72.95 23.43
CA ASN G 13 -7.92 73.37 23.90
C ASN G 13 -6.87 72.68 23.05
N ILE G 14 -6.08 73.47 22.34
CA ILE G 14 -4.96 72.94 21.57
C ILE G 14 -3.70 73.63 22.04
N LYS G 15 -2.76 72.85 22.54
CA LYS G 15 -1.45 73.34 22.90
C LYS G 15 -0.43 72.33 22.43
N TYR G 16 0.79 72.77 22.23
CA TYR G 16 1.85 71.88 21.78
C TYR G 16 2.86 71.69 22.88
N ILE G 17 3.17 70.43 23.15
CA ILE G 17 4.17 70.07 24.15
C ILE G 17 5.32 69.39 23.42
N PRO G 18 6.46 69.21 24.06
CA PRO G 18 7.45 68.30 23.49
C PRO G 18 6.92 66.89 23.60
N ALA G 19 6.42 66.39 22.49
CA ALA G 19 5.60 65.19 22.50
C ALA G 19 6.43 63.93 22.51
N THR G 20 7.74 64.04 22.71
CA THR G 20 8.58 62.87 22.85
C THR G 20 8.21 62.08 24.08
N GLY G 21 7.80 62.79 25.14
CA GLY G 21 7.33 62.17 26.36
C GLY G 21 8.43 61.41 27.05
N ASP G 22 9.66 61.87 26.86
CA ASP G 22 10.84 61.13 27.28
C ASP G 22 10.97 61.26 28.80
N ALA G 23 10.28 60.38 29.50
CA ALA G 23 10.55 60.18 30.91
C ALA G 23 11.95 59.61 31.06
N GLN G 24 12.57 59.92 32.21
CA GLN G 24 13.97 59.59 32.52
C GLN G 24 14.90 60.17 31.46
N ALA G 25 14.64 61.42 31.06
CA ALA G 25 15.53 62.18 30.19
C ALA G 25 15.75 63.54 30.81
N GLU G 26 17.01 63.86 31.10
CA GLU G 26 17.37 65.14 31.66
C GLU G 26 18.47 65.75 30.80
N ALA G 27 18.60 67.06 30.85
CA ALA G 27 19.49 67.79 29.98
C ALA G 27 20.72 68.20 30.76
N GLU G 28 21.89 68.03 30.15
CA GLU G 28 23.15 68.49 30.71
C GLU G 28 23.99 69.08 29.59
N VAL G 29 24.71 70.15 29.89
CA VAL G 29 25.71 70.64 28.96
C VAL G 29 26.93 69.75 29.10
N GLU G 30 27.57 69.42 27.98
CA GLU G 30 28.85 68.73 28.05
C GLU G 30 29.85 69.61 28.76
N LEU G 31 30.21 69.20 29.96
CA LEU G 31 30.97 70.05 30.85
C LEU G 31 32.37 70.25 30.29
N PRO G 32 32.89 71.46 30.33
CA PRO G 32 34.22 71.69 29.79
C PRO G 32 35.29 71.12 30.69
N LEU G 33 36.29 70.50 30.07
CA LEU G 33 37.47 70.02 30.79
C LEU G 33 38.35 71.23 31.10
N LYS G 34 37.99 71.95 32.15
CA LYS G 34 38.58 73.25 32.39
C LYS G 34 39.93 73.11 33.05
N THR G 35 40.98 73.09 32.25
CA THR G 35 42.34 72.96 32.76
C THR G 35 42.76 74.29 33.37
N LEU G 36 43.28 74.21 34.59
CA LEU G 36 43.70 75.39 35.31
C LEU G 36 45.22 75.40 35.36
N VAL G 37 45.84 76.01 34.37
CA VAL G 37 47.29 76.08 34.32
C VAL G 37 47.76 77.09 35.35
N VAL G 38 48.56 76.63 36.30
CA VAL G 38 49.08 77.46 37.37
C VAL G 38 50.60 77.45 37.30
N GLY G 39 51.20 78.60 37.07
CA GLY G 39 52.65 78.66 37.00
C GLY G 39 53.12 80.10 37.08
N ASP G 40 54.44 80.23 37.23
CA ASP G 40 55.08 81.54 37.36
C ASP G 40 55.00 82.25 36.01
N PHE G 41 54.20 83.31 35.97
CA PHE G 41 53.88 83.98 34.72
C PHE G 41 54.24 85.46 34.69
N LYS G 42 54.78 85.99 35.78
CA LYS G 42 55.21 87.38 35.83
C LYS G 42 56.53 87.44 36.59
N GLY G 43 57.25 88.53 36.38
CA GLY G 43 58.60 88.59 36.88
C GLY G 43 58.75 88.97 38.34
N HIS G 44 57.67 88.96 39.10
CA HIS G 44 57.72 89.47 40.46
C HIS G 44 56.60 88.87 41.29
N ALA G 45 56.75 89.00 42.59
CA ALA G 45 55.67 88.65 43.50
C ALA G 45 54.66 89.78 43.56
N GLU G 46 53.40 89.42 43.71
CA GLU G 46 52.36 90.41 43.89
C GLU G 46 51.88 90.40 45.34
N GLN G 47 51.69 91.61 45.89
CA GLN G 47 51.24 91.74 47.26
C GLN G 47 49.79 91.32 47.44
N THR G 48 49.04 91.24 46.34
CA THR G 48 47.61 90.95 46.40
C THR G 48 47.42 89.51 46.86
N PRO G 49 46.55 89.26 47.86
CA PRO G 49 46.40 87.91 48.39
C PRO G 49 45.76 86.99 47.37
N LEU G 50 45.88 85.70 47.62
CA LEU G 50 45.61 84.72 46.57
C LEU G 50 44.12 84.61 46.28
N GLU G 51 43.28 84.90 47.27
CA GLU G 51 41.85 84.81 47.04
C GLU G 51 41.31 85.94 46.20
N GLU G 52 42.04 87.04 46.06
CA GLU G 52 41.49 88.21 45.37
C GLU G 52 41.94 88.31 43.92
N ARG G 53 43.12 87.81 43.57
CA ARG G 53 43.53 87.85 42.18
C ARG G 53 42.69 86.88 41.36
N ALA G 54 42.51 87.18 40.08
CA ALA G 54 41.49 86.52 39.29
C ALA G 54 42.09 85.59 38.24
N THR G 55 41.30 84.63 37.81
CA THR G 55 41.69 83.75 36.72
C THR G 55 41.51 84.47 35.39
N VAL G 56 42.31 84.09 34.42
CA VAL G 56 42.31 84.73 33.11
C VAL G 56 41.98 83.68 32.07
N THR G 57 40.84 83.85 31.41
CA THR G 57 40.45 82.94 30.35
C THR G 57 41.35 83.16 29.15
N VAL G 58 41.91 82.07 28.62
CA VAL G 58 42.81 82.12 27.49
C VAL G 58 42.27 81.19 26.42
N ASP G 59 42.12 81.72 25.21
CA ASP G 59 41.94 80.83 24.08
C ASP G 59 42.96 81.19 23.01
N LYS G 60 42.80 80.59 21.84
CA LYS G 60 43.65 80.94 20.72
C LYS G 60 43.33 82.34 20.22
N ASN G 61 42.11 82.81 20.45
CA ASN G 61 41.66 84.04 19.83
C ASN G 61 42.00 85.28 20.63
N ASN G 62 42.46 85.15 21.86
CA ASN G 62 42.92 86.35 22.54
C ASN G 62 44.23 86.16 23.30
N PHE G 63 45.11 85.24 22.88
CA PHE G 63 46.32 84.98 23.64
C PHE G 63 47.27 86.17 23.60
N GLU G 64 47.35 86.84 22.46
CA GLU G 64 48.13 88.07 22.42
C GLU G 64 47.47 89.17 23.23
N ALA G 65 46.15 89.11 23.37
CA ALA G 65 45.49 90.07 24.25
C ALA G 65 45.73 89.72 25.71
N VAL G 66 45.92 88.44 26.01
CA VAL G 66 46.20 88.04 27.39
C VAL G 66 47.62 88.45 27.77
N MET G 67 48.58 88.20 26.89
CA MET G 67 49.93 88.68 27.15
C MET G 67 49.99 90.20 27.12
N ARG G 68 49.08 90.83 26.37
CA ARG G 68 49.05 92.29 26.32
C ARG G 68 48.56 92.87 27.62
N GLU G 69 47.46 92.32 28.16
CA GLU G 69 46.91 92.85 29.39
C GLU G 69 47.70 92.41 30.61
N SER G 70 48.55 91.39 30.46
CA SER G 70 49.27 90.87 31.61
C SER G 70 50.32 91.84 32.11
N GLU G 71 50.82 92.73 31.24
CA GLU G 71 51.85 93.73 31.52
C GLU G 71 53.11 93.08 32.05
N LEU G 72 53.73 92.24 31.23
CA LEU G 72 54.90 91.49 31.60
C LEU G 72 56.08 92.42 31.81
N LYS G 73 57.08 91.96 32.55
CA LYS G 73 58.22 92.78 32.88
C LYS G 73 59.34 91.89 33.37
N ILE G 74 60.57 92.21 32.98
CA ILE G 74 61.78 91.65 33.56
C ILE G 74 62.76 92.79 33.77
N THR G 75 63.25 92.93 35.00
CA THR G 75 64.25 93.94 35.33
C THR G 75 65.41 93.23 36.02
N ALA G 76 66.54 93.13 35.33
CA ALA G 76 67.64 92.32 35.84
C ALA G 76 68.97 92.82 35.32
N THR G 77 70.02 92.06 35.64
CA THR G 77 71.40 92.43 35.37
C THR G 77 72.10 91.26 34.68
N VAL G 78 72.84 91.55 33.61
CA VAL G 78 73.61 90.55 32.89
C VAL G 78 75.07 90.96 32.84
N LYS G 79 75.92 89.99 32.52
CA LYS G 79 77.33 90.28 32.25
C LYS G 79 77.47 90.99 30.91
N ASN G 80 78.25 92.07 30.88
CA ASN G 80 78.40 92.91 29.70
C ASN G 80 79.66 92.50 28.95
N LYS G 81 79.51 92.10 27.69
CA LYS G 81 80.62 91.61 26.88
C LYS G 81 80.88 92.47 25.65
N LEU G 82 80.68 93.78 25.73
CA LEU G 82 81.07 94.68 24.66
C LEU G 82 82.47 95.25 24.86
N THR G 83 83.21 94.74 25.83
CA THR G 83 84.55 95.21 26.13
C THR G 83 85.33 94.06 26.76
N ASP G 84 86.42 94.38 27.45
CA ASP G 84 87.26 93.34 28.02
C ASP G 84 87.35 93.43 29.54
N ASP G 85 86.22 93.61 30.22
CA ASP G 85 86.20 93.77 31.67
C ASP G 85 85.17 92.82 32.26
N GLU G 86 85.55 92.16 33.36
CA GLU G 86 84.65 91.23 34.03
C GLU G 86 83.62 91.94 34.90
N ASN G 87 84.02 93.01 35.58
CA ASN G 87 83.14 93.73 36.48
C ASN G 87 82.10 94.56 35.75
N ALA G 88 82.27 94.79 34.46
CA ALA G 88 81.34 95.59 33.67
C ALA G 88 80.06 94.80 33.50
N GLU G 89 78.96 95.32 34.03
CA GLU G 89 77.68 94.66 33.96
C GLU G 89 76.74 95.53 33.16
N LEU G 90 75.73 94.90 32.56
CA LEU G 90 74.76 95.62 31.77
C LEU G 90 73.39 95.50 32.42
N PRO G 91 72.85 96.56 32.98
CA PRO G 91 71.47 96.51 33.45
C PRO G 91 70.48 96.58 32.29
N VAL G 92 69.46 95.74 32.32
CA VAL G 92 68.43 95.74 31.30
C VAL G 92 67.09 96.03 31.96
N GLU G 93 66.20 96.65 31.19
CA GLU G 93 64.83 96.97 31.61
C GLU G 93 63.93 96.73 30.40
N LEU G 94 63.20 95.64 30.41
CA LEU G 94 62.44 95.22 29.24
C LEU G 94 60.95 95.40 29.45
N ASN G 95 60.21 95.41 28.35
CA ASN G 95 58.75 95.37 28.38
C ASN G 95 58.26 94.44 27.29
N PHE G 96 57.31 93.60 27.65
CA PHE G 96 56.90 92.49 26.80
C PHE G 96 55.41 92.60 26.52
N LYS G 97 55.02 92.34 25.29
CA LYS G 97 53.60 92.39 24.96
C LYS G 97 53.09 91.14 24.26
N SER G 98 53.90 90.48 23.43
CA SER G 98 53.48 89.25 22.78
C SER G 98 54.71 88.40 22.56
N LEU G 99 54.51 87.25 21.89
CA LEU G 99 55.64 86.33 21.75
C LEU G 99 56.60 86.75 20.66
N ALA G 100 56.33 87.85 19.97
CA ALA G 100 57.37 88.45 19.16
C ALA G 100 58.46 89.07 20.02
N ASP G 101 58.12 89.49 21.25
CA ASP G 101 59.04 90.26 22.06
C ASP G 101 60.15 89.42 22.69
N PHE G 102 60.15 88.11 22.50
CA PHE G 102 61.23 87.30 23.02
C PHE G 102 62.30 87.01 21.97
N ALA G 103 62.06 87.45 20.75
CA ALA G 103 63.04 87.32 19.68
C ALA G 103 64.22 88.25 19.93
N PRO G 104 65.39 87.97 19.32
CA PRO G 104 66.51 88.90 19.49
C PRO G 104 66.33 90.22 18.76
N ASP G 105 65.31 90.34 17.91
CA ASP G 105 65.04 91.61 17.27
C ASP G 105 64.50 92.62 18.28
N ALA G 106 63.40 92.28 18.94
CA ALA G 106 62.80 93.19 19.89
C ALA G 106 63.66 93.35 21.13
N VAL G 107 64.37 92.29 21.54
CA VAL G 107 65.32 92.41 22.63
C VAL G 107 66.48 93.30 22.21
N ALA G 108 66.85 93.24 20.93
CA ALA G 108 67.88 94.14 20.43
C ALA G 108 67.38 95.58 20.38
N SER G 109 66.06 95.77 20.30
CA SER G 109 65.53 97.12 20.29
C SER G 109 65.34 97.66 21.71
N GLN G 110 65.09 96.79 22.68
CA GLN G 110 64.74 97.26 24.01
C GLN G 110 65.93 97.47 24.92
N VAL G 111 67.14 97.19 24.47
CA VAL G 111 68.31 97.54 25.25
C VAL G 111 69.12 98.54 24.43
N PRO G 112 69.23 99.80 24.86
CA PRO G 112 69.88 100.83 24.02
C PRO G 112 71.35 100.58 23.78
N GLU G 113 72.02 99.87 24.69
CA GLU G 113 73.42 99.52 24.51
C GLU G 113 73.61 98.48 23.41
N LEU G 114 72.54 97.86 22.95
CA LEU G 114 72.54 97.10 21.72
C LEU G 114 71.88 97.83 20.57
N LYS G 115 70.89 98.68 20.85
CA LYS G 115 70.17 99.38 19.80
C LYS G 115 71.07 100.36 19.05
N LYS G 116 71.98 101.00 19.77
CA LYS G 116 72.94 101.88 19.13
C LYS G 116 73.92 101.11 18.26
N LEU G 117 74.20 99.84 18.60
CA LEU G 117 75.06 99.04 17.75
C LEU G 117 74.33 98.47 16.56
N ILE G 118 73.02 98.24 16.67
CA ILE G 118 72.25 97.85 15.49
C ILE G 118 72.17 99.02 14.52
N GLU G 119 71.94 100.23 15.03
CA GLU G 119 71.88 101.39 14.15
C GLU G 119 73.25 101.71 13.58
N LEU G 120 74.31 101.49 14.35
CA LEU G 120 75.67 101.72 13.85
C LEU G 120 76.02 100.68 12.80
N ARG G 121 75.51 99.47 12.96
CA ARG G 121 75.63 98.46 11.92
C ARG G 121 74.88 98.89 10.67
N GLU G 122 73.74 99.56 10.86
CA GLU G 122 73.00 100.09 9.70
C GLU G 122 73.73 101.27 9.07
N ALA G 123 74.60 101.94 9.82
CA ALA G 123 75.46 102.95 9.23
C ALA G 123 76.60 102.32 8.45
N LEU G 124 77.11 101.17 8.92
CA LEU G 124 78.23 100.54 8.23
C LEU G 124 77.77 99.77 7.00
N VAL G 125 76.54 99.28 6.99
CA VAL G 125 76.05 98.55 5.82
C VAL G 125 75.71 99.51 4.68
N ALA G 126 75.02 100.61 5.01
CA ALA G 126 74.63 101.58 3.98
C ALA G 126 75.83 102.34 3.40
N LEU G 127 76.87 102.56 4.21
CA LEU G 127 78.15 103.17 3.83
C LEU G 127 77.98 104.59 3.26
N ASN H 1 88.82 97.97 0.46
CA ASN H 1 88.03 98.95 1.17
C ASN H 1 86.73 98.33 1.67
N LYS H 2 85.98 97.75 0.74
CA LYS H 2 84.69 97.14 1.06
C LYS H 2 84.87 95.94 1.96
N SER H 3 85.94 95.17 1.74
CA SER H 3 86.19 93.98 2.52
C SER H 3 86.53 94.33 3.96
N LEU H 4 87.14 95.49 4.18
CA LEU H 4 87.39 95.93 5.55
C LEU H 4 86.08 96.32 6.24
N VAL H 5 85.16 96.90 5.49
CA VAL H 5 83.84 97.23 6.04
C VAL H 5 83.10 95.95 6.41
N ASP H 6 83.21 94.91 5.58
CA ASP H 6 82.56 93.64 5.88
C ASP H 6 83.21 92.94 7.07
N GLN H 7 84.53 93.09 7.23
CA GLN H 7 85.19 92.55 8.41
C GLN H 7 84.74 93.27 9.67
N MET H 8 84.48 94.59 9.56
CA MET H 8 83.90 95.31 10.68
C MET H 8 82.46 94.86 10.97
N LEU H 9 81.75 94.43 9.93
CA LEU H 9 80.41 93.88 10.13
C LEU H 9 80.45 92.54 10.84
N VAL H 10 81.44 91.70 10.51
CA VAL H 10 81.55 90.38 11.16
C VAL H 10 81.97 90.55 12.62
N GLU H 11 82.91 91.45 12.90
CA GLU H 11 83.31 91.68 14.29
C GLU H 11 82.20 92.33 15.10
N LEU H 12 81.43 93.23 14.47
CA LEU H 12 80.33 93.87 15.18
C LEU H 12 79.21 92.89 15.46
N ASP H 13 78.96 91.97 14.52
CA ASP H 13 77.98 90.91 14.76
C ASP H 13 78.46 89.96 15.84
N LYS H 14 79.77 89.79 15.97
CA LYS H 14 80.30 89.03 17.09
C LYS H 14 80.05 89.76 18.41
N LYS H 15 80.07 91.09 18.38
CA LYS H 15 79.82 91.83 19.62
C LYS H 15 78.34 91.78 20.01
N ILE H 16 77.44 92.06 19.07
CA ILE H 16 76.03 92.12 19.39
C ILE H 16 75.48 90.73 19.67
N SER H 17 75.96 89.73 18.93
CA SER H 17 75.57 88.35 19.22
C SER H 17 76.19 87.88 20.53
N ALA H 18 77.37 88.40 20.88
CA ALA H 18 78.00 88.03 22.14
C ALA H 18 77.21 88.57 23.33
N GLN H 19 76.62 89.74 23.20
CA GLN H 19 75.78 90.25 24.29
C GLN H 19 74.42 89.57 24.29
N MET H 20 73.87 89.33 23.10
CA MET H 20 72.53 88.74 22.98
C MET H 20 72.50 87.33 23.51
N ASP H 21 73.62 86.61 23.40
CA ASP H 21 73.76 85.33 24.06
C ASP H 21 73.67 85.46 25.57
N GLU H 22 74.08 86.61 26.11
CA GLU H 22 74.02 86.76 27.56
C GLU H 22 72.63 87.17 28.02
N ILE H 23 71.91 87.94 27.21
CA ILE H 23 70.56 88.31 27.62
C ILE H 23 69.62 87.12 27.48
N LEU H 24 69.67 86.41 26.36
CA LEU H 24 68.73 85.34 26.14
C LEU H 24 68.98 84.12 27.01
N HIS H 25 70.15 84.01 27.63
CA HIS H 25 70.38 82.91 28.54
C HIS H 25 70.18 83.30 29.99
N ASN H 26 69.52 84.43 30.24
CA ASN H 26 69.24 84.86 31.59
C ASN H 26 68.19 83.96 32.21
N SER H 27 68.42 83.60 33.48
CA SER H 27 67.63 82.55 34.12
C SER H 27 66.19 82.99 34.35
N GLN H 28 66.00 84.23 34.82
CA GLN H 28 64.66 84.77 34.95
C GLN H 28 64.00 84.90 33.58
N PHE H 29 64.81 85.24 32.57
CA PHE H 29 64.27 85.36 31.22
C PHE H 29 63.97 83.99 30.65
N GLN H 30 64.71 82.97 31.07
CA GLN H 30 64.35 81.63 30.66
C GLN H 30 63.10 81.17 31.39
N ALA H 31 62.85 81.70 32.57
CA ALA H 31 61.62 81.34 33.27
C ALA H 31 60.41 81.94 32.60
N MET H 32 60.51 83.23 32.23
CA MET H 32 59.41 83.90 31.57
C MET H 32 59.18 83.32 30.18
N GLU H 33 60.25 83.20 29.39
CA GLU H 33 60.13 82.73 28.02
C GLU H 33 59.72 81.26 28.00
N SER H 34 60.20 80.49 28.95
CA SER H 34 59.83 79.09 29.03
C SER H 34 58.38 78.93 29.39
N ALA H 35 57.89 79.74 30.34
CA ALA H 35 56.51 79.64 30.77
C ALA H 35 55.56 80.08 29.68
N TRP H 36 55.84 81.21 29.04
CA TRP H 36 54.89 81.70 28.06
C TRP H 36 55.00 80.96 26.74
N ARG H 37 56.21 80.69 26.27
CA ARG H 37 56.34 80.01 24.99
C ARG H 37 55.89 78.57 25.11
N GLY H 38 56.18 77.94 26.25
CA GLY H 38 55.60 76.64 26.53
C GLY H 38 54.10 76.70 26.66
N LEU H 39 53.59 77.83 27.15
CA LEU H 39 52.15 77.97 27.28
C LEU H 39 51.48 78.04 25.93
N LYS H 40 52.09 78.75 24.97
CA LYS H 40 51.50 78.74 23.64
C LYS H 40 51.64 77.38 22.98
N LEU H 41 52.72 76.65 23.32
CA LEU H 41 52.88 75.29 22.82
C LEU H 41 51.77 74.38 23.33
N PHE H 42 51.30 74.60 24.56
CA PHE H 42 50.13 73.88 25.01
C PHE H 42 48.86 74.38 24.33
N VAL H 43 48.76 75.70 24.13
CA VAL H 43 47.48 76.28 23.72
C VAL H 43 47.15 75.91 22.29
N ASP H 44 48.09 76.11 21.36
CA ASP H 44 47.71 75.94 19.96
C ASP H 44 47.57 74.49 19.53
N ARG H 45 47.96 73.52 20.37
CA ARG H 45 47.81 72.12 20.03
C ARG H 45 46.49 71.56 20.51
N THR H 46 45.70 72.33 21.25
CA THR H 46 44.40 71.87 21.68
C THR H 46 43.36 72.32 20.66
N ASP H 47 42.08 72.12 20.99
CA ASP H 47 41.01 72.41 20.04
C ASP H 47 39.85 73.04 20.81
N PHE H 48 39.81 74.37 20.84
CA PHE H 48 38.85 75.07 21.68
C PHE H 48 37.48 75.16 21.06
N ARG H 49 37.31 74.69 19.84
CA ARG H 49 35.97 74.55 19.31
C ARG H 49 35.31 73.24 19.73
N GLU H 50 35.92 72.48 20.62
CA GLU H 50 35.29 71.30 21.19
C GLU H 50 35.15 71.41 22.71
N ASN H 51 34.80 72.61 23.20
CA ASN H 51 34.48 72.86 24.60
C ASN H 51 35.63 72.54 25.55
N ASN H 52 36.72 73.26 25.39
CA ASN H 52 37.83 73.19 26.34
C ASN H 52 38.19 74.61 26.75
N LYS H 53 38.38 74.81 28.04
CA LYS H 53 38.82 76.14 28.47
C LYS H 53 40.06 75.99 29.31
N VAL H 54 41.04 76.84 29.03
CA VAL H 54 42.23 76.87 29.85
C VAL H 54 42.30 78.22 30.53
N GLU H 55 42.44 78.18 31.85
CA GLU H 55 42.50 79.38 32.64
C GLU H 55 43.88 79.50 33.24
N ILE H 56 44.27 80.74 33.51
CA ILE H 56 45.60 81.08 33.92
C ILE H 56 45.51 81.76 35.28
N LEU H 57 46.30 81.31 36.23
CA LEU H 57 46.40 82.01 37.51
C LEU H 57 47.87 82.12 37.89
N HIS H 58 48.39 83.33 37.92
CA HIS H 58 49.78 83.60 38.25
C HIS H 58 50.07 83.30 39.69
N VAL H 59 50.69 82.17 39.97
CA VAL H 59 51.03 81.81 41.35
C VAL H 59 52.46 81.29 41.35
N THR H 60 53.30 81.81 42.23
CA THR H 60 54.58 81.19 42.46
C THR H 60 54.47 80.26 43.66
N LYS H 61 55.47 79.37 43.82
CA LYS H 61 55.37 78.31 44.82
C LYS H 61 55.35 78.86 46.23
N ASP H 62 56.04 79.96 46.44
CA ASP H 62 56.19 80.49 47.80
C ASP H 62 54.88 81.07 48.30
N GLU H 63 53.97 81.44 47.40
CA GLU H 63 52.68 81.87 47.92
C GLU H 63 51.65 80.76 47.89
N LEU H 64 51.92 79.61 47.27
CA LEU H 64 51.12 78.44 47.58
C LEU H 64 51.44 77.94 48.98
N LEU H 65 52.71 77.97 49.35
CA LEU H 65 53.06 77.47 50.67
C LEU H 65 52.72 78.49 51.74
N GLU H 66 53.01 79.76 51.49
CA GLU H 66 52.63 80.82 52.42
C GLU H 66 51.11 80.94 52.51
N ASP H 67 50.43 80.66 51.39
CA ASP H 67 48.97 80.71 51.38
C ASP H 67 48.36 79.57 52.16
N PHE H 68 48.78 78.35 51.86
CA PHE H 68 48.25 77.18 52.56
C PHE H 68 48.58 77.19 54.03
N GLU H 69 49.78 77.62 54.41
CA GLU H 69 50.06 77.70 55.84
C GLU H 69 49.36 78.87 56.49
N PHE H 70 49.10 79.94 55.73
CA PHE H 70 48.36 81.06 56.29
C PHE H 70 46.88 80.71 56.39
N ALA H 71 46.43 79.79 55.56
CA ALA H 71 45.06 79.31 55.66
C ALA H 71 44.93 78.37 56.86
N PRO H 72 43.80 78.40 57.55
CA PRO H 72 43.67 77.60 58.77
C PRO H 72 43.55 76.12 58.47
N GLU H 73 43.20 75.79 57.24
CA GLU H 73 43.14 74.42 56.78
C GLU H 73 43.29 74.45 55.27
N THR H 74 42.97 73.34 54.62
CA THR H 74 42.97 73.36 53.17
C THR H 74 41.69 73.96 52.64
N ALA H 75 40.64 73.98 53.45
CA ALA H 75 39.31 74.27 52.96
C ALA H 75 38.96 75.74 52.94
N GLN H 76 39.90 76.63 53.25
CA GLN H 76 39.60 78.05 53.20
C GLN H 76 40.70 78.84 52.52
N SER H 77 41.57 78.19 51.76
CA SER H 77 42.64 78.91 51.10
C SER H 77 42.11 79.66 49.89
N GLY H 78 43.00 80.38 49.22
CA GLY H 78 42.60 81.05 47.99
C GLY H 78 42.36 80.07 46.86
N LEU H 79 43.28 79.12 46.68
CA LEU H 79 43.20 78.23 45.52
C LEU H 79 42.03 77.27 45.65
N TYR H 80 41.64 76.96 46.89
CA TYR H 80 40.44 76.18 47.10
C TYR H 80 39.20 76.95 46.70
N LYS H 81 39.27 78.27 46.75
CA LYS H 81 38.13 79.08 46.33
C LYS H 81 38.13 79.32 44.83
N HIS H 82 39.30 79.22 44.18
CA HIS H 82 39.30 79.36 42.73
C HIS H 82 38.99 78.04 42.05
N VAL H 83 39.29 76.92 42.70
CA VAL H 83 39.06 75.61 42.08
C VAL H 83 37.73 75.05 42.53
N TYR H 84 37.54 74.93 43.85
CA TYR H 84 36.36 74.25 44.37
C TYR H 84 35.15 75.16 44.40
N SER H 85 35.25 76.28 45.10
CA SER H 85 34.06 77.03 45.48
C SER H 85 33.51 77.85 44.32
N ALA H 86 34.38 78.38 43.48
CA ALA H 86 33.90 79.05 42.28
C ALA H 86 33.61 78.10 41.15
N GLY H 87 33.96 76.83 41.31
CA GLY H 87 33.72 75.84 40.30
C GLY H 87 32.74 74.77 40.72
N TYR H 88 33.31 73.66 41.21
CA TYR H 88 32.61 72.39 41.35
C TYR H 88 31.42 72.46 42.27
N GLY H 89 31.51 73.24 43.34
CA GLY H 89 30.46 73.26 44.31
C GLY H 89 29.61 74.51 44.27
N GLN H 90 29.59 75.19 43.13
CA GLN H 90 28.80 76.40 42.93
C GLN H 90 27.61 76.05 42.07
N PHE H 91 26.45 76.58 42.44
CA PHE H 91 25.23 76.30 41.69
C PHE H 91 25.34 76.87 40.27
N GLY H 92 25.50 75.97 39.30
CA GLY H 92 25.56 76.34 37.92
C GLY H 92 26.95 76.45 37.33
N GLY H 93 27.99 76.34 38.14
CA GLY H 93 29.35 76.46 37.65
C GLY H 93 29.80 75.23 36.89
N GLU H 94 31.09 75.17 36.63
CA GLU H 94 31.65 74.10 35.83
C GLU H 94 32.82 73.50 36.58
N PRO H 95 33.02 72.21 36.50
CA PRO H 95 34.07 71.60 37.32
C PRO H 95 35.45 71.79 36.74
N VAL H 96 36.48 71.79 37.59
CA VAL H 96 37.86 71.83 37.13
C VAL H 96 38.29 70.42 36.75
N GLY H 97 38.69 70.24 35.49
CA GLY H 97 38.98 68.90 35.02
C GLY H 97 40.36 68.43 35.41
N ALA H 98 41.35 69.30 35.29
CA ALA H 98 42.73 68.96 35.61
C ALA H 98 43.47 70.24 35.97
N ILE H 99 44.55 70.09 36.73
CA ILE H 99 45.37 71.21 37.13
C ILE H 99 46.79 70.92 36.69
N ILE H 100 47.38 71.84 35.97
CA ILE H 100 48.71 71.67 35.41
C ILE H 100 49.62 72.65 36.11
N GLY H 101 50.68 72.14 36.75
CA GLY H 101 51.60 72.97 37.49
C GLY H 101 52.85 73.21 36.70
N ASN H 102 53.11 74.49 36.39
CA ASN H 102 54.33 74.87 35.71
C ASN H 102 55.41 75.13 36.77
N TYR H 103 55.74 74.08 37.49
CA TYR H 103 56.66 74.15 38.60
C TYR H 103 57.76 73.12 38.40
N ALA H 104 58.69 73.11 39.33
CA ALA H 104 59.69 72.05 39.43
C ALA H 104 59.88 71.71 40.90
N PHE H 105 59.85 70.42 41.22
CA PHE H 105 59.80 69.99 42.61
C PHE H 105 61.10 69.35 43.04
N THR H 106 61.53 69.68 44.24
CA THR H 106 62.75 69.20 44.87
C THR H 106 62.33 68.31 46.03
N PRO H 107 63.23 67.59 46.70
CA PRO H 107 62.84 66.89 47.93
C PRO H 107 62.76 67.79 49.15
N SER H 108 62.75 69.11 48.99
CA SER H 108 62.70 69.99 50.14
C SER H 108 61.33 69.93 50.79
N THR H 109 61.35 69.98 52.12
CA THR H 109 60.13 69.96 52.93
C THR H 109 59.05 70.97 52.52
N PRO H 110 59.34 72.19 52.04
CA PRO H 110 58.27 72.99 51.42
C PRO H 110 57.60 72.33 50.23
N ASP H 111 58.35 71.61 49.39
CA ASP H 111 57.73 71.02 48.21
C ASP H 111 56.86 69.84 48.56
N MET H 112 57.27 69.05 49.54
CA MET H 112 56.46 67.88 49.88
C MET H 112 55.26 68.27 50.72
N LYS H 113 55.37 69.36 51.49
CA LYS H 113 54.16 69.88 52.11
C LYS H 113 53.22 70.45 51.07
N LEU H 114 53.79 71.04 50.01
CA LEU H 114 52.97 71.51 48.90
C LEU H 114 52.23 70.37 48.22
N LEU H 115 52.89 69.22 48.04
CA LEU H 115 52.19 68.13 47.39
C LEU H 115 51.21 67.42 48.31
N GLN H 116 51.43 67.47 49.63
CA GLN H 116 50.40 66.94 50.51
C GLN H 116 49.15 67.78 50.42
N TYR H 117 49.31 69.10 50.42
CA TYR H 117 48.15 69.96 50.37
C TYR H 117 47.47 69.92 49.00
N MET H 118 48.23 69.85 47.91
CA MET H 118 47.59 69.75 46.61
C MET H 118 47.00 68.37 46.37
N GLY H 119 47.47 67.37 47.10
CA GLY H 119 46.73 66.14 47.18
C GLY H 119 45.38 66.33 47.84
N ALA H 120 45.32 67.19 48.86
CA ALA H 120 44.04 67.43 49.51
C ALA H 120 43.08 68.21 48.62
N LEU H 121 43.61 69.22 47.92
CA LEU H 121 42.78 70.00 46.99
C LEU H 121 42.29 69.13 45.85
N GLY H 122 43.17 68.29 45.32
CA GLY H 122 42.75 67.33 44.32
C GLY H 122 41.77 66.32 44.86
N ALA H 123 41.76 66.12 46.18
CA ALA H 123 40.77 65.21 46.77
C ALA H 123 39.39 65.85 46.80
N MET H 124 39.30 67.07 47.31
CA MET H 124 37.97 67.62 47.48
C MET H 124 37.45 68.24 46.19
N ALA H 125 38.30 68.43 45.20
CA ALA H 125 37.83 69.09 43.99
C ALA H 125 37.92 68.23 42.75
N HIS H 126 38.41 67.00 42.88
CA HIS H 126 38.54 66.02 41.78
C HIS H 126 39.33 66.58 40.61
N ALA H 127 40.52 67.08 40.90
CA ALA H 127 41.36 67.65 39.89
C ALA H 127 42.74 67.07 40.08
N PRO H 128 43.24 66.29 39.14
CA PRO H 128 44.61 65.78 39.26
C PRO H 128 45.61 66.89 39.04
N PHE H 129 46.64 66.89 39.86
CA PHE H 129 47.70 67.89 39.78
C PHE H 129 48.89 67.28 39.08
N ILE H 130 49.39 67.94 38.05
CA ILE H 130 50.50 67.47 37.25
C ILE H 130 51.61 68.50 37.32
N SER H 131 52.84 68.06 37.48
CA SER H 131 53.93 69.00 37.59
C SER H 131 55.19 68.36 37.05
N SER H 132 56.35 68.94 37.35
CA SER H 132 57.61 68.41 36.86
C SER H 132 58.54 68.09 38.01
N VAL H 133 59.18 66.95 37.89
CA VAL H 133 60.30 66.56 38.72
C VAL H 133 61.54 67.27 38.21
N GLY H 134 62.17 68.02 39.08
CA GLY H 134 63.37 68.74 38.75
C GLY H 134 64.56 67.83 38.69
N PRO H 135 65.68 68.35 38.19
CA PRO H 135 66.87 67.50 38.08
C PRO H 135 67.45 67.06 39.41
N GLU H 136 67.37 67.88 40.46
CA GLU H 136 67.99 67.44 41.71
C GLU H 136 67.08 66.55 42.54
N PHE H 137 65.95 66.10 41.99
CA PHE H 137 65.12 65.20 42.75
C PHE H 137 65.69 63.79 42.75
N PHE H 138 66.54 63.47 41.80
CA PHE H 138 67.11 62.15 41.70
C PHE H 138 68.49 62.08 42.31
N GLY H 139 68.99 63.22 42.78
CA GLY H 139 70.31 63.29 43.39
C GLY H 139 71.42 63.68 42.45
N ILE H 140 71.11 64.11 41.23
CA ILE H 140 72.13 64.39 40.24
C ILE H 140 72.05 65.83 39.78
N ASP H 141 72.97 66.21 38.91
CA ASP H 141 73.08 67.58 38.45
C ASP H 141 71.96 67.96 37.50
N SER H 142 71.95 67.32 36.33
CA SER H 142 70.94 67.56 35.33
C SER H 142 70.58 66.22 34.72
N PHE H 143 69.59 66.24 33.83
CA PHE H 143 68.99 65.00 33.37
C PHE H 143 69.87 64.19 32.46
N GLU H 144 71.03 64.68 32.06
CA GLU H 144 71.83 63.92 31.14
C GLU H 144 72.69 62.86 31.81
N GLU H 145 72.32 62.37 32.99
CA GLU H 145 72.97 61.22 33.58
C GLU H 145 72.00 60.11 33.98
N LEU H 146 70.77 60.12 33.45
CA LEU H 146 69.91 58.95 33.61
C LEU H 146 70.44 57.69 32.94
N PRO H 147 71.22 57.73 31.86
CA PRO H 147 71.99 56.51 31.52
C PRO H 147 73.13 56.22 32.48
N ASN H 148 73.48 57.12 33.38
CA ASN H 148 74.62 56.87 34.26
C ASN H 148 74.23 56.52 35.68
N ILE H 149 72.95 56.46 36.01
CA ILE H 149 72.53 56.04 37.35
C ILE H 149 72.24 54.55 37.30
N LYS H 150 72.86 53.79 38.20
CA LYS H 150 72.78 52.34 38.14
C LYS H 150 71.42 51.80 38.55
N ASP H 151 70.82 52.36 39.59
CA ASP H 151 69.57 51.79 40.09
C ASP H 151 68.76 52.83 40.83
N LEU H 152 67.51 53.04 40.40
CA LEU H 152 66.68 54.07 41.03
C LEU H 152 65.96 53.54 42.26
N LYS H 153 65.57 52.26 42.23
CA LYS H 153 64.85 51.66 43.35
C LYS H 153 65.72 51.61 44.58
N SER H 154 67.03 51.42 44.41
CA SER H 154 67.93 51.47 45.54
C SER H 154 68.39 52.90 45.83
N THR H 155 68.18 53.83 44.89
CA THR H 155 68.48 55.22 45.17
C THR H 155 67.46 55.80 46.14
N PHE H 156 66.19 55.46 45.96
CA PHE H 156 65.16 56.10 46.78
C PHE H 156 65.03 55.52 48.19
N GLU H 157 65.97 54.72 48.67
CA GLU H 157 65.87 54.28 50.06
C GLU H 157 66.66 55.13 51.02
N SER H 158 67.34 56.17 50.53
CA SER H 158 68.14 57.02 51.39
C SER H 158 67.24 57.83 52.32
N PRO H 159 67.74 58.21 53.50
CA PRO H 159 66.94 59.05 54.40
C PRO H 159 66.71 60.46 53.91
N LYS H 160 67.28 60.85 52.76
CA LYS H 160 66.88 62.10 52.15
C LYS H 160 65.44 62.06 51.71
N TYR H 161 64.95 60.90 51.30
CA TYR H 161 63.67 60.79 50.62
C TYR H 161 62.57 60.25 51.52
N THR H 162 62.76 60.34 52.84
CA THR H 162 61.82 59.76 53.79
C THR H 162 60.47 60.44 53.71
N LYS H 163 60.47 61.74 53.46
CA LYS H 163 59.21 62.44 53.30
C LYS H 163 58.51 62.03 52.01
N TRP H 164 59.28 61.76 50.96
CA TRP H 164 58.70 61.32 49.69
C TRP H 164 58.05 59.94 49.82
N ARG H 165 58.73 59.01 50.48
CA ARG H 165 58.10 57.71 50.69
C ARG H 165 56.98 57.79 51.69
N SER H 166 56.97 58.84 52.51
CA SER H 166 55.77 59.07 53.29
C SER H 166 54.67 59.68 52.43
N LEU H 167 55.03 60.24 51.27
CA LEU H 167 54.00 60.87 50.43
C LEU H 167 53.32 59.87 49.51
N ARG H 168 54.07 58.93 48.95
CA ARG H 168 53.47 57.95 48.06
C ARG H 168 52.45 57.06 48.76
N GLU H 169 52.69 56.72 50.01
CA GLU H 169 51.79 55.84 50.71
C GLU H 169 50.52 56.53 51.15
N SER H 170 50.44 57.84 51.02
CA SER H 170 49.24 58.55 51.45
C SER H 170 48.10 58.24 50.49
N GLU H 171 46.88 58.34 51.00
CA GLU H 171 45.73 58.00 50.17
C GLU H 171 45.36 59.10 49.20
N ASP H 172 46.00 60.26 49.27
CA ASP H 172 45.72 61.32 48.30
C ASP H 172 46.73 61.35 47.17
N ALA H 173 47.60 60.35 47.05
CA ALA H 173 48.54 60.37 45.95
C ALA H 173 47.95 59.81 44.67
N ARG H 174 46.65 59.51 44.63
CA ARG H 174 46.00 59.25 43.37
C ARG H 174 45.91 60.48 42.49
N TYR H 175 45.99 61.66 43.08
CA TYR H 175 45.66 62.89 42.40
C TYR H 175 46.89 63.70 42.00
N LEU H 176 48.08 63.14 42.16
CA LEU H 176 49.30 63.79 41.75
C LEU H 176 49.95 62.99 40.65
N GLY H 177 50.64 63.67 39.77
CA GLY H 177 51.50 62.98 38.84
C GLY H 177 52.71 63.85 38.59
N LEU H 178 53.89 63.34 38.83
CA LEU H 178 55.10 64.12 38.61
C LEU H 178 55.80 63.59 37.38
N THR H 179 56.18 64.48 36.49
CA THR H 179 56.69 64.06 35.20
C THR H 179 58.19 64.23 35.11
N ALA H 180 58.82 63.26 34.47
CA ALA H 180 60.25 63.13 34.17
C ALA H 180 60.48 63.82 32.82
N PRO H 181 61.65 63.70 32.17
CA PRO H 181 62.42 64.89 31.81
C PRO H 181 61.73 65.85 30.84
N ARG H 182 62.28 67.06 30.80
CA ARG H 182 61.72 68.19 30.07
C ARG H 182 61.96 68.04 28.57
N PHE H 183 61.61 69.04 27.77
CA PHE H 183 61.88 68.95 26.34
C PHE H 183 62.01 70.34 25.75
N LEU H 184 62.55 70.39 24.54
CA LEU H 184 62.84 71.66 23.88
C LEU H 184 61.57 72.38 23.45
N LEU H 185 61.62 73.70 23.53
CA LEU H 185 60.55 74.52 22.95
C LEU H 185 60.94 75.13 21.64
N ARG H 186 62.20 75.49 21.48
CA ARG H 186 62.63 76.44 20.47
C ARG H 186 63.95 75.98 19.87
N VAL H 187 64.00 75.95 18.54
CA VAL H 187 65.26 75.71 17.83
C VAL H 187 66.21 76.85 18.17
N PRO H 188 67.46 76.56 18.54
CA PRO H 188 68.44 77.62 18.71
C PRO H 188 68.71 78.33 17.38
N TYR H 189 68.95 79.63 17.47
CA TYR H 189 68.95 80.50 16.32
C TYR H 189 70.15 80.27 15.42
N ASP H 190 70.05 80.76 14.19
CA ASP H 190 70.97 80.41 13.17
C ASP H 190 70.64 81.47 12.12
N PRO H 191 71.54 81.79 11.20
CA PRO H 191 71.17 82.72 10.13
C PRO H 191 70.12 82.17 9.19
N ILE H 192 70.14 80.85 8.98
CA ILE H 192 69.26 80.22 8.00
C ILE H 192 68.07 79.55 8.69
N GLU H 193 68.33 78.74 9.71
CA GLU H 193 67.34 77.80 10.22
C GLU H 193 66.22 78.46 11.00
N ASN H 194 66.50 79.52 11.72
CA ASN H 194 65.44 80.25 12.39
C ASN H 194 65.89 81.70 12.46
N PRO H 195 65.67 82.46 11.39
CA PRO H 195 66.38 83.73 11.25
C PRO H 195 65.76 84.84 12.06
N VAL H 196 66.53 85.93 12.16
CA VAL H 196 66.12 87.16 12.83
C VAL H 196 66.15 88.28 11.79
N LYS H 197 65.32 89.30 12.02
CA LYS H 197 65.22 90.38 11.06
C LYS H 197 66.29 91.44 11.31
N SER H 198 66.85 91.94 10.20
CA SER H 198 67.77 93.09 10.16
C SER H 198 69.07 92.87 10.93
N PHE H 199 69.42 91.60 11.20
CA PHE H 199 70.64 91.33 11.94
C PHE H 199 71.12 89.90 11.66
N ASN H 200 72.43 89.69 11.77
CA ASN H 200 73.02 88.35 11.66
C ASN H 200 73.34 87.83 13.06
N TYR H 201 72.51 86.90 13.52
CA TYR H 201 72.68 86.29 14.83
C TYR H 201 72.90 84.79 14.72
N ALA H 202 73.90 84.29 15.43
CA ALA H 202 74.22 82.86 15.46
C ALA H 202 74.38 82.45 16.90
N GLU H 203 73.38 81.75 17.45
CA GLU H 203 73.38 81.43 18.86
C GLU H 203 74.41 80.36 19.15
N ASN H 204 75.46 80.73 19.84
CA ASN H 204 76.57 79.83 20.16
C ASN H 204 76.21 79.12 21.44
N VAL H 205 75.52 78.00 21.31
CA VAL H 205 75.20 77.19 22.48
C VAL H 205 76.40 76.32 22.80
N SER H 206 76.82 76.33 24.06
CA SER H 206 77.99 75.60 24.51
C SER H 206 77.69 74.13 24.72
N ALA H 207 78.60 73.44 25.41
CA ALA H 207 78.35 72.06 25.83
C ALA H 207 77.36 71.97 26.98
N SER H 208 77.27 73.00 27.82
CA SER H 208 76.34 72.99 28.94
C SER H 208 74.94 73.19 28.40
N HIS H 209 74.06 72.21 28.62
CA HIS H 209 72.79 72.23 27.92
C HIS H 209 71.73 73.04 28.63
N GLU H 210 72.09 73.85 29.61
CA GLU H 210 71.10 74.78 30.13
C GLU H 210 70.84 75.95 29.19
N HIS H 211 71.65 76.11 28.15
CA HIS H 211 71.50 77.25 27.27
C HIS H 211 70.32 77.10 26.33
N TYR H 212 69.88 75.88 26.09
CA TYR H 212 68.64 75.65 25.39
C TYR H 212 67.47 76.17 26.21
N LEU H 213 66.36 76.45 25.54
CA LEU H 213 65.13 76.81 26.26
C LEU H 213 64.36 75.54 26.56
N TRP H 214 64.38 75.11 27.81
CA TRP H 214 63.65 73.92 28.17
C TRP H 214 62.26 74.26 28.70
N GLY H 215 61.26 73.61 28.15
CA GLY H 215 59.91 73.85 28.59
C GLY H 215 59.45 72.77 29.53
N ASN H 216 58.29 72.95 30.15
CA ASN H 216 57.81 71.97 31.11
C ASN H 216 57.16 70.81 30.36
N THR H 217 57.24 69.62 30.95
CA THR H 217 56.60 68.44 30.37
C THR H 217 55.11 68.47 30.61
N ALA H 218 54.69 69.06 31.73
CA ALA H 218 53.30 68.98 32.16
C ALA H 218 52.38 69.71 31.21
N PHE H 219 52.92 70.68 30.48
CA PHE H 219 52.18 71.26 29.37
C PHE H 219 51.92 70.25 28.28
N ALA H 220 52.92 69.44 27.91
CA ALA H 220 52.73 68.47 26.84
C ALA H 220 51.74 67.40 27.26
N PHE H 221 51.83 66.99 28.53
CA PHE H 221 50.85 66.05 29.07
C PHE H 221 49.47 66.67 29.06
N ALA H 222 49.39 67.99 29.24
CA ALA H 222 48.09 68.65 29.20
C ALA H 222 47.55 68.74 27.78
N THR H 223 48.44 68.81 26.78
CA THR H 223 47.97 68.71 25.40
C THR H 223 47.38 67.35 25.15
N ARG H 224 47.94 66.31 25.78
CA ARG H 224 47.37 64.99 25.57
C ARG H 224 46.03 64.82 26.27
N LEU H 225 45.86 65.42 27.45
CA LEU H 225 44.55 65.39 28.10
C LEU H 225 43.50 66.14 27.29
N THR H 226 43.80 67.36 26.89
CA THR H 226 42.77 68.19 26.27
C THR H 226 42.48 67.72 24.85
N ASP H 227 43.48 67.21 24.14
CA ASP H 227 43.23 66.66 22.81
C ASP H 227 42.42 65.37 22.90
N SER H 228 42.71 64.53 23.89
CA SER H 228 41.93 63.31 24.04
C SER H 228 40.49 63.63 24.38
N PHE H 229 40.28 64.69 25.15
CA PHE H 229 38.92 65.10 25.46
C PHE H 229 38.22 65.70 24.26
N ALA H 230 38.97 66.37 23.40
CA ALA H 230 38.37 66.97 22.22
C ALA H 230 37.97 65.91 21.22
N LYS H 231 38.73 64.82 21.15
CA LYS H 231 38.30 63.76 20.27
C LYS H 231 37.15 62.96 20.87
N TYR H 232 37.25 62.57 22.13
CA TYR H 232 36.45 61.47 22.62
C TYR H 232 35.59 61.77 23.84
N ARG H 233 35.51 63.02 24.30
CA ARG H 233 34.73 63.47 25.45
C ARG H 233 35.09 62.77 26.75
N TRP H 234 36.28 62.20 26.84
CA TRP H 234 36.81 61.61 28.06
C TRP H 234 38.30 61.78 28.02
N CYS H 235 39.00 61.39 29.09
CA CYS H 235 40.45 61.37 29.05
C CYS H 235 41.06 60.04 29.53
N PRO H 236 40.79 58.90 28.86
CA PRO H 236 41.59 57.72 29.22
C PRO H 236 42.71 57.47 28.23
N ASN H 237 42.77 58.23 27.14
CA ASN H 237 43.67 57.89 26.04
C ASN H 237 44.87 58.84 26.04
N ILE H 238 45.80 58.56 26.94
CA ILE H 238 47.01 59.36 27.03
C ILE H 238 48.26 58.50 27.13
N ILE H 239 48.15 57.22 26.81
CA ILE H 239 49.20 56.28 27.22
C ILE H 239 49.84 55.45 26.13
N GLY H 240 50.01 56.00 24.94
CA GLY H 240 50.64 55.19 23.92
C GLY H 240 51.25 55.96 22.77
N PRO H 241 52.04 55.26 21.97
CA PRO H 241 52.43 55.83 20.67
C PRO H 241 51.26 55.91 19.72
N GLN H 242 50.24 55.08 19.90
CA GLN H 242 49.09 55.10 19.02
C GLN H 242 47.77 55.24 19.72
N SER H 243 47.70 54.98 21.03
CA SER H 243 46.41 55.04 21.70
C SER H 243 45.98 56.47 21.97
N GLY H 244 46.90 57.42 21.86
CA GLY H 244 46.53 58.81 21.99
C GLY H 244 47.60 59.64 22.64
N GLY H 245 48.56 58.99 23.29
CA GLY H 245 49.53 59.72 24.07
C GLY H 245 50.71 60.24 23.28
N ALA H 246 50.69 60.10 21.96
CA ALA H 246 51.82 60.50 21.15
C ALA H 246 51.89 62.02 21.07
N VAL H 247 53.00 62.58 21.55
CA VAL H 247 53.26 64.01 21.40
C VAL H 247 54.15 64.17 20.18
N GLU H 248 53.59 64.72 19.11
CA GLU H 248 54.30 64.83 17.86
C GLU H 248 54.97 66.19 17.75
N ASP H 249 55.77 66.34 16.70
CA ASP H 249 56.36 67.61 16.28
C ASP H 249 57.25 68.23 17.34
N LEU H 250 58.38 67.62 17.62
CA LEU H 250 59.31 68.31 18.49
C LEU H 250 60.47 68.89 17.70
N PRO H 251 61.03 70.01 18.14
CA PRO H 251 62.13 70.64 17.39
C PRO H 251 63.43 69.87 17.55
N VAL H 252 64.19 69.81 16.45
CA VAL H 252 65.48 69.15 16.44
C VAL H 252 66.56 70.21 16.35
N HIS H 253 67.80 69.79 16.57
CA HIS H 253 68.92 70.71 16.45
C HIS H 253 70.13 69.91 16.01
N VAL H 254 70.33 69.83 14.71
CA VAL H 254 71.48 69.10 14.17
C VAL H 254 72.71 69.98 14.29
N PHE H 255 73.68 69.55 15.09
CA PHE H 255 74.85 70.36 15.31
C PHE H 255 76.10 69.50 15.19
N GLU H 256 77.21 70.15 14.87
CA GLU H 256 78.45 69.44 14.56
C GLU H 256 79.09 68.87 15.81
N SER H 257 79.28 67.55 15.80
CA SER H 257 79.88 66.82 16.90
C SER H 257 81.40 66.74 16.66
N MET H 258 82.14 65.84 17.28
CA MET H 258 83.57 65.69 17.03
C MET H 258 83.84 65.08 15.67
N GLY H 259 83.66 65.88 14.62
CA GLY H 259 83.88 65.45 13.26
C GLY H 259 82.63 65.04 12.52
N ALA H 260 81.64 64.51 13.21
CA ALA H 260 80.42 64.04 12.57
C ALA H 260 79.25 64.92 12.94
N LEU H 261 78.08 64.62 12.40
CA LEU H 261 76.84 65.24 12.81
C LEU H 261 76.18 64.37 13.85
N GLN H 262 75.37 64.99 14.69
CA GLN H 262 74.46 64.25 15.55
C GLN H 262 73.27 65.14 15.85
N SER H 263 72.15 64.50 16.15
CA SER H 263 70.95 65.22 16.52
C SER H 263 70.96 65.44 18.02
N LYS H 264 70.85 66.69 18.45
CA LYS H 264 70.58 66.93 19.86
C LYS H 264 69.17 66.49 20.17
N ILE H 265 69.05 65.66 21.18
CA ILE H 265 67.78 65.00 21.49
C ILE H 265 66.80 66.04 22.00
N PRO H 266 65.55 66.02 21.56
CA PRO H 266 64.58 67.02 22.04
C PRO H 266 64.26 66.89 23.51
N THR H 267 64.09 65.69 24.02
CA THR H 267 64.14 65.51 25.46
C THR H 267 65.60 65.50 25.87
N GLU H 268 65.87 65.59 27.17
CA GLU H 268 67.26 65.68 27.59
C GLU H 268 68.01 64.37 27.37
N VAL H 269 67.32 63.25 27.53
CA VAL H 269 67.95 61.96 27.29
C VAL H 269 67.03 61.08 26.49
N LEU H 270 67.64 60.07 25.89
CA LEU H 270 66.94 58.93 25.31
C LEU H 270 66.79 57.92 26.44
N ILE H 271 65.61 57.89 27.05
CA ILE H 271 65.37 56.95 28.13
C ILE H 271 65.19 55.56 27.55
N THR H 272 66.08 54.64 27.92
CA THR H 272 65.91 53.26 27.51
C THR H 272 64.74 52.63 28.26
N ASP H 273 64.23 51.53 27.71
CA ASP H 273 62.93 51.04 28.13
C ASP H 273 62.95 50.45 29.53
N ARG H 274 64.07 49.89 29.94
CA ARG H 274 64.19 49.48 31.34
C ARG H 274 64.15 50.68 32.26
N LYS H 275 64.78 51.78 31.85
CA LYS H 275 64.75 52.99 32.65
C LYS H 275 63.36 53.59 32.68
N GLU H 276 62.61 53.42 31.59
CA GLU H 276 61.24 53.91 31.56
C GLU H 276 60.35 53.12 32.49
N PHE H 277 60.49 51.79 32.48
CA PHE H 277 59.65 50.98 33.35
C PHE H 277 59.99 51.22 34.82
N GLU H 278 61.25 51.56 35.09
CA GLU H 278 61.59 51.92 36.46
C GLU H 278 60.98 53.24 36.86
N LEU H 279 61.00 54.23 35.96
CA LEU H 279 60.34 55.49 36.27
C LEU H 279 58.83 55.32 36.37
N ALA H 280 58.29 54.30 35.70
CA ALA H 280 56.86 54.06 35.81
C ALA H 280 56.53 53.40 37.14
N GLU H 281 57.45 52.58 37.66
CA GLU H 281 57.18 51.96 38.95
C GLU H 281 57.37 52.95 40.09
N GLU H 282 58.15 54.00 39.89
CA GLU H 282 58.35 54.98 40.93
C GLU H 282 57.28 56.05 40.94
N GLY H 283 56.30 55.95 40.06
CA GLY H 283 55.25 56.95 40.00
C GLY H 283 55.54 58.17 39.17
N PHE H 284 56.34 58.03 38.12
CA PHE H 284 56.70 59.16 37.28
C PHE H 284 56.22 58.90 35.86
N ILE H 285 55.97 59.97 35.13
CA ILE H 285 55.50 59.90 33.76
C ILE H 285 56.71 60.20 32.87
N ALA H 286 57.25 59.19 32.24
CA ALA H 286 58.48 59.35 31.49
C ALA H 286 58.16 59.77 30.07
N LEU H 287 58.51 61.00 29.72
CA LEU H 287 58.44 61.42 28.33
C LEU H 287 59.59 60.76 27.59
N THR H 288 59.28 59.78 26.75
CA THR H 288 60.30 59.00 26.08
C THR H 288 60.46 59.45 24.63
N MET H 289 61.69 59.77 24.27
CA MET H 289 62.02 60.15 22.92
C MET H 289 62.05 58.91 22.05
N ARG H 290 61.52 59.01 20.85
CA ARG H 290 61.65 57.94 19.86
C ARG H 290 62.90 58.20 19.04
N LYS H 291 63.90 57.34 19.20
CA LYS H 291 65.23 57.55 18.63
C LYS H 291 65.18 57.58 17.11
N GLY H 292 65.82 58.59 16.53
CA GLY H 292 65.83 58.74 15.09
C GLY H 292 64.64 59.46 14.53
N SER H 293 63.77 59.97 15.38
CA SER H 293 62.62 60.72 14.93
C SER H 293 62.66 62.08 15.60
N ASP H 294 61.59 62.83 15.45
CA ASP H 294 61.36 64.06 16.20
C ASP H 294 60.08 63.95 17.01
N ASN H 295 59.73 62.73 17.39
CA ASN H 295 58.47 62.45 18.04
C ASN H 295 58.73 61.81 19.38
N ALA H 296 57.85 62.03 20.34
CA ALA H 296 58.01 61.47 21.66
C ALA H 296 56.72 60.85 22.13
N ALA H 297 56.78 60.10 23.23
CA ALA H 297 55.60 59.37 23.65
C ALA H 297 55.64 59.10 25.15
N PHE H 298 54.46 59.03 25.74
CA PHE H 298 54.26 58.56 27.10
C PHE H 298 53.98 57.06 27.03
N PHE H 299 54.96 56.24 27.36
CA PHE H 299 54.67 54.81 27.45
C PHE H 299 53.86 54.47 28.69
N SER H 300 53.81 55.37 29.67
CA SER H 300 53.14 55.09 30.92
C SER H 300 52.73 56.41 31.54
N ALA H 301 51.63 56.37 32.28
CA ALA H 301 51.13 57.55 32.99
C ALA H 301 50.67 57.15 34.38
N ASN H 302 51.51 56.46 35.13
CA ASN H 302 51.19 56.15 36.52
C ASN H 302 51.10 57.41 37.37
N SER H 303 50.41 57.31 38.49
CA SER H 303 50.39 58.36 39.49
C SER H 303 51.33 57.99 40.64
N ILE H 304 51.30 58.80 41.69
CA ILE H 304 52.33 58.72 42.71
C ILE H 304 52.17 57.51 43.60
N GLN H 305 50.93 57.07 43.84
CA GLN H 305 50.66 56.19 44.97
C GLN H 305 51.24 54.80 44.77
N LYS H 306 51.90 54.32 45.78
CA LYS H 306 52.59 53.04 45.73
C LYS H 306 51.59 51.92 45.61
N PRO H 307 51.71 51.09 44.59
CA PRO H 307 50.75 50.00 44.41
C PRO H 307 50.95 48.96 45.49
N LYS H 308 49.88 48.68 46.24
CA LYS H 308 49.97 47.82 47.40
C LYS H 308 50.20 46.36 47.03
N VAL H 309 50.74 45.61 47.98
CA VAL H 309 50.91 44.16 47.86
C VAL H 309 49.96 43.49 48.86
N PHE H 310 49.15 42.57 48.35
CA PHE H 310 48.18 41.84 49.16
C PHE H 310 48.57 40.37 49.16
N PRO H 311 48.06 39.54 50.07
CA PRO H 311 48.44 38.13 50.08
C PRO H 311 47.98 37.43 48.81
N ASN H 312 48.71 36.40 48.40
CA ASN H 312 48.45 35.74 47.13
C ASN H 312 47.37 34.67 47.30
N THR H 313 46.15 35.14 47.52
CA THR H 313 44.97 34.30 47.45
C THR H 313 44.10 34.81 46.32
N LYS H 314 42.87 34.30 46.24
CA LYS H 314 41.93 34.79 45.24
C LYS H 314 41.47 36.20 45.57
N GLU H 315 41.02 36.40 46.80
CA GLU H 315 40.56 37.71 47.25
C GLU H 315 41.71 38.72 47.27
N GLY H 316 42.92 38.24 47.55
CA GLY H 316 44.07 39.13 47.55
C GLY H 316 44.41 39.65 46.17
N LYS H 317 44.30 38.80 45.15
CA LYS H 317 44.60 39.30 43.83
C LYS H 317 43.48 40.17 43.29
N GLU H 318 42.23 39.95 43.73
CA GLU H 318 41.19 40.91 43.35
C GLU H 318 41.43 42.26 43.99
N ALA H 319 41.85 42.28 45.24
CA ALA H 319 42.02 43.56 45.91
C ALA H 319 43.27 44.28 45.40
N GLU H 320 44.30 43.53 45.01
CA GLU H 320 45.42 44.18 44.31
C GLU H 320 45.01 44.70 42.96
N THR H 321 44.12 43.98 42.27
CA THR H 321 43.67 44.42 40.95
C THR H 321 42.93 45.74 41.06
N ASN H 322 42.09 45.86 42.08
CA ASN H 322 41.36 47.11 42.26
C ASN H 322 42.31 48.21 42.67
N TYR H 323 43.32 47.86 43.46
CA TYR H 323 44.17 48.90 43.97
C TYR H 323 45.16 49.39 42.92
N LYS H 324 45.48 48.58 41.92
CA LYS H 324 46.30 49.11 40.84
C LYS H 324 45.44 49.75 39.76
N LEU H 325 44.14 49.47 39.73
CA LEU H 325 43.29 50.28 38.87
C LEU H 325 43.13 51.68 39.44
N GLY H 326 43.11 51.80 40.76
CA GLY H 326 42.88 53.10 41.35
C GLY H 326 44.03 54.06 41.17
N THR H 327 45.24 53.55 41.06
CA THR H 327 46.39 54.43 41.15
C THR H 327 46.98 54.85 39.82
N GLN H 328 46.24 54.76 38.72
CA GLN H 328 46.75 55.21 37.44
C GLN H 328 45.83 56.26 36.85
N LEU H 329 46.42 57.34 36.35
CA LEU H 329 45.65 58.46 35.84
C LEU H 329 44.67 58.17 34.71
N PRO H 330 44.93 57.31 33.72
CA PRO H 330 43.90 57.08 32.68
C PRO H 330 42.68 56.34 33.17
N TYR H 331 42.60 56.00 34.44
CA TYR H 331 41.36 55.53 35.03
C TYR H 331 40.79 56.54 36.00
N MET H 332 41.65 57.30 36.66
CA MET H 332 41.16 58.34 37.55
C MET H 332 40.57 59.49 36.77
N MET H 333 40.90 59.64 35.49
CA MET H 333 40.17 60.63 34.71
C MET H 333 38.77 60.16 34.40
N ILE H 334 38.58 58.85 34.26
CA ILE H 334 37.23 58.31 34.11
C ILE H 334 36.42 58.55 35.37
N ILE H 335 37.01 58.31 36.53
CA ILE H 335 36.28 58.50 37.77
C ILE H 335 36.08 59.98 38.08
N ASN H 336 37.01 60.83 37.61
CA ASN H 336 36.80 62.26 37.76
C ASN H 336 35.61 62.74 36.92
N ARG H 337 35.49 62.23 35.69
CA ARG H 337 34.37 62.67 34.86
C ARG H 337 33.05 62.11 35.35
N LEU H 338 33.06 60.90 35.93
CA LEU H 338 31.82 60.43 36.55
C LEU H 338 31.50 61.21 37.81
N ALA H 339 32.51 61.63 38.56
CA ALA H 339 32.22 62.41 39.76
C ALA H 339 31.65 63.77 39.38
N HIS H 340 32.13 64.33 38.28
CA HIS H 340 31.62 65.63 37.84
C HIS H 340 30.21 65.52 37.31
N TYR H 341 29.92 64.50 36.51
CA TYR H 341 28.54 64.36 36.03
C TYR H 341 27.58 64.00 37.14
N VAL H 342 28.04 63.25 38.14
CA VAL H 342 27.16 62.86 39.23
C VAL H 342 26.85 64.06 40.11
N LYS H 343 27.84 64.92 40.35
CA LYS H 343 27.56 66.14 41.11
C LYS H 343 26.64 67.07 40.33
N VAL H 344 26.99 67.36 39.08
CA VAL H 344 26.31 68.40 38.34
C VAL H 344 24.90 67.97 37.96
N LEU H 345 24.73 66.72 37.53
CA LEU H 345 23.37 66.25 37.23
C LEU H 345 22.58 65.96 38.49
N GLN H 346 23.20 65.42 39.53
CA GLN H 346 22.42 65.09 40.72
C GLN H 346 22.24 66.30 41.63
N ARG H 347 22.58 67.51 41.18
CA ARG H 347 22.01 68.67 41.84
C ARG H 347 20.70 69.09 41.22
N GLU H 348 20.41 68.63 40.00
CA GLU H 348 19.18 69.07 39.37
C GLU H 348 18.00 68.23 39.80
N GLN H 349 18.23 67.18 40.56
CA GLN H 349 17.12 66.35 41.00
C GLN H 349 16.73 66.57 42.45
N ILE H 350 17.40 67.48 43.16
CA ILE H 350 17.01 67.80 44.51
C ILE H 350 15.65 68.45 44.48
N GLY H 351 14.66 67.76 45.03
CA GLY H 351 13.30 68.23 44.98
C GLY H 351 12.40 67.43 44.08
N ALA H 352 12.87 66.33 43.53
CA ALA H 352 11.97 65.48 42.79
C ALA H 352 11.50 64.34 43.67
N TRP H 353 10.27 63.87 43.41
CA TRP H 353 9.65 62.82 44.20
C TRP H 353 10.36 61.51 43.88
N LYS H 354 11.37 61.19 44.69
CA LYS H 354 12.21 60.03 44.46
C LYS H 354 12.10 59.06 45.60
N GLU H 355 12.05 57.78 45.28
CA GLU H 355 12.24 56.76 46.28
C GLU H 355 13.62 56.14 46.13
N ARG H 356 13.85 55.05 46.86
CA ARG H 356 15.14 54.37 46.79
C ARG H 356 15.33 53.70 45.44
N GLN H 357 14.39 52.84 45.07
CA GLN H 357 14.44 52.18 43.78
C GLN H 357 14.27 53.16 42.61
N ASP H 358 13.79 54.37 42.87
CA ASP H 358 13.89 55.41 41.87
C ASP H 358 15.34 55.74 41.57
N LEU H 359 16.19 55.86 42.59
CA LEU H 359 17.58 56.13 42.31
C LEU H 359 18.28 54.92 41.71
N GLU H 360 17.85 53.71 42.06
CA GLU H 360 18.42 52.55 41.38
C GLU H 360 18.07 52.57 39.90
N ARG H 361 16.83 52.91 39.58
CA ARG H 361 16.41 52.85 38.18
C ARG H 361 17.00 54.01 37.39
N GLU H 362 17.06 55.20 37.99
CA GLU H 362 17.53 56.35 37.23
C GLU H 362 19.04 56.37 37.14
N LEU H 363 19.74 55.83 38.13
CA LEU H 363 21.19 55.78 37.96
C LEU H 363 21.59 54.63 37.05
N ASN H 364 20.86 53.51 37.07
CA ASN H 364 21.21 52.42 36.18
C ASN H 364 20.90 52.77 34.73
N SER H 365 19.76 53.42 34.49
CA SER H 365 19.50 53.92 33.15
C SER H 365 20.36 55.13 32.82
N TRP H 366 20.93 55.77 33.84
CA TRP H 366 21.87 56.85 33.58
C TRP H 366 23.21 56.31 33.13
N ILE H 367 23.60 55.16 33.67
CA ILE H 367 24.94 54.65 33.46
C ILE H 367 24.95 53.59 32.36
N LYS H 368 23.78 53.18 31.87
CA LYS H 368 23.76 52.37 30.65
C LYS H 368 24.13 53.19 29.41
N GLN H 369 24.19 54.51 29.57
CA GLN H 369 24.83 55.37 28.60
C GLN H 369 26.30 55.02 28.39
N TYR H 370 27.00 54.63 29.45
CA TYR H 370 28.44 54.51 29.38
C TYR H 370 28.93 53.07 29.45
N VAL H 371 28.06 52.10 29.22
CA VAL H 371 28.45 50.70 29.28
C VAL H 371 28.60 50.18 27.86
N ALA H 372 29.76 49.62 27.55
CA ALA H 372 30.00 49.01 26.25
C ALA H 372 30.31 47.54 26.49
N ASP H 373 29.28 46.72 26.62
CA ASP H 373 29.44 45.34 27.07
C ASP H 373 29.13 44.33 25.99
N GLN H 374 29.46 44.62 24.74
CA GLN H 374 29.30 43.64 23.70
C GLN H 374 30.45 42.65 23.71
N GLU H 375 30.53 41.85 22.66
CA GLU H 375 31.54 40.82 22.63
C GLU H 375 32.91 41.42 22.34
N ASN H 376 32.99 42.29 21.37
CA ASN H 376 34.28 42.80 20.97
C ASN H 376 34.10 44.17 20.35
N PRO H 377 34.00 45.24 21.15
CA PRO H 377 33.83 46.56 20.57
C PRO H 377 35.14 47.07 20.03
N PRO H 378 35.11 47.81 18.93
CA PRO H 378 36.36 48.37 18.40
C PRO H 378 36.89 49.50 19.25
N ALA H 379 38.02 50.05 18.84
CA ALA H 379 38.78 50.93 19.73
C ALA H 379 38.08 52.26 19.98
N ASP H 380 37.28 52.73 19.03
CA ASP H 380 36.63 54.02 19.18
C ASP H 380 35.47 53.94 20.16
N VAL H 381 34.66 52.89 20.05
CA VAL H 381 33.51 52.74 20.93
C VAL H 381 33.97 52.45 22.35
N ARG H 382 35.11 51.77 22.48
CA ARG H 382 35.75 51.71 23.78
C ARG H 382 36.29 53.06 24.21
N SER H 383 36.65 53.91 23.26
CA SER H 383 37.25 55.18 23.65
C SER H 383 36.20 56.14 24.18
N ARG H 384 34.98 56.06 23.68
CA ARG H 384 33.96 57.00 24.13
C ARG H 384 32.94 56.41 25.08
N ARG H 385 32.99 55.10 25.32
CA ARG H 385 32.19 54.46 26.36
C ARG H 385 33.16 53.66 27.20
N PRO H 386 33.75 54.27 28.21
CA PRO H 386 34.95 53.67 28.78
C PRO H 386 34.68 52.53 29.73
N LEU H 387 33.59 52.52 30.46
CA LEU H 387 33.42 51.56 31.55
C LEU H 387 32.59 50.37 31.07
N ARG H 388 33.00 49.16 31.45
CA ARG H 388 32.37 47.98 30.87
C ARG H 388 31.24 47.46 31.74
N ALA H 389 31.35 47.58 33.05
CA ALA H 389 30.29 47.15 33.93
C ALA H 389 29.98 48.24 34.92
N ALA H 390 28.76 48.21 35.46
CA ALA H 390 28.41 49.15 36.50
C ALA H 390 27.42 48.47 37.43
N ARG H 391 27.72 48.52 38.72
CA ARG H 391 26.88 47.92 39.74
C ARG H 391 26.57 48.98 40.79
N ILE H 392 25.30 49.38 40.87
CA ILE H 392 24.90 50.49 41.72
C ILE H 392 24.03 49.97 42.83
N GLU H 393 24.35 50.34 44.06
CA GLU H 393 23.51 50.02 45.20
C GLU H 393 23.05 51.30 45.85
N VAL H 394 21.75 51.44 46.06
CA VAL H 394 21.16 52.63 46.65
C VAL H 394 20.49 52.23 47.95
N MET H 395 20.91 52.85 49.04
CA MET H 395 20.36 52.60 50.36
C MET H 395 19.95 53.91 51.01
N ASP H 396 19.13 53.82 52.03
CA ASP H 396 18.63 54.99 52.74
C ASP H 396 19.50 55.27 53.94
N VAL H 397 19.69 56.55 54.25
CA VAL H 397 20.22 56.92 55.55
C VAL H 397 19.06 56.81 56.52
N GLU H 398 19.10 55.80 57.40
CA GLU H 398 17.97 55.50 58.27
C GLU H 398 17.79 56.59 59.31
N GLY H 399 16.56 57.02 59.50
CA GLY H 399 16.30 58.08 60.45
C GLY H 399 16.70 59.45 59.97
N ASN H 400 16.90 59.62 58.67
CA ASN H 400 17.20 60.94 58.10
C ASN H 400 16.60 60.96 56.71
N PRO H 401 15.32 61.32 56.61
CA PRO H 401 14.51 60.85 55.48
C PRO H 401 14.83 61.57 54.19
N GLY H 402 14.75 60.83 53.10
CA GLY H 402 15.12 61.31 51.80
C GLY H 402 16.57 61.11 51.45
N TRP H 403 17.47 61.23 52.42
CA TRP H 403 18.90 61.13 52.18
C TRP H 403 19.27 59.72 51.77
N TYR H 404 19.78 59.59 50.55
CA TYR H 404 20.05 58.29 49.98
C TYR H 404 21.56 58.08 49.91
N GLN H 405 21.98 56.83 49.99
CA GLN H 405 23.39 56.49 50.11
C GLN H 405 23.73 55.52 48.97
N VAL H 406 24.61 55.94 48.08
CA VAL H 406 24.80 55.25 46.81
C VAL H 406 26.24 54.80 46.68
N SER H 407 26.44 53.57 46.25
CA SER H 407 27.75 53.07 45.87
C SER H 407 27.77 52.79 44.38
N LEU H 408 28.58 53.52 43.65
CA LEU H 408 28.69 53.39 42.21
C LEU H 408 30.06 52.83 41.88
N SER H 409 30.10 51.58 41.42
CA SER H 409 31.33 50.85 41.19
C SER H 409 31.43 50.49 39.72
N VAL H 410 32.55 50.85 39.09
CA VAL H 410 32.71 50.64 37.67
C VAL H 410 33.90 49.72 37.42
N ARG H 411 33.96 49.14 36.23
CA ARG H 411 35.06 48.29 35.80
C ARG H 411 35.49 48.75 34.42
N PRO H 412 36.57 49.50 34.31
CA PRO H 412 36.91 50.12 33.02
C PRO H 412 37.51 49.11 32.07
N HIS H 413 37.65 49.53 30.82
CA HIS H 413 38.40 48.73 29.87
C HIS H 413 39.87 48.75 30.23
N PHE H 414 40.46 47.57 30.31
CA PHE H 414 41.88 47.45 30.60
C PHE H 414 42.67 47.84 29.36
N LYS H 415 43.60 48.74 29.54
CA LYS H 415 44.45 49.13 28.43
C LYS H 415 45.78 48.40 28.54
N TYR H 416 46.29 47.97 27.39
CA TYR H 416 47.41 47.03 27.29
C TYR H 416 48.69 47.66 27.80
N MET H 417 49.13 47.27 28.99
CA MET H 417 50.32 47.89 29.58
C MET H 417 51.35 46.88 30.05
N GLY H 418 51.73 45.94 29.21
CA GLY H 418 52.87 45.09 29.51
C GLY H 418 52.53 43.62 29.37
N ALA H 419 53.49 42.86 28.88
CA ALA H 419 53.31 41.43 28.75
C ALA H 419 54.67 40.76 28.77
N ASN H 420 54.69 39.48 29.12
CA ASN H 420 55.88 38.66 29.03
C ASN H 420 55.68 37.60 27.96
N PHE H 421 56.71 37.37 27.16
CA PHE H 421 56.64 36.40 26.09
C PHE H 421 57.69 35.31 26.29
N GLU H 422 57.29 34.08 26.05
CA GLU H 422 58.18 32.94 26.05
C GLU H 422 57.99 32.22 24.72
N LEU H 423 59.08 32.03 23.98
CA LEU H 423 59.03 31.37 22.69
C LEU H 423 59.76 30.04 22.76
N SER H 424 59.36 29.10 21.91
CA SER H 424 60.00 27.79 21.90
C SER H 424 59.78 27.09 20.57
N LEU H 425 60.86 26.66 19.95
CA LEU H 425 60.75 25.80 18.78
C LEU H 425 60.29 24.43 19.24
N VAL H 426 59.45 23.78 18.43
CA VAL H 426 58.98 22.44 18.74
C VAL H 426 58.54 21.78 17.43
N GLY H 427 58.66 20.45 17.38
CA GLY H 427 58.03 19.68 16.33
C GLY H 427 56.64 19.29 16.78
N ARG H 428 55.98 18.41 16.02
CA ARG H 428 54.81 17.64 16.44
C ARG H 428 53.56 18.50 16.67
N LEU H 429 53.64 19.81 16.54
CA LEU H 429 52.53 20.69 16.91
C LEU H 429 51.43 20.67 15.85
N ASP H 430 50.19 20.71 16.31
CA ASP H 430 49.03 20.77 15.42
C ASP H 430 48.92 22.14 14.77
N SER I 1 76.84 29.32 34.45
CA SER I 1 75.43 29.13 34.79
C SER I 1 74.80 28.09 33.91
N LYS I 2 73.57 27.73 34.22
CA LYS I 2 72.86 26.73 33.45
C LYS I 2 71.45 27.15 33.03
N GLU I 3 70.87 28.19 33.63
CA GLU I 3 69.52 28.62 33.29
C GLU I 3 69.50 29.71 32.24
N GLY I 4 70.63 30.01 31.63
CA GLY I 4 70.67 31.15 30.75
C GLY I 4 70.62 32.41 31.57
N SER I 5 70.23 33.50 30.89
CA SER I 5 70.07 34.77 31.56
C SER I 5 68.94 35.54 30.88
N VAL I 6 68.47 36.57 31.57
CA VAL I 6 67.43 37.43 31.04
C VAL I 6 67.90 38.87 31.16
N ALA I 7 67.20 39.76 30.48
CA ALA I 7 67.39 41.17 30.68
C ALA I 7 66.66 41.59 31.95
N PRO I 8 66.95 42.77 32.49
CA PRO I 8 66.05 43.33 33.51
C PRO I 8 64.70 43.62 32.89
N LYS I 9 63.66 43.56 33.72
CA LYS I 9 62.27 43.52 33.27
C LYS I 9 61.89 44.84 32.60
N GLU I 10 61.26 44.71 31.45
CA GLU I 10 60.86 45.86 30.65
C GLU I 10 59.33 45.80 30.50
N ARG I 11 58.80 46.65 29.62
CA ARG I 11 57.40 46.57 29.26
C ARG I 11 57.06 45.28 28.54
N ILE I 12 57.92 44.84 27.63
CA ILE I 12 57.70 43.62 26.86
C ILE I 12 58.86 42.69 27.17
N ASN I 13 58.61 41.67 28.00
CA ASN I 13 59.64 40.70 28.33
C ASN I 13 59.57 39.56 27.34
N ILE I 14 60.63 39.37 26.57
CA ILE I 14 60.74 38.23 25.66
C ILE I 14 61.98 37.45 26.01
N LYS I 15 61.79 36.18 26.36
CA LYS I 15 62.88 35.26 26.60
C LYS I 15 62.51 33.94 25.97
N TYR I 16 63.51 33.15 25.65
CA TYR I 16 63.27 31.85 25.03
C TYR I 16 63.63 30.76 26.00
N ILE I 17 62.71 29.82 26.18
CA ILE I 17 62.91 28.66 27.03
C ILE I 17 62.89 27.43 26.15
N PRO I 18 63.33 26.28 26.64
CA PRO I 18 63.03 25.05 25.91
C PRO I 18 61.55 24.78 26.01
N ALA I 19 60.85 25.09 24.94
CA ALA I 19 59.40 25.18 24.99
C ALA I 19 58.73 23.84 24.83
N THR I 20 59.50 22.75 24.89
CA THR I 20 58.90 21.42 24.87
C THR I 20 58.06 21.19 26.11
N GLY I 21 58.48 21.77 27.23
CA GLY I 21 57.72 21.71 28.46
C GLY I 21 57.64 20.30 28.99
N ASP I 22 58.66 19.50 28.68
CA ASP I 22 58.61 18.07 28.94
C ASP I 22 58.81 17.83 30.42
N ALA I 23 57.70 17.90 31.15
CA ALA I 23 57.70 17.39 32.51
C ALA I 23 57.91 15.88 32.48
N GLN I 24 58.50 15.37 33.56
CA GLN I 24 58.94 13.98 33.68
C GLN I 24 59.90 13.60 32.55
N ALA I 25 60.83 14.50 32.25
CA ALA I 25 61.92 14.22 31.32
C ALA I 25 63.22 14.65 31.98
N GLU I 26 64.13 13.70 32.14
CA GLU I 26 65.43 13.96 32.73
C GLU I 26 66.50 13.43 31.78
N ALA I 27 67.70 13.98 31.88
CA ALA I 27 68.77 13.68 30.95
C ALA I 27 69.76 12.74 31.61
N GLU I 28 70.19 11.73 30.86
CA GLU I 28 71.22 10.81 31.29
C GLU I 28 72.14 10.54 30.11
N VAL I 29 73.43 10.43 30.39
CA VAL I 29 74.35 9.94 29.38
C VAL I 29 74.20 8.42 29.33
N GLU I 30 74.22 7.84 28.13
CA GLU I 30 74.28 6.39 28.01
C GLU I 30 75.55 5.90 28.66
N LEU I 31 75.40 5.23 29.79
CA LEU I 31 76.53 4.89 30.62
C LEU I 31 77.41 3.87 29.93
N PRO I 32 78.71 4.02 29.96
CA PRO I 32 79.58 3.07 29.29
C PRO I 32 79.63 1.76 30.03
N LEU I 33 79.59 0.67 29.28
CA LEU I 33 79.79 -0.66 29.82
C LEU I 33 81.28 -0.86 30.09
N LYS I 34 81.73 -0.30 31.21
CA LYS I 34 83.16 -0.19 31.43
C LYS I 34 83.73 -1.50 31.94
N THR I 35 84.24 -2.31 31.02
CA THR I 35 84.81 -3.59 31.37
C THR I 35 86.18 -3.38 32.00
N LEU I 36 86.40 -4.00 33.14
CA LEU I 36 87.63 -3.86 33.87
C LEU I 36 88.41 -5.15 33.74
N VAL I 37 89.23 -5.27 32.72
CA VAL I 37 90.03 -6.46 32.51
C VAL I 37 91.15 -6.48 33.53
N VAL I 38 91.17 -7.52 34.36
CA VAL I 38 92.17 -7.68 35.41
C VAL I 38 92.92 -8.97 35.16
N GLY I 39 94.22 -8.88 34.92
CA GLY I 39 95.00 -10.07 34.69
C GLY I 39 96.47 -9.77 34.79
N ASP I 40 97.27 -10.85 34.79
CA ASP I 40 98.72 -10.74 34.92
C ASP I 40 99.27 -10.17 33.63
N PHE I 41 99.79 -8.94 33.72
CA PHE I 41 100.18 -8.18 32.56
C PHE I 41 101.63 -7.73 32.57
N LYS I 42 102.39 -8.06 33.61
CA LYS I 42 103.80 -7.74 33.68
C LYS I 42 104.53 -8.93 34.28
N GLY I 43 105.83 -8.98 34.04
CA GLY I 43 106.58 -10.17 34.40
C GLY I 43 106.99 -10.27 35.84
N HIS I 44 106.45 -9.45 36.73
CA HIS I 44 106.94 -9.41 38.09
C HIS I 44 105.87 -8.85 39.00
N ALA I 45 106.07 -9.07 40.30
CA ALA I 45 105.25 -8.44 41.31
C ALA I 45 105.71 -7.02 41.53
N GLU I 46 104.76 -6.14 41.81
CA GLU I 46 105.08 -4.77 42.16
C GLU I 46 104.86 -4.55 43.65
N GLN I 47 105.81 -3.85 44.27
CA GLN I 47 105.71 -3.56 45.70
C GLN I 47 104.62 -2.55 46.01
N THR I 48 104.16 -1.82 45.01
CA THR I 48 103.20 -0.76 45.22
C THR I 48 101.85 -1.36 45.62
N PRO I 49 101.23 -0.88 46.70
CA PRO I 49 99.98 -1.50 47.18
C PRO I 49 98.85 -1.27 46.19
N LEU I 50 97.80 -2.06 46.36
CA LEU I 50 96.81 -2.19 45.30
C LEU I 50 95.96 -0.94 45.17
N GLU I 51 95.80 -0.20 46.26
CA GLU I 51 94.98 1.01 46.20
C GLU I 51 95.68 2.15 45.48
N GLU I 52 97.00 2.09 45.31
CA GLU I 52 97.72 3.23 44.75
C GLU I 52 98.01 3.08 43.26
N ARG I 53 98.16 1.86 42.76
CA ARG I 53 98.39 1.71 41.33
C ARG I 53 97.12 2.03 40.57
N ALA I 54 97.27 2.50 39.34
CA ALA I 54 96.17 3.14 38.64
C ALA I 54 95.67 2.29 37.47
N THR I 55 94.42 2.52 37.08
CA THR I 55 93.85 1.89 35.92
C THR I 55 94.36 2.57 34.66
N VAL I 56 94.43 1.81 33.58
CA VAL I 56 94.95 2.30 32.31
C VAL I 56 93.88 2.19 31.27
N THR I 57 93.44 3.33 30.74
CA THR I 57 92.43 3.32 29.70
C THR I 57 93.06 2.82 28.42
N VAL I 58 92.40 1.86 27.78
CA VAL I 58 92.88 1.26 26.55
C VAL I 58 91.79 1.38 25.50
N ASP I 59 92.15 1.93 24.35
CA ASP I 59 91.28 1.78 23.20
C ASP I 59 92.09 1.22 22.04
N LYS I 60 91.47 1.20 20.87
CA LYS I 60 92.20 0.79 19.68
C LYS I 60 93.23 1.83 19.29
N ASN I 61 93.03 3.08 19.69
CA ASN I 61 93.84 4.16 19.18
C ASN I 61 95.10 4.39 20.00
N ASN I 62 95.24 3.78 21.16
CA ASN I 62 96.52 3.90 21.84
C ASN I 62 97.03 2.60 22.44
N PHE I 63 96.68 1.44 21.87
CA PHE I 63 97.07 0.17 22.48
C PHE I 63 98.57 -0.04 22.39
N GLU I 64 99.18 0.38 21.28
CA GLU I 64 100.63 0.33 21.20
C GLU I 64 101.25 1.35 22.15
N ALA I 65 100.55 2.43 22.44
CA ALA I 65 101.04 3.37 23.44
C ALA I 65 100.89 2.80 24.83
N VAL I 66 99.88 1.96 25.05
CA VAL I 66 99.71 1.35 26.36
C VAL I 66 100.77 0.29 26.61
N MET I 67 101.03 -0.55 25.60
CA MET I 67 102.13 -1.49 25.73
C MET I 67 103.47 -0.78 25.77
N ARG I 68 103.55 0.41 25.16
CA ARG I 68 104.79 1.17 25.19
C ARG I 68 105.06 1.73 26.58
N GLU I 69 104.05 2.32 27.19
CA GLU I 69 104.24 2.92 28.52
C GLU I 69 104.28 1.86 29.61
N SER I 70 103.82 0.65 29.31
CA SER I 70 103.75 -0.38 30.34
C SER I 70 105.13 -0.86 30.77
N GLU I 71 106.13 -0.71 29.89
CA GLU I 71 107.51 -1.13 30.11
C GLU I 71 107.60 -2.60 30.46
N LEU I 72 107.19 -3.45 29.53
CA LEU I 72 107.13 -4.88 29.72
C LEU I 72 108.53 -5.44 29.85
N LYS I 73 108.65 -6.63 30.45
CA LYS I 73 109.94 -7.24 30.69
C LYS I 73 109.74 -8.71 31.00
N ILE I 74 110.63 -9.54 30.47
CA ILE I 74 110.77 -10.94 30.89
C ILE I 74 112.26 -11.22 31.05
N THR I 75 112.64 -11.72 32.22
CA THR I 75 114.01 -12.11 32.49
C THR I 75 114.01 -13.54 33.00
N ALA I 76 114.49 -14.49 32.18
CA ALA I 76 114.34 -15.89 32.52
C ALA I 76 115.44 -16.71 31.88
N THR I 77 115.32 -18.02 32.04
CA THR I 77 116.33 -18.99 31.63
C THR I 77 115.67 -20.09 30.82
N VAL I 78 116.28 -20.44 29.68
CA VAL I 78 115.79 -21.51 28.82
C VAL I 78 116.89 -22.56 28.63
N LYS I 79 116.48 -23.73 28.16
CA LYS I 79 117.44 -24.75 27.76
C LYS I 79 118.09 -24.36 26.44
N ASN I 80 119.42 -24.48 26.39
CA ASN I 80 120.20 -24.03 25.24
C ASN I 80 120.48 -25.22 24.33
N LYS I 81 120.05 -25.14 23.07
CA LYS I 81 120.16 -26.23 22.12
C LYS I 81 121.02 -25.88 20.90
N LEU I 82 122.05 -25.05 21.08
CA LEU I 82 123.02 -24.80 20.03
C LEU I 82 124.21 -25.73 20.08
N THR I 83 124.16 -26.74 20.93
CA THR I 83 125.26 -27.69 21.12
C THR I 83 124.66 -29.02 21.58
N ASP I 84 125.49 -29.88 22.16
CA ASP I 84 125.03 -31.19 22.58
C ASP I 84 125.17 -31.41 24.08
N ASP I 85 124.76 -30.43 24.88
CA ASP I 85 124.92 -30.51 26.34
C ASP I 85 123.58 -30.19 26.99
N GLU I 86 123.22 -30.98 28.01
CA GLU I 86 121.97 -30.77 28.74
C GLU I 86 122.08 -29.63 29.75
N ASN I 87 123.21 -29.51 30.44
CA ASN I 87 123.41 -28.51 31.47
C ASN I 87 123.58 -27.11 30.90
N ALA I 88 123.85 -26.99 29.60
CA ALA I 88 124.05 -25.70 28.97
C ALA I 88 122.73 -24.97 28.90
N GLU I 89 122.63 -23.84 29.59
CA GLU I 89 121.41 -23.06 29.64
C GLU I 89 121.68 -21.72 28.99
N LEU I 90 120.62 -21.11 28.47
CA LEU I 90 120.73 -19.81 27.83
C LEU I 90 119.95 -18.78 28.63
N PRO I 91 120.60 -17.85 29.30
CA PRO I 91 119.86 -16.75 29.93
C PRO I 91 119.41 -15.74 28.89
N VAL I 92 118.16 -15.28 29.00
CA VAL I 92 117.64 -14.27 28.09
C VAL I 92 117.21 -13.06 28.92
N GLU I 93 117.29 -11.90 28.28
CA GLU I 93 116.88 -10.62 28.88
C GLU I 93 116.21 -9.82 27.78
N LEU I 94 114.88 -9.74 27.81
CA LEU I 94 114.13 -9.16 26.71
C LEU I 94 113.54 -7.82 27.10
N ASN I 95 113.15 -7.04 26.09
CA ASN I 95 112.38 -5.82 26.28
C ASN I 95 111.31 -5.73 25.22
N PHE I 96 110.10 -5.40 25.64
CA PHE I 96 108.94 -5.49 24.78
C PHE I 96 108.28 -4.13 24.68
N LYS I 97 107.83 -3.77 23.49
CA LYS I 97 107.16 -2.50 23.32
C LYS I 97 105.81 -2.60 22.63
N SER I 98 105.64 -3.52 21.69
CA SER I 98 104.36 -3.70 21.02
C SER I 98 104.23 -5.15 20.63
N LEU I 99 103.15 -5.47 19.93
CA LEU I 99 102.91 -6.89 19.61
C LEU I 99 103.75 -7.37 18.43
N ALA I 100 104.55 -6.49 17.84
CA ALA I 100 105.58 -6.99 16.95
C ALA I 100 106.67 -7.70 17.71
N ASP I 101 106.88 -7.36 18.98
CA ASP I 101 108.03 -7.87 19.73
C ASP I 101 107.88 -9.31 20.18
N PHE I 102 106.75 -9.94 19.93
CA PHE I 102 106.59 -11.34 20.29
C PHE I 102 106.87 -12.27 19.10
N ALA I 103 107.12 -11.69 17.93
CA ALA I 103 107.47 -12.47 16.76
C ALA I 103 108.87 -13.05 16.92
N PRO I 104 109.22 -14.10 16.17
CA PRO I 104 110.60 -14.62 16.25
C PRO I 104 111.63 -13.70 15.62
N ASP I 105 111.21 -12.67 14.89
CA ASP I 105 112.17 -11.71 14.35
C ASP I 105 112.77 -10.88 15.46
N ALA I 106 111.93 -10.18 16.24
CA ALA I 106 112.43 -9.33 17.30
C ALA I 106 113.01 -10.15 18.44
N VAL I 107 112.47 -11.33 18.70
CA VAL I 107 113.06 -12.22 19.69
C VAL I 107 114.42 -12.72 19.18
N ALA I 108 114.53 -12.90 17.87
CA ALA I 108 115.82 -13.27 17.30
C ALA I 108 116.81 -12.11 17.38
N SER I 109 116.31 -10.88 17.45
CA SER I 109 117.21 -9.75 17.58
C SER I 109 117.59 -9.48 19.03
N GLN I 110 116.73 -9.82 19.99
CA GLN I 110 116.97 -9.45 21.37
C GLN I 110 117.77 -10.48 22.15
N VAL I 111 118.13 -11.59 21.54
CA VAL I 111 119.04 -12.52 22.21
C VAL I 111 120.30 -12.60 21.34
N PRO I 112 121.45 -12.11 21.83
CA PRO I 112 122.65 -12.06 20.97
C PRO I 112 123.19 -13.41 20.55
N GLU I 113 122.92 -14.45 21.35
CA GLU I 113 123.32 -15.80 20.98
C GLU I 113 122.50 -16.35 19.82
N LEU I 114 121.42 -15.69 19.45
CA LEU I 114 120.75 -15.93 18.19
C LEU I 114 121.02 -14.85 17.16
N LYS I 115 121.27 -13.62 17.60
CA LYS I 115 121.50 -12.50 16.67
C LYS I 115 122.77 -12.71 15.87
N LYS I 116 123.81 -13.24 16.52
CA LYS I 116 125.04 -13.54 15.82
C LYS I 116 124.84 -14.66 14.81
N LEU I 117 123.90 -15.57 15.05
CA LEU I 117 123.63 -16.62 14.07
C LEU I 117 122.76 -16.13 12.93
N ILE I 118 121.90 -15.14 13.18
CA ILE I 118 121.16 -14.53 12.08
C ILE I 118 122.11 -13.76 11.19
N GLU I 119 123.04 -13.01 11.78
CA GLU I 119 124.01 -12.26 10.98
C GLU I 119 124.97 -13.20 10.26
N LEU I 120 125.32 -14.32 10.91
CA LEU I 120 126.20 -15.30 10.27
C LEU I 120 125.47 -16.00 9.14
N ARG I 121 124.17 -16.19 9.28
CA ARG I 121 123.35 -16.67 8.19
C ARG I 121 123.32 -15.66 7.06
N GLU I 122 123.33 -14.36 7.40
CA GLU I 122 123.39 -13.33 6.37
C GLU I 122 124.76 -13.28 5.71
N ALA I 123 125.80 -13.77 6.40
CA ALA I 123 127.10 -13.93 5.76
C ALA I 123 127.11 -15.13 4.82
N LEU I 124 126.39 -16.19 5.17
CA LEU I 124 126.40 -17.39 4.34
C LEU I 124 125.50 -17.23 3.12
N VAL I 125 124.44 -16.42 3.24
CA VAL I 125 123.55 -16.23 2.09
C VAL I 125 124.19 -15.30 1.06
N ALA I 126 124.80 -14.21 1.50
CA ALA I 126 125.42 -13.26 0.59
C ALA I 126 126.67 -13.82 -0.08
N LEU I 127 127.40 -14.71 0.60
CA LEU I 127 128.57 -15.44 0.11
C LEU I 127 129.70 -14.52 -0.35
N ASN J 1 129.43 -26.78 -4.71
CA ASN J 1 129.88 -25.69 -3.87
C ASN J 1 128.70 -24.95 -3.26
N LYS J 2 127.81 -24.49 -4.13
CA LYS J 2 126.64 -23.73 -3.69
C LYS J 2 125.70 -24.61 -2.87
N SER J 3 125.57 -25.88 -3.26
CA SER J 3 124.67 -26.80 -2.56
C SER J 3 125.17 -27.09 -1.15
N LEU J 4 126.48 -27.04 -0.95
CA LEU J 4 127.01 -27.21 0.41
C LEU J 4 126.71 -25.99 1.26
N VAL J 5 126.72 -24.80 0.65
CA VAL J 5 126.34 -23.58 1.35
C VAL J 5 124.87 -23.63 1.75
N ASP J 6 124.02 -24.15 0.85
CA ASP J 6 122.60 -24.27 1.15
C ASP J 6 122.34 -25.33 2.23
N GLN J 7 123.15 -26.40 2.25
CA GLN J 7 123.03 -27.39 3.32
C GLN J 7 123.44 -26.78 4.66
N MET J 8 124.44 -25.90 4.65
CA MET J 8 124.79 -25.17 5.87
C MET J 8 123.68 -24.21 6.28
N LEU J 9 122.92 -23.68 5.30
CA LEU J 9 121.78 -22.84 5.64
C LEU J 9 120.65 -23.64 6.26
N VAL J 10 120.42 -24.87 5.79
CA VAL J 10 119.36 -25.71 6.35
C VAL J 10 119.72 -26.16 7.77
N GLU J 11 120.99 -26.54 7.97
CA GLU J 11 121.42 -26.93 9.31
C GLU J 11 121.42 -25.77 10.28
N LEU J 12 121.81 -24.58 9.79
CA LEU J 12 121.82 -23.41 10.65
C LEU J 12 120.40 -22.97 11.01
N ASP J 13 119.47 -23.10 10.07
CA ASP J 13 118.06 -22.82 10.36
C ASP J 13 117.49 -23.85 11.32
N LYS J 14 118.02 -25.07 11.30
CA LYS J 14 117.64 -26.05 12.31
C LYS J 14 118.17 -25.63 13.68
N LYS J 15 119.32 -24.97 13.72
CA LYS J 15 119.85 -24.53 15.01
C LYS J 15 119.06 -23.36 15.57
N ILE J 16 118.85 -22.32 14.75
CA ILE J 16 118.18 -21.12 15.24
C ILE J 16 116.70 -21.40 15.50
N SER J 17 116.08 -22.21 14.65
CA SER J 17 114.70 -22.61 14.93
C SER J 17 114.62 -23.54 16.13
N ALA J 18 115.67 -24.33 16.37
CA ALA J 18 115.70 -25.20 17.53
C ALA J 18 115.76 -24.40 18.82
N GLN J 19 116.48 -23.29 18.83
CA GLN J 19 116.50 -22.46 20.03
C GLN J 19 115.22 -21.63 20.15
N MET J 20 114.72 -21.15 19.02
CA MET J 20 113.55 -20.28 19.02
C MET J 20 112.32 -21.03 19.48
N ASP J 21 112.27 -22.34 19.20
CA ASP J 21 111.23 -23.18 19.77
C ASP J 21 111.33 -23.22 21.29
N GLU J 22 112.53 -23.06 21.85
CA GLU J 22 112.65 -23.12 23.30
C GLU J 22 112.31 -21.78 23.93
N ILE J 23 112.61 -20.67 23.25
CA ILE J 23 112.24 -19.38 23.83
C ILE J 23 110.74 -19.15 23.74
N LEU J 24 110.14 -19.42 22.58
CA LEU J 24 108.73 -19.13 22.41
C LEU J 24 107.82 -20.06 23.20
N HIS J 25 108.33 -21.19 23.67
CA HIS J 25 107.50 -22.07 24.49
C HIS J 25 107.77 -21.86 25.96
N ASN J 26 108.41 -20.77 26.34
CA ASN J 26 108.66 -20.49 27.75
C ASN J 26 107.35 -20.11 28.44
N SER J 27 107.18 -20.64 29.65
CA SER J 27 105.89 -20.57 30.32
C SER J 27 105.55 -19.16 30.73
N GLN J 28 106.52 -18.43 31.29
CA GLN J 28 106.30 -17.03 31.59
C GLN J 28 106.08 -16.23 30.31
N PHE J 29 106.75 -16.62 29.24
CA PHE J 29 106.57 -15.95 27.96
C PHE J 29 105.23 -16.30 27.36
N GLN J 30 104.73 -17.49 27.64
CA GLN J 30 103.38 -17.81 27.22
C GLN J 30 102.37 -17.06 28.05
N ALA J 31 102.71 -16.72 29.29
CA ALA J 31 101.78 -15.95 30.11
C ALA J 31 101.70 -14.51 29.60
N MET J 32 102.85 -13.92 29.30
CA MET J 32 102.86 -12.56 28.79
C MET J 32 102.22 -12.47 27.42
N GLU J 33 102.65 -13.35 26.51
CA GLU J 33 102.17 -13.32 25.14
C GLU J 33 100.70 -13.70 25.07
N SER J 34 100.28 -14.63 25.94
CA SER J 34 98.89 -15.02 25.98
C SER J 34 98.02 -13.89 26.50
N ALA J 35 98.48 -13.20 27.54
CA ALA J 35 97.70 -12.12 28.12
C ALA J 35 97.59 -10.94 27.16
N TRP J 36 98.69 -10.54 26.56
CA TRP J 36 98.63 -9.36 25.71
C TRP J 36 98.03 -9.66 24.35
N ARG J 37 98.40 -10.77 23.73
CA ARG J 37 97.86 -11.06 22.41
C ARG J 37 96.38 -11.41 22.52
N GLY J 38 96.02 -12.13 23.58
CA GLY J 38 94.60 -12.33 23.85
C GLY J 38 93.90 -11.02 24.17
N LEU J 39 94.63 -10.07 24.77
CA LEU J 39 94.02 -8.79 25.07
C LEU J 39 93.72 -8.01 23.81
N LYS J 40 94.61 -8.06 22.82
CA LYS J 40 94.30 -7.40 21.57
C LYS J 40 93.19 -8.13 20.84
N LEU J 41 93.11 -9.45 21.01
CA LEU J 41 92.01 -10.21 20.43
C LEU J 41 90.67 -9.78 21.01
N PHE J 42 90.64 -9.43 22.28
CA PHE J 42 89.42 -8.84 22.84
C PHE J 42 89.22 -7.41 22.34
N VAL J 43 90.30 -6.64 22.21
CA VAL J 43 90.16 -5.21 21.98
C VAL J 43 89.65 -4.93 20.57
N ASP J 44 90.27 -5.53 19.56
CA ASP J 44 89.92 -5.12 18.21
C ASP J 44 88.58 -5.66 17.73
N ARG J 45 87.97 -6.59 18.46
CA ARG J 45 86.68 -7.12 18.07
C ARG J 45 85.52 -6.33 18.67
N THR J 46 85.81 -5.38 19.53
CA THR J 46 84.76 -4.53 20.08
C THR J 46 84.61 -3.30 19.21
N ASP J 47 83.79 -2.35 19.66
CA ASP J 47 83.49 -1.17 18.88
C ASP J 47 83.45 0.05 19.80
N PHE J 48 84.58 0.75 19.91
CA PHE J 48 84.71 1.82 20.89
C PHE J 48 84.09 3.11 20.42
N ARG J 49 83.58 3.17 19.21
CA ARG J 49 82.77 4.31 18.83
C ARG J 49 81.32 4.18 19.25
N GLU J 50 80.99 3.15 20.03
CA GLU J 50 79.66 3.03 20.61
C GLU J 50 79.69 3.02 22.14
N ASN J 51 80.56 3.85 22.72
CA ASN J 51 80.64 4.09 24.17
C ASN J 51 80.95 2.83 24.95
N ASN J 52 82.13 2.26 24.72
CA ASN J 52 82.65 1.17 25.53
C ASN J 52 84.05 1.53 25.96
N LYS J 53 84.35 1.30 27.23
CA LYS J 53 85.71 1.54 27.67
C LYS J 53 86.23 0.29 28.36
N VAL J 54 87.45 -0.08 28.02
CA VAL J 54 88.09 -1.19 28.70
C VAL J 54 89.30 -0.65 29.43
N GLU J 55 89.36 -0.94 30.72
CA GLU J 55 90.43 -0.49 31.55
C GLU J 55 91.24 -1.68 32.00
N ILE J 56 92.50 -1.43 32.29
CA ILE J 56 93.48 -2.46 32.56
C ILE J 56 94.05 -2.21 33.94
N LEU J 57 94.08 -3.22 34.79
CA LEU J 57 94.74 -3.12 36.08
C LEU J 57 95.58 -4.37 36.29
N HIS J 58 96.90 -4.20 36.33
CA HIS J 58 97.83 -5.30 36.49
C HIS J 58 97.74 -5.87 37.89
N VAL J 59 97.07 -7.01 38.04
CA VAL J 59 96.96 -7.66 39.35
C VAL J 59 97.23 -9.13 39.16
N THR J 60 98.12 -9.70 39.97
CA THR J 60 98.23 -11.14 40.02
C THR J 60 97.39 -11.66 41.18
N LYS J 61 97.13 -12.98 41.17
CA LYS J 61 96.18 -13.57 42.12
C LYS J 61 96.66 -13.43 43.55
N ASP J 62 97.98 -13.50 43.74
CA ASP J 62 98.52 -13.52 45.08
C ASP J 62 98.36 -12.18 45.77
N GLU J 63 98.21 -11.10 45.00
CA GLU J 63 97.94 -9.84 45.67
C GLU J 63 96.45 -9.51 45.72
N LEU J 64 95.59 -10.25 45.01
CA LEU J 64 94.18 -10.19 45.35
C LEU J 64 93.93 -10.89 46.68
N LEU J 65 94.60 -12.01 46.90
CA LEU J 65 94.38 -12.72 48.15
C LEU J 65 95.10 -12.05 49.30
N GLU J 66 96.34 -11.63 49.09
CA GLU J 66 97.07 -10.89 50.10
C GLU J 66 96.40 -9.54 50.36
N ASP J 67 95.80 -8.97 49.32
CA ASP J 67 95.11 -7.69 49.49
C ASP J 67 93.82 -7.83 50.26
N PHE J 68 92.99 -8.77 49.86
CA PHE J 68 91.72 -8.99 50.56
C PHE J 68 91.92 -9.44 51.98
N GLU J 69 92.89 -10.30 52.24
CA GLU J 69 93.13 -10.68 53.63
C GLU J 69 93.80 -9.57 54.41
N PHE J 70 94.58 -8.72 53.74
CA PHE J 70 95.18 -7.60 54.44
C PHE J 70 94.13 -6.53 54.69
N ALA J 71 93.09 -6.50 53.87
CA ALA J 71 91.99 -5.57 54.10
C ALA J 71 91.13 -6.09 55.26
N PRO J 72 90.59 -5.19 56.08
CA PRO J 72 89.85 -5.63 57.26
C PRO J 72 88.51 -6.23 56.91
N GLU J 73 88.04 -5.95 55.71
CA GLU J 73 86.81 -6.53 55.19
C GLU J 73 86.89 -6.46 53.67
N THR J 74 85.76 -6.66 53.01
CA THR J 74 85.76 -6.47 51.57
C THR J 74 85.62 -5.01 51.21
N ALA J 75 85.13 -4.20 52.15
CA ALA J 75 84.70 -2.85 51.81
C ALA J 75 85.80 -1.81 51.92
N GLN J 76 87.03 -2.21 52.17
CA GLN J 76 88.11 -1.24 52.22
C GLN J 76 89.33 -1.70 51.46
N SER J 77 89.20 -2.67 50.58
CA SER J 77 90.36 -3.13 49.84
C SER J 77 90.72 -2.15 48.74
N GLY J 78 91.78 -2.48 47.99
CA GLY J 78 92.14 -1.65 46.86
C GLY J 78 91.15 -1.79 45.72
N LEU J 79 90.80 -3.02 45.37
CA LEU J 79 89.97 -3.27 44.20
C LEU J 79 88.56 -2.77 44.42
N TYR J 80 88.11 -2.73 45.68
CA TYR J 80 86.83 -2.13 45.98
C TYR J 80 86.86 -0.63 45.77
N LYS J 81 88.05 -0.03 45.87
CA LYS J 81 88.16 1.40 45.62
C LYS J 81 88.35 1.69 44.14
N HIS J 82 88.83 0.72 43.37
CA HIS J 82 88.94 0.98 41.93
C HIS J 82 87.63 0.66 41.22
N VAL J 83 86.82 -0.23 41.77
CA VAL J 83 85.57 -0.62 41.13
C VAL J 83 84.42 0.18 41.71
N TYR J 84 84.24 0.13 43.02
CA TYR J 84 83.06 0.72 43.64
C TYR J 84 83.24 2.22 43.85
N SER J 85 84.27 2.60 44.58
CA SER J 85 84.33 3.95 45.14
C SER J 85 84.73 4.97 44.09
N ALA J 86 85.62 4.60 43.18
CA ALA J 86 85.94 5.49 42.09
C ALA J 86 84.95 5.41 40.95
N GLY J 87 84.05 4.45 41.01
CA GLY J 87 83.05 4.28 39.98
C GLY J 87 81.64 4.54 40.46
N TYR J 88 80.97 3.43 40.82
CA TYR J 88 79.53 3.37 40.97
C TYR J 88 79.00 4.32 42.03
N GLY J 89 79.74 4.48 43.11
CA GLY J 89 79.23 5.28 44.21
C GLY J 89 79.87 6.64 44.32
N GLN J 90 80.44 7.13 43.22
CA GLN J 90 81.08 8.45 43.18
C GLN J 90 80.17 9.40 42.45
N PHE J 91 80.03 10.62 42.96
CA PHE J 91 79.18 11.61 42.34
C PHE J 91 79.70 11.96 40.97
N GLY J 92 78.99 11.50 39.93
CA GLY J 92 79.32 11.81 38.57
C GLY J 92 80.12 10.76 37.83
N GLY J 93 80.55 9.70 38.52
CA GLY J 93 81.33 8.66 37.88
C GLY J 93 80.49 7.76 37.01
N GLU J 94 81.08 6.66 36.60
CA GLU J 94 80.43 5.74 35.69
C GLU J 94 80.52 4.33 36.27
N PRO J 95 79.51 3.52 36.10
CA PRO J 95 79.52 2.22 36.77
C PRO J 95 80.38 1.21 36.04
N VAL J 96 80.91 0.23 36.78
CA VAL J 96 81.63 -0.88 36.15
C VAL J 96 80.63 -1.90 35.65
N GLY J 97 80.67 -2.19 34.36
CA GLY J 97 79.65 -3.04 33.79
C GLY J 97 79.94 -4.52 34.00
N ALA J 98 81.19 -4.91 33.80
CA ALA J 98 81.60 -6.30 33.95
C ALA J 98 83.08 -6.33 34.28
N ILE J 99 83.50 -7.42 34.91
CA ILE J 99 84.90 -7.62 35.27
C ILE J 99 85.34 -8.92 34.65
N ILE J 100 86.44 -8.88 33.92
CA ILE J 100 86.95 -10.03 33.21
C ILE J 100 88.27 -10.41 33.85
N GLY J 101 88.37 -11.65 34.34
CA GLY J 101 89.56 -12.10 35.01
C GLY J 101 90.41 -12.96 34.08
N ASN J 102 91.62 -12.49 33.82
CA ASN J 102 92.56 -13.26 33.02
C ASN J 102 93.35 -14.18 33.96
N TYR J 103 92.62 -15.08 34.59
CA TYR J 103 93.15 -15.98 35.60
C TYR J 103 92.83 -17.41 35.22
N ALA J 104 93.30 -18.34 36.03
CA ALA J 104 92.88 -19.73 35.96
C ALA J 104 92.70 -20.24 37.38
N PHE J 105 91.59 -20.91 37.63
CA PHE J 105 91.21 -21.25 39.00
C PHE J 105 91.32 -22.75 39.24
N THR J 106 91.84 -23.09 40.41
CA THR J 106 92.05 -24.45 40.87
C THR J 106 91.08 -24.69 42.03
N PRO J 107 90.92 -25.90 42.53
CA PRO J 107 90.15 -26.07 43.77
C PRO J 107 90.90 -25.70 45.04
N SER J 108 92.03 -25.01 44.95
CA SER J 108 92.78 -24.66 46.14
C SER J 108 92.05 -23.61 46.94
N THR J 109 92.12 -23.75 48.26
CA THR J 109 91.50 -22.82 49.20
C THR J 109 91.81 -21.34 48.97
N PRO J 110 93.01 -20.92 48.52
CA PRO J 110 93.15 -19.52 48.07
C PRO J 110 92.22 -19.13 46.92
N ASP J 111 91.97 -20.03 45.98
CA ASP J 111 91.14 -19.66 44.85
C ASP J 111 89.67 -19.55 45.23
N MET J 112 89.21 -20.42 46.11
CA MET J 112 87.81 -20.35 46.49
C MET J 112 87.55 -19.23 47.49
N LYS J 113 88.56 -18.89 48.29
CA LYS J 113 88.41 -17.66 49.07
C LYS J 113 88.40 -16.44 48.17
N LEU J 114 89.18 -16.49 47.09
CA LEU J 114 89.16 -15.43 46.10
C LEU J 114 87.79 -15.29 45.46
N LEU J 115 87.13 -16.40 45.14
CA LEU J 115 85.82 -16.27 44.52
C LEU J 115 84.73 -15.90 45.51
N GLN J 116 84.90 -16.24 46.79
CA GLN J 116 83.94 -15.72 47.76
C GLN J 116 84.03 -14.21 47.84
N TYR J 117 85.25 -13.70 47.91
CA TYR J 117 85.40 -12.26 48.03
C TYR J 117 85.01 -11.53 46.74
N MET J 118 85.31 -12.08 45.57
CA MET J 118 84.89 -11.43 44.35
C MET J 118 83.40 -11.58 44.12
N GLY J 119 82.79 -12.58 44.73
CA GLY J 119 81.34 -12.58 44.83
C GLY J 119 80.83 -11.41 45.65
N ALA J 120 81.56 -11.04 46.71
CA ALA J 120 81.13 -9.91 47.52
C ALA J 120 81.32 -8.59 46.78
N LEU J 121 82.45 -8.44 46.08
CA LEU J 121 82.68 -7.23 45.29
C LEU J 121 81.67 -7.11 44.17
N GLY J 122 81.38 -8.22 43.51
CA GLY J 122 80.33 -8.22 42.51
C GLY J 122 78.96 -7.95 43.11
N ALA J 123 78.81 -8.21 44.40
CA ALA J 123 77.54 -7.90 45.04
C ALA J 123 77.39 -6.41 45.28
N MET J 124 78.40 -5.77 45.85
CA MET J 124 78.21 -4.36 46.20
C MET J 124 78.45 -3.46 45.01
N ALA J 125 79.04 -3.96 43.95
CA ALA J 125 79.35 -3.08 42.83
C ALA J 125 78.64 -3.43 41.55
N HIS J 126 77.82 -4.49 41.55
CA HIS J 126 77.03 -4.95 40.40
C HIS J 126 77.90 -5.21 39.18
N ALA J 127 78.94 -6.01 39.36
CA ALA J 127 79.83 -6.31 38.29
C ALA J 127 80.04 -7.82 38.29
N PRO J 128 79.60 -8.52 37.25
CA PRO J 128 79.85 -9.96 37.19
C PRO J 128 81.32 -10.22 36.92
N PHE J 129 81.85 -11.21 37.62
CA PHE J 129 83.24 -11.60 37.47
C PHE J 129 83.31 -12.85 36.60
N ILE J 130 84.12 -12.81 35.56
CA ILE J 130 84.25 -13.91 34.62
C ILE J 130 85.71 -14.34 34.61
N SER J 131 85.95 -15.64 34.61
CA SER J 131 87.32 -16.11 34.64
C SER J 131 87.39 -17.45 33.93
N SER J 132 88.48 -18.17 34.12
CA SER J 132 88.66 -19.45 33.47
C SER J 132 88.88 -20.56 34.49
N VAL J 133 88.20 -21.66 34.24
CA VAL J 133 88.45 -22.92 34.91
C VAL J 133 89.67 -23.56 34.30
N GLY J 134 90.66 -23.83 35.13
CA GLY J 134 91.88 -24.45 34.71
C GLY J 134 91.70 -25.92 34.46
N PRO J 135 92.70 -26.56 33.87
CA PRO J 135 92.58 -27.99 33.57
C PRO J 135 92.50 -28.87 34.79
N GLU J 136 93.18 -28.52 35.90
CA GLU J 136 93.13 -29.43 37.04
C GLU J 136 91.92 -29.20 37.92
N PHE J 137 90.96 -28.40 37.48
CA PHE J 137 89.76 -28.23 38.29
C PHE J 137 88.84 -29.42 38.16
N PHE J 138 88.98 -30.20 37.10
CA PHE J 138 88.11 -31.34 36.87
C PHE J 138 88.77 -32.62 37.31
N GLY J 139 90.01 -32.54 37.79
CA GLY J 139 90.74 -33.70 38.23
C GLY J 139 91.64 -34.35 37.19
N ILE J 140 91.83 -33.71 36.05
CA ILE J 140 92.57 -34.32 34.95
C ILE J 140 93.77 -33.46 34.59
N ASP J 141 94.54 -33.96 33.62
CA ASP J 141 95.79 -33.31 33.25
C ASP J 141 95.53 -32.04 32.44
N SER J 142 94.95 -32.21 31.26
CA SER J 142 94.64 -31.10 30.39
C SER J 142 93.29 -31.39 29.76
N PHE J 143 92.81 -30.43 28.97
CA PHE J 143 91.42 -30.48 28.54
C PHE J 143 91.15 -31.53 27.49
N GLU J 144 92.16 -32.22 26.99
CA GLU J 144 91.89 -33.18 25.93
C GLU J 144 91.41 -34.52 26.45
N GLU J 145 90.82 -34.60 27.65
CA GLU J 145 90.17 -35.82 28.10
C GLU J 145 88.73 -35.59 28.55
N LEU J 146 88.12 -34.47 28.17
CA LEU J 146 86.67 -34.33 28.36
C LEU J 146 85.84 -35.34 27.57
N PRO J 147 86.25 -35.86 26.41
CA PRO J 147 85.59 -37.08 25.93
C PRO J 147 85.92 -38.33 26.74
N ASN J 148 86.89 -38.28 27.64
CA ASN J 148 87.25 -39.49 28.36
C ASN J 148 86.77 -39.51 29.80
N ILE J 149 86.09 -38.48 30.27
CA ILE J 149 85.53 -38.51 31.61
C ILE J 149 84.09 -39.00 31.53
N LYS J 150 83.77 -40.03 32.32
CA LYS J 150 82.48 -40.68 32.18
C LYS J 150 81.33 -39.84 32.72
N ASP J 151 81.52 -39.16 33.86
CA ASP J 151 80.41 -38.45 34.46
C ASP J 151 80.91 -37.32 35.35
N LEU J 152 80.45 -36.10 35.08
CA LEU J 152 80.93 -34.95 35.85
C LEU J 152 80.12 -34.76 37.12
N LYS J 153 78.82 -35.06 37.06
CA LYS J 153 77.96 -34.88 38.22
C LYS J 153 78.37 -35.81 39.35
N SER J 154 78.87 -36.99 39.01
CA SER J 154 79.39 -37.88 40.05
C SER J 154 80.86 -37.60 40.35
N THR J 155 81.53 -36.84 39.49
CA THR J 155 82.89 -36.42 39.81
C THR J 155 82.88 -35.38 40.91
N PHE J 156 81.95 -34.44 40.87
CA PHE J 156 82.00 -33.35 41.83
C PHE J 156 81.44 -33.69 43.21
N GLU J 157 81.23 -34.97 43.54
CA GLU J 157 80.82 -35.27 44.90
C GLU J 157 81.98 -35.64 45.81
N SER J 158 83.20 -35.63 45.30
CA SER J 158 84.36 -35.99 46.10
C SER J 158 84.61 -34.94 47.18
N PRO J 159 85.21 -35.32 48.30
CA PRO J 159 85.54 -34.33 49.33
C PRO J 159 86.63 -33.36 48.94
N LYS J 160 87.24 -33.50 47.76
CA LYS J 160 88.11 -32.46 47.26
C LYS J 160 87.34 -31.18 46.98
N TYR J 161 86.09 -31.31 46.58
CA TYR J 161 85.34 -30.18 46.03
C TYR J 161 84.32 -29.63 47.03
N THR J 162 84.53 -29.91 48.32
CA THR J 162 83.56 -29.51 49.35
C THR J 162 83.46 -28.00 49.45
N LYS J 163 84.58 -27.31 49.27
CA LYS J 163 84.54 -25.87 49.30
C LYS J 163 83.81 -25.32 48.07
N TRP J 164 83.95 -25.98 46.93
CA TRP J 164 83.26 -25.55 45.71
C TRP J 164 81.76 -25.70 45.84
N ARG J 165 81.31 -26.83 46.38
CA ARG J 165 79.87 -26.98 46.59
C ARG J 165 79.39 -26.10 47.72
N SER J 166 80.30 -25.67 48.59
CA SER J 166 79.89 -24.62 49.50
C SER J 166 79.86 -23.26 48.80
N LEU J 167 80.51 -23.15 47.64
CA LEU J 167 80.53 -21.85 46.96
C LEU J 167 79.31 -21.66 46.07
N ARG J 168 78.86 -22.70 45.39
CA ARG J 168 77.69 -22.56 44.51
C ARG J 168 76.42 -22.24 45.28
N GLU J 169 76.27 -22.76 46.48
CA GLU J 169 75.07 -22.51 47.23
C GLU J 169 75.02 -21.14 47.85
N SER J 170 76.12 -20.39 47.80
CA SER J 170 76.12 -19.07 48.39
C SER J 170 75.27 -18.13 47.56
N GLU J 171 74.75 -17.10 48.20
CA GLU J 171 73.87 -16.19 47.50
C GLU J 171 74.60 -15.20 46.63
N ASP J 172 75.93 -15.16 46.69
CA ASP J 172 76.69 -14.28 45.80
C ASP J 172 77.22 -14.99 44.57
N ALA J 173 76.80 -16.21 44.31
CA ALA J 173 77.26 -16.87 43.11
C ALA J 173 76.47 -16.49 41.88
N ARG J 174 75.56 -15.52 41.98
CA ARG J 174 74.98 -14.95 40.78
C ARG J 174 75.99 -14.15 39.99
N TYR J 175 77.05 -13.69 40.62
CA TYR J 175 77.94 -12.70 40.05
C TYR J 175 79.24 -13.30 39.55
N LEU J 176 79.36 -14.62 39.55
CA LEU J 176 80.55 -15.27 39.04
C LEU J 176 80.17 -16.10 37.83
N GLY J 177 81.09 -16.24 36.90
CA GLY J 177 80.92 -17.21 35.86
C GLY J 177 82.28 -17.77 35.51
N LEU J 178 82.44 -19.08 35.58
CA LEU J 178 83.72 -19.68 35.27
C LEU J 178 83.59 -20.40 33.94
N THR J 179 84.54 -20.17 33.06
CA THR J 179 84.41 -20.66 31.70
C THR J 179 85.31 -21.84 31.45
N ALA J 180 84.79 -22.79 30.68
CA ALA J 180 85.39 -24.03 30.23
C ALA J 180 86.09 -23.73 28.89
N PRO J 181 86.57 -24.70 28.11
CA PRO J 181 87.98 -24.72 27.72
C PRO J 181 88.46 -23.53 26.90
N ARG J 182 89.78 -23.38 26.85
CA ARG J 182 90.45 -22.23 26.25
C ARG J 182 90.42 -22.35 24.73
N PHE J 183 91.09 -21.43 24.03
CA PHE J 183 91.13 -21.53 22.57
C PHE J 183 92.40 -20.88 22.04
N LEU J 184 92.70 -21.17 20.77
CA LEU J 184 93.92 -20.69 20.15
C LEU J 184 93.90 -19.19 19.91
N LEU J 185 95.06 -18.57 20.05
CA LEU J 185 95.22 -17.18 19.64
C LEU J 185 95.93 -17.03 18.32
N ARG J 186 96.88 -17.93 18.04
CA ARG J 186 97.90 -17.69 17.03
C ARG J 186 98.16 -18.96 16.26
N VAL J 187 98.14 -18.87 14.95
CA VAL J 187 98.56 -19.97 14.09
C VAL J 187 100.03 -20.26 14.36
N PRO J 188 100.41 -21.52 14.59
CA PRO J 188 101.83 -21.84 14.69
C PRO J 188 102.55 -21.55 13.38
N TYR J 189 103.79 -21.11 13.51
CA TYR J 189 104.55 -20.53 12.40
C TYR J 189 104.93 -21.57 11.36
N ASP J 190 105.29 -21.08 10.19
CA ASP J 190 105.44 -21.91 9.04
C ASP J 190 106.17 -20.97 8.10
N PRO J 191 106.88 -21.47 7.09
CA PRO J 191 107.49 -20.56 6.12
C PRO J 191 106.45 -19.81 5.29
N ILE J 192 105.34 -20.47 5.00
CA ILE J 192 104.33 -19.92 4.11
C ILE J 192 103.17 -19.31 4.88
N GLU J 193 102.61 -20.07 5.84
CA GLU J 193 101.30 -19.75 6.40
C GLU J 193 101.32 -18.57 7.34
N ASN J 194 102.39 -18.36 8.08
CA ASN J 194 102.49 -17.17 8.89
C ASN J 194 103.97 -16.82 8.99
N PRO J 195 104.50 -16.14 7.99
CA PRO J 195 105.95 -16.08 7.83
C PRO J 195 106.61 -15.09 8.77
N VAL J 196 107.93 -15.21 8.83
CA VAL J 196 108.79 -14.32 9.59
C VAL J 196 109.78 -13.67 8.63
N LYS J 197 110.23 -12.48 9.00
CA LYS J 197 111.10 -11.72 8.11
C LYS J 197 112.56 -12.13 8.29
N SER J 198 113.26 -12.23 7.16
CA SER J 198 114.71 -12.43 7.06
C SER J 198 115.19 -13.75 7.67
N PHE J 199 114.29 -14.72 7.83
CA PHE J 199 114.66 -15.99 8.42
C PHE J 199 113.68 -17.08 8.02
N ASN J 200 114.15 -18.32 7.96
CA ASN J 200 113.30 -19.48 7.71
C ASN J 200 113.03 -20.19 9.04
N TYR J 201 111.81 -20.01 9.55
CA TYR J 201 111.40 -20.63 10.80
C TYR J 201 110.21 -21.55 10.58
N ALA J 202 110.29 -22.75 11.15
CA ALA J 202 109.23 -23.74 11.06
C ALA J 202 108.97 -24.28 12.47
N GLU J 203 107.87 -23.83 13.09
CA GLU J 203 107.61 -24.17 14.48
C GLU J 203 107.20 -25.62 14.58
N ASN J 204 108.08 -26.42 15.17
CA ASN J 204 107.87 -27.85 15.31
C ASN J 204 107.08 -28.07 16.59
N VAL J 205 105.76 -28.02 16.49
CA VAL J 205 104.93 -28.30 17.63
C VAL J 205 104.78 -29.81 17.78
N SER J 206 105.02 -30.32 18.98
CA SER J 206 104.98 -31.75 19.26
C SER J 206 103.57 -32.25 19.42
N ALA J 207 103.45 -33.47 19.97
CA ALA J 207 102.13 -34.00 20.33
C ALA J 207 101.57 -33.34 21.60
N SER J 208 102.42 -32.84 22.48
CA SER J 208 101.96 -32.20 23.71
C SER J 208 101.42 -30.83 23.33
N HIS J 209 100.13 -30.60 23.60
CA HIS J 209 99.50 -29.41 23.05
C HIS J 209 99.67 -28.19 23.92
N GLU J 210 100.57 -28.21 24.90
CA GLU J 210 100.88 -26.96 25.58
C GLU J 210 101.74 -26.04 24.73
N HIS J 211 102.26 -26.52 23.61
CA HIS J 211 103.17 -25.70 22.82
C HIS J 211 102.43 -24.65 22.02
N TYR J 212 101.15 -24.86 21.75
CA TYR J 212 100.32 -23.82 21.19
C TYR J 212 100.19 -22.67 22.17
N LEU J 213 99.85 -21.50 21.65
CA LEU J 213 99.56 -20.35 22.51
C LEU J 213 98.08 -20.37 22.83
N TRP J 214 97.74 -20.76 24.06
CA TRP J 214 96.34 -20.77 24.44
C TRP J 214 95.95 -19.49 25.13
N GLY J 215 94.86 -18.89 24.66
CA GLY J 215 94.40 -17.67 25.28
C GLY J 215 93.25 -17.93 26.21
N ASN J 216 92.82 -16.93 26.96
CA ASN J 216 91.75 -17.13 27.92
C ASN J 216 90.41 -17.06 27.20
N THR J 217 89.44 -17.80 27.71
CA THR J 217 88.09 -17.78 27.15
C THR J 217 87.36 -16.52 27.55
N ALA J 218 87.67 -16.00 28.74
CA ALA J 218 86.91 -14.91 29.33
C ALA J 218 87.06 -13.63 28.52
N PHE J 219 88.16 -13.51 27.79
CA PHE J 219 88.27 -12.45 26.80
C PHE J 219 87.25 -12.60 25.69
N ALA J 220 87.07 -13.82 25.16
CA ALA J 220 86.11 -14.01 24.08
C ALA J 220 84.69 -13.76 24.56
N PHE J 221 84.40 -14.20 25.78
CA PHE J 221 83.10 -13.90 26.38
C PHE J 221 82.93 -12.40 26.57
N ALA J 222 84.03 -11.70 26.82
CA ALA J 222 83.95 -10.25 26.96
C ALA J 222 83.74 -9.57 25.62
N THR J 223 84.23 -10.16 24.53
CA THR J 223 83.89 -9.65 23.21
C THR J 223 82.41 -9.79 22.96
N ARG J 224 81.81 -10.87 23.47
CA ARG J 224 80.38 -11.02 23.26
C ARG J 224 79.56 -10.05 24.09
N LEU J 225 80.01 -9.75 25.32
CA LEU J 225 79.33 -8.73 26.10
C LEU J 225 79.44 -7.35 25.46
N THR J 226 80.64 -6.93 25.10
CA THR J 226 80.83 -5.57 24.64
C THR J 226 80.25 -5.37 23.24
N ASP J 227 80.31 -6.40 22.40
CA ASP J 227 79.68 -6.30 21.08
C ASP J 227 78.17 -6.27 21.19
N SER J 228 77.60 -7.06 22.10
CA SER J 228 76.15 -7.03 22.27
C SER J 228 75.70 -5.67 22.79
N PHE J 229 76.53 -5.06 23.63
CA PHE J 229 76.20 -3.72 24.12
C PHE J 229 76.35 -2.68 23.04
N ALA J 230 77.30 -2.88 22.13
CA ALA J 230 77.49 -1.91 21.06
C ALA J 230 76.36 -1.98 20.06
N LYS J 231 75.80 -3.17 19.85
CA LYS J 231 74.65 -3.23 18.97
C LYS J 231 73.39 -2.72 19.65
N TYR J 232 73.13 -3.14 20.88
CA TYR J 232 71.78 -3.09 21.40
C TYR J 232 71.61 -2.35 22.72
N ARG J 233 72.66 -1.72 23.25
CA ARG J 233 72.66 -0.96 24.50
C ARG J 233 72.28 -1.78 25.71
N TRP J 234 72.39 -3.10 25.65
CA TRP J 234 72.16 -3.99 26.77
C TRP J 234 73.06 -5.19 26.56
N CYS J 235 73.09 -6.10 27.52
CA CYS J 235 73.80 -7.36 27.32
C CYS J 235 72.98 -8.60 27.64
N PRO J 236 71.85 -8.86 26.97
CA PRO J 236 71.24 -10.18 27.16
C PRO J 236 71.58 -11.15 26.04
N ASN J 237 72.23 -10.68 25.00
CA ASN J 237 72.39 -11.48 23.78
C ASN J 237 73.81 -12.04 23.68
N ILE J 238 74.06 -13.08 24.47
CA ILE J 238 75.36 -13.73 24.46
C ILE J 238 75.25 -15.24 24.38
N ILE J 239 74.08 -15.76 24.01
CA ILE J 239 73.80 -17.17 24.25
C ILE J 239 73.40 -18.00 23.05
N GLY J 240 73.95 -17.73 21.87
CA GLY J 240 73.55 -18.55 20.75
C GLY J 240 74.50 -18.54 19.58
N PRO J 241 74.30 -19.47 18.67
CA PRO J 241 74.96 -19.35 17.36
C PRO J 241 74.43 -18.20 16.55
N GLN J 242 73.19 -17.76 16.81
CA GLN J 242 72.62 -16.67 16.06
C GLN J 242 72.09 -15.54 16.92
N SER J 243 71.85 -15.77 18.21
CA SER J 243 71.25 -14.73 19.02
C SER J 243 72.28 -13.68 19.42
N GLY J 244 73.55 -13.97 19.25
CA GLY J 244 74.58 -12.97 19.49
C GLY J 244 75.84 -13.55 20.04
N GLY J 245 75.77 -14.77 20.56
CA GLY J 245 76.90 -15.34 21.25
C GLY J 245 77.93 -15.98 20.36
N ALA J 246 77.78 -15.87 19.06
CA ALA J 246 78.69 -16.53 18.14
C ALA J 246 80.04 -15.82 18.13
N VAL J 247 81.08 -16.55 18.50
CA VAL J 247 82.45 -16.04 18.40
C VAL J 247 83.02 -16.56 17.10
N GLU J 248 83.19 -15.69 16.12
CA GLU J 248 83.63 -16.08 14.81
C GLU J 248 85.14 -15.95 14.70
N ASP J 249 85.67 -16.42 13.57
CA ASP J 249 87.06 -16.24 13.14
C ASP J 249 88.06 -16.83 14.13
N LEU J 250 88.10 -18.13 14.25
CA LEU J 250 89.18 -18.69 15.05
C LEU J 250 90.25 -19.30 14.15
N PRO J 251 91.51 -19.26 14.58
CA PRO J 251 92.59 -19.80 13.75
C PRO J 251 92.59 -21.31 13.71
N VAL J 252 92.91 -21.85 12.54
CA VAL J 252 92.99 -23.29 12.35
C VAL J 252 94.45 -23.67 12.19
N HIS J 253 94.72 -24.96 12.25
CA HIS J 253 96.07 -25.44 12.05
C HIS J 253 95.99 -26.83 11.42
N VAL J 254 96.00 -26.89 10.11
CA VAL J 254 95.95 -28.16 9.40
C VAL J 254 97.33 -28.78 9.44
N PHE J 255 97.46 -29.94 10.08
CA PHE J 255 98.76 -30.56 10.22
C PHE J 255 98.64 -32.04 9.91
N GLU J 256 99.77 -32.63 9.50
CA GLU J 256 99.77 -34.00 9.02
C GLU J 256 99.62 -34.99 10.15
N SER J 257 98.57 -35.81 10.05
CA SER J 257 98.26 -36.84 11.04
C SER J 257 98.96 -38.14 10.62
N MET J 258 98.56 -39.31 11.11
CA MET J 258 99.15 -40.58 10.70
C MET J 258 98.75 -40.95 9.27
N GLY J 259 99.33 -40.26 8.30
CA GLY J 259 99.05 -40.49 6.91
C GLY J 259 98.05 -39.54 6.29
N ALA J 260 97.09 -39.04 7.07
CA ALA J 260 96.07 -38.16 6.54
C ALA J 260 96.26 -36.76 7.09
N LEU J 261 95.39 -35.85 6.66
CA LEU J 261 95.31 -34.52 7.24
C LEU J 261 94.23 -34.52 8.30
N GLN J 262 94.37 -33.62 9.27
CA GLN J 262 93.29 -33.32 10.18
C GLN J 262 93.45 -31.89 10.67
N SER J 263 92.35 -31.29 11.05
CA SER J 263 92.37 -29.95 11.61
C SER J 263 92.58 -30.04 13.10
N LYS J 264 93.61 -29.36 13.60
CA LYS J 264 93.70 -29.20 15.04
C LYS J 264 92.61 -28.25 15.49
N ILE J 265 91.85 -28.69 16.47
CA ILE J 265 90.64 -27.97 16.87
C ILE J 265 91.05 -26.67 17.55
N PRO J 266 90.39 -25.55 17.26
CA PRO J 266 90.77 -24.28 17.90
C PRO J 266 90.52 -24.25 19.37
N THR J 267 89.41 -24.79 19.85
CA THR J 267 89.30 -25.09 21.26
C THR J 267 90.04 -26.40 21.49
N GLU J 268 90.27 -26.74 22.76
CA GLU J 268 91.05 -27.94 23.03
C GLU J 268 90.30 -29.20 22.66
N VAL J 269 88.99 -29.20 22.83
CA VAL J 269 88.19 -30.36 22.47
C VAL J 269 86.94 -29.92 21.73
N LEU J 270 86.37 -30.88 21.01
CA LEU J 270 85.02 -30.78 20.47
C LEU J 270 84.10 -31.31 21.55
N ILE J 271 83.49 -30.38 22.29
CA ILE J 271 82.57 -30.78 23.34
C ILE J 271 81.27 -31.25 22.71
N THR J 272 80.94 -32.52 22.93
CA THR J 272 79.65 -33.02 22.47
C THR J 272 78.53 -32.43 23.31
N ASP J 273 77.31 -32.48 22.78
CA ASP J 273 76.23 -31.66 23.32
C ASP J 273 75.76 -32.14 24.67
N ARG J 274 75.85 -33.44 24.93
CA ARG J 274 75.58 -33.93 26.27
C ARG J 274 76.61 -33.40 27.26
N LYS J 275 77.86 -33.34 26.84
CA LYS J 275 78.90 -32.79 27.70
C LYS J 275 78.71 -31.31 27.91
N GLU J 276 78.18 -30.62 26.90
CA GLU J 276 77.91 -29.19 27.05
C GLU J 276 76.79 -28.95 28.04
N PHE J 277 75.72 -29.73 27.95
CA PHE J 277 74.60 -29.53 28.87
C PHE J 277 75.01 -29.89 30.29
N GLU J 278 75.93 -30.83 30.44
CA GLU J 278 76.43 -31.12 31.78
C GLU J 278 77.28 -29.98 32.32
N LEU J 279 78.13 -29.38 31.47
CA LEU J 279 78.89 -28.22 31.92
C LEU J 279 77.97 -27.04 32.17
N ALA J 280 76.82 -27.00 31.53
CA ALA J 280 75.89 -25.92 31.78
C ALA J 280 75.16 -26.13 33.10
N GLU J 281 74.93 -27.38 33.48
CA GLU J 281 74.28 -27.62 34.76
C GLU J 281 75.24 -27.43 35.92
N GLU J 282 76.54 -27.54 35.67
CA GLU J 282 77.50 -27.36 36.74
C GLU J 282 77.89 -25.90 36.93
N GLY J 283 77.30 -25.00 36.15
CA GLY J 283 77.61 -23.59 36.27
C GLY J 283 78.81 -23.13 35.47
N PHE J 284 79.08 -23.75 34.33
CA PHE J 284 80.22 -23.38 33.52
C PHE J 284 79.74 -22.93 32.15
N ILE J 285 80.53 -22.08 31.51
CA ILE J 285 80.21 -21.55 30.20
C ILE J 285 81.06 -22.33 29.20
N ALA J 286 80.45 -23.21 28.45
CA ALA J 286 81.20 -24.10 27.58
C ALA J 286 81.39 -23.43 26.23
N LEU J 287 82.61 -23.07 25.91
CA LEU J 287 82.93 -22.63 24.55
C LEU J 287 82.92 -23.85 23.65
N THR J 288 81.91 -23.97 22.81
CA THR J 288 81.75 -25.16 21.98
C THR J 288 82.19 -24.90 20.56
N MET J 289 83.09 -25.74 20.07
CA MET J 289 83.56 -25.66 18.71
C MET J 289 82.49 -26.21 17.79
N ARG J 290 82.29 -25.55 16.66
CA ARG J 290 81.43 -26.08 15.61
C ARG J 290 82.28 -26.92 14.66
N LYS J 291 82.04 -28.23 14.67
CA LYS J 291 82.89 -29.18 13.96
C LYS J 291 82.86 -28.94 12.46
N GLY J 292 84.05 -28.90 11.86
CA GLY J 292 84.16 -28.67 10.44
C GLY J 292 84.17 -27.21 10.05
N SER J 293 84.18 -26.31 11.03
CA SER J 293 84.25 -24.89 10.75
C SER J 293 85.46 -24.33 11.48
N ASP J 294 85.55 -23.01 11.49
CA ASP J 294 86.50 -22.29 12.31
C ASP J 294 85.78 -21.36 13.26
N ASN J 295 84.56 -21.71 13.63
CA ASN J 295 83.68 -20.86 14.40
C ASN J 295 83.29 -21.57 15.66
N ALA J 296 83.04 -20.82 16.72
CA ALA J 296 82.67 -21.41 17.99
C ALA J 296 81.48 -20.67 18.57
N ALA J 297 80.88 -21.24 19.62
CA ALA J 297 79.66 -20.65 20.13
C ALA J 297 79.47 -21.01 21.60
N PHE J 298 78.81 -20.11 22.31
CA PHE J 298 78.33 -20.34 23.66
C PHE J 298 76.90 -20.83 23.56
N PHE J 299 76.69 -22.14 23.73
CA PHE J 299 75.30 -22.62 23.77
C PHE J 299 74.62 -22.25 25.08
N SER J 300 75.39 -21.88 26.10
CA SER J 300 74.82 -21.60 27.41
C SER J 300 75.76 -20.67 28.14
N ALA J 301 75.18 -19.83 29.00
CA ALA J 301 75.95 -18.91 29.81
C ALA J 301 75.40 -18.88 31.23
N ASN J 302 75.25 -20.04 31.84
CA ASN J 302 74.84 -20.09 33.24
C ASN J 302 75.89 -19.49 34.15
N SER J 303 75.47 -19.09 35.34
CA SER J 303 76.37 -18.67 36.39
C SER J 303 76.55 -19.79 37.41
N ILE J 304 77.25 -19.50 38.49
CA ILE J 304 77.73 -20.54 39.38
C ILE J 304 76.60 -21.13 40.22
N GLN J 305 75.60 -20.32 40.58
CA GLN J 305 74.72 -20.67 41.69
C GLN J 305 73.81 -21.83 41.35
N LYS J 306 73.73 -22.77 42.25
CA LYS J 306 72.99 -24.00 42.06
C LYS J 306 71.51 -23.69 42.00
N PRO J 307 70.84 -24.08 40.93
CA PRO J 307 69.42 -23.79 40.81
C PRO J 307 68.64 -24.61 41.81
N LYS J 308 67.87 -23.93 42.66
CA LYS J 308 67.17 -24.59 43.76
C LYS J 308 66.04 -25.47 43.28
N VAL J 309 65.67 -26.43 44.13
CA VAL J 309 64.51 -27.28 43.92
C VAL J 309 63.47 -26.94 44.97
N PHE J 310 62.26 -26.63 44.53
CA PHE J 310 61.15 -26.29 45.40
C PHE J 310 60.07 -27.36 45.28
N PRO J 311 59.11 -27.45 46.21
CA PRO J 311 58.08 -28.48 46.09
C PRO J 311 57.23 -28.29 44.85
N ASN J 312 56.71 -29.39 44.31
CA ASN J 312 56.00 -29.34 43.04
C ASN J 312 54.52 -28.97 43.28
N THR J 313 54.32 -27.71 43.66
CA THR J 313 53.00 -27.10 43.69
C THR J 313 52.97 -25.97 42.69
N LYS J 314 51.91 -25.17 42.73
CA LYS J 314 51.85 -24.00 41.86
C LYS J 314 52.84 -22.94 42.31
N GLU J 315 52.80 -22.60 43.60
CA GLU J 315 53.70 -21.61 44.16
C GLU J 315 55.15 -22.09 44.10
N GLY J 316 55.36 -23.40 44.22
CA GLY J 316 56.70 -23.94 44.13
C GLY J 316 57.30 -23.79 42.75
N LYS J 317 56.50 -23.99 41.71
CA LYS J 317 57.06 -23.83 40.39
C LYS J 317 57.24 -22.37 40.03
N GLU J 318 56.43 -21.47 40.59
CA GLU J 318 56.72 -20.05 40.38
C GLU J 318 58.03 -19.66 41.06
N ALA J 319 58.27 -20.16 42.25
CA ALA J 319 59.47 -19.75 42.96
C ALA J 319 60.71 -20.38 42.35
N GLU J 320 60.59 -21.59 41.80
CA GLU J 320 61.70 -22.15 41.02
C GLU J 320 61.92 -21.37 39.75
N THR J 321 60.84 -20.88 39.13
CA THR J 321 60.97 -20.10 37.91
C THR J 321 61.74 -18.82 38.16
N ASN J 322 61.44 -18.17 39.28
CA ASN J 322 62.15 -16.95 39.60
C ASN J 322 63.58 -17.25 39.96
N TYR J 323 63.80 -18.39 40.60
CA TYR J 323 65.15 -18.66 41.07
C TYR J 323 66.05 -19.13 39.94
N LYS J 324 65.49 -19.69 38.87
CA LYS J 324 66.34 -19.99 37.72
C LYS J 324 66.45 -18.80 36.79
N LEU J 325 65.55 -17.83 36.89
CA LEU J 325 65.81 -16.57 36.17
C LEU J 325 66.94 -15.81 36.83
N GLY J 326 67.06 -15.90 38.14
CA GLY J 326 68.06 -15.11 38.83
C GLY J 326 69.48 -15.59 38.56
N THR J 327 69.65 -16.88 38.29
CA THR J 327 70.99 -17.43 38.30
C THR J 327 71.62 -17.56 36.93
N GLN J 328 71.16 -16.82 35.92
CA GLN J 328 71.79 -16.89 34.61
C GLN J 328 72.22 -15.50 34.18
N LEU J 329 73.45 -15.40 33.68
CA LEU J 329 74.02 -14.10 33.32
C LEU J 329 73.26 -13.27 32.29
N PRO J 330 72.62 -13.82 31.23
CA PRO J 330 71.90 -12.92 30.32
C PRO J 330 70.64 -12.31 30.89
N TYR J 331 70.32 -12.56 32.15
CA TYR J 331 69.30 -11.81 32.85
C TYR J 331 69.90 -10.94 33.93
N MET J 332 71.01 -11.38 34.53
CA MET J 332 71.66 -10.55 35.51
C MET J 332 72.36 -9.35 34.86
N MET J 333 72.61 -9.41 33.56
CA MET J 333 73.11 -8.19 32.93
C MET J 333 71.99 -7.19 32.76
N ILE J 334 70.75 -7.67 32.57
CA ILE J 334 69.61 -6.77 32.54
C ILE J 334 69.42 -6.11 33.90
N ILE J 335 69.53 -6.89 34.97
CA ILE J 335 69.34 -6.31 36.30
C ILE J 335 70.53 -5.44 36.70
N ASN J 336 71.71 -5.74 36.18
CA ASN J 336 72.85 -4.86 36.41
C ASN J 336 72.66 -3.51 35.73
N ARG J 337 72.14 -3.50 34.51
CA ARG J 337 71.94 -2.22 33.84
C ARG J 337 70.80 -1.43 34.45
N LEU J 338 69.76 -2.12 34.96
CA LEU J 338 68.74 -1.38 35.69
C LEU J 338 69.27 -0.86 37.02
N ALA J 339 70.15 -1.60 37.68
CA ALA J 339 70.70 -1.11 38.94
C ALA J 339 71.58 0.10 38.69
N HIS J 340 72.29 0.11 37.58
CA HIS J 340 73.14 1.24 37.26
C HIS J 340 72.33 2.47 36.90
N TYR J 341 71.29 2.31 36.08
CA TYR J 341 70.47 3.46 35.75
C TYR J 341 69.68 3.97 36.94
N VAL J 342 69.29 3.07 37.84
CA VAL J 342 68.52 3.50 39.01
C VAL J 342 69.41 4.26 39.98
N LYS J 343 70.65 3.82 40.15
CA LYS J 343 71.57 4.57 40.99
C LYS J 343 71.90 5.93 40.37
N VAL J 344 72.31 5.92 39.11
CA VAL J 344 72.86 7.13 38.50
C VAL J 344 71.76 8.17 38.26
N LEU J 345 70.60 7.74 37.79
CA LEU J 345 69.51 8.69 37.63
C LEU J 345 68.86 9.07 38.95
N GLN J 346 68.73 8.14 39.89
CA GLN J 346 68.07 8.49 41.14
C GLN J 346 69.03 9.14 42.12
N ARG J 347 70.24 9.52 41.70
CA ARG J 347 70.97 10.50 42.48
C ARG J 347 70.65 11.92 42.03
N GLU J 348 70.10 12.07 40.83
CA GLU J 348 69.85 13.44 40.37
C GLU J 348 68.53 13.97 40.89
N GLN J 349 67.74 13.15 41.57
CA GLN J 349 66.48 13.62 42.08
C GLN J 349 66.50 13.89 43.58
N ILE J 350 67.62 13.67 44.25
CA ILE J 350 67.72 14.02 45.66
C ILE J 350 67.60 15.51 45.82
N GLY J 351 66.51 15.94 46.43
CA GLY J 351 66.22 17.34 46.57
C GLY J 351 65.08 17.83 45.73
N ALA J 352 64.36 16.93 45.08
CA ALA J 352 63.15 17.37 44.40
C ALA J 352 61.94 17.08 45.27
N TRP J 353 60.92 17.94 45.13
CA TRP J 353 59.71 17.84 45.93
C TRP J 353 58.94 16.61 45.47
N LYS J 354 59.18 15.49 46.14
CA LYS J 354 58.60 14.21 45.75
C LYS J 354 57.71 13.68 46.86
N GLU J 355 56.59 13.12 46.48
CA GLU J 355 55.81 12.32 47.39
C GLU J 355 55.98 10.85 47.06
N ARG J 356 55.17 10.01 47.71
CA ARG J 356 55.22 8.58 47.46
C ARG J 356 54.72 8.24 46.06
N GLN J 357 53.50 8.66 45.75
CA GLN J 357 52.94 8.46 44.43
C GLN J 357 53.69 9.22 43.35
N ASP J 358 54.49 10.21 43.72
CA ASP J 358 55.43 10.78 42.77
C ASP J 358 56.44 9.73 42.32
N LEU J 359 56.97 8.95 43.25
CA LEU J 359 57.91 7.92 42.81
C LEU J 359 57.22 6.79 42.08
N GLU J 360 55.96 6.51 42.41
CA GLU J 360 55.24 5.52 41.61
C GLU J 360 55.06 6.02 40.19
N ARG J 361 54.72 7.29 40.02
CA ARG J 361 54.44 7.79 38.69
C ARG J 361 55.73 7.96 37.89
N GLU J 362 56.78 8.45 38.54
CA GLU J 362 58.00 8.71 37.79
C GLU J 362 58.78 7.45 37.53
N LEU J 363 58.70 6.45 38.40
CA LEU J 363 59.37 5.21 38.06
C LEU J 363 58.58 4.40 37.07
N ASN J 364 57.24 4.47 37.11
CA ASN J 364 56.46 3.72 36.13
C ASN J 364 56.59 4.34 34.74
N SER J 365 56.56 5.67 34.67
CA SER J 365 56.84 6.31 33.39
C SER J 365 58.31 6.21 33.03
N TRP J 366 59.17 5.92 34.01
CA TRP J 366 60.58 5.70 33.70
C TRP J 366 60.78 4.34 33.07
N ILE J 367 59.99 3.36 33.50
CA ILE J 367 60.23 1.99 33.11
C ILE J 367 59.31 1.57 31.97
N LYS J 368 58.35 2.44 31.60
CA LYS J 368 57.63 2.19 30.35
C LYS J 368 58.51 2.45 29.12
N GLN J 369 59.68 3.04 29.34
CA GLN J 369 60.73 3.05 28.35
C GLN J 369 61.16 1.64 27.96
N TYR J 370 61.20 0.71 28.90
CA TYR J 370 61.83 -0.58 28.66
C TYR J 370 60.83 -1.72 28.61
N VAL J 371 59.55 -1.44 28.43
CA VAL J 371 58.53 -2.48 28.37
C VAL J 371 58.14 -2.70 26.92
N ALA J 372 58.25 -3.94 26.45
CA ALA J 372 57.82 -4.29 25.11
C ALA J 372 56.72 -5.32 25.23
N ASP J 373 55.49 -4.86 25.44
CA ASP J 373 54.38 -5.75 25.80
C ASP J 373 53.34 -5.86 24.70
N GLN J 374 53.74 -5.84 23.45
CA GLN J 374 52.79 -6.06 22.38
C GLN J 374 52.53 -7.56 22.21
N GLU J 375 51.86 -7.89 21.11
CA GLU J 375 51.49 -9.28 20.92
C GLU J 375 52.69 -10.11 20.50
N ASN J 376 53.47 -9.61 19.58
CA ASN J 376 54.56 -10.42 19.06
C ASN J 376 55.65 -9.49 18.54
N PRO J 377 56.51 -8.97 19.39
CA PRO J 377 57.55 -8.08 18.91
C PRO J 377 58.66 -8.89 18.25
N PRO J 378 59.28 -8.35 17.20
CA PRO J 378 60.37 -9.07 16.55
C PRO J 378 61.63 -9.06 17.41
N ALA J 379 62.68 -9.70 16.89
CA ALA J 379 63.83 -10.02 17.72
C ALA J 379 64.61 -8.78 18.12
N ASP J 380 64.61 -7.75 17.29
CA ASP J 380 65.39 -6.57 17.58
C ASP J 380 64.75 -5.72 18.69
N VAL J 381 63.43 -5.54 18.62
CA VAL J 381 62.74 -4.75 19.61
C VAL J 381 62.73 -5.47 20.95
N ARG J 382 62.73 -6.80 20.92
CA ARG J 382 63.02 -7.54 22.14
C ARG J 382 64.46 -7.38 22.57
N SER J 383 65.38 -7.14 21.63
CA SER J 383 66.78 -7.06 22.01
C SER J 383 67.08 -5.75 22.70
N ARG J 384 66.38 -4.67 22.35
CA ARG J 384 66.69 -3.39 22.95
C ARG J 384 65.66 -2.94 23.98
N ARG J 385 64.57 -3.66 24.15
CA ARG J 385 63.63 -3.43 25.24
C ARG J 385 63.44 -4.77 25.92
N PRO J 386 64.29 -5.09 26.88
CA PRO J 386 64.38 -6.49 27.28
C PRO J 386 63.27 -6.96 28.20
N LEU J 387 62.73 -6.11 29.05
CA LEU J 387 61.82 -6.59 30.10
C LEU J 387 60.37 -6.41 29.66
N ARG J 388 59.54 -7.41 29.93
CA ARG J 388 58.19 -7.41 29.37
C ARG J 388 57.19 -6.80 30.33
N ALA J 389 57.37 -7.01 31.62
CA ALA J 389 56.47 -6.42 32.59
C ALA J 389 57.27 -5.72 33.67
N ALA J 390 56.64 -4.77 34.34
CA ALA J 390 57.29 -4.13 35.46
C ALA J 390 56.21 -3.73 36.46
N ARG J 391 56.42 -4.13 37.71
CA ARG J 391 55.50 -3.83 38.79
C ARG J 391 56.26 -3.17 39.92
N ILE J 392 55.97 -1.90 40.17
CA ILE J 392 56.74 -1.09 41.10
C ILE J 392 55.86 -0.75 42.28
N GLU J 393 56.36 -0.99 43.49
CA GLU J 393 55.68 -0.57 44.70
C GLU J 393 56.57 0.38 45.45
N VAL J 394 56.02 1.54 45.82
CA VAL J 394 56.76 2.56 46.54
C VAL J 394 56.10 2.78 47.88
N MET J 395 56.86 2.60 48.94
CA MET J 395 56.38 2.78 50.30
C MET J 395 57.32 3.70 51.06
N ASP J 396 56.84 4.23 52.18
CA ASP J 396 57.62 5.16 52.98
C ASP J 396 58.31 4.40 54.09
N VAL J 397 59.50 4.86 54.45
CA VAL J 397 60.12 4.42 55.69
C VAL J 397 59.44 5.24 56.78
N GLU J 398 58.60 4.59 57.59
CA GLU J 398 57.79 5.30 58.56
C GLU J 398 58.66 5.87 59.67
N GLY J 399 58.41 7.12 60.03
CA GLY J 399 59.21 7.74 61.06
C GLY J 399 60.58 8.16 60.60
N ASN J 400 60.82 8.23 59.30
CA ASN J 400 62.10 8.71 58.77
C ASN J 400 61.78 9.42 57.46
N PRO J 401 61.45 10.70 57.52
CA PRO J 401 60.62 11.30 56.47
C PRO J 401 61.38 11.55 55.19
N GLY J 402 60.68 11.38 54.09
CA GLY J 402 61.28 11.47 52.77
C GLY J 402 61.82 10.17 52.25
N TRP J 403 62.39 9.33 53.11
CA TRP J 403 63.03 8.09 52.71
C TRP J 403 62.00 7.11 52.19
N TYR J 404 62.13 6.77 50.92
CA TYR J 404 61.14 5.95 50.25
C TYR J 404 61.72 4.56 50.00
N GLN J 405 60.84 3.57 49.97
CA GLN J 405 61.26 2.17 49.90
C GLN J 405 60.60 1.53 48.70
N VAL J 406 61.38 1.10 47.73
CA VAL J 406 60.88 0.75 46.41
C VAL J 406 61.22 -0.69 46.09
N SER J 407 60.24 -1.43 45.58
CA SER J 407 60.47 -2.76 45.03
C SER J 407 60.20 -2.72 43.54
N LEU J 408 61.25 -2.96 42.76
CA LEU J 408 61.16 -2.94 41.31
C LEU J 408 61.36 -4.35 40.80
N SER J 409 60.30 -4.95 40.27
CA SER J 409 60.29 -6.35 39.87
C SER J 409 60.01 -6.44 38.38
N VAL J 410 60.88 -7.13 37.64
CA VAL J 410 60.75 -7.21 36.20
C VAL J 410 60.57 -8.65 35.77
N ARG J 411 60.08 -8.83 34.56
CA ARG J 411 59.89 -10.16 33.96
C ARG J 411 60.49 -10.13 32.57
N PRO J 412 61.67 -10.65 32.37
CA PRO J 412 62.36 -10.47 31.09
C PRO J 412 61.78 -11.38 30.03
N HIS J 413 62.20 -11.14 28.79
CA HIS J 413 61.88 -12.06 27.73
C HIS J 413 62.65 -13.35 27.91
N PHE J 414 61.92 -14.47 27.87
CA PHE J 414 62.54 -15.77 27.99
C PHE J 414 63.25 -16.10 26.68
N LYS J 415 64.52 -16.46 26.80
CA LYS J 415 65.27 -16.85 25.62
C LYS J 415 65.30 -18.37 25.54
N TYR J 416 65.18 -18.89 24.32
CA TYR J 416 64.92 -20.30 24.05
C TYR J 416 66.12 -21.15 24.44
N MET J 417 66.03 -21.87 25.55
CA MET J 417 67.16 -22.64 26.03
C MET J 417 66.83 -24.09 26.33
N GLY J 418 66.19 -24.78 25.41
CA GLY J 418 66.04 -26.22 25.53
C GLY J 418 64.60 -26.64 25.36
N ALA J 419 64.42 -27.80 24.72
CA ALA J 419 63.09 -28.34 24.54
C ALA J 419 63.21 -29.85 24.38
N ASN J 420 62.11 -30.54 24.66
CA ASN J 420 62.00 -31.97 24.39
C ASN J 420 60.98 -32.19 23.29
N PHE J 421 61.29 -33.09 22.37
CA PHE J 421 60.39 -33.39 21.27
C PHE J 421 59.99 -34.86 21.30
N GLU J 422 58.73 -35.11 21.04
CA GLU J 422 58.20 -36.45 20.88
C GLU J 422 57.46 -36.49 19.55
N LEU J 423 57.83 -37.43 18.68
CA LEU J 423 57.22 -37.54 17.37
C LEU J 423 56.44 -38.85 17.28
N SER J 424 55.41 -38.88 16.44
CA SER J 424 54.61 -40.08 16.29
C SER J 424 53.87 -40.09 14.97
N LEU J 425 54.04 -41.14 14.20
CA LEU J 425 53.22 -41.33 13.01
C LEU J 425 51.82 -41.68 13.45
N VAL J 426 50.82 -41.20 12.71
CA VAL J 426 49.43 -41.51 13.00
C VAL J 426 48.62 -41.30 11.72
N GLY J 427 47.54 -42.05 11.58
CA GLY J 427 46.54 -41.78 10.58
C GLY J 427 45.50 -40.84 11.17
N ARG J 428 44.40 -40.63 10.44
CA ARG J 428 43.15 -40.07 10.95
C ARG J 428 43.27 -38.59 11.37
N LEU J 429 44.44 -37.99 11.29
CA LEU J 429 44.64 -36.65 11.83
C LEU J 429 44.06 -35.58 10.91
N ASP J 430 43.46 -34.55 11.51
CA ASP J 430 42.92 -33.42 10.76
C ASP J 430 44.03 -32.57 10.19
N SER K 1 64.58 -55.25 26.91
CA SER K 1 63.72 -54.19 27.41
C SER K 1 62.50 -54.05 26.54
N LYS K 2 61.57 -53.22 26.98
CA LYS K 2 60.33 -53.01 26.24
C LYS K 2 59.97 -51.55 26.01
N GLU K 3 60.58 -50.61 26.72
CA GLU K 3 60.28 -49.19 26.56
C GLU K 3 61.19 -48.49 25.58
N GLY K 4 62.02 -49.24 24.86
CA GLY K 4 63.00 -48.59 24.03
C GLY K 4 64.09 -48.01 24.91
N SER K 5 64.80 -47.05 24.35
CA SER K 5 65.84 -46.35 25.09
C SER K 5 65.92 -44.92 24.59
N VAL K 6 66.58 -44.08 25.37
CA VAL K 6 66.79 -42.69 25.01
C VAL K 6 68.27 -42.39 25.15
N ALA K 7 68.67 -41.26 24.60
CA ALA K 7 70.00 -40.73 24.84
C ALA K 7 70.00 -40.05 26.20
N PRO K 8 71.18 -39.79 26.77
CA PRO K 8 71.23 -38.85 27.91
C PRO K 8 70.79 -37.48 27.46
N LYS K 9 70.22 -36.72 28.41
CA LYS K 9 69.48 -35.50 28.12
C LYS K 9 70.41 -34.42 27.57
N GLU K 10 69.96 -33.80 26.49
CA GLU K 10 70.74 -32.79 25.80
C GLU K 10 69.93 -31.49 25.81
N ARG K 11 70.37 -30.49 25.05
CA ARG K 11 69.59 -29.29 24.84
C ARG K 11 68.29 -29.57 24.10
N ILE K 12 68.34 -30.41 23.08
CA ILE K 12 67.17 -30.74 22.29
C ILE K 12 66.95 -32.24 22.41
N ASN K 13 65.96 -32.64 23.21
CA ASN K 13 65.64 -34.04 23.36
C ASN K 13 64.61 -34.44 22.33
N ILE K 14 64.97 -35.36 21.45
CA ILE K 14 64.04 -35.89 20.47
C ILE K 14 63.99 -37.40 20.65
N LYS K 15 62.81 -37.92 20.95
CA LYS K 15 62.56 -39.34 21.01
C LYS K 15 61.22 -39.60 20.35
N TYR K 16 61.04 -40.82 19.89
CA TYR K 16 59.80 -41.20 19.24
C TYR K 16 59.04 -42.17 20.11
N ILE K 17 57.77 -41.87 20.34
CA ILE K 17 56.88 -42.74 21.10
C ILE K 17 55.80 -43.23 20.16
N PRO K 18 55.04 -44.24 20.55
CA PRO K 18 53.82 -44.51 19.80
C PRO K 18 52.84 -43.39 20.06
N ALA K 19 52.73 -42.51 19.08
CA ALA K 19 52.08 -41.23 19.29
C ALA K 19 50.59 -41.31 19.16
N THR K 20 50.04 -42.52 19.07
CA THR K 20 48.59 -42.68 19.05
C THR K 20 47.98 -42.22 20.36
N GLY K 21 48.70 -42.44 21.46
CA GLY K 21 48.28 -41.97 22.76
C GLY K 21 47.03 -42.67 23.22
N ASP K 22 46.86 -43.90 22.77
CA ASP K 22 45.60 -44.61 22.94
C ASP K 22 45.52 -45.09 24.39
N ALA K 23 45.02 -44.20 25.24
CA ALA K 23 44.60 -44.62 26.57
C ALA K 23 43.41 -45.55 26.43
N GLN K 24 43.29 -46.45 27.40
CA GLN K 24 42.30 -47.54 27.42
C GLN K 24 42.44 -48.41 26.17
N ALA K 25 43.68 -48.73 25.80
CA ALA K 25 43.99 -49.68 24.75
C ALA K 25 45.02 -50.67 25.27
N GLU K 26 44.66 -51.94 25.28
CA GLU K 26 45.55 -52.99 25.73
C GLU K 26 45.62 -54.05 24.64
N ALA K 27 46.70 -54.82 24.63
CA ALA K 27 46.97 -55.76 23.57
C ALA K 27 46.67 -57.16 24.06
N GLU K 28 46.00 -57.94 23.22
CA GLU K 28 45.74 -59.35 23.48
C GLU K 28 45.95 -60.13 22.19
N VAL K 29 46.51 -61.33 22.31
CA VAL K 29 46.53 -62.23 21.18
C VAL K 29 45.15 -62.86 21.08
N GLU K 30 44.65 -63.01 19.85
CA GLU K 30 43.42 -63.77 19.66
C GLU K 30 43.65 -65.19 20.13
N LEU K 31 43.00 -65.54 21.23
CA LEU K 31 43.29 -66.78 21.92
C LEU K 31 42.84 -67.96 21.07
N PRO K 32 43.64 -69.00 20.98
CA PRO K 32 43.25 -70.13 20.15
C PRO K 32 42.15 -70.94 20.81
N LEU K 33 41.18 -71.36 20.02
CA LEU K 33 40.13 -72.27 20.48
C LEU K 33 40.73 -73.67 20.55
N LYS K 34 41.44 -73.92 21.65
CA LYS K 34 42.27 -75.11 21.71
C LYS K 34 41.43 -76.31 22.07
N THR K 35 40.98 -77.05 21.06
CA THR K 35 40.17 -78.23 21.28
C THR K 35 41.05 -79.36 21.77
N LEU K 36 40.64 -80.00 22.84
CA LEU K 36 41.40 -81.08 23.44
C LEU K 36 40.67 -82.39 23.16
N VAL K 37 40.97 -83.02 22.04
CA VAL K 37 40.34 -84.27 21.67
C VAL K 37 40.91 -85.37 22.56
N VAL K 38 40.03 -86.01 23.33
CA VAL K 38 40.41 -87.07 24.24
C VAL K 38 39.67 -88.33 23.84
N GLY K 39 40.41 -89.36 23.48
CA GLY K 39 39.77 -90.61 23.10
C GLY K 39 40.77 -91.73 23.04
N ASP K 40 40.25 -92.95 22.90
CA ASP K 40 41.06 -94.16 22.86
C ASP K 40 41.83 -94.18 21.54
N PHE K 41 43.14 -94.02 21.64
CA PHE K 41 43.99 -93.82 20.49
C PHE K 41 45.10 -94.84 20.35
N LYS K 42 45.22 -95.78 21.27
CA LYS K 42 46.20 -96.84 21.21
C LYS K 42 45.56 -98.14 21.65
N GLY K 43 46.17 -99.25 21.27
CA GLY K 43 45.53 -100.53 21.47
C GLY K 43 45.66 -101.11 22.85
N HIS K 44 46.11 -100.34 23.84
CA HIS K 44 46.41 -100.92 25.13
C HIS K 44 46.37 -99.83 26.20
N ALA K 45 46.29 -100.27 27.45
CA ALA K 45 46.43 -99.37 28.57
C ALA K 45 47.90 -99.08 28.82
N GLU K 46 48.19 -97.86 29.24
CA GLU K 46 49.54 -97.50 29.62
C GLU K 46 49.64 -97.38 31.14
N GLN K 47 50.73 -97.91 31.68
CA GLN K 47 50.94 -97.86 33.12
C GLN K 47 51.27 -96.47 33.61
N THR K 48 51.67 -95.57 32.70
CA THR K 48 52.09 -94.24 33.08
C THR K 48 50.89 -93.45 33.60
N PRO K 49 51.01 -92.80 34.76
CA PRO K 49 49.86 -92.11 35.34
C PRO K 49 49.46 -90.91 34.51
N LEU K 50 48.25 -90.42 34.76
CA LEU K 50 47.63 -89.51 33.81
C LEU K 50 48.28 -88.14 33.84
N GLU K 51 48.85 -87.76 34.98
CA GLU K 51 49.48 -86.45 35.08
C GLU K 51 50.81 -86.38 34.33
N GLU K 52 51.42 -87.52 34.02
CA GLU K 52 52.76 -87.50 33.44
C GLU K 52 52.76 -87.63 31.92
N ARG K 53 51.77 -88.32 31.34
CA ARG K 53 51.74 -88.42 29.89
C ARG K 53 51.37 -87.07 29.30
N ALA K 54 51.83 -86.81 28.07
CA ALA K 54 51.81 -85.45 27.54
C ALA K 54 50.81 -85.32 26.40
N THR K 55 50.38 -84.08 26.17
CA THR K 55 49.52 -83.77 25.04
C THR K 55 50.36 -83.71 23.78
N VAL K 56 49.73 -84.01 22.66
CA VAL K 56 50.40 -84.05 21.37
C VAL K 56 49.73 -83.05 20.45
N THR K 57 50.48 -82.05 20.03
CA THR K 57 49.96 -81.06 19.12
C THR K 57 49.83 -81.69 17.74
N VAL K 58 48.66 -81.53 17.14
CA VAL K 58 48.35 -82.09 15.82
C VAL K 58 47.91 -80.98 14.91
N ASP K 59 48.54 -80.86 13.76
CA ASP K 59 47.95 -80.04 12.72
C ASP K 59 47.87 -80.87 11.45
N LYS K 60 47.52 -80.21 10.36
CA LYS K 60 47.52 -80.90 9.07
C LYS K 60 48.92 -81.21 8.61
N ASN K 61 49.90 -80.46 9.09
CA ASN K 61 51.25 -80.54 8.55
C ASN K 61 52.09 -81.61 9.23
N ASN K 62 51.65 -82.18 10.34
CA ASN K 62 52.41 -83.30 10.88
C ASN K 62 51.54 -84.46 11.35
N PHE K 63 50.37 -84.67 10.77
CA PHE K 63 49.48 -85.73 11.25
C PHE K 63 50.06 -87.10 10.99
N GLU K 64 50.71 -87.27 9.84
CA GLU K 64 51.41 -88.52 9.60
C GLU K 64 52.61 -88.67 10.51
N ALA K 65 53.18 -87.55 10.94
CA ALA K 65 54.26 -87.64 11.91
C ALA K 65 53.71 -87.96 13.29
N VAL K 66 52.48 -87.54 13.57
CA VAL K 66 51.88 -87.87 14.87
C VAL K 66 51.51 -89.33 14.93
N MET K 67 50.90 -89.86 13.86
CA MET K 67 50.66 -91.29 13.82
C MET K 67 51.94 -92.08 13.74
N ARG K 68 52.99 -91.48 13.19
CA ARG K 68 54.29 -92.16 13.12
C ARG K 68 54.91 -92.28 14.49
N GLU K 69 54.92 -91.19 15.25
CA GLU K 69 55.55 -91.22 16.56
C GLU K 69 54.68 -91.91 17.59
N SER K 70 53.39 -92.11 17.28
CA SER K 70 52.49 -92.68 18.27
C SER K 70 52.78 -94.16 18.51
N GLU K 71 53.39 -94.83 17.54
CA GLU K 71 53.74 -96.26 17.57
C GLU K 71 52.51 -97.11 17.83
N LEU K 72 51.56 -97.07 16.91
CA LEU K 72 50.30 -97.77 17.04
C LEU K 72 50.53 -99.27 16.97
N LYS K 73 49.57 -100.03 17.50
CA LYS K 73 49.71 -101.47 17.56
C LYS K 73 48.34 -102.08 17.81
N ILE K 74 48.06 -103.20 17.16
CA ILE K 74 46.93 -104.07 17.48
C ILE K 74 47.44 -105.50 17.46
N THR K 75 47.22 -106.23 18.54
CA THR K 75 47.58 -107.63 18.63
C THR K 75 46.34 -108.41 19.07
N ALA K 76 45.77 -109.19 18.16
CA ALA K 76 44.48 -109.81 18.44
C ALA K 76 44.32 -111.08 17.63
N THR K 77 43.13 -111.66 17.75
CA THR K 77 42.80 -112.96 17.18
C THR K 77 41.50 -112.85 16.39
N VAL K 78 41.49 -113.41 15.18
CA VAL K 78 40.31 -113.42 14.32
C VAL K 78 39.96 -114.86 13.95
N LYS K 79 38.73 -115.04 13.47
CA LYS K 79 38.33 -116.32 12.91
C LYS K 79 38.98 -116.53 11.55
N ASN K 80 39.55 -117.71 11.34
CA ASN K 80 40.31 -118.02 10.14
C ASN K 80 39.41 -118.74 9.14
N LYS K 81 39.25 -118.17 7.95
CA LYS K 81 38.35 -118.71 6.93
C LYS K 81 39.07 -119.10 5.65
N LEU K 82 40.30 -119.60 5.76
CA LEU K 82 40.99 -120.16 4.60
C LEU K 82 40.80 -121.66 4.47
N THR K 83 39.92 -122.24 5.29
CA THR K 83 39.65 -123.67 5.28
C THR K 83 38.21 -123.88 5.76
N ASP K 84 37.90 -125.10 6.18
CA ASP K 84 36.53 -125.42 6.58
C ASP K 84 36.44 -125.84 8.05
N ASP K 85 37.09 -125.09 8.95
CA ASP K 85 37.12 -125.44 10.36
C ASP K 85 36.73 -124.22 11.18
N GLU K 86 35.88 -124.43 12.19
CA GLU K 86 35.45 -123.35 13.07
C GLU K 86 36.49 -122.99 14.12
N ASN K 87 37.17 -123.99 14.67
CA ASN K 87 38.15 -123.78 15.73
C ASN K 87 39.44 -123.16 15.21
N ALA K 88 39.66 -123.16 13.90
CA ALA K 88 40.87 -122.62 13.32
C ALA K 88 40.82 -121.10 13.45
N GLU K 89 41.77 -120.54 14.19
CA GLU K 89 41.82 -119.11 14.41
C GLU K 89 43.11 -118.57 13.81
N LEU K 90 43.09 -117.30 13.46
CA LEU K 90 44.26 -116.67 12.87
C LEU K 90 44.77 -115.58 13.79
N PRO K 91 45.91 -115.76 14.43
CA PRO K 91 46.48 -114.65 15.20
C PRO K 91 47.12 -113.62 14.27
N VAL K 92 46.89 -112.34 14.54
CA VAL K 92 47.48 -111.27 13.76
C VAL K 92 48.32 -110.40 14.68
N GLU K 93 49.35 -109.80 14.11
CA GLU K 93 50.26 -108.88 14.81
C GLU K 93 50.60 -107.77 13.82
N LEU K 94 49.99 -106.61 14.02
CA LEU K 94 50.10 -105.54 13.04
C LEU K 94 50.96 -104.40 13.56
N ASN K 95 51.42 -103.55 12.65
CA ASN K 95 52.09 -102.31 12.99
C ASN K 95 51.61 -101.21 12.05
N PHE K 96 51.30 -100.06 12.62
CA PHE K 96 50.62 -99.01 11.90
C PHE K 96 51.47 -97.75 11.95
N LYS K 97 51.53 -97.04 10.84
CA LYS K 97 52.28 -95.79 10.81
C LYS K 97 51.50 -94.61 10.27
N SER K 98 50.61 -94.81 9.31
CA SER K 98 49.80 -93.72 8.79
C SER K 98 48.47 -94.30 8.34
N LEU K 99 47.63 -93.45 7.75
CA LEU K 99 46.30 -93.91 7.39
C LEU K 99 46.29 -94.72 6.10
N ALA K 100 47.45 -94.89 5.46
CA ALA K 100 47.52 -95.92 4.43
C ALA K 100 47.47 -97.31 5.04
N ASP K 101 47.88 -97.47 6.29
CA ASP K 101 48.04 -98.79 6.88
C ASP K 101 46.72 -99.45 7.26
N PHE K 102 45.60 -98.76 7.12
CA PHE K 102 44.32 -99.39 7.41
C PHE K 102 43.65 -99.94 6.17
N ALA K 103 44.25 -99.72 5.00
CA ALA K 103 43.75 -100.26 3.75
C ALA K 103 43.96 -101.78 3.73
N PRO K 104 43.22 -102.51 2.90
CA PRO K 104 43.46 -103.96 2.79
C PRO K 104 44.77 -104.30 2.10
N ASP K 105 45.44 -103.33 1.47
CA ASP K 105 46.73 -103.60 0.88
C ASP K 105 47.78 -103.83 1.95
N ALA K 106 47.95 -102.87 2.85
CA ALA K 106 48.96 -103.00 3.89
C ALA K 106 48.58 -104.05 4.91
N VAL K 107 47.28 -104.21 5.17
CA VAL K 107 46.82 -105.29 6.04
C VAL K 107 47.08 -106.62 5.36
N ALA K 108 46.95 -106.66 4.04
CA ALA K 108 47.28 -107.88 3.30
C ALA K 108 48.78 -108.15 3.33
N SER K 109 49.59 -107.11 3.52
CA SER K 109 51.02 -107.33 3.60
C SER K 109 51.46 -107.71 5.01
N GLN K 110 50.75 -107.26 6.04
CA GLN K 110 51.21 -107.44 7.41
C GLN K 110 50.74 -108.74 8.04
N VAL K 111 49.95 -109.54 7.33
CA VAL K 111 49.62 -110.86 7.85
C VAL K 111 50.16 -111.87 6.84
N PRO K 112 51.17 -112.67 7.21
CA PRO K 112 51.83 -113.56 6.23
C PRO K 112 50.91 -114.65 5.69
N GLU K 113 49.90 -115.05 6.45
CA GLU K 113 48.93 -116.03 5.98
C GLU K 113 48.03 -115.47 4.89
N LEU K 114 48.04 -114.15 4.68
CA LEU K 114 47.49 -113.54 3.49
C LEU K 114 48.54 -113.11 2.49
N LYS K 115 49.73 -112.75 2.96
CA LYS K 115 50.80 -112.27 2.08
C LYS K 115 51.26 -113.37 1.12
N LYS K 116 51.32 -114.60 1.63
CA LYS K 116 51.68 -115.72 0.77
C LYS K 116 50.59 -116.00 -0.27
N LEU K 117 49.34 -115.67 0.03
CA LEU K 117 48.28 -115.85 -0.96
C LEU K 117 48.26 -114.72 -1.96
N ILE K 118 48.68 -113.51 -1.57
CA ILE K 118 48.82 -112.43 -2.54
C ILE K 118 49.95 -112.74 -3.50
N GLU K 119 51.07 -113.24 -2.98
CA GLU K 119 52.19 -113.59 -3.85
C GLU K 119 51.85 -114.80 -4.72
N LEU K 120 51.09 -115.75 -4.17
CA LEU K 120 50.67 -116.91 -4.96
C LEU K 120 49.69 -116.50 -6.03
N ARG K 121 48.86 -115.49 -5.74
CA ARG K 121 48.02 -114.90 -6.77
C ARG K 121 48.87 -114.23 -7.83
N GLU K 122 49.99 -113.63 -7.43
CA GLU K 122 50.89 -113.03 -8.40
C GLU K 122 51.62 -114.11 -9.22
N ALA K 123 51.72 -115.32 -8.67
CA ALA K 123 52.24 -116.43 -9.47
C ALA K 123 51.20 -116.93 -10.46
N LEU K 124 49.92 -116.89 -10.07
CA LEU K 124 48.89 -117.40 -10.97
C LEU K 124 48.54 -116.39 -12.06
N VAL K 125 48.71 -115.09 -11.79
CA VAL K 125 48.42 -114.09 -12.82
C VAL K 125 49.51 -114.05 -13.87
N ALA K 126 50.78 -114.08 -13.44
CA ALA K 126 51.90 -114.02 -14.37
C ALA K 126 52.04 -115.29 -15.21
N LEU K 127 51.65 -116.44 -14.66
CA LEU K 127 51.60 -117.75 -15.31
C LEU K 127 52.95 -118.20 -15.86
N ASN L 1 42.17 -123.59 -20.77
CA ASN L 1 43.36 -123.54 -19.93
C ASN L 1 43.40 -122.23 -19.14
N LYS L 2 43.35 -121.12 -19.88
CA LYS L 2 43.42 -119.79 -19.28
C LYS L 2 42.19 -119.53 -18.41
N SER L 3 41.03 -120.01 -18.84
CA SER L 3 39.80 -119.80 -18.10
C SER L 3 39.81 -120.53 -16.77
N LEU L 4 40.52 -121.67 -16.71
CA LEU L 4 40.66 -122.37 -15.44
C LEU L 4 41.58 -121.60 -14.49
N VAL L 5 42.60 -120.94 -15.05
CA VAL L 5 43.47 -120.09 -14.24
C VAL L 5 42.69 -118.91 -13.69
N ASP L 6 41.80 -118.33 -14.50
CA ASP L 6 40.97 -117.21 -14.04
C ASP L 6 39.95 -117.65 -13.00
N GLN L 7 39.43 -118.88 -13.13
CA GLN L 7 38.54 -119.41 -12.10
C GLN L 7 39.28 -119.63 -10.79
N MET L 8 40.55 -120.03 -10.87
CA MET L 8 41.37 -120.12 -9.67
C MET L 8 41.65 -118.73 -9.08
N LEU L 9 41.71 -117.70 -9.94
CA LEU L 9 41.87 -116.34 -9.43
C LEU L 9 40.61 -115.86 -8.72
N VAL L 10 39.43 -116.22 -9.23
CA VAL L 10 38.18 -115.80 -8.59
C VAL L 10 38.00 -116.51 -7.25
N GLU L 11 38.30 -117.81 -7.21
CA GLU L 11 38.19 -118.55 -5.95
C GLU L 11 39.23 -118.08 -4.94
N LEU L 12 40.44 -117.76 -5.39
CA LEU L 12 41.47 -117.28 -4.49
C LEU L 12 41.13 -115.89 -3.94
N ASP L 13 40.54 -115.04 -4.79
CA ASP L 13 40.07 -113.73 -4.32
C ASP L 13 38.91 -113.89 -3.35
N LYS L 14 38.12 -114.95 -3.49
CA LYS L 14 37.10 -115.24 -2.50
C LYS L 14 37.74 -115.64 -1.18
N LYS L 15 38.89 -116.31 -1.24
CA LYS L 15 39.55 -116.70 0.00
C LYS L 15 40.19 -115.51 0.71
N ILE L 16 40.96 -114.70 -0.03
CA ILE L 16 41.67 -113.59 0.60
C ILE L 16 40.69 -112.49 1.01
N SER L 17 39.65 -112.26 0.20
CA SER L 17 38.61 -111.32 0.61
C SER L 17 37.79 -111.87 1.76
N ALA L 18 37.64 -113.19 1.84
CA ALA L 18 36.92 -113.80 2.95
C ALA L 18 37.65 -113.62 4.26
N GLN L 19 38.98 -113.68 4.24
CA GLN L 19 39.73 -113.42 5.47
C GLN L 19 39.80 -111.93 5.78
N MET L 20 39.95 -111.11 4.74
CA MET L 20 40.10 -109.68 4.91
C MET L 20 38.85 -109.05 5.47
N ASP L 21 37.70 -109.63 5.13
CA ASP L 21 36.44 -109.25 5.78
C ASP L 21 36.47 -109.54 7.27
N GLU L 22 37.22 -110.55 7.70
CA GLU L 22 37.26 -110.86 9.12
C GLU L 22 38.26 -109.98 9.85
N ILE L 23 39.34 -109.58 9.19
CA ILE L 23 40.29 -108.70 9.88
C ILE L 23 39.72 -107.29 9.98
N LEU L 24 39.17 -106.77 8.88
CA LEU L 24 38.72 -105.38 8.89
C LEU L 24 37.46 -105.18 9.72
N HIS L 25 36.75 -106.23 10.08
CA HIS L 25 35.59 -106.07 10.94
C HIS L 25 35.90 -106.38 12.38
N ASN L 26 37.19 -106.42 12.74
CA ASN L 26 37.58 -106.66 14.12
C ASN L 26 37.25 -105.46 14.97
N SER L 27 36.72 -105.72 16.17
CA SER L 27 36.14 -104.66 16.99
C SER L 27 37.20 -103.71 17.51
N GLN L 28 38.32 -104.25 17.98
CA GLN L 28 39.43 -103.40 18.37
C GLN L 28 39.98 -102.64 17.17
N PHE L 29 39.97 -103.28 16.01
CA PHE L 29 40.45 -102.63 14.80
C PHE L 29 39.45 -101.58 14.34
N GLN L 30 38.18 -101.79 14.61
CA GLN L 30 37.21 -100.74 14.33
C GLN L 30 37.36 -99.60 15.31
N ALA L 31 37.84 -99.88 16.52
CA ALA L 31 38.05 -98.80 17.48
C ALA L 31 39.24 -97.94 17.05
N MET L 32 40.34 -98.59 16.65
CA MET L 32 41.52 -97.85 16.21
C MET L 32 41.24 -97.09 14.93
N GLU L 33 40.68 -97.79 13.94
CA GLU L 33 40.45 -97.19 12.63
C GLU L 33 39.38 -96.12 12.72
N SER L 34 38.39 -96.34 13.58
CA SER L 34 37.34 -95.34 13.76
C SER L 34 37.89 -94.10 14.43
N ALA L 35 38.73 -94.28 15.44
CA ALA L 35 39.27 -93.13 16.16
C ALA L 35 40.21 -92.33 15.28
N TRP L 36 41.11 -93.00 14.58
CA TRP L 36 42.09 -92.25 13.81
C TRP L 36 41.51 -91.72 12.51
N ARG L 37 40.74 -92.52 11.80
CA ARG L 37 40.18 -92.04 10.54
C ARG L 37 39.14 -90.97 10.78
N GLY L 38 38.35 -91.13 11.85
CA GLY L 38 37.47 -90.06 12.27
C GLY L 38 38.24 -88.85 12.72
N LEU L 39 39.44 -89.05 13.28
CA LEU L 39 40.24 -87.94 13.73
C LEU L 39 40.75 -87.13 12.54
N LYS L 40 41.14 -87.80 11.46
CA LYS L 40 41.54 -87.04 10.28
C LYS L 40 40.33 -86.37 9.65
N LEU L 41 39.16 -86.99 9.77
CA LEU L 41 37.94 -86.37 9.28
C LEU L 41 37.63 -85.06 10.03
N PHE L 42 37.95 -85.03 11.31
CA PHE L 42 37.85 -83.75 12.03
C PHE L 42 38.97 -82.80 11.63
N VAL L 43 40.18 -83.32 11.42
CA VAL L 43 41.34 -82.44 11.28
C VAL L 43 41.31 -81.70 9.96
N ASP L 44 41.09 -82.41 8.84
CA ASP L 44 41.25 -81.73 7.56
C ASP L 44 40.09 -80.80 7.22
N ARG L 45 39.00 -80.83 7.97
CA ARG L 45 37.88 -79.94 7.69
C ARG L 45 37.98 -78.64 8.47
N THR L 46 38.96 -78.50 9.33
CA THR L 46 39.17 -77.25 10.04
C THR L 46 40.15 -76.40 9.27
N ASP L 47 40.56 -75.28 9.85
CA ASP L 47 41.42 -74.33 9.16
C ASP L 47 42.46 -73.80 10.14
N PHE L 48 43.63 -74.43 10.16
CA PHE L 48 44.64 -74.12 11.16
C PHE L 48 45.44 -72.88 10.84
N ARG L 49 45.22 -72.27 9.70
CA ARG L 49 45.79 -70.95 9.47
C ARG L 49 44.94 -69.84 10.05
N GLU L 50 43.90 -70.15 10.81
CA GLU L 50 43.14 -69.15 11.53
C GLU L 50 43.17 -69.38 13.04
N ASN L 51 44.33 -69.78 13.57
CA ASN L 51 44.59 -69.90 15.00
C ASN L 51 43.67 -70.91 15.69
N ASN L 52 43.78 -72.16 15.29
CA ASN L 52 43.10 -73.25 15.97
C ASN L 52 44.12 -74.33 16.26
N LYS L 53 44.11 -74.85 17.47
CA LYS L 53 44.99 -75.96 17.77
C LYS L 53 44.20 -77.11 18.33
N VAL L 54 44.49 -78.30 17.83
CA VAL L 54 43.87 -79.49 18.37
C VAL L 54 44.95 -80.35 18.99
N GLU L 55 44.74 -80.70 20.25
CA GLU L 55 45.69 -81.50 20.98
C GLU L 55 45.07 -82.85 21.27
N ILE L 56 45.93 -83.83 21.43
CA ILE L 56 45.54 -85.22 21.54
C ILE L 56 46.07 -85.75 22.86
N LEU L 57 45.21 -86.38 23.64
CA LEU L 57 45.65 -87.07 24.85
C LEU L 57 45.01 -88.43 24.91
N HIS L 58 45.82 -89.48 24.80
CA HIS L 58 45.33 -90.86 24.80
C HIS L 58 44.82 -91.24 26.17
N VAL L 59 43.51 -91.26 26.34
CA VAL L 59 42.92 -91.65 27.61
C VAL L 59 41.76 -92.59 27.32
N THR L 60 41.74 -93.74 27.98
CA THR L 60 40.55 -94.57 27.96
C THR L 60 39.69 -94.25 29.18
N LYS L 61 38.43 -94.70 29.14
CA LYS L 61 37.46 -94.30 30.15
C LYS L 61 37.83 -94.82 31.53
N ASP L 62 38.44 -95.99 31.56
CA ASP L 62 38.72 -96.65 32.83
C ASP L 62 39.81 -95.92 33.60
N GLU L 63 40.64 -95.15 32.91
CA GLU L 63 41.60 -94.36 33.67
C GLU L 63 41.14 -92.93 33.89
N LEU L 64 40.06 -92.49 33.25
CA LEU L 64 39.41 -91.29 33.76
C LEU L 64 38.69 -91.60 35.07
N LEU L 65 38.06 -92.76 35.15
CA LEU L 65 37.35 -93.08 36.39
C LEU L 65 38.31 -93.49 37.48
N GLU L 66 39.29 -94.32 37.14
CA GLU L 66 40.33 -94.70 38.11
C GLU L 66 41.15 -93.49 38.50
N ASP L 67 41.33 -92.55 37.58
CA ASP L 67 42.09 -91.34 37.87
C ASP L 67 41.32 -90.41 38.79
N PHE L 68 40.08 -90.11 38.45
CA PHE L 68 39.28 -89.22 39.26
C PHE L 68 38.99 -89.79 40.64
N GLU L 69 38.75 -91.10 40.74
CA GLU L 69 38.56 -91.66 42.07
C GLU L 69 39.86 -91.77 42.82
N PHE L 70 40.98 -91.93 42.11
CA PHE L 70 42.27 -91.96 42.79
C PHE L 70 42.67 -90.57 43.22
N ALA L 71 42.16 -89.56 42.52
CA ALA L 71 42.40 -88.18 42.92
C ALA L 71 41.54 -87.84 44.13
N PRO L 72 42.05 -87.03 45.05
CA PRO L 72 41.32 -86.76 46.29
C PRO L 72 40.11 -85.88 46.07
N GLU L 73 40.10 -85.18 44.94
CA GLU L 73 38.98 -84.35 44.54
C GLU L 73 39.06 -84.21 43.03
N THR L 74 38.30 -83.26 42.49
CA THR L 74 38.45 -82.98 41.07
C THR L 74 39.64 -82.09 40.81
N ALA L 75 40.10 -81.36 41.83
CA ALA L 75 41.03 -80.28 41.62
C ALA L 75 42.49 -80.72 41.66
N GLN L 76 42.78 -82.00 41.73
CA GLN L 76 44.15 -82.44 41.72
C GLN L 76 44.37 -83.63 40.80
N SER L 77 43.44 -83.90 39.89
CA SER L 77 43.63 -85.03 39.00
C SER L 77 44.64 -84.70 37.91
N GLY L 78 44.88 -85.68 37.05
CA GLY L 78 45.76 -85.43 35.92
C GLY L 78 45.12 -84.52 34.89
N LEU L 79 43.87 -84.80 34.53
CA LEU L 79 43.23 -84.07 33.44
C LEU L 79 42.94 -82.63 33.84
N TYR L 80 42.78 -82.39 35.14
CA TYR L 80 42.65 -81.03 35.62
C TYR L 80 43.95 -80.28 35.48
N LYS L 81 45.08 -81.00 35.49
CA LYS L 81 46.37 -80.34 35.30
C LYS L 81 46.70 -80.17 33.82
N HIS L 82 46.09 -80.98 32.94
CA HIS L 82 46.34 -80.76 31.52
C HIS L 82 45.41 -79.71 30.95
N VAL L 83 44.23 -79.55 31.55
CA VAL L 83 43.26 -78.60 31.04
C VAL L 83 43.37 -77.27 31.77
N TYR L 84 43.25 -77.31 33.10
CA TYR L 84 43.19 -76.08 33.87
C TYR L 84 44.56 -75.50 34.13
N SER L 85 45.43 -76.29 34.78
CA SER L 85 46.63 -75.72 35.38
C SER L 85 47.70 -75.42 34.35
N ALA L 86 47.81 -76.25 33.33
CA ALA L 86 48.74 -75.95 32.25
C ALA L 86 48.14 -75.00 31.23
N GLY L 87 46.86 -74.71 31.34
CA GLY L 87 46.19 -73.82 30.42
C GLY L 87 45.70 -72.55 31.07
N TYR L 88 44.42 -72.59 31.46
CA TYR L 88 43.64 -71.39 31.76
C TYR L 88 44.20 -70.59 32.92
N GLY L 89 44.74 -71.27 33.92
CA GLY L 89 45.19 -70.58 35.11
C GLY L 89 46.69 -70.46 35.21
N GLN L 90 47.38 -70.56 34.08
CA GLN L 90 48.84 -70.44 34.04
C GLN L 90 49.20 -69.09 33.46
N PHE L 91 50.18 -68.43 34.05
CA PHE L 91 50.60 -67.12 33.59
C PHE L 91 51.15 -67.22 32.17
N GLY L 92 50.37 -66.72 31.21
CA GLY L 92 50.79 -66.67 29.83
C GLY L 92 50.28 -67.80 28.96
N GLY L 93 49.59 -68.78 29.53
CA GLY L 93 49.07 -69.90 28.77
C GLY L 93 47.87 -69.52 27.95
N GLU L 94 47.21 -70.53 27.41
CA GLU L 94 46.07 -70.33 26.54
C GLU L 94 44.92 -71.18 27.03
N PRO L 95 43.70 -70.70 26.94
CA PRO L 95 42.60 -71.45 27.53
C PRO L 95 42.14 -72.60 26.66
N VAL L 96 41.57 -73.63 27.28
CA VAL L 96 40.98 -74.73 26.53
C VAL L 96 39.57 -74.33 26.10
N GLY L 97 39.33 -74.34 24.80
CA GLY L 97 38.06 -73.83 24.29
C GLY L 97 36.95 -74.85 24.40
N ALA L 98 37.23 -76.09 24.04
CA ALA L 98 36.25 -77.16 24.08
C ALA L 98 36.97 -78.49 24.24
N ILE L 99 36.25 -79.47 24.75
CA ILE L 99 36.80 -80.81 24.95
C ILE L 99 35.89 -81.76 24.22
N ILE L 100 36.47 -82.58 23.36
CA ILE L 100 35.73 -83.52 22.55
C ILE L 100 36.07 -84.91 23.00
N GLY L 101 35.06 -85.68 23.42
CA GLY L 101 35.27 -87.02 23.92
C GLY L 101 34.95 -88.05 22.87
N ASN L 102 35.96 -88.83 22.49
CA ASN L 102 35.76 -89.92 21.55
C ASN L 102 35.38 -91.17 22.35
N TYR L 103 34.23 -91.07 23.01
CA TYR L 103 33.76 -92.11 23.90
C TYR L 103 32.35 -92.50 23.49
N ALA L 104 31.80 -93.48 24.20
CA ALA L 104 30.39 -93.81 24.10
C ALA L 104 29.88 -94.09 25.50
N PHE L 105 28.73 -93.51 25.85
CA PHE L 105 28.26 -93.51 27.22
C PHE L 105 27.03 -94.39 27.39
N THR L 106 27.02 -95.15 28.47
CA THR L 106 25.95 -96.07 28.84
C THR L 106 25.28 -95.51 30.08
N PRO L 107 24.16 -96.05 30.54
CA PRO L 107 23.64 -95.62 31.85
C PRO L 107 24.35 -96.24 33.03
N SER L 108 25.52 -96.84 32.85
CA SER L 108 26.21 -97.47 33.97
C SER L 108 26.77 -96.39 34.89
N THR L 109 26.70 -96.70 36.19
CA THR L 109 27.20 -95.82 37.25
C THR L 109 28.63 -95.31 37.05
N PRO L 110 29.59 -96.07 36.48
CA PRO L 110 30.86 -95.43 36.11
C PRO L 110 30.72 -94.30 35.09
N ASP L 111 29.80 -94.42 34.13
CA ASP L 111 29.68 -93.38 33.11
C ASP L 111 29.05 -92.12 33.68
N MET L 112 28.07 -92.27 34.56
CA MET L 112 27.43 -91.08 35.09
C MET L 112 28.27 -90.43 36.17
N LYS L 113 29.11 -91.20 36.87
CA LYS L 113 30.08 -90.56 37.73
C LYS L 113 31.13 -89.84 36.90
N LEU L 114 31.47 -90.39 35.73
CA LEU L 114 32.36 -89.72 34.80
C LEU L 114 31.78 -88.39 34.33
N LEU L 115 30.48 -88.35 34.04
CA LEU L 115 29.93 -87.09 33.58
C LEU L 115 29.70 -86.10 34.70
N GLN L 116 29.52 -86.56 35.93
CA GLN L 116 29.49 -85.60 37.03
C GLN L 116 30.84 -84.93 37.19
N TYR L 117 31.90 -85.73 37.13
CA TYR L 117 33.22 -85.14 37.30
C TYR L 117 33.63 -84.28 36.12
N MET L 118 33.29 -84.68 34.89
CA MET L 118 33.63 -83.84 33.75
C MET L 118 32.74 -82.61 33.68
N GLY L 119 31.58 -82.67 34.33
CA GLY L 119 30.85 -81.43 34.58
C GLY L 119 31.61 -80.52 35.51
N ALA L 120 32.31 -81.09 36.49
CA ALA L 120 33.08 -80.26 37.41
C ALA L 120 34.31 -79.65 36.72
N LEU L 121 34.99 -80.45 35.90
CA LEU L 121 36.15 -79.95 35.16
C LEU L 121 35.73 -78.89 34.16
N GLY L 122 34.61 -79.12 33.49
CA GLY L 122 34.07 -78.10 32.62
C GLY L 122 33.62 -76.86 33.38
N ALA L 123 33.34 -77.02 34.67
CA ALA L 123 32.98 -75.85 35.47
C ALA L 123 34.19 -75.00 35.79
N MET L 124 35.26 -75.62 36.27
CA MET L 124 36.37 -74.79 36.72
C MET L 124 37.26 -74.41 35.56
N ALA L 125 37.11 -75.02 34.40
CA ALA L 125 38.02 -74.71 33.31
C ALA L 125 37.33 -74.12 32.09
N HIS L 126 36.00 -73.96 32.14
CA HIS L 126 35.19 -73.37 31.07
C HIS L 126 35.39 -74.08 29.74
N ALA L 127 35.23 -75.40 29.75
CA ALA L 127 35.40 -76.19 28.57
C ALA L 127 34.20 -77.12 28.48
N PRO L 128 33.37 -76.97 27.46
CA PRO L 128 32.25 -77.90 27.30
C PRO L 128 32.76 -79.25 26.85
N PHE L 129 32.18 -80.29 27.43
CA PHE L 129 32.55 -81.67 27.11
C PHE L 129 31.49 -82.24 26.18
N ILE L 130 31.92 -82.78 25.06
CA ILE L 130 31.03 -83.33 24.04
C ILE L 130 31.40 -84.79 23.85
N SER L 131 30.39 -85.66 23.76
CA SER L 131 30.69 -87.07 23.61
C SER L 131 29.56 -87.71 22.82
N SER L 132 29.48 -89.03 22.86
CA SER L 132 28.45 -89.75 22.12
C SER L 132 27.62 -90.62 23.06
N VAL L 133 26.32 -90.56 22.83
CA VAL L 133 25.37 -91.49 23.41
C VAL L 133 25.44 -92.78 22.63
N GLY L 134 25.71 -93.87 23.33
CA GLY L 134 25.79 -95.17 22.73
C GLY L 134 24.41 -95.72 22.44
N PRO L 135 24.36 -96.83 21.70
CA PRO L 135 23.07 -97.40 21.35
C PRO L 135 22.29 -97.94 22.53
N GLU L 136 22.93 -98.47 23.56
CA GLU L 136 22.15 -99.03 24.65
C GLU L 136 21.75 -97.99 25.69
N PHE L 137 21.95 -96.71 25.40
CA PHE L 137 21.51 -95.70 26.35
C PHE L 137 20.00 -95.50 26.26
N PHE L 138 19.39 -95.87 25.15
CA PHE L 138 17.97 -95.68 24.96
C PHE L 138 17.20 -96.94 25.26
N GLY L 139 17.90 -98.02 25.58
CA GLY L 139 17.27 -99.28 25.89
C GLY L 139 17.16 -100.24 24.73
N ILE L 140 17.79 -99.95 23.60
CA ILE L 140 17.62 -100.75 22.40
C ILE L 140 18.96 -101.30 21.95
N ASP L 141 18.91 -102.10 20.88
CA ASP L 141 20.09 -102.78 20.39
C ASP L 141 21.04 -101.82 19.68
N SER L 142 20.59 -101.27 18.57
CA SER L 142 21.38 -100.33 17.80
C SER L 142 20.44 -99.26 17.31
N PHE L 143 21.01 -98.25 16.65
CA PHE L 143 20.26 -97.05 16.36
C PHE L 143 19.21 -97.20 15.30
N GLU L 144 19.11 -98.36 14.66
CA GLU L 144 18.14 -98.48 13.60
C GLU L 144 16.74 -98.82 14.09
N GLU L 145 16.39 -98.50 15.34
CA GLU L 145 15.02 -98.60 15.80
C GLU L 145 14.50 -97.30 16.42
N LEU L 146 15.15 -96.17 16.17
CA LEU L 146 14.53 -94.90 16.53
C LEU L 146 13.24 -94.59 15.79
N PRO L 147 12.97 -95.06 14.57
CA PRO L 147 11.58 -95.05 14.11
C PRO L 147 10.68 -96.06 14.81
N ASN L 148 11.23 -96.98 15.59
CA ASN L 148 10.38 -97.99 16.21
C ASN L 148 10.14 -97.77 17.69
N ILE L 149 10.69 -96.72 18.29
CA ILE L 149 10.40 -96.42 19.68
C ILE L 149 9.26 -95.43 19.74
N LYS L 150 8.21 -95.76 20.50
CA LYS L 150 7.00 -94.97 20.48
C LYS L 150 7.15 -93.64 21.19
N ASP L 151 7.84 -93.59 22.33
CA ASP L 151 7.91 -92.36 23.10
C ASP L 151 9.15 -92.32 23.97
N LEU L 152 9.96 -91.28 23.82
CA LEU L 152 11.21 -91.21 24.58
C LEU L 152 10.99 -90.58 25.95
N LYS L 153 10.06 -89.61 26.03
CA LYS L 153 9.80 -88.93 27.28
C LYS L 153 9.22 -89.89 28.31
N SER L 154 8.45 -90.87 27.86
CA SER L 154 7.96 -91.89 28.78
C SER L 154 8.95 -93.05 28.92
N THR L 155 9.94 -93.12 28.03
CA THR L 155 10.98 -94.12 28.22
C THR L 155 11.89 -93.74 29.36
N PHE L 156 12.24 -92.45 29.46
CA PHE L 156 13.22 -92.06 30.48
C PHE L 156 12.65 -91.94 31.89
N GLU L 157 11.46 -92.43 32.18
CA GLU L 157 11.00 -92.40 33.56
C GLU L 157 11.29 -93.70 34.32
N SER L 158 11.91 -94.68 33.67
CA SER L 158 12.19 -95.95 34.31
C SER L 158 13.24 -95.76 35.41
N PRO L 159 13.22 -96.61 36.43
CA PRO L 159 14.26 -96.52 37.47
C PRO L 159 15.65 -96.92 37.01
N LYS L 160 15.81 -97.36 35.76
CA LYS L 160 17.14 -97.53 35.22
C LYS L 160 17.85 -96.19 35.09
N TYR L 161 17.11 -95.12 34.83
CA TYR L 161 17.69 -93.85 34.43
C TYR L 161 17.67 -92.83 35.56
N THR L 162 17.56 -93.30 36.81
CA THR L 162 17.42 -92.41 37.96
C THR L 162 18.67 -91.58 38.15
N LYS L 163 19.83 -92.16 37.88
CA LYS L 163 21.06 -91.42 37.97
C LYS L 163 21.15 -90.36 36.88
N TRP L 164 20.63 -90.68 35.68
CA TRP L 164 20.64 -89.72 34.58
C TRP L 164 19.75 -88.52 34.88
N ARG L 165 18.54 -88.76 35.40
CA ARG L 165 17.71 -87.64 35.77
C ARG L 165 18.24 -86.92 36.99
N SER L 166 19.08 -87.58 37.76
CA SER L 166 19.80 -86.83 38.78
C SER L 166 20.93 -86.03 38.15
N LEU L 167 21.35 -86.38 36.93
CA LEU L 167 22.47 -85.66 36.32
C LEU L 167 22.01 -84.40 35.59
N ARG L 168 20.86 -84.47 34.90
CA ARG L 168 20.38 -83.29 34.18
C ARG L 168 20.04 -82.13 35.10
N GLU L 169 19.53 -82.42 36.28
CA GLU L 169 19.14 -81.36 37.18
C GLU L 169 20.31 -80.71 37.86
N SER L 170 21.52 -81.27 37.73
CA SER L 170 22.66 -80.67 38.39
C SER L 170 23.03 -79.37 37.69
N GLU L 171 23.67 -78.48 38.45
CA GLU L 171 23.99 -77.18 37.89
C GLU L 171 25.22 -77.21 37.00
N ASP L 172 25.91 -78.33 36.90
CA ASP L 172 27.04 -78.44 35.99
C ASP L 172 26.69 -79.08 34.67
N ALA L 173 25.41 -79.31 34.39
CA ALA L 173 25.06 -79.90 33.11
C ALA L 173 24.97 -78.87 32.00
N ARG L 174 25.35 -77.62 32.26
CA ARG L 174 25.53 -76.68 31.16
C ARG L 174 26.73 -77.05 30.30
N TYR L 175 27.67 -77.80 30.84
CA TYR L 175 28.96 -78.00 30.21
C TYR L 175 29.09 -79.36 29.55
N LEU L 176 28.02 -80.12 29.46
CA LEU L 176 28.04 -81.40 28.79
C LEU L 176 27.12 -81.33 27.59
N GLY L 177 27.45 -82.09 26.56
CA GLY L 177 26.52 -82.29 25.48
C GLY L 177 26.71 -83.69 24.97
N LEU L 178 25.67 -84.49 24.95
CA LEU L 178 25.79 -85.85 24.47
C LEU L 178 25.09 -85.95 23.13
N THR L 179 25.75 -86.54 22.16
CA THR L 179 25.25 -86.50 20.80
C THR L 179 24.68 -87.84 20.38
N ALA L 180 23.59 -87.77 19.64
CA ALA L 180 22.80 -88.85 19.05
C ALA L 180 23.40 -89.12 17.66
N PRO L 181 22.79 -89.94 16.79
CA PRO L 181 23.48 -91.11 16.23
C PRO L 181 24.74 -90.81 15.42
N ARG L 182 25.53 -91.86 15.24
CA ARG L 182 26.85 -91.79 14.62
C ARG L 182 26.72 -91.63 13.11
N PHE L 183 27.84 -91.65 12.38
CA PHE L 183 27.76 -91.56 10.93
C PHE L 183 28.96 -92.24 10.30
N LEU L 184 28.83 -92.49 8.98
CA LEU L 184 29.86 -93.23 8.25
C LEU L 184 31.14 -92.42 8.10
N LEU L 185 32.26 -93.12 8.13
CA LEU L 185 33.54 -92.51 7.78
C LEU L 185 34.00 -92.88 6.40
N ARG L 186 33.70 -94.10 5.96
CA ARG L 186 34.41 -94.73 4.86
C ARG L 186 33.43 -95.51 4.00
N VAL L 187 33.49 -95.28 2.70
CA VAL L 187 32.74 -96.08 1.75
C VAL L 187 33.23 -97.52 1.83
N PRO L 188 32.35 -98.50 1.95
CA PRO L 188 32.78 -99.89 1.87
C PRO L 188 33.37 -100.20 0.51
N TYR L 189 34.38 -101.06 0.52
CA TYR L 189 35.25 -101.28 -0.64
C TYR L 189 34.53 -101.99 -1.77
N ASP L 190 35.11 -101.91 -2.95
CA ASP L 190 34.46 -102.32 -4.15
C ASP L 190 35.63 -102.34 -5.12
N PRO L 191 35.55 -103.09 -6.22
CA PRO L 191 36.62 -103.02 -7.21
C PRO L 191 36.73 -101.67 -7.88
N ILE L 192 35.60 -101.00 -8.07
CA ILE L 192 35.55 -99.75 -8.81
C ILE L 192 35.50 -98.55 -7.88
N GLU L 193 34.58 -98.58 -6.91
CA GLU L 193 34.20 -97.37 -6.18
C GLU L 193 35.24 -96.90 -5.20
N ASN L 194 35.97 -97.80 -4.58
CA ASN L 194 37.06 -97.39 -3.72
C ASN L 194 38.11 -98.49 -3.77
N PRO L 195 38.96 -98.49 -4.78
CA PRO L 195 39.74 -99.68 -5.11
C PRO L 195 40.93 -99.86 -4.20
N VAL L 196 41.50 -101.06 -4.29
CA VAL L 196 42.71 -101.45 -3.60
C VAL L 196 43.76 -101.83 -4.63
N LYS L 197 45.03 -101.66 -4.26
CA LYS L 197 46.10 -101.92 -5.20
C LYS L 197 46.48 -103.39 -5.20
N SER L 198 46.74 -103.91 -6.41
CA SER L 198 47.30 -105.23 -6.69
C SER L 198 46.41 -106.39 -6.21
N PHE L 199 45.12 -106.12 -5.99
CA PHE L 199 44.22 -107.16 -5.51
C PHE L 199 42.77 -106.81 -5.85
N ASN L 200 41.94 -107.84 -6.03
CA ASN L 200 40.51 -107.66 -6.24
C ASN L 200 39.78 -107.95 -4.92
N TYR L 201 39.33 -106.88 -4.27
CA TYR L 201 38.60 -106.99 -3.01
C TYR L 201 37.20 -106.40 -3.14
N ALA L 202 36.22 -107.14 -2.64
CA ALA L 202 34.82 -106.72 -2.66
C ALA L 202 34.25 -106.95 -1.27
N GLU L 203 34.09 -105.85 -0.51
CA GLU L 203 33.68 -105.98 0.88
C GLU L 203 32.23 -106.38 0.96
N ASN L 204 31.98 -107.60 1.41
CA ASN L 204 30.64 -108.16 1.49
C ASN L 204 30.08 -107.76 2.85
N VAL L 205 29.45 -106.59 2.90
CA VAL L 205 28.81 -106.16 4.12
C VAL L 205 27.43 -106.80 4.20
N SER L 206 27.13 -107.42 5.34
CA SER L 206 25.89 -108.14 5.55
C SER L 206 24.74 -107.20 5.84
N ALA L 207 23.64 -107.77 6.34
CA ALA L 207 22.52 -106.97 6.82
C ALA L 207 22.82 -106.32 8.17
N SER L 208 23.69 -106.90 8.98
CA SER L 208 24.04 -106.32 10.28
C SER L 208 24.94 -105.13 10.04
N HIS L 209 24.48 -103.95 10.47
CA HIS L 209 25.18 -102.74 10.06
C HIS L 209 26.34 -102.38 10.96
N GLU L 210 26.79 -103.28 11.82
CA GLU L 210 28.03 -103.00 12.53
C GLU L 210 29.26 -103.16 11.63
N HIS L 211 29.09 -103.73 10.44
CA HIS L 211 30.24 -103.99 9.59
C HIS L 211 30.76 -102.73 8.93
N TYR L 212 29.93 -101.71 8.80
CA TYR L 212 30.39 -100.40 8.39
C TYR L 212 31.35 -99.83 9.44
N LEU L 213 32.17 -98.89 9.02
CA LEU L 213 33.02 -98.17 9.97
C LEU L 213 32.27 -96.95 10.45
N TRP L 214 31.77 -97.01 11.69
CA TRP L 214 31.07 -95.87 12.23
C TRP L 214 31.99 -94.97 13.02
N GLY L 215 31.95 -93.68 12.71
CA GLY L 215 32.78 -92.74 13.44
C GLY L 215 31.98 -92.01 14.47
N ASN L 216 32.64 -91.24 15.32
CA ASN L 216 31.93 -90.54 16.38
C ASN L 216 31.31 -89.27 15.82
N THR L 217 30.19 -88.86 16.41
CA THR L 217 29.52 -87.63 16.01
C THR L 217 30.25 -86.42 16.55
N ALA L 218 30.87 -86.58 17.72
CA ALA L 218 31.44 -85.45 18.45
C ALA L 218 32.60 -84.83 17.69
N PHE L 219 33.25 -85.62 16.85
CA PHE L 219 34.21 -85.07 15.91
C PHE L 219 33.54 -84.13 14.91
N ALA L 220 32.39 -84.52 14.35
CA ALA L 220 31.73 -83.66 13.37
C ALA L 220 31.23 -82.39 14.03
N PHE L 221 30.73 -82.51 15.25
CA PHE L 221 30.34 -81.33 16.02
C PHE L 221 31.56 -80.45 16.30
N ALA L 222 32.71 -81.06 16.46
CA ALA L 222 33.93 -80.30 16.67
C ALA L 222 34.38 -79.59 15.40
N THR L 223 34.11 -80.19 14.23
CA THR L 223 34.37 -79.47 12.99
C THR L 223 33.48 -78.25 12.90
N ARG L 224 32.27 -78.32 13.42
CA ARG L 224 31.41 -77.16 13.36
C ARG L 224 31.84 -76.08 14.34
N LEU L 225 32.35 -76.46 15.51
CA LEU L 225 32.90 -75.47 16.43
C LEU L 225 34.13 -74.78 15.85
N THR L 226 35.09 -75.56 15.37
CA THR L 226 36.37 -74.98 14.95
C THR L 226 36.22 -74.21 13.65
N ASP L 227 35.35 -74.67 12.75
CA ASP L 227 35.10 -73.91 11.53
C ASP L 227 34.36 -72.62 11.80
N SER L 228 33.40 -72.65 12.73
CA SER L 228 32.70 -71.42 13.07
C SER L 228 33.66 -70.41 13.71
N PHE L 229 34.62 -70.92 14.47
CA PHE L 229 35.60 -70.02 15.07
C PHE L 229 36.57 -69.49 14.02
N ALA L 230 36.86 -70.29 13.00
CA ALA L 230 37.78 -69.84 11.97
C ALA L 230 37.13 -68.78 11.10
N LYS L 231 35.82 -68.88 10.91
CA LYS L 231 35.18 -67.81 10.16
C LYS L 231 35.00 -66.56 11.01
N TYR L 232 34.50 -66.70 12.23
CA TYR L 232 33.88 -65.59 12.91
C TYR L 232 34.46 -65.24 14.27
N ARG L 233 35.54 -65.88 14.70
CA ARG L 233 36.22 -65.66 15.98
C ARG L 233 35.33 -65.89 17.20
N TRP L 234 34.23 -66.63 17.04
CA TRP L 234 33.38 -67.03 18.13
C TRP L 234 32.80 -68.38 17.77
N CYS L 235 32.04 -68.98 18.67
CA CYS L 235 31.30 -70.19 18.32
C CYS L 235 29.82 -70.16 18.69
N PRO L 236 29.01 -69.23 18.12
CA PRO L 236 27.57 -69.40 18.33
C PRO L 236 26.89 -70.04 17.13
N ASN L 237 27.61 -70.24 16.03
CA ASN L 237 26.98 -70.62 14.78
C ASN L 237 27.22 -72.10 14.49
N ILE L 238 26.45 -72.93 15.19
CA ILE L 238 26.56 -74.37 14.99
C ILE L 238 25.19 -75.02 14.84
N ILE L 239 24.15 -74.24 14.58
CA ILE L 239 22.79 -74.75 14.78
C ILE L 239 21.86 -74.67 13.59
N GLY L 240 22.34 -74.86 12.39
CA GLY L 240 21.43 -74.78 11.27
C GLY L 240 21.90 -75.45 10.01
N PRO L 241 20.98 -75.63 9.07
CA PRO L 241 21.41 -75.99 7.71
C PRO L 241 22.12 -74.84 7.02
N GLN L 242 21.88 -73.61 7.45
CA GLN L 242 22.52 -72.47 6.82
C GLN L 242 23.23 -71.55 7.79
N SER L 243 22.92 -71.62 9.08
CA SER L 243 23.54 -70.69 10.02
C SER L 243 24.98 -71.09 10.35
N GLY L 244 25.36 -72.31 10.01
CA GLY L 244 26.74 -72.71 10.18
C GLY L 244 26.89 -74.15 10.57
N GLY L 245 25.80 -74.77 11.01
CA GLY L 245 25.89 -76.10 11.55
C GLY L 245 25.85 -77.20 10.52
N ALA L 246 25.85 -76.86 9.24
CA ALA L 246 25.72 -77.86 8.20
C ALA L 246 27.02 -78.65 8.07
N VAL L 247 26.93 -79.95 8.28
CA VAL L 247 28.05 -80.86 8.06
C VAL L 247 27.87 -81.44 6.67
N GLU L 248 28.70 -81.02 5.73
CA GLU L 248 28.57 -81.44 4.35
C GLU L 248 29.44 -82.65 4.07
N ASP L 249 29.27 -83.21 2.88
CA ASP L 249 30.13 -84.24 2.30
C ASP L 249 30.14 -85.52 3.14
N LEU L 250 29.04 -86.23 3.19
CA LEU L 250 29.11 -87.53 3.83
C LEU L 250 29.12 -88.64 2.79
N PRO L 251 29.79 -89.75 3.07
CA PRO L 251 29.87 -90.84 2.10
C PRO L 251 28.55 -91.59 1.98
N VAL L 252 28.24 -92.00 0.76
CA VAL L 252 27.04 -92.77 0.49
C VAL L 252 27.45 -94.18 0.14
N HIS L 253 26.46 -95.07 0.11
CA HIS L 253 26.72 -96.46 -0.27
C HIS L 253 25.47 -97.00 -0.95
N VAL L 254 25.41 -96.87 -2.26
CA VAL L 254 24.28 -97.38 -3.02
C VAL L 254 24.44 -98.89 -3.18
N PHE L 255 23.52 -99.64 -2.61
CA PHE L 255 23.65 -101.09 -2.65
C PHE L 255 22.30 -101.70 -3.03
N GLU L 256 22.36 -102.90 -3.59
CA GLU L 256 21.16 -103.54 -4.14
C GLU L 256 20.25 -104.04 -3.04
N SER L 257 19.01 -103.55 -3.06
CA SER L 257 17.99 -103.93 -2.10
C SER L 257 17.21 -105.12 -2.66
N MET L 258 16.00 -105.43 -2.18
CA MET L 258 15.20 -106.53 -2.73
C MET L 258 14.66 -106.18 -4.11
N GLY L 259 15.54 -106.22 -5.11
CA GLY L 259 15.17 -105.92 -6.48
C GLY L 259 15.48 -104.52 -6.92
N ALA L 260 15.44 -103.54 -6.02
CA ALA L 260 15.67 -102.16 -6.39
C ALA L 260 16.99 -101.68 -5.78
N LEU L 261 17.33 -100.43 -6.06
CA LEU L 261 18.44 -99.76 -5.41
C LEU L 261 17.91 -98.98 -4.23
N GLN L 262 18.77 -98.76 -3.25
CA GLN L 262 18.50 -97.79 -2.21
C GLN L 262 19.82 -97.28 -1.67
N SER L 263 19.79 -96.08 -1.13
CA SER L 263 20.95 -95.49 -0.52
C SER L 263 21.00 -95.90 0.94
N LYS L 264 22.12 -96.50 1.35
CA LYS L 264 22.33 -96.67 2.77
C LYS L 264 22.61 -95.32 3.39
N ILE L 265 21.86 -95.01 4.43
CA ILE L 265 21.88 -93.67 5.01
C ILE L 265 23.21 -93.45 5.70
N PRO L 266 23.84 -92.28 5.54
CA PRO L 266 25.13 -92.05 6.19
C PRO L 266 25.05 -92.01 7.69
N THR L 267 24.04 -91.38 8.26
CA THR L 267 23.74 -91.61 9.66
C THR L 267 22.99 -92.94 9.74
N GLU L 268 22.83 -93.46 10.95
CA GLU L 268 22.19 -94.77 11.07
C GLU L 268 20.71 -94.71 10.72
N VAL L 269 20.05 -93.61 11.04
CA VAL L 269 18.65 -93.47 10.72
C VAL L 269 18.39 -92.09 10.14
N LEU L 270 17.27 -91.99 9.45
CA LEU L 270 16.66 -90.72 9.07
C LEU L 270 15.76 -90.32 10.23
N ILE L 271 16.25 -89.44 11.07
CA ILE L 271 15.46 -88.98 12.19
C ILE L 271 14.38 -88.02 11.70
N THR L 272 13.13 -88.40 11.89
CA THR L 272 12.04 -87.50 11.55
C THR L 272 11.99 -86.34 12.55
N ASP L 273 11.33 -85.26 12.15
CA ASP L 273 11.50 -84.00 12.85
C ASP L 273 10.87 -83.99 14.23
N ARG L 274 9.79 -84.76 14.41
CA ARG L 274 9.25 -84.94 15.74
C ARG L 274 10.24 -85.68 16.63
N LYS L 275 10.92 -86.67 16.07
CA LYS L 275 11.93 -87.40 16.84
C LYS L 275 13.12 -86.51 17.14
N GLU L 276 13.43 -85.58 16.24
CA GLU L 276 14.53 -84.66 16.49
C GLU L 276 14.18 -83.69 17.61
N PHE L 277 12.96 -83.15 17.61
CA PHE L 277 12.59 -82.22 18.66
C PHE L 277 12.51 -82.91 20.00
N GLU L 278 12.17 -84.20 20.00
CA GLU L 278 12.18 -84.94 21.25
C GLU L 278 13.61 -85.15 21.74
N LEU L 279 14.54 -85.48 20.83
CA LEU L 279 15.94 -85.60 21.25
C LEU L 279 16.49 -84.25 21.67
N ALA L 280 15.94 -83.16 21.16
CA ALA L 280 16.40 -81.86 21.58
C ALA L 280 15.88 -81.51 22.96
N GLU L 281 14.68 -81.99 23.29
CA GLU L 281 14.16 -81.71 24.63
C GLU L 281 14.83 -82.58 25.68
N GLU L 282 15.38 -83.72 25.28
CA GLU L 282 16.04 -84.58 26.24
C GLU L 282 17.50 -84.19 26.46
N GLY L 283 17.97 -83.14 25.80
CA GLY L 283 19.34 -82.73 25.95
C GLY L 283 20.33 -83.42 25.05
N PHE L 284 19.92 -83.82 23.86
CA PHE L 284 20.81 -84.52 22.94
C PHE L 284 20.93 -83.69 21.67
N ILE L 285 22.05 -83.87 20.98
CA ILE L 285 22.32 -83.17 19.73
C ILE L 285 22.09 -84.16 18.62
N ALA L 286 20.99 -84.00 17.89
CA ALA L 286 20.60 -84.97 16.89
C ALA L 286 21.24 -84.63 15.57
N LEU L 287 22.17 -85.46 15.13
CA LEU L 287 22.69 -85.34 13.77
C LEU L 287 21.63 -85.84 12.82
N THR L 288 21.00 -84.93 12.09
CA THR L 288 19.88 -85.29 11.22
C THR L 288 20.30 -85.35 9.77
N MET L 289 20.02 -86.48 9.15
CA MET L 289 20.32 -86.68 7.75
C MET L 289 19.29 -85.93 6.93
N ARG L 290 19.74 -85.28 5.87
CA ARG L 290 18.83 -84.68 4.90
C ARG L 290 18.52 -85.70 3.82
N LYS L 291 17.27 -86.17 3.78
CA LYS L 291 16.88 -87.28 2.94
C LYS L 291 17.05 -86.95 1.47
N GLY L 292 17.67 -87.87 0.74
CA GLY L 292 17.91 -87.67 -0.68
C GLY L 292 19.17 -86.91 -0.99
N SER L 293 19.96 -86.59 0.03
CA SER L 293 21.21 -85.89 -0.20
C SER L 293 22.32 -86.73 0.43
N ASP L 294 23.51 -86.16 0.49
CA ASP L 294 24.61 -86.71 1.24
C ASP L 294 25.07 -85.74 2.31
N ASN L 295 24.15 -84.92 2.79
CA ASN L 295 24.46 -83.83 3.69
C ASN L 295 23.66 -84.01 4.97
N ALA L 296 24.20 -83.55 6.08
CA ALA L 296 23.52 -83.69 7.36
C ALA L 296 23.57 -82.37 8.10
N ALA L 297 22.79 -82.27 9.17
CA ALA L 297 22.69 -81.00 9.86
C ALA L 297 22.31 -81.20 11.31
N PHE L 298 22.75 -80.27 12.14
CA PHE L 298 22.34 -80.14 13.53
C PHE L 298 21.18 -79.15 13.55
N PHE L 299 19.96 -79.65 13.69
CA PHE L 299 18.84 -78.71 13.87
C PHE L 299 18.84 -78.11 15.26
N SER L 300 19.55 -78.70 16.20
CA SER L 300 19.53 -78.24 17.58
C SER L 300 20.82 -78.66 18.25
N ALA L 301 21.26 -77.85 19.21
CA ALA L 301 22.47 -78.15 19.98
C ALA L 301 22.22 -77.84 21.45
N ASN L 302 21.15 -78.36 22.01
CA ASN L 302 20.92 -78.20 23.44
C ASN L 302 21.98 -78.92 24.26
N SER L 303 22.14 -78.51 25.51
CA SER L 303 22.97 -79.20 26.46
C SER L 303 22.10 -80.04 27.39
N ILE L 304 22.72 -80.63 28.41
CA ILE L 304 22.07 -81.67 29.18
C ILE L 304 21.01 -81.10 30.11
N GLN L 305 21.21 -79.89 30.63
CA GLN L 305 20.48 -79.44 31.80
C GLN L 305 19.01 -79.22 31.51
N LYS L 306 18.17 -79.73 32.37
CA LYS L 306 16.74 -79.69 32.21
C LYS L 306 16.26 -78.27 32.33
N PRO L 307 15.56 -77.75 31.33
CA PRO L 307 15.10 -76.37 31.39
C PRO L 307 14.01 -76.24 32.42
N LYS L 308 14.22 -75.34 33.38
CA LYS L 308 13.31 -75.22 34.53
C LYS L 308 11.97 -74.64 34.13
N VAL L 309 10.96 -74.90 34.96
CA VAL L 309 9.65 -74.31 34.86
C VAL L 309 9.44 -73.37 36.03
N PHE L 310 9.07 -72.14 35.74
CA PHE L 310 8.83 -71.11 36.75
C PHE L 310 7.37 -70.72 36.70
N PRO L 311 6.81 -70.06 37.73
CA PRO L 311 5.40 -69.69 37.67
C PRO L 311 5.12 -68.71 36.54
N ASN L 312 3.90 -68.75 36.03
CA ASN L 312 3.56 -67.94 34.85
C ASN L 312 3.14 -66.53 35.28
N THR L 313 4.12 -65.78 35.72
CA THR L 313 3.98 -64.35 35.95
C THR L 313 4.94 -63.64 35.02
N LYS L 314 5.09 -62.33 35.21
CA LYS L 314 6.06 -61.57 34.42
C LYS L 314 7.48 -61.94 34.81
N GLU L 315 7.76 -61.90 36.11
CA GLU L 315 9.10 -62.25 36.60
C GLU L 315 9.41 -63.72 36.36
N GLY L 316 8.38 -64.57 36.38
CA GLY L 316 8.60 -65.98 36.12
C GLY L 316 9.01 -66.25 34.69
N LYS L 317 8.42 -65.53 33.74
CA LYS L 317 8.82 -65.77 32.36
C LYS L 317 10.16 -65.14 32.06
N GLU L 318 10.54 -64.07 32.77
CA GLU L 318 11.91 -63.59 32.60
C GLU L 318 12.91 -64.58 33.13
N ALA L 319 12.62 -65.19 34.27
CA ALA L 319 13.59 -66.10 34.86
C ALA L 319 13.66 -67.40 34.07
N GLU L 320 12.55 -67.84 33.48
CA GLU L 320 12.62 -68.96 32.56
C GLU L 320 13.39 -68.60 31.31
N THR L 321 13.25 -67.36 30.84
CA THR L 321 13.97 -66.94 29.64
C THR L 321 15.47 -66.97 29.88
N ASN L 322 15.90 -66.53 31.05
CA ASN L 322 17.32 -66.56 31.35
C ASN L 322 17.79 -67.99 31.53
N TYR L 323 16.92 -68.82 32.08
CA TYR L 323 17.37 -70.17 32.39
C TYR L 323 17.41 -71.03 31.14
N LYS L 324 16.62 -70.71 30.11
CA LYS L 324 16.79 -71.44 28.86
C LYS L 324 17.86 -70.83 27.98
N LEU L 325 18.24 -69.58 28.23
CA LEU L 325 19.43 -69.09 27.56
C LEU L 325 20.68 -69.75 28.11
N GLY L 326 20.67 -70.06 29.41
CA GLY L 326 21.87 -70.61 30.00
C GLY L 326 22.17 -72.02 29.55
N THR L 327 21.15 -72.78 29.20
CA THR L 327 21.35 -74.20 29.04
C THR L 327 21.53 -74.64 27.59
N GLN L 328 21.92 -73.76 26.69
CA GLN L 328 22.17 -74.17 25.31
C GLN L 328 23.58 -73.78 24.91
N LEU L 329 24.28 -74.72 24.28
CA LEU L 329 25.68 -74.51 23.92
C LEU L 329 25.99 -73.32 23.01
N PRO L 330 25.20 -72.92 22.02
CA PRO L 330 25.58 -71.73 21.24
C PRO L 330 25.48 -70.42 21.98
N TYR L 331 25.12 -70.43 23.25
CA TYR L 331 25.26 -69.28 24.11
C TYR L 331 26.35 -69.48 25.15
N MET L 332 26.52 -70.72 25.60
CA MET L 332 27.60 -70.98 26.54
C MET L 332 28.95 -70.90 25.87
N MET L 333 29.02 -70.98 24.55
CA MET L 333 30.30 -70.72 23.93
C MET L 333 30.61 -69.22 23.94
N ILE L 334 29.57 -68.39 23.87
CA ILE L 334 29.77 -66.96 24.02
C ILE L 334 30.26 -66.64 25.43
N ILE L 335 29.66 -67.25 26.44
CA ILE L 335 30.09 -66.96 27.80
C ILE L 335 31.44 -67.59 28.11
N ASN L 336 31.77 -68.70 27.43
CA ASN L 336 33.10 -69.25 27.59
C ASN L 336 34.17 -68.32 27.01
N ARG L 337 33.89 -67.72 25.85
CA ARG L 337 34.89 -66.83 25.27
C ARG L 337 35.00 -65.52 26.05
N LEU L 338 33.89 -65.05 26.63
CA LEU L 338 34.02 -63.90 27.51
C LEU L 338 34.76 -64.25 28.79
N ALA L 339 34.57 -65.46 29.31
CA ALA L 339 35.29 -65.84 30.52
C ALA L 339 36.77 -65.95 30.24
N HIS L 340 37.13 -66.42 29.05
CA HIS L 340 38.54 -66.54 28.70
C HIS L 340 39.18 -65.18 28.50
N TYR L 341 38.49 -64.27 27.79
CA TYR L 341 39.08 -62.94 27.62
C TYR L 341 39.14 -62.17 28.92
N VAL L 342 38.17 -62.39 29.81
CA VAL L 342 38.17 -61.66 31.08
C VAL L 342 39.30 -62.16 31.98
N LYS L 343 39.54 -63.47 31.98
CA LYS L 343 40.67 -63.99 32.75
C LYS L 343 41.99 -63.51 32.17
N VAL L 344 42.17 -63.70 30.87
CA VAL L 344 43.49 -63.49 30.26
C VAL L 344 43.82 -62.00 30.20
N LEU L 345 42.86 -61.16 29.85
CA LEU L 345 43.14 -59.73 29.86
C LEU L 345 43.15 -59.14 31.26
N GLN L 346 42.29 -59.62 32.16
CA GLN L 346 42.28 -59.04 33.49
C GLN L 346 43.34 -59.65 34.39
N ARG L 347 44.26 -60.45 33.85
CA ARG L 347 45.50 -60.68 34.59
C ARG L 347 46.56 -59.63 34.26
N GLU L 348 46.39 -58.93 33.14
CA GLU L 348 47.43 -57.98 32.77
C GLU L 348 47.23 -56.65 33.47
N GLN L 349 46.14 -56.47 34.20
CA GLN L 349 45.92 -55.21 34.87
C GLN L 349 46.18 -55.27 36.37
N ILE L 350 46.58 -56.43 36.89
CA ILE L 350 46.94 -56.52 38.30
C ILE L 350 48.17 -55.68 38.54
N GLY L 351 47.99 -54.61 39.30
CA GLY L 351 49.07 -53.68 39.54
C GLY L 351 48.90 -52.34 38.87
N ALA L 352 47.75 -52.10 38.25
CA ALA L 352 47.51 -50.77 37.74
C ALA L 352 46.67 -49.98 38.72
N TRP L 353 46.88 -48.67 38.74
CA TRP L 353 46.19 -47.78 39.68
C TRP L 353 44.74 -47.68 39.24
N LYS L 354 43.90 -48.52 39.82
CA LYS L 354 42.50 -48.62 39.44
C LYS L 354 41.61 -48.28 40.62
N GLU L 355 40.55 -47.55 40.34
CA GLU L 355 39.49 -47.40 41.29
C GLU L 355 38.30 -48.24 40.87
N ARG L 356 37.17 -48.04 41.55
CA ARG L 356 35.96 -48.79 41.22
C ARG L 356 35.39 -48.35 39.88
N GLN L 357 35.14 -47.06 39.74
CA GLN L 357 34.66 -46.52 38.48
C GLN L 357 35.67 -46.63 37.36
N ASP L 358 36.95 -46.87 37.69
CA ASP L 358 37.89 -47.27 36.66
C ASP L 358 37.50 -48.60 36.05
N LEU L 359 37.10 -49.57 36.88
CA LEU L 359 36.68 -50.84 36.29
C LEU L 359 35.35 -50.72 35.58
N GLU L 360 34.48 -49.82 36.04
CA GLU L 360 33.25 -49.61 35.27
C GLU L 360 33.56 -49.03 33.90
N ARG L 361 34.49 -48.08 33.85
CA ARG L 361 34.76 -47.42 32.58
C ARG L 361 35.54 -48.33 31.65
N GLU L 362 36.51 -49.08 32.20
CA GLU L 362 37.34 -49.90 31.33
C GLU L 362 36.64 -51.17 30.91
N LEU L 363 35.75 -51.70 31.74
CA LEU L 363 35.01 -52.86 31.28
C LEU L 363 33.89 -52.47 30.33
N ASN L 364 33.27 -51.30 30.53
CA ASN L 364 32.23 -50.88 29.60
C ASN L 364 32.81 -50.50 28.25
N SER L 365 33.94 -49.80 28.24
CA SER L 365 34.62 -49.57 26.98
C SER L 365 35.28 -50.83 26.45
N TRP L 366 35.48 -51.83 27.30
CA TRP L 366 35.98 -53.10 26.82
C TRP L 366 34.90 -53.90 26.11
N ILE L 367 33.66 -53.76 26.58
CA ILE L 367 32.60 -54.61 26.09
C ILE L 367 31.76 -53.88 25.05
N LYS L 368 32.01 -52.59 24.83
CA LYS L 368 31.43 -51.93 23.66
C LYS L 368 32.07 -52.40 22.36
N GLN L 369 33.17 -53.14 22.46
CA GLN L 369 33.70 -53.91 21.36
C GLN L 369 32.70 -54.94 20.86
N TYR L 370 31.93 -55.56 21.74
CA TYR L 370 31.13 -56.71 21.37
C TYR L 370 29.64 -56.42 21.37
N VAL L 371 29.23 -55.17 21.35
CA VAL L 371 27.81 -54.81 21.35
C VAL L 371 27.41 -54.42 19.95
N ALA L 372 26.39 -55.06 19.41
CA ALA L 372 25.86 -54.71 18.11
C ALA L 372 24.41 -54.29 18.31
N ASP L 373 24.19 -53.03 18.68
CA ASP L 373 22.86 -52.58 19.11
C ASP L 373 22.23 -51.61 18.14
N GLN L 374 22.43 -51.80 16.85
CA GLN L 374 21.74 -50.96 15.88
C GLN L 374 20.32 -51.46 15.67
N GLU L 375 19.68 -50.92 14.65
CA GLU L 375 18.28 -51.27 14.42
C GLU L 375 18.16 -52.67 13.84
N ASN L 376 18.97 -52.98 12.85
CA ASN L 376 18.83 -54.24 12.17
C ASN L 376 20.17 -54.64 11.58
N PRO L 377 21.07 -55.24 12.36
CA PRO L 377 22.36 -55.62 11.81
C PRO L 377 22.21 -56.88 10.97
N PRO L 378 22.97 -57.01 9.89
CA PRO L 378 22.89 -58.23 9.09
C PRO L 378 23.55 -59.40 9.79
N ALA L 379 23.51 -60.56 9.13
CA ALA L 379 23.84 -61.81 9.81
C ALA L 379 25.30 -61.92 10.19
N ASP L 380 26.19 -61.28 9.41
CA ASP L 380 27.61 -61.40 9.67
C ASP L 380 28.03 -60.56 10.88
N VAL L 381 27.52 -59.34 10.96
CA VAL L 381 27.86 -58.46 12.07
C VAL L 381 27.25 -58.99 13.37
N ARG L 382 26.10 -59.65 13.27
CA ARG L 382 25.63 -60.43 14.40
C ARG L 382 26.50 -61.63 14.67
N SER L 383 27.15 -62.17 13.65
CA SER L 383 27.93 -63.38 13.88
C SER L 383 29.24 -63.07 14.60
N ARG L 384 29.79 -61.88 14.37
CA ARG L 384 31.07 -61.58 15.00
C ARG L 384 30.97 -60.60 16.16
N ARG L 385 29.79 -60.05 16.42
CA ARG L 385 29.53 -59.26 17.63
C ARG L 385 28.28 -59.85 18.26
N PRO L 386 28.44 -60.86 19.09
CA PRO L 386 27.29 -61.70 19.41
C PRO L 386 26.35 -61.09 20.42
N LEU L 387 26.81 -60.31 21.37
CA LEU L 387 25.95 -59.90 22.49
C LEU L 387 25.37 -58.52 22.23
N ARG L 388 24.09 -58.35 22.53
CA ARG L 388 23.41 -57.12 22.13
C ARG L 388 23.44 -56.07 23.23
N ALA L 389 23.36 -56.49 24.48
CA ALA L 389 23.44 -55.55 25.58
C ALA L 389 24.46 -56.02 26.60
N ALA L 390 24.97 -55.08 27.38
CA ALA L 390 25.86 -55.45 28.46
C ALA L 390 25.68 -54.46 29.59
N ARG L 391 25.46 -54.99 30.78
CA ARG L 391 25.27 -54.18 31.97
C ARG L 391 26.24 -54.64 33.04
N ILE L 392 27.19 -53.79 33.39
CA ILE L 392 28.29 -54.16 34.27
C ILE L 392 28.16 -53.37 35.56
N GLU L 393 28.21 -54.07 36.68
CA GLU L 393 28.24 -53.43 37.98
C GLU L 393 29.54 -53.80 38.68
N VAL L 394 30.26 -52.80 39.16
CA VAL L 394 31.52 -53.01 39.84
C VAL L 394 31.39 -52.50 41.26
N MET L 395 31.64 -53.38 42.22
CA MET L 395 31.58 -53.04 43.64
C MET L 395 32.86 -53.47 44.32
N ASP L 396 33.09 -52.94 45.51
CA ASP L 396 34.29 -53.23 46.27
C ASP L 396 34.00 -54.34 47.25
N VAL L 397 35.01 -55.18 47.49
CA VAL L 397 34.95 -56.07 48.63
C VAL L 397 35.34 -55.22 49.83
N GLU L 398 34.37 -54.93 50.70
CA GLU L 398 34.59 -54.00 51.80
C GLU L 398 35.53 -54.60 52.83
N GLY L 399 36.49 -53.80 53.27
CA GLY L 399 37.44 -54.30 54.23
C GLY L 399 38.50 -55.20 53.64
N ASN L 400 38.66 -55.21 52.33
CA ASN L 400 39.70 -56.00 51.68
C ASN L 400 40.13 -55.22 50.45
N PRO L 401 41.08 -54.28 50.62
CA PRO L 401 41.16 -53.15 49.70
C PRO L 401 41.74 -53.52 48.35
N GLY L 402 41.22 -52.87 47.33
CA GLY L 402 41.58 -53.17 45.96
C GLY L 402 40.73 -54.22 45.31
N TRP L 403 40.31 -55.24 46.06
CA TRP L 403 39.55 -56.37 45.54
C TRP L 403 38.19 -55.90 45.08
N TYR L 404 37.93 -56.03 43.79
CA TYR L 404 36.71 -55.51 43.20
C TYR L 404 35.81 -56.67 42.82
N GLN L 405 34.51 -56.42 42.83
CA GLN L 405 33.51 -57.47 42.65
C GLN L 405 32.61 -57.08 41.49
N VAL L 406 32.62 -57.84 40.42
CA VAL L 406 32.04 -57.42 39.15
C VAL L 406 30.97 -58.40 38.73
N SER L 407 29.82 -57.87 38.29
CA SER L 407 28.78 -58.67 37.65
C SER L 407 28.67 -58.24 36.20
N LEU L 408 28.98 -59.15 35.30
CA LEU L 408 28.93 -58.89 33.87
C LEU L 408 27.81 -59.71 33.27
N SER L 409 26.74 -59.05 32.85
CA SER L 409 25.53 -59.69 32.37
C SER L 409 25.29 -59.30 30.92
N VAL L 410 25.12 -60.30 30.06
CA VAL L 410 24.97 -60.06 28.63
C VAL L 410 23.62 -60.57 28.17
N ARG L 411 23.20 -60.09 27.00
CA ARG L 411 21.96 -60.53 26.36
C ARG L 411 22.26 -60.84 24.91
N PRO L 412 22.41 -62.11 24.55
CA PRO L 412 22.89 -62.44 23.23
C PRO L 412 21.80 -62.28 22.18
N HIS L 413 22.20 -62.35 20.92
CA HIS L 413 21.22 -62.41 19.85
C HIS L 413 20.50 -63.74 19.88
N PHE L 414 19.18 -63.67 19.87
CA PHE L 414 18.37 -64.86 19.84
C PHE L 414 18.43 -65.48 18.46
N LYS L 415 18.75 -66.75 18.41
CA LYS L 415 18.78 -67.45 17.14
C LYS L 415 17.48 -68.23 16.97
N TYR L 416 16.95 -68.24 15.75
CA TYR L 416 15.60 -68.69 15.45
C TYR L 416 15.49 -70.19 15.65
N MET L 417 14.83 -70.62 16.73
CA MET L 417 14.74 -72.04 17.04
C MET L 417 13.32 -72.52 17.29
N GLY L 418 12.40 -72.20 16.42
CA GLY L 418 11.08 -72.81 16.48
C GLY L 418 9.98 -71.77 16.45
N ALA L 419 8.89 -72.12 15.79
CA ALA L 419 7.74 -71.24 15.73
C ALA L 419 6.50 -72.07 15.48
N ASN L 420 5.35 -71.51 15.85
CA ASN L 420 4.06 -72.10 15.52
C ASN L 420 3.33 -71.21 14.54
N PHE L 421 2.70 -71.81 13.54
CA PHE L 421 1.97 -71.06 12.54
C PHE L 421 0.51 -71.46 12.53
N GLU L 422 -0.35 -70.46 12.41
CA GLU L 422 -1.77 -70.66 12.25
C GLU L 422 -2.20 -69.89 11.00
N LEU L 423 -2.83 -70.57 10.06
CA LEU L 423 -3.26 -69.94 8.82
C LEU L 423 -4.78 -69.94 8.76
N SER L 424 -5.34 -68.96 8.04
CA SER L 424 -6.79 -68.85 7.92
C SER L 424 -7.17 -68.06 6.69
N LEU L 425 -8.02 -68.65 5.85
CA LEU L 425 -8.60 -67.89 4.76
C LEU L 425 -9.62 -66.92 5.33
N VAL L 426 -9.70 -65.73 4.74
CA VAL L 426 -10.68 -64.74 5.16
C VAL L 426 -10.92 -63.78 4.01
N GLY L 427 -12.12 -63.22 3.95
CA GLY L 427 -12.40 -62.09 3.07
C GLY L 427 -12.11 -60.81 3.84
N ARG L 428 -12.50 -59.67 3.24
CA ARG L 428 -12.63 -58.38 3.92
C ARG L 428 -11.30 -57.79 4.40
N LEU L 429 -10.18 -58.48 4.21
CA LEU L 429 -8.92 -58.05 4.80
C LEU L 429 -8.31 -56.90 4.01
N ASP L 430 -7.72 -55.94 4.72
CA ASP L 430 -7.02 -54.82 4.10
C ASP L 430 -5.72 -55.28 3.45
N SER A 1 -52.41 -67.50 -7.68
CA SER A 1 -51.39 -66.72 -7.02
C SER A 1 -51.25 -65.36 -7.65
N LYS A 2 -50.45 -64.50 -7.04
CA LYS A 2 -50.25 -63.16 -7.54
C LYS A 2 -48.79 -62.75 -7.68
N GLU A 3 -47.85 -63.45 -7.05
CA GLU A 3 -46.45 -63.09 -7.11
C GLU A 3 -45.70 -63.81 -8.22
N GLY A 4 -46.41 -64.51 -9.09
CA GLY A 4 -45.72 -65.32 -10.06
C GLY A 4 -45.14 -66.54 -9.35
N SER A 5 -44.15 -67.14 -10.00
CA SER A 5 -43.45 -68.27 -9.43
C SER A 5 -42.01 -68.25 -9.91
N VAL A 6 -41.18 -69.01 -9.21
CA VAL A 6 -39.77 -69.14 -9.56
C VAL A 6 -39.43 -70.62 -9.68
N ALA A 7 -38.29 -70.90 -10.26
CA ALA A 7 -37.74 -72.23 -10.23
C ALA A 7 -37.10 -72.47 -8.88
N PRO A 8 -36.81 -73.72 -8.50
CA PRO A 8 -35.92 -73.95 -7.36
C PRO A 8 -34.54 -73.41 -7.69
N LYS A 9 -33.82 -73.01 -6.64
CA LYS A 9 -32.61 -72.21 -6.76
C LYS A 9 -31.50 -73.01 -7.43
N GLU A 10 -30.86 -72.37 -8.41
CA GLU A 10 -29.81 -73.00 -9.18
C GLU A 10 -28.53 -72.19 -8.99
N ARG A 11 -27.51 -72.48 -9.79
CA ARG A 11 -26.32 -71.65 -9.83
C ARG A 11 -26.60 -70.25 -10.34
N ILE A 12 -27.41 -70.14 -11.38
CA ILE A 12 -27.75 -68.85 -11.97
C ILE A 12 -29.25 -68.68 -11.86
N ASN A 13 -29.69 -67.85 -10.90
CA ASN A 13 -31.11 -67.59 -10.74
C ASN A 13 -31.50 -66.39 -11.59
N ILE A 14 -32.39 -66.61 -12.56
CA ILE A 14 -32.93 -65.53 -13.37
C ILE A 14 -34.43 -65.54 -13.23
N LYS A 15 -34.97 -64.44 -12.75
CA LYS A 15 -36.40 -64.23 -12.69
C LYS A 15 -36.68 -62.80 -13.10
N TYR A 16 -37.89 -62.56 -13.57
CA TYR A 16 -38.27 -61.24 -14.00
C TYR A 16 -39.29 -60.66 -13.05
N ILE A 17 -39.03 -59.44 -12.60
CA ILE A 17 -39.93 -58.71 -11.72
C ILE A 17 -40.42 -57.49 -12.47
N PRO A 18 -41.46 -56.83 -11.98
CA PRO A 18 -41.73 -55.50 -12.52
C PRO A 18 -40.64 -54.55 -12.07
N ALA A 19 -39.73 -54.27 -12.99
CA ALA A 19 -38.48 -53.65 -12.62
C ALA A 19 -38.58 -52.15 -12.51
N THR A 20 -39.80 -51.61 -12.54
CA THR A 20 -39.98 -50.19 -12.32
C THR A 20 -39.57 -49.80 -10.91
N GLY A 21 -39.80 -50.71 -9.95
CA GLY A 21 -39.38 -50.52 -8.58
C GLY A 21 -40.12 -49.38 -7.94
N ASP A 22 -41.34 -49.14 -8.40
CA ASP A 22 -42.08 -47.95 -8.02
C ASP A 22 -42.60 -48.12 -6.60
N ALA A 23 -41.75 -47.77 -5.65
CA ALA A 23 -42.21 -47.59 -4.29
C ALA A 23 -43.16 -46.40 -4.24
N GLN A 24 -44.09 -46.46 -3.28
CA GLN A 24 -45.20 -45.52 -3.14
C GLN A 24 -46.03 -45.45 -4.42
N ALA A 25 -46.30 -46.62 -4.99
CA ALA A 25 -47.22 -46.76 -6.12
C ALA A 25 -48.20 -47.87 -5.81
N GLU A 26 -49.48 -47.54 -5.77
CA GLU A 26 -50.53 -48.51 -5.51
C GLU A 26 -51.56 -48.41 -6.63
N ALA A 27 -52.30 -49.48 -6.85
CA ALA A 27 -53.21 -49.59 -7.96
C ALA A 27 -54.64 -49.39 -7.47
N GLU A 28 -55.40 -48.60 -8.20
CA GLU A 28 -56.82 -48.42 -7.95
C GLU A 28 -57.56 -48.41 -9.27
N VAL A 29 -58.75 -49.01 -9.29
CA VAL A 29 -59.63 -48.84 -10.43
C VAL A 29 -60.28 -47.48 -10.31
N GLU A 30 -60.41 -46.77 -11.43
CA GLU A 30 -61.20 -45.55 -11.44
C GLU A 30 -62.63 -45.87 -11.05
N LEU A 31 -63.00 -45.43 -9.87
CA LEU A 31 -64.26 -45.86 -9.27
C LEU A 31 -65.42 -45.28 -10.06
N PRO A 32 -66.45 -46.08 -10.33
CA PRO A 32 -67.57 -45.56 -11.11
C PRO A 32 -68.41 -44.61 -10.29
N LEU A 33 -68.83 -43.52 -10.92
CA LEU A 33 -69.77 -42.59 -10.32
C LEU A 33 -71.16 -43.21 -10.38
N LYS A 34 -71.42 -44.11 -9.44
CA LYS A 34 -72.60 -44.95 -9.55
C LYS A 34 -73.84 -44.20 -9.08
N THR A 35 -74.55 -43.59 -10.01
CA THR A 35 -75.75 -42.86 -9.70
C THR A 35 -76.87 -43.82 -9.41
N LEU A 36 -77.56 -43.61 -8.30
CA LEU A 36 -78.64 -44.49 -7.87
C LEU A 36 -79.94 -43.74 -8.06
N VAL A 37 -80.54 -43.86 -9.23
CA VAL A 37 -81.79 -43.19 -9.52
C VAL A 37 -82.90 -43.92 -8.77
N VAL A 38 -83.58 -43.20 -7.88
CA VAL A 38 -84.66 -43.75 -7.08
C VAL A 38 -85.92 -42.97 -7.38
N GLY A 39 -86.93 -43.65 -7.91
CA GLY A 39 -88.18 -42.97 -8.20
C GLY A 39 -89.28 -43.97 -8.46
N ASP A 40 -90.50 -43.45 -8.55
CA ASP A 40 -91.69 -44.27 -8.76
C ASP A 40 -91.66 -44.79 -10.18
N PHE A 41 -91.47 -46.10 -10.30
CA PHE A 41 -91.24 -46.73 -11.60
C PHE A 41 -92.23 -47.82 -11.94
N LYS A 42 -93.19 -48.10 -11.08
CA LYS A 42 -94.22 -49.10 -11.34
C LYS A 42 -95.55 -48.55 -10.83
N GLY A 43 -96.64 -49.10 -11.34
CA GLY A 43 -97.93 -48.53 -11.07
C GLY A 43 -98.55 -48.91 -9.75
N HIS A 44 -97.80 -49.51 -8.84
CA HIS A 44 -98.39 -50.04 -7.63
C HIS A 44 -97.34 -50.16 -6.54
N ALA A 45 -97.82 -50.31 -5.31
CA ALA A 45 -96.94 -50.63 -4.21
C ALA A 45 -96.63 -52.11 -4.21
N GLU A 46 -95.42 -52.45 -3.81
CA GLU A 46 -95.02 -53.83 -3.65
C GLU A 46 -94.94 -54.19 -2.18
N GLN A 47 -95.47 -55.36 -1.84
CA GLN A 47 -95.45 -55.82 -0.45
C GLN A 47 -94.06 -56.20 0.00
N THR A 48 -93.15 -56.42 -0.93
CA THR A 48 -91.81 -56.89 -0.59
C THR A 48 -91.06 -55.78 0.15
N PRO A 49 -90.43 -56.09 1.30
CA PRO A 49 -89.78 -55.05 2.08
C PRO A 49 -88.57 -54.49 1.36
N LEU A 50 -88.11 -53.34 1.83
CA LEU A 50 -87.20 -52.54 1.03
C LEU A 50 -85.81 -53.16 0.99
N GLU A 51 -85.45 -53.92 2.02
CA GLU A 51 -84.13 -54.54 2.05
C GLU A 51 -84.01 -55.71 1.09
N GLU A 52 -85.13 -56.28 0.64
CA GLU A 52 -85.07 -57.50 -0.16
C GLU A 52 -85.16 -57.23 -1.65
N ARG A 53 -85.85 -56.18 -2.08
CA ARG A 53 -85.91 -55.89 -3.50
C ARG A 53 -84.56 -55.40 -3.98
N ALA A 54 -84.26 -55.65 -5.25
CA ALA A 54 -82.89 -55.52 -5.75
C ALA A 54 -82.74 -54.33 -6.69
N THR A 55 -81.52 -53.85 -6.80
CA THR A 55 -81.19 -52.81 -7.76
C THR A 55 -81.08 -53.41 -9.15
N VAL A 56 -81.36 -52.59 -10.15
CA VAL A 56 -81.37 -53.04 -11.54
C VAL A 56 -80.36 -52.21 -12.30
N THR A 57 -79.33 -52.86 -12.81
CA THR A 57 -78.32 -52.17 -13.60
C THR A 57 -78.92 -51.81 -14.95
N VAL A 58 -78.76 -50.56 -15.34
CA VAL A 58 -79.30 -50.05 -16.59
C VAL A 58 -78.18 -49.42 -17.37
N ASP A 59 -78.01 -49.85 -18.62
CA ASP A 59 -77.18 -49.07 -19.52
C ASP A 59 -77.99 -48.79 -20.78
N LYS A 60 -77.30 -48.25 -21.78
CA LYS A 60 -77.95 -48.03 -23.06
C LYS A 60 -78.22 -49.35 -23.76
N ASN A 61 -77.45 -50.38 -23.44
CA ASN A 61 -77.51 -51.61 -24.20
C ASN A 61 -78.57 -52.58 -23.72
N ASN A 62 -79.17 -52.35 -22.56
CA ASN A 62 -80.29 -53.20 -22.19
C ASN A 62 -81.49 -52.45 -21.61
N PHE A 63 -81.71 -51.19 -22.00
CA PHE A 63 -82.79 -50.42 -21.38
C PHE A 63 -84.14 -50.97 -21.79
N GLU A 64 -84.27 -51.41 -23.04
CA GLU A 64 -85.51 -52.07 -23.44
C GLU A 64 -85.65 -53.42 -22.74
N ALA A 65 -84.53 -54.05 -22.38
CA ALA A 65 -84.61 -55.27 -21.62
C ALA A 65 -84.99 -54.98 -20.17
N VAL A 66 -84.61 -53.80 -19.67
CA VAL A 66 -84.97 -53.45 -18.30
C VAL A 66 -86.45 -53.11 -18.22
N MET A 67 -86.95 -52.35 -19.18
CA MET A 67 -88.39 -52.10 -19.22
C MET A 67 -89.16 -53.38 -19.54
N ARG A 68 -88.52 -54.31 -20.25
CA ARG A 68 -89.17 -55.58 -20.56
C ARG A 68 -89.31 -56.44 -19.32
N GLU A 69 -88.24 -56.57 -18.54
CA GLU A 69 -88.30 -57.40 -17.36
C GLU A 69 -89.03 -56.74 -16.22
N SER A 70 -89.24 -55.42 -16.30
CA SER A 70 -89.86 -54.70 -15.19
C SER A 70 -91.33 -55.06 -15.05
N GLU A 71 -91.97 -55.50 -16.13
CA GLU A 71 -93.40 -55.87 -16.20
C GLU A 71 -94.28 -54.73 -15.76
N LEU A 72 -94.23 -53.63 -16.50
CA LEU A 72 -94.95 -52.42 -16.18
C LEU A 72 -96.45 -52.66 -16.32
N LYS A 73 -97.24 -51.82 -15.67
CA LYS A 73 -98.69 -51.99 -15.68
C LYS A 73 -99.33 -50.69 -15.20
N ILE A 74 -100.44 -50.32 -15.83
CA ILE A 74 -101.34 -49.28 -15.34
C ILE A 74 -102.75 -49.80 -15.50
N THR A 75 -103.51 -49.79 -14.41
CA THR A 75 -104.92 -50.17 -14.42
C THR A 75 -105.73 -49.05 -13.81
N ALA A 76 -106.50 -48.33 -14.63
CA ALA A 76 -107.15 -47.13 -14.15
C ALA A 76 -108.40 -46.84 -14.95
N THR A 77 -109.02 -45.70 -14.65
CA THR A 77 -110.30 -45.30 -15.19
C THR A 77 -110.19 -43.88 -15.75
N VAL A 78 -110.73 -43.67 -16.96
CA VAL A 78 -110.74 -42.37 -17.59
C VAL A 78 -112.18 -41.98 -17.94
N LYS A 79 -112.37 -40.69 -18.20
CA LYS A 79 -113.65 -40.22 -18.72
C LYS A 79 -113.80 -40.62 -20.18
N ASN A 80 -114.97 -41.17 -20.52
CA ASN A 80 -115.23 -41.72 -21.85
C ASN A 80 -115.95 -40.67 -22.69
N LYS A 81 -115.35 -40.30 -23.82
CA LYS A 81 -115.87 -39.25 -24.68
C LYS A 81 -116.23 -39.74 -26.08
N LEU A 82 -116.70 -40.98 -26.21
CA LEU A 82 -117.22 -41.48 -27.47
C LEU A 82 -118.71 -41.28 -27.61
N THR A 83 -119.34 -40.56 -26.68
CA THR A 83 -120.77 -40.32 -26.67
C THR A 83 -121.02 -38.99 -25.97
N ASP A 84 -122.25 -38.78 -25.53
CA ASP A 84 -122.61 -37.52 -24.90
C ASP A 84 -123.07 -37.67 -23.46
N ASP A 85 -122.34 -38.46 -22.67
CA ASP A 85 -122.72 -38.73 -21.29
C ASP A 85 -121.53 -38.47 -20.38
N GLU A 86 -121.79 -37.81 -19.25
CA GLU A 86 -120.73 -37.52 -18.28
C GLU A 86 -120.38 -38.72 -17.42
N ASN A 87 -121.39 -39.50 -17.00
CA ASN A 87 -121.18 -40.65 -16.14
C ASN A 87 -120.52 -41.82 -16.85
N ALA A 88 -120.49 -41.81 -18.17
CA ALA A 88 -119.89 -42.89 -18.94
C ALA A 88 -118.38 -42.85 -18.77
N GLU A 89 -117.82 -43.89 -18.18
CA GLU A 89 -116.40 -43.96 -17.93
C GLU A 89 -115.83 -45.11 -18.72
N LEU A 90 -114.54 -45.02 -19.04
CA LEU A 90 -113.88 -46.06 -19.79
C LEU A 90 -112.79 -46.70 -18.93
N PRO A 91 -112.97 -47.93 -18.51
CA PRO A 91 -111.86 -48.62 -17.82
C PRO A 91 -110.80 -49.07 -18.81
N VAL A 92 -109.54 -48.86 -18.47
CA VAL A 92 -108.43 -49.29 -19.31
C VAL A 92 -107.57 -50.27 -18.53
N GLU A 93 -106.93 -51.18 -19.26
CA GLU A 93 -106.01 -52.17 -18.69
C GLU A 93 -104.86 -52.32 -19.69
N LEU A 94 -103.72 -51.74 -19.37
CA LEU A 94 -102.62 -51.66 -20.31
C LEU A 94 -101.48 -52.58 -19.91
N ASN A 95 -100.60 -52.87 -20.87
CA ASN A 95 -99.35 -53.56 -20.61
C ASN A 95 -98.25 -52.91 -21.41
N PHE A 96 -97.12 -52.68 -20.77
CA PHE A 96 -96.06 -51.87 -21.33
C PHE A 96 -94.78 -52.69 -21.39
N LYS A 97 -94.04 -52.55 -22.47
CA LYS A 97 -92.79 -53.27 -22.60
C LYS A 97 -91.61 -52.39 -22.96
N SER A 98 -91.80 -51.34 -23.76
CA SER A 98 -90.71 -50.44 -24.10
C SER A 98 -91.31 -49.07 -24.34
N LEU A 99 -90.46 -48.13 -24.74
CA LEU A 99 -90.93 -46.76 -24.89
C LEU A 99 -91.72 -46.54 -26.17
N ALA A 100 -91.84 -47.57 -27.01
CA ALA A 100 -92.84 -47.49 -28.06
C ALA A 100 -94.25 -47.56 -27.51
N ASP A 101 -94.44 -48.19 -26.34
CA ASP A 101 -95.77 -48.46 -25.82
C ASP A 101 -96.46 -47.24 -25.24
N PHE A 102 -95.80 -46.10 -25.18
CA PHE A 102 -96.45 -44.90 -24.68
C PHE A 102 -96.98 -44.03 -25.81
N ALA A 103 -96.73 -44.42 -27.05
CA ALA A 103 -97.25 -43.73 -28.20
C ALA A 103 -98.75 -43.95 -28.31
N PRO A 104 -99.48 -43.09 -29.03
CA PRO A 104 -100.92 -43.33 -29.22
C PRO A 104 -101.22 -44.50 -30.13
N ASP A 105 -100.22 -45.04 -30.84
CA ASP A 105 -100.45 -46.22 -31.65
C ASP A 105 -100.69 -47.44 -30.77
N ALA A 106 -99.74 -47.75 -29.90
CA ALA A 106 -99.88 -48.92 -29.06
C ALA A 106 -100.96 -48.73 -28.01
N VAL A 107 -101.15 -47.51 -27.54
CA VAL A 107 -102.27 -47.22 -26.63
C VAL A 107 -103.59 -47.37 -27.38
N ALA A 108 -103.58 -47.03 -28.67
CA ALA A 108 -104.77 -47.24 -29.48
C ALA A 108 -105.02 -48.73 -29.72
N SER A 109 -103.96 -49.54 -29.64
CA SER A 109 -104.15 -50.98 -29.80
C SER A 109 -104.56 -51.65 -28.50
N GLN A 110 -104.15 -51.11 -27.36
CA GLN A 110 -104.37 -51.82 -26.11
C GLN A 110 -105.69 -51.47 -25.44
N VAL A 111 -106.49 -50.60 -26.01
CA VAL A 111 -107.83 -50.38 -25.50
C VAL A 111 -108.80 -50.76 -26.61
N PRO A 112 -109.58 -51.83 -26.44
CA PRO A 112 -110.44 -52.31 -27.54
C PRO A 112 -111.53 -51.34 -27.95
N GLU A 113 -111.97 -50.48 -27.03
CA GLU A 113 -112.95 -49.46 -27.37
C GLU A 113 -112.38 -48.38 -28.27
N LEU A 114 -111.06 -48.33 -28.44
CA LEU A 114 -110.44 -47.56 -29.49
C LEU A 114 -109.95 -48.43 -30.65
N LYS A 115 -109.58 -49.68 -30.38
CA LYS A 115 -109.06 -50.56 -31.42
C LYS A 115 -110.11 -50.87 -32.46
N LYS A 116 -111.37 -51.04 -32.01
CA LYS A 116 -112.45 -51.26 -32.96
C LYS A 116 -112.72 -50.03 -33.80
N LEU A 117 -112.44 -48.83 -33.28
CA LEU A 117 -112.60 -47.63 -34.07
C LEU A 117 -111.44 -47.42 -35.03
N ILE A 118 -110.24 -47.87 -34.68
CA ILE A 118 -109.14 -47.83 -35.63
C ILE A 118 -109.40 -48.78 -36.78
N GLU A 119 -109.89 -49.99 -36.47
CA GLU A 119 -110.20 -50.94 -37.53
C GLU A 119 -111.40 -50.49 -38.37
N LEU A 120 -112.37 -49.83 -37.72
CA LEU A 120 -113.52 -49.31 -38.45
C LEU A 120 -113.10 -48.14 -39.34
N ARG A 121 -112.12 -47.36 -38.88
CA ARG A 121 -111.52 -46.35 -39.72
C ARG A 121 -110.80 -46.99 -40.90
N GLU A 122 -110.19 -48.16 -40.68
CA GLU A 122 -109.55 -48.87 -41.78
C GLU A 122 -110.58 -49.47 -42.73
N ALA A 123 -111.80 -49.68 -42.25
CA ALA A 123 -112.89 -50.07 -43.15
C ALA A 123 -113.38 -48.88 -43.96
N LEU A 124 -113.38 -47.69 -43.37
CA LEU A 124 -113.88 -46.52 -44.08
C LEU A 124 -112.86 -45.98 -45.07
N VAL A 125 -111.57 -46.17 -44.81
CA VAL A 125 -110.55 -45.69 -45.72
C VAL A 125 -110.46 -46.59 -46.95
N ALA A 126 -110.46 -47.91 -46.75
CA ALA A 126 -110.36 -48.85 -47.85
C ALA A 126 -111.61 -48.86 -48.74
N LEU A 127 -112.77 -48.58 -48.16
CA LEU A 127 -114.07 -48.46 -48.84
C LEU A 127 -114.48 -49.70 -49.62
N ASN B 1 -119.97 -38.32 -52.77
CA ASN B 1 -119.91 -39.64 -52.13
C ASN B 1 -118.61 -39.80 -51.34
N LYS B 2 -117.49 -39.59 -52.02
CA LYS B 2 -116.19 -39.74 -51.40
C LYS B 2 -115.97 -38.69 -50.32
N SER B 3 -116.47 -37.48 -50.56
CA SER B 3 -116.29 -36.38 -49.62
C SER B 3 -117.07 -36.65 -48.32
N LEU B 4 -118.18 -37.36 -48.42
CA LEU B 4 -118.91 -37.74 -47.21
C LEU B 4 -118.15 -38.78 -46.43
N VAL B 5 -117.46 -39.68 -47.12
CA VAL B 5 -116.61 -40.66 -46.45
C VAL B 5 -115.46 -39.97 -45.74
N ASP B 6 -114.88 -38.95 -46.38
CA ASP B 6 -113.79 -38.20 -45.75
C ASP B 6 -114.29 -37.38 -44.56
N GLN B 7 -115.52 -36.86 -44.63
CA GLN B 7 -116.09 -36.17 -43.48
C GLN B 7 -116.32 -37.14 -42.32
N MET B 8 -116.70 -38.38 -42.63
CA MET B 8 -116.80 -39.40 -41.59
C MET B 8 -115.42 -39.74 -41.02
N LEU B 9 -114.37 -39.64 -41.84
CA LEU B 9 -113.02 -39.86 -41.33
C LEU B 9 -112.58 -38.74 -40.40
N VAL B 10 -112.95 -37.49 -40.71
CA VAL B 10 -112.58 -36.36 -39.86
C VAL B 10 -113.33 -36.42 -38.53
N GLU B 11 -114.63 -36.76 -38.58
CA GLU B 11 -115.38 -36.87 -37.33
C GLU B 11 -114.92 -38.06 -36.50
N LEU B 12 -114.57 -39.16 -37.16
CA LEU B 12 -114.09 -40.33 -36.42
C LEU B 12 -112.73 -40.07 -35.79
N ASP B 13 -111.86 -39.32 -36.49
CA ASP B 13 -110.58 -38.93 -35.92
C ASP B 13 -110.77 -37.95 -34.77
N LYS B 14 -111.86 -37.16 -34.80
CA LYS B 14 -112.20 -36.34 -33.66
C LYS B 14 -112.63 -37.20 -32.48
N LYS B 15 -113.25 -38.34 -32.75
CA LYS B 15 -113.67 -39.20 -31.66
C LYS B 15 -112.49 -39.94 -31.04
N ILE B 16 -111.64 -40.56 -31.87
CA ILE B 16 -110.53 -41.34 -31.35
C ILE B 16 -109.47 -40.43 -30.74
N SER B 17 -109.24 -39.27 -31.35
CA SER B 17 -108.33 -38.30 -30.75
C SER B 17 -108.92 -37.70 -29.48
N ALA B 18 -110.25 -37.58 -29.42
CA ALA B 18 -110.89 -37.06 -28.22
C ALA B 18 -110.72 -38.02 -27.05
N GLN B 19 -110.76 -39.32 -27.30
CA GLN B 19 -110.52 -40.27 -26.21
C GLN B 19 -109.05 -40.37 -25.87
N MET B 20 -108.20 -40.32 -26.90
CA MET B 20 -106.76 -40.48 -26.71
C MET B 20 -106.18 -39.33 -25.93
N ASP B 21 -106.78 -38.14 -26.08
CA ASP B 21 -106.43 -37.02 -25.22
C ASP B 21 -106.76 -37.30 -23.76
N GLU B 22 -107.78 -38.14 -23.50
CA GLU B 22 -108.11 -38.43 -22.12
C GLU B 22 -107.23 -39.52 -21.54
N ILE B 23 -106.80 -40.47 -22.36
CA ILE B 23 -105.90 -41.50 -21.82
C ILE B 23 -104.51 -40.94 -21.59
N LEU B 24 -103.98 -40.20 -22.56
CA LEU B 24 -102.60 -39.74 -22.43
C LEU B 24 -102.45 -38.63 -21.40
N HIS B 25 -103.52 -38.01 -20.95
CA HIS B 25 -103.41 -37.01 -19.90
C HIS B 25 -103.74 -37.58 -18.54
N ASN B 26 -103.78 -38.91 -18.42
CA ASN B 26 -104.05 -39.54 -17.13
C ASN B 26 -102.86 -39.33 -16.20
N SER B 27 -103.17 -39.02 -14.94
CA SER B 27 -102.15 -38.58 -14.00
C SER B 27 -101.18 -39.69 -13.64
N GLN B 28 -101.70 -40.89 -13.38
CA GLN B 28 -100.85 -42.03 -13.16
C GLN B 28 -100.05 -42.36 -14.41
N PHE B 29 -100.66 -42.17 -15.58
CA PHE B 29 -99.97 -42.41 -16.83
C PHE B 29 -98.92 -41.33 -17.09
N GLN B 30 -99.17 -40.12 -16.60
CA GLN B 30 -98.14 -39.11 -16.69
C GLN B 30 -97.02 -39.40 -15.71
N ALA B 31 -97.31 -40.09 -14.61
CA ALA B 31 -96.26 -40.45 -13.67
C ALA B 31 -95.37 -41.53 -14.27
N MET B 32 -95.98 -42.55 -14.87
CA MET B 32 -95.20 -43.63 -15.49
C MET B 32 -94.42 -43.12 -16.68
N GLU B 33 -95.10 -42.41 -17.58
CA GLU B 33 -94.47 -41.95 -18.82
C GLU B 33 -93.43 -40.89 -18.51
N SER B 34 -93.69 -40.06 -17.51
CA SER B 34 -92.72 -39.05 -17.11
C SER B 34 -91.49 -39.68 -16.51
N ALA B 35 -91.67 -40.69 -15.67
CA ALA B 35 -90.54 -41.33 -15.01
C ALA B 35 -89.69 -42.10 -16.02
N TRP B 36 -90.33 -42.87 -16.89
CA TRP B 36 -89.52 -43.68 -17.79
C TRP B 36 -88.98 -42.89 -18.96
N ARG B 37 -89.77 -42.00 -19.55
CA ARG B 37 -89.28 -41.24 -20.68
C ARG B 37 -88.23 -40.24 -20.22
N GLY B 38 -88.44 -39.64 -19.05
CA GLY B 38 -87.40 -38.84 -18.45
C GLY B 38 -86.18 -39.66 -18.10
N LEU B 39 -86.39 -40.93 -17.76
CA LEU B 39 -85.26 -41.78 -17.43
C LEU B 39 -84.41 -42.06 -18.66
N LYS B 40 -85.04 -42.28 -19.82
CA LYS B 40 -84.25 -42.46 -21.02
C LYS B 40 -83.58 -41.15 -21.42
N LEU B 41 -84.23 -40.02 -21.12
CA LEU B 41 -83.62 -38.72 -21.37
C LEU B 41 -82.35 -38.53 -20.54
N PHE B 42 -82.33 -39.06 -19.33
CA PHE B 42 -81.09 -39.06 -18.57
C PHE B 42 -80.10 -40.08 -19.13
N VAL B 43 -80.59 -41.26 -19.55
CA VAL B 43 -79.69 -42.35 -19.87
C VAL B 43 -78.90 -42.08 -21.14
N ASP B 44 -79.59 -41.69 -22.22
CA ASP B 44 -78.88 -41.61 -23.50
C ASP B 44 -77.97 -40.40 -23.60
N ARG B 45 -78.04 -39.45 -22.68
CA ARG B 45 -77.17 -38.29 -22.73
C ARG B 45 -75.88 -38.50 -21.96
N THR B 46 -75.74 -39.62 -21.26
CA THR B 46 -74.51 -39.92 -20.57
C THR B 46 -73.61 -40.74 -21.47
N ASP B 47 -72.50 -41.22 -20.93
CA ASP B 47 -71.51 -41.94 -21.73
C ASP B 47 -70.99 -43.12 -20.94
N PHE B 48 -71.59 -44.29 -21.14
CA PHE B 48 -71.30 -45.46 -20.31
C PHE B 48 -70.03 -46.16 -20.73
N ARG B 49 -69.39 -45.73 -21.80
CA ARG B 49 -68.06 -46.24 -22.09
C ARG B 49 -66.97 -45.48 -21.33
N GLU B 50 -67.33 -44.59 -20.42
CA GLU B 50 -66.37 -43.94 -19.55
C GLU B 50 -66.64 -44.24 -18.07
N ASN B 51 -67.02 -45.48 -17.76
CA ASN B 51 -67.17 -46.00 -16.40
C ASN B 51 -68.22 -45.23 -15.60
N ASN B 52 -69.46 -45.27 -16.05
CA ASN B 52 -70.58 -44.75 -15.29
C ASN B 52 -71.64 -45.83 -15.20
N LYS B 53 -72.20 -46.02 -14.02
CA LYS B 53 -73.28 -46.97 -13.91
C LYS B 53 -74.47 -46.29 -13.27
N VAL B 54 -75.64 -46.52 -13.84
CA VAL B 54 -76.86 -46.02 -13.23
C VAL B 54 -77.71 -47.21 -12.83
N GLU B 55 -78.09 -47.22 -11.58
CA GLU B 55 -78.89 -48.29 -11.03
C GLU B 55 -80.27 -47.76 -10.69
N ILE B 56 -81.23 -48.65 -10.70
CA ILE B 56 -82.63 -48.30 -10.57
C ILE B 56 -83.18 -49.07 -9.38
N LEU B 57 -83.86 -48.36 -8.48
CA LEU B 57 -84.55 -49.01 -7.39
C LEU B 57 -85.94 -48.41 -7.25
N HIS B 58 -86.97 -49.21 -7.53
CA HIS B 58 -88.36 -48.76 -7.48
C HIS B 58 -88.78 -48.49 -6.05
N VAL B 59 -88.83 -47.22 -5.66
CA VAL B 59 -89.26 -46.86 -4.32
C VAL B 59 -90.23 -45.70 -4.43
N THR B 60 -91.40 -45.81 -3.81
CA THR B 60 -92.25 -44.64 -3.66
C THR B 60 -91.98 -44.00 -2.31
N LYS B 61 -92.44 -42.76 -2.14
CA LYS B 61 -92.09 -41.97 -0.96
C LYS B 61 -92.64 -42.58 0.31
N ASP B 62 -93.80 -43.21 0.21
CA ASP B 62 -94.48 -43.71 1.39
C ASP B 62 -93.75 -44.91 1.98
N GLU B 63 -92.95 -45.60 1.18
CA GLU B 63 -92.17 -46.66 1.79
C GLU B 63 -90.75 -46.22 2.13
N LEU B 64 -90.31 -45.04 1.70
CA LEU B 64 -89.14 -44.46 2.35
C LEU B 64 -89.49 -43.99 3.74
N LEU B 65 -90.67 -43.41 3.91
CA LEU B 65 -91.04 -42.92 5.23
C LEU B 65 -91.47 -44.06 6.13
N GLU B 66 -92.26 -44.99 5.60
CA GLU B 66 -92.64 -46.17 6.37
C GLU B 66 -91.42 -47.04 6.66
N ASP B 67 -90.46 -47.04 5.74
CA ASP B 67 -89.24 -47.81 5.93
C ASP B 67 -88.35 -47.21 7.00
N PHE B 68 -88.07 -45.91 6.88
CA PHE B 68 -87.22 -45.24 7.84
C PHE B 68 -87.83 -45.22 9.23
N GLU B 69 -89.14 -45.02 9.34
CA GLU B 69 -89.74 -45.06 10.65
C GLU B 69 -89.85 -46.48 11.17
N PHE B 70 -89.96 -47.46 10.28
CA PHE B 70 -89.98 -48.84 10.73
C PHE B 70 -88.59 -49.29 11.12
N ALA B 71 -87.57 -48.66 10.56
CA ALA B 71 -86.20 -48.93 10.94
C ALA B 71 -85.91 -48.30 12.29
N PRO B 72 -85.12 -48.95 13.14
CA PRO B 72 -84.89 -48.43 14.49
C PRO B 72 -84.03 -47.19 14.50
N GLU B 73 -83.31 -46.98 13.41
CA GLU B 73 -82.50 -45.79 13.23
C GLU B 73 -82.30 -45.60 11.74
N THR B 74 -81.35 -44.75 11.37
CA THR B 74 -81.04 -44.65 9.94
C THR B 74 -80.12 -45.75 9.51
N ALA B 75 -79.42 -46.37 10.46
CA ALA B 75 -78.31 -47.24 10.12
C ALA B 75 -78.71 -48.69 9.89
N GLN B 76 -79.99 -49.01 9.89
CA GLN B 76 -80.40 -50.37 9.61
C GLN B 76 -81.56 -50.45 8.64
N SER B 77 -81.83 -49.38 7.90
CA SER B 77 -82.92 -49.41 6.96
C SER B 77 -82.55 -50.23 5.73
N GLY B 78 -83.50 -50.33 4.80
CA GLY B 78 -83.21 -51.00 3.55
C GLY B 78 -82.28 -50.18 2.67
N LEU B 79 -82.58 -48.89 2.52
CA LEU B 79 -81.83 -48.07 1.59
C LEU B 79 -80.42 -47.82 2.07
N TYR B 80 -80.21 -47.88 3.38
CA TYR B 80 -78.86 -47.81 3.92
C TYR B 80 -78.08 -49.07 3.58
N LYS B 81 -78.78 -50.18 3.36
CA LYS B 81 -78.10 -51.41 2.98
C LYS B 81 -77.87 -51.48 1.47
N HIS B 82 -78.68 -50.75 0.69
CA HIS B 82 -78.41 -50.74 -0.74
C HIS B 82 -77.37 -49.70 -1.11
N VAL B 83 -77.25 -48.64 -0.33
CA VAL B 83 -76.30 -47.59 -0.64
C VAL B 83 -75.00 -47.80 0.10
N TYR B 84 -75.08 -47.91 1.43
CA TYR B 84 -73.86 -47.96 2.24
C TYR B 84 -73.26 -49.36 2.28
N SER B 85 -74.04 -50.34 2.74
CA SER B 85 -73.47 -51.60 3.15
C SER B 85 -73.13 -52.48 1.95
N ALA B 86 -73.93 -52.42 0.91
CA ALA B 86 -73.58 -53.14 -0.30
C ALA B 86 -72.62 -52.37 -1.17
N GLY B 87 -72.35 -51.12 -0.84
CA GLY B 87 -71.46 -50.29 -1.61
C GLY B 87 -70.21 -49.91 -0.84
N TYR B 88 -70.29 -48.71 -0.24
CA TYR B 88 -69.11 -47.97 0.23
C TYR B 88 -68.33 -48.71 1.30
N GLY B 89 -69.03 -49.42 2.16
CA GLY B 89 -68.36 -50.05 3.27
C GLY B 89 -68.21 -51.55 3.12
N GLN B 90 -68.27 -52.04 1.88
CA GLN B 90 -68.12 -53.46 1.60
C GLN B 90 -66.74 -53.69 1.01
N PHE B 91 -66.08 -54.75 1.44
CA PHE B 91 -64.75 -55.07 0.95
C PHE B 91 -64.80 -55.36 -0.54
N GLY B 92 -64.29 -54.43 -1.35
CA GLY B 92 -64.20 -54.60 -2.77
C GLY B 92 -65.31 -53.96 -3.57
N GLY B 93 -66.32 -53.40 -2.92
CA GLY B 93 -67.43 -52.78 -3.62
C GLY B 93 -67.06 -51.43 -4.20
N GLU B 94 -68.07 -50.72 -4.65
CA GLU B 94 -67.86 -49.44 -5.31
C GLU B 94 -68.76 -48.40 -4.64
N PRO B 95 -68.29 -47.19 -4.51
CA PRO B 95 -69.08 -46.21 -3.76
C PRO B 95 -70.22 -45.63 -4.57
N VAL B 96 -71.28 -45.19 -3.90
CA VAL B 96 -72.37 -44.50 -4.56
C VAL B 96 -71.99 -43.03 -4.74
N GLY B 97 -71.97 -42.57 -5.98
CA GLY B 97 -71.47 -41.23 -6.24
C GLY B 97 -72.52 -40.16 -5.98
N ALA B 98 -73.75 -40.42 -6.42
CA ALA B 98 -74.83 -39.46 -6.24
C ALA B 98 -76.15 -40.21 -6.25
N ILE B 99 -77.17 -39.61 -5.64
CA ILE B 99 -78.49 -40.20 -5.58
C ILE B 99 -79.45 -39.20 -6.18
N ILE B 100 -80.24 -39.64 -7.14
CA ILE B 100 -81.16 -38.78 -7.84
C ILE B 100 -82.57 -39.22 -7.49
N GLY B 101 -83.36 -38.31 -6.93
CA GLY B 101 -84.70 -38.63 -6.51
C GLY B 101 -85.72 -38.14 -7.52
N ASN B 102 -86.46 -39.08 -8.09
CA ASN B 102 -87.54 -38.74 -9.01
C ASN B 102 -88.81 -38.52 -8.20
N TYR B 103 -88.76 -37.51 -7.34
CA TYR B 103 -89.83 -37.21 -6.42
C TYR B 103 -90.23 -35.76 -6.60
N ALA B 104 -91.24 -35.36 -5.83
CA ALA B 104 -91.60 -33.96 -5.68
C ALA B 104 -91.93 -33.70 -4.23
N PHE B 105 -91.38 -32.62 -3.68
CA PHE B 105 -91.44 -32.41 -2.23
C PHE B 105 -92.33 -31.23 -1.90
N THR B 106 -93.12 -31.40 -0.85
CA THR B 106 -94.07 -30.44 -0.34
C THR B 106 -93.56 -29.99 1.01
N PRO B 107 -94.13 -28.97 1.66
CA PRO B 107 -93.76 -28.68 3.05
C PRO B 107 -94.38 -29.59 4.08
N SER B 108 -94.96 -30.72 3.67
CA SER B 108 -95.59 -31.61 4.64
C SER B 108 -94.54 -32.29 5.48
N THR B 109 -94.88 -32.45 6.77
CA THR B 109 -94.02 -33.12 7.74
C THR B 109 -93.48 -34.48 7.32
N PRO B 110 -94.20 -35.34 6.58
CA PRO B 110 -93.52 -36.51 6.00
C PRO B 110 -92.37 -36.18 5.06
N ASP B 111 -92.49 -35.11 4.27
CA ASP B 111 -91.41 -34.81 3.32
C ASP B 111 -90.19 -34.26 4.01
N MET B 112 -90.37 -33.46 5.05
CA MET B 112 -89.23 -32.89 5.72
C MET B 112 -88.57 -33.90 6.65
N LYS B 113 -89.35 -34.85 7.18
CA LYS B 113 -88.71 -35.96 7.88
C LYS B 113 -87.95 -36.83 6.89
N LEU B 114 -88.46 -36.97 5.67
CA LEU B 114 -87.74 -37.68 4.62
C LEU B 114 -86.42 -37.00 4.30
N LEU B 115 -86.39 -35.67 4.23
CA LEU B 115 -85.14 -35.03 3.90
C LEU B 115 -84.18 -34.98 5.08
N GLN B 116 -84.68 -35.02 6.32
CA GLN B 116 -83.75 -35.17 7.43
C GLN B 116 -83.06 -36.51 7.37
N TYR B 117 -83.82 -37.57 7.11
CA TYR B 117 -83.21 -38.88 7.07
C TYR B 117 -82.32 -39.07 5.86
N MET B 118 -82.69 -38.52 4.70
CA MET B 118 -81.81 -38.66 3.54
C MET B 118 -80.60 -37.75 3.67
N GLY B 119 -80.70 -36.71 4.49
CA GLY B 119 -79.50 -36.02 4.91
C GLY B 119 -78.59 -36.92 5.72
N ALA B 120 -79.17 -37.78 6.55
CA ALA B 120 -78.33 -38.69 7.34
C ALA B 120 -77.69 -39.76 6.47
N LEU B 121 -78.46 -40.31 5.52
CA LEU B 121 -77.91 -41.31 4.60
C LEU B 121 -76.83 -40.72 3.73
N GLY B 122 -77.07 -39.49 3.24
CA GLY B 122 -76.03 -38.80 2.51
C GLY B 122 -74.83 -38.46 3.38
N ALA B 123 -75.02 -38.41 4.69
CA ALA B 123 -73.89 -38.17 5.57
C ALA B 123 -73.03 -39.41 5.71
N MET B 124 -73.64 -40.56 5.98
CA MET B 124 -72.80 -41.71 6.25
C MET B 124 -72.36 -42.39 4.97
N ALA B 125 -72.95 -42.04 3.83
CA ALA B 125 -72.59 -42.75 2.62
C ALA B 125 -71.99 -41.85 1.55
N HIS B 126 -71.85 -40.55 1.83
CA HIS B 126 -71.25 -39.55 0.94
C HIS B 126 -71.93 -39.53 -0.43
N ALA B 127 -73.25 -39.40 -0.42
CA ALA B 127 -73.99 -39.38 -1.64
C ALA B 127 -74.95 -38.20 -1.55
N PRO B 128 -74.79 -37.20 -2.40
CA PRO B 128 -75.74 -36.10 -2.41
C PRO B 128 -77.07 -36.53 -2.97
N PHE B 129 -78.14 -36.08 -2.33
CA PHE B 129 -79.49 -36.41 -2.75
C PHE B 129 -80.07 -35.22 -3.50
N ILE B 130 -80.57 -35.45 -4.69
CA ILE B 130 -81.11 -34.42 -5.56
C ILE B 130 -82.56 -34.76 -5.85
N SER B 131 -83.44 -33.78 -5.80
CA SER B 131 -84.85 -34.05 -6.03
C SER B 131 -85.49 -32.82 -6.63
N SER B 132 -86.81 -32.77 -6.62
CA SER B 132 -87.53 -31.65 -7.18
C SER B 132 -88.44 -30.99 -6.15
N VAL B 133 -88.41 -29.69 -6.15
CA VAL B 133 -89.37 -28.86 -5.45
C VAL B 133 -90.64 -28.81 -6.26
N GLY B 134 -91.73 -29.22 -5.65
CA GLY B 134 -93.02 -29.21 -6.29
C GLY B 134 -93.60 -27.82 -6.36
N PRO B 135 -94.68 -27.66 -7.11
CA PRO B 135 -95.28 -26.33 -7.24
C PRO B 135 -95.86 -25.77 -5.97
N GLU B 136 -96.40 -26.60 -5.08
CA GLU B 136 -97.00 -26.03 -3.88
C GLU B 136 -95.99 -25.79 -2.77
N PHE B 137 -94.71 -25.91 -3.05
CA PHE B 137 -93.73 -25.63 -2.01
C PHE B 137 -93.55 -24.13 -1.83
N PHE B 138 -93.92 -23.34 -2.83
CA PHE B 138 -93.75 -21.91 -2.77
C PHE B 138 -95.04 -21.21 -2.37
N GLY B 139 -96.11 -21.98 -2.21
CA GLY B 139 -97.39 -21.44 -1.83
C GLY B 139 -98.33 -21.14 -2.98
N ILE B 140 -97.99 -21.56 -4.19
CA ILE B 140 -98.76 -21.20 -5.37
C ILE B 140 -99.27 -22.45 -6.06
N ASP B 141 -100.04 -22.23 -7.13
CA ASP B 141 -100.69 -23.33 -7.83
C ASP B 141 -99.69 -24.11 -8.67
N SER B 142 -99.12 -23.48 -9.67
CA SER B 142 -98.15 -24.11 -10.54
C SER B 142 -97.08 -23.09 -10.83
N PHE B 143 -96.04 -23.51 -11.56
CA PHE B 143 -94.85 -22.70 -11.67
C PHE B 143 -95.00 -21.48 -12.54
N GLU B 144 -96.13 -21.30 -13.18
CA GLU B 144 -96.26 -20.16 -14.07
C GLU B 144 -96.63 -18.88 -13.35
N GLU B 145 -96.35 -18.74 -12.06
CA GLU B 145 -96.49 -17.47 -11.36
C GLU B 145 -95.22 -17.05 -10.63
N LEU B 146 -94.08 -17.62 -10.96
CA LEU B 146 -92.83 -17.06 -10.46
C LEU B 146 -92.53 -15.65 -10.95
N PRO B 147 -92.97 -15.19 -12.13
CA PRO B 147 -92.98 -13.73 -12.34
C PRO B 147 -94.02 -12.98 -11.52
N ASN B 148 -94.95 -13.67 -10.87
CA ASN B 148 -95.99 -12.96 -10.16
C ASN B 148 -95.82 -12.98 -8.64
N ILE B 149 -94.78 -13.60 -8.12
CA ILE B 149 -94.51 -13.56 -6.69
C ILE B 149 -93.55 -12.42 -6.41
N LYS B 150 -93.92 -11.53 -5.48
CA LYS B 150 -93.16 -10.31 -5.27
C LYS B 150 -91.84 -10.57 -4.56
N ASP B 151 -91.82 -11.44 -3.56
CA ASP B 151 -90.60 -11.62 -2.78
C ASP B 151 -90.56 -12.99 -2.13
N LEU B 152 -89.49 -13.76 -2.39
CA LEU B 152 -89.42 -15.11 -1.85
C LEU B 152 -88.82 -15.11 -0.45
N LYS B 153 -87.88 -14.21 -0.19
CA LYS B 153 -87.24 -14.15 1.12
C LYS B 153 -88.24 -13.78 2.21
N SER B 154 -89.22 -12.95 1.86
CA SER B 154 -90.28 -12.65 2.82
C SER B 154 -91.41 -13.66 2.76
N THR B 155 -91.44 -14.48 1.71
CA THR B 155 -92.43 -15.56 1.68
C THR B 155 -92.05 -16.65 2.66
N PHE B 156 -90.77 -16.99 2.75
CA PHE B 156 -90.38 -18.12 3.58
C PHE B 156 -90.30 -17.80 5.07
N GLU B 157 -90.83 -16.68 5.56
CA GLU B 157 -90.85 -16.48 6.99
C GLU B 157 -92.15 -16.90 7.65
N SER B 158 -93.10 -17.41 6.88
CA SER B 158 -94.38 -17.83 7.43
C SER B 158 -94.20 -19.04 8.33
N PRO B 159 -95.08 -19.23 9.32
CA PRO B 159 -94.98 -20.42 10.16
C PRO B 159 -95.35 -21.72 9.46
N LYS B 160 -95.75 -21.66 8.19
CA LYS B 160 -95.88 -22.89 7.43
C LYS B 160 -94.52 -23.54 7.21
N TYR B 161 -93.46 -22.75 7.12
CA TYR B 161 -92.17 -23.24 6.67
C TYR B 161 -91.19 -23.39 7.80
N THR B 162 -91.68 -23.49 9.04
CA THR B 162 -90.83 -23.55 10.22
C THR B 162 -89.98 -24.79 10.21
N LYS B 163 -90.53 -25.90 9.73
CA LYS B 163 -89.76 -27.12 9.64
C LYS B 163 -88.68 -27.00 8.58
N TRP B 164 -88.96 -26.30 7.48
CA TRP B 164 -87.98 -26.09 6.43
C TRP B 164 -86.81 -25.25 6.90
N ARG B 165 -87.09 -24.16 7.62
CA ARG B 165 -86.00 -23.37 8.15
C ARG B 165 -85.31 -24.10 9.29
N SER B 166 -85.97 -25.07 9.88
CA SER B 166 -85.22 -25.94 10.78
C SER B 166 -84.38 -26.94 10.00
N LEU B 167 -84.70 -27.14 8.71
CA LEU B 167 -83.93 -28.13 7.94
C LEU B 167 -82.68 -27.52 7.33
N ARG B 168 -82.74 -26.29 6.84
CA ARG B 168 -81.56 -25.67 6.25
C ARG B 168 -80.44 -25.47 7.25
N GLU B 169 -80.76 -25.18 8.50
CA GLU B 169 -79.72 -24.93 9.48
C GLU B 169 -79.07 -26.19 9.98
N SER B 170 -79.59 -27.36 9.61
CA SER B 170 -79.00 -28.60 10.08
C SER B 170 -77.68 -28.82 9.38
N GLU B 171 -76.79 -29.56 10.04
CA GLU B 171 -75.48 -29.77 9.47
C GLU B 171 -75.45 -30.82 8.38
N ASP B 172 -76.55 -31.50 8.13
CA ASP B 172 -76.61 -32.46 7.04
C ASP B 172 -77.23 -31.89 5.78
N ALA B 173 -77.47 -30.59 5.72
CA ALA B 173 -78.04 -30.04 4.50
C ALA B 173 -76.98 -29.74 3.45
N ARG B 174 -75.73 -30.14 3.67
CA ARG B 174 -74.77 -30.12 2.59
C ARG B 174 -75.08 -31.15 1.53
N TYR B 175 -75.83 -32.18 1.88
CA TYR B 175 -75.98 -33.34 1.03
C TYR B 175 -77.32 -33.39 0.32
N LEU B 176 -78.10 -32.32 0.39
CA LEU B 176 -79.37 -32.26 -0.32
C LEU B 176 -79.29 -31.14 -1.34
N GLY B 177 -80.01 -31.30 -2.42
CA GLY B 177 -80.21 -30.20 -3.33
C GLY B 177 -81.58 -30.33 -3.92
N LEU B 178 -82.41 -29.31 -3.78
CA LEU B 178 -83.76 -29.36 -4.31
C LEU B 178 -83.83 -28.44 -5.51
N THR B 179 -84.37 -28.93 -6.60
CA THR B 179 -84.32 -28.20 -7.85
C THR B 179 -85.66 -27.59 -8.20
N ALA B 180 -85.59 -26.39 -8.74
CA ALA B 180 -86.68 -25.54 -9.22
C ALA B 180 -86.90 -25.89 -10.69
N PRO B 181 -87.69 -25.16 -11.49
CA PRO B 181 -88.84 -25.76 -12.17
C PRO B 181 -88.50 -26.85 -13.18
N ARG B 182 -89.52 -27.62 -13.54
CA ARG B 182 -89.40 -28.81 -14.36
C ARG B 182 -89.21 -28.42 -15.82
N PHE B 183 -89.20 -29.40 -16.73
CA PHE B 183 -89.07 -29.07 -18.14
C PHE B 183 -89.71 -30.14 -19.00
N LEU B 184 -89.93 -29.81 -20.27
CA LEU B 184 -90.62 -30.69 -21.20
C LEU B 184 -89.79 -31.91 -21.54
N LEU B 185 -90.47 -33.04 -21.73
CA LEU B 185 -89.82 -34.23 -22.26
C LEU B 185 -90.14 -34.45 -23.72
N ARG B 186 -91.36 -34.11 -24.13
CA ARG B 186 -91.95 -34.62 -25.36
C ARG B 186 -92.73 -33.52 -26.05
N VAL B 187 -92.45 -33.35 -27.34
CA VAL B 187 -93.25 -32.45 -28.17
C VAL B 187 -94.67 -32.98 -28.22
N PRO B 188 -95.68 -32.15 -27.98
CA PRO B 188 -97.06 -32.58 -28.17
C PRO B 188 -97.32 -32.94 -29.62
N TYR B 189 -98.17 -33.95 -29.81
CA TYR B 189 -98.32 -34.61 -31.10
C TYR B 189 -99.03 -33.72 -32.11
N ASP B 190 -98.90 -34.09 -33.38
CA ASP B 190 -99.29 -33.25 -34.45
C ASP B 190 -99.27 -34.23 -35.61
N PRO B 191 -99.99 -33.97 -36.70
CA PRO B 191 -99.88 -34.86 -37.86
C PRO B 191 -98.51 -34.83 -38.50
N ILE B 192 -97.86 -33.67 -38.47
CA ILE B 192 -96.59 -33.48 -39.16
C ILE B 192 -95.42 -33.56 -38.20
N GLU B 193 -95.48 -32.83 -37.09
CA GLU B 193 -94.30 -32.55 -36.27
C GLU B 193 -93.83 -33.74 -35.47
N ASN B 194 -94.74 -34.59 -35.01
CA ASN B 194 -94.32 -35.81 -34.33
C ASN B 194 -95.40 -36.84 -34.61
N PRO B 195 -95.35 -37.51 -35.75
CA PRO B 195 -96.52 -38.23 -36.23
C PRO B 195 -96.70 -39.57 -35.55
N VAL B 196 -97.89 -40.13 -35.78
CA VAL B 196 -98.26 -41.45 -35.30
C VAL B 196 -98.60 -42.32 -36.51
N LYS B 197 -98.42 -43.62 -36.35
CA LYS B 197 -98.63 -44.52 -37.48
C LYS B 197 -100.09 -44.92 -37.59
N SER B 198 -100.57 -44.98 -38.84
CA SER B 198 -101.87 -45.50 -39.23
C SER B 198 -103.06 -44.73 -38.65
N PHE B 199 -102.83 -43.49 -38.20
CA PHE B 199 -103.89 -42.70 -37.61
C PHE B 199 -103.56 -41.21 -37.70
N ASN B 200 -104.61 -40.39 -37.75
CA ASN B 200 -104.45 -38.92 -37.70
C ASN B 200 -104.80 -38.44 -36.29
N TYR B 201 -103.75 -38.09 -35.55
CA TYR B 201 -103.90 -37.59 -34.19
C TYR B 201 -103.35 -36.18 -34.06
N ALA B 202 -104.13 -35.31 -33.41
CA ALA B 202 -103.72 -33.93 -33.18
C ALA B 202 -104.00 -33.60 -31.71
N GLU B 203 -102.93 -33.57 -30.90
CA GLU B 203 -103.10 -33.41 -29.47
C GLU B 203 -103.53 -31.99 -29.15
N ASN B 204 -104.76 -31.85 -28.71
CA ASN B 204 -105.36 -30.55 -28.41
C ASN B 204 -105.00 -30.23 -26.98
N VAL B 205 -103.85 -29.59 -26.78
CA VAL B 205 -103.46 -29.16 -25.45
C VAL B 205 -104.14 -27.83 -25.16
N SER B 206 -104.78 -27.74 -24.00
CA SER B 206 -105.55 -26.56 -23.60
C SER B 206 -104.63 -25.47 -23.09
N ALA B 207 -105.24 -24.48 -22.43
CA ALA B 207 -104.47 -23.45 -21.73
C ALA B 207 -103.84 -23.96 -20.44
N SER B 208 -104.44 -24.97 -19.80
CA SER B 208 -103.88 -25.53 -18.57
C SER B 208 -102.66 -26.35 -18.93
N HIS B 209 -101.51 -25.97 -18.40
CA HIS B 209 -100.28 -26.55 -18.89
C HIS B 209 -99.91 -27.85 -18.18
N GLU B 210 -100.82 -28.46 -17.44
CA GLU B 210 -100.53 -29.79 -16.95
C GLU B 210 -100.65 -30.84 -18.04
N HIS B 211 -101.19 -30.49 -19.21
CA HIS B 211 -101.40 -31.48 -20.24
C HIS B 211 -100.12 -31.86 -20.95
N TYR B 212 -99.12 -31.00 -20.90
CA TYR B 212 -97.78 -31.37 -21.35
C TYR B 212 -97.22 -32.47 -20.47
N LEU B 213 -96.25 -33.21 -21.00
CA LEU B 213 -95.54 -34.20 -20.19
C LEU B 213 -94.34 -33.51 -19.55
N TRP B 214 -94.45 -33.24 -18.25
CA TRP B 214 -93.34 -32.61 -17.56
C TRP B 214 -92.44 -33.65 -16.90
N GLY B 215 -91.14 -33.53 -17.17
CA GLY B 215 -90.21 -34.46 -16.58
C GLY B 215 -89.53 -33.83 -15.39
N ASN B 216 -88.76 -34.62 -14.65
CA ASN B 216 -88.10 -34.11 -13.46
C ASN B 216 -86.83 -33.37 -13.87
N THR B 217 -86.47 -32.36 -13.10
CA THR B 217 -85.24 -31.62 -13.34
C THR B 217 -84.03 -32.40 -12.89
N ALA B 218 -84.20 -33.22 -11.84
CA ALA B 218 -83.08 -33.88 -11.20
C ALA B 218 -82.42 -34.89 -12.13
N PHE B 219 -83.18 -35.40 -13.10
CA PHE B 219 -82.57 -36.17 -14.16
C PHE B 219 -81.63 -35.32 -15.00
N ALA B 220 -82.02 -34.11 -15.36
CA ALA B 220 -81.16 -33.27 -16.19
C ALA B 220 -79.90 -32.88 -15.43
N PHE B 221 -80.07 -32.58 -14.13
CA PHE B 221 -78.92 -32.32 -13.28
C PHE B 221 -78.03 -33.54 -13.19
N ALA B 222 -78.62 -34.72 -13.25
CA ALA B 222 -77.83 -35.95 -13.22
C ALA B 222 -77.09 -36.17 -14.54
N THR B 223 -77.65 -35.70 -15.65
CA THR B 223 -76.90 -35.73 -16.90
C THR B 223 -75.69 -34.83 -16.81
N ARG B 224 -75.82 -33.72 -16.09
CA ARG B 224 -74.66 -32.84 -15.96
C ARG B 224 -73.60 -33.42 -15.04
N LEU B 225 -74.00 -34.13 -13.99
CA LEU B 225 -73.01 -34.82 -13.15
C LEU B 225 -72.29 -35.91 -13.91
N THR B 226 -73.04 -36.79 -14.57
CA THR B 226 -72.41 -37.96 -15.18
C THR B 226 -71.62 -37.58 -16.42
N ASP B 227 -72.07 -36.58 -17.17
CA ASP B 227 -71.30 -36.11 -18.31
C ASP B 227 -70.03 -35.42 -17.87
N SER B 228 -70.10 -34.64 -16.79
CA SER B 228 -68.89 -33.98 -16.31
C SER B 228 -67.88 -35.01 -15.82
N PHE B 229 -68.38 -36.10 -15.24
CA PHE B 229 -67.49 -37.16 -14.79
C PHE B 229 -66.90 -37.92 -15.97
N ALA B 230 -67.68 -38.04 -17.05
CA ALA B 230 -67.18 -38.75 -18.21
C ALA B 230 -66.12 -37.95 -18.93
N LYS B 231 -66.23 -36.63 -18.90
CA LYS B 231 -65.16 -35.86 -19.50
C LYS B 231 -63.93 -35.80 -18.59
N TYR B 232 -64.12 -35.54 -17.31
CA TYR B 232 -63.03 -35.02 -16.50
C TYR B 232 -62.71 -35.81 -15.24
N ARG B 233 -63.34 -36.97 -15.03
CA ARG B 233 -63.14 -37.84 -13.87
C ARG B 233 -63.42 -37.18 -12.53
N TRP B 234 -64.18 -36.10 -12.52
CA TRP B 234 -64.62 -35.44 -11.31
C TRP B 234 -65.98 -34.82 -11.61
N CYS B 235 -66.61 -34.24 -10.60
CA CYS B 235 -67.83 -33.47 -10.85
C CYS B 235 -67.83 -32.08 -10.24
N PRO B 236 -66.91 -31.18 -10.63
CA PRO B 236 -67.12 -29.80 -10.19
C PRO B 236 -67.73 -28.92 -11.27
N ASN B 237 -67.90 -29.46 -12.48
CA ASN B 237 -68.25 -28.63 -13.62
C ASN B 237 -69.73 -28.83 -13.98
N ILE B 238 -70.58 -28.20 -13.20
CA ILE B 238 -72.02 -28.30 -13.44
C ILE B 238 -72.70 -26.94 -13.37
N ILE B 239 -71.94 -25.85 -13.42
CA ILE B 239 -72.46 -24.57 -13.02
C ILE B 239 -72.38 -23.44 -14.02
N GLY B 240 -72.53 -23.71 -15.30
CA GLY B 240 -72.44 -22.61 -16.24
C GLY B 240 -73.07 -22.88 -17.58
N PRO B 241 -73.25 -21.80 -18.35
CA PRO B 241 -73.55 -22.00 -19.77
C PRO B 241 -72.37 -22.56 -20.55
N GLN B 242 -71.15 -22.38 -20.05
CA GLN B 242 -70.00 -22.89 -20.75
C GLN B 242 -69.08 -23.74 -19.88
N SER B 243 -69.20 -23.66 -18.56
CA SER B 243 -68.27 -24.41 -17.71
C SER B 243 -68.65 -25.88 -17.66
N GLY B 244 -69.85 -26.23 -18.08
CA GLY B 244 -70.23 -27.63 -18.16
C GLY B 244 -71.69 -27.86 -17.85
N GLY B 245 -72.33 -26.89 -17.24
CA GLY B 245 -73.67 -27.08 -16.77
C GLY B 245 -74.75 -26.88 -17.81
N ALA B 246 -74.37 -26.66 -19.05
CA ALA B 246 -75.34 -26.36 -20.09
C ALA B 246 -76.11 -27.63 -20.46
N VAL B 247 -77.41 -27.60 -20.27
CA VAL B 247 -78.29 -28.68 -20.72
C VAL B 247 -78.85 -28.27 -22.07
N GLU B 248 -78.38 -28.93 -23.13
CA GLU B 248 -78.77 -28.56 -24.47
C GLU B 248 -79.96 -29.40 -24.92
N ASP B 249 -80.48 -29.04 -26.10
CA ASP B 249 -81.49 -29.80 -26.83
C ASP B 249 -82.78 -29.98 -26.05
N LEU B 250 -83.50 -28.91 -25.83
CA LEU B 250 -84.83 -29.11 -25.26
C LEU B 250 -85.91 -28.95 -26.31
N PRO B 251 -87.01 -29.69 -26.18
CA PRO B 251 -88.08 -29.61 -27.19
C PRO B 251 -88.86 -28.31 -27.10
N VAL B 252 -89.24 -27.79 -28.26
CA VAL B 252 -90.02 -26.57 -28.35
C VAL B 252 -91.42 -26.94 -28.79
N HIS B 253 -92.32 -25.98 -28.68
CA HIS B 253 -93.70 -26.20 -29.15
C HIS B 253 -94.25 -24.85 -29.61
N VAL B 254 -94.10 -24.57 -30.89
CA VAL B 254 -94.60 -23.33 -31.45
C VAL B 254 -96.09 -23.48 -31.68
N PHE B 255 -96.89 -22.68 -30.98
CA PHE B 255 -98.33 -22.83 -31.09
C PHE B 255 -98.96 -21.45 -31.24
N GLU B 256 -100.14 -21.43 -31.85
CA GLU B 256 -100.79 -20.17 -32.20
C GLU B 256 -101.34 -19.46 -30.97
N SER B 257 -100.88 -18.24 -30.77
CA SER B 257 -101.30 -17.40 -29.66
C SER B 257 -102.50 -16.55 -30.11
N MET B 258 -102.84 -15.45 -29.44
CA MET B 258 -103.94 -14.59 -29.87
C MET B 258 -103.58 -13.81 -31.13
N GLY B 259 -103.57 -14.50 -32.26
CA GLY B 259 -103.24 -13.90 -33.54
C GLY B 259 -101.82 -14.10 -33.99
N ALA B 260 -100.87 -14.21 -33.07
CA ALA B 260 -99.47 -14.35 -33.43
C ALA B 260 -98.98 -15.74 -33.05
N LEU B 261 -97.72 -16.01 -33.34
CA LEU B 261 -97.05 -17.21 -32.87
C LEU B 261 -96.30 -16.87 -31.60
N GLN B 262 -96.10 -17.88 -30.78
CA GLN B 262 -95.16 -17.78 -29.67
C GLN B 262 -94.63 -19.17 -29.35
N SER B 263 -93.44 -19.21 -28.78
CA SER B 263 -92.84 -20.46 -28.36
C SER B 263 -93.30 -20.76 -26.95
N LYS B 264 -93.88 -21.94 -26.75
CA LYS B 264 -94.08 -22.39 -25.39
C LYS B 264 -92.75 -22.75 -24.79
N ILE B 265 -92.47 -22.18 -23.63
CA ILE B 265 -91.14 -22.28 -23.03
C ILE B 265 -90.92 -23.72 -22.57
N PRO B 266 -89.74 -24.29 -22.81
CA PRO B 266 -89.49 -25.67 -22.38
C PRO B 266 -89.49 -25.84 -20.88
N THR B 267 -88.90 -24.94 -20.13
CA THR B 267 -89.18 -24.88 -18.71
C THR B 267 -90.51 -24.18 -18.53
N GLU B 268 -91.07 -24.24 -17.33
CA GLU B 268 -92.39 -23.66 -17.14
C GLU B 268 -92.36 -22.15 -17.23
N VAL B 269 -91.28 -21.53 -16.77
CA VAL B 269 -91.16 -20.09 -16.84
C VAL B 269 -89.76 -19.71 -17.33
N LEU B 270 -89.68 -18.49 -17.81
CA LEU B 270 -88.41 -17.80 -18.05
C LEU B 270 -88.07 -17.10 -16.75
N ILE B 271 -87.19 -17.71 -15.97
CA ILE B 271 -86.78 -17.13 -14.72
C ILE B 271 -85.83 -15.97 -14.99
N THR B 272 -86.24 -14.77 -14.60
CA THR B 272 -85.35 -13.63 -14.71
C THR B 272 -84.22 -13.73 -13.69
N ASP B 273 -83.15 -12.99 -13.94
CA ASP B 273 -81.90 -13.27 -13.25
C ASP B 273 -81.95 -12.87 -11.78
N ARG B 274 -82.75 -11.86 -11.44
CA ARG B 274 -82.96 -11.57 -10.03
C ARG B 274 -83.70 -12.70 -9.35
N LYS B 275 -84.67 -13.29 -10.05
CA LYS B 275 -85.39 -14.42 -9.48
C LYS B 275 -84.49 -15.64 -9.37
N GLU B 276 -83.53 -15.77 -10.28
CA GLU B 276 -82.58 -16.88 -10.20
C GLU B 276 -81.67 -16.71 -9.00
N PHE B 277 -81.15 -15.51 -8.78
CA PHE B 277 -80.25 -15.31 -7.66
C PHE B 277 -80.98 -15.47 -6.34
N GLU B 278 -82.28 -15.16 -6.33
CA GLU B 278 -83.05 -15.40 -5.12
C GLU B 278 -83.24 -16.88 -4.88
N LEU B 279 -83.53 -17.65 -5.95
CA LEU B 279 -83.62 -19.10 -5.78
C LEU B 279 -82.28 -19.70 -5.42
N ALA B 280 -81.19 -19.05 -5.79
CA ALA B 280 -79.88 -19.56 -5.43
C ALA B 280 -79.58 -19.27 -3.97
N GLU B 281 -80.09 -18.15 -3.45
CA GLU B 281 -79.87 -17.87 -2.03
C GLU B 281 -80.75 -18.72 -1.14
N GLU B 282 -81.85 -19.22 -1.65
CA GLU B 282 -82.73 -20.06 -0.85
C GLU B 282 -82.33 -21.52 -0.88
N GLY B 283 -81.25 -21.85 -1.57
CA GLY B 283 -80.81 -23.23 -1.65
C GLY B 283 -81.45 -24.05 -2.74
N PHE B 284 -81.83 -23.45 -3.84
CA PHE B 284 -82.48 -24.17 -4.92
C PHE B 284 -81.63 -24.06 -6.17
N ILE B 285 -81.76 -25.05 -7.04
CA ILE B 285 -81.01 -25.09 -8.30
C ILE B 285 -81.98 -24.68 -9.40
N ALA B 286 -81.83 -23.48 -9.91
CA ALA B 286 -82.80 -22.93 -10.85
C ALA B 286 -82.39 -23.33 -12.26
N LEU B 287 -83.19 -24.19 -12.88
CA LEU B 287 -83.03 -24.47 -14.30
C LEU B 287 -83.53 -23.26 -15.07
N THR B 288 -82.61 -22.49 -15.65
CA THR B 288 -82.97 -21.26 -16.32
C THR B 288 -82.99 -21.42 -17.82
N MET B 289 -84.11 -21.05 -18.42
CA MET B 289 -84.27 -21.10 -19.86
C MET B 289 -83.51 -19.94 -20.47
N ARG B 290 -82.84 -20.20 -21.58
CA ARG B 290 -82.23 -19.12 -22.35
C ARG B 290 -83.23 -18.65 -23.40
N LYS B 291 -83.72 -17.42 -23.22
CA LYS B 291 -84.82 -16.90 -24.03
C LYS B 291 -84.44 -16.81 -25.49
N GLY B 292 -85.33 -17.31 -26.34
CA GLY B 292 -85.10 -17.30 -27.77
C GLY B 292 -84.30 -18.48 -28.27
N SER B 293 -83.99 -19.42 -27.40
CA SER B 293 -83.26 -20.61 -27.81
C SER B 293 -84.09 -21.81 -27.42
N ASP B 294 -83.49 -22.99 -27.54
CA ASP B 294 -84.04 -24.23 -27.01
C ASP B 294 -83.09 -24.84 -26.00
N ASN B 295 -82.29 -24.01 -25.34
CA ASN B 295 -81.23 -24.44 -24.48
C ASN B 295 -81.46 -23.87 -23.09
N ALA B 296 -81.02 -24.60 -22.07
CA ALA B 296 -81.20 -24.15 -20.71
C ALA B 296 -79.90 -24.30 -19.94
N ALA B 297 -79.85 -23.72 -18.75
CA ALA B 297 -78.59 -23.71 -18.02
C ALA B 297 -78.84 -23.59 -16.54
N PHE B 298 -77.91 -24.17 -15.77
CA PHE B 298 -77.84 -23.99 -14.33
C PHE B 298 -76.87 -22.84 -14.07
N PHE B 299 -77.39 -21.66 -13.75
CA PHE B 299 -76.49 -20.58 -13.35
C PHE B 299 -75.92 -20.81 -11.96
N SER B 300 -76.53 -21.68 -11.17
CA SER B 300 -76.09 -21.88 -9.80
C SER B 300 -76.50 -23.28 -9.37
N ALA B 301 -75.72 -23.87 -8.48
CA ALA B 301 -76.01 -25.19 -7.94
C ALA B 301 -75.73 -25.20 -6.44
N ASN B 302 -76.30 -24.25 -5.72
CA ASN B 302 -76.19 -24.26 -4.27
C ASN B 302 -76.91 -25.47 -3.67
N SER B 303 -76.52 -25.82 -2.45
CA SER B 303 -77.22 -26.83 -1.67
C SER B 303 -78.09 -26.14 -0.63
N ILE B 304 -78.70 -26.94 0.24
CA ILE B 304 -79.78 -26.45 1.10
C ILE B 304 -79.26 -25.55 2.20
N GLN B 305 -78.05 -25.81 2.71
CA GLN B 305 -77.65 -25.29 4.01
C GLN B 305 -77.44 -23.79 3.98
N LYS B 306 -78.00 -23.13 4.95
CA LYS B 306 -77.98 -21.69 5.04
C LYS B 306 -76.56 -21.21 5.29
N PRO B 307 -76.05 -20.34 4.43
CA PRO B 307 -74.68 -19.87 4.60
C PRO B 307 -74.59 -18.97 5.82
N LYS B 308 -73.72 -19.34 6.76
CA LYS B 308 -73.64 -18.64 8.04
C LYS B 308 -73.08 -17.24 7.91
N VAL B 309 -73.39 -16.40 8.89
CA VAL B 309 -72.82 -15.06 9.02
C VAL B 309 -71.93 -15.05 10.24
N PHE B 310 -70.68 -14.62 10.06
CA PHE B 310 -69.69 -14.54 11.12
C PHE B 310 -69.33 -13.08 11.34
N PRO B 311 -68.70 -12.70 12.46
CA PRO B 311 -68.36 -11.29 12.66
C PRO B 311 -67.36 -10.81 11.64
N ASN B 312 -67.41 -9.52 11.32
CA ASN B 312 -66.59 -8.97 10.25
C ASN B 312 -65.20 -8.60 10.78
N THR B 313 -64.43 -9.65 11.07
CA THR B 313 -63.01 -9.51 11.36
C THR B 313 -62.25 -10.28 10.30
N LYS B 314 -60.95 -10.44 10.50
CA LYS B 314 -60.16 -11.25 9.57
C LYS B 314 -60.50 -12.73 9.70
N GLU B 315 -60.49 -13.23 10.93
CA GLU B 315 -60.82 -14.62 11.19
C GLU B 315 -62.28 -14.91 10.85
N GLY B 316 -63.15 -13.93 11.03
CA GLY B 316 -64.55 -14.12 10.69
C GLY B 316 -64.77 -14.28 9.20
N LYS B 317 -64.04 -13.52 8.38
CA LYS B 317 -64.24 -13.68 6.96
C LYS B 317 -63.58 -14.94 6.45
N GLU B 318 -62.51 -15.41 7.11
CA GLU B 318 -61.99 -16.73 6.72
C GLU B 318 -62.98 -17.84 7.04
N ALA B 319 -63.63 -17.74 8.20
CA ALA B 319 -64.53 -18.82 8.59
C ALA B 319 -65.82 -18.77 7.76
N GLU B 320 -66.26 -17.58 7.36
CA GLU B 320 -67.35 -17.51 6.41
C GLU B 320 -66.95 -18.05 5.05
N THR B 321 -65.70 -17.82 4.65
CA THR B 321 -65.23 -18.31 3.36
C THR B 321 -65.25 -19.83 3.33
N ASN B 322 -64.81 -20.44 4.42
CA ASN B 322 -64.83 -21.89 4.49
C ASN B 322 -66.25 -22.41 4.54
N TYR B 323 -67.12 -21.66 5.20
CA TYR B 323 -68.46 -22.18 5.39
C TYR B 323 -69.29 -22.02 4.12
N LYS B 324 -68.95 -21.07 3.25
CA LYS B 324 -69.65 -21.02 1.98
C LYS B 324 -69.00 -21.91 0.94
N LEU B 325 -67.74 -22.30 1.17
CA LEU B 325 -67.21 -23.37 0.31
C LEU B 325 -67.86 -24.70 0.62
N GLY B 326 -68.21 -24.92 1.88
CA GLY B 326 -68.74 -26.22 2.26
C GLY B 326 -70.14 -26.45 1.72
N THR B 327 -70.91 -25.39 1.53
CA THR B 327 -72.33 -25.59 1.28
C THR B 327 -72.72 -25.53 -0.17
N GLN B 328 -71.81 -25.75 -1.12
CA GLN B 328 -72.17 -25.75 -2.52
C GLN B 328 -71.75 -27.06 -3.15
N LEU B 329 -72.65 -27.65 -3.92
CA LEU B 329 -72.40 -28.97 -4.50
C LEU B 329 -71.18 -29.11 -5.41
N PRO B 330 -70.78 -28.14 -6.25
CA PRO B 330 -69.57 -28.38 -7.05
C PRO B 330 -68.27 -28.39 -6.26
N TYR B 331 -68.32 -28.25 -4.95
CA TYR B 331 -67.19 -28.51 -4.10
C TYR B 331 -67.39 -29.76 -3.26
N MET B 332 -68.64 -30.03 -2.89
CA MET B 332 -68.91 -31.26 -2.16
C MET B 332 -68.78 -32.48 -3.03
N MET B 333 -68.83 -32.32 -4.36
CA MET B 333 -68.52 -33.47 -5.18
C MET B 333 -67.02 -33.75 -5.18
N ILE B 334 -66.21 -32.71 -5.05
CA ILE B 334 -64.77 -32.89 -4.89
C ILE B 334 -64.48 -33.62 -3.59
N ILE B 335 -65.13 -33.21 -2.50
CA ILE B 335 -64.87 -33.86 -1.23
C ILE B 335 -65.48 -35.26 -1.17
N ASN B 336 -66.56 -35.48 -1.92
CA ASN B 336 -67.09 -36.84 -2.02
C ASN B 336 -66.12 -37.76 -2.74
N ARG B 337 -65.49 -37.29 -3.81
CA ARG B 337 -64.57 -38.16 -4.53
C ARG B 337 -63.29 -38.37 -3.75
N LEU B 338 -62.85 -37.38 -2.98
CA LEU B 338 -61.72 -37.64 -2.08
C LEU B 338 -62.09 -38.60 -0.96
N ALA B 339 -63.31 -38.51 -0.47
CA ALA B 339 -63.71 -39.43 0.59
C ALA B 339 -63.78 -40.85 0.07
N HIS B 340 -64.21 -41.01 -1.18
CA HIS B 340 -64.29 -42.33 -1.77
C HIS B 340 -62.92 -42.91 -2.04
N TYR B 341 -62.00 -42.10 -2.60
CA TYR B 341 -60.66 -42.63 -2.83
C TYR B 341 -59.92 -42.89 -1.54
N VAL B 342 -60.19 -42.10 -0.50
CA VAL B 342 -59.48 -42.30 0.77
C VAL B 342 -59.99 -43.57 1.45
N LYS B 343 -61.29 -43.84 1.37
CA LYS B 343 -61.80 -45.09 1.92
C LYS B 343 -61.28 -46.29 1.14
N VAL B 344 -61.43 -46.25 -0.19
CA VAL B 344 -61.17 -47.43 -0.99
C VAL B 344 -59.69 -47.72 -1.08
N LEU B 345 -58.85 -46.70 -1.23
CA LEU B 345 -57.42 -46.95 -1.22
C LEU B 345 -56.88 -47.20 0.17
N GLN B 346 -57.39 -46.51 1.18
CA GLN B 346 -56.83 -46.72 2.51
C GLN B 346 -57.46 -47.93 3.21
N ARG B 347 -58.21 -48.77 2.48
CA ARG B 347 -58.44 -50.11 3.01
C ARG B 347 -57.37 -51.08 2.52
N GLU B 348 -56.64 -50.72 1.47
CA GLU B 348 -55.66 -51.66 0.97
C GLU B 348 -54.35 -51.56 1.71
N GLN B 349 -54.21 -50.61 2.62
CA GLN B 349 -52.98 -50.48 3.36
C GLN B 349 -53.07 -51.00 4.79
N ILE B 350 -54.24 -51.50 5.20
CA ILE B 350 -54.35 -52.10 6.53
C ILE B 350 -53.50 -53.34 6.58
N GLY B 351 -52.44 -53.28 7.39
CA GLY B 351 -51.50 -54.37 7.47
C GLY B 351 -50.15 -54.05 6.86
N ALA B 352 -49.91 -52.82 6.47
CA ALA B 352 -48.58 -52.47 6.04
C ALA B 352 -47.83 -51.79 7.17
N TRP B 353 -46.51 -51.99 7.20
CA TRP B 353 -45.66 -51.46 8.27
C TRP B 353 -45.58 -49.95 8.08
N LYS B 354 -46.46 -49.24 8.77
CA LYS B 354 -46.58 -47.80 8.64
C LYS B 354 -46.28 -47.12 9.96
N GLU B 355 -45.56 -46.02 9.88
CA GLU B 355 -45.46 -45.13 11.02
C GLU B 355 -46.33 -43.90 10.78
N ARG B 356 -46.17 -42.91 11.65
CA ARG B 356 -46.92 -41.66 11.52
C ARG B 356 -46.47 -40.88 10.30
N GLN B 357 -45.17 -40.57 10.24
CA GLN B 357 -44.61 -39.87 9.09
C GLN B 357 -44.68 -40.69 7.82
N ASP B 358 -44.90 -41.99 7.92
CA ASP B 358 -45.25 -42.76 6.74
C ASP B 358 -46.57 -42.28 6.17
N LEU B 359 -47.57 -42.05 7.01
CA LEU B 359 -48.83 -41.56 6.47
C LEU B 359 -48.72 -40.13 6.01
N GLU B 360 -47.86 -39.33 6.64
CA GLU B 360 -47.65 -37.98 6.09
C GLU B 360 -47.02 -38.05 4.71
N ARG B 361 -46.07 -38.93 4.52
CA ARG B 361 -45.37 -38.97 3.25
C ARG B 361 -46.23 -39.60 2.18
N GLU B 362 -46.98 -40.65 2.53
CA GLU B 362 -47.75 -41.34 1.51
C GLU B 362 -49.03 -40.60 1.17
N LEU B 363 -49.59 -39.87 2.13
CA LEU B 363 -50.76 -39.09 1.76
C LEU B 363 -50.37 -37.82 1.03
N ASN B 364 -49.21 -37.22 1.37
CA ASN B 364 -48.79 -36.03 0.65
C ASN B 364 -48.37 -36.35 -0.77
N SER B 365 -47.65 -37.46 -0.95
CA SER B 365 -47.36 -37.91 -2.31
C SER B 365 -48.60 -38.49 -2.98
N TRP B 366 -49.62 -38.84 -2.20
CA TRP B 366 -50.87 -39.28 -2.80
C TRP B 366 -51.66 -38.10 -3.33
N ILE B 367 -51.57 -36.97 -2.66
CA ILE B 367 -52.43 -35.84 -2.97
C ILE B 367 -51.69 -34.82 -3.85
N LYS B 368 -50.38 -35.01 -4.06
CA LYS B 368 -49.71 -34.22 -5.10
C LYS B 368 -50.13 -34.64 -6.50
N GLN B 369 -50.85 -35.76 -6.60
CA GLN B 369 -51.58 -36.10 -7.80
C GLN B 369 -52.62 -35.04 -8.16
N TYR B 370 -53.27 -34.45 -7.17
CA TYR B 370 -54.43 -33.61 -7.43
C TYR B 370 -54.18 -32.14 -7.18
N VAL B 371 -52.93 -31.71 -7.09
CA VAL B 371 -52.61 -30.32 -6.83
C VAL B 371 -52.18 -29.67 -8.13
N ALA B 372 -52.84 -28.58 -8.50
CA ALA B 372 -52.46 -27.83 -9.69
C ALA B 372 -52.09 -26.43 -9.23
N ASP B 373 -50.84 -26.26 -8.79
CA ASP B 373 -50.43 -25.02 -8.12
C ASP B 373 -49.44 -24.20 -8.94
N GLN B 374 -49.59 -24.19 -10.25
CA GLN B 374 -48.75 -23.34 -11.06
C GLN B 374 -49.27 -21.90 -11.04
N GLU B 375 -48.72 -21.08 -11.93
CA GLU B 375 -49.09 -19.69 -11.92
C GLU B 375 -50.48 -19.49 -12.52
N ASN B 376 -50.74 -20.12 -13.63
CA ASN B 376 -51.99 -19.88 -14.32
C ASN B 376 -52.34 -21.10 -15.14
N PRO B 377 -52.94 -22.13 -14.54
CA PRO B 377 -53.29 -23.31 -15.32
C PRO B 377 -54.52 -23.04 -16.15
N PRO B 378 -54.61 -23.61 -17.34
CA PRO B 378 -55.82 -23.41 -18.16
C PRO B 378 -56.98 -24.20 -17.62
N ALA B 379 -58.13 -24.07 -18.30
CA ALA B 379 -59.40 -24.52 -17.71
C ALA B 379 -59.47 -26.04 -17.60
N ASP B 380 -58.80 -26.75 -18.49
CA ASP B 380 -58.89 -28.21 -18.49
C ASP B 380 -58.08 -28.81 -17.34
N VAL B 381 -56.87 -28.31 -17.14
CA VAL B 381 -56.02 -28.83 -16.08
C VAL B 381 -56.60 -28.46 -14.72
N ARG B 382 -57.27 -27.32 -14.63
CA ARG B 382 -58.09 -27.05 -13.45
C ARG B 382 -59.28 -27.99 -13.37
N SER B 383 -59.77 -28.47 -14.51
CA SER B 383 -60.97 -29.29 -14.46
C SER B 383 -60.65 -30.70 -13.97
N ARG B 384 -59.45 -31.18 -14.24
CA ARG B 384 -59.14 -32.54 -13.84
C ARG B 384 -58.19 -32.63 -12.65
N ARG B 385 -57.67 -31.50 -12.18
CA ARG B 385 -56.93 -31.43 -10.93
C ARG B 385 -57.56 -30.33 -10.11
N PRO B 386 -58.58 -30.65 -9.34
CA PRO B 386 -59.45 -29.58 -8.85
C PRO B 386 -58.89 -28.81 -7.68
N LEU B 387 -58.12 -29.43 -6.80
CA LEU B 387 -57.76 -28.77 -5.55
C LEU B 387 -56.39 -28.12 -5.65
N ARG B 388 -56.25 -26.91 -5.12
CA ARG B 388 -55.02 -26.15 -5.37
C ARG B 388 -54.01 -26.35 -4.26
N ALA B 389 -54.47 -26.50 -3.03
CA ALA B 389 -53.55 -26.75 -1.93
C ALA B 389 -54.02 -27.94 -1.12
N ALA B 390 -53.09 -28.56 -0.41
CA ALA B 390 -53.47 -29.63 0.49
C ALA B 390 -52.51 -29.63 1.66
N ARG B 391 -53.08 -29.62 2.86
CA ARG B 391 -52.30 -29.63 4.09
C ARG B 391 -52.77 -30.78 4.95
N ILE B 392 -51.90 -31.76 5.16
CA ILE B 392 -52.27 -33.00 5.82
C ILE B 392 -51.53 -33.08 7.14
N GLU B 393 -52.25 -33.34 8.22
CA GLU B 393 -51.64 -33.59 9.51
C GLU B 393 -52.01 -34.98 9.96
N VAL B 394 -51.00 -35.76 10.34
CA VAL B 394 -51.20 -37.13 10.79
C VAL B 394 -50.73 -37.24 12.23
N MET B 395 -51.63 -37.67 13.10
CA MET B 395 -51.33 -37.83 14.51
C MET B 395 -51.75 -39.22 14.96
N ASP B 396 -51.24 -39.64 16.11
CA ASP B 396 -51.53 -40.96 16.64
C ASP B 396 -52.67 -40.87 17.62
N VAL B 397 -53.50 -41.91 17.66
CA VAL B 397 -54.42 -42.06 18.77
C VAL B 397 -53.59 -42.63 19.91
N GLU B 398 -53.35 -41.83 20.94
CA GLU B 398 -52.44 -42.21 22.01
C GLU B 398 -53.04 -43.34 22.85
N GLY B 399 -52.22 -44.34 23.14
CA GLY B 399 -52.73 -45.45 23.90
C GLY B 399 -53.60 -46.40 23.13
N ASN B 400 -53.57 -46.34 21.80
CA ASN B 400 -54.32 -47.26 20.96
C ASN B 400 -53.50 -47.47 19.70
N PRO B 401 -52.56 -48.41 19.73
CA PRO B 401 -51.39 -48.31 18.84
C PRO B 401 -51.72 -48.66 17.40
N GLY B 402 -51.05 -47.97 16.50
CA GLY B 402 -51.32 -48.09 15.09
C GLY B 402 -52.37 -47.16 14.57
N TRP B 403 -53.41 -46.89 15.35
CA TRP B 403 -54.54 -46.08 14.92
C TRP B 403 -54.09 -44.63 14.72
N TYR B 404 -54.19 -44.16 13.50
CA TYR B 404 -53.67 -42.86 13.13
C TYR B 404 -54.85 -41.92 12.88
N GLN B 405 -54.63 -40.63 13.12
CA GLN B 405 -55.70 -39.64 13.07
C GLN B 405 -55.29 -38.54 12.11
N VAL B 406 -56.03 -38.38 11.03
CA VAL B 406 -55.58 -37.59 9.89
C VAL B 406 -56.58 -36.47 9.63
N SER B 407 -56.06 -35.27 9.42
CA SER B 407 -56.86 -34.14 8.95
C SER B 407 -56.40 -33.77 7.55
N LEU B 408 -57.28 -33.93 6.58
CA LEU B 408 -56.98 -33.64 5.19
C LEU B 408 -57.81 -32.44 4.77
N SER B 409 -57.16 -31.31 4.56
CA SER B 409 -57.81 -30.04 4.27
C SER B 409 -57.39 -29.55 2.90
N VAL B 410 -58.37 -29.25 2.05
CA VAL B 410 -58.10 -28.86 0.68
C VAL B 410 -58.62 -27.45 0.43
N ARG B 411 -58.13 -26.83 -0.63
CA ARG B 411 -58.57 -25.50 -1.06
C ARG B 411 -58.84 -25.57 -2.55
N PRO B 412 -60.09 -25.67 -2.96
CA PRO B 412 -60.39 -25.91 -4.36
C PRO B 412 -60.21 -24.66 -5.20
N HIS B 413 -60.24 -24.84 -6.51
CA HIS B 413 -60.29 -23.69 -7.39
C HIS B 413 -61.64 -23.00 -7.28
N PHE B 414 -61.60 -21.70 -7.06
CA PHE B 414 -62.81 -20.92 -6.99
C PHE B 414 -63.40 -20.74 -8.38
N LYS B 415 -64.66 -21.08 -8.52
CA LYS B 415 -65.32 -20.90 -9.79
C LYS B 415 -66.12 -19.60 -9.75
N TYR B 416 -66.11 -18.87 -10.86
CA TYR B 416 -66.59 -17.49 -10.96
C TYR B 416 -68.10 -17.44 -10.77
N MET B 417 -68.56 -16.99 -9.61
CA MET B 417 -69.99 -16.98 -9.33
C MET B 417 -70.50 -15.63 -8.85
N GLY B 418 -70.18 -14.56 -9.54
CA GLY B 418 -70.83 -13.29 -9.27
C GLY B 418 -69.81 -12.18 -9.09
N ALA B 419 -70.16 -11.00 -9.56
CA ALA B 419 -69.30 -9.84 -9.39
C ALA B 419 -70.15 -8.60 -9.46
N ASN B 420 -69.63 -7.52 -8.88
CA ASN B 420 -70.24 -6.20 -9.00
C ASN B 420 -69.34 -5.30 -9.81
N PHE B 421 -69.92 -4.52 -10.70
CA PHE B 421 -69.16 -3.61 -11.55
C PHE B 421 -69.59 -2.18 -11.31
N GLU B 422 -68.61 -1.29 -11.26
CA GLU B 422 -68.84 0.14 -11.17
C GLU B 422 -68.04 0.78 -12.31
N LEU B 423 -68.71 1.55 -13.14
CA LEU B 423 -68.06 2.21 -14.27
C LEU B 423 -68.08 3.71 -14.08
N SER B 424 -67.10 4.39 -14.66
CA SER B 424 -67.03 5.85 -14.53
C SER B 424 -66.21 6.45 -15.65
N LEU B 425 -66.78 7.42 -16.34
CA LEU B 425 -66.02 8.19 -17.29
C LEU B 425 -65.09 9.12 -16.53
N VAL B 426 -63.88 9.32 -17.06
CA VAL B 426 -62.92 10.22 -16.44
C VAL B 426 -61.94 10.67 -17.52
N GLY B 427 -61.40 11.88 -17.36
CA GLY B 427 -60.25 12.32 -18.13
C GLY B 427 -59.00 11.92 -17.40
N ARG B 428 -57.85 12.43 -17.87
CA ARG B 428 -56.57 12.46 -17.14
C ARG B 428 -55.96 11.07 -16.89
N LEU B 429 -56.63 9.99 -17.28
CA LEU B 429 -56.18 8.66 -16.91
C LEU B 429 -55.01 8.22 -17.76
N ASP B 430 -54.06 7.52 -17.15
CA ASP B 430 -52.91 6.96 -17.84
C ASP B 430 -53.31 5.79 -18.71
N SER C 1 -84.85 11.83 -5.12
CA SER C 1 -83.64 11.25 -4.53
C SER C 1 -82.42 11.91 -5.12
N LYS C 2 -81.26 11.57 -4.55
CA LYS C 2 -80.01 12.14 -5.01
C LYS C 2 -78.92 11.12 -5.28
N GLU C 3 -79.05 9.88 -4.80
CA GLU C 3 -78.03 8.85 -5.01
C GLU C 3 -78.29 8.00 -6.23
N GLY C 4 -79.26 8.37 -7.04
CA GLY C 4 -79.63 7.49 -8.13
C GLY C 4 -80.37 6.29 -7.56
N SER C 5 -80.40 5.23 -8.35
CA SER C 5 -81.02 3.98 -7.92
C SER C 5 -80.27 2.83 -8.55
N VAL C 6 -80.51 1.64 -8.01
CA VAL C 6 -79.91 0.42 -8.52
C VAL C 6 -81.02 -0.59 -8.75
N ALA C 7 -80.70 -1.65 -9.47
CA ALA C 7 -81.56 -2.79 -9.57
C ALA C 7 -81.42 -3.63 -8.31
N PRO C 8 -82.35 -4.54 -8.04
CA PRO C 8 -82.08 -5.56 -7.03
C PRO C 8 -80.92 -6.43 -7.48
N LYS C 9 -80.21 -6.98 -6.50
CA LYS C 9 -78.90 -7.60 -6.71
C LYS C 9 -79.04 -8.86 -7.55
N GLU C 10 -78.18 -8.98 -8.55
CA GLU C 10 -78.21 -10.09 -9.48
C GLU C 10 -76.85 -10.80 -9.40
N ARG C 11 -76.60 -11.71 -10.32
CA ARG C 11 -75.29 -12.32 -10.45
C ARG C 11 -74.23 -11.30 -10.86
N ILE C 12 -74.55 -10.42 -11.78
CA ILE C 12 -73.62 -9.42 -12.27
C ILE C 12 -74.23 -8.06 -11.97
N ASN C 13 -73.73 -7.39 -10.94
CA ASN C 13 -74.21 -6.06 -10.60
C ASN C 13 -73.39 -5.02 -11.34
N ILE C 14 -74.04 -4.25 -12.20
CA ILE C 14 -73.38 -3.15 -12.89
C ILE C 14 -74.15 -1.88 -12.58
N LYS C 15 -73.47 -0.93 -11.99
CA LYS C 15 -74.02 0.40 -11.75
C LYS C 15 -72.93 1.40 -12.06
N TYR C 16 -73.34 2.62 -12.36
CA TYR C 16 -72.39 3.67 -12.69
C TYR C 16 -72.38 4.71 -11.59
N ILE C 17 -71.19 5.03 -11.11
CA ILE C 17 -71.02 6.07 -10.10
C ILE C 17 -70.22 7.19 -10.73
N PRO C 18 -70.16 8.35 -10.09
CA PRO C 18 -69.17 9.33 -10.52
C PRO C 18 -67.79 8.81 -10.15
N ALA C 19 -67.10 8.29 -11.16
CA ALA C 19 -65.92 7.48 -10.91
C ALA C 19 -64.69 8.30 -10.70
N THR C 20 -64.84 9.63 -10.57
CA THR C 20 -63.69 10.48 -10.24
C THR C 20 -63.14 10.14 -8.87
N GLY C 21 -64.01 9.75 -7.95
CA GLY C 21 -63.62 9.32 -6.62
C GLY C 21 -63.00 10.44 -5.84
N ASP C 22 -63.43 11.66 -6.15
CA ASP C 22 -62.77 12.85 -5.63
C ASP C 22 -63.15 13.03 -4.17
N ALA C 23 -62.41 12.36 -3.30
CA ALA C 23 -62.46 12.67 -1.89
C ALA C 23 -61.93 14.08 -1.67
N GLN C 24 -62.43 14.72 -0.62
CA GLN C 24 -62.17 16.13 -0.30
C GLN C 24 -62.55 17.04 -1.47
N ALA C 25 -63.71 16.76 -2.07
CA ALA C 25 -64.30 17.62 -3.08
C ALA C 25 -65.76 17.85 -2.73
N GLU C 26 -66.12 19.11 -2.53
CA GLU C 26 -67.48 19.49 -2.21
C GLU C 26 -67.92 20.56 -3.19
N ALA C 27 -69.23 20.68 -3.37
CA ALA C 27 -69.80 21.55 -4.38
C ALA C 27 -70.34 22.80 -3.71
N GLU C 28 -70.06 23.94 -4.33
CA GLU C 28 -70.61 25.22 -3.89
C GLU C 28 -71.00 26.02 -5.12
N VAL C 29 -72.11 26.74 -5.03
CA VAL C 29 -72.42 27.71 -6.06
C VAL C 29 -71.57 28.95 -5.79
N GLU C 30 -71.05 29.56 -6.85
CA GLU C 30 -70.39 30.84 -6.71
C GLU C 30 -71.39 31.85 -6.18
N LEU C 31 -71.19 32.24 -4.94
CA LEU C 31 -72.17 33.03 -4.23
C LEU C 31 -72.28 34.41 -4.85
N PRO C 32 -73.48 34.94 -5.04
CA PRO C 32 -73.61 36.24 -5.66
C PRO C 32 -73.21 37.34 -4.69
N LEU C 33 -72.48 38.33 -5.22
CA LEU C 33 -72.15 39.53 -4.46
C LEU C 33 -73.38 40.41 -4.40
N LYS C 34 -74.28 40.07 -3.48
CA LYS C 34 -75.61 40.66 -3.50
C LYS C 34 -75.58 42.03 -2.85
N THR C 35 -75.43 43.06 -3.66
CA THR C 35 -75.39 44.43 -3.18
C THR C 35 -76.80 44.86 -2.81
N LEU C 36 -76.94 45.41 -1.62
CA LEU C 36 -78.23 45.85 -1.12
C LEU C 36 -78.25 47.37 -1.12
N VAL C 37 -78.67 47.96 -2.21
CA VAL C 37 -78.74 49.41 -2.32
C VAL C 37 -79.90 49.89 -1.49
N VAL C 38 -79.62 50.72 -0.50
CA VAL C 38 -80.63 51.28 0.40
C VAL C 38 -80.60 52.78 0.29
N GLY C 39 -81.70 53.37 -0.16
CA GLY C 39 -81.75 54.81 -0.27
C GLY C 39 -83.17 55.29 -0.45
N ASP C 40 -83.34 56.61 -0.37
CA ASP C 40 -84.65 57.24 -0.49
C ASP C 40 -85.11 57.13 -1.95
N PHE C 41 -86.14 56.32 -2.15
CA PHE C 41 -86.58 55.97 -3.48
C PHE C 41 -88.03 56.31 -3.77
N LYS C 42 -88.75 56.88 -2.83
CA LYS C 42 -90.13 57.30 -3.02
C LYS C 42 -90.33 58.64 -2.32
N GLY C 43 -91.35 59.36 -2.75
CA GLY C 43 -91.51 60.72 -2.29
C GLY C 43 -92.12 60.90 -0.94
N HIS C 44 -92.26 59.84 -0.14
CA HIS C 44 -92.99 59.93 1.10
C HIS C 44 -92.55 58.83 2.04
N ALA C 45 -92.90 59.01 3.31
CA ALA C 45 -92.73 57.97 4.29
C ALA C 45 -93.85 56.95 4.18
N GLU C 46 -93.51 55.69 4.42
CA GLU C 46 -94.52 54.65 4.46
C GLU C 46 -94.76 54.22 5.90
N GLN C 47 -96.04 54.03 6.23
CA GLN C 47 -96.41 53.62 7.58
C GLN C 47 -96.03 52.18 7.86
N THR C 48 -95.77 51.39 6.81
CA THR C 48 -95.49 49.98 6.97
C THR C 48 -94.14 49.79 7.68
N PRO C 49 -94.08 48.97 8.73
CA PRO C 49 -92.84 48.84 9.48
C PRO C 49 -91.77 48.17 8.66
N LEU C 50 -90.52 48.30 9.13
CA LEU C 50 -89.39 48.01 8.28
C LEU C 50 -89.22 46.52 8.04
N GLU C 51 -89.68 45.70 8.99
CA GLU C 51 -89.55 44.26 8.83
C GLU C 51 -90.52 43.68 7.81
N GLU C 52 -91.58 44.41 7.46
CA GLU C 52 -92.60 43.85 6.60
C GLU C 52 -92.45 44.25 5.14
N ARG C 53 -91.89 45.42 4.85
CA ARG C 53 -91.70 45.79 3.46
C ARG C 53 -90.59 44.95 2.85
N ALA C 54 -90.67 44.72 1.55
CA ALA C 54 -89.87 43.68 0.90
C ALA C 54 -88.79 44.27 0.01
N THR C 55 -87.75 43.47 -0.22
CA THR C 55 -86.69 43.84 -1.15
C THR C 55 -87.19 43.61 -2.57
N VAL C 56 -86.64 44.39 -3.49
CA VAL C 56 -87.04 44.35 -4.89
C VAL C 56 -85.83 43.98 -5.72
N THR C 57 -85.87 42.84 -6.37
CA THR C 57 -84.79 42.43 -7.23
C THR C 57 -84.79 43.29 -8.48
N VAL C 58 -83.63 43.84 -8.82
CA VAL C 58 -83.48 44.71 -9.97
C VAL C 58 -82.39 44.16 -10.86
N ASP C 59 -82.68 43.97 -12.13
CA ASP C 59 -81.62 43.76 -13.08
C ASP C 59 -81.79 44.74 -14.22
N LYS C 60 -80.99 44.55 -15.26
CA LYS C 60 -81.15 45.38 -16.45
C LYS C 60 -82.42 45.04 -17.19
N ASN C 61 -82.93 43.82 -17.00
CA ASN C 61 -84.03 43.34 -17.81
C ASN C 61 -85.39 43.70 -17.27
N ASN C 62 -85.48 44.20 -16.04
CA ASN C 62 -86.78 44.68 -15.59
C ASN C 62 -86.73 46.00 -14.84
N PHE C 63 -85.75 46.88 -15.12
CA PHE C 63 -85.63 48.10 -14.36
C PHE C 63 -86.78 49.04 -14.63
N GLU C 64 -87.25 49.09 -15.87
CA GLU C 64 -88.46 49.86 -16.16
C GLU C 64 -89.68 49.22 -15.53
N ALA C 65 -89.65 47.90 -15.34
CA ALA C 65 -90.74 47.26 -14.63
C ALA C 65 -90.66 47.54 -13.14
N VAL C 66 -89.44 47.75 -12.62
CA VAL C 66 -89.30 48.07 -11.21
C VAL C 66 -89.76 49.49 -10.93
N MET C 67 -89.37 50.43 -11.79
CA MET C 67 -89.89 51.79 -11.65
C MET C 67 -91.37 51.83 -11.95
N ARG C 68 -91.86 50.91 -12.77
CA ARG C 68 -93.28 50.88 -13.08
C ARG C 68 -94.09 50.40 -11.88
N GLU C 69 -93.65 49.33 -11.23
CA GLU C 69 -94.39 48.81 -10.09
C GLU C 69 -94.16 49.63 -8.85
N SER C 70 -93.13 50.48 -8.83
CA SER C 70 -92.82 51.23 -7.63
C SER C 70 -93.86 52.30 -7.34
N GLU C 71 -94.59 52.76 -8.36
CA GLU C 71 -95.62 53.79 -8.29
C GLU C 71 -95.08 55.07 -7.69
N LEU C 72 -94.11 55.68 -8.37
CA LEU C 72 -93.43 56.87 -7.90
C LEU C 72 -94.39 58.03 -7.88
N LYS C 73 -94.06 59.06 -7.10
CA LYS C 73 -94.93 60.21 -6.95
C LYS C 73 -94.13 61.35 -6.34
N ILE C 74 -94.38 62.57 -6.83
CA ILE C 74 -93.93 63.79 -6.19
C ILE C 74 -95.09 64.76 -6.20
N THR C 75 -95.45 65.28 -5.03
CA THR C 75 -96.50 66.29 -4.90
C THR C 75 -95.92 67.48 -4.14
N ALA C 76 -95.70 68.59 -4.83
CA ALA C 76 -94.99 69.70 -4.22
C ALA C 76 -95.39 71.02 -4.85
N THR C 77 -94.70 72.08 -4.43
CA THR C 77 -95.02 73.45 -4.80
C THR C 77 -93.76 74.13 -5.29
N VAL C 78 -93.86 74.85 -6.41
CA VAL C 78 -92.74 75.60 -6.98
C VAL C 78 -93.14 77.06 -7.13
N LYS C 79 -92.13 77.90 -7.31
CA LYS C 79 -92.37 79.30 -7.66
C LYS C 79 -92.82 79.41 -9.10
N ASN C 80 -93.89 80.18 -9.34
CA ASN C 80 -94.51 80.29 -10.65
C ASN C 80 -93.98 81.53 -11.35
N LYS C 81 -93.36 81.35 -12.52
CA LYS C 81 -92.74 82.44 -13.27
C LYS C 81 -93.37 82.67 -14.64
N LEU C 82 -94.67 82.46 -14.77
CA LEU C 82 -95.38 82.82 -15.99
C LEU C 82 -95.96 84.22 -15.95
N THR C 83 -95.65 84.99 -14.91
CA THR C 83 -96.16 86.33 -14.73
C THR C 83 -95.13 87.13 -13.94
N ASP C 84 -95.57 88.23 -13.35
CA ASP C 84 -94.65 89.10 -12.63
C ASP C 84 -95.00 89.24 -11.14
N ASP C 85 -95.29 88.12 -10.49
CA ASP C 85 -95.71 88.13 -9.09
C ASP C 85 -94.86 87.13 -8.31
N GLU C 86 -94.41 87.54 -7.12
CA GLU C 86 -93.61 86.67 -6.27
C GLU C 86 -94.46 85.65 -5.51
N ASN C 87 -95.64 86.07 -5.03
CA ASN C 87 -96.51 85.21 -4.25
C ASN C 87 -97.19 84.14 -5.09
N ALA C 88 -97.19 84.28 -6.41
CA ALA C 88 -97.83 83.33 -7.30
C ALA C 88 -97.03 82.04 -7.30
N GLU C 89 -97.64 80.97 -6.83
CA GLU C 89 -96.98 79.68 -6.75
C GLU C 89 -97.70 78.71 -7.67
N LEU C 90 -96.97 77.69 -8.12
CA LEU C 90 -97.55 76.69 -9.00
C LEU C 90 -97.54 75.35 -8.30
N PRO C 91 -98.68 74.81 -7.91
CA PRO C 91 -98.71 73.44 -7.41
C PRO C 91 -98.58 72.43 -8.53
N VAL C 92 -97.75 71.41 -8.33
CA VAL C 92 -97.57 70.35 -9.31
C VAL C 92 -97.97 69.03 -8.68
N GLU C 93 -98.44 68.12 -9.52
CA GLU C 93 -98.83 66.76 -9.11
C GLU C 93 -98.39 65.83 -10.24
N LEU C 94 -97.31 65.10 -10.02
CA LEU C 94 -96.70 64.32 -11.09
C LEU C 94 -96.91 62.82 -10.86
N ASN C 95 -96.73 62.06 -11.93
CA ASN C 95 -96.69 60.60 -11.85
C ASN C 95 -95.58 60.09 -12.74
N PHE C 96 -94.81 59.16 -12.21
CA PHE C 96 -93.57 58.72 -12.86
C PHE C 96 -93.65 57.23 -13.11
N LYS C 97 -93.16 56.80 -14.26
CA LYS C 97 -93.15 55.38 -14.56
C LYS C 97 -91.80 54.85 -15.01
N SER C 98 -91.01 55.64 -15.73
CA SER C 98 -89.68 55.22 -16.15
C SER C 98 -88.80 56.44 -16.24
N LEU C 99 -87.57 56.24 -16.69
CA LEU C 99 -86.63 57.36 -16.71
C LEU C 99 -86.85 58.29 -17.89
N ALA C 100 -87.82 57.99 -18.75
CA ALA C 100 -88.26 59.02 -19.67
C ALA C 100 -89.02 60.11 -18.96
N ASP C 101 -89.65 59.81 -17.83
CA ASP C 101 -90.55 60.75 -17.18
C ASP C 101 -89.84 61.88 -16.45
N PHE C 102 -88.52 61.88 -16.40
CA PHE C 102 -87.81 62.98 -15.77
C PHE C 102 -87.34 64.01 -16.79
N ALA C 103 -87.56 63.75 -18.07
CA ALA C 103 -87.25 64.69 -19.12
C ALA C 103 -88.20 65.89 -19.06
N PRO C 104 -87.84 67.03 -19.65
CA PRO C 104 -88.77 68.16 -19.69
C PRO C 104 -89.94 67.95 -20.62
N ASP C 105 -89.91 66.91 -21.46
CA ASP C 105 -91.05 66.61 -22.30
C ASP C 105 -92.21 66.10 -21.47
N ALA C 106 -92.00 65.01 -20.73
CA ALA C 106 -93.06 64.44 -19.93
C ALA C 106 -93.44 65.33 -18.76
N VAL C 107 -92.47 66.04 -18.21
CA VAL C 107 -92.78 67.03 -17.17
C VAL C 107 -93.58 68.17 -17.77
N ALA C 108 -93.31 68.51 -19.03
CA ALA C 108 -94.09 69.52 -19.71
C ALA C 108 -95.50 69.01 -20.00
N SER C 109 -95.67 67.69 -20.08
CA SER C 109 -97.01 67.15 -20.30
C SER C 109 -97.78 67.00 -19.00
N GLN C 110 -97.10 66.78 -17.88
CA GLN C 110 -97.79 66.46 -16.64
C GLN C 110 -98.16 67.67 -15.81
N VAL C 111 -97.81 68.87 -16.25
CA VAL C 111 -98.28 70.06 -15.57
C VAL C 111 -99.12 70.84 -16.58
N PRO C 112 -100.45 70.96 -16.37
CA PRO C 112 -101.30 71.58 -17.40
C PRO C 112 -101.02 73.05 -17.63
N GLU C 113 -100.49 73.74 -16.63
CA GLU C 113 -100.11 75.14 -16.78
C GLU C 113 -98.90 75.30 -17.69
N LEU C 114 -98.20 74.22 -18.01
CA LEU C 114 -97.23 74.21 -19.09
C LEU C 114 -97.74 73.50 -20.34
N LYS C 115 -98.64 72.52 -20.18
CA LYS C 115 -99.15 71.76 -21.31
C LYS C 115 -99.96 72.65 -22.25
N LYS C 116 -100.74 73.57 -21.66
CA LYS C 116 -101.48 74.51 -22.48
C LYS C 116 -100.57 75.46 -23.23
N LEU C 117 -99.39 75.76 -22.67
CA LEU C 117 -98.45 76.60 -23.39
C LEU C 117 -97.69 75.84 -24.46
N ILE C 118 -97.48 74.53 -24.27
CA ILE C 118 -96.89 73.73 -25.34
C ILE C 118 -97.86 73.62 -26.50
N GLU C 119 -99.14 73.40 -26.20
CA GLU C 119 -100.13 73.31 -27.26
C GLU C 119 -100.35 74.67 -27.93
N LEU C 120 -100.27 75.75 -27.15
CA LEU C 120 -100.41 77.09 -27.72
C LEU C 120 -99.20 77.42 -28.58
N ARG C 121 -98.04 76.91 -28.19
CA ARG C 121 -96.87 77.02 -29.05
C ARG C 121 -97.07 76.24 -30.33
N GLU C 122 -97.77 75.10 -30.25
CA GLU C 122 -98.07 74.33 -31.44
C GLU C 122 -99.12 75.02 -32.31
N ALA C 123 -99.92 75.91 -31.70
CA ALA C 123 -100.81 76.75 -32.49
C ALA C 123 -100.05 77.87 -33.18
N LEU C 124 -99.01 78.40 -32.52
CA LEU C 124 -98.27 79.51 -33.11
C LEU C 124 -97.29 79.02 -34.18
N VAL C 125 -96.81 77.79 -34.07
CA VAL C 125 -95.88 77.27 -35.08
C VAL C 125 -96.63 76.89 -36.36
N ALA C 126 -97.78 76.21 -36.22
CA ALA C 126 -98.55 75.79 -37.38
C ALA C 126 -99.20 76.96 -38.12
N LEU C 127 -99.54 78.03 -37.40
CA LEU C 127 -100.09 79.29 -37.91
C LEU C 127 -101.38 79.10 -38.70
N ASN D 1 -94.38 89.90 -40.60
CA ASN D 1 -95.47 89.11 -40.06
C ASN D 1 -94.95 87.84 -39.41
N LYS D 2 -94.21 87.06 -40.21
CA LYS D 2 -93.67 85.79 -39.76
C LYS D 2 -92.64 86.00 -38.66
N SER D 3 -91.85 87.07 -38.78
CA SER D 3 -90.80 87.35 -37.80
C SER D 3 -91.40 87.72 -36.45
N LEU D 4 -92.60 88.32 -36.46
CA LEU D 4 -93.27 88.61 -35.19
C LEU D 4 -93.77 87.33 -34.54
N VAL D 5 -94.21 86.36 -35.37
CA VAL D 5 -94.62 85.07 -34.85
C VAL D 5 -93.43 84.35 -34.24
N ASP D 6 -92.26 84.44 -34.88
CA ASP D 6 -91.06 83.81 -34.34
C ASP D 6 -90.58 84.49 -33.07
N GLN D 7 -90.76 85.82 -32.97
CA GLN D 7 -90.44 86.51 -31.73
C GLN D 7 -91.37 86.08 -30.60
N MET D 8 -92.64 85.82 -30.93
CA MET D 8 -93.55 85.26 -29.94
C MET D 8 -93.15 83.84 -29.55
N LEU D 9 -92.55 83.10 -30.48
CA LEU D 9 -92.05 81.77 -30.14
C LEU D 9 -90.84 81.84 -29.21
N VAL D 10 -89.96 82.82 -29.41
CA VAL D 10 -88.78 82.96 -28.55
C VAL D 10 -89.19 83.41 -27.14
N GLU D 11 -90.14 84.35 -27.06
CA GLU D 11 -90.61 84.79 -25.75
C GLU D 11 -91.39 83.70 -25.04
N LEU D 12 -92.16 82.92 -25.79
CA LEU D 12 -92.92 81.83 -25.17
C LEU D 12 -92.01 80.72 -24.70
N ASP D 13 -90.93 80.44 -25.45
CA ASP D 13 -89.94 79.47 -25.00
C ASP D 13 -89.18 79.98 -23.79
N LYS D 14 -89.05 81.31 -23.66
CA LYS D 14 -88.49 81.88 -22.44
C LYS D 14 -89.44 81.66 -21.26
N LYS D 15 -90.74 81.67 -21.52
CA LYS D 15 -91.68 81.44 -20.44
C LYS D 15 -91.71 79.98 -19.99
N ILE D 16 -91.82 79.06 -20.95
CA ILE D 16 -91.93 77.64 -20.60
C ILE D 16 -90.60 77.11 -20.07
N SER D 17 -89.48 77.58 -20.64
CA SER D 17 -88.18 77.21 -20.09
C SER D 17 -87.95 77.87 -18.74
N ALA D 18 -88.53 79.05 -18.52
CA ALA D 18 -88.39 79.71 -17.24
C ALA D 18 -89.11 78.95 -16.14
N GLN D 19 -90.26 78.36 -16.45
CA GLN D 19 -90.94 77.54 -15.44
C GLN D 19 -90.27 76.18 -15.28
N MET D 20 -89.82 75.61 -16.40
CA MET D 20 -89.23 74.27 -16.39
C MET D 20 -87.93 74.26 -15.61
N ASP D 21 -87.21 75.38 -15.64
CA ASP D 21 -86.05 75.55 -14.76
C ASP D 21 -86.45 75.50 -13.29
N GLU D 22 -87.67 75.92 -12.96
CA GLU D 22 -88.07 75.89 -11.56
C GLU D 22 -88.56 74.51 -11.15
N ILE D 23 -89.18 73.76 -12.07
CA ILE D 23 -89.62 72.43 -11.69
C ILE D 23 -88.42 71.48 -11.58
N LEU D 24 -87.53 71.51 -12.57
CA LEU D 24 -86.42 70.56 -12.58
C LEU D 24 -85.38 70.85 -11.50
N HIS D 25 -85.38 72.03 -10.91
CA HIS D 25 -84.45 72.30 -9.83
C HIS D 25 -85.09 72.13 -8.48
N ASN D 26 -86.25 71.47 -8.41
CA ASN D 26 -86.91 71.23 -7.14
C ASN D 26 -86.13 70.20 -6.34
N SER D 27 -85.99 70.47 -5.03
CA SER D 27 -85.08 69.70 -4.20
C SER D 27 -85.55 68.27 -4.01
N GLN D 28 -86.85 68.08 -3.76
CA GLN D 28 -87.41 66.74 -3.69
C GLN D 28 -87.29 66.05 -5.05
N PHE D 29 -87.45 66.82 -6.12
CA PHE D 29 -87.33 66.26 -7.46
C PHE D 29 -85.88 65.94 -7.78
N GLN D 30 -84.96 66.70 -7.20
CA GLN D 30 -83.56 66.33 -7.35
C GLN D 30 -83.23 65.11 -6.53
N ALA D 31 -83.96 64.88 -5.44
CA ALA D 31 -83.73 63.68 -4.65
C ALA D 31 -84.21 62.44 -5.40
N MET D 32 -85.41 62.53 -5.98
CA MET D 32 -85.96 61.40 -6.73
C MET D 32 -85.14 61.14 -7.98
N GLU D 33 -84.89 62.19 -8.76
CA GLU D 33 -84.18 62.04 -10.03
C GLU D 33 -82.74 61.64 -9.79
N SER D 34 -82.15 62.15 -8.72
CA SER D 34 -80.78 61.79 -8.40
C SER D 34 -80.68 60.34 -7.97
N ALA D 35 -81.65 59.87 -7.16
CA ALA D 35 -81.62 58.51 -6.68
C ALA D 35 -81.85 57.53 -7.81
N TRP D 36 -82.86 57.78 -8.64
CA TRP D 36 -83.17 56.81 -9.67
C TRP D 36 -82.22 56.88 -10.85
N ARG D 37 -81.87 58.08 -11.30
CA ARG D 37 -80.98 58.18 -12.44
C ARG D 37 -79.58 57.74 -12.06
N GLY D 38 -79.16 58.07 -10.84
CA GLY D 38 -77.92 57.51 -10.32
C GLY D 38 -78.01 56.01 -10.16
N LEU D 39 -79.21 55.49 -9.86
CA LEU D 39 -79.37 54.06 -9.70
C LEU D 39 -79.19 53.35 -11.04
N LYS D 40 -79.72 53.94 -12.12
CA LYS D 40 -79.48 53.32 -13.42
C LYS D 40 -78.03 53.45 -13.82
N LEU D 41 -77.38 54.53 -13.39
CA LEU D 41 -75.95 54.69 -13.64
C LEU D 41 -75.14 53.60 -12.96
N PHE D 42 -75.57 53.17 -11.78
CA PHE D 42 -74.94 52.01 -11.17
C PHE D 42 -75.32 50.72 -11.89
N VAL D 43 -76.58 50.61 -12.32
CA VAL D 43 -77.09 49.32 -12.79
C VAL D 43 -76.47 48.94 -14.13
N ASP D 44 -76.49 49.86 -15.10
CA ASP D 44 -76.07 49.45 -16.43
C ASP D 44 -74.58 49.29 -16.60
N ARG D 45 -73.78 49.72 -15.62
CA ARG D 45 -72.34 49.56 -15.70
C ARG D 45 -71.86 48.26 -15.10
N THR D 46 -72.74 47.50 -14.49
CA THR D 46 -72.37 46.20 -13.94
C THR D 46 -72.64 45.13 -15.00
N ASP D 47 -72.49 43.86 -14.61
CA ASP D 47 -72.62 42.76 -15.56
C ASP D 47 -73.36 41.62 -14.89
N PHE D 48 -74.68 41.58 -15.07
CA PHE D 48 -75.53 40.63 -14.35
C PHE D 48 -75.50 39.25 -14.95
N ARG D 49 -74.83 39.05 -16.05
CA ARG D 49 -74.59 37.70 -16.51
C ARG D 49 -73.38 37.05 -15.86
N GLU D 50 -72.79 37.69 -14.86
CA GLU D 50 -71.73 37.08 -14.07
C GLU D 50 -72.09 36.98 -12.60
N ASN D 51 -73.36 36.64 -12.31
CA ASN D 51 -73.86 36.35 -10.97
C ASN D 51 -73.71 37.53 -10.02
N ASN D 52 -74.38 38.62 -10.32
CA ASN D 52 -74.49 39.75 -9.42
C ASN D 52 -75.95 40.10 -9.27
N LYS D 53 -76.39 40.34 -8.04
CA LYS D 53 -77.75 40.78 -7.86
C LYS D 53 -77.77 42.05 -7.04
N VAL D 54 -78.55 43.01 -7.48
CA VAL D 54 -78.72 44.23 -6.72
C VAL D 54 -80.17 44.31 -6.29
N GLU D 55 -80.37 44.48 -4.99
CA GLU D 55 -81.69 44.55 -4.43
C GLU D 55 -81.92 45.95 -3.89
N ILE D 56 -83.17 46.33 -3.85
CA ILE D 56 -83.59 47.69 -3.53
C ILE D 56 -84.49 47.63 -2.33
N LEU D 57 -84.22 48.45 -1.32
CA LEU D 57 -85.12 48.58 -0.19
C LEU D 57 -85.30 50.05 0.13
N HIS D 58 -86.51 50.56 -0.07
CA HIS D 58 -86.82 51.96 0.16
C HIS D 58 -86.78 52.29 1.64
N VAL D 59 -85.71 52.92 2.09
CA VAL D 59 -85.60 53.31 3.50
C VAL D 59 -85.10 54.73 3.55
N THR D 60 -85.77 55.59 4.29
CA THR D 60 -85.19 56.88 4.61
C THR D 60 -84.48 56.81 5.96
N LYS D 61 -83.64 57.81 6.24
CA LYS D 61 -82.76 57.77 7.41
C LYS D 61 -83.55 57.77 8.70
N ASP D 62 -84.69 58.46 8.70
CA ASP D 62 -85.44 58.64 9.93
C ASP D 62 -86.10 57.34 10.37
N GLU D 63 -86.29 56.41 9.44
CA GLU D 63 -86.81 55.14 9.90
C GLU D 63 -85.72 54.10 10.10
N LEU D 64 -84.48 54.37 9.68
CA LEU D 64 -83.38 53.57 10.22
C LEU D 64 -83.13 53.94 11.68
N LEU D 65 -83.22 55.22 12.00
CA LEU D 65 -82.97 55.60 13.38
C LEU D 65 -84.15 55.29 14.26
N GLU D 66 -85.37 55.57 13.79
CA GLU D 66 -86.57 55.20 14.52
C GLU D 66 -86.69 53.68 14.62
N ASP D 67 -86.22 52.98 13.60
CA ASP D 67 -86.27 51.52 13.62
C ASP D 67 -85.29 50.94 14.60
N PHE D 68 -84.04 51.36 14.52
CA PHE D 68 -83.01 50.85 15.41
C PHE D 68 -83.28 51.21 16.86
N GLU D 69 -83.76 52.42 17.12
CA GLU D 69 -84.09 52.74 18.50
C GLU D 69 -85.36 52.05 18.95
N PHE D 70 -86.27 51.78 18.03
CA PHE D 70 -87.48 51.04 18.41
C PHE D 70 -87.15 49.57 18.61
N ALA D 71 -86.10 49.09 17.97
CA ALA D 71 -85.65 47.74 18.17
C ALA D 71 -84.93 47.65 19.52
N PRO D 72 -85.08 46.53 20.24
CA PRO D 72 -84.50 46.43 21.58
C PRO D 72 -82.99 46.32 21.55
N GLU D 73 -82.46 45.93 20.40
CA GLU D 73 -81.02 45.87 20.19
C GLU D 73 -80.79 45.98 18.70
N THR D 74 -79.57 45.64 18.26
CA THR D 74 -79.35 45.61 16.82
C THR D 74 -79.84 44.31 16.23
N ALA D 75 -80.00 43.28 17.06
CA ALA D 75 -80.20 41.94 16.55
C ALA D 75 -81.65 41.59 16.30
N GLN D 76 -82.58 42.52 16.42
CA GLN D 76 -83.97 42.22 16.13
C GLN D 76 -84.63 43.30 15.29
N SER D 77 -83.86 44.16 14.64
CA SER D 77 -84.45 45.20 13.83
C SER D 77 -84.98 44.61 12.52
N GLY D 78 -85.57 45.49 11.71
CA GLY D 78 -86.00 45.06 10.40
C GLY D 78 -84.85 44.79 9.46
N LEU D 79 -83.88 45.71 9.41
CA LEU D 79 -82.81 45.61 8.44
C LEU D 79 -81.88 44.45 8.78
N TYR D 80 -81.80 44.09 10.05
CA TYR D 80 -81.06 42.90 10.43
C TYR D 80 -81.75 41.65 9.93
N LYS D 81 -83.06 41.71 9.75
CA LYS D 81 -83.78 40.56 9.22
C LYS D 81 -83.76 40.52 7.71
N HIS D 82 -83.54 41.67 7.06
CA HIS D 82 -83.42 41.62 5.60
C HIS D 82 -82.00 41.30 5.17
N VAL D 83 -81.02 41.62 5.99
CA VAL D 83 -79.63 41.39 5.63
C VAL D 83 -79.15 40.07 6.21
N TYR D 84 -79.27 39.92 7.53
CA TYR D 84 -78.69 38.76 8.19
C TYR D 84 -79.59 37.53 8.09
N SER D 85 -80.81 37.66 8.58
CA SER D 85 -81.63 36.48 8.86
C SER D 85 -82.21 35.89 7.58
N ALA D 86 -82.59 36.74 6.64
CA ALA D 86 -83.05 36.22 5.37
C ALA D 86 -81.91 35.90 4.43
N GLY D 87 -80.69 36.27 4.79
CA GLY D 87 -79.53 36.01 3.98
C GLY D 87 -78.57 35.04 4.62
N TYR D 88 -77.56 35.63 5.28
CA TYR D 88 -76.32 34.94 5.64
C TYR D 88 -76.56 33.77 6.58
N GLY D 89 -77.50 33.89 7.48
CA GLY D 89 -77.70 32.87 8.47
C GLY D 89 -78.92 32.01 8.22
N GLN D 90 -79.38 31.96 6.98
CA GLN D 90 -80.54 31.16 6.62
C GLN D 90 -80.05 29.94 5.85
N PHE D 91 -80.63 28.78 6.15
CA PHE D 91 -80.23 27.55 5.49
C PHE D 91 -80.54 27.63 4.00
N GLY D 92 -79.49 27.76 3.20
CA GLY D 92 -79.61 27.78 1.77
C GLY D 92 -79.62 29.15 1.14
N GLY D 93 -79.65 30.22 1.92
CA GLY D 93 -79.67 31.56 1.39
C GLY D 93 -78.34 31.99 0.84
N GLU D 94 -78.23 33.28 0.55
CA GLU D 94 -77.03 33.82 -0.07
C GLU D 94 -76.58 35.02 0.75
N PRO D 95 -75.29 35.23 0.90
CA PRO D 95 -74.84 36.30 1.78
C PRO D 95 -74.93 37.66 1.13
N VAL D 96 -75.08 38.70 1.95
CA VAL D 96 -75.03 40.07 1.44
C VAL D 96 -73.59 40.50 1.30
N GLY D 97 -73.18 40.87 0.09
CA GLY D 97 -71.78 41.15 -0.16
C GLY D 97 -71.39 42.54 0.29
N ALA D 98 -72.23 43.53 -0.02
CA ALA D 98 -71.94 44.92 0.33
C ALA D 98 -73.27 45.66 0.43
N ILE D 99 -73.25 46.76 1.18
CA ILE D 99 -74.43 47.59 1.35
C ILE D 99 -74.06 48.99 0.93
N ILE D 100 -74.84 49.56 0.04
CA ILE D 100 -74.58 50.87 -0.50
C ILE D 100 -75.67 51.81 -0.01
N GLY D 101 -75.28 52.88 0.67
CA GLY D 101 -76.23 53.81 1.23
C GLY D 101 -76.33 55.05 0.36
N ASN D 102 -77.52 55.29 -0.16
CA ASN D 102 -77.79 56.49 -0.94
C ASN D 102 -78.23 57.59 0.03
N TYR D 103 -77.32 57.95 0.92
CA TYR D 103 -77.58 58.89 1.98
C TYR D 103 -76.54 60.00 1.93
N ALA D 104 -76.69 60.96 2.82
CA ALA D 104 -75.66 61.96 3.07
C ALA D 104 -75.58 62.18 4.58
N PHE D 105 -74.37 62.18 5.12
CA PHE D 105 -74.19 62.16 6.56
C PHE D 105 -73.63 63.48 7.06
N THR D 106 -74.17 63.93 8.18
CA THR D 106 -73.81 65.17 8.85
C THR D 106 -73.13 64.79 10.15
N PRO D 107 -72.54 65.71 10.91
CA PRO D 107 -72.08 65.36 12.26
C PRO D 107 -73.17 65.32 13.30
N SER D 108 -74.44 65.29 12.91
CA SER D 108 -75.51 65.26 13.90
C SER D 108 -75.56 63.91 14.58
N THR D 109 -75.85 63.96 15.88
CA THR D 109 -75.97 62.77 16.72
C THR D 109 -76.89 61.67 16.16
N PRO D 110 -78.01 61.95 15.46
CA PRO D 110 -78.69 60.86 14.76
C PRO D 110 -77.82 60.16 13.71
N ASP D 111 -76.97 60.89 12.99
CA ASP D 111 -76.19 60.25 11.94
C ASP D 111 -75.09 59.39 12.53
N MET D 112 -74.47 59.82 13.62
CA MET D 112 -73.39 59.04 14.17
C MET D 112 -73.92 57.85 14.98
N LYS D 113 -75.12 57.98 15.53
CA LYS D 113 -75.75 56.79 16.09
C LYS D 113 -76.13 55.81 15.00
N LEU D 114 -76.52 56.34 13.83
CA LEU D 114 -76.79 55.50 12.67
C LEU D 114 -75.54 54.75 12.24
N LEU D 115 -74.38 55.40 12.24
CA LEU D 115 -73.19 54.69 11.80
C LEU D 115 -72.65 53.75 12.87
N GLN D 116 -72.94 54.00 14.14
CA GLN D 116 -72.57 53.00 15.13
C GLN D 116 -73.38 51.73 14.92
N TYR D 117 -74.68 51.89 14.70
CA TYR D 117 -75.51 50.72 14.52
C TYR D 117 -75.23 50.01 13.20
N MET D 118 -74.97 50.75 12.13
CA MET D 118 -74.65 50.08 10.87
C MET D 118 -73.25 49.48 10.90
N GLY D 119 -72.40 49.98 11.79
CA GLY D 119 -71.19 49.24 12.10
C GLY D 119 -71.49 47.91 12.74
N ALA D 120 -72.52 47.87 13.59
CA ALA D 120 -72.87 46.61 14.24
C ALA D 120 -73.49 45.63 13.25
N LEU D 121 -74.36 46.13 12.37
CA LEU D 121 -74.96 45.26 11.35
C LEU D 121 -73.91 44.76 10.38
N GLY D 122 -72.99 45.63 9.99
CA GLY D 122 -71.87 45.19 9.19
C GLY D 122 -70.96 44.22 9.92
N ALA D 123 -71.00 44.25 11.25
CA ALA D 123 -70.21 43.28 12.00
C ALA D 123 -70.84 41.91 11.97
N MET D 124 -72.13 41.81 12.26
CA MET D 124 -72.71 40.49 12.37
C MET D 124 -73.08 39.92 11.01
N ALA D 125 -73.10 40.75 9.97
CA ALA D 125 -73.54 40.23 8.69
C ALA D 125 -72.48 40.31 7.60
N HIS D 126 -71.28 40.80 7.93
CA HIS D 126 -70.14 40.91 7.03
C HIS D 126 -70.47 41.67 5.75
N ALA D 127 -71.02 42.86 5.91
CA ALA D 127 -71.41 43.67 4.80
C ALA D 127 -70.86 45.07 5.06
N PRO D 128 -69.93 45.54 4.24
CA PRO D 128 -69.45 46.91 4.41
C PRO D 128 -70.51 47.89 3.98
N PHE D 129 -70.65 48.96 4.76
CA PHE D 129 -71.63 50.00 4.48
C PHE D 129 -70.90 51.18 3.86
N ILE D 130 -71.38 51.64 2.72
CA ILE D 130 -70.76 52.74 1.98
C ILE D 130 -71.79 53.84 1.84
N SER D 131 -71.38 55.08 2.05
CA SER D 131 -72.34 56.17 1.96
C SER D 131 -71.60 57.42 1.49
N SER D 132 -72.24 58.58 1.67
CA SER D 132 -71.64 59.82 1.25
C SER D 132 -71.52 60.80 2.41
N VAL D 133 -70.36 61.43 2.46
CA VAL D 133 -70.14 62.58 3.33
C VAL D 133 -70.74 63.79 2.66
N GLY D 134 -71.64 64.45 3.38
CA GLY D 134 -72.29 65.63 2.88
C GLY D 134 -71.38 66.83 2.95
N PRO D 135 -71.80 67.94 2.35
CA PRO D 135 -70.96 69.12 2.34
C PRO D 135 -70.75 69.75 3.71
N GLU D 136 -71.73 69.68 4.61
CA GLU D 136 -71.52 70.34 5.89
C GLU D 136 -70.80 69.46 6.90
N PHE D 137 -70.26 68.32 6.46
CA PHE D 137 -69.50 67.51 7.39
C PHE D 137 -68.11 68.09 7.63
N PHE D 138 -67.63 68.92 6.72
CA PHE D 138 -66.30 69.49 6.84
C PHE D 138 -66.36 70.88 7.41
N GLY D 139 -67.56 71.39 7.66
CA GLY D 139 -67.73 72.72 8.21
C GLY D 139 -67.96 73.81 7.19
N ILE D 140 -68.17 73.46 5.93
CA ILE D 140 -68.26 74.46 4.87
C ILE D 140 -69.61 74.34 4.18
N ASP D 141 -69.83 75.25 3.21
CA ASP D 141 -71.11 75.34 2.54
C ASP D 141 -71.30 74.20 1.56
N SER D 142 -70.47 74.15 0.53
CA SER D 142 -70.53 73.11 -0.47
C SER D 142 -69.11 72.75 -0.84
N PHE D 143 -68.97 71.74 -1.70
CA PHE D 143 -67.66 71.13 -1.90
C PHE D 143 -66.70 71.99 -2.69
N GLU D 144 -67.13 73.12 -3.19
CA GLU D 144 -66.22 73.92 -4.00
C GLU D 144 -65.29 74.79 -3.17
N GLU D 145 -65.02 74.46 -1.91
CA GLU D 145 -63.98 75.13 -1.14
C GLU D 145 -62.96 74.18 -0.54
N LEU D 146 -62.89 72.94 -1.02
CA LEU D 146 -61.76 72.09 -0.65
C LEU D 146 -60.39 72.61 -1.09
N PRO D 147 -60.24 73.36 -2.18
CA PRO D 147 -58.99 74.12 -2.32
C PRO D 147 -58.86 75.29 -1.35
N ASN D 148 -59.91 75.66 -0.64
CA ASN D 148 -59.82 76.82 0.23
C ASN D 148 -59.72 76.47 1.71
N ILE D 149 -59.72 75.20 2.08
CA ILE D 149 -59.53 74.83 3.47
C ILE D 149 -58.07 74.54 3.70
N LYS D 150 -57.48 75.19 4.71
CA LYS D 150 -56.04 75.11 4.89
C LYS D 150 -55.58 73.77 5.43
N ASP D 151 -56.31 73.19 6.38
CA ASP D 151 -55.84 71.95 7.00
C ASP D 151 -56.99 71.16 7.57
N LEU D 152 -57.12 69.89 7.15
CA LEU D 152 -58.25 69.08 7.61
C LEU D 152 -57.93 68.40 8.93
N LYS D 153 -56.67 68.01 9.13
CA LYS D 153 -56.27 67.33 10.35
C LYS D 153 -56.44 68.23 11.56
N SER D 154 -56.22 69.54 11.38
CA SER D 154 -56.48 70.47 12.47
C SER D 154 -57.94 70.93 12.48
N THR D 155 -58.68 70.69 11.41
CA THR D 155 -60.10 70.98 11.43
C THR D 155 -60.84 70.00 12.31
N PHE D 156 -60.49 68.73 12.22
CA PHE D 156 -61.25 67.72 12.96
C PHE D 156 -60.92 67.62 14.44
N GLU D 157 -60.21 68.58 15.03
CA GLU D 157 -60.03 68.51 16.47
C GLU D 157 -61.04 69.33 17.25
N SER D 158 -61.98 69.98 16.57
CA SER D 158 -62.96 70.80 17.24
C SER D 158 -63.92 69.93 18.05
N PRO D 159 -64.50 70.46 19.12
CA PRO D 159 -65.48 69.68 19.89
C PRO D 159 -66.79 69.43 19.17
N LYS D 160 -66.97 69.95 17.96
CA LYS D 160 -68.10 69.54 17.15
C LYS D 160 -67.98 68.08 16.75
N TYR D 161 -66.76 67.59 16.57
CA TYR D 161 -66.53 66.30 15.94
C TYR D 161 -66.16 65.23 16.96
N THR D 162 -66.48 65.45 18.24
CA THR D 162 -66.07 64.54 19.31
C THR D 162 -66.73 63.18 19.14
N LYS D 163 -67.97 63.16 18.66
CA LYS D 163 -68.63 61.90 18.42
C LYS D 163 -67.99 61.17 17.25
N TRP D 164 -67.55 61.91 16.24
CA TRP D 164 -66.89 61.30 15.08
C TRP D 164 -65.56 60.66 15.46
N ARG D 165 -64.75 61.36 16.26
CA ARG D 165 -63.52 60.75 16.72
C ARG D 165 -63.78 59.65 17.72
N SER D 166 -64.95 59.66 18.33
CA SER D 166 -65.31 58.48 19.10
C SER D 166 -65.75 57.35 18.17
N LEU D 167 -66.10 57.67 16.92
CA LEU D 167 -66.57 56.63 16.02
C LEU D 167 -65.44 55.92 15.30
N ARG D 168 -64.40 56.67 14.89
CA ARG D 168 -63.28 56.04 14.20
C ARG D 168 -62.53 55.06 15.07
N GLU D 169 -62.42 55.32 16.36
CA GLU D 169 -61.67 54.44 17.23
C GLU D 169 -62.43 53.19 17.58
N SER D 170 -63.70 53.09 17.23
CA SER D 170 -64.46 51.90 17.55
C SER D 170 -64.00 50.74 16.69
N GLU D 171 -64.18 49.53 17.20
CA GLU D 171 -63.70 48.37 16.48
C GLU D 171 -64.61 47.96 15.34
N ASP D 172 -65.77 48.59 15.19
CA ASP D 172 -66.64 48.30 14.06
C ASP D 172 -66.47 49.27 12.91
N ALA D 173 -65.48 50.14 12.95
CA ALA D 173 -65.29 51.06 11.84
C ALA D 173 -64.53 50.42 10.68
N ARG D 174 -64.23 49.13 10.75
CA ARG D 174 -63.74 48.45 9.56
C ARG D 174 -64.80 48.34 8.49
N TYR D 175 -66.06 48.41 8.87
CA TYR D 175 -67.16 48.06 7.98
C TYR D 175 -67.88 49.28 7.43
N LEU D 176 -67.36 50.47 7.65
CA LEU D 176 -67.95 51.67 7.09
C LEU D 176 -66.96 52.29 6.13
N GLY D 177 -67.47 52.97 5.12
CA GLY D 177 -66.63 53.81 4.30
C GLY D 177 -67.44 54.99 3.87
N LEU D 178 -66.98 56.20 4.16
CA LEU D 178 -67.72 57.38 3.78
C LEU D 178 -66.97 58.06 2.65
N THR D 179 -67.70 58.42 1.60
CA THR D 179 -67.05 58.89 0.39
C THR D 179 -67.21 60.39 0.23
N ALA D 180 -66.14 61.00 -0.25
CA ALA D 180 -65.95 62.42 -0.55
C ALA D 180 -66.39 62.61 -2.01
N PRO D 181 -66.17 63.76 -2.67
CA PRO D 181 -67.28 64.52 -3.25
C PRO D 181 -68.06 63.81 -4.35
N ARG D 182 -69.25 64.35 -4.61
CA ARG D 182 -70.23 63.75 -5.51
C ARG D 182 -69.81 63.97 -6.97
N PHE D 183 -70.65 63.57 -7.92
CA PHE D 183 -70.33 63.80 -9.32
C PHE D 183 -71.59 63.92 -10.14
N LEU D 184 -71.43 64.43 -11.37
CA LEU D 184 -72.55 64.69 -12.25
C LEU D 184 -73.20 63.42 -12.75
N LEU D 185 -74.51 63.45 -12.92
CA LEU D 185 -75.21 62.37 -13.59
C LEU D 185 -75.59 62.71 -15.01
N ARG D 186 -75.92 63.97 -15.26
CA ARG D 186 -76.66 64.37 -16.43
C ARG D 186 -76.12 65.68 -16.99
N VAL D 187 -75.85 65.69 -18.28
CA VAL D 187 -75.50 66.93 -18.97
C VAL D 187 -76.67 67.88 -18.87
N PRO D 188 -76.45 69.13 -18.48
CA PRO D 188 -77.53 70.12 -18.53
C PRO D 188 -77.99 70.35 -19.96
N TYR D 189 -79.29 70.58 -20.11
CA TYR D 189 -79.95 70.56 -21.41
C TYR D 189 -79.56 71.73 -22.28
N ASP D 190 -79.83 71.59 -23.56
CA ASP D 190 -79.31 72.49 -24.54
C ASP D 190 -80.17 72.12 -25.75
N PRO D 191 -80.32 73.00 -26.73
CA PRO D 191 -81.04 72.60 -27.95
C PRO D 191 -80.34 71.51 -28.73
N ILE D 192 -79.02 71.55 -28.73
CA ILE D 192 -78.21 70.65 -29.54
C ILE D 192 -77.68 69.47 -28.72
N GLU D 193 -77.06 69.77 -27.57
CA GLU D 193 -76.21 68.79 -26.88
C GLU D 193 -77.01 67.69 -26.20
N ASN D 194 -78.18 67.99 -25.68
CA ASN D 194 -79.01 66.94 -25.13
C ASN D 194 -80.45 67.38 -25.32
N PRO D 195 -81.01 67.14 -26.50
CA PRO D 195 -82.24 67.84 -26.88
C PRO D 195 -83.48 67.23 -26.26
N VAL D 196 -84.57 67.99 -26.37
CA VAL D 196 -85.88 67.59 -25.93
C VAL D 196 -86.81 67.59 -27.13
N LYS D 197 -87.85 66.76 -27.07
CA LYS D 197 -88.75 66.63 -28.21
C LYS D 197 -89.84 67.69 -28.17
N SER D 198 -90.14 68.23 -29.36
CA SER D 198 -91.25 69.14 -29.64
C SER D 198 -91.17 70.46 -28.87
N PHE D 199 -89.99 70.83 -28.39
CA PHE D 199 -89.83 72.07 -27.64
C PHE D 199 -88.40 72.55 -27.68
N ASN D 200 -88.20 73.86 -27.58
CA ASN D 200 -86.87 74.45 -27.47
C ASN D 200 -86.59 74.81 -26.01
N TYR D 201 -85.76 74.00 -25.37
CA TYR D 201 -85.38 74.21 -23.97
C TYR D 201 -83.89 74.43 -23.84
N ALA D 202 -83.52 75.45 -23.07
CA ALA D 202 -82.12 75.78 -22.81
C ALA D 202 -81.96 75.99 -21.31
N GLU D 203 -81.38 75.00 -20.63
CA GLU D 203 -81.30 75.05 -19.17
C GLU D 203 -80.29 76.09 -18.74
N ASN D 204 -80.79 77.15 -18.15
CA ASN D 204 -79.97 78.28 -17.72
C ASN D 204 -79.49 77.96 -16.31
N VAL D 205 -78.36 77.26 -16.22
CA VAL D 205 -77.78 76.98 -14.92
C VAL D 205 -76.96 78.19 -14.49
N SER D 206 -77.19 78.64 -13.26
CA SER D 206 -76.56 79.83 -12.72
C SER D 206 -75.15 79.55 -12.26
N ALA D 207 -74.59 80.48 -11.48
CA ALA D 207 -73.31 80.25 -10.83
C ALA D 207 -73.42 79.30 -9.64
N SER D 208 -74.57 79.22 -9.00
CA SER D 208 -74.76 78.31 -7.86
C SER D 208 -74.86 76.90 -8.40
N HIS D 209 -73.94 76.04 -7.99
CA HIS D 209 -73.83 74.74 -8.65
C HIS D 209 -74.75 73.70 -8.06
N GLU D 210 -75.72 74.07 -7.24
CA GLU D 210 -76.73 73.10 -6.86
C GLU D 210 -77.71 72.81 -7.99
N HIS D 211 -77.69 73.59 -9.06
CA HIS D 211 -78.67 73.41 -10.12
C HIS D 211 -78.35 72.21 -10.98
N TYR D 212 -77.10 71.77 -11.01
CA TYR D 212 -76.76 70.51 -11.62
C TYR D 212 -77.41 69.36 -10.87
N LEU D 213 -77.56 68.22 -11.54
CA LEU D 213 -78.05 67.02 -10.87
C LEU D 213 -76.85 66.26 -10.33
N TRP D 214 -76.65 66.32 -9.02
CA TRP D 214 -75.53 65.60 -8.43
C TRP D 214 -75.97 64.23 -7.95
N GLY D 215 -75.22 63.21 -8.35
CA GLY D 215 -75.54 61.88 -7.91
C GLY D 215 -74.64 61.45 -6.79
N ASN D 216 -74.92 60.31 -6.18
CA ASN D 216 -74.12 59.86 -5.05
C ASN D 216 -72.86 59.20 -5.57
N THR D 217 -71.78 59.30 -4.77
CA THR D 217 -70.52 58.65 -5.12
C THR D 217 -70.59 57.17 -4.85
N ALA D 218 -71.37 56.77 -3.84
CA ALA D 218 -71.37 55.40 -3.36
C ALA D 218 -71.91 54.44 -4.41
N PHE D 219 -72.75 54.95 -5.31
CA PHE D 219 -73.13 54.18 -6.48
C PHE D 219 -71.93 53.90 -7.38
N ALA D 220 -71.08 54.90 -7.63
CA ALA D 220 -69.93 54.67 -8.51
C ALA D 220 -68.95 53.71 -7.86
N PHE D 221 -68.77 53.84 -6.56
CA PHE D 221 -67.94 52.88 -5.83
C PHE D 221 -68.55 51.48 -5.90
N ALA D 222 -69.87 51.40 -5.95
CA ALA D 222 -70.52 50.11 -6.07
C ALA D 222 -70.36 49.53 -7.48
N THR D 223 -70.26 50.39 -8.50
CA THR D 223 -69.91 49.89 -9.82
C THR D 223 -68.53 49.30 -9.82
N ARG D 224 -67.62 49.87 -9.03
CA ARG D 224 -66.28 49.31 -9.00
C ARG D 224 -66.23 47.98 -8.24
N LEU D 225 -67.04 47.84 -7.18
CA LEU D 225 -67.12 46.56 -6.50
C LEU D 225 -67.70 45.48 -7.39
N THR D 226 -68.86 45.76 -8.00
CA THR D 226 -69.55 44.72 -8.75
C THR D 226 -68.84 44.38 -10.04
N ASP D 227 -68.22 45.38 -10.68
CA ASP D 227 -67.44 45.08 -11.88
C ASP D 227 -66.18 44.29 -11.56
N SER D 228 -65.53 44.61 -10.44
CA SER D 228 -64.36 43.84 -10.06
C SER D 228 -64.73 42.41 -9.74
N PHE D 229 -65.91 42.20 -9.16
CA PHE D 229 -66.36 40.85 -8.88
C PHE D 229 -66.75 40.12 -10.15
N ALA D 230 -67.25 40.86 -11.15
CA ALA D 230 -67.65 40.21 -12.39
C ALA D 230 -66.42 39.80 -13.19
N LYS D 231 -65.34 40.56 -13.07
CA LYS D 231 -64.13 40.11 -13.75
C LYS D 231 -63.46 38.97 -12.99
N TYR D 232 -63.29 39.11 -11.67
CA TYR D 232 -62.29 38.33 -10.97
C TYR D 232 -62.80 37.50 -9.81
N ARG D 233 -64.11 37.43 -9.58
CA ARG D 233 -64.75 36.68 -8.50
C ARG D 233 -64.30 37.08 -7.11
N TRP D 234 -63.75 38.27 -6.95
CA TRP D 234 -63.40 38.83 -5.67
C TRP D 234 -63.55 40.33 -5.77
N CYS D 235 -63.36 41.05 -4.67
CA CYS D 235 -63.31 42.50 -4.75
C CYS D 235 -62.10 43.13 -4.07
N PRO D 236 -60.86 42.85 -4.50
CA PRO D 236 -59.77 43.66 -3.98
C PRO D 236 -59.35 44.76 -4.93
N ASN D 237 -59.89 44.79 -6.15
CA ASN D 237 -59.37 45.65 -7.19
C ASN D 237 -60.30 46.85 -7.39
N ILE D 238 -60.19 47.81 -6.48
CA ILE D 238 -60.99 49.02 -6.57
C ILE D 238 -60.16 50.27 -6.35
N ILE D 239 -58.84 50.16 -6.44
CA ILE D 239 -57.99 51.22 -5.90
C ILE D 239 -56.98 51.84 -6.85
N GLY D 240 -57.32 51.99 -8.11
CA GLY D 240 -56.34 52.58 -9.00
C GLY D 240 -56.90 53.15 -10.27
N PRO D 241 -56.07 53.94 -10.96
CA PRO D 241 -56.41 54.28 -12.34
C PRO D 241 -56.31 53.09 -13.28
N GLN D 242 -55.54 52.08 -12.91
CA GLN D 242 -55.40 50.91 -13.76
C GLN D 242 -55.66 49.60 -13.06
N SER D 243 -55.64 49.57 -11.73
CA SER D 243 -55.81 48.30 -11.03
C SER D 243 -57.26 47.87 -11.00
N GLY D 244 -58.18 48.78 -11.31
CA GLY D 244 -59.57 48.40 -11.42
C GLY D 244 -60.51 49.50 -10.96
N GLY D 245 -59.98 50.47 -10.23
CA GLY D 245 -60.83 51.46 -9.62
C GLY D 245 -61.20 52.61 -10.50
N ALA D 246 -60.84 52.56 -11.78
CA ALA D 246 -61.10 53.66 -12.68
C ALA D 246 -62.58 53.72 -13.03
N VAL D 247 -63.21 54.83 -12.69
CA VAL D 247 -64.59 55.09 -13.08
C VAL D 247 -64.53 55.95 -14.34
N GLU D 248 -64.88 55.36 -15.47
CA GLU D 248 -64.78 56.04 -16.75
C GLU D 248 -66.10 56.69 -17.11
N ASP D 249 -66.07 57.46 -18.19
CA ASP D 249 -67.24 58.03 -18.85
C ASP D 249 -68.04 58.95 -17.93
N LEU D 250 -67.49 60.09 -17.57
CA LEU D 250 -68.32 61.04 -16.86
C LEU D 250 -68.75 62.18 -17.79
N PRO D 251 -69.93 62.74 -17.56
CA PRO D 251 -70.41 63.81 -18.43
C PRO D 251 -69.68 65.13 -18.19
N VAL D 252 -69.44 65.86 -19.27
CA VAL D 252 -68.80 67.15 -19.20
C VAL D 252 -69.82 68.22 -19.50
N HIS D 253 -69.45 69.46 -19.24
CA HIS D 253 -70.33 70.58 -19.55
C HIS D 253 -69.46 71.79 -19.89
N VAL D 254 -69.15 71.95 -21.15
CA VAL D 254 -68.35 73.09 -21.59
C VAL D 254 -69.24 74.31 -21.65
N PHE D 255 -68.94 75.31 -20.83
CA PHE D 255 -69.80 76.48 -20.78
C PHE D 255 -68.92 77.72 -20.79
N GLU D 256 -69.51 78.83 -21.24
CA GLU D 256 -68.76 80.06 -21.46
C GLU D 256 -68.40 80.73 -20.15
N SER D 257 -67.11 80.93 -19.93
CA SER D 257 -66.59 81.57 -18.74
C SER D 257 -66.47 83.07 -19.00
N MET D 258 -65.69 83.84 -18.25
CA MET D 258 -65.49 85.26 -18.50
C MET D 258 -64.66 85.50 -19.76
N GLY D 259 -65.26 85.29 -20.91
CA GLY D 259 -64.60 85.47 -22.18
C GLY D 259 -64.06 84.21 -22.81
N ALA D 260 -63.67 83.23 -22.00
CA ALA D 260 -63.09 82.00 -22.53
C ALA D 260 -64.03 80.84 -22.28
N LEU D 261 -63.63 79.66 -22.73
CA LEU D 261 -64.32 78.43 -22.41
C LEU D 261 -63.63 77.80 -21.21
N GLN D 262 -64.39 77.01 -20.46
CA GLN D 262 -63.82 76.12 -19.47
C GLN D 262 -64.74 74.93 -19.29
N SER D 263 -64.17 73.83 -18.86
CA SER D 263 -64.94 72.63 -18.58
C SER D 263 -65.41 72.70 -17.14
N LYS D 264 -66.72 72.58 -16.94
CA LYS D 264 -67.20 72.36 -15.59
C LYS D 264 -66.82 70.95 -15.16
N ILE D 265 -66.18 70.86 -14.02
CA ILE D 265 -65.59 69.60 -13.58
C ILE D 265 -66.70 68.63 -13.22
N PRO D 266 -66.61 67.36 -13.62
CA PRO D 266 -67.66 66.41 -13.29
C PRO D 266 -67.80 66.13 -11.82
N THR D 267 -66.71 65.98 -11.10
CA THR D 267 -66.78 66.07 -9.65
C THR D 267 -66.85 67.54 -9.29
N GLU D 268 -67.16 67.84 -8.03
CA GLU D 268 -67.33 69.24 -7.66
C GLU D 268 -66.00 69.98 -7.68
N VAL D 269 -64.92 69.31 -7.31
CA VAL D 269 -63.62 69.94 -7.32
C VAL D 269 -62.60 69.00 -7.95
N LEU D 270 -61.50 69.60 -8.37
CA LEU D 270 -60.28 68.90 -8.72
C LEU D 270 -59.48 68.79 -7.42
N ILE D 271 -59.56 67.63 -6.79
CA ILE D 271 -58.82 67.41 -5.56
C ILE D 271 -57.35 67.22 -5.88
N THR D 272 -56.52 68.13 -5.39
CA THR D 272 -55.08 67.95 -5.55
C THR D 272 -54.59 66.81 -4.67
N ASP D 273 -53.41 66.30 -5.00
CA ASP D 273 -53.00 65.00 -4.46
C ASP D 273 -52.67 65.06 -2.99
N ARG D 274 -52.19 66.20 -2.51
CA ARG D 274 -52.03 66.36 -1.07
C ARG D 274 -53.38 66.34 -0.36
N LYS D 275 -54.38 66.95 -0.97
CA LYS D 275 -55.72 66.93 -0.40
C LYS D 275 -56.31 65.54 -0.45
N GLU D 276 -55.95 64.76 -1.47
CA GLU D 276 -56.43 63.39 -1.55
C GLU D 276 -55.81 62.53 -0.46
N PHE D 277 -54.50 62.68 -0.24
CA PHE D 277 -53.86 61.86 0.79
C PHE D 277 -54.35 62.24 2.17
N GLU D 278 -54.74 63.51 2.35
CA GLU D 278 -55.32 63.89 3.62
C GLU D 278 -56.69 63.28 3.80
N LEU D 279 -57.51 63.27 2.75
CA LEU D 279 -58.80 62.62 2.84
C LEU D 279 -58.65 61.11 3.01
N ALA D 280 -57.54 60.56 2.54
CA ALA D 280 -57.31 59.13 2.74
C ALA D 280 -56.90 58.84 4.16
N GLU D 281 -56.19 59.77 4.80
CA GLU D 281 -55.80 59.54 6.19
C GLU D 281 -56.97 59.76 7.14
N GLU D 282 -57.98 60.52 6.72
CA GLU D 282 -59.12 60.75 7.58
C GLU D 282 -60.18 59.68 7.43
N GLY D 283 -59.93 58.67 6.59
CA GLY D 283 -60.89 57.61 6.40
C GLY D 283 -61.95 57.88 5.36
N PHE D 284 -61.63 58.65 4.33
CA PHE D 284 -62.60 58.98 3.30
C PHE D 284 -62.09 58.46 1.96
N ILE D 285 -63.01 58.18 1.06
CA ILE D 285 -62.70 57.68 -0.27
C ILE D 285 -62.85 58.85 -1.22
N ALA D 286 -61.74 59.40 -1.69
CA ALA D 286 -61.77 60.60 -2.49
C ALA D 286 -61.94 60.24 -3.95
N LEU D 287 -63.08 60.57 -4.51
CA LEU D 287 -63.26 60.47 -5.96
C LEU D 287 -62.47 61.60 -6.61
N THR D 288 -61.36 61.27 -7.25
CA THR D 288 -60.47 62.28 -7.81
C THR D 288 -60.65 62.40 -9.31
N MET D 289 -60.92 63.62 -9.75
CA MET D 289 -61.05 63.91 -11.16
C MET D 289 -59.68 63.93 -11.79
N ARG D 290 -59.57 63.35 -12.98
CA ARG D 290 -58.35 63.47 -13.76
C ARG D 290 -58.46 64.70 -14.66
N LYS D 291 -57.64 65.72 -14.37
CA LYS D 291 -57.76 67.02 -15.01
C LYS D 291 -57.51 66.92 -16.50
N GLY D 292 -58.40 67.54 -17.28
CA GLY D 292 -58.30 67.52 -18.72
C GLY D 292 -58.91 66.31 -19.36
N SER D 293 -59.56 65.45 -18.58
CA SER D 293 -60.22 64.29 -19.14
C SER D 293 -61.68 64.34 -18.71
N ASP D 294 -62.39 63.26 -18.97
CA ASP D 294 -63.73 63.04 -18.44
C ASP D 294 -63.77 61.79 -17.58
N ASN D 295 -62.64 61.45 -16.98
CA ASN D 295 -62.47 60.21 -16.27
C ASN D 295 -62.08 60.52 -14.83
N ALA D 296 -62.45 59.65 -13.91
CA ALA D 296 -62.14 59.87 -12.51
C ALA D 296 -61.61 58.58 -11.91
N ALA D 297 -61.06 58.68 -10.71
CA ALA D 297 -60.42 57.52 -10.12
C ALA D 297 -60.42 57.60 -8.61
N PHE D 298 -60.43 56.43 -7.99
CA PHE D 298 -60.21 56.27 -6.55
C PHE D 298 -58.74 55.99 -6.35
N PHE D 299 -57.98 56.99 -5.90
CA PHE D 299 -56.59 56.70 -5.56
C PHE D 299 -56.48 55.93 -4.27
N SER D 300 -57.53 55.91 -3.46
CA SER D 300 -57.46 55.27 -2.16
C SER D 300 -58.87 54.87 -1.75
N ALA D 301 -58.97 53.79 -0.99
CA ALA D 301 -60.25 53.31 -0.49
C ALA D 301 -60.11 52.88 0.96
N ASN D 302 -59.56 53.76 1.79
CA ASN D 302 -59.50 53.46 3.22
C ASN D 302 -60.89 53.40 3.84
N SER D 303 -60.98 52.73 4.99
CA SER D 303 -62.19 52.74 5.78
C SER D 303 -62.03 53.70 6.95
N ILE D 304 -63.01 53.71 7.85
CA ILE D 304 -63.12 54.77 8.84
C ILE D 304 -62.07 54.64 9.93
N GLN D 305 -61.68 53.41 10.28
CA GLN D 305 -61.01 53.17 11.55
C GLN D 305 -59.61 53.75 11.57
N LYS D 306 -59.30 54.44 12.63
CA LYS D 306 -58.05 55.14 12.80
C LYS D 306 -56.92 54.13 12.90
N PRO D 307 -55.93 54.23 12.03
CA PRO D 307 -54.83 53.28 12.08
C PRO D 307 -53.99 53.51 13.32
N LYS D 308 -53.84 52.45 14.13
CA LYS D 308 -53.19 52.58 15.43
C LYS D 308 -51.70 52.81 15.30
N VAL D 309 -51.12 53.39 16.36
CA VAL D 309 -49.68 53.55 16.50
C VAL D 309 -49.19 52.64 17.61
N PHE D 310 -48.20 51.81 17.30
CA PHE D 310 -47.61 50.88 18.25
C PHE D 310 -46.17 51.27 18.50
N PRO D 311 -45.51 50.79 19.56
CA PRO D 311 -44.12 51.18 19.79
C PRO D 311 -43.21 50.69 18.69
N ASN D 312 -42.13 51.42 18.45
CA ASN D 312 -41.25 51.13 17.32
C ASN D 312 -40.23 50.06 17.70
N THR D 313 -40.73 48.83 17.85
CA THR D 313 -39.90 47.66 17.98
C THR D 313 -40.20 46.75 16.80
N LYS D 314 -39.68 45.53 16.85
CA LYS D 314 -39.98 44.56 15.80
C LYS D 314 -41.43 44.10 15.89
N GLU D 315 -41.85 43.68 17.08
CA GLU D 315 -43.21 43.23 17.29
C GLU D 315 -44.21 44.37 17.12
N GLY D 316 -43.79 45.60 17.43
CA GLY D 316 -44.66 46.74 17.25
C GLY D 316 -44.94 47.03 15.79
N LYS D 317 -43.92 46.90 14.94
CA LYS D 317 -44.18 47.16 13.54
C LYS D 317 -44.94 46.02 12.89
N GLU D 318 -44.81 44.79 13.40
CA GLU D 318 -45.68 43.73 12.89
C GLU D 318 -47.13 43.99 13.26
N ALA D 319 -47.36 44.44 14.49
CA ALA D 319 -48.73 44.62 14.92
C ALA D 319 -49.36 45.85 14.25
N GLU D 320 -48.55 46.87 13.97
CA GLU D 320 -49.06 47.97 13.15
C GLU D 320 -49.35 47.52 11.73
N THR D 321 -48.52 46.61 11.20
CA THR D 321 -48.72 46.13 9.84
C THR D 321 -50.04 45.38 9.74
N ASN D 322 -50.34 44.57 10.74
CA ASN D 322 -51.59 43.85 10.72
C ASN D 322 -52.76 44.80 10.91
N TYR D 323 -52.55 45.82 11.71
CA TYR D 323 -53.66 46.70 12.03
C TYR D 323 -53.96 47.65 10.88
N LYS D 324 -52.98 47.95 10.02
CA LYS D 324 -53.32 48.73 8.83
C LYS D 324 -53.76 47.84 7.69
N LEU D 325 -53.47 46.54 7.74
CA LEU D 325 -54.13 45.67 6.78
C LEU D 325 -55.60 45.51 7.09
N GLY D 326 -55.95 45.53 8.38
CA GLY D 326 -57.33 45.31 8.74
C GLY D 326 -58.25 46.44 8.36
N THR D 327 -57.73 47.65 8.31
CA THR D 327 -58.61 48.80 8.22
C THR D 327 -58.78 49.35 6.81
N GLN D 328 -58.52 48.59 5.78
CA GLN D 328 -58.72 49.06 4.42
C GLN D 328 -59.65 48.12 3.68
N LEU D 329 -60.64 48.69 2.99
CA LEU D 329 -61.66 47.89 2.31
C LEU D 329 -61.17 46.89 1.26
N PRO D 330 -60.13 47.14 0.43
CA PRO D 330 -59.74 46.08 -0.51
C PRO D 330 -59.08 44.87 0.12
N TYR D 331 -58.98 44.82 1.44
CA TYR D 331 -58.62 43.60 2.14
C TYR D 331 -59.78 43.05 2.93
N MET D 332 -60.65 43.94 3.43
CA MET D 332 -61.82 43.46 4.12
C MET D 332 -62.83 42.84 3.17
N MET D 333 -62.74 43.13 1.88
CA MET D 333 -63.59 42.39 0.97
C MET D 333 -63.07 40.97 0.78
N ILE D 334 -61.75 40.78 0.87
CA ILE D 334 -61.19 39.45 0.85
C ILE D 334 -61.65 38.65 2.08
N ILE D 335 -61.61 39.28 3.25
CA ILE D 335 -62.02 38.57 4.45
C ILE D 335 -63.53 38.39 4.50
N ASN D 336 -64.28 39.29 3.86
CA ASN D 336 -65.72 39.09 3.76
C ASN D 336 -66.05 37.88 2.88
N ARG D 337 -65.33 37.72 1.78
CA ARG D 337 -65.62 36.57 0.92
C ARG D 337 -65.16 35.27 1.53
N LEU D 338 -64.06 35.30 2.30
CA LEU D 338 -63.70 34.09 3.03
C LEU D 338 -64.70 33.79 4.15
N ALA D 339 -65.25 34.81 4.78
CA ALA D 339 -66.23 34.56 5.83
C ALA D 339 -67.50 33.97 5.25
N HIS D 340 -67.85 34.42 4.05
CA HIS D 340 -69.05 33.89 3.41
C HIS D 340 -68.85 32.46 2.94
N TYR D 341 -67.71 32.15 2.34
CA TYR D 341 -67.48 30.78 1.92
C TYR D 341 -67.33 29.85 3.11
N VAL D 342 -66.76 30.34 4.21
CA VAL D 342 -66.57 29.49 5.37
C VAL D 342 -67.90 29.19 6.04
N LYS D 343 -68.79 30.18 6.10
CA LYS D 343 -70.13 29.92 6.63
C LYS D 343 -70.90 28.97 5.74
N VAL D 344 -70.96 29.29 4.45
CA VAL D 344 -71.86 28.57 3.56
C VAL D 344 -71.37 27.16 3.29
N LEU D 345 -70.07 26.99 3.10
CA LEU D 345 -69.56 25.63 2.93
C LEU D 345 -69.48 24.86 4.23
N GLN D 346 -69.14 25.52 5.33
CA GLN D 346 -69.02 24.77 6.58
C GLN D 346 -70.36 24.62 7.27
N ARG D 347 -71.47 24.93 6.60
CA ARG D 347 -72.75 24.38 7.07
C ARG D 347 -73.04 23.04 6.41
N GLU D 348 -72.37 22.74 5.32
CA GLU D 348 -72.70 21.48 4.65
C GLU D 348 -71.95 20.31 5.24
N GLN D 349 -71.04 20.57 6.18
CA GLN D 349 -70.30 19.48 6.79
C GLN D 349 -70.78 19.12 8.18
N ILE D 350 -71.79 19.82 8.70
CA ILE D 350 -72.35 19.45 9.99
C ILE D 350 -72.99 18.09 9.89
N GLY D 351 -72.40 17.12 10.57
CA GLY D 351 -72.85 15.76 10.47
C GLY D 351 -71.91 14.83 9.74
N ALA D 352 -70.73 15.30 9.40
CA ALA D 352 -69.76 14.38 8.83
C ALA D 352 -68.78 13.94 9.91
N TRP D 353 -68.28 12.71 9.76
CA TRP D 353 -67.39 12.12 10.75
C TRP D 353 -66.05 12.83 10.64
N LYS D 354 -65.87 13.85 11.48
CA LYS D 354 -64.68 14.69 11.42
C LYS D 354 -63.93 14.62 12.73
N GLU D 355 -62.62 14.57 12.64
CA GLU D 355 -61.78 14.78 13.79
C GLU D 355 -61.16 16.17 13.72
N ARG D 356 -60.21 16.42 14.62
CA ARG D 356 -59.53 17.72 14.63
C ARG D 356 -58.63 17.87 13.42
N GLN D 357 -57.71 16.93 13.22
CA GLN D 357 -56.84 16.94 12.06
C GLN D 357 -57.60 16.74 10.76
N ASP D 358 -58.83 16.26 10.82
CA ASP D 358 -59.69 16.33 9.65
C ASP D 358 -59.97 17.77 9.25
N LEU D 359 -60.25 18.64 10.22
CA LEU D 359 -60.46 20.03 9.84
C LEU D 359 -59.18 20.72 9.45
N GLU D 360 -58.05 20.30 10.02
CA GLU D 360 -56.79 20.87 9.52
C GLU D 360 -56.54 20.47 8.08
N ARG D 361 -56.82 19.23 7.73
CA ARG D 361 -56.53 18.76 6.39
C ARG D 361 -57.52 19.33 5.39
N GLU D 362 -58.79 19.39 5.77
CA GLU D 362 -59.80 19.83 4.82
C GLU D 362 -59.81 21.34 4.67
N LEU D 363 -59.46 22.07 5.71
CA LEU D 363 -59.36 23.51 5.53
C LEU D 363 -58.08 23.90 4.82
N ASN D 364 -56.98 23.18 5.06
CA ASN D 364 -55.75 23.51 4.35
C ASN D 364 -55.84 23.16 2.89
N SER D 365 -56.43 22.00 2.57
CA SER D 365 -56.69 21.71 1.16
C SER D 365 -57.82 22.56 0.61
N TRP D 366 -58.64 23.15 1.47
CA TRP D 366 -59.65 24.07 1.00
C TRP D 366 -59.04 25.41 0.63
N ILE D 367 -58.01 25.82 1.35
CA ILE D 367 -57.47 27.16 1.19
C ILE D 367 -56.24 27.14 0.29
N LYS D 368 -55.75 25.96 -0.09
CA LYS D 368 -54.73 25.91 -1.15
C LYS D 368 -55.33 26.24 -2.51
N GLN D 369 -56.65 26.30 -2.59
CA GLN D 369 -57.34 26.91 -3.72
C GLN D 369 -56.95 28.37 -3.89
N TYR D 370 -56.76 29.11 -2.80
CA TYR D 370 -56.62 30.55 -2.89
C TYR D 370 -55.22 31.04 -2.59
N VAL D 371 -54.23 30.18 -2.62
CA VAL D 371 -52.85 30.57 -2.34
C VAL D 371 -52.09 30.69 -3.64
N ALA D 372 -51.49 31.84 -3.88
CA ALA D 372 -50.66 32.05 -5.06
C ALA D 372 -49.26 32.37 -4.57
N ASP D 373 -48.47 31.34 -4.27
CA ASP D 373 -47.19 31.53 -3.58
C ASP D 373 -46.01 31.19 -4.48
N GLN D 374 -46.08 31.49 -5.75
CA GLN D 374 -44.93 31.30 -6.61
C GLN D 374 -43.96 32.46 -6.45
N GLU D 375 -42.98 32.51 -7.36
CA GLU D 375 -41.96 33.54 -7.24
C GLU D 375 -42.50 34.89 -7.66
N ASN D 376 -43.19 34.94 -8.77
CA ASN D 376 -43.63 36.22 -9.28
C ASN D 376 -44.87 36.02 -10.13
N PRO D 377 -46.05 35.93 -9.52
CA PRO D 377 -47.25 35.72 -10.31
C PRO D 377 -47.66 37.03 -10.98
N PRO D 378 -48.21 36.96 -12.18
CA PRO D 378 -48.66 38.19 -12.85
C PRO D 378 -49.92 38.74 -12.22
N ALA D 379 -50.39 39.87 -12.74
CA ALA D 379 -51.42 40.64 -12.06
C ALA D 379 -52.77 39.93 -12.01
N ASP D 380 -53.05 39.11 -13.01
CA ASP D 380 -54.35 38.46 -13.07
C ASP D 380 -54.45 37.32 -12.07
N VAL D 381 -53.40 36.52 -11.97
CA VAL D 381 -53.40 35.39 -11.03
C VAL D 381 -53.36 35.89 -9.60
N ARG D 382 -52.71 37.05 -9.38
CA ARG D 382 -52.89 37.72 -8.11
C ARG D 382 -54.28 38.26 -7.95
N SER D 383 -54.97 38.59 -9.03
CA SER D 383 -56.29 39.19 -8.89
C SER D 383 -57.33 38.16 -8.51
N ARG D 384 -57.15 36.91 -8.95
CA ARG D 384 -58.16 35.91 -8.65
C ARG D 384 -57.73 34.91 -7.58
N ARG D 385 -56.50 34.98 -7.12
CA ARG D 385 -56.04 34.21 -5.96
C ARG D 385 -55.40 35.20 -5.01
N PRO D 386 -56.18 35.82 -4.16
CA PRO D 386 -55.70 37.04 -3.51
C PRO D 386 -54.73 36.81 -2.38
N LEU D 387 -54.86 35.73 -1.62
CA LEU D 387 -54.09 35.60 -0.38
C LEU D 387 -52.85 34.76 -0.62
N ARG D 388 -51.72 35.18 -0.05
CA ARG D 388 -50.45 34.55 -0.39
C ARG D 388 -50.10 33.44 0.59
N ALA D 389 -50.44 33.60 1.84
CA ALA D 389 -50.17 32.55 2.81
C ALA D 389 -51.43 32.26 3.62
N ALA D 390 -51.49 31.06 4.18
CA ALA D 390 -52.59 30.73 5.06
C ALA D 390 -52.09 29.77 6.12
N ARG D 391 -52.35 30.10 7.37
CA ARG D 391 -51.95 29.28 8.49
C ARG D 391 -53.17 29.01 9.35
N ILE D 392 -53.57 27.74 9.40
CA ILE D 392 -54.82 27.35 10.04
C ILE D 392 -54.50 26.51 11.26
N GLU D 393 -55.08 26.86 12.40
CA GLU D 393 -54.96 26.06 13.59
C GLU D 393 -56.35 25.61 14.01
N VAL D 394 -56.51 24.32 14.24
CA VAL D 394 -57.78 23.74 14.64
C VAL D 394 -57.62 23.10 16.00
N MET D 395 -58.43 23.55 16.95
CA MET D 395 -58.40 23.03 18.31
C MET D 395 -59.81 22.64 18.73
N ASP D 396 -59.89 21.84 19.78
CA ASP D 396 -61.18 21.36 20.27
C ASP D 396 -61.66 22.26 21.39
N VAL D 397 -62.98 22.45 21.47
CA VAL D 397 -63.56 23.02 22.66
C VAL D 397 -63.62 21.88 23.67
N GLU D 398 -62.79 21.95 24.71
CA GLU D 398 -62.64 20.85 25.65
C GLU D 398 -63.90 20.69 26.49
N GLY D 399 -64.36 19.46 26.63
CA GLY D 399 -65.57 19.23 27.39
C GLY D 399 -66.84 19.60 26.67
N ASN D 400 -66.78 19.77 25.36
CA ASN D 400 -67.97 20.04 24.55
C ASN D 400 -67.75 19.40 23.21
N PRO D 401 -68.08 18.12 23.07
CA PRO D 401 -67.42 17.28 22.07
C PRO D 401 -67.90 17.56 20.67
N GLY D 402 -66.99 17.45 19.72
CA GLY D 402 -67.24 17.80 18.35
C GLY D 402 -66.97 19.23 18.00
N TRP D 403 -67.26 20.16 18.90
CA TRP D 403 -67.12 21.59 18.66
C TRP D 403 -65.66 21.95 18.48
N TYR D 404 -65.33 22.42 17.30
CA TYR D 404 -63.94 22.69 16.94
C TYR D 404 -63.73 24.20 16.88
N GLN D 405 -62.50 24.62 17.15
CA GLN D 405 -62.18 26.04 17.29
C GLN D 405 -61.05 26.36 16.34
N VAL D 406 -61.30 27.22 15.36
CA VAL D 406 -60.41 27.37 14.23
C VAL D 406 -59.94 28.81 14.14
N SER D 407 -58.65 29.00 13.93
CA SER D 407 -58.08 30.32 13.61
C SER D 407 -57.54 30.28 12.19
N LEU D 408 -58.15 31.07 11.31
CA LEU D 408 -57.75 31.14 9.92
C LEU D 408 -57.15 32.50 9.66
N SER D 409 -55.85 32.53 9.43
CA SER D 409 -55.09 33.77 9.30
C SER D 409 -54.47 33.84 7.91
N VAL D 410 -54.72 34.92 7.19
CA VAL D 410 -54.26 35.06 5.83
C VAL D 410 -53.32 36.25 5.71
N ARG D 411 -52.54 36.27 4.63
CA ARG D 411 -51.63 37.37 4.32
C ARG D 411 -51.83 37.75 2.88
N PRO D 412 -52.56 38.83 2.60
CA PRO D 412 -52.94 39.13 1.23
C PRO D 412 -51.78 39.71 0.45
N HIS D 413 -51.97 39.82 -0.85
CA HIS D 413 -51.02 40.55 -1.67
C HIS D 413 -51.11 42.03 -1.37
N PHE D 414 -49.96 42.62 -1.08
CA PHE D 414 -49.89 44.04 -0.83
C PHE D 414 -50.05 44.80 -2.13
N LYS D 415 -50.98 45.73 -2.15
CA LYS D 415 -51.17 46.55 -3.33
C LYS D 415 -50.46 47.89 -3.13
N TYR D 416 -49.84 48.37 -4.20
CA TYR D 416 -48.90 49.49 -4.16
C TYR D 416 -49.60 50.78 -3.81
N MET D 417 -49.43 51.26 -2.58
CA MET D 417 -50.15 52.45 -2.14
C MET D 417 -49.24 53.51 -1.52
N GLY D 418 -48.16 53.87 -2.19
CA GLY D 418 -47.38 55.02 -1.80
C GLY D 418 -45.91 54.67 -1.66
N ALA D 419 -45.07 55.63 -2.04
CA ALA D 419 -43.64 55.45 -1.91
C ALA D 419 -42.99 56.82 -1.80
N ASN D 420 -41.79 56.84 -1.23
CA ASN D 420 -40.96 58.04 -1.21
C ASN D 420 -39.74 57.82 -2.08
N PHE D 421 -39.38 58.82 -2.86
CA PHE D 421 -38.22 58.73 -3.73
C PHE D 421 -37.19 59.80 -3.38
N GLU D 422 -35.94 59.40 -3.39
CA GLU D 422 -34.82 60.30 -3.21
C GLU D 422 -33.88 60.08 -4.39
N LEU D 423 -33.56 61.14 -5.11
CA LEU D 423 -32.68 61.06 -6.26
C LEU D 423 -31.38 61.80 -5.99
N SER D 424 -30.31 61.38 -6.64
CA SER D 424 -29.02 62.03 -6.44
C SER D 424 -28.09 61.78 -7.63
N LEU D 425 -27.56 62.85 -8.20
CA LEU D 425 -26.52 62.70 -9.18
C LEU D 425 -25.25 62.27 -8.49
N VAL D 426 -24.47 61.41 -9.14
CA VAL D 426 -23.19 60.97 -8.60
C VAL D 426 -22.33 60.49 -9.75
N GLY D 427 -21.01 60.60 -9.59
CA GLY D 427 -20.06 59.95 -10.46
C GLY D 427 -19.76 58.57 -9.90
N ARG D 428 -18.75 57.91 -10.48
CA ARG D 428 -18.06 56.74 -9.91
C ARG D 428 -18.96 55.50 -9.79
N LEU D 429 -20.23 55.57 -10.16
CA LEU D 429 -21.15 54.48 -9.91
C LEU D 429 -20.95 53.34 -10.92
N ASP D 430 -21.06 52.11 -10.43
CA ASP D 430 -20.98 50.93 -11.29
C ASP D 430 -22.20 50.79 -12.17
N SER E 1 -32.71 79.14 5.19
CA SER E 1 -32.60 77.76 5.60
C SER E 1 -31.42 77.10 4.92
N LYS E 2 -31.12 75.88 5.33
CA LYS E 2 -30.00 75.14 4.76
C LYS E 2 -30.34 73.73 4.31
N GLU E 3 -31.46 73.16 4.74
CA GLU E 3 -31.83 71.81 4.37
C GLU E 3 -32.73 71.74 3.15
N GLY E 4 -32.91 72.87 2.46
CA GLY E 4 -33.87 72.87 1.39
C GLY E 4 -35.27 72.83 1.97
N SER E 5 -36.21 72.43 1.14
CA SER E 5 -37.59 72.28 1.57
C SER E 5 -38.22 71.13 0.81
N VAL E 6 -39.35 70.66 1.31
CA VAL E 6 -40.12 69.60 0.67
C VAL E 6 -41.55 70.07 0.52
N ALA E 7 -42.30 69.36 -0.28
CA ALA E 7 -43.73 69.54 -0.34
C ALA E 7 -44.37 68.84 0.85
N PRO E 8 -45.62 69.14 1.18
CA PRO E 8 -46.35 68.26 2.10
C PRO E 8 -46.53 66.90 1.48
N LYS E 9 -46.62 65.89 2.35
CA LYS E 9 -46.49 64.48 1.94
C LYS E 9 -47.68 64.07 1.06
N GLU E 10 -47.35 63.41 -0.03
CA GLU E 10 -48.33 62.99 -1.01
C GLU E 10 -48.26 61.46 -1.11
N ARG E 11 -48.95 60.90 -2.10
CA ARG E 11 -48.80 59.48 -2.41
C ARG E 11 -47.40 59.14 -2.88
N ILE E 12 -46.82 59.98 -3.72
CA ILE E 12 -45.48 59.74 -4.26
C ILE E 12 -44.61 60.91 -3.83
N ASN E 13 -43.76 60.70 -2.83
CA ASN E 13 -42.85 61.73 -2.36
C ASN E 13 -41.55 61.64 -3.14
N ILE E 14 -41.23 62.68 -3.88
CA ILE E 14 -39.96 62.78 -4.59
C ILE E 14 -39.25 64.03 -4.13
N LYS E 15 -38.07 63.85 -3.56
CA LYS E 15 -37.20 64.95 -3.20
C LYS E 15 -35.79 64.56 -3.59
N TYR E 16 -34.95 65.56 -3.78
CA TYR E 16 -33.58 65.32 -4.15
C TYR E 16 -32.66 65.71 -3.01
N ILE E 17 -31.77 64.79 -2.66
CA ILE E 17 -30.77 65.03 -1.62
C ILE E 17 -29.41 64.99 -2.28
N PRO E 18 -28.37 65.45 -1.60
CA PRO E 18 -27.03 65.14 -2.09
C PRO E 18 -26.78 63.66 -1.90
N ALA E 19 -26.89 62.93 -3.01
CA ALA E 19 -26.99 61.49 -2.93
C ALA E 19 -25.65 60.81 -2.82
N THR E 20 -24.59 61.59 -2.61
CA THR E 20 -23.27 61.00 -2.38
C THR E 20 -23.26 60.19 -1.10
N GLY E 21 -24.02 60.63 -0.09
CA GLY E 21 -24.18 59.91 1.15
C GLY E 21 -22.88 59.85 1.91
N ASP E 22 -22.05 60.86 1.72
CA ASP E 22 -20.68 60.83 2.22
C ASP E 22 -20.71 61.07 3.72
N ALA E 23 -20.90 59.99 4.46
CA ALA E 23 -20.63 60.03 5.88
C ALA E 23 -19.15 60.23 6.11
N GLN E 24 -18.84 60.86 7.24
CA GLN E 24 -17.49 61.31 7.61
C GLN E 24 -16.91 62.23 6.53
N ALA E 25 -17.74 63.15 6.05
CA ALA E 25 -17.32 64.23 5.16
C ALA E 25 -17.84 65.54 5.70
N GLU E 26 -16.94 66.45 5.99
CA GLU E 26 -17.30 67.78 6.48
C GLU E 26 -16.61 68.81 5.61
N ALA E 27 -17.17 70.01 5.60
CA ALA E 27 -16.72 71.07 4.70
C ALA E 27 -15.90 72.07 5.48
N GLU E 28 -14.78 72.48 4.90
CA GLU E 28 -13.95 73.54 5.46
C GLU E 28 -13.48 74.43 4.32
N VAL E 29 -13.41 75.73 4.58
CA VAL E 29 -12.75 76.62 3.65
C VAL E 29 -11.25 76.48 3.88
N GLU E 30 -10.48 76.46 2.79
CA GLU E 30 -9.03 76.53 2.93
C GLU E 30 -8.66 77.82 3.62
N LEU E 31 -8.19 77.70 4.84
CA LEU E 31 -8.01 78.85 5.70
C LEU E 31 -6.87 79.72 5.17
N PRO E 32 -7.03 81.02 5.15
CA PRO E 32 -5.98 81.87 4.61
C PRO E 32 -4.81 81.95 5.58
N LEU E 33 -3.60 81.90 5.03
CA LEU E 33 -2.39 82.12 5.80
C LEU E 33 -2.25 83.62 6.05
N LYS E 34 -2.99 84.10 7.05
CA LYS E 34 -3.15 85.53 7.21
C LYS E 34 -1.94 86.12 7.92
N THR E 35 -0.99 86.60 7.14
CA THR E 35 0.21 87.20 7.68
C THR E 35 -0.11 88.57 8.24
N LEU E 36 0.31 88.83 9.46
CA LEU E 36 0.04 90.09 10.13
C LEU E 36 1.34 90.86 10.21
N VAL E 37 1.63 91.66 9.20
CA VAL E 37 2.84 92.45 9.17
C VAL E 37 2.68 93.60 10.15
N VAL E 38 3.56 93.65 11.14
CA VAL E 38 3.54 94.67 12.19
C VAL E 38 4.85 95.43 12.13
N GLY E 39 4.79 96.71 11.86
CA GLY E 39 6.01 97.50 11.82
C GLY E 39 5.70 98.97 11.83
N ASP E 40 6.76 99.77 11.99
CA ASP E 40 6.64 101.23 12.06
C ASP E 40 6.29 101.75 10.66
N PHE E 41 5.08 102.25 10.54
CA PHE E 41 4.52 102.61 9.25
C PHE E 41 4.09 104.06 9.14
N LYS E 42 4.23 104.85 10.19
CA LYS E 42 3.89 106.25 10.18
C LYS E 42 4.96 107.02 10.96
N GLY E 43 5.05 108.30 10.69
CA GLY E 43 6.15 109.06 11.23
C GLY E 43 6.01 109.52 12.65
N HIS E 44 5.04 109.00 13.40
CA HIS E 44 4.76 109.52 14.73
C HIS E 44 4.06 108.47 15.55
N ALA E 45 4.05 108.71 16.86
CA ALA E 45 3.25 107.91 17.76
C ALA E 45 1.81 108.37 17.73
N GLU E 46 0.90 107.43 17.87
CA GLU E 46 -0.51 107.75 17.97
C GLU E 46 -1.00 107.57 19.40
N GLN E 47 -1.79 108.53 19.86
CA GLN E 47 -2.32 108.47 21.23
C GLN E 47 -3.36 107.38 21.38
N THR E 48 -3.91 106.90 20.28
CA THR E 48 -5.00 105.93 20.33
C THR E 48 -4.47 104.60 20.87
N PRO E 49 -5.14 104.00 21.87
CA PRO E 49 -4.62 102.77 22.46
C PRO E 49 -4.66 101.62 21.50
N LEU E 50 -3.92 100.57 21.82
CA LEU E 50 -3.60 99.56 20.83
C LEU E 50 -4.81 98.70 20.51
N GLU E 51 -5.73 98.55 21.45
CA GLU E 51 -6.91 97.74 21.21
C GLU E 51 -7.91 98.41 20.28
N GLU E 52 -7.82 99.73 20.09
CA GLU E 52 -8.84 100.42 19.32
C GLU E 52 -8.44 100.68 17.88
N ARG E 53 -7.14 100.82 17.59
CA ARG E 53 -6.74 101.01 16.20
C ARG E 53 -6.93 99.72 15.43
N ALA E 54 -7.18 99.83 14.13
CA ALA E 54 -7.68 98.70 13.35
C ALA E 54 -6.64 98.19 12.37
N THR E 55 -6.81 96.93 11.99
CA THR E 55 -5.97 96.33 10.96
C THR E 55 -6.43 96.81 9.60
N VAL E 56 -5.50 96.85 8.66
CA VAL E 56 -5.76 97.34 7.32
C VAL E 56 -5.46 96.22 6.34
N THR E 57 -6.49 95.77 5.63
CA THR E 57 -6.31 94.73 4.64
C THR E 57 -5.59 95.32 3.45
N VAL E 58 -4.53 94.66 3.00
CA VAL E 58 -3.71 95.10 1.89
C VAL E 58 -3.65 93.99 0.85
N ASP E 59 -3.99 94.32 -0.39
CA ASP E 59 -3.64 93.41 -1.46
C ASP E 59 -2.90 94.20 -2.52
N LYS E 60 -2.66 93.55 -3.66
CA LYS E 60 -2.05 94.25 -4.77
C LYS E 60 -3.00 95.26 -5.38
N ASN E 61 -4.31 95.06 -5.19
CA ASN E 61 -5.28 95.86 -5.90
C ASN E 61 -5.66 97.13 -5.19
N ASN E 62 -5.25 97.31 -3.93
CA ASN E 62 -5.49 98.61 -3.32
C ASN E 62 -4.31 99.13 -2.51
N PHE E 63 -3.07 98.78 -2.86
CA PHE E 63 -1.93 99.19 -2.05
C PHE E 63 -1.71 100.69 -2.14
N GLU E 64 -1.93 101.27 -3.32
CA GLU E 64 -1.88 102.72 -3.43
C GLU E 64 -3.03 103.36 -2.69
N ALA E 65 -4.16 102.65 -2.58
CA ALA E 65 -5.25 103.18 -1.78
C ALA E 65 -4.94 103.06 -0.30
N VAL E 66 -4.14 102.06 0.09
CA VAL E 66 -3.78 101.92 1.50
C VAL E 66 -2.77 103.00 1.89
N MET E 67 -1.78 103.25 1.05
CA MET E 67 -0.87 104.35 1.31
C MET E 67 -1.58 105.69 1.19
N ARG E 68 -2.64 105.74 0.38
CA ARG E 68 -3.40 106.97 0.23
C ARG E 68 -4.19 107.28 1.49
N GLU E 69 -4.88 106.28 2.02
CA GLU E 69 -5.70 106.50 3.22
C GLU E 69 -4.84 106.58 4.47
N SER E 70 -3.59 106.12 4.41
CA SER E 70 -2.77 106.08 5.60
C SER E 70 -2.38 107.48 6.07
N GLU E 71 -2.36 108.45 5.15
CA GLU E 71 -1.98 109.84 5.40
C GLU E 71 -0.60 109.94 6.00
N LEU E 72 0.40 109.51 5.24
CA LEU E 72 1.78 109.47 5.69
C LEU E 72 2.30 110.87 5.88
N LYS E 73 3.36 111.01 6.66
CA LYS E 73 3.92 112.31 6.98
C LYS E 73 5.31 112.13 7.54
N ILE E 74 6.23 113.02 7.15
CA ILE E 74 7.53 113.17 7.80
C ILE E 74 7.78 114.66 7.97
N THR E 75 8.06 115.07 9.18
CA THR E 75 8.40 116.46 9.48
C THR E 75 9.72 116.47 10.24
N ALA E 76 10.80 116.93 9.59
CA ALA E 76 12.12 116.81 10.17
C ALA E 76 13.04 117.89 9.66
N THR E 77 14.31 117.78 10.05
CA THR E 77 15.33 118.78 9.79
C THR E 77 16.56 118.11 9.20
N VAL E 78 17.09 118.69 8.12
CA VAL E 78 18.31 118.19 7.47
C VAL E 78 19.36 119.28 7.43
N LYS E 79 20.60 118.86 7.19
CA LYS E 79 21.68 119.81 6.95
C LYS E 79 21.53 120.43 5.57
N ASN E 80 21.65 121.76 5.50
CA ASN E 80 21.41 122.51 4.27
C ASN E 80 22.74 122.76 3.58
N LYS E 81 22.87 122.30 2.34
CA LYS E 81 24.12 122.40 1.58
C LYS E 81 23.99 123.21 0.30
N LEU E 82 23.14 124.25 0.30
CA LEU E 82 23.07 125.18 -0.80
C LEU E 82 23.99 126.39 -0.62
N THR E 83 24.83 126.37 0.40
CA THR E 83 25.73 127.47 0.72
C THR E 83 26.96 126.89 1.42
N ASP E 84 27.69 127.75 2.11
CA ASP E 84 28.92 127.30 2.77
C ASP E 84 28.88 127.48 4.28
N ASP E 85 27.77 127.09 4.92
CA ASP E 85 27.59 127.28 6.35
C ASP E 85 27.17 125.96 6.98
N GLU E 86 27.77 125.63 8.13
CA GLU E 86 27.42 124.41 8.84
C GLU E 86 26.13 124.53 9.64
N ASN E 87 25.90 125.68 10.27
CA ASN E 87 24.74 125.90 11.10
C ASN E 87 23.45 126.05 10.29
N ALA E 88 23.56 126.29 8.98
CA ALA E 88 22.39 126.46 8.13
C ALA E 88 21.70 125.13 7.97
N GLU E 89 20.46 125.05 8.46
CA GLU E 89 19.69 123.83 8.40
C GLU E 89 18.48 124.07 7.52
N LEU E 90 17.96 123.00 6.93
CA LEU E 90 16.79 123.09 6.07
C LEU E 90 15.64 122.32 6.69
N PRO E 91 14.61 122.98 7.17
CA PRO E 91 13.43 122.26 7.62
C PRO E 91 12.60 121.78 6.44
N VAL E 92 12.14 120.53 6.50
CA VAL E 92 11.30 119.96 5.44
C VAL E 92 9.97 119.56 6.05
N GLU E 93 8.93 119.62 5.23
CA GLU E 93 7.58 119.21 5.60
C GLU E 93 6.97 118.51 4.39
N LEU E 94 6.89 117.19 4.45
CA LEU E 94 6.51 116.40 3.28
C LEU E 94 5.12 115.82 3.45
N ASN E 95 4.54 115.41 2.33
CA ASN E 95 3.29 114.63 2.33
C ASN E 95 3.40 113.53 1.30
N PHE E 96 2.99 112.33 1.68
CA PHE E 96 3.24 111.15 0.88
C PHE E 96 1.91 110.49 0.57
N LYS E 97 1.77 110.00 -0.65
CA LYS E 97 0.54 109.31 -1.03
C LYS E 97 0.77 107.95 -1.65
N SER E 98 1.83 107.76 -2.41
CA SER E 98 2.13 106.46 -3.01
C SER E 98 3.64 106.33 -3.13
N LEU E 99 4.07 105.22 -3.74
CA LEU E 99 5.51 104.98 -3.80
C LEU E 99 6.19 105.80 -4.90
N ALA E 100 5.44 106.58 -5.65
CA ALA E 100 6.08 107.58 -6.47
C ALA E 100 6.65 108.71 -5.62
N ASP E 101 6.09 108.94 -4.44
CA ASP E 101 6.45 110.11 -3.64
C ASP E 101 7.80 109.98 -2.94
N PHE E 102 8.47 108.85 -3.05
CA PHE E 102 9.78 108.71 -2.45
C PHE E 102 10.90 108.96 -3.46
N ALA E 103 10.54 109.18 -4.72
CA ALA E 103 11.50 109.51 -5.76
C ALA E 103 12.05 110.92 -5.53
N PRO E 104 13.22 111.25 -6.10
CA PRO E 104 13.71 112.62 -5.97
C PRO E 104 12.92 113.63 -6.77
N ASP E 105 12.04 113.19 -7.66
CA ASP E 105 11.19 114.12 -8.38
C ASP E 105 10.17 114.76 -7.45
N ALA E 106 9.35 113.92 -6.79
CA ALA E 106 8.33 114.46 -5.90
C ALA E 106 8.93 115.08 -4.66
N VAL E 107 10.04 114.54 -4.18
CA VAL E 107 10.76 115.17 -3.06
C VAL E 107 11.33 116.51 -3.51
N ALA E 108 11.74 116.59 -4.77
CA ALA E 108 12.20 117.86 -5.31
C ALA E 108 11.05 118.85 -5.46
N SER E 109 9.82 118.34 -5.59
CA SER E 109 8.68 119.24 -5.68
C SER E 109 8.17 119.66 -4.31
N GLN E 110 8.34 118.83 -3.29
CA GLN E 110 7.74 119.10 -2.00
C GLN E 110 8.60 119.93 -1.07
N VAL E 111 9.81 120.28 -1.49
CA VAL E 111 10.60 121.21 -0.69
C VAL E 111 10.84 122.44 -1.57
N PRO E 112 10.27 123.60 -1.20
CA PRO E 112 10.36 124.78 -2.10
C PRO E 112 11.77 125.31 -2.28
N GLU E 113 12.65 125.07 -1.31
CA GLU E 113 14.05 125.47 -1.45
C GLU E 113 14.79 124.63 -2.47
N LEU E 114 14.20 123.53 -2.92
CA LEU E 114 14.66 122.83 -4.10
C LEU E 114 13.79 123.06 -5.31
N LYS E 115 12.49 123.32 -5.10
CA LYS E 115 11.56 123.52 -6.21
C LYS E 115 11.89 124.77 -7.00
N LYS E 116 12.31 125.82 -6.29
CA LYS E 116 12.73 127.04 -6.97
C LYS E 116 14.01 126.83 -7.76
N LEU E 117 14.86 125.90 -7.34
CA LEU E 117 16.06 125.60 -8.11
C LEU E 117 15.77 124.70 -9.29
N ILE E 118 14.76 123.84 -9.20
CA ILE E 118 14.34 123.07 -10.37
C ILE E 118 13.75 123.99 -11.42
N GLU E 119 12.91 124.93 -10.98
CA GLU E 119 12.32 125.88 -11.92
C GLU E 119 13.36 126.82 -12.49
N LEU E 120 14.35 127.20 -11.67
CA LEU E 120 15.42 128.06 -12.15
C LEU E 120 16.31 127.32 -13.12
N ARG E 121 16.47 126.01 -12.91
CA ARG E 121 17.14 125.16 -13.89
C ARG E 121 16.34 125.10 -15.17
N GLU E 122 15.01 125.11 -15.06
CA GLU E 122 14.17 125.14 -16.26
C GLU E 122 14.24 126.50 -16.95
N ALA E 123 14.60 127.55 -16.21
CA ALA E 123 14.86 128.83 -16.86
C ALA E 123 16.21 128.82 -17.57
N LEU E 124 17.20 128.12 -17.01
CA LEU E 124 18.52 128.11 -17.63
C LEU E 124 18.58 127.18 -18.83
N VAL E 125 17.76 126.12 -18.83
CA VAL E 125 17.77 125.19 -19.97
C VAL E 125 17.05 125.81 -21.16
N ALA E 126 15.88 126.43 -20.93
CA ALA E 126 15.11 127.02 -22.02
C ALA E 126 15.79 128.25 -22.61
N LEU E 127 16.54 128.99 -21.81
CA LEU E 127 17.34 130.16 -22.19
C LEU E 127 16.52 131.27 -22.84
N ASN F 1 29.35 130.94 -24.99
CA ASN F 1 28.13 131.42 -24.35
C ASN F 1 27.30 130.24 -23.83
N LYS F 2 26.99 129.33 -24.76
CA LYS F 2 26.18 128.17 -24.43
C LYS F 2 26.89 127.25 -23.44
N SER F 3 28.21 127.13 -23.60
CA SER F 3 28.99 126.25 -22.73
C SER F 3 29.03 126.79 -21.31
N LEU F 4 28.95 128.11 -21.15
CA LEU F 4 28.88 128.67 -19.80
C LEU F 4 27.52 128.38 -19.16
N VAL F 5 26.47 128.37 -19.98
CA VAL F 5 25.14 128.01 -19.48
C VAL F 5 25.12 126.55 -19.05
N ASP F 6 25.79 125.68 -19.82
CA ASP F 6 25.86 124.26 -19.45
C ASP F 6 26.71 124.04 -18.21
N GLN F 7 27.76 124.85 -18.02
CA GLN F 7 28.54 124.76 -16.79
C GLN F 7 27.72 125.21 -15.59
N MET F 8 26.84 126.21 -15.79
CA MET F 8 25.91 126.58 -14.72
C MET F 8 24.90 125.48 -14.45
N LEU F 9 24.55 124.69 -15.49
CA LEU F 9 23.66 123.56 -15.28
C LEU F 9 24.34 122.45 -14.48
N VAL F 10 25.64 122.22 -14.73
CA VAL F 10 26.36 121.17 -14.00
C VAL F 10 26.55 121.58 -12.55
N GLU F 11 26.90 122.84 -12.31
CA GLU F 11 27.05 123.31 -10.93
C GLU F 11 25.73 123.33 -10.19
N LEU F 12 24.65 123.70 -10.88
CA LEU F 12 23.34 123.72 -10.24
C LEU F 12 22.85 122.32 -9.93
N ASP F 13 23.14 121.36 -10.81
CA ASP F 13 22.82 119.97 -10.53
C ASP F 13 23.65 119.42 -9.39
N LYS F 14 24.87 119.96 -9.20
CA LYS F 14 25.66 119.61 -8.03
C LYS F 14 25.00 120.17 -6.78
N LYS F 15 24.35 121.33 -6.89
CA LYS F 15 23.70 121.88 -5.70
C LYS F 15 22.43 121.12 -5.33
N ILE F 16 21.56 120.86 -6.32
CA ILE F 16 20.29 120.21 -6.02
C ILE F 16 20.52 118.73 -5.68
N SER F 17 21.47 118.09 -6.35
CA SER F 17 21.81 116.73 -5.98
C SER F 17 22.52 116.68 -4.63
N ALA F 18 23.25 117.75 -4.28
CA ALA F 18 23.91 117.80 -2.99
C ALA F 18 22.90 117.89 -1.86
N GLN F 19 21.80 118.61 -2.07
CA GLN F 19 20.77 118.67 -1.04
C GLN F 19 19.94 117.39 -1.03
N MET F 20 19.65 116.85 -2.20
CA MET F 20 18.80 115.68 -2.33
C MET F 20 19.45 114.46 -1.71
N ASP F 21 20.79 114.41 -1.76
CA ASP F 21 21.53 113.40 -1.01
C ASP F 21 21.31 113.53 0.49
N GLU F 22 21.05 114.75 0.98
CA GLU F 22 20.84 114.91 2.41
C GLU F 22 19.42 114.58 2.80
N ILE F 23 18.45 114.84 1.93
CA ILE F 23 17.08 114.49 2.29
C ILE F 23 16.87 112.99 2.20
N LEU F 24 17.33 112.37 1.13
CA LEU F 24 17.08 110.94 0.94
C LEU F 24 17.86 110.06 1.90
N HIS F 25 18.89 110.58 2.55
CA HIS F 25 19.61 109.79 3.53
C HIS F 25 19.16 110.08 4.94
N ASN F 26 18.01 110.73 5.11
CA ASN F 26 17.47 111.02 6.43
C ASN F 26 17.00 109.73 7.08
N SER F 27 17.30 109.59 8.37
CA SER F 27 17.13 108.32 9.06
C SER F 27 15.65 107.98 9.23
N GLN F 28 14.84 108.97 9.62
CA GLN F 28 13.40 108.76 9.67
C GLN F 28 12.85 108.49 8.28
N PHE F 29 13.42 109.14 7.28
CA PHE F 29 12.97 108.92 5.91
C PHE F 29 13.42 107.56 5.41
N GLN F 30 14.55 107.07 5.91
CA GLN F 30 14.94 105.72 5.59
C GLN F 30 14.06 104.71 6.30
N ALA F 31 13.51 105.09 7.45
CA ALA F 31 12.60 104.19 8.15
C ALA F 31 11.28 104.08 7.40
N MET F 32 10.75 105.22 6.97
CA MET F 32 9.49 105.21 6.23
C MET F 32 9.65 104.54 4.88
N GLU F 33 10.68 104.95 4.13
CA GLU F 33 10.88 104.42 2.78
C GLU F 33 11.27 102.96 2.83
N SER F 34 12.02 102.57 3.86
CA SER F 34 12.41 101.18 4.01
C SER F 34 11.20 100.32 4.34
N ALA F 35 10.34 100.81 5.22
CA ALA F 35 9.18 100.04 5.64
C ALA F 35 8.20 99.89 4.49
N TRP F 36 7.91 100.98 3.80
CA TRP F 36 6.89 100.88 2.76
C TRP F 36 7.41 100.26 1.48
N ARG F 37 8.62 100.61 1.06
CA ARG F 37 9.14 100.03 -0.17
C ARG F 37 9.47 98.57 0.03
N GLY F 38 9.98 98.23 1.21
CA GLY F 38 10.13 96.82 1.56
C GLY F 38 8.80 96.12 1.65
N LEU F 39 7.75 96.86 2.05
CA LEU F 39 6.43 96.26 2.16
C LEU F 39 5.89 95.92 0.78
N LYS F 40 6.12 96.79 -0.21
CA LYS F 40 5.67 96.43 -1.56
C LYS F 40 6.52 95.30 -2.11
N LEU F 41 7.80 95.25 -1.70
CA LEU F 41 8.65 94.14 -2.11
C LEU F 41 8.12 92.80 -1.58
N PHE F 42 7.55 92.81 -0.39
CA PHE F 42 6.88 91.61 0.09
C PHE F 42 5.57 91.38 -0.64
N VAL F 43 4.82 92.46 -0.93
CA VAL F 43 3.45 92.30 -1.40
C VAL F 43 3.43 91.75 -2.83
N ASP F 44 4.19 92.34 -3.74
CA ASP F 44 4.02 91.96 -5.13
C ASP F 44 4.64 90.61 -5.47
N ARG F 45 5.42 90.02 -4.57
CA ARG F 45 6.02 88.72 -4.83
C ARG F 45 5.14 87.58 -4.35
N THR F 46 4.05 87.87 -3.68
CA THR F 46 3.12 86.85 -3.24
C THR F 46 2.04 86.67 -4.32
N ASP F 47 1.04 85.86 -4.01
CA ASP F 47 0.01 85.52 -4.99
C ASP F 47 -1.35 85.51 -4.30
N PHE F 48 -2.05 86.63 -4.34
CA PHE F 48 -3.28 86.79 -3.57
C PHE F 48 -4.48 86.16 -4.23
N ARG F 49 -4.31 85.61 -5.42
CA ARG F 49 -5.37 84.79 -5.98
C ARG F 49 -5.31 83.35 -5.50
N GLU F 50 -4.43 83.03 -4.54
CA GLU F 50 -4.42 81.72 -3.91
C GLU F 50 -4.67 81.81 -2.42
N ASN F 51 -5.60 82.67 -2.00
CA ASN F 51 -6.09 82.79 -0.62
C ASN F 51 -4.98 83.14 0.36
N ASN F 52 -4.38 84.31 0.20
CA ASN F 52 -3.45 84.85 1.17
C ASN F 52 -3.88 86.26 1.49
N LYS F 53 -3.88 86.61 2.77
CA LYS F 53 -4.19 87.97 3.13
C LYS F 53 -3.08 88.52 4.01
N VAL F 54 -2.67 89.73 3.71
CA VAL F 54 -1.68 90.39 4.54
C VAL F 54 -2.34 91.62 5.14
N GLU F 55 -2.28 91.71 6.46
CA GLU F 55 -2.87 92.81 7.17
C GLU F 55 -1.78 93.64 7.80
N ILE F 56 -2.08 94.90 8.00
CA ILE F 56 -1.11 95.89 8.44
C ILE F 56 -1.60 96.49 9.73
N LEU F 57 -0.75 96.54 10.74
CA LEU F 57 -1.07 97.24 11.97
C LEU F 57 0.12 98.09 12.38
N HIS F 58 -0.06 99.41 12.35
CA HIS F 58 1.00 100.35 12.68
C HIS F 58 1.31 100.30 14.16
N VAL F 59 2.41 99.65 14.53
CA VAL F 59 2.81 99.57 15.92
C VAL F 59 4.31 99.85 16.00
N THR F 60 4.72 100.77 16.85
CA THR F 60 6.13 100.87 17.16
C THR F 60 6.44 100.07 18.42
N LYS F 61 7.73 99.82 18.65
CA LYS F 61 8.15 98.90 19.71
C LYS F 61 7.77 99.41 21.08
N ASP F 62 7.80 100.72 21.24
CA ASP F 62 7.59 101.32 22.56
C ASP F 62 6.15 101.17 23.00
N GLU F 63 5.23 100.98 22.06
CA GLU F 63 3.88 100.73 22.51
C GLU F 63 3.53 99.25 22.52
N LEU F 64 4.39 98.37 21.98
CA LEU F 64 4.26 96.97 22.36
C LEU F 64 4.72 96.76 23.79
N LEU F 65 5.79 97.44 24.18
CA LEU F 65 6.27 97.25 25.55
C LEU F 65 5.41 98.00 26.54
N GLU F 66 5.03 99.23 26.22
CA GLU F 66 4.12 99.98 27.07
C GLU F 66 2.75 99.32 27.11
N ASP F 67 2.36 98.69 26.00
CA ASP F 67 1.08 98.00 25.95
C ASP F 67 1.08 96.74 26.79
N PHE F 68 2.08 95.88 26.58
CA PHE F 68 2.17 94.64 27.32
C PHE F 68 2.37 94.88 28.81
N GLU F 69 3.17 95.87 29.19
CA GLU F 69 3.30 96.14 30.61
C GLU F 69 2.08 96.82 31.17
N PHE F 70 1.36 97.58 30.34
CA PHE F 70 0.13 98.19 30.82
C PHE F 70 -0.98 97.15 30.91
N ALA F 71 -0.86 96.09 30.13
CA ALA F 71 -1.81 94.98 30.21
C ALA F 71 -1.50 94.16 31.46
N PRO F 72 -2.53 93.64 32.13
CA PRO F 72 -2.31 92.93 33.39
C PRO F 72 -1.64 91.58 33.19
N GLU F 73 -1.71 91.08 31.97
CA GLU F 73 -1.06 89.84 31.59
C GLU F 73 -0.86 89.88 30.09
N THR F 74 -0.55 88.74 29.50
CA THR F 74 -0.48 88.70 28.04
C THR F 74 -1.86 88.54 27.45
N ALA F 75 -2.82 88.07 28.23
CA ALA F 75 -4.09 87.62 27.69
C ALA F 75 -5.12 88.72 27.58
N GLN F 76 -4.78 89.96 27.85
CA GLN F 76 -5.75 91.04 27.71
C GLN F 76 -5.17 92.24 27.02
N SER F 77 -4.05 92.10 26.32
CA SER F 77 -3.47 93.23 25.64
C SER F 77 -4.24 93.56 24.36
N GLY F 78 -3.78 94.59 23.67
CA GLY F 78 -4.41 94.92 22.40
C GLY F 78 -4.07 93.91 21.32
N LEU F 79 -2.78 93.55 21.22
CA LEU F 79 -2.34 92.70 20.12
C LEU F 79 -2.86 91.28 20.29
N TYR F 80 -3.12 90.87 21.53
CA TYR F 80 -3.77 89.60 21.76
C TYR F 80 -5.21 89.62 21.28
N LYS F 81 -5.82 90.80 21.26
CA LYS F 81 -7.19 90.90 20.75
C LYS F 81 -7.22 91.04 19.25
N HIS F 82 -6.14 91.51 18.64
CA HIS F 82 -6.13 91.57 17.17
C HIS F 82 -5.70 90.25 16.56
N VAL F 83 -4.91 89.47 17.29
CA VAL F 83 -4.42 88.21 16.76
C VAL F 83 -5.31 87.06 17.21
N TYR F 84 -5.47 86.92 18.52
CA TYR F 84 -6.17 85.75 19.05
C TYR F 84 -7.69 85.92 19.00
N SER F 85 -8.20 86.98 19.63
CA SER F 85 -9.62 87.04 19.94
C SER F 85 -10.44 87.42 18.71
N ALA F 86 -9.91 88.27 17.86
CA ALA F 86 -10.61 88.56 16.62
C ALA F 86 -10.32 87.54 15.55
N GLY F 87 -9.39 86.64 15.79
CA GLY F 87 -9.03 85.63 14.83
C GLY F 87 -9.37 84.22 15.31
N TYR F 88 -8.35 83.58 15.88
CA TYR F 88 -8.31 82.13 16.07
C TYR F 88 -9.43 81.63 16.96
N GLY F 89 -9.79 82.39 17.97
CA GLY F 89 -10.76 81.92 18.93
C GLY F 89 -12.12 82.56 18.77
N GLN F 90 -12.41 83.09 17.59
CA GLN F 90 -13.70 83.72 17.32
C GLN F 90 -14.51 82.79 16.44
N PHE F 91 -15.79 82.67 16.75
CA PHE F 91 -16.67 81.78 15.99
C PHE F 91 -16.78 82.26 14.55
N GLY F 92 -16.14 81.53 13.64
CA GLY F 92 -16.21 81.82 12.24
C GLY F 92 -15.04 82.60 11.68
N GLY F 93 -14.12 83.07 12.51
CA GLY F 93 -12.98 83.83 12.06
C GLY F 93 -11.95 82.98 11.38
N GLU F 94 -10.78 83.56 11.14
CA GLU F 94 -9.71 82.89 10.43
C GLU F 94 -8.44 83.00 11.25
N PRO F 95 -7.62 81.99 11.26
CA PRO F 95 -6.44 82.02 12.14
C PRO F 95 -5.32 82.87 11.57
N VAL F 96 -4.49 83.41 12.45
CA VAL F 96 -3.30 84.13 12.01
C VAL F 96 -2.19 83.12 11.73
N GLY F 97 -1.68 83.12 10.50
CA GLY F 97 -0.73 82.09 10.11
C GLY F 97 0.67 82.40 10.58
N ALA F 98 1.09 83.65 10.42
CA ALA F 98 2.43 84.07 10.80
C ALA F 98 2.41 85.55 11.09
N ILE F 99 3.37 86.00 11.89
CA ILE F 99 3.49 87.41 12.23
C ILE F 99 4.89 87.85 11.85
N ILE F 100 4.97 88.91 11.08
CA ILE F 100 6.23 89.41 10.58
C ILE F 100 6.49 90.75 11.24
N GLY F 101 7.62 90.88 11.93
CA GLY F 101 7.95 92.09 12.63
C GLY F 101 8.96 92.90 11.85
N ASN F 102 8.55 94.11 11.47
CA ASN F 102 9.46 95.04 10.80
C ASN F 102 10.19 95.85 11.86
N TYR F 103 10.97 95.14 12.66
CA TYR F 103 11.67 95.71 13.79
C TYR F 103 13.14 95.38 13.68
N ALA F 104 13.91 95.88 14.63
CA ALA F 104 15.29 95.47 14.81
C ALA F 104 15.55 95.33 16.30
N PHE F 105 16.18 94.22 16.70
CA PHE F 105 16.27 93.89 18.11
C PHE F 105 17.69 94.00 18.61
N THR F 106 17.83 94.56 19.81
CA THR F 106 19.09 94.78 20.50
C THR F 106 19.12 93.85 21.69
N PRO F 107 20.23 93.71 22.42
CA PRO F 107 20.18 92.97 23.69
C PRO F 107 19.60 93.76 24.85
N SER F 108 18.93 94.88 24.60
CA SER F 108 18.38 95.66 25.70
C SER F 108 17.20 94.94 26.31
N THR F 109 17.10 95.05 27.64
CA THR F 109 16.03 94.45 28.43
C THR F 109 14.62 94.75 27.92
N PRO F 110 14.28 95.94 27.37
CA PRO F 110 12.99 96.05 26.69
C PRO F 110 12.79 95.10 25.52
N ASP F 111 13.86 94.83 24.75
CA ASP F 111 13.68 93.96 23.59
C ASP F 111 13.50 92.51 23.99
N MET F 112 14.20 92.07 25.03
CA MET F 112 14.08 90.68 25.42
C MET F 112 12.80 90.44 26.22
N LYS F 113 12.31 91.47 26.91
CA LYS F 113 10.98 91.32 27.48
C LYS F 113 9.92 91.30 26.38
N LEU F 114 10.17 92.04 25.29
CA LEU F 114 9.29 91.99 24.13
C LEU F 114 9.27 90.61 23.52
N LEU F 115 10.41 89.94 23.43
CA LEU F 115 10.40 88.62 22.82
C LEU F 115 9.86 87.56 23.76
N GLN F 116 9.97 87.76 25.08
CA GLN F 116 9.30 86.82 25.96
C GLN F 116 7.79 86.91 25.79
N TYR F 117 7.27 88.13 25.73
CA TYR F 117 5.84 88.27 25.58
C TYR F 117 5.35 87.84 24.21
N MET F 118 6.10 88.12 23.15
CA MET F 118 5.66 87.66 21.83
C MET F 118 5.86 86.16 21.67
N GLY F 119 6.73 85.58 22.48
CA GLY F 119 6.71 84.13 22.60
C GLY F 119 5.41 83.64 23.22
N ALA F 120 4.88 84.39 24.18
CA ALA F 120 3.62 83.98 24.79
C ALA F 120 2.44 84.14 23.83
N LEU F 121 2.42 85.24 23.08
CA LEU F 121 1.36 85.46 22.09
C LEU F 121 1.43 84.41 20.99
N GLY F 122 2.65 84.12 20.54
CA GLY F 122 2.82 83.03 19.59
C GLY F 122 2.46 81.68 20.17
N ALA F 123 2.48 81.56 21.49
CA ALA F 123 2.06 80.31 22.10
C ALA F 123 0.55 80.16 22.07
N MET F 124 -0.17 81.18 22.51
CA MET F 124 -1.61 81.00 22.61
C MET F 124 -2.31 81.21 21.27
N ALA F 125 -1.62 81.76 20.29
CA ALA F 125 -2.30 82.03 19.04
C ALA F 125 -1.71 81.30 17.84
N HIS F 126 -0.67 80.49 18.06
CA HIS F 126 -0.02 79.67 17.04
C HIS F 126 0.45 80.49 15.86
N ALA F 127 1.20 81.55 16.13
CA ALA F 127 1.69 82.42 15.11
C ALA F 127 3.17 82.62 15.37
N PRO F 128 4.04 82.17 14.48
CA PRO F 128 5.47 82.42 14.67
C PRO F 128 5.78 83.89 14.41
N PHE F 129 6.64 84.44 15.25
CA PHE F 129 7.04 85.83 15.14
C PHE F 129 8.42 85.87 14.51
N ILE F 130 8.56 86.66 13.45
CA ILE F 130 9.80 86.78 12.70
C ILE F 130 10.23 88.24 12.74
N SER F 131 11.51 88.48 12.96
CA SER F 131 11.96 89.85 13.04
C SER F 131 13.41 89.92 12.55
N SER F 132 14.09 91.01 12.85
CA SER F 132 15.47 91.18 12.42
C SER F 132 16.38 91.42 13.61
N VAL F 133 17.51 90.76 13.58
CA VAL F 133 18.63 91.02 14.47
C VAL F 133 19.36 92.23 13.93
N GLY F 134 19.48 93.24 14.78
CA GLY F 134 20.17 94.46 14.42
C GLY F 134 21.66 94.27 14.45
N PRO F 135 22.39 95.27 13.95
CA PRO F 135 23.85 95.14 13.91
C PRO F 135 24.51 95.10 15.28
N GLU F 136 23.97 95.80 16.28
CA GLU F 136 24.66 95.79 17.56
C GLU F 136 24.29 94.60 18.42
N PHE F 137 23.57 93.62 17.88
CA PHE F 137 23.26 92.45 18.67
C PHE F 137 24.47 91.53 18.79
N PHE F 138 25.41 91.65 17.86
CA PHE F 138 26.58 90.78 17.87
C PHE F 138 27.76 91.46 18.51
N GLY F 139 27.60 92.71 18.92
CA GLY F 139 28.66 93.46 19.55
C GLY F 139 29.48 94.32 18.62
N ILE F 140 29.05 94.49 17.37
CA ILE F 140 29.84 95.20 16.38
C ILE F 140 29.06 96.39 15.84
N ASP F 141 29.72 97.14 14.96
CA ASP F 141 29.14 98.37 14.44
C ASP F 141 28.05 98.08 13.43
N SER F 142 28.41 97.47 12.31
CA SER F 142 27.47 97.13 11.26
C SER F 142 27.87 95.77 10.73
N PHE F 143 27.05 95.25 9.81
CA PHE F 143 27.18 93.86 9.43
C PHE F 143 28.40 93.56 8.58
N GLU F 144 29.16 94.56 8.19
CA GLU F 144 30.29 94.27 7.33
C GLU F 144 31.53 93.82 8.08
N GLU F 145 31.39 93.26 9.28
CA GLU F 145 32.51 92.62 9.97
C GLU F 145 32.20 91.19 10.40
N LEU F 146 31.18 90.57 9.85
CA LEU F 146 31.01 89.13 10.05
C LEU F 146 32.14 88.27 9.48
N PRO F 147 32.86 88.66 8.41
CA PRO F 147 34.14 87.99 8.18
C PRO F 147 35.23 88.35 9.17
N ASN F 148 35.03 89.34 10.03
CA ASN F 148 36.09 89.73 10.93
C ASN F 148 35.86 89.30 12.38
N ILE F 149 34.76 88.61 12.67
CA ILE F 149 34.56 88.09 14.02
C ILE F 149 35.05 86.66 14.06
N LYS F 150 35.93 86.36 15.02
CA LYS F 150 36.59 85.06 15.04
C LYS F 150 35.67 83.94 15.46
N ASP F 151 34.81 84.15 16.46
CA ASP F 151 34.00 83.05 16.95
C ASP F 151 32.73 83.57 17.60
N LEU F 152 31.57 83.09 17.15
CA LEU F 152 30.31 83.59 17.69
C LEU F 152 29.89 82.81 18.93
N LYS F 153 30.20 81.51 18.97
CA LYS F 153 29.83 80.68 20.10
C LYS F 153 30.54 81.13 21.36
N SER F 154 31.77 81.62 21.22
CA SER F 154 32.46 82.18 22.38
C SER F 154 32.13 83.65 22.58
N THR F 155 31.53 84.30 21.59
CA THR F 155 31.06 85.66 21.79
C THR F 155 29.85 85.68 22.69
N PHE F 156 28.93 84.75 22.51
CA PHE F 156 27.68 84.81 23.26
C PHE F 156 27.79 84.29 24.69
N GLU F 157 28.97 84.10 25.25
CA GLU F 157 29.04 83.73 26.65
C GLU F 157 29.25 84.91 27.58
N SER F 158 29.32 86.12 27.04
CA SER F 158 29.54 87.30 27.87
C SER F 158 28.32 87.57 28.74
N PRO F 159 28.50 88.20 29.89
CA PRO F 159 27.33 88.55 30.72
C PRO F 159 26.45 89.64 30.15
N LYS F 160 26.80 90.21 28.99
CA LYS F 160 25.86 91.07 28.30
C LYS F 160 24.65 90.28 27.81
N TYR F 161 24.84 89.01 27.47
CA TYR F 161 23.83 88.24 26.76
C TYR F 161 23.11 87.26 27.67
N THR F 162 23.16 87.49 28.99
CA THR F 162 22.60 86.56 29.96
C THR F 162 21.09 86.45 29.80
N LYS F 163 20.45 87.56 29.46
CA LYS F 163 19.02 87.52 29.23
C LYS F 163 18.68 86.75 27.96
N TRP F 164 19.54 86.86 26.94
CA TRP F 164 19.33 86.15 25.69
C TRP F 164 19.46 84.64 25.89
N ARG F 165 20.48 84.20 26.62
CA ARG F 165 20.59 82.78 26.89
C ARG F 165 19.52 82.33 27.87
N SER F 166 18.94 83.26 28.62
CA SER F 166 17.75 82.87 29.35
C SER F 166 16.54 82.81 28.43
N LEU F 167 16.62 83.42 27.24
CA LEU F 167 15.46 83.41 26.35
C LEU F 167 15.43 82.17 25.48
N ARG F 168 16.59 81.72 24.99
CA ARG F 168 16.60 80.52 24.14
C ARG F 168 16.14 79.28 24.87
N GLU F 169 16.44 79.15 26.15
CA GLU F 169 16.08 77.96 26.88
C GLU F 169 14.62 77.94 27.25
N SER F 170 13.89 79.03 27.04
CA SER F 170 12.48 79.03 27.39
C SER F 170 11.70 78.16 26.42
N GLU F 171 10.57 77.66 26.89
CA GLU F 171 9.80 76.74 26.06
C GLU F 171 8.97 77.46 25.01
N ASP F 172 8.93 78.78 25.03
CA ASP F 172 8.22 79.51 23.99
C ASP F 172 9.13 80.01 22.88
N ALA F 173 10.38 79.58 22.85
CA ALA F 173 11.24 80.03 21.78
C ALA F 173 11.08 79.20 20.51
N ARG F 174 10.11 78.30 20.47
CA ARG F 174 9.75 77.68 19.20
C ARG F 174 9.10 78.66 18.25
N TYR F 175 8.54 79.73 18.78
CA TYR F 175 7.67 80.60 18.01
C TYR F 175 8.34 81.89 17.60
N LEU F 176 9.65 82.02 17.82
CA LEU F 176 10.38 83.20 17.40
C LEU F 176 11.41 82.79 16.36
N GLY F 177 11.70 83.69 15.45
CA GLY F 177 12.85 83.49 14.59
C GLY F 177 13.45 84.83 14.32
N LEU F 178 14.73 85.01 14.61
CA LEU F 178 15.37 86.28 14.38
C LEU F 178 16.32 86.13 13.20
N THR F 179 16.24 87.05 12.26
CA THR F 179 16.96 86.89 11.01
C THR F 179 18.17 87.80 10.94
N ALA F 180 19.24 87.25 10.38
CA ALA F 180 20.54 87.84 10.13
C ALA F 180 20.47 88.50 8.74
N PRO F 181 21.57 88.97 8.12
CA PRO F 181 21.65 90.37 7.71
C PRO F 181 20.63 90.82 6.67
N ARG F 182 20.50 92.13 6.57
CA ARG F 182 19.47 92.78 5.76
C ARG F 182 19.84 92.72 4.28
N PHE F 183 19.07 93.36 3.42
CA PHE F 183 19.42 93.37 2.00
C PHE F 183 18.87 94.61 1.32
N LEU F 184 19.37 94.89 0.12
CA LEU F 184 19.02 96.08 -0.61
C LEU F 184 17.57 96.06 -1.10
N LEU F 185 16.94 97.22 -1.11
CA LEU F 185 15.65 97.35 -1.75
C LEU F 185 15.73 98.03 -3.11
N ARG F 186 16.66 98.97 -3.24
CA ARG F 186 16.60 99.97 -4.31
C ARG F 186 17.99 100.22 -4.85
N VAL F 187 18.13 100.16 -6.16
CA VAL F 187 19.37 100.55 -6.82
C VAL F 187 19.60 102.03 -6.55
N PRO F 188 20.79 102.43 -6.12
CA PRO F 188 21.10 103.85 -6.00
C PRO F 188 21.04 104.53 -7.36
N TYR F 189 20.59 105.78 -7.34
CA TYR F 189 20.21 106.49 -8.55
C TYR F 189 21.41 106.86 -9.40
N ASP F 190 21.14 107.18 -10.66
CA ASP F 190 22.16 107.31 -11.64
C ASP F 190 21.39 108.01 -12.77
N PRO F 191 22.06 108.70 -13.67
CA PRO F 191 21.33 109.27 -14.81
C PRO F 191 20.75 108.21 -15.73
N ILE F 192 21.43 107.10 -15.87
CA ILE F 192 21.05 106.06 -16.82
C ILE F 192 20.33 104.91 -16.13
N GLU F 193 20.90 104.39 -15.04
CA GLU F 193 20.50 103.09 -14.51
C GLU F 193 19.15 103.12 -13.79
N ASN F 194 18.83 104.21 -13.14
CA ASN F 194 17.51 104.34 -12.54
C ASN F 194 17.16 105.81 -12.54
N PRO F 195 16.65 106.32 -13.65
CA PRO F 195 16.62 107.76 -13.86
C PRO F 195 15.49 108.43 -13.13
N VAL F 196 15.60 109.76 -13.08
CA VAL F 196 14.59 110.65 -12.51
C VAL F 196 14.11 111.59 -13.60
N LYS F 197 12.87 112.05 -13.47
CA LYS F 197 12.28 112.89 -14.50
C LYS F 197 12.65 114.36 -14.28
N SER F 198 12.95 115.02 -15.40
CA SER F 198 13.17 116.47 -15.50
C SER F 198 14.36 116.97 -14.69
N PHE F 199 15.29 116.08 -14.33
CA PHE F 199 16.43 116.49 -13.54
C PHE F 199 17.58 115.49 -13.71
N ASN F 200 18.81 115.98 -13.57
CA ASN F 200 19.99 115.12 -13.59
C ASN F 200 20.46 114.89 -12.15
N TYR F 201 20.19 113.69 -11.65
CA TYR F 201 20.59 113.30 -10.30
C TYR F 201 21.53 112.11 -10.32
N ALA F 202 22.61 112.22 -9.55
CA ALA F 202 23.61 111.15 -9.43
C ALA F 202 23.88 110.93 -7.95
N GLU F 203 23.33 109.85 -7.39
CA GLU F 203 23.43 109.63 -5.96
C GLU F 203 24.84 109.24 -5.59
N ASN F 204 25.53 110.13 -4.89
CA ASN F 204 26.91 109.93 -4.50
C ASN F 204 26.90 109.19 -3.18
N VAL F 205 26.88 107.87 -3.26
CA VAL F 205 26.95 107.06 -2.05
C VAL F 205 28.40 106.91 -1.64
N SER F 206 28.69 107.19 -0.37
CA SER F 206 30.06 107.19 0.15
C SER F 206 30.53 105.77 0.43
N ALA F 207 31.62 105.66 1.18
CA ALA F 207 32.08 104.37 1.68
C ALA F 207 31.22 103.84 2.82
N SER F 208 30.57 104.71 3.59
CA SER F 208 29.72 104.27 4.69
C SER F 208 28.43 103.71 4.09
N HIS F 209 28.17 102.44 4.35
CA HIS F 209 27.10 101.78 3.62
C HIS F 209 25.73 101.97 4.26
N GLU F 210 25.58 102.90 5.19
CA GLU F 210 24.24 103.22 5.63
C GLU F 210 23.48 104.04 4.62
N HIS F 211 24.14 104.55 3.59
CA HIS F 211 23.48 105.43 2.65
C HIS F 211 22.58 104.66 1.69
N TYR F 212 22.85 103.38 1.50
CA TYR F 212 21.91 102.52 0.79
C TYR F 212 20.60 102.41 1.55
N LEU F 213 19.54 102.05 0.85
CA LEU F 213 18.27 101.78 1.50
C LEU F 213 18.23 100.31 1.86
N TRP F 214 18.40 100.01 3.15
CA TRP F 214 18.34 98.62 3.56
C TRP F 214 16.95 98.24 4.03
N GLY F 215 16.45 97.14 3.49
CA GLY F 215 15.13 96.68 3.90
C GLY F 215 15.24 95.56 4.88
N ASN F 216 14.12 95.15 5.47
CA ASN F 216 14.16 94.10 6.47
C ASN F 216 14.21 92.75 5.78
N THR F 217 14.85 91.79 6.45
CA THR F 217 14.93 90.43 5.92
C THR F 217 13.61 89.70 6.12
N ALA F 218 12.89 90.05 7.20
CA ALA F 218 11.72 89.29 7.61
C ALA F 218 10.60 89.41 6.58
N PHE F 219 10.60 90.49 5.81
CA PHE F 219 9.74 90.58 4.65
C PHE F 219 10.08 89.52 3.61
N ALA F 220 11.38 89.33 3.31
CA ALA F 220 11.75 88.34 2.30
C ALA F 220 11.42 86.94 2.78
N PHE F 221 11.64 86.67 4.06
CA PHE F 221 11.24 85.41 4.64
C PHE F 221 9.73 85.24 4.56
N ALA F 222 8.99 86.34 4.66
CA ALA F 222 7.54 86.25 4.55
C ALA F 222 7.11 86.00 3.10
N THR F 223 7.88 86.46 2.13
CA THR F 223 7.61 86.08 0.75
C THR F 223 7.79 84.60 0.56
N ARG F 224 8.76 84.02 1.27
CA ARG F 224 8.95 82.59 1.12
C ARG F 224 7.85 81.78 1.81
N LEU F 225 7.34 82.27 2.94
CA LEU F 225 6.20 81.60 3.56
C LEU F 225 4.95 81.68 2.69
N THR F 226 4.61 82.88 2.22
CA THR F 226 3.34 83.05 1.51
C THR F 226 3.39 82.43 0.13
N ASP F 227 4.55 82.47 -0.52
CA ASP F 227 4.68 81.80 -1.82
C ASP F 227 4.63 80.29 -1.68
N SER F 228 5.25 79.76 -0.63
CA SER F 228 5.19 78.32 -0.42
C SER F 228 3.77 77.87 -0.14
N PHE F 229 3.01 78.72 0.56
CA PHE F 229 1.61 78.39 0.82
C PHE F 229 0.78 78.50 -0.44
N ALA F 230 1.14 79.43 -1.33
CA ALA F 230 0.37 79.60 -2.55
C ALA F 230 0.61 78.44 -3.50
N LYS F 231 1.82 77.88 -3.47
CA LYS F 231 2.03 76.71 -4.30
C LYS F 231 1.40 75.46 -3.68
N TYR F 232 1.61 75.23 -2.39
CA TYR F 232 1.47 73.90 -1.85
C TYR F 232 0.51 73.76 -0.67
N ARG F 233 -0.21 74.82 -0.31
CA ARG F 233 -1.18 74.86 0.80
C ARG F 233 -0.57 74.50 2.15
N TRP F 234 0.73 74.62 2.31
CA TRP F 234 1.42 74.43 3.58
C TRP F 234 2.63 75.34 3.56
N CYS F 235 3.36 75.39 4.67
CA CYS F 235 4.64 76.10 4.66
C CYS F 235 5.80 75.29 5.23
N PRO F 236 6.18 74.14 4.64
CA PRO F 236 7.44 73.54 5.07
C PRO F 236 8.60 73.86 4.14
N ASN F 237 8.31 74.49 3.00
CA ASN F 237 9.31 74.61 1.95
C ASN F 237 9.87 76.03 1.91
N ILE F 238 10.77 76.30 2.86
CA ILE F 238 11.40 77.61 2.92
C ILE F 238 12.91 77.51 3.10
N ILE F 239 13.49 76.34 2.86
CA ILE F 239 14.83 76.07 3.35
C ILE F 239 15.86 75.64 2.33
N GLY F 240 15.80 76.15 1.12
CA GLY F 240 16.80 75.73 0.16
C GLY F 240 16.99 76.65 -1.01
N PRO F 241 18.07 76.42 -1.76
CA PRO F 241 18.18 77.05 -3.07
C PRO F 241 17.19 76.48 -4.07
N GLN F 242 16.72 75.27 -3.84
CA GLN F 242 15.76 74.66 -4.76
C GLN F 242 14.51 74.15 -4.10
N SER F 243 14.51 73.94 -2.78
CA SER F 243 13.34 73.37 -2.14
C SER F 243 12.24 74.39 -1.96
N GLY F 244 12.54 75.67 -2.12
CA GLY F 244 11.53 76.69 -2.09
C GLY F 244 12.01 77.98 -1.47
N GLY F 245 13.12 77.92 -0.76
CA GLY F 245 13.55 79.07 0.00
C GLY F 245 14.35 80.08 -0.78
N ALA F 246 14.46 79.90 -2.10
CA ALA F 246 15.28 80.79 -2.90
C ALA F 246 14.58 82.13 -3.08
N VAL F 247 15.22 83.19 -2.61
CA VAL F 247 14.74 84.55 -2.84
C VAL F 247 15.49 85.08 -4.04
N GLU F 248 14.79 85.23 -5.15
CA GLU F 248 15.40 85.64 -6.40
C GLU F 248 15.30 87.14 -6.57
N ASP F 249 15.97 87.63 -7.61
CA ASP F 249 15.85 89.01 -8.10
C ASP F 249 16.26 90.04 -7.05
N LEU F 250 17.52 90.09 -6.70
CA LEU F 250 17.94 91.19 -5.86
C LEU F 250 18.69 92.24 -6.66
N PRO F 251 18.58 93.52 -6.28
CA PRO F 251 19.25 94.58 -7.04
C PRO F 251 20.75 94.58 -6.80
N VAL F 252 21.49 94.88 -7.87
CA VAL F 252 22.94 94.97 -7.80
C VAL F 252 23.34 96.42 -7.94
N HIS F 253 24.60 96.68 -7.66
CA HIS F 253 25.11 98.04 -7.81
C HIS F 253 26.59 97.95 -8.18
N VAL F 254 26.87 97.93 -9.46
CA VAL F 254 28.24 97.86 -9.93
C VAL F 254 28.86 99.25 -9.84
N PHE F 255 29.88 99.39 -9.00
CA PHE F 255 30.46 100.71 -8.80
C PHE F 255 31.97 100.59 -8.84
N GLU F 256 32.62 101.70 -9.16
CA GLU F 256 34.06 101.70 -9.41
C GLU F 256 34.84 101.57 -8.11
N SER F 257 35.66 100.54 -8.03
CA SER F 257 36.50 100.26 -6.87
C SER F 257 37.86 100.96 -7.07
N MET F 258 38.92 100.58 -6.38
CA MET F 258 40.24 101.15 -6.57
C MET F 258 40.86 100.72 -7.90
N GLY F 259 40.35 101.27 -9.00
CA GLY F 259 40.83 100.95 -10.32
C GLY F 259 40.00 99.94 -11.06
N ALA F 260 39.37 99.01 -10.37
CA ALA F 260 38.60 97.96 -11.01
C ALA F 260 37.12 98.15 -10.71
N LEU F 261 36.30 97.27 -11.27
CA LEU F 261 34.89 97.20 -10.93
C LEU F 261 34.70 96.15 -9.86
N GLN F 262 33.64 96.31 -9.06
CA GLN F 262 33.19 95.25 -8.19
C GLN F 262 31.70 95.42 -7.97
N SER F 263 31.04 94.33 -7.66
CA SER F 263 29.62 94.34 -7.35
C SER F 263 29.45 94.60 -5.87
N LYS F 264 28.69 95.64 -5.53
CA LYS F 264 28.29 95.76 -4.15
C LYS F 264 27.27 94.69 -3.84
N ILE F 265 27.53 93.95 -2.78
CA ILE F 265 26.75 92.75 -2.47
C ILE F 265 25.35 93.17 -2.04
N PRO F 266 24.30 92.50 -2.51
CA PRO F 266 22.95 92.89 -2.12
C PRO F 266 22.66 92.68 -0.65
N THR F 267 23.10 91.58 -0.07
CA THR F 267 23.16 91.51 1.39
C THR F 267 24.40 92.26 1.82
N GLU F 268 24.51 92.53 3.12
CA GLU F 268 25.65 93.33 3.58
C GLU F 268 26.95 92.57 3.44
N VAL F 269 26.93 91.27 3.66
CA VAL F 269 28.13 90.46 3.53
C VAL F 269 27.82 89.20 2.75
N LEU F 270 28.89 88.60 2.23
CA LEU F 270 28.89 87.25 1.70
C LEU F 270 29.22 86.36 2.89
N ILE F 271 28.18 85.76 3.47
CA ILE F 271 28.39 84.87 4.60
C ILE F 271 28.97 83.56 4.11
N THR F 272 30.18 83.23 4.55
CA THR F 272 30.75 81.94 4.22
C THR F 272 30.02 80.84 4.98
N ASP F 273 30.17 79.61 4.49
CA ASP F 273 29.26 78.55 4.91
C ASP F 273 29.50 78.11 6.33
N ARG F 274 30.74 78.22 6.81
CA ARG F 274 30.98 77.98 8.23
C ARG F 274 30.29 79.03 9.08
N LYS F 275 30.30 80.27 8.62
CA LYS F 275 29.62 81.34 9.35
C LYS F 275 28.11 81.15 9.29
N GLU F 276 27.61 80.57 8.20
CA GLU F 276 26.18 80.31 8.11
C GLU F 276 25.77 79.21 9.07
N PHE F 277 26.56 78.13 9.15
CA PHE F 277 26.20 77.05 10.05
C PHE F 277 26.30 77.49 11.50
N GLU F 278 27.20 78.43 11.79
CA GLU F 278 27.25 78.97 13.13
C GLU F 278 26.03 79.82 13.44
N LEU F 279 25.59 80.64 12.48
CA LEU F 279 24.38 81.41 12.69
C LEU F 279 23.16 80.50 12.76
N ALA F 280 23.24 79.32 12.15
CA ALA F 280 22.12 78.40 12.24
C ALA F 280 22.10 77.71 13.60
N GLU F 281 23.27 77.49 14.19
CA GLU F 281 23.28 76.88 15.52
C GLU F 281 22.89 77.87 16.60
N GLU F 282 23.04 79.16 16.34
CA GLU F 282 22.68 80.15 17.33
C GLU F 282 21.21 80.54 17.25
N GLY F 283 20.45 79.92 16.35
CA GLY F 283 19.05 80.24 16.21
C GLY F 283 18.74 81.41 15.30
N PHE F 284 19.55 81.64 14.29
CA PHE F 284 19.33 82.77 13.40
C PHE F 284 19.12 82.24 11.99
N ILE F 285 18.40 83.01 11.19
CA ILE F 285 18.11 82.64 9.80
C ILE F 285 19.04 83.48 8.94
N ALA F 286 20.05 82.86 8.37
CA ALA F 286 21.07 83.59 7.64
C ALA F 286 20.65 83.73 6.20
N LEU F 287 20.35 84.95 5.78
CA LEU F 287 20.15 85.23 4.36
C LEU F 287 21.51 85.21 3.68
N THR F 288 21.78 84.17 2.91
CA THR F 288 23.09 83.99 2.30
C THR F 288 23.08 84.39 0.84
N MET F 289 24.00 85.28 0.49
CA MET F 289 24.16 85.71 -0.88
C MET F 289 24.86 84.62 -1.65
N ARG F 290 24.41 84.39 -2.88
CA ARG F 290 25.11 83.51 -3.79
C ARG F 290 26.10 84.32 -4.60
N LYS F 291 27.40 84.10 -4.36
CA LYS F 291 28.46 84.94 -4.92
C LYS F 291 28.47 84.87 -6.44
N GLY F 292 28.55 86.03 -7.07
CA GLY F 292 28.56 86.11 -8.51
C GLY F 292 27.19 86.10 -9.14
N SER F 293 26.14 86.14 -8.34
CA SER F 293 24.80 86.19 -8.87
C SER F 293 24.12 87.41 -8.28
N ASP F 294 22.82 87.50 -8.50
CA ASP F 294 21.97 88.47 -7.84
C ASP F 294 20.87 87.76 -7.05
N ASN F 295 21.16 86.55 -6.59
CA ASN F 295 20.18 85.70 -5.97
C ASN F 295 20.67 85.34 -4.58
N ALA F 296 19.74 85.11 -3.66
CA ALA F 296 20.10 84.78 -2.30
C ALA F 296 19.27 83.60 -1.82
N ALA F 297 19.64 83.04 -0.69
CA ALA F 297 18.98 81.83 -0.24
C ALA F 297 19.08 81.69 1.26
N PHE F 298 18.07 81.04 1.82
CA PHE F 298 18.06 80.59 3.21
C PHE F 298 18.57 79.16 3.23
N PHE F 299 19.81 78.96 3.64
CA PHE F 299 20.28 77.58 3.81
C PHE F 299 19.68 76.94 5.04
N SER F 300 19.14 77.73 5.96
CA SER F 300 18.64 77.19 7.21
C SER F 300 17.59 78.14 7.75
N ALA F 301 16.62 77.59 8.46
CA ALA F 301 15.56 78.38 9.08
C ALA F 301 15.29 77.86 10.48
N ASN F 302 16.33 77.73 11.29
CA ASN F 302 16.14 77.35 12.68
C ASN F 302 15.39 78.44 13.45
N SER F 303 14.78 78.03 14.57
CA SER F 303 14.19 78.98 15.50
C SER F 303 15.12 79.18 16.68
N ILE F 304 14.64 79.91 17.69
CA ILE F 304 15.51 80.41 18.74
C ILE F 304 15.94 79.30 19.69
N GLN F 305 15.07 78.32 19.93
CA GLN F 305 15.23 77.46 21.10
C GLN F 305 16.44 76.55 21.00
N LYS F 306 17.20 76.51 22.05
CA LYS F 306 18.44 75.76 22.11
C LYS F 306 18.14 74.28 22.03
N PRO F 307 18.73 73.58 21.06
CA PRO F 307 18.45 72.16 20.93
C PRO F 307 19.09 71.41 22.08
N LYS F 308 18.27 70.66 22.81
CA LYS F 308 18.73 70.00 24.04
C LYS F 308 19.68 68.86 23.75
N VAL F 309 20.48 68.52 24.76
CA VAL F 309 21.35 67.35 24.74
C VAL F 309 20.83 66.33 25.74
N PHE F 310 20.61 65.11 25.29
CA PHE F 310 20.11 64.02 26.11
C PHE F 310 21.19 62.95 26.21
N PRO F 311 21.11 62.01 27.16
CA PRO F 311 22.16 60.99 27.26
C PRO F 311 22.18 60.10 26.02
N ASN F 312 23.36 59.58 25.71
CA ASN F 312 23.53 58.82 24.47
C ASN F 312 23.12 57.36 24.68
N THR F 313 21.82 57.16 24.83
CA THR F 313 21.23 55.83 24.80
C THR F 313 20.28 55.78 23.61
N LYS F 314 19.49 54.72 23.54
CA LYS F 314 18.48 54.63 22.49
C LYS F 314 17.35 55.61 22.72
N GLU F 315 16.80 55.62 23.93
CA GLU F 315 15.73 56.53 24.27
C GLU F 315 16.20 57.98 24.27
N GLY F 316 17.48 58.19 24.60
CA GLY F 316 18.02 59.54 24.57
C GLY F 316 18.11 60.10 23.17
N LYS F 317 18.50 59.27 22.21
CA LYS F 317 18.57 59.80 20.85
C LYS F 317 17.20 59.96 20.24
N GLU F 318 16.21 59.15 20.67
CA GLU F 318 14.86 59.44 20.21
C GLU F 318 14.35 60.76 20.76
N ALA F 319 14.63 61.04 22.03
CA ALA F 319 14.10 62.25 22.62
C ALA F 319 14.84 63.48 22.09
N GLU F 320 16.12 63.34 21.77
CA GLU F 320 16.80 64.44 21.07
C GLU F 320 16.25 64.63 19.67
N THR F 321 15.88 63.53 19.00
CA THR F 321 15.34 63.62 17.66
C THR F 321 14.03 64.39 17.66
N ASN F 322 13.19 64.12 18.65
CA ASN F 322 11.93 64.82 18.74
C ASN F 322 12.17 66.28 19.10
N TYR F 323 13.18 66.52 19.93
CA TYR F 323 13.36 67.87 20.40
C TYR F 323 14.02 68.74 19.35
N LYS F 324 14.76 68.16 18.41
CA LYS F 324 15.25 68.98 17.31
C LYS F 324 14.25 69.06 16.18
N LEU F 325 13.27 68.15 16.13
CA LEU F 325 12.16 68.39 15.21
C LEU F 325 11.29 69.54 15.68
N GLY F 326 11.15 69.69 17.00
CA GLY F 326 10.26 70.71 17.50
C GLY F 326 10.78 72.12 17.28
N THR F 327 12.09 72.29 17.24
CA THR F 327 12.62 73.63 17.31
C THR F 327 13.00 74.23 15.96
N GLN F 328 12.45 73.74 14.86
CA GLN F 328 12.74 74.33 13.56
C GLN F 328 11.45 74.74 12.89
N LEU F 329 11.43 75.95 12.34
CA LEU F 329 10.23 76.52 11.75
C LEU F 329 9.59 75.72 10.59
N PRO F 330 10.32 75.06 9.67
CA PRO F 330 9.59 74.30 8.63
C PRO F 330 8.88 73.06 9.13
N TYR F 331 8.91 72.78 10.42
CA TYR F 331 8.05 71.77 11.01
C TYR F 331 7.00 72.41 11.90
N MET F 332 7.34 73.52 12.54
CA MET F 332 6.33 74.20 13.34
C MET F 332 5.29 74.86 12.47
N MET F 333 5.57 75.09 11.20
CA MET F 333 4.48 75.56 10.36
C MET F 333 3.51 74.43 10.03
N ILE F 334 4.02 73.20 9.96
CA ILE F 334 3.15 72.04 9.82
C ILE F 334 2.25 71.89 11.05
N ILE F 335 2.84 72.03 12.23
CA ILE F 335 2.03 71.88 13.44
C ILE F 335 1.11 73.07 13.65
N ASN F 336 1.49 74.24 13.15
CA ASN F 336 0.59 75.38 13.20
C ASN F 336 -0.62 75.16 12.31
N ARG F 337 -0.42 74.61 11.12
CA ARG F 337 -1.56 74.38 10.24
C ARG F 337 -2.45 73.25 10.73
N LEU F 338 -1.86 72.24 11.37
CA LEU F 338 -2.71 71.24 11.99
C LEU F 338 -3.46 71.80 13.20
N ALA F 339 -2.84 72.70 13.94
CA ALA F 339 -3.54 73.27 15.08
C ALA F 339 -4.69 74.14 14.62
N HIS F 340 -4.50 74.83 13.50
CA HIS F 340 -5.58 75.67 12.97
C HIS F 340 -6.72 74.83 12.41
N TYR F 341 -6.41 73.77 11.67
CA TYR F 341 -7.50 72.94 11.16
C TYR F 341 -8.20 72.19 12.27
N VAL F 342 -7.47 71.81 13.32
CA VAL F 342 -8.10 71.08 14.42
C VAL F 342 -9.02 71.99 15.21
N LYS F 343 -8.61 73.24 15.42
CA LYS F 343 -9.50 74.18 16.09
C LYS F 343 -10.73 74.49 15.24
N VAL F 344 -10.50 74.86 13.98
CA VAL F 344 -11.58 75.38 13.16
C VAL F 344 -12.56 74.28 12.77
N LEU F 345 -12.06 73.10 12.42
CA LEU F 345 -12.98 72.01 12.13
C LEU F 345 -13.57 71.38 13.37
N GLN F 346 -12.82 71.29 14.47
CA GLN F 346 -13.38 70.66 15.64
C GLN F 346 -14.19 71.64 16.48
N ARG F 347 -14.49 72.84 15.96
CA ARG F 347 -15.60 73.59 16.54
C ARG F 347 -16.91 73.26 15.85
N GLU F 348 -16.86 72.66 14.67
CA GLU F 348 -18.12 72.39 13.98
C GLU F 348 -18.73 71.08 14.43
N GLN F 349 -18.04 70.33 15.27
CA GLN F 349 -18.60 69.06 15.73
C GLN F 349 -19.13 69.13 17.15
N ILE F 350 -19.04 70.28 17.82
CA ILE F 350 -19.61 70.41 19.15
C ILE F 350 -21.11 70.28 19.04
N GLY F 351 -21.65 69.20 19.60
CA GLY F 351 -23.06 68.91 19.50
C GLY F 351 -23.39 67.74 18.61
N ALA F 352 -22.39 67.02 18.16
CA ALA F 352 -22.70 65.79 17.44
C ALA F 352 -22.57 64.60 18.38
N TRP F 353 -23.38 63.57 18.12
CA TRP F 353 -23.43 62.38 18.97
C TRP F 353 -22.14 61.61 18.74
N LYS F 354 -21.15 61.87 19.59
CA LYS F 354 -19.83 61.29 19.44
C LYS F 354 -19.50 60.44 20.65
N GLU F 355 -18.87 59.31 20.41
CA GLU F 355 -18.25 58.56 21.48
C GLU F 355 -16.73 58.72 21.40
N ARG F 356 -16.03 57.93 22.20
CA ARG F 356 -14.57 57.99 22.20
C ARG F 356 -14.00 57.45 20.90
N GLN F 357 -14.36 56.22 20.55
CA GLN F 357 -13.92 55.63 19.30
C GLN F 357 -14.49 56.34 18.08
N ASP F 358 -15.53 57.14 18.26
CA ASP F 358 -15.92 58.06 17.20
C ASP F 358 -14.82 59.06 16.91
N LEU F 359 -14.20 59.63 17.95
CA LEU F 359 -13.11 60.56 17.68
C LEU F 359 -11.88 59.85 17.17
N GLU F 360 -11.66 58.59 17.58
CA GLU F 360 -10.54 57.86 16.98
C GLU F 360 -10.78 57.64 15.49
N ARG F 361 -12.00 57.30 15.12
CA ARG F 361 -12.27 56.98 13.73
C ARG F 361 -12.30 58.23 12.88
N GLU F 362 -12.88 59.31 13.41
CA GLU F 362 -13.02 60.51 12.60
C GLU F 362 -11.73 61.29 12.53
N LEU F 363 -10.90 61.22 13.56
CA LEU F 363 -9.62 61.90 13.44
C LEU F 363 -8.63 61.08 12.61
N ASN F 364 -8.72 59.75 12.69
CA ASN F 364 -7.81 58.95 11.86
C ASN F 364 -8.18 59.03 10.40
N SER F 365 -9.48 59.00 10.09
CA SER F 365 -9.88 59.24 8.71
C SER F 365 -9.72 60.70 8.34
N TRP F 366 -9.61 61.59 9.33
CA TRP F 366 -9.34 62.98 9.02
C TRP F 366 -7.89 63.18 8.64
N ILE F 367 -7.00 62.41 9.26
CA ILE F 367 -5.57 62.64 9.11
C ILE F 367 -4.97 61.70 8.07
N LYS F 368 -5.75 60.73 7.58
CA LYS F 368 -5.29 59.97 6.41
C LYS F 368 -5.34 60.81 5.15
N GLN F 369 -5.95 61.98 5.22
CA GLN F 369 -5.78 63.01 4.21
C GLN F 369 -4.33 63.44 4.06
N TYR F 370 -3.59 63.51 5.16
CA TYR F 370 -2.28 64.13 5.13
C TYR F 370 -1.15 63.14 5.29
N VAL F 371 -1.38 61.86 5.11
CA VAL F 371 -0.35 60.85 5.26
C VAL F 371 0.13 60.42 3.88
N ALA F 372 1.42 60.51 3.64
CA ALA F 372 2.00 60.05 2.38
C ALA F 372 3.00 58.95 2.72
N ASP F 373 2.50 57.73 2.88
CA ASP F 373 3.32 56.63 3.42
C ASP F 373 3.62 55.56 2.38
N GLN F 374 3.82 55.94 1.14
CA GLN F 374 4.23 54.97 0.15
C GLN F 374 5.72 54.70 0.25
N GLU F 375 6.25 54.00 -0.75
CA GLU F 375 7.65 53.63 -0.70
C GLU F 375 8.54 54.82 -0.99
N ASN F 376 8.22 55.58 -2.01
CA ASN F 376 9.09 56.66 -2.40
C ASN F 376 8.27 57.73 -3.11
N PRO F 377 7.62 58.61 -2.38
CA PRO F 377 6.82 59.64 -3.04
C PRO F 377 7.73 60.72 -3.59
N PRO F 378 7.39 61.31 -4.72
CA PRO F 378 8.20 62.39 -5.27
C PRO F 378 8.05 63.67 -4.47
N ALA F 379 8.77 64.70 -4.88
CA ALA F 379 8.94 65.88 -4.04
C ALA F 379 7.64 66.68 -3.88
N ASP F 380 6.77 66.64 -4.88
CA ASP F 380 5.56 67.43 -4.83
C ASP F 380 4.54 66.82 -3.88
N VAL F 381 4.38 65.50 -3.94
CA VAL F 381 3.41 64.82 -3.07
C VAL F 381 3.89 64.86 -1.63
N ARG F 382 5.21 64.86 -1.42
CA ARG F 382 5.73 65.18 -0.11
C ARG F 382 5.49 66.64 0.24
N SER F 383 5.42 67.52 -0.74
CA SER F 383 5.28 68.93 -0.42
C SER F 383 3.85 69.25 0.03
N ARG F 384 2.86 68.53 -0.50
CA ARG F 384 1.49 68.85 -0.13
C ARG F 384 0.87 67.85 0.83
N ARG F 385 1.55 66.77 1.15
CA ARG F 385 1.14 65.85 2.21
C ARG F 385 2.33 65.69 3.12
N PRO F 386 2.48 66.56 4.09
CA PRO F 386 3.79 66.68 4.74
C PRO F 386 4.09 65.59 5.74
N LEU F 387 3.10 65.06 6.45
CA LEU F 387 3.40 64.20 7.59
C LEU F 387 3.30 62.73 7.16
N ARG F 388 4.24 61.91 7.62
CA ARG F 388 4.33 60.55 7.11
C ARG F 388 3.57 59.57 7.98
N ALA F 389 3.54 59.79 9.28
CA ALA F 389 2.79 58.91 10.16
C ALA F 389 1.92 59.74 11.09
N ALA F 390 0.87 59.13 11.59
CA ALA F 390 0.03 59.79 12.57
C ALA F 390 -0.54 58.75 13.51
N ARG F 391 -0.36 58.99 14.80
CA ARG F 391 -0.84 58.09 15.83
C ARG F 391 -1.69 58.88 16.80
N ILE F 392 -2.98 58.59 16.84
CA ILE F 392 -3.94 59.37 17.60
C ILE F 392 -4.49 58.53 18.73
N GLU F 393 -4.46 59.06 19.94
CA GLU F 393 -5.08 58.42 21.08
C GLU F 393 -6.16 59.32 21.62
N VAL F 394 -7.36 58.77 21.80
CA VAL F 394 -8.49 59.53 22.31
C VAL F 394 -8.94 58.90 23.62
N MET F 395 -8.95 59.69 24.67
CA MET F 395 -9.36 59.25 25.99
C MET F 395 -10.40 60.20 26.55
N ASP F 396 -11.12 59.74 27.56
CA ASP F 396 -12.17 60.54 28.17
C ASP F 396 -11.63 61.27 29.38
N VAL F 397 -12.13 62.48 29.62
CA VAL F 397 -11.91 63.12 30.90
C VAL F 397 -12.92 62.46 31.84
N GLU F 398 -12.42 61.66 32.78
CA GLU F 398 -13.29 60.87 33.64
C GLU F 398 -14.05 61.77 34.61
N GLY F 399 -15.35 61.51 34.74
CA GLY F 399 -16.14 62.34 35.62
C GLY F 399 -16.47 63.70 35.07
N ASN F 400 -16.31 63.90 33.77
CA ASN F 400 -16.69 65.16 33.13
C ASN F 400 -17.15 64.81 31.73
N PRO F 401 -18.42 64.47 31.57
CA PRO F 401 -18.84 63.60 30.46
C PRO F 401 -18.85 64.34 29.13
N GLY F 402 -18.49 63.61 28.09
CA GLY F 402 -18.35 64.17 26.77
C GLY F 402 -16.97 64.71 26.47
N TRP F 403 -16.31 65.30 27.44
CA TRP F 403 -15.01 65.94 27.25
C TRP F 403 -13.97 64.90 26.94
N TYR F 404 -13.40 64.99 25.74
CA TYR F 404 -12.48 63.99 25.25
C TYR F 404 -11.07 64.57 25.23
N GLN F 405 -10.08 63.70 25.39
CA GLN F 405 -8.69 64.12 25.56
C GLN F 405 -7.85 63.43 24.51
N VAL F 406 -7.26 64.19 23.61
CA VAL F 406 -6.69 63.65 22.38
C VAL F 406 -5.21 63.98 22.32
N SER F 407 -4.39 63.00 21.98
CA SER F 407 -2.99 63.21 21.66
C SER F 407 -2.77 62.92 20.19
N LEU F 408 -2.40 63.94 19.42
CA LEU F 408 -2.15 63.81 18.00
C LEU F 408 -0.67 64.01 17.74
N SER F 409 0.00 62.94 17.37
CA SER F 409 1.45 62.93 17.21
C SER F 409 1.80 62.60 15.77
N VAL F 410 2.60 63.46 15.14
CA VAL F 410 2.93 63.29 13.74
C VAL F 410 4.43 63.11 13.58
N ARG F 411 4.82 62.58 12.42
CA ARG F 411 6.23 62.39 12.06
C ARG F 411 6.44 62.94 10.67
N PRO F 412 7.00 64.14 10.54
CA PRO F 412 7.05 64.79 9.24
C PRO F 412 8.12 64.18 8.36
N HIS F 413 8.10 64.55 7.09
CA HIS F 413 9.20 64.21 6.21
C HIS F 413 10.44 64.99 6.60
N PHE F 414 11.54 64.27 6.78
CA PHE F 414 12.80 64.90 7.09
C PHE F 414 13.35 65.58 5.86
N LYS F 415 13.69 66.85 6.00
CA LYS F 415 14.28 67.57 4.89
C LYS F 415 15.80 67.61 5.07
N TYR F 416 16.52 67.46 3.96
CA TYR F 416 17.95 67.19 3.96
C TYR F 416 18.72 68.42 4.45
N MET F 417 19.23 68.35 5.67
CA MET F 417 19.91 69.51 6.25
C MET F 417 21.29 69.18 6.80
N GLY F 418 22.13 68.53 6.03
CA GLY F 418 23.53 68.39 6.41
C GLY F 418 23.97 66.94 6.35
N ALA F 419 25.22 66.76 5.93
CA ALA F 419 25.79 65.42 5.89
C ALA F 419 27.29 65.53 5.99
N ASN F 420 27.93 64.46 6.41
CA ASN F 420 29.38 64.35 6.41
C ASN F 420 29.80 63.30 5.39
N PHE F 421 30.84 63.59 4.64
CA PHE F 421 31.33 62.67 3.63
C PHE F 421 32.77 62.27 3.92
N GLU F 422 33.06 60.99 3.74
CA GLU F 422 34.40 60.47 3.83
C GLU F 422 34.68 59.70 2.55
N LEU F 423 35.75 60.05 1.86
CA LEU F 423 36.10 59.40 0.60
C LEU F 423 37.41 58.64 0.76
N SER F 424 37.57 57.59 -0.04
CA SER F 424 38.79 56.78 0.05
C SER F 424 39.02 56.01 -1.24
N LEU F 425 40.20 56.16 -1.81
CA LEU F 425 40.59 55.31 -2.91
C LEU F 425 40.87 53.92 -2.39
N VAL F 426 40.51 52.91 -3.17
CA VAL F 426 40.78 51.53 -2.80
C VAL F 426 40.79 50.68 -4.06
N GLY F 427 41.56 49.60 -4.05
CA GLY F 427 41.46 48.56 -5.06
C GLY F 427 40.44 47.55 -4.61
N ARG F 428 40.36 46.43 -5.33
CA ARG F 428 39.71 45.18 -4.89
C ARG F 428 38.18 45.29 -4.74
N LEU F 429 37.60 46.47 -4.96
CA LEU F 429 36.19 46.68 -4.67
C LEU F 429 35.30 46.07 -5.75
N ASP F 430 34.19 45.48 -5.32
CA ASP F 430 33.20 44.92 -6.24
C ASP F 430 32.46 46.01 -6.97
N SER G 1 51.88 67.15 12.90
CA SER G 1 50.75 66.30 13.22
C SER G 1 50.77 65.05 12.38
N LYS G 2 49.88 64.13 12.69
CA LYS G 2 49.79 62.87 11.96
C LYS G 2 48.40 62.50 11.49
N GLU G 3 47.34 63.13 12.00
CA GLU G 3 45.98 62.81 11.62
C GLU G 3 45.47 63.70 10.49
N GLY G 4 46.33 64.50 9.90
CA GLY G 4 45.83 65.46 8.95
C GLY G 4 45.10 66.56 9.68
N SER G 5 44.26 67.27 8.94
CA SER G 5 43.44 68.32 9.51
C SER G 5 42.13 68.38 8.77
N VAL G 6 41.16 69.06 9.38
CA VAL G 6 39.85 69.26 8.77
C VAL G 6 39.52 70.73 8.82
N ALA G 7 38.51 71.12 8.07
CA ALA G 7 37.95 72.45 8.18
C ALA G 7 37.04 72.49 9.39
N PRO G 8 36.68 73.67 9.88
CA PRO G 8 35.57 73.73 10.84
C PRO G 8 34.28 73.28 10.17
N LYS G 9 33.38 72.74 10.99
CA LYS G 9 32.22 71.98 10.50
C LYS G 9 31.26 72.89 9.74
N GLU G 10 30.84 72.42 8.59
CA GLU G 10 29.96 73.16 7.71
C GLU G 10 28.68 72.35 7.52
N ARG G 11 27.84 72.78 6.59
CA ARG G 11 26.69 71.98 6.19
C ARG G 11 27.09 70.66 5.55
N ILE G 12 28.10 70.69 4.69
CA ILE G 12 28.56 69.50 4.00
C ILE G 12 30.01 69.29 4.38
N ASN G 13 30.27 68.33 5.27
CA ASN G 13 31.63 68.01 5.68
C ASN G 13 32.20 66.95 4.76
N ILE G 14 33.26 67.30 4.04
CA ILE G 14 33.96 66.34 3.20
C ILE G 14 35.40 66.31 3.63
N LYS G 15 35.86 65.13 4.05
CA LYS G 15 37.25 64.90 4.37
C LYS G 15 37.63 63.55 3.81
N TYR G 16 38.91 63.35 3.56
CA TYR G 16 39.38 62.09 3.02
C TYR G 16 40.19 61.37 4.07
N ILE G 17 39.87 60.10 4.28
CA ILE G 17 40.59 59.24 5.20
C ILE G 17 41.23 58.14 4.40
N PRO G 18 42.16 57.39 4.97
CA PRO G 18 42.56 56.15 4.33
C PRO G 18 41.42 55.17 4.40
N ALA G 19 40.71 55.04 3.29
CA ALA G 19 39.41 54.39 3.30
C ALA G 19 39.52 52.88 3.21
N THR G 20 40.72 52.33 3.35
CA THR G 20 40.88 50.89 3.40
C THR G 20 40.21 50.32 4.63
N GLY G 21 40.22 51.06 5.72
CA GLY G 21 39.54 50.69 6.94
C GLY G 21 40.15 49.45 7.55
N ASP G 22 41.44 49.27 7.32
CA ASP G 22 42.10 48.02 7.66
C ASP G 22 42.33 47.98 9.16
N ALA G 23 41.31 47.51 9.85
CA ALA G 23 41.48 47.12 11.24
C ALA G 23 42.43 45.93 11.31
N GLN G 24 43.14 45.83 12.44
CA GLN G 24 44.21 44.86 12.65
C GLN G 24 45.29 44.96 11.58
N ALA G 25 45.66 46.20 11.24
CA ALA G 25 46.78 46.48 10.35
C ALA G 25 47.65 47.53 11.02
N GLU G 26 48.91 47.18 11.26
CA GLU G 26 49.88 48.08 11.86
C GLU G 26 51.10 48.13 10.97
N ALA G 27 51.86 49.21 11.07
CA ALA G 27 52.98 49.47 10.18
C ALA G 27 54.28 49.18 10.91
N GLU G 28 55.18 48.50 10.24
CA GLU G 28 56.52 48.25 10.75
C GLU G 28 57.51 48.43 9.61
N VAL G 29 58.67 49.00 9.93
CA VAL G 29 59.76 48.99 8.97
C VAL G 29 60.40 47.61 9.02
N GLU G 30 60.76 47.08 7.85
CA GLU G 30 61.55 45.85 7.83
C GLU G 30 62.87 46.09 8.53
N LEU G 31 63.01 45.49 9.69
CA LEU G 31 64.11 45.80 10.58
C LEU G 31 65.42 45.33 9.97
N PRO G 32 66.47 46.13 10.03
CA PRO G 32 67.73 45.71 9.42
C PRO G 32 68.41 44.64 10.25
N LEU G 33 68.95 43.65 9.56
CA LEU G 33 69.77 42.62 10.21
C LEU G 33 71.14 43.23 10.51
N LYS G 34 71.19 43.97 11.60
CA LYS G 34 72.36 44.81 11.86
C LYS G 34 73.48 43.99 12.45
N THR G 35 74.37 43.51 11.60
CA THR G 35 75.49 42.71 12.03
C THR G 35 76.53 43.61 12.69
N LEU G 36 76.97 43.23 13.87
CA LEU G 36 77.93 44.01 14.62
C LEU G 36 79.26 43.28 14.60
N VAL G 37 80.07 43.56 13.59
CA VAL G 37 81.38 42.92 13.47
C VAL G 37 82.30 43.51 14.52
N VAL G 38 82.79 42.67 15.41
CA VAL G 38 83.68 43.07 16.49
C VAL G 38 85.00 42.34 16.34
N GLY G 39 86.07 43.06 16.13
CA GLY G 39 87.37 42.42 16.00
C GLY G 39 88.48 43.42 16.11
N ASP G 40 89.71 42.90 16.19
CA ASP G 40 90.91 43.73 16.35
C ASP G 40 91.16 44.45 15.04
N PHE G 41 90.98 45.77 15.08
CA PHE G 41 90.99 46.58 13.87
C PHE G 41 92.02 47.70 13.88
N LYS G 42 92.78 47.84 14.96
CA LYS G 42 93.84 48.84 15.06
C LYS G 42 95.04 48.21 15.74
N GLY G 43 96.20 48.82 15.54
CA GLY G 43 97.41 48.18 15.98
C GLY G 43 97.76 48.35 17.44
N HIS G 44 96.83 48.83 18.26
CA HIS G 44 97.16 49.16 19.62
C HIS G 44 95.90 49.14 20.48
N ALA G 45 96.12 49.10 21.79
CA ALA G 45 95.04 49.27 22.73
C ALA G 45 94.72 50.75 22.88
N GLU G 46 93.44 51.03 23.08
CA GLU G 46 93.01 52.39 23.36
C GLU G 46 92.63 52.53 24.83
N GLN G 47 93.06 53.64 25.43
CA GLN G 47 92.76 53.89 26.83
C GLN G 47 91.30 54.23 27.06
N THR G 48 90.58 54.59 25.99
CA THR G 48 89.20 55.02 26.12
C THR G 48 88.34 53.84 26.53
N PRO G 49 87.49 53.97 27.56
CA PRO G 49 86.70 52.84 28.04
C PRO G 49 85.67 52.42 27.01
N LEU G 50 85.14 51.21 27.21
CA LEU G 50 84.42 50.56 26.13
C LEU G 50 83.06 51.20 25.91
N GLU G 51 82.49 51.80 26.95
CA GLU G 51 81.18 52.43 26.80
C GLU G 51 81.24 53.73 26.02
N GLU G 52 82.42 54.34 25.89
CA GLU G 52 82.50 55.67 25.28
C GLU G 52 82.90 55.63 23.81
N ARG G 53 83.67 54.63 23.38
CA ARG G 53 84.02 54.56 21.98
C ARG G 53 82.80 54.16 21.16
N ALA G 54 82.75 54.59 19.91
CA ALA G 54 81.52 54.55 19.14
C ALA G 54 81.59 53.52 18.02
N THR G 55 80.41 53.08 17.60
CA THR G 55 80.29 52.19 16.45
C THR G 55 80.45 52.99 15.18
N VAL G 56 80.94 52.32 14.14
CA VAL G 56 81.22 52.97 12.87
C VAL G 56 80.40 52.28 11.79
N THR G 57 79.48 53.01 11.20
CA THR G 57 78.67 52.46 10.13
C THR G 57 79.53 52.29 8.89
N VAL G 58 79.47 51.11 8.30
CA VAL G 58 80.25 50.77 7.12
C VAL G 58 79.32 50.29 6.04
N ASP G 59 79.40 50.89 4.87
CA ASP G 59 78.78 50.26 3.71
C ASP G 59 79.83 50.16 2.62
N LYS G 60 79.36 49.78 1.43
CA LYS G 60 80.26 49.74 0.28
C LYS G 60 80.64 51.14 -0.15
N ASN G 61 79.82 52.12 0.16
CA ASN G 61 80.00 53.46 -0.38
C ASN G 61 80.93 54.32 0.44
N ASN G 62 81.29 53.91 1.64
CA ASN G 62 82.30 54.70 2.35
C ASN G 62 83.37 53.85 3.04
N PHE G 63 83.68 52.65 2.54
CA PHE G 63 84.62 51.78 3.23
C PHE G 63 86.03 52.36 3.19
N GLU G 64 86.40 52.98 2.07
CA GLU G 64 87.68 53.68 2.03
C GLU G 64 87.66 54.90 2.92
N ALA G 65 86.48 55.49 3.14
CA ALA G 65 86.40 56.59 4.08
C ALA G 65 86.47 56.09 5.51
N VAL G 66 86.02 54.86 5.74
CA VAL G 66 86.11 54.30 7.09
C VAL G 66 87.54 53.92 7.42
N MET G 67 88.24 53.30 6.48
CA MET G 67 89.66 53.05 6.69
C MET G 67 90.46 54.35 6.72
N ARG G 68 89.96 55.38 6.04
CA ARG G 68 90.64 56.67 6.06
C ARG G 68 90.52 57.34 7.41
N GLU G 69 89.31 57.36 7.97
CA GLU G 69 89.11 58.03 9.25
C GLU G 69 89.62 57.18 10.40
N SER G 70 89.86 55.89 10.17
CA SER G 70 90.25 55.01 11.27
C SER G 70 91.66 55.32 11.75
N GLU G 71 92.51 55.91 10.90
CA GLU G 71 93.89 56.26 11.16
C GLU G 71 94.70 55.05 11.61
N LEU G 72 94.81 54.07 10.72
CA LEU G 72 95.48 52.81 11.01
C LEU G 72 96.96 53.05 11.20
N LYS G 73 97.62 52.11 11.87
CA LYS G 73 99.03 52.25 12.17
C LYS G 73 99.59 50.90 12.57
N ILE G 74 100.80 50.60 12.13
CA ILE G 74 101.60 49.49 12.63
C ILE G 74 103.01 50.00 12.84
N THR G 75 103.54 49.82 14.04
CA THR G 75 104.90 50.19 14.37
C THR G 75 105.60 48.97 14.98
N ALA G 76 106.53 48.37 14.22
CA ALA G 76 107.09 47.10 14.64
C ALA G 76 108.49 46.92 14.08
N THR G 77 109.04 45.73 14.33
CA THR G 77 110.41 45.39 14.00
C THR G 77 110.44 44.08 13.23
N VAL G 78 111.20 44.03 12.13
CA VAL G 78 111.36 42.84 11.34
C VAL G 78 112.85 42.48 11.23
N LYS G 79 113.11 41.24 10.83
CA LYS G 79 114.47 40.83 10.51
C LYS G 79 114.90 41.45 9.19
N ASN G 80 116.11 42.02 9.18
CA ASN G 80 116.63 42.75 8.01
C ASN G 80 117.51 41.83 7.20
N LYS G 81 117.15 41.63 5.92
CA LYS G 81 117.86 40.71 5.04
C LYS G 81 118.48 41.40 3.83
N LEU G 82 118.94 42.63 3.98
CA LEU G 82 119.70 43.29 2.92
C LEU G 82 121.20 43.10 3.07
N THR G 83 121.63 42.24 3.99
CA THR G 83 123.04 41.98 4.25
C THR G 83 123.16 40.56 4.78
N ASP G 84 124.29 40.27 5.43
CA ASP G 84 124.54 38.92 5.92
C ASP G 84 124.69 38.85 7.43
N ASP G 85 123.80 39.53 8.17
CA ASP G 85 123.89 39.59 9.63
C ASP G 85 122.55 39.22 10.23
N GLU G 86 122.59 38.40 11.29
CA GLU G 86 121.36 37.99 11.96
C GLU G 86 120.83 39.06 12.91
N ASN G 87 121.71 39.75 13.62
CA ASN G 87 121.32 40.77 14.58
C ASN G 87 120.80 42.03 13.94
N ALA G 88 121.04 42.22 12.65
CA ALA G 88 120.60 43.41 11.94
C ALA G 88 119.08 43.36 11.80
N GLU G 89 118.40 44.32 12.40
CA GLU G 89 116.96 44.38 12.37
C GLU G 89 116.53 45.64 11.66
N LEU G 90 115.34 45.61 11.08
CA LEU G 90 114.82 46.77 10.37
C LEU G 90 113.58 47.29 11.08
N PRO G 91 113.65 48.44 11.70
CA PRO G 91 112.42 49.04 12.25
C PRO G 91 111.58 49.65 11.14
N VAL G 92 110.27 49.41 11.18
CA VAL G 92 109.34 49.98 10.21
C VAL G 92 108.33 50.83 10.95
N GLU G 93 107.84 51.86 10.25
CA GLU G 93 106.82 52.77 10.75
C GLU G 93 105.89 53.08 9.58
N LEU G 94 104.70 52.48 9.58
CA LEU G 94 103.82 52.54 8.43
C LEU G 94 102.61 53.42 8.72
N ASN G 95 101.95 53.85 7.66
CA ASN G 95 100.65 54.52 7.76
C ASN G 95 99.74 54.01 6.66
N PHE G 96 98.51 53.71 7.03
CA PHE G 96 97.59 53.01 6.16
C PHE G 96 96.35 53.85 5.95
N LYS G 97 95.84 53.88 4.73
CA LYS G 97 94.63 54.63 4.47
C LYS G 97 93.56 53.83 3.75
N SER G 98 93.92 52.91 2.86
CA SER G 98 92.93 52.08 2.19
C SER G 98 93.58 50.75 1.87
N LEU G 99 92.84 49.89 1.17
CA LEU G 99 93.37 48.54 0.93
C LEU G 99 94.39 48.50 -0.19
N ALA G 100 94.67 49.64 -0.82
CA ALA G 100 95.85 49.70 -1.65
C ALA G 100 97.12 49.66 -0.82
N ASP G 101 97.06 50.12 0.43
CA ASP G 101 98.26 50.30 1.25
C ASP G 101 98.83 48.99 1.77
N PHE G 102 98.20 47.86 1.54
CA PHE G 102 98.76 46.59 1.98
C PHE G 102 99.51 45.89 0.86
N ALA G 103 99.50 46.46 -0.33
CA ALA G 103 100.25 45.93 -1.46
C ALA G 103 101.76 46.14 -1.22
N PRO G 104 102.61 45.39 -1.90
CA PRO G 104 104.06 45.63 -1.76
C PRO G 104 104.52 46.91 -2.42
N ASP G 105 103.68 47.57 -3.21
CA ASP G 105 104.05 48.84 -3.79
C ASP G 105 104.09 49.93 -2.71
N ALA G 106 102.98 50.12 -2.02
CA ALA G 106 102.92 51.15 -0.99
C ALA G 106 103.78 50.80 0.21
N VAL G 107 103.89 49.52 0.53
CA VAL G 107 104.80 49.08 1.58
C VAL G 107 106.24 49.32 1.15
N ALA G 108 106.51 49.17 -0.16
CA ALA G 108 107.83 49.48 -0.67
C ALA G 108 108.10 50.98 -0.64
N SER G 109 107.03 51.79 -0.65
CA SER G 109 107.23 53.22 -0.57
C SER G 109 107.37 53.70 0.87
N GLN G 110 106.74 53.01 1.82
CA GLN G 110 106.69 53.52 3.19
C GLN G 110 107.85 53.07 4.04
N VAL G 111 108.76 52.27 3.52
CA VAL G 111 109.98 51.96 4.26
C VAL G 111 111.15 52.48 3.43
N PRO G 112 111.88 53.51 3.91
CA PRO G 112 112.92 54.13 3.08
C PRO G 112 114.09 53.21 2.76
N GLU G 113 114.34 52.22 3.61
CA GLU G 113 115.38 51.24 3.34
C GLU G 113 115.02 50.31 2.19
N LEU G 114 113.77 50.32 1.76
CA LEU G 114 113.38 49.72 0.50
C LEU G 114 113.12 50.74 -0.59
N LYS G 115 112.69 51.95 -0.22
CA LYS G 115 112.37 52.98 -1.20
C LYS G 115 113.62 53.42 -1.96
N LYS G 116 114.74 53.50 -1.26
CA LYS G 116 116.00 53.84 -1.91
C LYS G 116 116.45 52.75 -2.86
N LEU G 117 116.08 51.49 -2.58
CA LEU G 117 116.43 50.41 -3.49
C LEU G 117 115.48 50.35 -4.68
N ILE G 118 114.23 50.78 -4.51
CA ILE G 118 113.33 50.89 -5.67
C ILE G 118 113.82 51.99 -6.59
N GLU G 119 114.22 53.13 -6.02
CA GLU G 119 114.71 54.22 -6.85
C GLU G 119 116.05 53.88 -7.47
N LEU G 120 116.89 53.12 -6.76
CA LEU G 120 118.17 52.69 -7.31
C LEU G 120 117.95 51.67 -8.42
N ARG G 121 116.91 50.85 -8.29
CA ARG G 121 116.51 49.98 -9.37
C ARG G 121 116.03 50.80 -10.57
N GLU G 122 115.37 51.93 -10.30
CA GLU G 122 114.95 52.80 -11.40
C GLU G 122 116.15 53.52 -12.02
N ALA G 123 117.25 53.65 -11.28
CA ALA G 123 118.48 54.14 -11.87
C ALA G 123 119.15 53.08 -12.73
N LEU G 124 119.05 51.80 -12.33
CA LEU G 124 119.70 50.75 -13.10
C LEU G 124 118.90 50.37 -14.34
N VAL G 125 117.58 50.55 -14.31
CA VAL G 125 116.77 50.22 -15.47
C VAL G 125 116.91 51.29 -16.55
N ALA G 126 116.87 52.56 -16.16
CA ALA G 126 116.98 53.66 -17.12
C ALA G 126 118.37 53.77 -17.73
N LEU G 127 119.40 53.40 -16.97
CA LEU G 127 120.81 53.35 -17.38
C LEU G 127 121.34 54.69 -17.87
N ASN H 1 127.51 43.81 -21.48
CA ASN H 1 127.31 45.01 -20.69
C ASN H 1 125.89 45.07 -20.15
N LYS H 2 124.93 44.99 -21.07
CA LYS H 2 123.52 45.07 -20.71
C LYS H 2 123.10 43.87 -19.87
N SER H 3 123.66 42.70 -20.17
CA SER H 3 123.31 41.49 -19.45
C SER H 3 123.80 41.55 -18.01
N LEU H 4 124.91 42.26 -17.77
CA LEU H 4 125.37 42.43 -16.40
C LEU H 4 124.45 43.37 -15.63
N VAL H 5 123.90 44.37 -16.31
CA VAL H 5 122.92 45.26 -15.69
C VAL H 5 121.66 44.49 -15.33
N ASP H 6 121.24 43.58 -16.22
CA ASP H 6 120.05 42.76 -15.94
C ASP H 6 120.31 41.77 -14.81
N GLN H 7 121.54 41.25 -14.71
CA GLN H 7 121.88 40.39 -13.58
C GLN H 7 121.86 41.17 -12.26
N MET H 8 122.27 42.44 -12.31
CA MET H 8 122.16 43.29 -11.13
C MET H 8 120.69 43.57 -10.80
N LEU H 9 119.83 43.61 -11.83
CA LEU H 9 118.40 43.78 -11.58
C LEU H 9 117.79 42.53 -10.92
N VAL H 10 118.24 41.34 -11.33
CA VAL H 10 117.72 40.11 -10.75
C VAL H 10 118.19 39.96 -9.30
N GLU H 11 119.46 40.27 -9.04
CA GLU H 11 119.96 40.20 -7.66
C GLU H 11 119.32 41.26 -6.77
N LEU H 12 119.07 42.45 -7.32
CA LEU H 12 118.45 43.51 -6.53
C LEU H 12 117.00 43.18 -6.24
N ASP H 13 116.30 42.56 -7.20
CA ASP H 13 114.93 42.10 -6.95
C ASP H 13 114.91 40.97 -5.94
N LYS H 14 115.99 40.18 -5.88
CA LYS H 14 116.10 39.19 -4.81
C LYS H 14 116.27 39.86 -3.47
N LYS H 15 116.93 41.02 -3.44
CA LYS H 15 117.10 41.71 -2.17
C LYS H 15 115.80 42.36 -1.70
N ILE H 16 115.14 43.11 -2.58
CA ILE H 16 113.93 43.83 -2.19
C ILE H 16 112.78 42.85 -1.94
N SER H 17 112.69 41.79 -2.75
CA SER H 17 111.69 40.76 -2.49
C SER H 17 112.03 39.97 -1.23
N ALA H 18 113.32 39.84 -0.92
CA ALA H 18 113.72 39.14 0.29
C ALA H 18 113.31 39.91 1.54
N GLN H 19 113.38 41.24 1.49
CA GLN H 19 112.91 42.02 2.63
C GLN H 19 111.39 42.09 2.67
N MET H 20 110.76 42.21 1.50
CA MET H 20 109.32 42.36 1.43
C MET H 20 108.62 41.11 1.90
N ASP H 21 109.25 39.95 1.70
CA ASP H 21 108.74 38.72 2.31
C ASP H 21 108.77 38.79 3.83
N GLU H 22 109.69 39.56 4.40
CA GLU H 22 109.75 39.64 5.85
C GLU H 22 108.76 40.65 6.39
N ILE H 23 108.47 41.72 5.65
CA ILE H 23 107.49 42.67 6.14
C ILE H 23 106.08 42.10 6.01
N LEU H 24 105.77 41.53 4.84
CA LEU H 24 104.40 41.06 4.63
C LEU H 24 104.05 39.82 5.44
N HIS H 25 105.03 39.13 6.00
CA HIS H 25 104.73 37.99 6.84
C HIS H 25 104.77 38.35 8.32
N ASN H 26 104.75 39.64 8.64
CA ASN H 26 104.74 40.07 10.03
C ASN H 26 103.41 39.76 10.66
N SER H 27 103.46 39.26 11.90
CA SER H 27 102.27 38.69 12.54
C SER H 27 101.25 39.76 12.86
N GLN H 28 101.69 40.90 13.38
CA GLN H 28 100.79 42.02 13.60
C GLN H 28 100.25 42.53 12.27
N PHE H 29 101.09 42.50 11.23
CA PHE H 29 100.65 42.94 9.92
C PHE H 29 99.70 41.93 9.31
N GLN H 30 99.86 40.65 9.65
CA GLN H 30 98.89 39.68 9.21
C GLN H 30 97.59 39.85 9.97
N ALA H 31 97.64 40.36 11.20
CA ALA H 31 96.41 40.60 11.95
C ALA H 31 95.65 41.76 11.35
N MET H 32 96.36 42.85 11.03
CA MET H 32 95.71 44.01 10.45
C MET H 32 95.18 43.71 9.05
N GLU H 33 96.04 43.13 8.22
CA GLU H 33 95.67 42.85 6.83
C GLU H 33 94.60 41.78 6.76
N SER H 34 94.67 40.81 7.66
CA SER H 34 93.66 39.77 7.71
C SER H 34 92.33 40.32 8.12
N ALA H 35 92.32 41.19 9.13
CA ALA H 35 91.07 41.75 9.63
C ALA H 35 90.43 42.66 8.60
N TRP H 36 91.22 43.54 7.99
CA TRP H 36 90.60 44.50 7.08
C TRP H 36 90.31 43.88 5.72
N ARG H 37 91.23 43.09 5.19
CA ARG H 37 90.97 42.51 3.88
C ARG H 37 89.88 41.46 3.96
N GLY H 38 89.85 40.70 5.06
CA GLY H 38 88.72 39.83 5.31
C GLY H 38 87.44 40.61 5.52
N LEU H 39 87.56 41.82 6.08
CA LEU H 39 86.38 42.63 6.29
C LEU H 39 85.79 43.10 4.98
N LYS H 40 86.64 43.46 4.02
CA LYS H 40 86.09 43.83 2.71
C LYS H 40 85.54 42.61 2.00
N LEU H 41 86.14 41.43 2.27
CA LEU H 41 85.60 40.20 1.70
C LEU H 41 84.20 39.91 2.22
N PHE H 42 83.93 40.26 3.48
CA PHE H 42 82.56 40.17 3.96
C PHE H 42 81.68 41.27 3.37
N VAL H 43 82.24 42.48 3.23
CA VAL H 43 81.40 43.63 2.90
C VAL H 43 80.89 43.56 1.47
N ASP H 44 81.78 43.31 0.50
CA ASP H 44 81.34 43.43 -0.88
C ASP H 44 80.49 42.27 -1.35
N ARG H 45 80.39 41.20 -0.58
CA ARG H 45 79.56 40.06 -0.97
C ARG H 45 78.14 40.18 -0.45
N THR H 46 77.86 41.19 0.36
CA THR H 46 76.51 41.41 0.83
C THR H 46 75.79 42.36 -0.12
N ASP H 47 74.59 42.79 0.27
CA ASP H 47 73.77 43.62 -0.61
C ASP H 47 73.09 44.68 0.23
N PHE H 48 73.70 45.86 0.33
CA PHE H 48 73.23 46.90 1.24
C PHE H 48 72.06 47.67 0.69
N ARG H 49 71.65 47.41 -0.54
CA ARG H 49 70.40 47.98 -1.01
C ARG H 49 69.19 47.14 -0.61
N GLU H 50 69.38 46.11 0.22
CA GLU H 50 68.27 45.37 0.77
C GLU H 50 68.23 45.44 2.30
N ASN H 51 68.52 46.62 2.86
CA ASN H 51 68.40 46.92 4.28
C ASN H 51 69.27 46.03 5.16
N ASN H 52 70.57 46.13 4.99
CA ASN H 52 71.53 45.47 5.86
C ASN H 52 72.54 46.52 6.31
N LYS H 53 72.84 46.53 7.59
CA LYS H 53 73.87 47.43 8.06
C LYS H 53 74.91 46.65 8.83
N VAL H 54 76.17 46.94 8.54
CA VAL H 54 77.25 46.34 9.30
C VAL H 54 77.98 47.44 10.03
N GLU H 55 78.11 47.26 11.33
CA GLU H 55 78.77 48.24 12.16
C GLU H 55 80.05 47.63 12.70
N ILE H 56 80.98 48.50 13.00
CA ILE H 56 82.34 48.12 13.36
C ILE H 56 82.62 48.69 14.75
N LEU H 57 83.12 47.86 15.65
CA LEU H 57 83.57 48.33 16.94
C LEU H 57 84.91 47.69 17.26
N HIS H 58 85.96 48.51 17.32
CA HIS H 58 87.31 48.03 17.57
C HIS H 58 87.45 47.55 19.00
N VAL H 59 87.44 46.24 19.21
CA VAL H 59 87.60 45.69 20.54
C VAL H 59 88.59 44.54 20.46
N THR H 60 89.60 44.54 21.30
CA THR H 60 90.42 43.35 21.46
C THR H 60 89.89 42.52 22.62
N LYS H 61 90.33 41.26 22.69
CA LYS H 61 89.76 40.31 23.65
C LYS H 61 90.04 40.72 25.08
N ASP H 62 91.19 41.34 25.31
CA ASP H 62 91.61 41.65 26.67
C ASP H 62 90.76 42.77 27.26
N GLU H 63 90.13 43.57 26.43
CA GLU H 63 89.23 44.54 27.01
C GLU H 63 87.77 44.09 26.99
N LEU H 64 87.45 42.99 26.31
CA LEU H 64 86.18 42.34 26.63
C LEU H 64 86.24 41.67 27.98
N LEU H 65 87.38 41.05 28.29
CA LEU H 65 87.47 40.37 29.57
C LEU H 65 87.70 41.36 30.70
N GLU H 66 88.57 42.34 30.48
CA GLU H 66 88.77 43.40 31.48
C GLU H 66 87.50 44.23 31.63
N ASP H 67 86.74 44.38 30.55
CA ASP H 67 85.50 45.14 30.61
C ASP H 67 84.43 44.40 31.37
N PHE H 68 84.20 43.14 31.01
CA PHE H 68 83.18 42.35 31.68
C PHE H 68 83.50 42.11 33.14
N GLU H 69 84.76 41.87 33.48
CA GLU H 69 85.09 41.72 34.88
C GLU H 69 85.07 43.05 35.61
N PHE H 70 85.34 44.14 34.91
CA PHE H 70 85.25 45.44 35.55
C PHE H 70 83.81 45.85 35.71
N ALA H 71 82.93 45.32 34.87
CA ALA H 71 81.51 45.56 35.01
C ALA H 71 80.96 44.74 36.18
N PRO H 72 80.01 45.27 36.92
CA PRO H 72 79.53 44.56 38.11
C PRO H 72 78.70 43.35 37.78
N GLU H 73 78.20 43.30 36.54
CA GLU H 73 77.46 42.16 36.03
C GLU H 73 77.58 42.21 34.52
N THR H 74 76.74 41.43 33.85
CA THR H 74 76.72 41.54 32.39
C THR H 74 75.87 42.72 31.95
N ALA H 75 75.00 43.20 32.81
CA ALA H 75 73.96 44.13 32.39
C ALA H 75 74.38 45.58 32.46
N GLN H 76 75.64 45.88 32.76
CA GLN H 76 76.07 47.27 32.78
C GLN H 76 77.40 47.46 32.07
N SER H 77 77.83 46.51 31.26
CA SER H 77 79.09 46.67 30.57
C SER H 77 78.96 47.65 29.42
N GLY H 78 80.08 47.87 28.73
CA GLY H 78 80.03 48.72 27.55
C GLY H 78 79.31 48.06 26.40
N LEU H 79 79.65 46.80 26.13
CA LEU H 79 79.12 46.13 24.94
C LEU H 79 77.64 45.83 25.09
N TYR H 80 77.18 45.70 26.34
CA TYR H 80 75.74 45.58 26.58
C TYR H 80 75.03 46.88 26.27
N LYS H 81 75.74 48.01 26.36
CA LYS H 81 75.13 49.29 26.03
C LYS H 81 75.22 49.58 24.54
N HIS H 82 76.17 48.96 23.84
CA HIS H 82 76.19 49.17 22.39
C HIS H 82 75.26 48.20 21.67
N VAL H 83 75.00 47.05 22.27
CA VAL H 83 74.15 46.06 21.62
C VAL H 83 72.72 46.18 22.11
N TYR H 84 72.53 46.11 23.42
CA TYR H 84 71.18 46.06 23.97
C TYR H 84 70.56 47.44 24.09
N SER H 85 71.22 48.32 24.84
CA SER H 85 70.56 49.53 25.30
C SER H 85 70.46 50.57 24.20
N ALA H 86 71.45 50.66 23.34
CA ALA H 86 71.33 51.56 22.20
C ALA H 86 70.58 50.93 21.05
N GLY H 87 70.27 49.65 21.14
CA GLY H 87 69.57 48.95 20.10
C GLY H 87 68.20 48.48 20.53
N TYR H 88 68.16 47.21 20.96
CA TYR H 88 66.93 46.43 21.07
C TYR H 88 65.95 47.02 22.05
N GLY H 89 66.43 47.58 23.14
CA GLY H 89 65.55 48.06 24.17
C GLY H 89 65.41 49.56 24.21
N GLN H 90 65.71 50.23 23.10
CA GLN H 90 65.60 51.67 22.99
C GLN H 90 64.37 52.00 22.18
N PHE H 91 63.62 53.01 22.62
CA PHE H 91 62.40 53.41 21.92
C PHE H 91 62.75 53.92 20.53
N GLY H 92 62.43 53.12 19.52
CA GLY H 92 62.63 53.50 18.14
C GLY H 92 63.88 52.96 17.50
N GLY H 93 64.76 52.30 18.25
CA GLY H 93 65.99 51.77 17.71
C GLY H 93 65.76 50.54 16.87
N GLU H 94 66.85 49.87 16.54
CA GLU H 94 66.80 48.71 15.67
C GLU H 94 67.55 47.58 16.34
N PRO H 95 67.09 46.36 16.20
CA PRO H 95 67.73 45.26 16.94
C PRO H 95 69.01 44.79 16.30
N VAL H 96 69.92 44.24 17.11
CA VAL H 96 71.13 43.64 16.57
C VAL H 96 70.82 42.22 16.12
N GLY H 97 71.06 41.95 14.84
CA GLY H 97 70.64 40.66 14.29
C GLY H 97 71.62 39.55 14.60
N ALA H 98 72.91 39.84 14.46
CA ALA H 98 73.96 38.85 14.71
C ALA H 98 75.23 39.59 15.08
N ILE H 99 76.11 38.89 15.77
CA ILE H 99 77.39 39.45 16.19
C ILE H 99 78.47 38.53 15.66
N ILE H 100 79.42 39.09 14.95
CA ILE H 100 80.48 38.32 14.32
C ILE H 100 81.78 38.69 15.01
N GLY H 101 82.47 37.69 15.57
CA GLY H 101 83.68 37.93 16.30
C GLY H 101 84.89 37.59 15.46
N ASN H 102 85.73 38.58 15.20
CA ASN H 102 86.97 38.36 14.47
C ASN H 102 88.05 38.00 15.48
N TYR H 103 87.84 36.88 16.15
CA TYR H 103 88.71 36.44 17.21
C TYR H 103 89.16 35.02 16.92
N ALA H 104 90.00 34.49 17.80
CA ALA H 104 90.35 33.08 17.81
C ALA H 104 90.38 32.60 19.25
N PHE H 105 89.74 31.48 19.52
CA PHE H 105 89.52 31.04 20.89
C PHE H 105 90.34 29.82 21.23
N THR H 106 90.91 29.83 22.43
CA THR H 106 91.75 28.79 22.97
C THR H 106 90.97 28.15 24.12
N PRO H 107 91.42 27.04 24.70
CA PRO H 107 90.77 26.56 25.92
C PRO H 107 91.18 27.31 27.19
N SER H 108 91.81 28.47 27.08
CA SER H 108 92.22 29.20 28.26
C SER H 108 91.00 29.76 28.98
N THR H 109 91.08 29.74 30.30
CA THR H 109 90.02 30.26 31.18
C THR H 109 89.56 31.68 30.86
N PRO H 110 90.41 32.62 30.41
CA PRO H 110 89.84 33.89 29.89
C PRO H 110 88.91 33.71 28.69
N ASP H 111 89.19 32.77 27.80
CA ASP H 111 88.34 32.62 26.62
C ASP H 111 87.01 31.99 26.96
N MET H 112 87.00 31.04 27.89
CA MET H 112 85.74 30.40 28.23
C MET H 112 84.91 31.27 29.14
N LYS H 113 85.55 32.13 29.95
CA LYS H 113 84.77 33.13 30.66
C LYS H 113 84.20 34.15 29.68
N LEU H 114 84.95 34.45 28.62
CA LEU H 114 84.44 35.32 27.56
C LEU H 114 83.22 34.72 26.89
N LEU H 115 83.23 33.41 26.62
CA LEU H 115 82.08 32.84 25.96
C LEU H 115 80.90 32.64 26.90
N GLN H 116 81.14 32.50 28.21
CA GLN H 116 80.01 32.49 29.12
C GLN H 116 79.32 33.84 29.12
N TYR H 117 80.11 34.91 29.18
CA TYR H 117 79.51 36.23 29.21
C TYR H 117 78.86 36.60 27.88
N MET H 118 79.47 36.23 26.75
CA MET H 118 78.84 36.53 25.47
C MET H 118 77.65 35.64 25.21
N GLY H 119 77.58 34.49 25.89
CA GLY H 119 76.33 33.76 25.94
C GLY H 119 75.27 34.56 26.67
N ALA H 120 75.66 35.27 27.72
CA ALA H 120 74.67 36.07 28.45
C ALA H 120 74.21 37.27 27.65
N LEU H 121 75.14 37.94 26.95
CA LEU H 121 74.77 39.07 26.10
C LEU H 121 73.89 38.62 24.95
N GLY H 122 74.23 37.48 24.36
CA GLY H 122 73.38 36.91 23.34
C GLY H 122 72.04 36.48 23.88
N ALA H 123 71.96 36.23 25.19
CA ALA H 123 70.67 35.88 25.78
C ALA H 123 69.79 37.10 25.91
N MET H 124 70.31 38.19 26.47
CA MET H 124 69.42 39.31 26.74
C MET H 124 69.24 40.17 25.50
N ALA H 125 70.06 39.98 24.47
CA ALA H 125 69.93 40.86 23.33
C ALA H 125 69.57 40.14 22.04
N HIS H 126 69.40 38.81 22.09
CA HIS H 126 69.01 37.97 20.96
C HIS H 126 69.94 38.14 19.77
N ALA H 127 71.23 37.99 20.02
CA ALA H 127 72.21 38.13 18.99
C ALA H 127 73.15 36.94 19.09
N PRO H 128 73.18 36.07 18.09
CA PRO H 128 74.12 34.96 18.12
C PRO H 128 75.53 35.45 17.90
N PHE H 129 76.46 34.89 18.67
CA PHE H 129 77.86 35.26 18.58
C PHE H 129 78.59 34.18 17.80
N ILE H 130 79.32 34.59 16.77
CA ILE H 130 80.04 33.67 15.90
C ILE H 130 81.51 34.04 15.95
N SER H 131 82.38 33.04 16.04
CA SER H 131 83.79 33.33 16.13
C SER H 131 84.57 32.18 15.50
N SER H 132 85.86 32.12 15.78
CA SER H 132 86.70 31.07 15.20
C SER H 132 87.38 30.27 16.29
N VAL H 133 87.38 28.97 16.09
CA VAL H 133 88.19 28.04 16.85
C VAL H 133 89.60 28.09 16.30
N GLY H 134 90.54 28.38 17.18
CA GLY H 134 91.92 28.45 16.82
C GLY H 134 92.52 27.07 16.66
N PRO H 135 93.74 27.02 16.13
CA PRO H 135 94.37 25.71 15.92
C PRO H 135 94.69 24.96 17.20
N GLU H 136 95.03 25.65 18.28
CA GLU H 136 95.39 24.89 19.48
C GLU H 136 94.19 24.51 20.32
N PHE H 137 92.97 24.70 19.82
CA PHE H 137 91.81 24.27 20.58
C PHE H 137 91.63 22.77 20.50
N PHE H 138 92.19 22.13 19.49
CA PHE H 138 92.04 20.70 19.31
C PHE H 138 93.23 19.94 19.85
N GLY H 139 94.23 20.66 20.34
CA GLY H 139 95.42 20.05 20.88
C GLY H 139 96.58 19.90 19.91
N ILE H 140 96.48 20.51 18.72
CA ILE H 140 97.48 20.31 17.69
C ILE H 140 98.10 21.64 17.31
N ASP H 141 99.07 21.56 16.39
CA ASP H 141 99.83 22.75 16.01
C ASP H 141 99.01 23.65 15.11
N SER H 142 98.66 23.18 13.93
CA SER H 142 97.88 23.94 12.98
C SER H 142 96.90 22.99 12.34
N PHE H 143 96.02 23.53 11.49
CA PHE H 143 94.88 22.77 11.03
C PHE H 143 95.23 21.68 10.04
N GLU H 144 96.47 21.58 9.60
CA GLU H 144 96.78 20.58 8.61
C GLU H 144 97.03 19.20 9.20
N GLU H 145 96.49 18.88 10.37
CA GLU H 145 96.51 17.53 10.90
C GLU H 145 95.13 17.01 11.28
N LEU H 146 94.06 17.65 10.82
CA LEU H 146 92.74 17.04 10.97
C LEU H 146 92.57 15.72 10.23
N PRO H 147 93.24 15.42 9.12
CA PRO H 147 93.32 14.03 8.70
C PRO H 147 94.18 13.15 9.58
N ASN H 148 94.95 13.72 10.50
CA ASN H 148 95.84 12.90 11.30
C ASN H 148 95.37 12.69 12.73
N ILE H 149 94.23 13.25 13.12
CA ILE H 149 93.69 13.00 14.46
C ILE H 149 92.71 11.84 14.37
N LYS H 150 92.90 10.83 15.20
CA LYS H 150 92.12 9.61 15.08
C LYS H 150 90.68 9.77 15.54
N ASP H 151 90.45 10.49 16.63
CA ASP H 151 89.09 10.57 17.16
C ASP H 151 88.92 11.84 17.99
N LEU H 152 87.91 12.65 17.64
CA LEU H 152 87.71 13.91 18.34
C LEU H 152 86.84 13.72 19.58
N LYS H 153 85.88 12.81 19.51
CA LYS H 153 85.00 12.56 20.64
C LYS H 153 85.76 12.03 21.84
N SER H 154 86.80 11.24 21.59
CA SER H 154 87.64 10.77 22.69
C SER H 154 88.75 11.78 22.99
N THR H 155 88.99 12.74 22.11
CA THR H 155 89.94 13.80 22.43
C THR H 155 89.36 14.74 23.47
N PHE H 156 88.08 15.07 23.34
CA PHE H 156 87.52 16.08 24.24
C PHE H 156 87.15 15.55 25.62
N GLU H 157 87.58 14.37 26.03
CA GLU H 157 87.31 13.95 27.39
C GLU H 157 88.45 14.26 28.35
N SER H 158 89.53 14.86 27.87
CA SER H 158 90.66 15.17 28.72
C SER H 158 90.29 16.25 29.73
N PRO H 159 90.95 16.27 30.90
CA PRO H 159 90.67 17.33 31.87
C PRO H 159 91.15 18.71 31.45
N LYS H 160 91.81 18.84 30.30
CA LYS H 160 92.06 20.16 29.76
C LYS H 160 90.77 20.86 29.38
N TYR H 161 89.77 20.10 28.95
CA TYR H 161 88.58 20.66 28.32
C TYR H 161 87.38 20.67 29.26
N THR H 162 87.63 20.59 30.57
CA THR H 162 86.55 20.48 31.55
C THR H 162 85.70 21.73 31.56
N LYS H 163 86.33 22.89 31.35
CA LYS H 163 85.56 24.11 31.29
C LYS H 163 84.71 24.17 30.02
N TRP H 164 85.24 23.62 28.92
CA TRP H 164 84.48 23.59 27.67
C TRP H 164 83.26 22.71 27.77
N ARG H 165 83.40 21.52 28.37
CA ARG H 165 82.23 20.68 28.55
C ARG H 165 81.31 21.25 29.61
N SER H 166 81.84 22.12 30.47
CA SER H 166 80.91 22.85 31.32
C SER H 166 80.24 23.97 30.53
N LEU H 167 80.78 24.35 29.38
CA LEU H 167 80.19 25.45 28.62
C LEU H 167 79.08 24.97 27.69
N ARG H 168 79.27 23.81 27.06
CA ARG H 168 78.23 23.31 26.16
C ARG H 168 76.94 22.97 26.87
N GLU H 169 77.00 22.49 28.09
CA GLU H 169 75.80 22.12 28.80
C GLU H 169 75.04 23.32 29.33
N SER H 170 75.61 24.51 29.27
CA SER H 170 74.92 25.68 29.78
C SER H 170 73.75 26.02 28.86
N GLU H 171 72.75 26.68 29.43
CA GLU H 171 71.57 26.98 28.65
C GLU H 171 71.75 28.17 27.74
N ASP H 172 72.87 28.88 27.82
CA ASP H 172 73.13 29.98 26.91
C ASP H 172 74.00 29.60 25.73
N ALA H 173 74.27 28.31 25.53
CA ALA H 173 75.07 27.93 24.39
C ALA H 173 74.25 27.81 23.12
N ARG H 174 72.98 28.19 23.14
CA ARG H 174 72.25 28.34 21.89
C ARG H 174 72.76 29.51 21.07
N TYR H 175 73.40 30.47 21.71
CA TYR H 175 73.71 31.74 21.10
C TYR H 175 75.16 31.87 20.68
N LEU H 176 75.93 30.79 20.75
CA LEU H 176 77.31 30.80 20.30
C LEU H 176 77.45 29.85 19.14
N GLY H 177 78.37 30.15 18.26
CA GLY H 177 78.77 29.20 17.26
C GLY H 177 80.23 29.39 16.98
N LEU H 178 81.02 28.35 17.14
CA LEU H 178 82.45 28.46 16.89
C LEU H 178 82.78 27.72 15.61
N THR H 179 83.52 28.36 14.74
CA THR H 179 83.73 27.82 13.41
C THR H 179 85.12 27.25 13.25
N ALA H 180 85.18 26.13 12.54
CA ALA H 180 86.35 25.34 12.17
C ALA H 180 86.87 25.90 10.84
N PRO H 181 87.82 25.28 10.12
CA PRO H 181 89.06 25.96 9.78
C PRO H 181 88.91 27.19 8.89
N ARG H 182 89.98 27.99 8.86
CA ARG H 182 90.01 29.28 8.22
C ARG H 182 90.12 29.11 6.70
N PHE H 183 90.28 30.21 5.95
CA PHE H 183 90.43 30.09 4.52
C PHE H 183 91.22 31.27 3.97
N LEU H 184 91.69 31.13 2.74
CA LEU H 184 92.54 32.12 2.11
C LEU H 184 91.78 33.40 1.78
N LEU H 185 92.47 34.53 1.91
CA LEU H 185 91.92 35.78 1.43
C LEU H 185 92.53 36.21 0.11
N ARG H 186 93.80 35.92 -0.10
CA ARG H 186 94.62 36.59 -1.08
C ARG H 186 95.53 35.59 -1.77
N VAL H 187 95.53 35.62 -3.09
CA VAL H 187 96.49 34.84 -3.87
C VAL H 187 97.89 35.35 -3.54
N PRO H 188 98.84 34.47 -3.24
CA PRO H 188 100.22 34.91 -3.08
C PRO H 188 100.77 35.47 -4.39
N TYR H 189 101.61 36.48 -4.26
CA TYR H 189 102.02 37.32 -5.38
C TYR H 189 102.92 36.58 -6.34
N ASP H 190 103.05 37.12 -7.54
CA ASP H 190 103.66 36.45 -8.62
C ASP H 190 103.86 37.59 -9.61
N PRO H 191 104.78 37.47 -10.56
CA PRO H 191 104.89 38.52 -11.58
C PRO H 191 103.67 38.60 -12.48
N ILE H 192 103.05 37.48 -12.75
CA ILE H 192 101.95 37.40 -13.69
C ILE H 192 100.60 37.35 -12.99
N GLU H 193 100.46 36.47 -12.00
CA GLU H 193 99.14 36.10 -11.49
C GLU H 193 98.51 37.17 -10.63
N ASN H 194 99.30 37.92 -9.88
CA ASN H 194 98.74 39.03 -9.13
C ASN H 194 99.83 40.07 -9.03
N PRO H 195 100.00 40.90 -10.05
CA PRO H 195 101.23 41.68 -10.18
C PRO H 195 101.25 42.90 -9.29
N VAL H 196 102.45 43.47 -9.19
CA VAL H 196 102.70 44.69 -8.46
C VAL H 196 103.27 45.72 -9.44
N LYS H 197 103.04 46.99 -9.14
CA LYS H 197 103.46 48.05 -10.05
C LYS H 197 104.90 48.44 -9.81
N SER H 198 105.63 48.66 -10.91
CA SER H 198 106.98 49.22 -10.96
C SER H 198 108.03 48.35 -10.26
N PHE H 199 107.73 47.07 -10.06
CA PHE H 199 108.66 46.18 -9.38
C PHE H 199 108.38 44.73 -9.75
N ASN H 200 109.43 43.90 -9.72
CA ASN H 200 109.28 42.45 -9.91
C ASN H 200 109.34 41.76 -8.54
N TYR H 201 108.17 41.32 -8.09
CA TYR H 201 108.06 40.63 -6.81
C TYR H 201 107.51 39.22 -6.99
N ALA H 202 108.15 38.26 -6.36
CA ALA H 202 107.74 36.86 -6.40
C ALA H 202 107.71 36.33 -4.98
N GLU H 203 106.51 36.19 -4.42
CA GLU H 203 106.39 35.82 -3.02
C GLU H 203 106.77 34.36 -2.82
N ASN H 204 107.89 34.14 -2.16
CA ASN H 204 108.42 32.81 -1.95
C ASN H 204 107.79 32.28 -0.67
N VAL H 205 106.63 31.65 -0.81
CA VAL H 205 106.00 31.03 0.34
C VAL H 205 106.61 29.66 0.57
N SER H 206 107.03 29.39 1.80
CA SER H 206 107.70 28.16 2.17
C SER H 206 106.72 27.01 2.33
N ALA H 207 107.20 25.93 2.94
CA ALA H 207 106.32 24.82 3.31
C ALA H 207 105.44 25.15 4.52
N SER H 208 105.88 26.05 5.40
CA SER H 208 105.08 26.42 6.55
C SER H 208 103.94 27.32 6.09
N HIS H 209 102.71 26.87 6.31
CA HIS H 209 101.59 27.55 5.68
C HIS H 209 101.08 28.73 6.48
N GLU H 210 101.82 29.21 7.47
CA GLU H 210 101.42 30.46 8.07
C GLU H 210 101.74 31.66 7.20
N HIS H 211 102.49 31.47 6.12
CA HIS H 211 102.90 32.59 5.31
C HIS H 211 101.78 33.09 4.43
N TYR H 212 100.81 32.25 4.14
CA TYR H 212 99.59 32.71 3.50
C TYR H 212 98.84 33.67 4.40
N LEU H 213 97.98 34.49 3.80
CA LEU H 213 97.11 35.36 4.58
C LEU H 213 95.82 34.61 4.87
N TRP H 214 95.67 34.16 6.10
CA TRP H 214 94.45 33.45 6.46
C TRP H 214 93.42 34.39 7.06
N GLY H 215 92.21 34.34 6.53
CA GLY H 215 91.17 35.18 7.05
C GLY H 215 90.26 34.41 7.97
N ASN H 216 89.35 35.08 8.65
CA ASN H 216 88.48 34.41 9.59
C ASN H 216 87.32 33.76 8.83
N THR H 217 86.83 32.66 9.37
CA THR H 217 85.68 31.97 8.77
C THR H 217 84.40 32.71 9.08
N ALA H 218 84.35 33.35 10.25
CA ALA H 218 83.11 33.93 10.75
C ALA H 218 82.63 35.07 9.86
N PHE H 219 83.56 35.71 9.15
CA PHE H 219 83.18 36.64 8.10
C PHE H 219 82.43 35.94 6.98
N ALA H 220 82.91 34.78 6.53
CA ALA H 220 82.23 34.09 5.44
C ALA H 220 80.86 33.61 5.86
N PHE H 221 80.76 33.12 7.11
CA PHE H 221 79.47 32.76 7.66
C PHE H 221 78.56 33.97 7.74
N ALA H 222 79.14 35.14 7.99
CA ALA H 222 78.33 36.36 8.03
C ALA H 222 77.87 36.78 6.64
N THR H 223 78.66 36.48 5.60
CA THR H 223 78.17 36.69 4.25
C THR H 223 76.98 35.81 3.97
N ARG H 224 76.97 34.60 4.53
CA ARG H 224 75.83 33.74 4.30
C ARG H 224 74.59 34.19 5.06
N LEU H 225 74.77 34.73 6.27
CA LEU H 225 73.63 35.30 6.98
C LEU H 225 73.05 36.50 6.24
N THR H 226 73.91 37.47 5.89
CA THR H 226 73.40 38.71 5.35
C THR H 226 72.87 38.54 3.93
N ASP H 227 73.49 37.64 3.15
CA ASP H 227 72.96 37.36 1.82
C ASP H 227 71.63 36.63 1.89
N SER H 228 71.50 35.69 2.83
CA SER H 228 70.23 34.99 2.97
C SER H 228 69.13 35.96 3.40
N PHE H 229 69.48 36.95 4.21
CA PHE H 229 68.50 37.94 4.62
C PHE H 229 68.16 38.88 3.46
N ALA H 230 69.12 39.13 2.59
CA ALA H 230 68.87 40.03 1.48
C ALA H 230 67.98 39.35 0.45
N LYS H 231 68.10 38.04 0.31
CA LYS H 231 67.18 37.37 -0.60
C LYS H 231 65.81 37.21 0.03
N TYR H 232 65.73 36.76 1.27
CA TYR H 232 64.51 36.14 1.76
C TYR H 232 63.93 36.74 3.02
N ARG H 233 64.50 37.85 3.53
CA ARG H 233 64.05 38.55 4.74
C ARG H 233 64.06 37.69 5.99
N TRP H 234 64.83 36.61 6.00
CA TRP H 234 65.02 35.79 7.17
C TRP H 234 66.41 35.20 7.05
N CYS H 235 66.85 34.46 8.07
CA CYS H 235 68.10 33.72 7.96
C CYS H 235 68.01 32.25 8.36
N PRO H 236 67.20 31.43 7.66
CA PRO H 236 67.32 30.00 7.93
C PRO H 236 68.17 29.29 6.87
N ASN H 237 68.55 29.98 5.82
CA ASN H 237 69.14 29.32 4.66
C ASN H 237 70.65 29.56 4.64
N ILE H 238 71.35 28.81 5.48
CA ILE H 238 72.80 28.91 5.54
C ILE H 238 73.47 27.55 5.55
N ILE H 239 72.75 26.50 5.19
CA ILE H 239 73.21 25.15 5.51
C ILE H 239 73.34 24.18 4.35
N GLY H 240 73.74 24.63 3.17
CA GLY H 240 73.86 23.69 2.10
C GLY H 240 74.74 24.13 0.95
N PRO H 241 75.08 23.19 0.09
CA PRO H 241 75.66 23.57 -1.20
C PRO H 241 74.66 24.27 -2.10
N GLN H 242 73.36 24.03 -1.90
CA GLN H 242 72.35 24.65 -2.72
C GLN H 242 71.28 25.38 -1.95
N SER H 243 71.13 25.11 -0.65
CA SER H 243 70.04 25.74 0.09
C SER H 243 70.38 27.19 0.44
N GLY H 244 71.64 27.58 0.32
CA GLY H 244 72.00 28.96 0.52
C GLY H 244 73.36 29.13 1.14
N GLY H 245 73.88 28.05 1.72
CA GLY H 245 75.11 28.17 2.48
C GLY H 245 76.38 28.09 1.65
N ALA H 246 76.26 28.07 0.34
CA ALA H 246 77.42 27.92 -0.51
C ALA H 246 78.21 29.21 -0.54
N VAL H 247 79.47 29.13 -0.09
CA VAL H 247 80.40 30.25 -0.20
C VAL H 247 81.21 30.03 -1.45
N GLU H 248 80.97 30.84 -2.46
CA GLU H 248 81.62 30.68 -3.75
C GLU H 248 82.86 31.54 -3.83
N ASP H 249 83.62 31.35 -4.92
CA ASP H 249 84.74 32.19 -5.32
C ASP H 249 85.85 32.24 -4.27
N LEU H 250 86.53 31.14 -4.06
CA LEU H 250 87.71 31.24 -3.22
C LEU H 250 88.98 31.23 -4.05
N PRO H 251 90.03 31.91 -3.59
CA PRO H 251 91.27 31.96 -4.37
C PRO H 251 92.04 30.65 -4.31
N VAL H 252 92.64 30.30 -5.43
CA VAL H 252 93.45 29.10 -5.54
C VAL H 252 94.91 29.50 -5.63
N HIS H 253 95.79 28.52 -5.48
CA HIS H 253 97.21 28.78 -5.63
C HIS H 253 97.87 27.52 -6.16
N VAL H 254 97.97 27.43 -7.48
CA VAL H 254 98.61 26.27 -8.10
C VAL H 254 100.11 26.44 -8.00
N PHE H 255 100.76 25.52 -7.28
CA PHE H 255 102.19 25.67 -7.08
C PHE H 255 102.86 24.31 -7.30
N GLU H 256 104.14 24.36 -7.65
CA GLU H 256 104.86 23.16 -8.05
C GLU H 256 105.16 22.26 -6.85
N SER H 257 104.69 21.03 -6.92
CA SER H 257 104.90 20.03 -5.88
C SER H 257 106.17 19.25 -6.20
N MET H 258 106.38 18.06 -5.65
CA MET H 258 107.55 17.25 -5.96
C MET H 258 107.46 16.67 -7.38
N GLY H 259 107.67 17.51 -8.37
CA GLY H 259 107.62 17.11 -9.76
C GLY H 259 106.31 17.40 -10.45
N ALA H 260 105.20 17.39 -9.74
CA ALA H 260 103.90 17.60 -10.34
C ALA H 260 103.32 18.93 -9.87
N LEU H 261 102.14 19.25 -10.38
CA LEU H 261 101.37 20.38 -9.88
C LEU H 261 100.38 19.87 -8.85
N GLN H 262 100.00 20.76 -7.94
CA GLN H 262 98.87 20.52 -7.07
C GLN H 262 98.27 21.85 -6.67
N SER H 263 97.00 21.82 -6.34
CA SER H 263 96.30 23.00 -5.87
C SER H 263 96.46 23.10 -4.37
N LYS H 264 96.97 24.22 -3.90
CA LYS H 264 96.89 24.46 -2.47
C LYS H 264 95.46 24.75 -2.11
N ILE H 265 94.96 24.03 -1.11
CA ILE H 265 93.55 24.06 -0.78
C ILE H 265 93.21 25.41 -0.17
N PRO H 266 92.09 26.03 -0.56
CA PRO H 266 91.75 27.34 0.00
C PRO H 266 91.44 27.30 1.48
N THR H 267 90.72 26.30 1.96
CA THR H 267 90.71 26.03 3.38
C THR H 267 92.00 25.29 3.72
N GLU H 268 92.30 25.17 5.01
CA GLU H 268 93.57 24.54 5.36
C GLU H 268 93.57 23.07 5.05
N VAL H 269 92.43 22.40 5.20
CA VAL H 269 92.35 20.99 4.88
C VAL H 269 91.09 20.71 4.09
N LEU H 270 91.12 19.57 3.42
CA LEU H 270 89.94 18.94 2.83
C LEU H 270 89.34 18.07 3.93
N ILE H 271 88.32 18.58 4.59
CA ILE H 271 87.67 17.82 5.64
C ILE H 271 86.82 16.72 5.02
N THR H 272 87.16 15.48 5.31
CA THR H 272 86.33 14.38 4.85
C THR H 272 85.02 14.36 5.63
N ASP H 273 84.02 13.67 5.07
CA ASP H 273 82.65 13.86 5.53
C ASP H 273 82.42 13.25 6.90
N ARG H 274 83.14 12.20 7.24
CA ARG H 274 83.08 11.69 8.60
C ARG H 274 83.64 12.71 9.58
N LYS H 275 84.72 13.38 9.19
CA LYS H 275 85.30 14.41 10.04
C LYS H 275 84.38 15.60 10.14
N GLU H 276 83.61 15.88 9.09
CA GLU H 276 82.66 16.98 9.14
C GLU H 276 81.52 16.66 10.09
N PHE H 277 80.99 15.44 10.02
CA PHE H 277 79.88 15.09 10.91
C PHE H 277 80.34 15.05 12.35
N GLU H 278 81.61 14.71 12.58
CA GLU H 278 82.12 14.77 13.94
C GLU H 278 82.24 16.21 14.43
N LEU H 279 82.72 17.11 13.57
CA LEU H 279 82.76 18.52 13.96
C LEU H 279 81.36 19.08 14.12
N ALA H 280 80.38 18.51 13.44
CA ALA H 280 79.02 18.98 13.61
C ALA H 280 78.44 18.49 14.93
N GLU H 281 78.85 17.30 15.37
CA GLU H 281 78.35 16.82 16.66
C GLU H 281 79.02 17.51 17.81
N GLU H 282 80.21 18.07 17.61
CA GLU H 282 80.89 18.76 18.69
C GLU H 282 80.47 20.21 18.80
N GLY H 283 79.55 20.66 17.95
CA GLY H 283 79.11 22.04 17.99
C GLY H 283 79.95 23.01 17.19
N PHE H 284 80.55 22.56 16.11
CA PHE H 284 81.39 23.42 15.29
C PHE H 284 80.82 23.51 13.90
N ILE H 285 81.10 24.61 13.21
CA ILE H 285 80.63 24.86 11.86
C ILE H 285 81.81 24.59 10.93
N ALA H 286 81.77 23.47 10.23
CA ALA H 286 82.91 23.06 9.43
C ALA H 286 82.80 23.67 8.04
N LEU H 287 83.69 24.59 7.73
CA LEU H 287 83.82 25.07 6.37
C LEU H 287 84.47 23.99 5.54
N THR H 288 83.70 23.33 4.68
CA THR H 288 84.20 22.19 3.92
C THR H 288 84.52 22.59 2.49
N MET H 289 85.74 22.28 2.09
CA MET H 289 86.18 22.54 0.73
C MET H 289 85.59 21.50 -0.17
N ARG H 290 85.14 21.91 -1.34
CA ARG H 290 84.72 20.97 -2.38
C ARG H 290 85.92 20.65 -3.25
N LYS H 291 86.38 19.39 -3.18
CA LYS H 291 87.62 18.98 -3.81
C LYS H 291 87.55 19.11 -5.32
N GLY H 292 88.58 19.71 -5.89
CA GLY H 292 88.64 19.91 -7.31
C GLY H 292 87.94 21.16 -7.79
N SER H 293 87.44 21.98 -6.87
CA SER H 293 86.80 23.22 -7.25
C SER H 293 87.52 24.34 -6.51
N ASP H 294 86.94 25.53 -6.59
CA ASP H 294 87.36 26.67 -5.78
C ASP H 294 86.21 27.15 -4.91
N ASN H 295 85.32 26.24 -4.55
CA ASN H 295 84.09 26.57 -3.87
C ASN H 295 84.05 25.80 -2.56
N ALA H 296 83.40 26.36 -1.56
CA ALA H 296 83.31 25.72 -0.26
C ALA H 296 81.88 25.78 0.24
N ALA H 297 81.59 25.04 1.30
CA ALA H 297 80.23 24.95 1.75
C ALA H 297 80.17 24.61 3.23
N PHE H 298 79.10 25.07 3.87
CA PHE H 298 78.74 24.68 5.23
C PHE H 298 77.76 23.53 5.11
N PHE H 299 78.22 22.30 5.36
CA PHE H 299 77.28 21.20 5.40
C PHE H 299 76.43 21.23 6.67
N SER H 300 76.85 21.97 7.69
CA SER H 300 76.16 21.98 8.96
C SER H 300 76.45 23.28 9.66
N ALA H 301 75.49 23.75 10.45
CA ALA H 301 75.66 24.97 11.22
C ALA H 301 75.08 24.78 12.61
N ASN H 302 75.50 23.72 13.29
CA ASN H 302 75.09 23.53 14.68
C ASN H 302 75.67 24.61 15.58
N SER H 303 75.04 24.79 16.73
CA SER H 303 75.56 25.66 17.78
C SER H 303 76.22 24.82 18.86
N ILE H 304 76.62 25.47 19.95
CA ILE H 304 77.51 24.84 20.91
C ILE H 304 76.78 23.81 21.76
N GLN H 305 75.51 24.01 22.04
CA GLN H 305 74.86 23.31 23.14
C GLN H 305 74.69 21.84 22.86
N LYS H 306 75.05 21.03 23.81
CA LYS H 306 75.02 19.59 23.68
C LYS H 306 73.60 19.10 23.57
N PRO H 307 73.28 18.38 22.51
CA PRO H 307 71.90 17.91 22.33
C PRO H 307 71.60 16.84 23.37
N LYS H 308 70.54 17.07 24.15
CA LYS H 308 70.22 16.21 25.27
C LYS H 308 69.72 14.85 24.83
N VAL H 309 69.83 13.87 25.72
CA VAL H 309 69.27 12.54 25.55
C VAL H 309 68.14 12.36 26.55
N PHE H 310 66.97 11.98 26.05
CA PHE H 310 65.79 11.75 26.88
C PHE H 310 65.42 10.29 26.79
N PRO H 311 64.58 9.76 27.70
CA PRO H 311 64.22 8.35 27.62
C PRO H 311 63.46 8.03 26.35
N ASN H 312 63.59 6.80 25.87
CA ASN H 312 63.00 6.43 24.60
C ASN H 312 61.54 6.01 24.78
N THR H 313 60.71 7.00 25.06
CA THR H 313 59.27 6.85 25.03
C THR H 313 58.73 7.79 23.96
N LYS H 314 57.41 7.94 23.92
CA LYS H 314 56.81 8.88 22.99
C LYS H 314 57.09 10.32 23.40
N GLU H 315 56.83 10.64 24.65
CA GLU H 315 57.09 11.98 25.17
C GLU H 315 58.58 12.29 25.18
N GLY H 316 59.42 11.27 25.38
CA GLY H 316 60.84 11.49 25.36
C GLY H 316 61.36 11.86 23.99
N LYS H 317 60.83 11.24 22.95
CA LYS H 317 61.29 11.60 21.62
C LYS H 317 60.73 12.93 21.18
N GLU H 318 59.55 13.33 21.67
CA GLU H 318 59.10 14.68 21.39
C GLU H 318 59.98 15.72 22.06
N ALA H 319 60.38 15.46 23.30
CA ALA H 319 61.18 16.45 24.01
C ALA H 319 62.61 16.50 23.46
N GLU H 320 63.13 15.37 22.99
CA GLU H 320 64.41 15.42 22.26
C GLU H 320 64.27 16.17 20.95
N THR H 321 63.13 16.02 20.28
CA THR H 321 62.92 16.69 19.01
C THR H 321 62.92 18.20 19.20
N ASN H 322 62.28 18.65 20.27
CA ASN H 322 62.26 20.08 20.54
C ASN H 322 63.63 20.56 20.94
N TYR H 323 64.35 19.71 21.66
CA TYR H 323 65.63 20.18 22.18
C TYR H 323 66.70 20.19 21.10
N LYS H 324 66.55 19.37 20.05
CA LYS H 324 67.50 19.50 18.95
C LYS H 324 67.04 20.54 17.94
N LEU H 325 65.76 20.93 17.96
CA LEU H 325 65.40 22.11 17.19
C LEU H 325 65.96 23.37 17.81
N GLY H 326 66.04 23.40 19.14
CA GLY H 326 66.47 24.62 19.79
C GLY H 326 67.94 24.91 19.59
N THR H 327 68.75 23.87 19.40
CA THR H 327 70.19 24.09 19.47
C THR H 327 70.87 24.23 18.13
N GLN H 328 70.15 24.59 17.08
CA GLN H 328 70.80 24.80 15.79
C GLN H 328 70.49 26.20 15.28
N LEU H 329 71.51 26.89 14.81
CA LEU H 329 71.38 28.27 14.38
C LEU H 329 70.36 28.56 13.27
N PRO H 330 70.14 27.73 12.24
CA PRO H 330 69.12 28.10 11.26
C PRO H 330 67.69 28.01 11.76
N TYR H 331 67.48 27.68 13.02
CA TYR H 331 66.18 27.84 13.66
C TYR H 331 66.21 28.94 14.69
N MET H 332 67.35 29.14 15.35
CA MET H 332 67.44 30.25 16.29
C MET H 332 67.47 31.59 15.58
N MET H 333 67.80 31.62 14.30
CA MET H 333 67.64 32.88 13.60
C MET H 333 66.17 33.18 13.34
N ILE H 334 65.36 32.14 13.15
CA ILE H 334 63.92 32.33 13.05
C ILE H 334 63.36 32.86 14.35
N ILE H 335 63.79 32.29 15.47
CA ILE H 335 63.26 32.75 16.76
C ILE H 335 63.84 34.11 17.13
N ASN H 336 65.03 34.43 16.65
CA ASN H 336 65.56 35.77 16.87
C ASN H 336 64.74 36.82 16.11
N ARG H 337 64.35 36.50 14.86
CA ARG H 337 63.58 37.48 14.11
C ARG H 337 62.16 37.61 14.64
N LEU H 338 61.58 36.51 15.17
CA LEU H 338 60.30 36.67 15.84
C LEU H 338 60.42 37.43 17.13
N ALA H 339 61.53 37.27 17.86
CA ALA H 339 61.69 38.02 19.10
C ALA H 339 61.84 39.50 18.80
N HIS H 340 62.51 39.82 17.71
CA HIS H 340 62.69 41.22 17.35
C HIS H 340 61.39 41.85 16.89
N TYR H 341 60.61 41.14 16.05
CA TYR H 341 59.35 41.71 15.63
C TYR H 341 58.36 41.81 16.79
N VAL H 342 58.42 40.86 17.72
CA VAL H 342 57.47 40.89 18.84
C VAL H 342 57.80 42.04 19.78
N LYS H 343 59.09 42.30 20.00
CA LYS H 343 59.47 43.45 20.82
C LYS H 343 59.10 44.75 20.14
N VAL H 344 59.51 44.90 18.88
CA VAL H 344 59.41 46.20 18.21
C VAL H 344 57.97 46.52 17.88
N LEU H 345 57.20 45.55 17.41
CA LEU H 345 55.78 45.81 17.17
C LEU H 345 54.97 45.86 18.45
N GLN H 346 55.27 45.03 19.43
CA GLN H 346 54.47 45.05 20.64
C GLN H 346 54.92 46.13 21.61
N ARG H 347 55.80 47.06 21.19
CA ARG H 347 55.88 48.31 21.93
C ARG H 347 54.93 49.35 21.38
N GLU H 348 54.42 49.15 20.17
CA GLU H 348 53.56 50.18 19.61
C GLU H 348 52.11 50.00 20.07
N GLN H 349 51.82 48.92 20.78
CA GLN H 349 50.45 48.71 21.23
C GLN H 349 50.26 49.01 22.71
N ILE H 350 51.31 49.43 23.42
CA ILE H 350 51.15 49.82 24.82
C ILE H 350 50.28 51.05 24.88
N GLY H 351 49.09 50.90 25.44
CA GLY H 351 48.13 51.97 25.47
C GLY H 351 46.94 51.77 24.58
N ALA H 352 46.80 50.61 23.97
CA ALA H 352 45.58 50.35 23.24
C ALA H 352 44.63 49.53 24.09
N TRP H 353 43.33 49.74 23.87
CA TRP H 353 42.30 49.07 24.66
C TRP H 353 42.28 47.61 24.25
N LYS H 354 43.01 46.79 24.99
CA LYS H 354 43.18 45.38 24.67
C LYS H 354 42.62 44.52 25.79
N GLU H 355 41.96 43.46 25.42
CA GLU H 355 41.64 42.41 26.36
C GLU H 355 42.55 41.21 26.12
N ARG H 356 42.24 40.10 26.80
CA ARG H 356 43.02 38.89 26.64
C ARG H 356 42.83 38.28 25.26
N GLN H 357 41.57 38.02 24.89
CA GLN H 357 41.26 37.50 23.57
C GLN H 357 41.58 38.50 22.47
N ASP H 358 41.75 39.77 22.79
CA ASP H 358 42.33 40.69 21.83
C ASP H 358 43.75 40.30 21.47
N LEU H 359 44.56 39.92 22.46
CA LEU H 359 45.91 39.49 22.11
C LEU H 359 45.91 38.14 21.44
N GLU H 360 44.95 37.27 21.76
CA GLU H 360 44.88 36.03 20.99
C GLU H 360 44.54 36.30 19.54
N ARG H 361 43.62 37.22 19.29
CA ARG H 361 43.19 37.46 17.93
C ARG H 361 44.25 38.22 17.14
N GLU H 362 44.89 39.19 17.78
CA GLU H 362 45.84 40.01 17.06
C GLU H 362 47.17 39.31 16.89
N LEU H 363 47.54 38.44 17.82
CA LEU H 363 48.77 37.70 17.58
C LEU H 363 48.55 36.55 16.61
N ASN H 364 47.36 35.94 16.62
CA ASN H 364 47.12 34.86 15.66
C ASN H 364 46.98 35.41 14.25
N SER H 365 46.30 36.53 14.09
CA SER H 365 46.28 37.18 12.79
C SER H 365 47.62 37.83 12.47
N TRP H 366 48.45 38.05 13.48
CA TRP H 366 49.80 38.55 13.22
C TRP H 366 50.69 37.45 12.68
N ILE H 367 50.48 36.23 13.15
CA ILE H 367 51.40 35.15 12.85
C ILE H 367 50.87 34.28 11.72
N LYS H 368 49.63 34.52 11.27
CA LYS H 368 49.19 33.90 10.02
C LYS H 368 49.88 34.52 8.81
N GLN H 369 50.58 35.63 9.01
CA GLN H 369 51.54 36.13 8.04
C GLN H 369 52.64 35.12 7.76
N TYR H 370 53.09 34.38 8.75
CA TYR H 370 54.29 33.57 8.61
C TYR H 370 54.01 32.08 8.60
N VAL H 371 52.78 31.66 8.37
CA VAL H 371 52.43 30.25 8.35
C VAL H 371 52.28 29.81 6.91
N ALA H 372 53.01 28.76 6.52
CA ALA H 372 52.89 28.20 5.19
C ALA H 372 52.45 26.76 5.36
N ASP H 373 51.15 26.54 5.50
CA ASP H 373 50.62 25.23 5.89
C ASP H 373 49.84 24.55 4.78
N GLN H 374 50.25 24.73 3.53
CA GLN H 374 49.60 24.01 2.46
C GLN H 374 50.13 22.59 2.38
N GLU H 375 49.77 21.92 1.29
CA GLU H 375 50.16 20.52 1.17
C GLU H 375 51.64 20.40 0.83
N ASN H 376 52.11 21.18 -0.10
CA ASN H 376 53.48 21.02 -0.55
C ASN H 376 53.97 22.34 -1.09
N PRO H 377 54.42 23.27 -0.24
CA PRO H 377 54.90 24.54 -0.76
C PRO H 377 56.28 24.38 -1.35
N PRO H 378 56.60 25.11 -2.41
CA PRO H 378 57.94 25.02 -2.99
C PRO H 378 58.98 25.70 -2.11
N ALA H 379 60.23 25.65 -2.56
CA ALA H 379 61.34 26.00 -1.67
C ALA H 379 61.38 27.48 -1.34
N ASP H 380 60.89 28.33 -2.23
CA ASP H 380 60.96 29.76 -2.00
C ASP H 380 59.92 30.20 -0.96
N VAL H 381 58.70 29.69 -1.07
CA VAL H 381 57.65 30.06 -0.14
C VAL H 381 57.94 29.49 1.23
N ARG H 382 58.61 28.34 1.29
CA ARG H 382 59.17 27.90 2.55
C ARG H 382 60.31 28.79 3.00
N SER H 383 61.02 29.42 2.08
CA SER H 383 62.17 30.21 2.49
C SER H 383 61.74 31.53 3.11
N ARG H 384 60.61 32.08 2.66
CA ARG H 384 60.20 33.37 3.19
C ARG H 384 59.03 33.28 4.17
N ARG H 385 58.44 32.11 4.35
CA ARG H 385 57.46 31.88 5.40
C ARG H 385 57.93 30.66 6.18
N PRO H 386 58.78 30.85 7.17
CA PRO H 386 59.54 29.70 7.66
C PRO H 386 58.78 28.79 8.57
N LEU H 387 57.83 29.27 9.36
CA LEU H 387 57.24 28.44 10.41
C LEU H 387 55.93 27.84 9.93
N ARG H 388 55.70 26.57 10.23
CA ARG H 388 54.57 25.87 9.64
C ARG H 388 53.35 25.93 10.54
N ALA H 389 53.54 25.90 11.85
CA ALA H 389 52.41 25.99 12.76
C ALA H 389 52.70 27.03 13.82
N ALA H 390 51.64 27.56 14.41
CA ALA H 390 51.82 28.48 15.51
C ALA H 390 50.64 28.34 16.45
N ARG H 391 50.95 28.14 17.73
CA ARG H 391 49.95 27.98 18.76
C ARG H 391 50.21 28.99 19.86
N ILE H 392 49.32 29.94 20.03
CA ILE H 392 49.53 31.06 20.94
C ILE H 392 48.53 30.97 22.08
N GLU H 393 49.02 31.05 23.29
CA GLU H 393 48.17 31.12 24.46
C GLU H 393 48.41 32.43 25.18
N VAL H 394 47.33 33.16 25.46
CA VAL H 394 47.42 34.44 26.13
C VAL H 394 46.67 34.35 27.44
N MET H 395 47.36 34.63 28.53
CA MET H 395 46.79 34.60 29.87
C MET H 395 47.09 35.90 30.58
N ASP H 396 46.35 36.16 31.66
CA ASP H 396 46.51 37.38 32.42
C ASP H 396 47.44 37.12 33.59
N VAL H 397 48.23 38.14 33.95
CA VAL H 397 48.90 38.12 35.23
C VAL H 397 47.85 38.53 36.25
N GLU H 398 47.42 37.59 37.08
CA GLU H 398 46.31 37.82 37.99
C GLU H 398 46.71 38.80 39.09
N GLY H 399 45.85 39.77 39.35
CA GLY H 399 46.17 40.76 40.36
C GLY H 399 47.17 41.79 39.91
N ASN H 400 47.40 41.91 38.61
CA ASN H 400 48.29 42.95 38.08
C ASN H 400 47.74 43.34 36.73
N PRO H 401 46.80 44.28 36.70
CA PRO H 401 45.83 44.34 35.60
C PRO H 401 46.43 44.88 34.33
N GLY H 402 45.98 44.34 33.21
CA GLY H 402 46.51 44.66 31.92
C GLY H 402 47.66 43.80 31.48
N TRP H 403 48.53 43.40 32.41
CA TRP H 403 49.73 42.64 32.11
C TRP H 403 49.35 41.25 31.61
N TYR H 404 49.70 40.96 30.38
CA TYR H 404 49.30 39.74 29.73
C TYR H 404 50.51 38.82 29.59
N GLN H 405 50.26 37.52 29.58
CA GLN H 405 51.33 36.53 29.62
C GLN H 405 51.14 35.59 28.44
N VAL H 406 52.08 35.58 27.52
CA VAL H 406 51.89 34.97 26.21
C VAL H 406 52.92 33.88 26.00
N SER H 407 52.48 32.72 25.51
CA SER H 407 53.38 31.67 25.05
C SER H 407 53.21 31.51 23.54
N LEU H 408 54.27 31.80 22.80
CA LEU H 408 54.25 31.72 21.35
C LEU H 408 55.17 30.58 20.94
N SER H 409 54.58 29.50 20.44
CA SER H 409 55.30 28.28 20.11
C SER H 409 55.18 28.00 18.62
N VAL H 410 56.31 27.81 17.96
CA VAL H 410 56.32 27.63 16.51
C VAL H 410 56.91 26.27 16.18
N ARG H 411 56.64 25.80 14.96
CA ARG H 411 57.18 24.55 14.44
C ARG H 411 57.75 24.83 13.06
N PRO H 412 59.05 24.97 12.92
CA PRO H 412 59.62 25.41 11.65
C PRO H 412 59.63 24.30 10.63
N HIS H 413 59.93 24.66 9.39
CA HIS H 413 60.16 23.66 8.38
C HIS H 413 61.47 22.94 8.66
N PHE H 414 61.41 21.62 8.67
CA PHE H 414 62.59 20.82 8.88
C PHE H 414 63.44 20.84 7.63
N LYS H 415 64.71 21.16 7.79
CA LYS H 415 65.62 21.16 6.67
C LYS H 415 66.41 19.86 6.67
N TYR H 416 66.63 19.30 5.48
CA TYR H 416 67.13 17.94 5.29
C TYR H 416 68.58 17.84 5.76
N MET H 417 68.80 17.22 6.92
CA MET H 417 70.15 17.15 7.47
C MET H 417 70.57 15.74 7.84
N GLY H 418 70.42 14.79 6.95
CA GLY H 418 71.01 13.48 7.16
C GLY H 418 69.99 12.37 6.98
N ALA H 419 70.45 11.26 6.41
CA ALA H 419 69.58 10.11 6.24
C ALA H 419 70.45 8.87 6.16
N ASN H 420 69.84 7.73 6.46
CA ASN H 420 70.48 6.44 6.29
C ASN H 420 69.77 5.67 5.18
N PHE H 421 70.54 5.02 4.31
CA PHE H 421 69.97 4.26 3.22
C PHE H 421 70.36 2.80 3.32
N GLU H 422 69.41 1.93 3.05
CA GLU H 422 69.64 0.50 2.96
C GLU H 422 69.09 0.05 1.62
N LEU H 423 69.92 -0.61 0.83
CA LEU H 423 69.53 -1.08 -0.50
C LEU H 423 69.52 -2.61 -0.52
N SER H 424 68.69 -3.18 -1.38
CA SER H 424 68.61 -4.63 -1.48
C SER H 424 68.04 -5.05 -2.82
N LEU H 425 68.76 -5.92 -3.52
CA LEU H 425 68.22 -6.54 -4.70
C LEU H 425 67.16 -7.54 -4.28
N VAL H 426 66.09 -7.65 -5.07
CA VAL H 426 65.04 -8.62 -4.80
C VAL H 426 64.30 -8.89 -6.10
N GLY H 427 63.75 -10.10 -6.22
CA GLY H 427 62.79 -10.41 -7.27
C GLY H 427 61.41 -10.10 -6.75
N ARG H 428 60.39 -10.51 -7.52
CA ARG H 428 59.00 -10.63 -7.08
C ARG H 428 58.32 -9.29 -6.74
N LEU H 429 59.04 -8.18 -6.84
CA LEU H 429 58.51 -6.90 -6.37
C LEU H 429 57.53 -6.32 -7.38
N ASP H 430 56.46 -5.70 -6.86
CA ASP H 430 55.46 -5.04 -7.69
C ASP H 430 56.02 -3.76 -8.27
N SER I 1 84.34 -12.22 10.29
CA SER I 1 83.03 -11.72 10.70
C SER I 1 81.95 -12.27 9.79
N LYS I 2 80.71 -12.00 10.16
CA LYS I 2 79.58 -12.47 9.38
C LYS I 2 78.55 -11.41 9.04
N GLU I 3 78.56 -10.25 9.72
CA GLU I 3 77.59 -9.20 9.46
C GLU I 3 78.07 -8.18 8.46
N GLY I 4 79.20 -8.43 7.80
CA GLY I 4 79.76 -7.41 6.96
C GLY I 4 80.36 -6.32 7.83
N SER I 5 80.53 -5.16 7.23
CA SER I 5 81.03 -4.00 7.95
C SER I 5 80.41 -2.75 7.37
N VAL I 6 80.51 -1.66 8.11
CA VAL I 6 80.01 -0.37 7.68
C VAL I 6 81.12 0.65 7.82
N ALA I 7 80.93 1.81 7.22
CA ALA I 7 81.79 2.94 7.46
C ALA I 7 81.39 3.58 8.77
N PRO I 8 82.23 4.43 9.36
CA PRO I 8 81.75 5.30 10.43
C PRO I 8 80.69 6.25 9.89
N LYS I 9 79.78 6.65 10.77
CA LYS I 9 78.53 7.31 10.39
C LYS I 9 78.83 8.69 9.80
N GLU I 10 78.18 8.95 8.68
CA GLU I 10 78.37 10.18 7.94
C GLU I 10 77.02 10.90 7.86
N ARG I 11 76.95 11.95 7.05
CA ARG I 11 75.67 12.58 6.75
C ARG I 11 74.74 11.66 5.99
N ILE I 12 75.25 10.91 5.03
CA ILE I 12 74.45 10.01 4.23
C ILE I 12 75.00 8.60 4.44
N ASN I 13 74.32 7.79 5.23
CA ASN I 13 74.74 6.43 5.47
C ASN I 13 74.10 5.52 4.44
N ILE I 14 74.93 4.88 3.62
CA ILE I 14 74.44 3.90 2.66
C ILE I 14 75.15 2.59 2.93
N LYS I 15 74.38 1.56 3.23
CA LYS I 15 74.88 0.22 3.37
C LYS I 15 73.89 -0.72 2.70
N TYR I 16 74.37 -1.88 2.31
CA TYR I 16 73.52 -2.85 1.65
C TYR I 16 73.31 -4.04 2.57
N ILE I 17 72.06 -4.42 2.75
CA ILE I 17 71.70 -5.59 3.54
C ILE I 17 71.06 -6.59 2.60
N PRO I 18 70.89 -7.84 3.04
CA PRO I 18 70.01 -8.73 2.28
C PRO I 18 68.58 -8.25 2.44
N ALA I 19 68.10 -7.57 1.40
CA ALA I 19 66.89 -6.79 1.53
C ALA I 19 65.64 -7.63 1.36
N THR I 20 65.78 -8.95 1.33
CA THR I 20 64.62 -9.82 1.29
C THR I 20 63.79 -9.68 2.55
N GLY I 21 64.46 -9.45 3.68
CA GLY I 21 63.80 -9.21 4.95
C GLY I 21 63.05 -10.43 5.42
N ASP I 22 63.55 -11.60 5.03
CA ASP I 22 62.81 -12.83 5.22
C ASP I 22 62.92 -13.23 6.68
N ALA I 23 61.99 -12.68 7.48
CA ALA I 23 61.77 -13.21 8.81
C ALA I 23 61.22 -14.62 8.71
N GLN I 24 61.52 -15.41 9.74
CA GLN I 24 61.21 -16.85 9.78
C GLN I 24 61.84 -17.58 8.60
N ALA I 25 63.09 -17.24 8.29
CA ALA I 25 63.89 -17.95 7.30
C ALA I 25 65.24 -18.24 7.90
N GLU I 26 65.58 -19.53 7.98
CA GLU I 26 66.85 -19.97 8.51
C GLU I 26 67.51 -20.89 7.49
N ALA I 27 68.82 -21.01 7.56
CA ALA I 27 69.60 -21.72 6.56
C ALA I 27 70.01 -23.07 7.13
N GLU I 28 69.87 -24.11 6.32
CA GLU I 28 70.34 -25.44 6.66
C GLU I 28 70.98 -26.05 5.43
N VAL I 29 72.06 -26.79 5.64
CA VAL I 29 72.59 -27.62 4.56
C VAL I 29 71.72 -28.86 4.47
N GLU I 30 71.43 -29.30 3.24
CA GLU I 30 70.77 -30.58 3.07
C GLU I 30 71.65 -31.68 3.63
N LEU I 31 71.22 -32.25 4.73
CA LEU I 31 72.06 -33.14 5.51
C LEU I 31 72.31 -34.42 4.72
N PRO I 32 73.52 -34.92 4.70
CA PRO I 32 73.80 -36.13 3.94
C PRO I 32 73.22 -37.35 4.63
N LEU I 33 72.64 -38.24 3.84
CA LEU I 33 72.16 -39.53 4.33
C LEU I 33 73.39 -40.43 4.51
N LYS I 34 74.08 -40.24 5.62
CA LYS I 34 75.39 -40.85 5.79
C LYS I 34 75.26 -42.30 6.20
N THR I 35 75.28 -43.19 5.23
CA THR I 35 75.17 -44.61 5.49
C THR I 35 76.47 -45.12 6.06
N LEU I 36 76.38 -45.84 7.17
CA LEU I 36 77.55 -46.36 7.84
C LEU I 36 77.60 -47.85 7.64
N VAL I 37 78.23 -48.29 6.56
CA VAL I 37 78.34 -49.72 6.26
C VAL I 37 79.33 -50.33 7.23
N VAL I 38 78.86 -51.30 8.01
CA VAL I 38 79.68 -51.99 9.00
C VAL I 38 79.70 -53.46 8.66
N GLY I 39 80.87 -53.99 8.37
CA GLY I 39 80.97 -55.41 8.05
C GLY I 39 82.40 -55.87 8.09
N ASP I 40 82.57 -57.19 8.01
CA ASP I 40 83.90 -57.82 8.07
C ASP I 40 84.63 -57.51 6.78
N PHE I 41 85.67 -56.69 6.90
CA PHE I 41 86.36 -56.14 5.74
C PHE I 41 87.84 -56.47 5.70
N LYS I 42 88.36 -57.18 6.69
CA LYS I 42 89.76 -57.60 6.71
C LYS I 42 89.84 -59.02 7.22
N GLY I 43 90.94 -59.68 6.92
CA GLY I 43 91.02 -61.10 7.19
C GLY I 43 91.36 -61.48 8.61
N HIS I 44 91.31 -60.55 9.55
CA HIS I 44 91.79 -60.83 10.89
C HIS I 44 91.16 -59.88 11.88
N ALA I 45 91.24 -60.25 13.14
CA ALA I 45 90.85 -59.35 14.22
C ALA I 45 91.96 -58.36 14.47
N GLU I 46 91.57 -57.14 14.84
CA GLU I 46 92.53 -56.13 15.22
C GLU I 46 92.48 -55.91 16.73
N GLN I 47 93.66 -55.80 17.34
CA GLN I 47 93.75 -55.59 18.77
C GLN I 47 93.30 -54.20 19.18
N THR I 48 93.23 -53.27 18.23
CA THR I 48 92.91 -51.89 18.53
C THR I 48 91.45 -51.79 18.98
N PRO I 49 91.17 -51.13 20.10
CA PRO I 49 89.80 -51.09 20.61
C PRO I 49 88.89 -50.28 19.69
N LEU I 50 87.59 -50.47 19.88
CA LEU I 50 86.64 -50.05 18.86
C LEU I 50 86.51 -48.53 18.83
N GLU I 51 86.75 -47.86 19.96
CA GLU I 51 86.64 -46.41 19.98
C GLU I 51 87.78 -45.72 19.27
N GLU I 52 88.90 -46.40 19.04
CA GLU I 52 90.07 -45.73 18.49
C GLU I 52 90.21 -45.91 16.99
N ARG I 53 89.74 -47.01 16.42
CA ARG I 53 89.83 -47.18 14.98
C ARG I 53 88.86 -46.23 14.29
N ALA I 54 89.20 -45.82 13.08
CA ALA I 54 88.53 -44.69 12.46
C ALA I 54 87.65 -45.13 11.29
N THR I 55 86.67 -44.28 10.98
CA THR I 55 85.83 -44.50 9.81
C THR I 55 86.58 -44.07 8.56
N VAL I 56 86.25 -44.70 7.45
CA VAL I 56 86.92 -44.45 6.19
C VAL I 56 85.89 -43.96 5.18
N THR I 57 86.06 -42.74 4.73
CA THR I 57 85.15 -42.18 3.74
C THR I 57 85.42 -42.85 2.40
N VAL I 58 84.36 -43.33 1.76
CA VAL I 58 84.45 -44.02 0.48
C VAL I 58 83.55 -43.32 -0.50
N ASP I 59 84.10 -42.95 -1.65
CA ASP I 59 83.23 -42.59 -2.76
C ASP I 59 83.65 -43.40 -3.96
N LYS I 60 83.07 -43.05 -5.11
CA LYS I 60 83.47 -43.69 -6.35
C LYS I 60 84.87 -43.26 -6.75
N ASN I 61 85.31 -42.10 -6.30
CA ASN I 61 86.54 -41.52 -6.80
C ASN I 61 87.77 -41.99 -6.04
N ASN I 62 87.62 -42.64 -4.91
CA ASN I 62 88.81 -43.21 -4.28
C ASN I 62 88.62 -44.63 -3.76
N PHE I 63 87.75 -45.43 -4.36
CA PHE I 63 87.49 -46.77 -3.83
C PHE I 63 88.69 -47.67 -3.99
N GLU I 64 89.40 -47.53 -5.12
CA GLU I 64 90.64 -48.27 -5.26
C GLU I 64 91.71 -47.75 -4.32
N ALA I 65 91.62 -46.48 -3.95
CA ALA I 65 92.54 -45.97 -2.94
C ALA I 65 92.16 -46.46 -1.55
N VAL I 66 90.88 -46.73 -1.33
CA VAL I 66 90.45 -47.25 -0.03
C VAL I 66 90.87 -48.70 0.11
N MET I 67 90.67 -49.50 -0.93
CA MET I 67 91.17 -50.86 -0.89
C MET I 67 92.69 -50.89 -0.89
N ARG I 68 93.31 -49.86 -1.46
CA ARG I 68 94.77 -49.80 -1.46
C ARG I 68 95.32 -49.53 -0.07
N GLU I 69 94.73 -48.55 0.63
CA GLU I 69 95.23 -48.21 1.95
C GLU I 69 94.76 -49.21 3.00
N SER I 70 93.77 -50.03 2.68
CA SER I 70 93.23 -50.96 3.67
C SER I 70 94.21 -52.06 4.01
N GLU I 71 95.14 -52.38 3.10
CA GLU I 71 96.15 -53.42 3.22
C GLU I 71 95.51 -54.78 3.51
N LEU I 72 94.71 -55.25 2.57
CA LEU I 72 93.96 -56.49 2.71
C LEU I 72 94.92 -57.67 2.74
N LYS I 73 94.46 -58.78 3.29
CA LYS I 73 95.29 -59.96 3.43
C LYS I 73 94.41 -61.16 3.70
N ILE I 74 94.77 -62.30 3.11
CA ILE I 74 94.22 -63.61 3.46
C ILE I 74 95.38 -64.58 3.52
N THR I 75 95.50 -65.27 4.65
CA THR I 75 96.52 -66.30 4.84
C THR I 75 95.82 -67.58 5.29
N ALA I 76 95.77 -68.57 4.41
CA ALA I 76 94.96 -69.76 4.71
C ALA I 76 95.49 -70.96 3.98
N THR I 77 94.76 -72.06 4.09
CA THR I 77 95.16 -73.37 3.59
C THR I 77 94.02 -73.96 2.77
N VAL I 78 94.35 -74.50 1.59
CA VAL I 78 93.39 -75.14 0.72
C VAL I 78 93.83 -76.57 0.43
N LYS I 79 92.90 -77.37 -0.07
CA LYS I 79 93.21 -78.70 -0.56
C LYS I 79 93.95 -78.61 -1.89
N ASN I 80 95.05 -79.34 -2.01
CA ASN I 80 95.92 -79.27 -3.18
C ASN I 80 95.56 -80.40 -4.15
N LYS I 81 95.20 -80.03 -5.38
CA LYS I 81 94.75 -80.99 -6.38
C LYS I 81 95.63 -81.02 -7.62
N LEU I 82 96.94 -80.81 -7.45
CA LEU I 82 97.88 -80.99 -8.55
C LEU I 82 98.47 -82.40 -8.60
N THR I 83 97.96 -83.31 -7.77
CA THR I 83 98.45 -84.68 -7.69
C THR I 83 97.30 -85.57 -7.24
N ASP I 84 97.62 -86.76 -6.75
CA ASP I 84 96.58 -87.70 -6.36
C ASP I 84 96.63 -88.06 -4.87
N ASP I 85 96.77 -87.05 -4.00
CA ASP I 85 96.90 -87.27 -2.58
C ASP I 85 95.90 -86.39 -1.85
N GLU I 86 95.24 -86.96 -0.84
CA GLU I 86 94.27 -86.20 -0.04
C GLU I 86 94.94 -85.33 1.01
N ASN I 87 95.99 -85.82 1.64
CA ASN I 87 96.68 -85.10 2.70
C ASN I 87 97.50 -83.93 2.19
N ALA I 88 97.76 -83.89 0.88
CA ALA I 88 98.56 -82.82 0.29
C ALA I 88 97.74 -81.53 0.32
N GLU I 89 98.24 -80.54 1.05
CA GLU I 89 97.55 -79.28 1.19
C GLU I 89 98.43 -78.19 0.59
N LEU I 90 97.79 -77.11 0.15
CA LEU I 90 98.51 -76.00 -0.45
C LEU I 90 98.35 -74.76 0.43
N PRO I 91 99.39 -74.32 1.11
CA PRO I 91 99.29 -73.04 1.81
C PRO I 91 99.37 -71.87 0.85
N VAL I 92 98.51 -70.88 1.02
CA VAL I 92 98.51 -69.68 0.20
C VAL I 92 98.75 -68.48 1.08
N GLU I 93 99.38 -67.46 0.49
CA GLU I 93 99.65 -66.18 1.16
C GLU I 93 99.44 -65.09 0.12
N LEU I 94 98.32 -64.38 0.22
CA LEU I 94 97.92 -63.45 -0.82
C LEU I 94 98.06 -62.01 -0.34
N ASN I 95 98.08 -61.08 -1.30
CA ASN I 95 98.01 -59.66 -1.01
C ASN I 95 97.10 -58.99 -2.03
N PHE I 96 96.22 -58.14 -1.54
CA PHE I 96 95.13 -57.60 -2.33
C PHE I 96 95.23 -56.09 -2.35
N LYS I 97 94.98 -55.49 -3.50
CA LYS I 97 95.00 -54.04 -3.59
C LYS I 97 93.77 -53.44 -4.22
N SER I 98 93.15 -54.10 -5.19
CA SER I 98 91.92 -53.59 -5.79
C SER I 98 91.09 -54.78 -6.24
N LEU I 99 89.97 -54.49 -6.90
CA LEU I 99 89.07 -55.58 -7.26
C LEU I 99 89.54 -56.34 -8.49
N ALA I 100 90.66 -55.94 -9.09
CA ALA I 100 91.29 -56.81 -10.05
C ALA I 100 91.91 -58.02 -9.37
N ASP I 101 92.29 -57.90 -8.10
CA ASP I 101 93.06 -58.93 -7.43
C ASP I 101 92.24 -60.14 -7.03
N PHE I 102 90.93 -60.13 -7.25
CA PHE I 102 90.13 -61.30 -6.95
C PHE I 102 89.89 -62.17 -8.17
N ALA I 103 90.36 -61.73 -9.33
CA ALA I 103 90.27 -62.50 -10.55
C ALA I 103 91.21 -63.70 -10.48
N PRO I 104 90.98 -64.74 -11.29
CA PRO I 104 91.93 -65.86 -11.31
C PRO I 104 93.26 -65.53 -11.94
N ASP I 105 93.38 -64.38 -12.61
CA ASP I 105 94.67 -63.99 -13.15
C ASP I 105 95.63 -63.61 -12.03
N ALA I 106 95.25 -62.65 -11.20
CA ALA I 106 96.13 -62.20 -10.13
C ALA I 106 96.27 -63.27 -9.06
N VAL I 107 95.22 -64.05 -8.81
CA VAL I 107 95.33 -65.18 -7.90
C VAL I 107 96.26 -66.23 -8.48
N ALA I 108 96.24 -66.37 -9.81
CA ALA I 108 97.17 -67.28 -10.46
C ALA I 108 98.60 -66.77 -10.37
N SER I 109 98.76 -65.45 -10.23
CA SER I 109 100.11 -64.91 -10.10
C SER I 109 100.60 -64.96 -8.65
N GLN I 110 99.70 -64.88 -7.68
CA GLN I 110 100.13 -64.75 -6.30
C GLN I 110 100.34 -66.09 -5.60
N VAL I 111 100.10 -67.21 -6.26
CA VAL I 111 100.46 -68.49 -5.69
C VAL I 111 101.49 -69.12 -6.61
N PRO I 112 102.74 -69.29 -6.17
CA PRO I 112 103.80 -69.76 -7.08
C PRO I 112 103.60 -71.19 -7.57
N GLU I 113 102.88 -72.01 -6.81
CA GLU I 113 102.56 -73.36 -7.25
C GLU I 113 101.56 -73.38 -8.39
N LEU I 114 100.92 -72.26 -8.67
CA LEU I 114 100.20 -72.06 -9.91
C LEU I 114 100.93 -71.19 -10.92
N LYS I 115 101.76 -70.26 -10.43
CA LYS I 115 102.48 -69.34 -11.33
C LYS I 115 103.48 -70.09 -12.19
N LYS I 116 104.13 -71.11 -11.62
CA LYS I 116 105.05 -71.92 -12.40
C LYS I 116 104.31 -72.75 -13.44
N LEU I 117 103.04 -73.10 -13.18
CA LEU I 117 102.27 -73.82 -14.19
C LEU I 117 101.73 -72.90 -15.27
N ILE I 118 101.47 -71.63 -14.93
CA ILE I 118 101.09 -70.67 -15.97
C ILE I 118 102.28 -70.40 -16.88
N GLU I 119 103.47 -70.25 -16.30
CA GLU I 119 104.65 -70.02 -17.13
C GLU I 119 105.03 -71.27 -17.92
N LEU I 120 104.81 -72.45 -17.34
CA LEU I 120 105.07 -73.69 -18.06
C LEU I 120 104.08 -73.88 -19.19
N ARG I 121 102.84 -73.42 -18.97
CA ARG I 121 101.86 -73.38 -20.06
C ARG I 121 102.31 -72.41 -21.14
N GLU I 122 102.96 -71.31 -20.74
CA GLU I 122 103.49 -70.38 -21.74
C GLU I 122 104.70 -70.97 -22.46
N ALA I 123 105.38 -71.94 -21.84
CA ALA I 123 106.43 -72.67 -22.56
C ALA I 123 105.82 -73.67 -23.54
N LEU I 124 104.68 -74.26 -23.18
CA LEU I 124 104.09 -75.26 -24.07
C LEU I 124 103.35 -74.61 -25.23
N VAL I 125 102.83 -73.40 -25.04
CA VAL I 125 102.12 -72.73 -26.13
C VAL I 125 103.09 -72.18 -27.16
N ALA I 126 104.18 -71.55 -26.69
CA ALA I 126 105.16 -70.97 -27.61
C ALA I 126 105.96 -72.03 -28.36
N LEU I 127 106.18 -73.19 -27.74
CA LEU I 127 106.83 -74.37 -28.32
C LEU I 127 108.26 -74.09 -28.80
N ASN J 1 101.93 -84.39 -33.63
CA ASN J 1 102.88 -83.71 -32.77
C ASN J 1 102.22 -82.53 -32.06
N LYS J 2 101.65 -81.63 -32.87
CA LYS J 2 101.00 -80.43 -32.35
C LYS J 2 99.78 -80.79 -31.52
N SER J 3 99.04 -81.82 -31.96
CA SER J 3 97.84 -82.22 -31.25
C SER J 3 98.16 -82.79 -29.88
N LEU J 4 99.33 -83.41 -29.74
CA LEU J 4 99.74 -83.89 -28.42
C LEU J 4 100.09 -82.73 -27.51
N VAL J 5 100.67 -81.66 -28.07
CA VAL J 5 100.95 -80.45 -27.30
C VAL J 5 99.64 -79.81 -26.84
N ASP J 6 98.63 -79.80 -27.71
CA ASP J 6 97.34 -79.23 -27.33
C ASP J 6 96.62 -80.09 -26.30
N GLN J 7 96.80 -81.42 -26.36
CA GLN J 7 96.25 -82.27 -25.32
C GLN J 7 96.93 -82.04 -23.99
N MET J 8 98.23 -81.75 -24.01
CA MET J 8 98.92 -81.36 -22.79
C MET J 8 98.43 -79.99 -22.28
N LEU J 9 98.01 -79.11 -23.19
CA LEU J 9 97.43 -77.84 -22.77
C LEU J 9 96.07 -78.03 -22.11
N VAL J 10 95.26 -78.97 -22.64
CA VAL J 10 93.94 -79.20 -22.05
C VAL J 10 94.07 -79.86 -20.68
N GLU J 11 94.98 -80.83 -20.55
CA GLU J 11 95.19 -81.46 -19.25
C GLU J 11 95.79 -80.49 -18.24
N LEU J 12 96.70 -79.62 -18.69
CA LEU J 12 97.30 -78.64 -17.79
C LEU J 12 96.28 -77.60 -17.34
N ASP J 13 95.38 -77.21 -18.25
CA ASP J 13 94.30 -76.30 -17.88
C ASP J 13 93.32 -76.97 -16.92
N LYS J 14 93.19 -78.29 -17.02
CA LYS J 14 92.41 -79.02 -16.04
C LYS J 14 93.09 -78.99 -14.67
N LYS J 15 94.43 -78.98 -14.67
CA LYS J 15 95.13 -78.93 -13.39
C LYS J 15 95.04 -77.56 -12.75
N ILE J 16 95.33 -76.50 -13.51
CA ILE J 16 95.34 -75.15 -12.94
C ILE J 16 93.93 -74.70 -12.62
N SER J 17 92.97 -75.05 -13.46
CA SER J 17 91.58 -74.75 -13.14
C SER J 17 91.08 -75.59 -11.98
N ALA J 18 91.61 -76.80 -11.82
CA ALA J 18 91.23 -77.65 -10.69
C ALA J 18 91.72 -77.06 -9.38
N GLN J 19 92.89 -76.44 -9.37
CA GLN J 19 93.34 -75.80 -8.13
C GLN J 19 92.64 -74.46 -7.91
N MET J 20 92.40 -73.72 -9.00
CA MET J 20 91.82 -72.40 -8.91
C MET J 20 90.39 -72.48 -8.42
N ASP J 21 89.70 -73.58 -8.75
CA ASP J 21 88.39 -73.86 -8.16
C ASP J 21 88.48 -74.02 -6.64
N GLU J 22 89.62 -74.50 -6.15
CA GLU J 22 89.74 -74.69 -4.71
C GLU J 22 90.11 -73.40 -4.00
N ILE J 23 90.89 -72.53 -4.65
CA ILE J 23 91.22 -71.27 -4.01
C ILE J 23 90.02 -70.33 -4.01
N LEU J 24 89.34 -70.21 -5.15
CA LEU J 24 88.25 -69.25 -5.23
C LEU J 24 87.02 -69.67 -4.45
N HIS J 25 86.92 -70.93 -4.05
CA HIS J 25 85.79 -71.35 -3.23
C HIS J 25 86.15 -71.39 -1.75
N ASN J 26 87.25 -70.76 -1.37
CA ASN J 26 87.65 -70.71 0.03
C ASN J 26 86.70 -69.80 0.80
N SER J 27 86.32 -70.25 2.00
CA SER J 27 85.24 -69.60 2.73
C SER J 27 85.64 -68.23 3.23
N GLN J 28 86.86 -68.09 3.76
CA GLN J 28 87.37 -66.79 4.13
C GLN J 28 87.53 -65.90 2.90
N PHE J 29 87.90 -66.51 1.77
CA PHE J 29 88.05 -65.76 0.53
C PHE J 29 86.69 -65.38 -0.01
N GLN J 30 85.67 -66.20 0.25
CA GLN J 30 84.33 -65.79 -0.13
C GLN J 30 83.83 -64.69 0.79
N ALA J 31 84.32 -64.64 2.01
CA ALA J 31 83.92 -63.56 2.91
C ALA J 31 84.53 -62.24 2.47
N MET J 32 85.81 -62.26 2.13
CA MET J 32 86.48 -61.05 1.68
C MET J 32 85.93 -60.58 0.34
N GLU J 33 85.85 -61.50 -0.62
CA GLU J 33 85.41 -61.16 -1.96
C GLU J 33 83.95 -60.77 -1.96
N SER J 34 83.16 -61.43 -1.12
CA SER J 34 81.75 -61.09 -1.02
C SER J 34 81.56 -59.72 -0.42
N ALA J 35 82.32 -59.40 0.62
CA ALA J 35 82.18 -58.12 1.28
C ALA J 35 82.62 -56.98 0.38
N TRP J 36 83.77 -57.14 -0.27
CA TRP J 36 84.26 -56.02 -1.05
C TRP J 36 83.58 -55.90 -2.40
N ARG J 37 83.34 -57.02 -3.08
CA ARG J 37 82.69 -56.94 -4.37
C ARG J 37 81.24 -56.54 -4.22
N GLY J 38 80.59 -57.04 -3.16
CA GLY J 38 79.28 -56.54 -2.83
C GLY J 38 79.30 -55.08 -2.43
N LEU J 39 80.41 -54.64 -1.84
CA LEU J 39 80.52 -53.24 -1.45
C LEU J 39 80.60 -52.35 -2.66
N LYS J 40 81.34 -52.77 -3.70
CA LYS J 40 81.36 -51.96 -4.91
C LYS J 40 80.01 -52.01 -5.61
N LEU J 41 79.31 -53.14 -5.47
CA LEU J 41 77.97 -53.23 -6.04
C LEU J 41 77.01 -52.25 -5.38
N PHE J 42 77.20 -51.99 -4.08
CA PHE J 42 76.43 -50.93 -3.46
C PHE J 42 76.94 -49.56 -3.88
N VAL J 43 78.25 -49.39 -4.03
CA VAL J 43 78.82 -48.06 -4.20
C VAL J 43 78.47 -47.49 -5.56
N ASP J 44 78.71 -48.25 -6.63
CA ASP J 44 78.57 -47.65 -7.95
C ASP J 44 77.13 -47.45 -8.39
N ARG J 45 76.16 -47.99 -7.66
CA ARG J 45 74.76 -47.81 -8.01
C ARG J 45 74.15 -46.60 -7.33
N THR J 46 74.88 -45.94 -6.44
CA THR J 46 74.40 -44.74 -5.80
C THR J 46 74.85 -43.53 -6.61
N ASP J 47 74.61 -42.34 -6.08
CA ASP J 47 74.90 -41.12 -6.81
C ASP J 47 75.48 -40.09 -5.84
N PHE J 48 76.81 -40.04 -5.75
CA PHE J 48 77.48 -39.23 -4.75
C PHE J 48 77.56 -37.77 -5.12
N ARG J 49 77.11 -37.40 -6.31
CA ARG J 49 76.96 -35.98 -6.60
C ARG J 49 75.63 -35.43 -6.11
N GLU J 50 74.85 -36.20 -5.36
CA GLU J 50 73.65 -35.70 -4.72
C GLU J 50 73.71 -35.81 -3.20
N ASN J 51 74.88 -35.54 -2.62
CA ASN J 51 75.10 -35.46 -1.18
C ASN J 51 74.78 -36.76 -0.45
N ASN J 52 75.53 -37.81 -0.77
CA ASN J 52 75.46 -39.05 -0.04
C ASN J 52 76.87 -39.45 0.35
N LYS J 53 77.05 -39.88 1.58
CA LYS J 53 78.36 -40.36 1.97
C LYS J 53 78.23 -41.73 2.58
N VAL J 54 79.11 -42.62 2.16
CA VAL J 54 79.14 -43.94 2.76
C VAL J 54 80.48 -44.11 3.46
N GLU J 55 80.41 -44.46 4.73
CA GLU J 55 81.59 -44.65 5.53
C GLU J 55 81.72 -46.11 5.89
N ILE J 56 82.95 -46.52 6.12
CA ILE J 56 83.31 -47.91 6.31
C ILE J 56 83.96 -48.03 7.68
N LEU J 57 83.50 -49.00 8.47
CA LEU J 57 84.16 -49.30 9.73
C LEU J 57 84.29 -50.81 9.86
N HIS J 58 85.53 -51.29 9.83
CA HIS J 58 85.81 -52.73 9.91
C HIS J 58 85.48 -53.27 11.28
N VAL J 59 84.35 -53.94 11.42
CA VAL J 59 83.97 -54.52 12.71
C VAL J 59 83.48 -55.94 12.45
N THR J 60 84.01 -56.91 13.18
CA THR J 60 83.39 -58.22 13.17
C THR J 60 82.42 -58.34 14.34
N LYS J 61 81.56 -59.36 14.30
CA LYS J 61 80.47 -59.46 15.27
C LYS J 61 80.98 -59.67 16.68
N ASP J 62 82.10 -60.37 16.80
CA ASP J 62 82.61 -60.74 18.12
C ASP J 62 83.14 -59.53 18.86
N GLU J 63 83.50 -58.47 18.15
CA GLU J 63 83.89 -57.29 18.88
C GLU J 63 82.76 -56.27 19.01
N LEU J 64 81.64 -56.46 18.31
CA LEU J 64 80.44 -55.75 18.74
C LEU J 64 79.92 -56.31 20.03
N LEU J 65 79.97 -57.62 20.18
CA LEU J 65 79.44 -58.21 21.41
C LEU J 65 80.43 -58.04 22.56
N GLU J 66 81.71 -58.27 22.29
CA GLU J 66 82.74 -58.03 23.30
C GLU J 66 82.81 -56.55 23.65
N ASP J 67 82.56 -55.69 22.66
CA ASP J 67 82.58 -54.25 22.91
C ASP J 67 81.40 -53.80 23.75
N PHE J 68 80.20 -54.19 23.34
CA PHE J 68 79.01 -53.80 24.09
C PHE J 68 78.99 -54.38 25.50
N GLU J 69 79.43 -55.62 25.67
CA GLU J 69 79.48 -56.14 27.02
C GLU J 69 80.62 -55.55 27.81
N PHE J 70 81.70 -55.15 27.14
CA PHE J 70 82.79 -54.50 27.85
C PHE J 70 82.41 -53.07 28.20
N ALA J 71 81.50 -52.49 27.43
CA ALA J 71 80.99 -51.17 27.75
C ALA J 71 80.02 -51.26 28.93
N PRO J 72 80.00 -50.27 29.80
CA PRO J 72 79.17 -50.36 31.00
C PRO J 72 77.69 -50.22 30.70
N GLU J 73 77.39 -49.67 29.53
CA GLU J 73 76.03 -49.55 29.05
C GLU J 73 76.10 -49.44 27.54
N THR J 74 75.00 -49.02 26.92
CA THR J 74 75.06 -48.77 25.49
C THR J 74 75.65 -47.41 25.21
N ALA J 75 75.63 -46.51 26.19
CA ALA J 75 75.90 -45.11 25.94
C ALA J 75 77.37 -44.75 26.04
N GLN J 76 78.27 -45.70 26.20
CA GLN J 76 79.67 -45.39 26.24
C GLN J 76 80.51 -46.34 25.40
N SER J 77 79.90 -47.07 24.50
CA SER J 77 80.66 -48.00 23.67
C SER J 77 81.43 -47.24 22.60
N GLY J 78 82.17 -48.00 21.80
CA GLY J 78 82.86 -47.39 20.67
C GLY J 78 81.91 -46.96 19.58
N LEU J 79 80.99 -47.86 19.21
CA LEU J 79 80.12 -47.60 18.06
C LEU J 79 79.13 -46.49 18.37
N TYR J 80 78.80 -46.31 19.65
CA TYR J 80 77.98 -45.18 20.04
C TYR J 80 78.73 -43.87 19.88
N LYS J 81 80.06 -43.93 19.95
CA LYS J 81 80.85 -42.73 19.76
C LYS J 81 81.13 -42.47 18.28
N HIS J 82 81.06 -43.51 17.44
CA HIS J 82 81.24 -43.25 16.02
C HIS J 82 79.92 -42.85 15.36
N VAL J 83 78.80 -43.27 15.92
CA VAL J 83 77.51 -42.96 15.33
C VAL J 83 76.90 -41.74 15.98
N TYR J 84 76.75 -41.78 17.30
CA TYR J 84 76.03 -40.72 18.00
C TYR J 84 76.92 -39.51 18.26
N SER J 85 78.03 -39.72 18.97
CA SER J 85 78.75 -38.61 19.57
C SER J 85 79.57 -37.85 18.54
N ALA J 86 80.14 -38.56 17.58
CA ALA J 86 80.84 -37.86 16.50
C ALA J 86 79.90 -37.39 15.41
N GLY J 87 78.65 -37.79 15.48
CA GLY J 87 77.67 -37.40 14.49
C GLY J 87 76.57 -36.52 15.05
N TYR J 88 75.47 -37.17 15.40
CA TYR J 88 74.18 -36.53 15.62
C TYR J 88 74.19 -35.52 16.75
N GLY J 89 74.94 -35.79 17.79
CA GLY J 89 74.93 -34.91 18.94
C GLY J 89 76.16 -34.04 19.07
N GLN J 90 76.86 -33.83 17.97
CA GLN J 90 78.06 -33.00 17.96
C GLN J 90 77.71 -31.67 17.30
N PHE J 91 78.20 -30.59 17.87
CA PHE J 91 77.92 -29.26 17.34
C PHE J 91 78.52 -29.12 15.95
N GLY J 92 77.65 -29.13 14.94
CA GLY J 92 78.06 -28.94 13.57
C GLY J 92 78.22 -30.20 12.76
N GLY J 93 78.11 -31.36 13.37
CA GLY J 93 78.26 -32.62 12.67
C GLY J 93 77.07 -32.94 11.80
N GLU J 94 77.04 -34.17 11.31
CA GLU J 94 76.00 -34.60 10.40
C GLU J 94 75.41 -35.90 10.92
N PRO J 95 74.12 -36.11 10.77
CA PRO J 95 73.51 -37.29 11.37
C PRO J 95 73.76 -38.55 10.57
N VAL J 96 73.75 -39.70 11.24
CA VAL J 96 73.83 -40.98 10.54
C VAL J 96 72.44 -41.36 10.05
N GLY J 97 72.30 -41.54 8.75
CA GLY J 97 70.98 -41.77 8.18
C GLY J 97 70.52 -43.20 8.32
N ALA J 98 71.42 -44.14 8.05
CA ALA J 98 71.10 -45.56 8.12
C ALA J 98 72.39 -46.33 8.39
N ILE J 99 72.24 -47.53 8.94
CA ILE J 99 73.37 -48.39 9.23
C ILE J 99 73.11 -49.70 8.54
N ILE J 100 74.07 -50.15 7.75
CA ILE J 100 73.93 -51.37 6.97
C ILE J 100 74.92 -52.38 7.53
N GLY J 101 74.42 -53.53 7.96
CA GLY J 101 75.24 -54.55 8.55
C GLY J 101 75.54 -55.64 7.56
N ASN J 102 76.82 -55.83 7.26
CA ASN J 102 77.24 -56.91 6.38
C ASN J 102 77.51 -58.14 7.24
N TYR J 103 76.44 -58.61 7.88
CA TYR J 103 76.50 -59.71 8.81
C TYR J 103 75.51 -60.78 8.39
N ALA J 104 75.49 -61.86 9.14
CA ALA J 104 74.45 -62.87 9.04
C ALA J 104 74.07 -63.31 10.44
N PHE J 105 72.77 -63.38 10.72
CA PHE J 105 72.31 -63.57 12.09
C PHE J 105 71.68 -64.94 12.27
N THR J 106 71.99 -65.56 13.39
CA THR J 106 71.52 -66.88 13.79
C THR J 106 70.60 -66.68 14.98
N PRO J 107 69.87 -67.69 15.45
CA PRO J 107 69.14 -67.53 16.71
C PRO J 107 70.01 -67.65 17.96
N SER J 108 71.33 -67.59 17.84
CA SER J 108 72.18 -67.73 19.00
C SER J 108 72.07 -66.49 19.88
N THR J 109 72.10 -66.73 21.18
CA THR J 109 72.04 -65.68 22.19
C THR J 109 73.02 -64.52 22.01
N PRO J 110 74.26 -64.72 21.51
CA PRO J 110 75.04 -63.54 21.12
C PRO J 110 74.41 -62.68 20.04
N ASP J 111 73.73 -63.29 19.07
CA ASP J 111 73.16 -62.48 17.99
C ASP J 111 71.94 -61.70 18.45
N MET J 112 71.14 -62.28 19.32
CA MET J 112 69.95 -61.58 19.77
C MET J 112 70.29 -60.54 20.82
N LYS J 113 71.37 -60.76 21.59
CA LYS J 113 71.84 -59.67 22.42
C LYS J 113 72.43 -58.55 21.58
N LEU J 114 73.05 -58.91 20.45
CA LEU J 114 73.53 -57.91 19.51
C LEU J 114 72.38 -57.08 18.94
N LEU J 115 71.27 -57.71 18.62
CA LEU J 115 70.17 -56.93 18.06
C LEU J 115 69.42 -56.14 19.12
N GLN J 116 69.44 -56.59 20.38
CA GLN J 116 68.86 -55.72 21.41
C GLN J 116 69.69 -54.46 21.56
N TYR J 117 71.00 -54.61 21.57
CA TYR J 117 71.83 -53.43 21.74
C TYR J 117 71.82 -52.52 20.51
N MET J 118 71.78 -53.10 19.31
CA MET J 118 71.71 -52.24 18.13
C MET J 118 70.34 -51.64 17.97
N GLY J 119 69.32 -52.25 18.57
CA GLY J 119 68.07 -51.55 18.74
C GLY J 119 68.22 -50.33 19.63
N ALA J 120 69.05 -50.43 20.67
CA ALA J 120 69.25 -49.29 21.54
C ALA J 120 70.04 -48.18 20.84
N LEU J 121 71.08 -48.56 20.10
CA LEU J 121 71.86 -47.56 19.35
C LEU J 121 71.01 -46.90 18.29
N GLY J 122 70.19 -47.69 17.60
CA GLY J 122 69.25 -47.11 16.65
C GLY J 122 68.21 -46.25 17.32
N ALA J 123 67.98 -46.48 18.61
CA ALA J 123 67.03 -45.63 19.34
C ALA J 123 67.64 -44.28 19.63
N MET J 124 68.85 -44.24 20.18
CA MET J 124 69.37 -42.95 20.59
C MET J 124 70.00 -42.21 19.44
N ALA J 125 70.23 -42.87 18.32
CA ALA J 125 70.92 -42.18 17.24
C ALA J 125 70.10 -42.07 15.96
N HIS J 126 68.86 -42.60 15.97
CA HIS J 126 67.92 -42.55 14.85
C HIS J 126 68.52 -43.13 13.57
N ALA J 127 69.05 -44.34 13.66
CA ALA J 127 69.65 -44.97 12.54
C ALA J 127 69.10 -46.38 12.47
N PRO J 128 68.35 -46.72 11.43
CA PRO J 128 67.87 -48.09 11.30
C PRO J 128 69.01 -49.02 10.94
N PHE J 129 69.01 -50.18 11.57
CA PHE J 129 70.03 -51.20 11.35
C PHE J 129 69.45 -52.26 10.42
N ILE J 130 70.16 -52.56 9.34
CA ILE J 130 69.72 -53.53 8.35
C ILE J 130 70.79 -54.60 8.26
N SER J 131 70.36 -55.86 8.19
CA SER J 131 71.32 -56.94 8.14
C SER J 131 70.72 -58.09 7.37
N SER J 132 71.32 -59.27 7.48
CA SER J 132 70.83 -60.44 6.77
C SER J 132 70.50 -61.56 7.73
N VAL J 133 69.37 -62.18 7.47
CA VAL J 133 68.99 -63.44 8.08
C VAL J 133 69.73 -64.55 7.38
N GLY J 134 70.48 -65.31 8.16
CA GLY J 134 71.23 -66.43 7.64
C GLY J 134 70.34 -67.61 7.34
N PRO J 135 70.90 -68.62 6.68
CA PRO J 135 70.09 -69.79 6.34
C PRO J 135 69.62 -70.59 7.53
N GLU J 136 70.40 -70.68 8.60
CA GLU J 136 69.95 -71.52 9.71
C GLU J 136 69.03 -70.78 10.66
N PHE J 137 68.56 -69.59 10.30
CA PHE J 137 67.62 -68.90 11.17
C PHE J 137 66.23 -69.49 11.04
N PHE J 138 65.95 -70.16 9.94
CA PHE J 138 64.64 -70.73 9.71
C PHE J 138 64.59 -72.20 10.07
N GLY J 139 65.72 -72.76 10.48
CA GLY J 139 65.81 -74.16 10.85
C GLY J 139 66.25 -75.09 9.75
N ILE J 140 66.70 -74.56 8.61
CA ILE J 140 67.03 -75.39 7.47
C ILE J 140 68.48 -75.20 7.07
N ASP J 141 68.89 -75.95 6.05
CA ASP J 141 70.28 -75.96 5.64
C ASP J 141 70.65 -74.69 4.90
N SER J 142 70.05 -74.49 3.74
CA SER J 142 70.30 -73.31 2.93
C SER J 142 68.97 -72.87 2.36
N PHE J 143 68.98 -71.75 1.65
CA PHE J 143 67.74 -71.09 1.27
C PHE J 143 66.96 -71.82 0.20
N GLU J 144 67.50 -72.88 -0.38
CA GLU J 144 66.78 -73.53 -1.45
C GLU J 144 65.72 -74.50 -0.98
N GLU J 145 65.19 -74.35 0.24
CA GLU J 145 64.04 -75.11 0.68
C GLU J 145 62.91 -74.23 1.21
N LEU J 146 62.90 -72.94 0.90
CA LEU J 146 61.72 -72.14 1.17
C LEU J 146 60.48 -72.57 0.39
N PRO J 147 60.56 -73.14 -0.81
CA PRO J 147 59.37 -73.87 -1.31
C PRO J 147 59.07 -75.16 -0.57
N ASN J 148 59.96 -75.64 0.28
CA ASN J 148 59.71 -76.92 0.94
C ASN J 148 59.32 -76.79 2.40
N ILE J 149 59.23 -75.59 2.94
CA ILE J 149 58.76 -75.42 4.31
C ILE J 149 57.27 -75.15 4.28
N LYS J 150 56.50 -75.93 5.04
CA LYS J 150 55.04 -75.85 4.93
C LYS J 150 54.48 -74.59 5.57
N ASP J 151 55.00 -74.17 6.72
CA ASP J 151 54.38 -73.04 7.40
C ASP J 151 55.40 -72.35 8.30
N LEU J 152 55.58 -71.05 8.11
CA LEU J 152 56.57 -70.32 8.90
C LEU J 152 56.00 -69.84 10.22
N LYS J 153 54.71 -69.46 10.21
CA LYS J 153 54.08 -68.96 11.43
C LYS J 153 54.00 -70.04 12.50
N SER J 154 53.85 -71.29 12.08
CA SER J 154 53.90 -72.38 13.05
C SER J 154 55.33 -72.87 13.29
N THR J 155 56.27 -72.48 12.44
CA THR J 155 57.67 -72.79 12.70
C THR J 155 58.19 -71.95 13.84
N PHE J 156 57.84 -70.68 13.88
CA PHE J 156 58.44 -69.80 14.88
C PHE J 156 57.81 -69.92 16.27
N GLU J 157 57.02 -70.93 16.56
CA GLU J 157 56.54 -71.09 17.93
C GLU J 157 57.39 -72.03 18.76
N SER J 158 58.45 -72.59 18.19
CA SER J 158 59.31 -73.51 18.93
C SER J 158 60.06 -72.78 20.03
N PRO J 159 60.43 -73.46 21.11
CA PRO J 159 61.22 -72.82 22.16
C PRO J 159 62.64 -72.48 21.76
N LYS J 160 63.07 -72.84 20.55
CA LYS J 160 64.33 -72.32 20.04
C LYS J 160 64.27 -70.82 19.85
N TYR J 161 63.11 -70.29 19.50
CA TYR J 161 62.99 -68.90 19.05
C TYR J 161 62.40 -67.99 20.11
N THR J 162 62.47 -68.41 21.38
CA THR J 162 61.85 -67.66 22.46
C THR J 162 62.49 -66.30 22.63
N LYS J 163 63.80 -66.24 22.42
CA LYS J 163 64.48 -64.96 22.51
C LYS J 163 64.08 -64.06 21.34
N TRP J 164 63.86 -64.64 20.17
CA TRP J 164 63.43 -63.85 19.02
C TRP J 164 62.05 -63.26 19.21
N ARG J 165 61.11 -64.05 19.72
CA ARG J 165 59.79 -63.50 19.99
C ARG J 165 59.83 -62.56 21.19
N SER J 166 60.86 -62.68 22.02
CA SER J 166 61.04 -61.63 23.00
C SER J 166 61.65 -60.38 22.36
N LEU J 167 62.25 -60.52 21.17
CA LEU J 167 62.88 -59.36 20.53
C LEU J 167 61.89 -58.55 19.72
N ARG J 168 60.97 -59.21 19.01
CA ARG J 168 60.00 -58.47 18.21
C ARG J 168 59.07 -57.61 19.05
N GLU J 169 58.71 -58.05 20.23
CA GLU J 169 57.79 -57.30 21.05
C GLU J 169 58.45 -56.12 21.73
N SER J 170 59.77 -56.00 21.66
CA SER J 170 60.42 -54.88 22.29
C SER J 170 60.13 -53.60 21.54
N GLU J 171 60.19 -52.48 22.25
CA GLU J 171 59.84 -51.22 21.63
C GLU J 171 60.95 -50.67 20.76
N ASP J 172 62.13 -51.28 20.76
CA ASP J 172 63.19 -50.83 19.88
C ASP J 172 63.29 -51.63 18.59
N ALA J 173 62.31 -52.47 18.30
CA ALA J 173 62.37 -53.22 17.05
C ALA J 173 61.83 -52.42 15.87
N ARG J 174 61.52 -51.14 16.06
CA ARG J 174 61.26 -50.29 14.92
C ARG J 174 62.52 -50.03 14.11
N TYR J 175 63.69 -50.18 14.71
CA TYR J 175 64.93 -49.72 14.13
C TYR J 175 65.76 -50.85 13.56
N LEU J 176 65.23 -52.06 13.48
CA LEU J 176 65.92 -53.18 12.89
C LEU J 176 65.16 -53.64 11.67
N GLY J 177 65.87 -54.17 10.70
CA GLY J 177 65.22 -54.85 9.62
C GLY J 177 66.13 -55.98 9.18
N LEU J 178 65.64 -57.20 9.20
CA LEU J 178 66.45 -58.34 8.80
C LEU J 178 65.96 -58.82 7.45
N THR J 179 66.88 -59.03 6.53
CA THR J 179 66.50 -59.31 5.16
C THR J 179 66.70 -60.78 4.82
N ALA J 180 65.77 -61.30 4.05
CA ALA J 180 65.67 -62.65 3.51
C ALA J 180 66.40 -62.64 2.16
N PRO J 181 66.32 -63.68 1.31
CA PRO J 181 67.53 -64.36 0.86
C PRO J 181 68.51 -63.51 0.06
N ARG J 182 69.74 -64.01 -0.05
CA ARG J 182 70.86 -63.31 -0.64
C ARG J 182 70.75 -63.29 -2.16
N PHE J 183 71.77 -62.79 -2.86
CA PHE J 183 71.72 -62.81 -4.31
C PHE J 183 73.13 -62.82 -4.88
N LEU J 184 73.22 -63.15 -6.16
CA LEU J 184 74.51 -63.29 -6.83
C LEU J 184 75.22 -61.95 -7.01
N LEU J 185 76.54 -61.98 -6.91
CA LEU J 185 77.34 -60.82 -7.25
C LEU J 185 78.01 -60.97 -8.61
N ARG J 186 78.38 -62.18 -8.97
CA ARG J 186 79.37 -62.42 -10.02
C ARG J 186 78.97 -63.62 -10.84
N VAL J 187 78.95 -63.44 -12.16
CA VAL J 187 78.77 -64.55 -13.08
C VAL J 187 79.91 -65.53 -12.89
N PRO J 188 79.64 -66.82 -12.74
CA PRO J 188 80.71 -67.81 -12.72
C PRO J 188 81.46 -67.82 -14.05
N TYR J 189 82.77 -68.06 -13.96
CA TYR J 189 83.67 -67.85 -15.08
C TYR J 189 83.47 -68.88 -16.17
N ASP J 190 84.00 -68.56 -17.35
CA ASP J 190 83.70 -69.29 -18.54
C ASP J 190 84.77 -68.77 -19.48
N PRO J 191 85.13 -69.49 -20.52
CA PRO J 191 86.08 -68.94 -21.49
C PRO J 191 85.53 -67.74 -22.25
N ILE J 192 84.23 -67.74 -22.50
CA ILE J 192 83.59 -66.72 -23.32
C ILE J 192 82.89 -65.68 -22.47
N GLU J 193 82.06 -66.12 -21.52
CA GLU J 193 81.09 -65.25 -20.88
C GLU J 193 81.70 -64.27 -19.90
N ASN J 194 82.75 -64.66 -19.21
CA ASN J 194 83.45 -63.72 -18.34
C ASN J 194 84.90 -64.14 -18.31
N PRO J 195 85.68 -63.74 -19.30
CA PRO J 195 86.97 -64.39 -19.53
C PRO J 195 88.05 -63.90 -18.59
N VAL J 196 89.14 -64.65 -18.59
CA VAL J 196 90.35 -64.34 -17.83
C VAL J 196 91.50 -64.19 -18.82
N LYS J 197 92.48 -63.39 -18.43
CA LYS J 197 93.59 -63.11 -19.33
C LYS J 197 94.66 -64.18 -19.24
N SER J 198 95.21 -64.54 -20.41
CA SER J 198 96.37 -65.41 -20.58
C SER J 198 96.16 -66.84 -20.05
N PHE J 199 94.91 -67.25 -19.89
CA PHE J 199 94.62 -68.57 -19.37
C PHE J 199 93.22 -69.02 -19.77
N ASN J 200 93.03 -70.33 -19.90
CA ASN J 200 91.71 -70.92 -20.15
C ASN J 200 91.17 -71.48 -18.84
N TYR J 201 90.20 -70.76 -18.27
CA TYR J 201 89.56 -71.17 -17.02
C TYR J 201 88.08 -71.39 -17.21
N ALA J 202 87.58 -72.51 -16.70
CA ALA J 202 86.16 -72.84 -16.77
C ALA J 202 85.70 -73.26 -15.38
N GLU J 203 84.98 -72.38 -14.69
CA GLU J 203 84.62 -72.63 -13.31
C GLU J 203 83.56 -73.71 -13.24
N ASN J 204 83.95 -74.87 -12.73
CA ASN J 204 83.06 -76.03 -12.64
C ASN J 204 82.31 -75.91 -11.33
N VAL J 205 81.17 -75.22 -11.36
CA VAL J 205 80.33 -75.13 -10.18
C VAL J 205 79.47 -76.37 -10.10
N SER J 206 79.47 -77.01 -8.93
CA SER J 206 78.75 -78.26 -8.71
C SER J 206 77.26 -78.02 -8.49
N ALA J 207 76.57 -79.04 -7.99
CA ALA J 207 75.19 -78.90 -7.59
C ALA J 207 75.04 -78.12 -6.27
N SER J 208 76.05 -78.16 -5.40
CA SER J 208 75.99 -77.43 -4.14
C SER J 208 76.18 -75.96 -4.44
N HIS J 209 75.17 -75.16 -4.09
CA HIS J 209 75.19 -73.78 -4.56
C HIS J 209 75.95 -72.84 -3.64
N GLU J 210 76.75 -73.35 -2.72
CA GLU J 210 77.64 -72.46 -2.01
C GLU J 210 78.82 -72.01 -2.86
N HIS J 211 79.02 -72.62 -4.02
CA HIS J 211 80.19 -72.31 -4.82
C HIS J 211 80.04 -70.98 -5.55
N TYR J 212 78.82 -70.54 -5.75
CA TYR J 212 78.59 -69.19 -6.24
C TYR J 212 79.06 -68.18 -5.21
N LEU J 213 79.32 -66.96 -5.66
CA LEU J 213 79.64 -65.87 -4.73
C LEU J 213 78.36 -65.19 -4.34
N TRP J 214 77.89 -65.43 -3.13
CA TRP J 214 76.68 -64.79 -2.68
C TRP J 214 76.97 -63.51 -1.91
N GLY J 215 76.31 -62.44 -2.30
CA GLY J 215 76.52 -61.18 -1.62
C GLY J 215 75.41 -60.91 -0.64
N ASN J 216 75.53 -59.87 0.17
CA ASN J 216 74.52 -59.59 1.17
C ASN J 216 73.38 -58.83 0.52
N THR J 217 72.17 -59.02 1.04
CA THR J 217 71.00 -58.33 0.55
C THR J 217 71.00 -56.89 1.04
N ALA J 218 71.55 -56.66 2.23
CA ALA J 218 71.43 -55.38 2.90
C ALA J 218 72.16 -54.28 2.14
N PHE J 219 73.16 -54.67 1.36
CA PHE J 219 73.75 -53.74 0.41
C PHE J 219 72.76 -53.32 -0.65
N ALA J 220 71.99 -54.25 -1.21
CA ALA J 220 71.05 -53.89 -2.26
C ALA J 220 69.94 -53.01 -1.70
N PHE J 221 69.49 -53.33 -0.48
CA PHE J 221 68.53 -52.47 0.19
C PHE J 221 69.11 -51.09 0.45
N ALA J 222 70.42 -51.03 0.68
CA ALA J 222 71.06 -49.74 0.88
C ALA J 222 71.18 -48.96 -0.43
N THR J 223 71.29 -49.66 -1.56
CA THR J 223 71.22 -48.96 -2.84
C THR J 223 69.85 -48.35 -3.02
N ARG J 224 68.82 -49.02 -2.54
CA ARG J 224 67.48 -48.46 -2.68
C ARG J 224 67.26 -47.25 -1.76
N LEU J 225 67.83 -47.29 -0.55
CA LEU J 225 67.75 -46.11 0.32
C LEU J 225 68.50 -44.92 -0.28
N THR J 226 69.75 -45.13 -0.69
CA THR J 226 70.57 -44.00 -1.11
C THR J 226 70.13 -43.46 -2.46
N ASP J 227 69.66 -44.34 -3.35
CA ASP J 227 69.12 -43.86 -4.62
C ASP J 227 67.83 -43.11 -4.44
N SER J 228 66.96 -43.58 -3.54
CA SER J 228 65.72 -42.86 -3.29
C SER J 228 66.00 -41.49 -2.69
N PHE J 229 67.04 -41.40 -1.88
CA PHE J 229 67.42 -40.11 -1.31
C PHE J 229 68.03 -39.21 -2.36
N ALA J 230 68.74 -39.79 -3.33
CA ALA J 230 69.35 -38.98 -4.36
C ALA J 230 68.31 -38.43 -5.32
N LYS J 231 67.24 -39.18 -5.53
CA LYS J 231 66.19 -38.61 -6.36
C LYS J 231 65.36 -37.60 -5.59
N TYR J 232 64.94 -37.93 -4.38
CA TYR J 232 63.80 -37.25 -3.78
C TYR J 232 64.05 -36.60 -2.44
N ARG J 233 65.29 -36.59 -1.94
CA ARG J 233 65.70 -36.01 -0.65
C ARG J 233 64.97 -36.61 0.55
N TRP J 234 64.43 -37.80 0.41
CA TRP J 234 63.82 -38.53 1.51
C TRP J 234 64.03 -40.01 1.21
N CYS J 235 63.62 -40.87 2.13
CA CYS J 235 63.62 -42.30 1.84
C CYS J 235 62.30 -43.00 2.17
N PRO J 236 61.18 -42.64 1.53
CA PRO J 236 60.01 -43.51 1.71
C PRO J 236 59.80 -44.46 0.54
N ASN J 237 60.59 -44.30 -0.53
CA ASN J 237 60.30 -45.00 -1.78
C ASN J 237 61.27 -46.17 -1.96
N ILE J 238 60.98 -47.24 -1.24
CA ILE J 238 61.81 -48.43 -1.34
C ILE J 238 60.97 -49.70 -1.48
N ILE J 239 59.70 -49.56 -1.81
CA ILE J 239 58.77 -50.68 -1.61
C ILE J 239 57.99 -51.13 -2.83
N GLY J 240 58.56 -51.10 -4.01
CA GLY J 240 57.80 -51.55 -5.14
C GLY J 240 58.59 -51.93 -6.36
N PRO J 241 57.94 -52.59 -7.30
CA PRO J 241 58.56 -52.74 -8.62
C PRO J 241 58.63 -51.42 -9.37
N GLN J 242 57.78 -50.46 -9.02
CA GLN J 242 57.79 -49.18 -9.70
C GLN J 242 57.90 -47.99 -8.78
N SER J 243 57.60 -48.15 -7.49
CA SER J 243 57.61 -46.99 -6.60
C SER J 243 59.02 -46.60 -6.21
N GLY J 244 60.00 -47.46 -6.46
CA GLY J 244 61.38 -47.11 -6.23
C GLY J 244 62.21 -48.27 -5.76
N GLY J 245 61.57 -49.33 -5.30
CA GLY J 245 62.29 -50.40 -4.68
C GLY J 245 62.86 -51.43 -5.65
N ALA J 246 62.75 -51.17 -6.94
CA ALA J 246 63.20 -52.14 -7.92
C ALA J 246 64.72 -52.17 -7.97
N VAL J 247 65.29 -53.34 -7.68
CA VAL J 247 66.73 -53.54 -7.83
C VAL J 247 66.94 -54.21 -9.18
N GLU J 248 67.50 -53.46 -10.13
CA GLU J 248 67.66 -53.94 -11.47
C GLU J 248 69.04 -54.56 -11.65
N ASP J 249 69.23 -55.17 -12.83
CA ASP J 249 70.52 -55.66 -13.31
C ASP J 249 71.14 -56.71 -12.40
N LEU J 250 70.54 -57.88 -12.33
CA LEU J 250 71.22 -58.93 -11.61
C LEU J 250 71.84 -59.93 -12.58
N PRO J 251 72.97 -60.54 -12.21
CA PRO J 251 73.64 -61.48 -13.12
C PRO J 251 72.89 -62.79 -13.21
N VAL J 252 72.88 -63.35 -14.43
CA VAL J 252 72.25 -64.64 -14.68
C VAL J 252 73.34 -65.67 -14.92
N HIS J 253 72.93 -66.94 -14.93
CA HIS J 253 73.88 -67.99 -15.21
C HIS J 253 73.11 -69.13 -15.88
N VAL J 254 73.07 -69.11 -17.20
CA VAL J 254 72.38 -70.15 -17.95
C VAL J 254 73.28 -71.37 -18.02
N PHE J 255 72.84 -72.47 -17.42
CA PHE J 255 73.68 -73.65 -17.38
C PHE J 255 72.85 -74.87 -17.74
N GLU J 256 73.53 -75.90 -18.23
CA GLU J 256 72.85 -77.07 -18.77
C GLU J 256 72.26 -77.93 -17.66
N SER J 257 70.95 -78.14 -17.74
CA SER J 257 70.21 -78.94 -16.79
C SER J 257 70.17 -80.39 -17.29
N MET J 258 69.26 -81.24 -16.82
CA MET J 258 69.15 -82.61 -17.32
C MET J 258 68.57 -82.65 -18.73
N GLY J 259 69.40 -82.28 -19.71
CA GLY J 259 69.01 -82.27 -21.09
C GLY J 259 68.59 -80.91 -21.62
N ALA J 260 68.02 -80.06 -20.78
CA ALA J 260 67.54 -78.77 -21.23
C ALA J 260 68.40 -77.65 -20.62
N LEU J 261 68.07 -76.42 -20.97
CA LEU J 261 68.67 -75.26 -20.33
C LEU J 261 67.75 -74.80 -19.22
N GLN J 262 68.33 -74.14 -18.23
CA GLN J 262 67.56 -73.40 -17.25
C GLN J 262 68.42 -72.27 -16.72
N SER J 263 67.75 -71.23 -16.25
CA SER J 263 68.43 -70.10 -15.65
C SER J 263 68.61 -70.37 -14.17
N LYS J 264 69.85 -70.30 -13.70
CA LYS J 264 70.04 -70.29 -12.27
C LYS J 264 69.57 -68.96 -11.72
N ILE J 265 68.71 -69.02 -10.73
CA ILE J 265 68.02 -67.85 -10.23
C ILE J 265 69.02 -66.95 -9.52
N PRO J 266 68.99 -65.64 -9.74
CA PRO J 266 69.95 -64.76 -9.07
C PRO J 266 69.78 -64.69 -7.57
N THR J 267 68.56 -64.65 -7.07
CA THR J 267 68.35 -64.94 -5.67
C THR J 267 68.36 -66.46 -5.52
N GLU J 268 68.42 -66.94 -4.29
CA GLU J 268 68.53 -68.38 -4.11
C GLU J 268 67.24 -69.09 -4.49
N VAL J 269 66.11 -68.47 -4.25
CA VAL J 269 64.84 -69.07 -4.62
C VAL J 269 63.96 -68.03 -5.28
N LEU J 270 62.97 -68.54 -6.00
CA LEU J 270 61.83 -67.78 -6.49
C LEU J 270 60.79 -67.84 -5.38
N ILE J 271 60.72 -66.79 -4.58
CA ILE J 271 59.76 -66.75 -3.49
C ILE J 271 58.38 -66.50 -4.08
N THR J 272 57.46 -67.45 -3.89
CA THR J 272 56.09 -67.23 -4.31
C THR J 272 55.42 -66.23 -3.38
N ASP J 273 54.32 -65.64 -3.86
CA ASP J 273 53.80 -64.44 -3.24
C ASP J 273 53.18 -64.71 -1.88
N ARG J 274 52.63 -65.90 -1.69
CA ARG J 274 52.19 -66.27 -0.35
C ARG J 274 53.36 -66.37 0.60
N LYS J 275 54.49 -66.90 0.12
CA LYS J 275 55.67 -66.99 0.96
C LYS J 275 56.24 -65.61 1.23
N GLU J 276 56.08 -64.69 0.29
CA GLU J 276 56.55 -63.32 0.51
C GLU J 276 55.70 -62.63 1.55
N PHE J 277 54.39 -62.78 1.49
CA PHE J 277 53.55 -62.12 2.47
C PHE J 277 53.75 -62.70 3.86
N GLU J 278 54.11 -63.99 3.92
CA GLU J 278 54.43 -64.56 5.22
C GLU J 278 55.74 -64.00 5.76
N LEU J 279 56.75 -63.86 4.89
CA LEU J 279 57.98 -63.23 5.35
C LEU J 279 57.78 -61.78 5.70
N ALA J 280 56.77 -61.14 5.11
CA ALA J 280 56.50 -59.76 5.45
C ALA J 280 55.79 -59.67 6.80
N GLU J 281 54.98 -60.67 7.14
CA GLU J 281 54.33 -60.65 8.43
C GLU J 281 55.28 -61.02 9.55
N GLU J 282 56.36 -61.72 9.24
CA GLU J 282 57.32 -62.09 10.26
C GLU J 282 58.36 -61.03 10.50
N GLY J 283 58.27 -59.91 9.78
CA GLY J 283 59.24 -58.84 9.94
C GLY J 283 60.49 -58.97 9.10
N PHE J 284 60.40 -59.58 7.93
CA PHE J 284 61.55 -59.77 7.07
C PHE J 284 61.32 -59.05 5.75
N ILE J 285 62.40 -58.66 5.11
CA ILE J 285 62.36 -57.96 3.83
C ILE J 285 62.70 -58.98 2.76
N ALA J 286 61.72 -59.43 2.02
CA ALA J 286 61.92 -60.51 1.07
C ALA J 286 62.37 -59.94 -0.26
N LEU J 287 63.62 -60.20 -0.63
CA LEU J 287 64.08 -59.89 -1.97
C LEU J 287 63.46 -60.90 -2.93
N THR J 288 62.49 -60.47 -3.72
CA THR J 288 61.75 -61.37 -4.59
C THR J 288 62.23 -61.27 -6.02
N MET J 289 62.58 -62.42 -6.58
CA MET J 289 63.01 -62.49 -7.96
C MET J 289 61.79 -62.40 -8.85
N ARG J 290 61.91 -61.67 -9.94
CA ARG J 290 60.88 -61.65 -10.96
C ARG J 290 61.17 -62.73 -11.98
N LYS J 291 60.34 -63.76 -12.02
CA LYS J 291 60.60 -64.95 -12.81
C LYS J 291 60.65 -64.65 -14.29
N GLY J 292 61.69 -65.15 -14.95
CA GLY J 292 61.88 -64.91 -16.37
C GLY J 292 62.59 -63.63 -16.69
N SER J 293 63.06 -62.91 -15.68
CA SER J 293 63.79 -61.69 -15.91
C SER J 293 65.14 -61.83 -15.22
N ASP J 294 65.87 -60.73 -15.15
CA ASP J 294 67.07 -60.62 -14.35
C ASP J 294 66.91 -59.50 -13.32
N ASN J 295 65.69 -59.24 -12.93
CA ASN J 295 65.36 -58.11 -12.08
C ASN J 295 64.70 -58.62 -10.82
N ALA J 296 64.87 -57.90 -9.72
CA ALA J 296 64.29 -58.32 -8.46
C ALA J 296 63.62 -57.13 -7.80
N ALA J 297 62.85 -57.39 -6.75
CA ALA J 297 62.09 -56.32 -6.15
C ALA J 297 61.79 -56.62 -4.69
N PHE J 298 61.66 -55.55 -3.91
CA PHE J 298 61.16 -55.61 -2.54
C PHE J 298 59.66 -55.33 -2.60
N PHE J 299 58.84 -56.37 -2.47
CA PHE J 299 57.41 -56.13 -2.38
C PHE J 299 57.03 -55.55 -1.02
N SER J 300 57.90 -55.66 -0.03
CA SER J 300 57.57 -55.22 1.31
C SER J 300 58.86 -54.91 2.04
N ALA J 301 58.78 -53.95 2.96
CA ALA J 301 59.93 -53.57 3.76
C ALA J 301 59.49 -53.34 5.21
N ASN J 302 58.80 -54.33 5.78
CA ASN J 302 58.45 -54.25 7.19
C ASN J 302 59.68 -54.30 8.08
N SER J 303 59.54 -53.82 9.30
CA SER J 303 60.56 -53.96 10.32
C SER J 303 60.19 -55.07 11.28
N ILE J 304 60.98 -55.22 12.33
CA ILE J 304 60.90 -56.42 13.16
C ILE J 304 59.65 -56.42 14.03
N GLN J 305 59.18 -55.25 14.48
CA GLN J 305 58.27 -55.20 15.61
C GLN J 305 56.90 -55.76 15.27
N LYS J 306 56.40 -56.59 16.13
CA LYS J 306 55.15 -57.29 15.93
C LYS J 306 54.00 -56.29 15.95
N PRO J 307 53.20 -56.24 14.90
CA PRO J 307 52.09 -55.29 14.86
C PRO J 307 51.04 -55.68 15.87
N LYS J 308 50.72 -54.77 16.78
CA LYS J 308 49.82 -55.07 17.88
C LYS J 308 48.38 -55.26 17.43
N VAL J 309 47.61 -55.97 18.26
CA VAL J 309 46.18 -56.13 18.08
C VAL J 309 45.47 -55.39 19.19
N PHE J 310 44.54 -54.51 18.81
CA PHE J 310 43.77 -53.72 19.76
C PHE J 310 42.31 -54.12 19.64
N PRO J 311 41.45 -53.79 20.61
CA PRO J 311 40.04 -54.19 20.50
C PRO J 311 39.37 -53.53 19.31
N ASN J 312 38.36 -54.20 18.76
CA ASN J 312 37.72 -53.73 17.54
C ASN J 312 36.63 -52.71 17.87
N THR J 313 37.07 -51.54 18.29
CA THR J 313 36.22 -50.38 18.42
C THR J 313 36.73 -49.31 17.47
N LYS J 314 36.19 -48.11 17.59
CA LYS J 314 36.69 -47.00 16.78
C LYS J 314 38.07 -46.57 17.22
N GLU J 315 38.24 -46.34 18.51
CA GLU J 315 39.53 -45.95 19.07
C GLU J 315 40.56 -47.07 18.92
N GLY J 316 40.10 -48.32 18.97
CA GLY J 316 41.02 -49.44 18.80
C GLY J 316 41.57 -49.52 17.40
N LYS J 317 40.75 -49.25 16.40
CA LYS J 317 41.28 -49.30 15.05
C LYS J 317 42.14 -48.09 14.74
N GLU J 318 41.89 -46.94 15.38
CA GLU J 318 42.84 -45.84 15.22
C GLU J 318 44.19 -46.17 15.84
N ALA J 319 44.17 -46.79 17.01
CA ALA J 319 45.44 -47.06 17.67
C ALA J 319 46.20 -48.18 16.97
N GLU J 320 45.49 -49.14 16.38
CA GLU J 320 46.17 -50.11 15.52
C GLU J 320 46.71 -49.47 14.27
N THR J 321 45.99 -48.49 13.73
CA THR J 321 46.46 -47.80 12.53
C THR J 321 47.76 -47.07 12.80
N ASN J 322 47.84 -46.43 13.95
CA ASN J 322 49.07 -45.72 14.29
C ASN J 322 50.17 -46.70 14.56
N TYR J 323 49.83 -47.84 15.15
CA TYR J 323 50.87 -48.75 15.54
C TYR J 323 51.41 -49.53 14.35
N LYS J 324 50.62 -49.69 13.29
CA LYS J 324 51.20 -50.30 12.09
C LYS J 324 51.85 -49.27 11.19
N LEU J 325 51.54 -47.97 11.38
CA LEU J 325 52.36 -46.98 10.71
C LEU J 325 53.74 -46.90 11.33
N GLY J 326 53.82 -47.11 12.64
CA GLY J 326 55.10 -46.95 13.30
C GLY J 326 56.10 -48.04 12.95
N THR J 327 55.61 -49.22 12.62
CA THR J 327 56.52 -50.36 12.53
C THR J 327 56.97 -50.70 11.13
N GLN J 328 56.91 -49.78 10.19
CA GLN J 328 57.39 -50.06 8.85
C GLN J 328 58.44 -49.03 8.44
N LEU J 329 59.55 -49.51 7.90
CA LEU J 329 60.66 -48.64 7.56
C LEU J 329 60.38 -47.49 6.59
N PRO J 330 59.54 -47.59 5.55
CA PRO J 330 59.32 -46.40 4.71
C PRO J 330 58.54 -45.29 5.37
N TYR J 331 58.16 -45.43 6.63
CA TYR J 331 57.65 -44.32 7.41
C TYR J 331 58.64 -43.91 8.49
N MET J 332 59.39 -44.87 9.01
CA MET J 332 60.40 -44.52 10.00
C MET J 332 61.56 -43.78 9.36
N MET J 333 61.74 -43.88 8.05
CA MET J 333 62.74 -43.02 7.44
C MET J 333 62.26 -41.59 7.37
N ILE J 334 60.94 -41.40 7.22
CA ILE J 334 60.37 -40.06 7.29
C ILE J 334 60.57 -39.47 8.68
N ILE J 335 60.30 -40.27 9.72
CA ILE J 335 60.45 -39.75 11.07
C ILE J 335 61.92 -39.59 11.45
N ASN J 336 62.80 -40.40 10.85
CA ASN J 336 64.22 -40.20 11.07
C ASN J 336 64.70 -38.88 10.46
N ARG J 337 64.22 -38.54 9.26
CA ARG J 337 64.66 -37.30 8.65
C ARG J 337 64.06 -36.09 9.35
N LEU J 338 62.84 -36.21 9.88
CA LEU J 338 62.32 -35.13 10.69
C LEU J 338 63.06 -35.00 12.00
N ALA J 339 63.49 -36.12 12.59
CA ALA J 339 64.23 -36.04 13.84
C ALA J 339 65.58 -35.39 13.61
N HIS J 340 66.19 -35.66 12.45
CA HIS J 340 67.48 -35.07 12.16
C HIS J 340 67.36 -33.58 11.87
N TYR J 341 66.35 -33.17 11.09
CA TYR J 341 66.20 -31.74 10.85
C TYR J 341 65.79 -30.99 12.12
N VAL J 342 65.03 -31.63 12.99
CA VAL J 342 64.59 -30.95 14.20
C VAL J 342 65.77 -30.78 15.16
N LYS J 343 66.63 -31.78 15.25
CA LYS J 343 67.82 -31.62 16.08
C LYS J 343 68.76 -30.57 15.50
N VAL J 344 69.09 -30.69 14.22
CA VAL J 344 70.13 -29.87 13.63
C VAL J 344 69.68 -28.42 13.49
N LEU J 345 68.43 -28.20 13.06
CA LEU J 345 67.95 -26.82 12.99
C LEU J 345 67.60 -26.26 14.35
N GLN J 346 67.05 -27.07 15.26
CA GLN J 346 66.68 -26.51 16.55
C GLN J 346 67.86 -26.47 17.51
N ARG J 347 69.09 -26.71 17.04
CA ARG J 347 70.22 -26.24 17.83
C ARG J 347 70.63 -24.83 17.45
N GLU J 348 70.20 -24.36 16.29
CA GLU J 348 70.63 -23.03 15.90
C GLU J 348 69.75 -21.95 16.50
N GLN J 349 68.69 -22.32 17.19
CA GLN J 349 67.82 -21.32 17.79
C GLN J 349 68.00 -21.18 19.29
N ILE J 350 68.90 -21.95 19.89
CA ILE J 350 69.18 -21.79 21.31
C ILE J 350 69.81 -20.43 21.53
N GLY J 351 69.08 -19.57 22.22
CA GLY J 351 69.52 -18.21 22.42
C GLY J 351 68.73 -17.18 21.66
N ALA J 352 67.65 -17.58 21.01
CA ALA J 352 66.80 -16.57 20.41
C ALA J 352 65.63 -16.28 21.32
N TRP J 353 65.15 -15.03 21.26
CA TRP J 353 64.06 -14.58 22.12
C TRP J 353 62.78 -15.25 21.65
N LYS J 354 62.46 -16.38 22.27
CA LYS J 354 61.31 -17.18 21.85
C LYS J 354 60.32 -17.29 22.98
N GLU J 355 59.05 -17.20 22.64
CA GLU J 355 58.00 -17.58 23.56
C GLU J 355 57.43 -18.93 23.16
N ARG J 356 56.32 -19.30 23.81
CA ARG J 356 55.66 -20.56 23.49
C ARG J 356 55.03 -20.53 22.11
N GLN J 357 54.16 -19.55 21.87
CA GLN J 357 53.54 -19.39 20.57
C GLN J 357 54.53 -19.01 19.49
N ASP J 358 55.73 -18.56 19.87
CA ASP J 358 56.80 -18.47 18.90
C ASP J 358 57.17 -19.84 18.35
N LEU J 359 57.27 -20.84 19.22
CA LEU J 359 57.58 -22.17 18.70
C LEU J 359 56.41 -22.78 17.96
N GLU J 360 55.17 -22.42 18.35
CA GLU J 360 54.05 -22.88 17.53
C GLU J 360 54.10 -22.29 16.14
N ARG J 361 54.42 -21.00 16.05
CA ARG J 361 54.39 -20.35 14.75
C ARG J 361 55.58 -20.77 13.90
N GLU J 362 56.75 -20.91 14.52
CA GLU J 362 57.93 -21.22 13.73
C GLU J 362 57.99 -22.69 13.36
N LEU J 363 57.44 -23.57 14.20
CA LEU J 363 57.42 -24.96 13.79
C LEU J 363 56.30 -25.22 12.79
N ASN J 364 55.17 -24.52 12.91
CA ASN J 364 54.11 -24.74 11.93
C ASN J 364 54.48 -24.17 10.58
N SER J 365 55.11 -23.00 10.56
CA SER J 365 55.64 -22.49 9.29
C SER J 365 56.87 -23.27 8.85
N TRP J 366 57.50 -24.00 9.77
CA TRP J 366 58.61 -24.86 9.38
C TRP J 366 58.11 -26.12 8.70
N ILE J 367 56.95 -26.61 9.12
CA ILE J 367 56.48 -27.90 8.68
C ILE J 367 55.46 -27.74 7.56
N LYS J 368 55.02 -26.50 7.26
CA LYS J 368 54.25 -26.29 6.04
C LYS J 368 55.11 -26.43 4.80
N GLN J 369 56.42 -26.49 4.98
CA GLN J 369 57.32 -26.94 3.93
C GLN J 369 57.00 -28.35 3.47
N TYR J 370 56.61 -29.24 4.38
CA TYR J 370 56.53 -30.65 4.04
C TYR J 370 55.09 -31.16 3.99
N VAL J 371 54.10 -30.28 3.89
CA VAL J 371 52.72 -30.69 3.83
C VAL J 371 52.23 -30.61 2.40
N ALA J 372 51.70 -31.71 1.88
CA ALA J 372 51.13 -31.72 0.54
C ALA J 372 49.66 -32.10 0.69
N ASP J 373 48.82 -31.11 0.97
CA ASP J 373 47.43 -31.36 1.34
C ASP J 373 46.43 -30.89 0.30
N GLN J 374 46.78 -31.01 -0.97
CA GLN J 374 45.81 -30.68 -2.00
C GLN J 374 44.85 -31.82 -2.21
N GLU J 375 44.07 -31.73 -3.29
CA GLU J 375 43.07 -32.75 -3.53
C GLU J 375 43.70 -34.04 -4.02
N ASN J 376 44.60 -33.94 -4.97
CA ASN J 376 45.15 -35.13 -5.58
C ASN J 376 46.54 -34.81 -6.11
N PRO J 377 47.57 -34.84 -5.27
CA PRO J 377 48.90 -34.54 -5.77
C PRO J 377 49.45 -35.73 -6.53
N PRO J 378 50.23 -35.51 -7.57
CA PRO J 378 50.82 -36.62 -8.31
C PRO J 378 51.94 -37.28 -7.52
N ALA J 379 52.53 -38.32 -8.11
CA ALA J 379 53.40 -39.21 -7.34
C ALA J 379 54.70 -38.53 -6.94
N ASP J 380 55.18 -37.58 -7.73
CA ASP J 380 56.45 -36.95 -7.42
C ASP J 380 56.33 -35.97 -6.26
N VAL J 381 55.27 -35.17 -6.26
CA VAL J 381 55.06 -34.19 -5.20
C VAL J 381 54.74 -34.91 -3.89
N ARG J 382 54.09 -36.06 -3.97
CA ARG J 382 54.00 -36.92 -2.80
C ARG J 382 55.36 -37.50 -2.44
N SER J 383 56.25 -37.68 -3.41
CA SER J 383 57.52 -38.32 -3.10
C SER J 383 58.44 -37.35 -2.36
N ARG J 384 58.34 -36.06 -2.65
CA ARG J 384 59.26 -35.12 -2.01
C ARG J 384 58.61 -34.29 -0.91
N ARG J 385 57.30 -34.40 -0.72
CA ARG J 385 56.62 -33.81 0.42
C ARG J 385 55.81 -34.92 1.07
N PRO J 386 56.42 -35.68 1.97
CA PRO J 386 55.82 -36.96 2.31
C PRO J 386 54.66 -36.89 3.26
N LEU J 387 54.61 -35.93 4.17
CA LEU J 387 53.61 -35.97 5.24
C LEU J 387 52.42 -35.09 4.88
N ARG J 388 51.21 -35.58 5.14
CA ARG J 388 50.03 -34.88 4.65
C ARG J 388 49.48 -33.92 5.68
N ALA J 389 49.56 -34.27 6.96
CA ALA J 389 49.09 -33.37 7.99
C ALA J 389 50.15 -33.22 9.07
N ALA J 390 50.08 -32.12 9.80
CA ALA J 390 50.98 -31.94 10.92
C ALA J 390 50.27 -31.12 11.98
N ARG J 391 50.28 -31.65 13.20
CA ARG J 391 49.64 -31.00 14.33
C ARG J 391 50.66 -30.86 15.45
N ILE J 392 51.03 -29.63 15.77
CA ILE J 392 52.12 -29.36 16.69
C ILE J 392 51.54 -28.70 17.93
N GLU J 393 51.88 -29.23 19.10
CA GLU J 393 51.53 -28.60 20.35
C GLU J 393 52.80 -28.24 21.10
N VAL J 394 52.89 -26.99 21.54
CA VAL J 394 54.04 -26.50 22.26
C VAL J 394 53.61 -26.07 23.64
N MET J 395 54.21 -26.66 24.67
CA MET J 395 53.91 -26.35 26.05
C MET J 395 55.20 -26.05 26.80
N ASP J 396 55.06 -25.41 27.95
CA ASP J 396 56.21 -25.03 28.75
C ASP J 396 56.47 -26.09 29.80
N VAL J 397 57.74 -26.30 30.11
CA VAL J 397 58.09 -27.05 31.30
C VAL J 397 57.93 -26.07 32.46
N GLU J 398 56.91 -26.28 33.28
CA GLU J 398 56.57 -25.32 34.33
C GLU J 398 57.63 -25.31 35.41
N GLY J 399 58.03 -24.12 35.83
CA GLY J 399 59.05 -24.02 36.83
C GLY J 399 60.45 -24.30 36.34
N ASN J 400 60.66 -24.28 35.03
CA ASN J 400 61.98 -24.45 34.45
C ASN J 400 62.03 -23.61 33.20
N PRO J 401 62.36 -22.33 33.32
CA PRO J 401 61.91 -21.34 32.34
C PRO J 401 62.67 -21.43 31.04
N GLY J 402 61.95 -21.17 29.95
CA GLY J 402 62.48 -21.31 28.63
C GLY J 402 62.30 -22.67 28.02
N TRP J 403 62.42 -23.73 28.81
CA TRP J 403 62.37 -25.10 28.34
C TRP J 403 60.97 -25.41 27.83
N TYR J 404 60.88 -25.70 26.54
CA TYR J 404 59.61 -25.89 25.89
C TYR J 404 59.42 -27.36 25.56
N GLN J 405 58.18 -27.81 25.52
CA GLN J 405 57.86 -29.23 25.38
C GLN J 405 56.94 -29.39 24.19
N VAL J 406 57.40 -30.09 23.16
CA VAL J 406 56.75 -30.07 21.86
C VAL J 406 56.33 -31.48 21.47
N SER J 407 55.11 -31.62 20.98
CA SER J 407 54.64 -32.85 20.37
C SER J 407 54.40 -32.61 18.89
N LEU J 408 55.17 -33.27 18.04
CA LEU J 408 55.07 -33.13 16.60
C LEU J 408 54.55 -34.43 16.03
N SER J 409 53.33 -34.41 15.54
CA SER J 409 52.63 -35.59 15.07
C SER J 409 52.30 -35.45 13.60
N VAL J 410 52.71 -36.42 12.80
CA VAL J 410 52.52 -36.34 11.36
C VAL J 410 51.64 -37.49 10.89
N ARG J 411 51.10 -37.35 9.69
CA ARG J 411 50.28 -38.38 9.04
C ARG J 411 50.78 -38.55 7.63
N PRO J 412 51.55 -39.58 7.35
CA PRO J 412 52.22 -39.68 6.05
C PRO J 412 51.24 -40.13 4.98
N HIS J 413 51.70 -40.04 3.74
CA HIS J 413 50.93 -40.63 2.65
C HIS J 413 50.98 -42.15 2.75
N PHE J 414 49.81 -42.76 2.70
CA PHE J 414 49.71 -44.20 2.73
C PHE J 414 50.14 -44.75 1.39
N LYS J 415 51.07 -45.70 1.42
CA LYS J 415 51.50 -46.33 0.19
C LYS J 415 50.79 -47.66 0.05
N TYR J 416 50.40 -47.99 -1.18
CA TYR J 416 49.47 -49.07 -1.50
C TYR J 416 50.13 -50.42 -1.20
N MET J 417 49.71 -51.07 -0.11
CA MET J 417 50.35 -52.33 0.28
C MET J 417 49.35 -53.44 0.53
N GLY J 418 48.44 -53.68 -0.39
CA GLY J 418 47.61 -54.86 -0.32
C GLY J 418 46.14 -54.53 -0.43
N ALA J 419 45.41 -55.41 -1.11
CA ALA J 419 43.97 -55.24 -1.24
C ALA J 419 43.34 -56.59 -1.47
N ASN J 420 42.05 -56.68 -1.17
CA ASN J 420 41.25 -57.85 -1.49
C ASN J 420 40.22 -57.49 -2.53
N PHE J 421 40.04 -58.37 -3.51
CA PHE J 421 39.08 -58.13 -4.57
C PHE J 421 38.02 -59.21 -4.59
N GLU J 422 36.78 -58.80 -4.79
CA GLU J 422 35.66 -59.69 -4.98
C GLU J 422 34.97 -59.30 -6.28
N LEU J 423 34.81 -60.24 -7.20
CA LEU J 423 34.19 -59.98 -8.48
C LEU J 423 32.88 -60.73 -8.58
N SER J 424 31.95 -60.21 -9.37
CA SER J 424 30.65 -60.85 -9.53
C SER J 424 29.98 -60.41 -10.82
N LEU J 425 29.59 -61.38 -11.63
CA LEU J 425 28.76 -61.08 -12.77
C LEU J 425 27.36 -60.73 -12.30
N VAL J 426 26.73 -59.78 -12.95
CA VAL J 426 25.36 -59.39 -12.62
C VAL J 426 24.73 -58.74 -13.84
N GLY J 427 23.41 -58.87 -13.96
CA GLY J 427 22.65 -58.07 -14.91
C GLY J 427 22.22 -56.79 -14.23
N ARG J 428 21.34 -56.03 -14.89
CA ARG J 428 20.54 -54.96 -14.29
C ARG J 428 21.36 -53.75 -13.82
N LEU J 429 22.69 -53.79 -13.94
CA LEU J 429 23.52 -52.75 -13.35
C LEU J 429 23.52 -51.49 -14.21
N ASP J 430 23.51 -50.34 -13.54
CA ASP J 430 23.57 -49.04 -14.21
C ASP J 430 24.94 -48.81 -14.79
N SER K 1 32.20 -79.56 -0.02
CA SER K 1 31.99 -78.23 0.55
C SER K 1 30.96 -77.48 -0.25
N LYS K 2 30.56 -76.32 0.26
CA LYS K 2 29.57 -75.50 -0.40
C LYS K 2 29.96 -74.03 -0.55
N GLU K 3 30.98 -73.55 0.17
CA GLU K 3 31.40 -72.16 0.07
C GLU K 3 32.51 -71.94 -0.92
N GLY K 4 32.84 -72.94 -1.71
CA GLY K 4 34.00 -72.80 -2.55
C GLY K 4 35.25 -72.88 -1.70
N SER K 5 36.34 -72.36 -2.27
CA SER K 5 37.60 -72.30 -1.55
C SER K 5 38.36 -71.07 -2.00
N VAL K 6 39.35 -70.70 -1.22
CA VAL K 6 40.22 -69.57 -1.53
C VAL K 6 41.65 -70.02 -1.45
N ALA K 7 42.54 -69.20 -1.98
CA ALA K 7 43.97 -69.40 -1.78
C ALA K 7 44.33 -68.90 -0.39
N PRO K 8 45.50 -69.27 0.13
CA PRO K 8 46.02 -68.54 1.30
C PRO K 8 46.30 -67.10 0.94
N LYS K 9 46.20 -66.24 1.94
CA LYS K 9 46.14 -64.78 1.73
C LYS K 9 47.47 -64.27 1.18
N GLU K 10 47.35 -63.44 0.15
CA GLU K 10 48.50 -62.90 -0.54
C GLU K 10 48.44 -61.37 -0.43
N ARG K 11 49.29 -60.68 -1.17
CA ARG K 11 49.19 -59.23 -1.30
C ARG K 11 47.90 -58.80 -1.98
N ILE K 12 47.51 -59.50 -3.03
CA ILE K 12 46.31 -59.17 -3.78
C ILE K 12 45.38 -60.38 -3.71
N ASN K 13 44.35 -60.29 -2.89
CA ASN K 13 43.38 -61.37 -2.76
C ASN K 13 42.27 -61.16 -3.77
N ILE K 14 42.11 -62.07 -4.70
CA ILE K 14 41.01 -62.03 -5.65
C ILE K 14 40.24 -63.34 -5.54
N LYS K 15 38.97 -63.23 -5.19
CA LYS K 15 38.07 -64.35 -5.18
C LYS K 15 36.75 -63.89 -5.77
N TYR K 16 35.98 -64.84 -6.28
CA TYR K 16 34.71 -64.51 -6.88
C TYR K 16 33.59 -65.05 -6.02
N ILE K 17 32.63 -64.19 -5.71
CA ILE K 17 31.45 -64.57 -4.95
C ILE K 17 30.25 -64.40 -5.85
N PRO K 18 29.09 -64.94 -5.47
CA PRO K 18 27.88 -64.54 -6.17
C PRO K 18 27.58 -63.10 -5.82
N ALA K 19 27.89 -62.22 -6.75
CA ALA K 19 27.96 -60.81 -6.45
C ALA K 19 26.61 -60.14 -6.52
N THR K 20 25.54 -60.92 -6.63
CA THR K 20 24.19 -60.36 -6.58
C THR K 20 23.92 -59.73 -5.22
N GLY K 21 24.48 -60.34 -4.17
CA GLY K 21 24.37 -59.81 -2.84
C GLY K 21 22.94 -59.84 -2.34
N ASP K 22 22.18 -60.80 -2.84
CA ASP K 22 20.73 -60.82 -2.62
C ASP K 22 20.47 -61.28 -1.20
N ALA K 23 20.48 -60.32 -0.29
CA ALA K 23 19.95 -60.55 1.03
C ALA K 23 18.45 -60.78 0.93
N GLN K 24 17.92 -61.56 1.87
CA GLN K 24 16.53 -62.03 1.88
C GLN K 24 16.20 -62.79 0.60
N ALA K 25 17.12 -63.64 0.16
CA ALA K 25 16.90 -64.56 -0.94
C ALA K 25 17.34 -65.95 -0.52
N GLU K 26 16.40 -66.89 -0.54
CA GLU K 26 16.67 -68.27 -0.19
C GLU K 26 16.19 -69.16 -1.32
N ALA K 27 16.75 -70.35 -1.40
CA ALA K 27 16.51 -71.25 -2.52
C ALA K 27 15.56 -72.34 -2.07
N GLU K 28 14.59 -72.65 -2.91
CA GLU K 28 13.69 -73.77 -2.69
C GLU K 28 13.45 -74.47 -4.02
N VAL K 29 13.36 -75.80 -3.97
CA VAL K 29 12.91 -76.52 -5.14
C VAL K 29 11.39 -76.40 -5.20
N GLU K 30 10.85 -76.21 -6.41
CA GLU K 30 9.40 -76.27 -6.57
C GLU K 30 8.93 -77.65 -6.17
N LEU K 31 8.22 -77.70 -5.05
CA LEU K 31 7.89 -78.97 -4.42
C LEU K 31 6.90 -79.72 -5.30
N PRO K 32 7.08 -81.02 -5.48
CA PRO K 32 6.16 -81.76 -6.33
C PRO K 32 4.83 -81.97 -5.63
N LEU K 33 3.76 -81.81 -6.41
CA LEU K 33 2.41 -82.13 -5.93
C LEU K 33 2.25 -83.65 -5.94
N LYS K 34 2.78 -84.27 -4.89
CA LYS K 34 2.92 -85.72 -4.92
C LYS K 34 1.61 -86.39 -4.56
N THR K 35 0.84 -86.74 -5.57
CA THR K 35 -0.44 -87.39 -5.37
C THR K 35 -0.22 -88.84 -4.97
N LEU K 36 -0.87 -89.26 -3.91
CA LEU K 36 -0.71 -90.61 -3.39
C LEU K 36 -1.99 -91.36 -3.69
N VAL K 37 -2.06 -92.00 -4.84
CA VAL K 37 -3.24 -92.77 -5.22
C VAL K 37 -3.26 -94.05 -4.41
N VAL K 38 -4.31 -94.22 -3.63
CA VAL K 38 -4.48 -95.39 -2.77
C VAL K 38 -5.75 -96.11 -3.19
N GLY K 39 -5.62 -97.34 -3.64
CA GLY K 39 -6.79 -98.10 -4.03
C GLY K 39 -6.47 -99.56 -4.18
N ASP K 40 -7.53 -100.35 -4.35
CA ASP K 40 -7.39 -101.81 -4.47
C ASP K 40 -6.77 -102.12 -5.83
N PHE K 41 -5.55 -102.62 -5.79
CA PHE K 41 -4.74 -102.79 -6.98
C PHE K 41 -4.28 -104.22 -7.21
N LYS K 42 -4.61 -105.15 -6.33
CA LYS K 42 -4.26 -106.55 -6.48
C LYS K 42 -5.45 -107.40 -6.05
N GLY K 43 -5.47 -108.63 -6.52
CA GLY K 43 -6.64 -109.45 -6.32
C GLY K 43 -6.78 -110.11 -4.99
N HIS K 44 -5.99 -109.72 -3.99
CA HIS K 44 -5.98 -110.43 -2.73
C HIS K 44 -5.46 -109.53 -1.63
N ALA K 45 -5.72 -109.95 -0.40
CA ALA K 45 -5.12 -109.30 0.76
C ALA K 45 -3.70 -109.78 0.93
N GLU K 46 -2.85 -108.87 1.39
CA GLU K 46 -1.48 -109.23 1.72
C GLU K 46 -1.30 -109.28 3.23
N GLN K 47 -0.59 -110.30 3.70
CA GLN K 47 -0.35 -110.45 5.14
C GLN K 47 0.63 -109.41 5.66
N THR K 48 1.39 -108.77 4.77
CA THR K 48 2.42 -107.84 5.18
C THR K 48 1.77 -106.60 5.79
N PRO K 49 2.21 -106.17 6.98
CA PRO K 49 1.57 -105.03 7.63
C PRO K 49 1.78 -103.75 6.87
N LEU K 50 0.98 -102.75 7.19
CA LEU K 50 0.85 -101.60 6.32
C LEU K 50 2.08 -100.72 6.37
N GLU K 51 2.80 -100.73 7.49
CA GLU K 51 3.99 -99.90 7.61
C GLU K 51 5.17 -100.44 6.80
N GLU K 52 5.13 -101.72 6.41
CA GLU K 52 6.30 -102.31 5.77
C GLU K 52 6.20 -102.34 4.26
N ARG K 53 4.99 -102.42 3.70
CA ARG K 53 4.87 -102.40 2.24
C ARG K 53 5.20 -101.02 1.73
N ALA K 54 5.71 -100.94 0.50
CA ALA K 54 6.33 -99.72 0.01
C ALA K 54 5.50 -99.05 -1.07
N THR K 55 5.72 -97.75 -1.22
CA THR K 55 5.10 -96.99 -2.30
C THR K 55 5.83 -97.27 -3.60
N VAL K 56 5.10 -97.16 -4.70
CA VAL K 56 5.63 -97.45 -6.02
C VAL K 56 5.52 -96.20 -6.86
N THR K 57 6.66 -95.66 -7.27
CA THR K 57 6.67 -94.50 -8.12
C THR K 57 6.20 -94.89 -9.52
N VAL K 58 5.25 -94.15 -10.06
CA VAL K 58 4.68 -94.41 -11.36
C VAL K 58 4.82 -93.17 -12.21
N ASP K 59 5.39 -93.31 -13.39
CA ASP K 59 5.25 -92.25 -14.37
C ASP K 59 4.75 -92.87 -15.66
N LYS K 60 4.74 -92.05 -16.71
CA LYS K 60 4.38 -92.57 -18.02
C LYS K 60 5.44 -93.49 -18.56
N ASN K 61 6.68 -93.35 -18.10
CA ASN K 61 7.79 -94.05 -18.71
C ASN K 61 8.02 -95.42 -18.12
N ASN K 62 7.39 -95.77 -17.01
CA ASN K 62 7.52 -97.15 -16.56
C ASN K 62 6.20 -97.77 -16.09
N PHE K 63 5.06 -97.35 -16.62
CA PHE K 63 3.79 -97.86 -16.13
C PHE K 63 3.61 -99.32 -16.48
N GLU K 64 4.07 -99.72 -17.66
CA GLU K 64 4.05 -101.15 -17.99
C GLU K 64 5.06 -101.90 -17.14
N ALA K 65 6.11 -101.24 -16.70
CA ALA K 65 7.04 -101.89 -15.79
C ALA K 65 6.44 -101.99 -14.40
N VAL K 66 5.57 -101.04 -14.03
CA VAL K 66 4.93 -101.10 -12.73
C VAL K 66 3.88 -102.21 -12.71
N MET K 67 3.07 -102.31 -13.76
CA MET K 67 2.15 -103.43 -13.84
C MET K 67 2.89 -104.75 -14.02
N ARG K 68 4.09 -104.70 -14.60
CA ARG K 68 4.88 -105.91 -14.77
C ARG K 68 5.40 -106.42 -13.43
N GLU K 69 5.96 -105.51 -12.63
CA GLU K 69 6.52 -105.92 -11.36
C GLU K 69 5.44 -106.16 -10.31
N SER K 70 4.23 -105.68 -10.55
CA SER K 70 3.18 -105.80 -9.56
C SER K 70 2.71 -107.24 -9.39
N GLU K 71 2.90 -108.07 -10.42
CA GLU K 71 2.51 -109.49 -10.47
C GLU K 71 1.02 -109.65 -10.18
N LEU K 72 0.20 -109.10 -11.05
CA LEU K 72 -1.24 -109.10 -10.88
C LEU K 72 -1.77 -110.51 -11.01
N LYS K 73 -2.97 -110.74 -10.47
CA LYS K 73 -3.55 -112.07 -10.48
C LYS K 73 -5.04 -111.95 -10.18
N ILE K 74 -5.84 -112.75 -10.87
CA ILE K 74 -7.24 -112.98 -10.53
C ILE K 74 -7.50 -114.48 -10.64
N THR K 75 -8.01 -115.06 -9.56
CA THR K 75 -8.39 -116.47 -9.54
C THR K 75 -9.84 -116.58 -9.08
N ALA K 76 -10.75 -116.92 -10.00
CA ALA K 76 -12.16 -116.85 -9.67
C ALA K 76 -12.95 -117.84 -10.52
N THR K 77 -14.26 -117.77 -10.38
CA THR K 77 -15.20 -118.71 -10.99
C THR K 77 -16.30 -117.93 -11.71
N VAL K 78 -16.60 -118.35 -12.94
CA VAL K 78 -17.66 -117.74 -13.73
C VAL K 78 -18.67 -118.79 -14.14
N LYS K 79 -19.84 -118.33 -14.57
CA LYS K 79 -20.84 -119.22 -15.16
C LYS K 79 -20.40 -119.63 -16.55
N ASN K 80 -20.49 -120.93 -16.84
CA ASN K 80 -19.99 -121.49 -18.09
C ASN K 80 -21.16 -121.63 -19.07
N LYS K 81 -21.06 -120.99 -20.23
CA LYS K 81 -22.12 -120.95 -21.22
C LYS K 81 -21.72 -121.58 -22.55
N LEU K 82 -20.89 -122.61 -22.53
CA LEU K 82 -20.58 -123.38 -23.73
C LEU K 82 -21.49 -124.57 -23.92
N THR K 83 -22.52 -124.70 -23.08
CA THR K 83 -23.45 -125.81 -23.13
C THR K 83 -24.80 -125.32 -22.59
N ASP K 84 -25.65 -126.26 -22.20
CA ASP K 84 -26.99 -125.90 -21.74
C ASP K 84 -27.25 -126.31 -20.30
N ASP K 85 -26.29 -126.03 -19.40
CA ASP K 85 -26.40 -126.44 -18.00
C ASP K 85 -26.13 -125.22 -17.12
N GLU K 86 -26.95 -125.06 -16.08
CA GLU K 86 -26.78 -123.95 -15.14
C GLU K 86 -25.67 -124.21 -14.13
N ASN K 87 -25.55 -125.45 -13.65
CA ASN K 87 -24.57 -125.80 -12.64
C ASN K 87 -23.15 -125.86 -13.18
N ALA K 88 -22.99 -125.89 -14.50
CA ALA K 88 -21.68 -125.96 -15.13
C ALA K 88 -20.98 -124.63 -14.94
N GLU K 89 -19.87 -124.64 -14.22
CA GLU K 89 -19.12 -123.44 -13.94
C GLU K 89 -17.75 -123.56 -14.58
N LEU K 90 -17.15 -122.42 -14.89
CA LEU K 90 -15.83 -122.40 -15.50
C LEU K 90 -14.83 -121.75 -14.56
N PRO K 91 -13.92 -122.49 -13.98
CA PRO K 91 -12.85 -121.86 -13.21
C PRO K 91 -11.82 -121.22 -14.12
N VAL K 92 -11.39 -120.00 -13.79
CA VAL K 92 -10.37 -119.31 -14.55
C VAL K 92 -9.19 -119.01 -13.65
N GLU K 93 -8.01 -118.96 -14.25
CA GLU K 93 -6.76 -118.64 -13.55
C GLU K 93 -5.94 -117.77 -14.50
N LEU K 94 -5.90 -116.48 -14.24
CA LEU K 94 -5.30 -115.54 -15.18
C LEU K 94 -3.98 -115.00 -14.65
N ASN K 95 -3.19 -114.43 -15.56
CA ASN K 95 -1.99 -113.69 -15.20
C ASN K 95 -1.89 -112.46 -16.05
N PHE K 96 -1.59 -111.33 -15.43
CA PHE K 96 -1.68 -110.04 -16.07
C PHE K 96 -0.33 -109.35 -16.02
N LYS K 97 0.04 -108.70 -17.10
CA LYS K 97 1.30 -107.98 -17.12
C LYS K 97 1.19 -106.54 -17.57
N SER K 98 0.29 -106.22 -18.49
CA SER K 98 0.10 -104.85 -18.93
C SER K 98 -1.34 -104.67 -19.34
N LEU K 99 -1.68 -103.49 -19.85
CA LEU K 99 -3.08 -103.22 -20.16
C LEU K 99 -3.50 -103.85 -21.48
N ALA K 100 -2.60 -104.53 -22.18
CA ALA K 100 -3.05 -105.39 -23.25
C ALA K 100 -3.77 -106.61 -22.70
N ASP K 101 -3.45 -107.03 -21.48
CA ASP K 101 -3.95 -108.30 -20.95
C ASP K 101 -5.40 -108.25 -20.52
N PHE K 102 -6.06 -107.11 -20.59
CA PHE K 102 -7.48 -107.04 -20.26
C PHE K 102 -8.36 -107.11 -21.49
N ALA K 103 -7.75 -107.15 -22.67
CA ALA K 103 -8.49 -107.31 -23.91
C ALA K 103 -9.04 -108.73 -24.01
N PRO K 104 -10.07 -108.95 -24.84
CA PRO K 104 -10.56 -110.33 -25.02
C PRO K 104 -9.62 -111.22 -25.79
N ASP K 105 -8.57 -110.67 -26.41
CA ASP K 105 -7.58 -111.50 -27.07
C ASP K 105 -6.75 -112.28 -26.05
N ALA K 106 -6.11 -111.57 -25.13
CA ALA K 106 -5.27 -112.23 -24.15
C ALA K 106 -6.10 -113.02 -23.15
N VAL K 107 -7.30 -112.55 -22.84
CA VAL K 107 -8.20 -113.32 -21.99
C VAL K 107 -8.65 -114.57 -22.73
N ALA K 108 -8.80 -114.46 -24.05
CA ALA K 108 -9.13 -115.64 -24.85
C ALA K 108 -7.95 -116.61 -24.91
N SER K 109 -6.74 -116.10 -24.71
CA SER K 109 -5.59 -116.99 -24.71
C SER K 109 -5.36 -117.62 -23.34
N GLN K 110 -5.73 -116.94 -22.26
CA GLN K 110 -5.40 -117.41 -20.93
C GLN K 110 -6.43 -118.35 -20.33
N VAL K 111 -7.52 -118.62 -21.03
CA VAL K 111 -8.44 -119.65 -20.55
C VAL K 111 -8.48 -120.73 -21.62
N PRO K 112 -7.98 -121.94 -21.33
CA PRO K 112 -7.87 -122.97 -22.38
C PRO K 112 -9.21 -123.45 -22.92
N GLU K 113 -10.27 -123.35 -22.12
CA GLU K 113 -11.61 -123.71 -22.58
C GLU K 113 -12.14 -122.71 -23.60
N LEU K 114 -11.50 -121.56 -23.75
CA LEU K 114 -11.71 -120.68 -24.90
C LEU K 114 -10.60 -120.76 -25.93
N LYS K 115 -9.38 -121.07 -25.51
CA LYS K 115 -8.24 -121.10 -26.42
C LYS K 115 -8.39 -122.22 -27.44
N LYS K 116 -8.93 -123.37 -26.98
CA LYS K 116 -9.19 -124.46 -27.91
C LYS K 116 -10.28 -124.12 -28.90
N LEU K 117 -11.21 -123.25 -28.52
CA LEU K 117 -12.24 -122.82 -29.47
C LEU K 117 -11.73 -121.76 -30.43
N ILE K 118 -10.77 -120.94 -29.99
CA ILE K 118 -10.15 -120.02 -30.94
C ILE K 118 -9.34 -120.78 -31.96
N GLU K 119 -8.59 -121.79 -31.52
CA GLU K 119 -7.81 -122.59 -32.46
C GLU K 119 -8.70 -123.43 -33.35
N LEU K 120 -9.83 -123.92 -32.81
CA LEU K 120 -10.77 -124.68 -33.62
C LEU K 120 -11.46 -123.77 -34.63
N ARG K 121 -11.68 -122.51 -34.26
CA ARG K 121 -12.15 -121.52 -35.22
C ARG K 121 -11.11 -121.29 -36.29
N GLU K 122 -9.83 -121.34 -35.92
CA GLU K 122 -8.77 -121.20 -36.92
C GLU K 122 -8.67 -122.45 -37.81
N ALA K 123 -9.16 -123.59 -37.31
CA ALA K 123 -9.28 -124.75 -38.17
C ALA K 123 -10.45 -124.63 -39.14
N LEU K 124 -11.54 -124.00 -38.69
CA LEU K 124 -12.71 -123.88 -39.55
C LEU K 124 -12.54 -122.77 -40.58
N VAL K 125 -11.75 -121.74 -40.27
CA VAL K 125 -11.55 -120.66 -41.24
C VAL K 125 -10.59 -121.10 -42.34
N ALA K 126 -9.50 -121.76 -41.97
CA ALA K 126 -8.51 -122.20 -42.96
C ALA K 126 -9.04 -123.32 -43.85
N LEU K 127 -9.92 -124.17 -43.32
CA LEU K 127 -10.62 -125.25 -44.03
C LEU K 127 -9.66 -126.26 -44.66
N ASN L 1 -21.81 -125.44 -49.25
CA ASN L 1 -20.73 -126.02 -48.46
C ASN L 1 -20.04 -124.95 -47.63
N LYS L 2 -19.57 -123.91 -48.32
CA LYS L 2 -18.85 -122.82 -47.67
C LYS L 2 -19.76 -122.04 -46.73
N SER L 3 -21.03 -121.88 -47.12
CA SER L 3 -21.97 -121.14 -46.32
C SER L 3 -22.29 -121.86 -45.02
N LEU L 4 -22.23 -123.19 -45.04
CA LEU L 4 -22.42 -123.95 -43.81
C LEU L 4 -21.22 -123.78 -42.88
N VAL L 5 -20.02 -123.66 -43.45
CA VAL L 5 -18.83 -123.40 -42.66
C VAL L 5 -18.92 -122.02 -42.02
N ASP L 6 -19.43 -121.03 -42.76
CA ASP L 6 -19.59 -119.70 -42.22
C ASP L 6 -20.68 -119.64 -41.14
N GLN L 7 -21.73 -120.45 -41.30
CA GLN L 7 -22.74 -120.54 -40.25
C GLN L 7 -22.17 -121.16 -38.99
N MET L 8 -21.26 -122.13 -39.15
CA MET L 8 -20.56 -122.68 -37.98
C MET L 8 -19.63 -121.64 -37.37
N LEU L 9 -19.10 -120.72 -38.18
CA LEU L 9 -18.29 -119.64 -37.63
C LEU L 9 -19.13 -118.65 -36.83
N VAL L 10 -20.34 -118.36 -37.31
CA VAL L 10 -21.22 -117.42 -36.59
C VAL L 10 -21.70 -118.03 -35.27
N GLU L 11 -22.06 -119.32 -35.29
CA GLU L 11 -22.48 -119.98 -34.07
C GLU L 11 -21.32 -120.13 -33.08
N LEU L 12 -20.13 -120.41 -33.59
CA LEU L 12 -18.97 -120.55 -32.71
C LEU L 12 -18.57 -119.20 -32.10
N ASP L 13 -18.71 -118.12 -32.88
CA ASP L 13 -18.46 -116.79 -32.34
C ASP L 13 -19.52 -116.41 -31.31
N LYS L 14 -20.73 -116.94 -31.47
CA LYS L 14 -21.74 -116.77 -30.44
C LYS L 14 -21.35 -117.51 -29.16
N LYS L 15 -20.66 -118.64 -29.31
CA LYS L 15 -20.25 -119.38 -28.12
C LYS L 15 -19.10 -118.69 -27.40
N ILE L 16 -18.06 -118.32 -28.13
CA ILE L 16 -16.87 -117.72 -27.50
C ILE L 16 -17.19 -116.32 -27.00
N SER L 17 -18.00 -115.56 -27.75
CA SER L 17 -18.44 -114.27 -27.25
C SER L 17 -19.39 -114.41 -26.08
N ALA L 18 -20.16 -115.50 -26.05
CA ALA L 18 -21.07 -115.74 -24.93
C ALA L 18 -20.31 -116.02 -23.64
N GLN L 19 -19.17 -116.71 -23.74
CA GLN L 19 -18.38 -116.93 -22.54
C GLN L 19 -17.58 -115.68 -22.17
N MET L 20 -17.07 -114.99 -23.19
CA MET L 20 -16.23 -113.82 -22.96
C MET L 20 -17.02 -112.69 -22.31
N ASP L 21 -18.31 -112.62 -22.61
CA ASP L 21 -19.19 -111.71 -21.90
C ASP L 21 -19.28 -112.07 -20.41
N GLU L 22 -19.11 -113.35 -20.08
CA GLU L 22 -19.19 -113.71 -18.67
C GLU L 22 -17.88 -113.47 -17.94
N ILE L 23 -16.75 -113.61 -18.64
CA ILE L 23 -15.48 -113.34 -17.97
C ILE L 23 -15.28 -111.84 -17.79
N LEU L 24 -15.53 -111.06 -18.84
CA LEU L 24 -15.26 -109.63 -18.75
C LEU L 24 -16.23 -108.89 -17.85
N HIS L 25 -17.37 -109.49 -17.51
CA HIS L 25 -18.27 -108.83 -16.58
C HIS L 25 -18.11 -109.34 -15.16
N ASN L 26 -17.01 -110.03 -14.88
CA ASN L 26 -16.75 -110.51 -13.53
C ASN L 26 -16.43 -109.34 -12.61
N SER L 27 -16.99 -109.38 -11.40
CA SER L 27 -16.97 -108.23 -10.52
C SER L 27 -15.56 -107.94 -10.01
N GLN L 28 -14.84 -108.98 -9.61
CA GLN L 28 -13.44 -108.80 -9.23
C GLN L 28 -12.62 -108.34 -10.44
N PHE L 29 -12.97 -108.83 -11.62
CA PHE L 29 -12.26 -108.42 -12.83
C PHE L 29 -12.63 -107.00 -13.19
N GLN L 30 -13.84 -106.57 -12.86
CA GLN L 30 -14.18 -105.17 -13.06
C GLN L 30 -13.47 -104.30 -12.05
N ALA L 31 -13.16 -104.86 -10.88
CA ALA L 31 -12.41 -104.08 -9.89
C ALA L 31 -10.98 -103.87 -10.33
N MET L 32 -10.35 -104.95 -10.81
CA MET L 32 -8.97 -104.86 -11.28
C MET L 32 -8.87 -103.99 -12.51
N GLU L 33 -9.72 -104.26 -13.51
CA GLU L 33 -9.65 -103.55 -14.77
C GLU L 33 -10.06 -102.10 -14.59
N SER L 34 -11.02 -101.86 -13.69
CA SER L 34 -11.44 -100.50 -13.42
C SER L 34 -10.35 -99.71 -12.73
N ALA L 35 -9.66 -100.34 -11.77
CA ALA L 35 -8.62 -99.66 -11.03
C ALA L 35 -7.43 -99.36 -11.92
N TRP L 36 -6.99 -100.34 -12.70
CA TRP L 36 -5.79 -100.10 -13.48
C TRP L 36 -6.06 -99.28 -14.73
N ARG L 37 -7.15 -99.56 -15.44
CA ARG L 37 -7.42 -98.80 -16.65
C ARG L 37 -7.81 -97.38 -16.30
N GLY L 38 -8.55 -97.20 -15.21
CA GLY L 38 -8.79 -95.86 -14.70
C GLY L 38 -7.51 -95.21 -14.24
N LEU L 39 -6.56 -96.00 -13.75
CA LEU L 39 -5.29 -95.45 -13.30
C LEU L 39 -4.50 -94.91 -14.48
N LYS L 40 -4.50 -95.63 -15.60
CA LYS L 40 -3.80 -95.09 -16.76
C LYS L 40 -4.54 -93.88 -17.31
N LEU L 41 -5.87 -93.86 -17.16
CA LEU L 41 -6.65 -92.69 -17.57
C LEU L 41 -6.25 -91.46 -16.75
N PHE L 42 -5.93 -91.65 -15.48
CA PHE L 42 -5.38 -90.54 -14.71
C PHE L 42 -3.95 -90.23 -15.12
N VAL L 43 -3.15 -91.26 -15.41
CA VAL L 43 -1.72 -91.05 -15.57
C VAL L 43 -1.42 -90.30 -16.87
N ASP L 44 -1.97 -90.75 -17.98
CA ASP L 44 -1.54 -90.15 -19.25
C ASP L 44 -2.09 -88.77 -19.50
N ARG L 45 -3.05 -88.30 -18.70
CA ARG L 45 -3.60 -86.98 -18.88
C ARG L 45 -2.86 -85.94 -18.07
N THR L 46 -1.91 -86.33 -17.25
CA THR L 46 -1.11 -85.39 -16.49
C THR L 46 0.16 -85.08 -17.29
N ASP L 47 1.07 -84.34 -16.67
CA ASP L 47 2.26 -83.88 -17.38
C ASP L 47 3.45 -83.98 -16.43
N PHE L 48 4.17 -85.10 -16.49
CA PHE L 48 5.23 -85.39 -15.52
C PHE L 48 6.52 -84.68 -15.83
N ARG L 49 6.59 -83.96 -16.93
CA ARG L 49 7.73 -83.08 -17.14
C ARG L 49 7.55 -81.73 -16.48
N GLU L 50 6.50 -81.54 -15.68
CA GLU L 50 6.34 -80.34 -14.87
C GLU L 50 6.29 -80.65 -13.39
N ASN L 51 7.13 -81.58 -12.93
CA ASN L 51 7.32 -81.91 -11.51
C ASN L 51 6.05 -82.38 -10.83
N ASN L 52 5.52 -83.50 -11.28
CA ASN L 52 4.42 -84.16 -10.62
C ASN L 52 4.80 -85.61 -10.41
N LYS L 53 4.54 -86.14 -9.23
CA LYS L 53 4.79 -87.55 -9.02
C LYS L 53 3.54 -88.20 -8.47
N VAL L 54 3.21 -89.35 -9.02
CA VAL L 54 2.10 -90.12 -8.50
C VAL L 54 2.64 -91.43 -7.97
N GLU L 55 2.31 -91.71 -6.73
CA GLU L 55 2.76 -92.91 -6.07
C GLU L 55 1.58 -93.80 -5.81
N ILE L 56 1.85 -95.09 -5.73
CA ILE L 56 0.83 -96.12 -5.65
C ILE L 56 1.07 -96.90 -4.39
N LEU L 57 0.03 -97.09 -3.59
CA LEU L 57 0.11 -97.97 -2.44
C LEU L 57 -1.12 -98.86 -2.40
N HIS L 58 -0.92 -100.16 -2.58
CA HIS L 58 -2.02 -101.12 -2.61
C HIS L 58 -2.62 -101.28 -1.24
N VAL L 59 -3.78 -100.67 -1.01
CA VAL L 59 -4.45 -100.79 0.28
C VAL L 59 -5.93 -101.05 0.01
N THR L 60 -6.49 -102.08 0.62
CA THR L 60 -7.93 -102.21 0.62
C THR L 60 -8.50 -101.60 1.89
N LYS L 61 -9.81 -101.36 1.90
CA LYS L 61 -10.45 -100.60 2.98
C LYS L 61 -10.35 -101.32 4.31
N ASP L 62 -10.38 -102.64 4.26
CA ASP L 62 -10.43 -103.42 5.49
C ASP L 62 -9.10 -103.36 6.24
N GLU L 63 -8.02 -103.05 5.53
CA GLU L 63 -6.79 -102.88 6.27
C GLU L 63 -6.48 -101.43 6.59
N LEU L 64 -7.22 -100.48 6.01
CA LEU L 64 -7.20 -99.14 6.60
C LEU L 64 -7.93 -99.14 7.93
N LEU L 65 -9.05 -99.85 8.00
CA LEU L 65 -9.80 -99.86 9.25
C LEU L 65 -9.14 -100.76 10.28
N GLU L 66 -8.69 -101.94 9.86
CA GLU L 66 -7.95 -102.81 10.76
C GLU L 66 -6.63 -102.19 11.16
N ASP L 67 -6.03 -101.40 10.26
CA ASP L 67 -4.78 -100.73 10.57
C ASP L 67 -4.97 -99.61 11.56
N PHE L 68 -5.92 -98.72 11.29
CA PHE L 68 -6.17 -97.60 12.17
C PHE L 68 -6.66 -98.04 13.54
N GLU L 69 -7.50 -99.07 13.60
CA GLU L 69 -7.92 -99.54 14.91
C GLU L 69 -6.82 -100.32 15.59
N PHE L 70 -5.94 -100.96 14.83
CA PHE L 70 -4.81 -101.65 15.45
C PHE L 70 -3.77 -100.65 15.91
N ALA L 71 -3.74 -99.48 15.28
CA ALA L 71 -2.85 -98.42 15.72
C ALA L 71 -3.40 -97.79 16.99
N PRO L 72 -2.54 -97.38 17.92
CA PRO L 72 -3.03 -96.86 19.20
C PRO L 72 -3.65 -95.50 19.07
N GLU L 73 -3.34 -94.81 17.97
CA GLU L 73 -3.94 -93.52 17.65
C GLU L 73 -3.83 -93.34 16.15
N THR L 74 -4.03 -92.12 15.69
CA THR L 74 -3.80 -91.86 14.27
C THR L 74 -2.34 -91.64 13.99
N ALA L 75 -1.56 -91.30 15.02
CA ALA L 75 -0.22 -90.80 14.81
C ALA L 75 0.84 -91.88 14.75
N GLN L 76 0.46 -93.16 14.76
CA GLN L 76 1.45 -94.20 14.66
C GLN L 76 1.04 -95.29 13.68
N SER L 77 0.08 -95.03 12.82
CA SER L 77 -0.34 -96.04 11.87
C SER L 77 0.68 -96.19 10.75
N GLY L 78 0.40 -97.11 9.83
CA GLY L 78 1.26 -97.25 8.68
C GLY L 78 1.13 -96.09 7.72
N LEU L 79 -0.11 -95.70 7.41
CA LEU L 79 -0.34 -94.69 6.38
C LEU L 79 0.12 -93.31 6.86
N TYR L 80 0.11 -93.10 8.17
CA TYR L 80 0.68 -91.89 8.71
C TYR L 80 2.19 -91.85 8.53
N LYS L 81 2.81 -93.03 8.46
CA LYS L 81 4.25 -93.07 8.23
C LYS L 81 4.59 -93.00 6.75
N HIS L 82 3.66 -93.36 5.88
CA HIS L 82 3.94 -93.20 4.45
C HIS L 82 3.62 -91.79 3.96
N VAL L 83 2.69 -91.12 4.63
CA VAL L 83 2.30 -89.78 4.20
C VAL L 83 3.06 -88.73 4.98
N TYR L 84 2.97 -88.79 6.31
CA TYR L 84 3.53 -87.73 7.13
C TYR L 84 5.02 -87.91 7.36
N SER L 85 5.41 -89.04 7.92
CA SER L 85 6.74 -89.18 8.49
C SER L 85 7.79 -89.38 7.41
N ALA L 86 7.46 -90.10 6.36
CA ALA L 86 8.40 -90.21 5.25
C ALA L 86 8.31 -89.04 4.30
N GLY L 87 7.34 -88.17 4.48
CA GLY L 87 7.17 -87.01 3.63
C GLY L 87 7.38 -85.72 4.37
N TYR L 88 6.26 -85.14 4.81
CA TYR L 88 6.16 -83.73 5.20
C TYR L 88 7.07 -83.38 6.36
N GLY L 89 7.23 -84.29 7.30
CA GLY L 89 7.99 -83.97 8.49
C GLY L 89 9.36 -84.61 8.52
N GLN L 90 9.89 -84.97 7.36
CA GLN L 90 11.21 -85.56 7.26
C GLN L 90 12.17 -84.53 6.70
N PHE L 91 13.37 -84.47 7.27
CA PHE L 91 14.36 -83.50 6.84
C PHE L 91 14.77 -83.77 5.40
N GLY L 92 14.32 -82.90 4.50
CA GLY L 92 14.66 -82.99 3.10
C GLY L 92 13.63 -83.66 2.22
N GLY L 93 12.58 -84.22 2.78
CA GLY L 93 11.57 -84.90 2.00
C GLY L 93 10.67 -83.94 1.26
N GLU L 94 9.59 -84.46 0.71
CA GLU L 94 8.67 -83.67 -0.10
C GLU L 94 7.27 -83.89 0.43
N PRO L 95 6.44 -82.88 0.42
CA PRO L 95 5.12 -83.03 1.02
C PRO L 95 4.15 -83.75 0.13
N VAL L 96 3.16 -84.42 0.74
CA VAL L 96 2.09 -85.04 -0.03
C VAL L 96 1.05 -83.99 -0.37
N GLY L 97 0.80 -83.79 -1.66
CA GLY L 97 -0.06 -82.71 -2.08
C GLY L 97 -1.53 -83.06 -1.96
N ALA L 98 -1.90 -84.27 -2.38
CA ALA L 98 -3.28 -84.72 -2.34
C ALA L 98 -3.29 -86.22 -2.27
N ILE L 99 -4.39 -86.77 -1.76
CA ILE L 99 -4.56 -88.21 -1.65
C ILE L 99 -5.84 -88.56 -2.37
N ILE L 100 -5.75 -89.51 -3.29
CA ILE L 100 -6.88 -89.91 -4.10
C ILE L 100 -7.25 -91.33 -3.71
N GLY L 101 -8.49 -91.54 -3.28
CA GLY L 101 -8.94 -92.83 -2.84
C GLY L 101 -9.76 -93.51 -3.92
N ASN L 102 -9.27 -94.66 -4.38
CA ASN L 102 -10.00 -95.46 -5.35
C ASN L 102 -10.92 -96.41 -4.59
N TYR L 103 -11.85 -95.80 -3.86
CA TYR L 103 -12.75 -96.53 -2.99
C TYR L 103 -14.18 -96.16 -3.35
N ALA L 104 -15.12 -96.79 -2.66
CA ALA L 104 -16.52 -96.38 -2.70
C ALA L 104 -17.07 -96.46 -1.28
N PHE L 105 -17.78 -95.42 -0.86
CA PHE L 105 -18.16 -95.28 0.54
C PHE L 105 -19.65 -95.46 0.72
N THR L 106 -20.02 -96.17 1.77
CA THR L 106 -21.38 -96.49 2.15
C THR L 106 -21.67 -95.74 3.45
N PRO L 107 -22.90 -95.69 3.95
CA PRO L 107 -23.10 -95.15 5.29
C PRO L 107 -22.77 -96.10 6.42
N SER L 108 -22.05 -97.19 6.16
CA SER L 108 -21.71 -98.13 7.21
C SER L 108 -20.68 -97.52 8.15
N THR L 109 -20.86 -97.82 9.43
CA THR L 109 -19.98 -97.36 10.50
C THR L 109 -18.48 -97.60 10.26
N PRO L 110 -18.03 -98.71 9.62
CA PRO L 110 -16.62 -98.74 9.19
C PRO L 110 -16.22 -97.63 8.23
N ASP L 111 -17.10 -97.23 7.32
CA ASP L 111 -16.71 -96.20 6.36
C ASP L 111 -16.64 -94.83 6.99
N MET L 112 -17.54 -94.54 7.92
CA MET L 112 -17.52 -93.22 8.52
C MET L 112 -16.43 -93.13 9.59
N LYS L 113 -16.07 -94.25 10.21
CA LYS L 113 -14.88 -94.21 11.05
C LYS L 113 -13.63 -94.04 10.20
N LEU L 114 -13.64 -94.61 9.00
CA LEU L 114 -12.55 -94.40 8.05
C LEU L 114 -12.42 -92.94 7.66
N LEU L 115 -13.54 -92.25 7.44
CA LEU L 115 -13.42 -90.86 7.05
C LEU L 115 -13.10 -89.95 8.23
N GLN L 116 -13.46 -90.35 9.44
CA GLN L 116 -12.99 -89.56 10.58
C GLN L 116 -11.49 -89.64 10.69
N TYR L 117 -10.95 -90.84 10.56
CA TYR L 117 -9.50 -90.99 10.68
C TYR L 117 -8.76 -90.36 9.52
N MET L 118 -9.28 -90.47 8.30
CA MET L 118 -8.60 -89.83 7.17
C MET L 118 -8.78 -88.33 7.20
N GLY L 119 -9.80 -87.85 7.89
CA GLY L 119 -9.84 -86.44 8.24
C GLY L 119 -8.69 -86.07 9.16
N ALA L 120 -8.34 -86.97 10.09
CA ALA L 120 -7.25 -86.66 10.99
C ALA L 120 -5.90 -86.70 10.27
N LEU L 121 -5.71 -87.68 9.39
CA LEU L 121 -4.47 -87.75 8.61
C LEU L 121 -4.34 -86.56 7.68
N GLY L 122 -5.45 -86.19 7.05
CA GLY L 122 -5.44 -84.98 6.25
C GLY L 122 -5.21 -83.73 7.08
N ALA L 123 -5.51 -83.80 8.38
CA ALA L 123 -5.23 -82.66 9.24
C ALA L 123 -3.75 -82.53 9.53
N MET L 124 -3.11 -83.61 9.95
CA MET L 124 -1.73 -83.47 10.36
C MET L 124 -0.78 -83.49 9.17
N ALA L 125 -1.25 -83.89 8.00
CA ALA L 125 -0.33 -83.99 6.89
C ALA L 125 -0.67 -83.07 5.72
N HIS L 126 -1.75 -82.28 5.84
CA HIS L 126 -2.19 -81.31 4.84
C HIS L 126 -2.40 -81.95 3.48
N ALA L 127 -3.18 -83.03 3.44
CA ALA L 127 -3.44 -83.73 2.22
C ALA L 127 -4.94 -83.95 2.16
N PRO L 128 -5.62 -83.35 1.19
CA PRO L 128 -7.05 -83.62 1.04
C PRO L 128 -7.28 -85.01 0.52
N PHE L 129 -8.28 -85.67 1.08
CA PHE L 129 -8.64 -87.03 0.68
C PHE L 129 -9.86 -86.95 -0.21
N ILE L 130 -9.77 -87.57 -1.38
CA ILE L 130 -10.84 -87.56 -2.37
C ILE L 130 -11.25 -89.01 -2.63
N SER L 131 -12.55 -89.26 -2.71
CA SER L 131 -12.98 -90.62 -2.93
C SER L 131 -14.31 -90.59 -3.69
N SER L 132 -15.01 -91.71 -3.70
CA SER L 132 -16.28 -91.79 -4.41
C SER L 132 -17.40 -92.20 -3.47
N VAL L 133 -18.51 -91.51 -3.64
CA VAL L 133 -19.78 -91.88 -3.05
C VAL L 133 -20.37 -93.00 -3.89
N GLY L 134 -20.65 -94.12 -3.24
CA GLY L 134 -21.22 -95.25 -3.89
C GLY L 134 -22.70 -95.05 -4.14
N PRO L 135 -23.30 -95.95 -4.92
CA PRO L 135 -24.73 -95.80 -5.22
C PRO L 135 -25.64 -95.96 -4.04
N GLU L 136 -25.30 -96.80 -3.06
CA GLU L 136 -26.24 -96.96 -1.94
C GLU L 136 -26.06 -95.93 -0.86
N PHE L 137 -25.27 -94.89 -1.11
CA PHE L 137 -25.14 -93.85 -0.10
C PHE L 137 -26.35 -92.93 -0.10
N PHE L 138 -27.09 -92.91 -1.20
CA PHE L 138 -28.25 -92.03 -1.31
C PHE L 138 -29.52 -92.77 -1.02
N GLY L 139 -29.43 -94.08 -0.76
CA GLY L 139 -30.60 -94.89 -0.49
C GLY L 139 -31.19 -95.60 -1.67
N ILE L 140 -30.52 -95.59 -2.82
CA ILE L 140 -31.09 -96.14 -4.04
C ILE L 140 -30.20 -97.23 -4.58
N ASP L 141 -30.66 -97.85 -5.67
CA ASP L 141 -29.96 -98.99 -6.25
C ASP L 141 -28.70 -98.57 -6.96
N SER L 142 -28.84 -97.81 -8.04
CA SER L 142 -27.71 -97.33 -8.80
C SER L 142 -28.01 -95.90 -9.20
N PHE L 143 -27.04 -95.26 -9.85
CA PHE L 143 -27.11 -93.82 -10.05
C PHE L 143 -28.14 -93.39 -11.06
N GLU L 144 -28.79 -94.32 -11.75
CA GLU L 144 -29.73 -93.88 -12.76
C GLU L 144 -31.10 -93.53 -12.22
N GLU L 145 -31.21 -93.15 -10.95
CA GLU L 145 -32.46 -92.61 -10.42
C GLU L 145 -32.26 -91.26 -9.72
N LEU L 146 -31.15 -90.57 -9.96
CA LEU L 146 -31.05 -89.18 -9.51
C LEU L 146 -32.06 -88.24 -10.17
N PRO L 147 -32.54 -88.45 -11.41
CA PRO L 147 -33.77 -87.74 -11.80
C PRO L 147 -35.02 -88.22 -11.10
N ASN L 148 -34.98 -89.33 -10.38
CA ASN L 148 -36.20 -89.84 -9.76
C ASN L 148 -36.26 -89.62 -8.26
N ILE L 149 -35.26 -89.00 -7.65
CA ILE L 149 -35.34 -88.69 -6.22
C ILE L 149 -35.85 -87.27 -6.08
N LYS L 150 -36.90 -87.10 -5.28
CA LYS L 150 -37.58 -85.81 -5.21
C LYS L 150 -36.77 -84.77 -4.46
N ASP L 151 -36.13 -85.14 -3.35
CA ASP L 151 -35.45 -84.14 -2.54
C ASP L 151 -34.33 -84.76 -1.73
N LEU L 152 -33.11 -84.25 -1.88
CA LEU L 152 -31.97 -84.83 -1.17
C LEU L 152 -31.83 -84.25 0.23
N LYS L 153 -32.16 -82.97 0.39
CA LYS L 153 -32.02 -82.32 1.68
C LYS L 153 -32.97 -82.93 2.70
N SER L 154 -34.14 -83.38 2.24
CA SER L 154 -35.04 -84.08 3.15
C SER L 154 -34.74 -85.58 3.20
N THR L 155 -33.94 -86.08 2.26
CA THR L 155 -33.51 -87.47 2.35
C THR L 155 -32.49 -87.64 3.47
N PHE L 156 -31.57 -86.71 3.61
CA PHE L 156 -30.50 -86.90 4.58
C PHE L 156 -30.90 -86.59 6.02
N GLU L 157 -32.18 -86.47 6.35
CA GLU L 157 -32.53 -86.30 7.75
C GLU L 157 -32.89 -87.60 8.44
N SER L 158 -32.84 -88.72 7.72
CA SER L 158 -33.21 -90.00 8.31
C SER L 158 -32.17 -90.42 9.35
N PRO L 159 -32.57 -91.21 10.35
CA PRO L 159 -31.60 -91.70 11.33
C PRO L 159 -30.60 -92.69 10.78
N LYS L 160 -30.70 -93.09 9.52
CA LYS L 160 -29.62 -93.85 8.90
C LYS L 160 -28.36 -93.02 8.80
N TYR L 161 -28.49 -91.71 8.61
CA TYR L 161 -27.38 -90.86 8.24
C TYR L 161 -26.86 -90.03 9.40
N THR L 162 -27.18 -90.45 10.64
CA THR L 162 -26.83 -89.68 11.82
C THR L 162 -25.33 -89.57 11.98
N LYS L 163 -24.61 -90.63 11.63
CA LYS L 163 -23.16 -90.58 11.70
C LYS L 163 -22.60 -89.64 10.64
N TRP L 164 -23.23 -89.59 9.47
CA TRP L 164 -22.78 -88.69 8.41
C TRP L 164 -22.97 -87.24 8.79
N ARG L 165 -24.13 -86.90 9.36
CA ARG L 165 -24.30 -85.52 9.82
C ARG L 165 -23.46 -85.23 11.03
N SER L 166 -23.03 -86.28 11.75
CA SER L 166 -22.02 -86.02 12.74
C SER L 166 -20.65 -85.84 12.10
N LEU L 167 -20.48 -86.27 10.85
CA LEU L 167 -19.17 -86.15 10.21
C LEU L 167 -18.98 -84.80 9.56
N ARG L 168 -20.02 -84.25 8.93
CA ARG L 168 -19.88 -82.95 8.27
C ARG L 168 -19.60 -81.83 9.25
N GLU L 169 -20.15 -81.90 10.45
CA GLU L 169 -19.95 -80.83 11.41
C GLU L 169 -18.59 -80.88 12.06
N SER L 170 -17.82 -81.93 11.84
CA SER L 170 -16.51 -82.01 12.46
C SER L 170 -15.58 -81.03 11.82
N GLU L 171 -14.56 -80.61 12.56
CA GLU L 171 -13.66 -79.60 12.06
C GLU L 171 -12.63 -80.16 11.09
N ASP L 172 -12.57 -81.47 10.92
CA ASP L 172 -11.66 -82.06 9.95
C ASP L 172 -12.31 -82.37 8.62
N ALA L 173 -13.55 -81.93 8.40
CA ALA L 173 -14.17 -82.19 7.12
C ALA L 173 -13.77 -81.19 6.06
N ARG L 174 -12.82 -80.30 6.34
CA ARG L 174 -12.22 -79.51 5.27
C ARG L 174 -11.39 -80.36 4.35
N TYR L 175 -10.92 -81.50 4.81
CA TYR L 175 -9.91 -82.27 4.10
C TYR L 175 -10.47 -83.47 3.38
N LEU L 176 -11.78 -83.61 3.32
CA LEU L 176 -12.41 -84.70 2.59
C LEU L 176 -13.20 -84.12 1.44
N GLY L 177 -13.30 -84.88 0.37
CA GLY L 177 -14.24 -84.54 -0.67
C GLY L 177 -14.77 -85.82 -1.25
N LEU L 178 -16.07 -86.02 -1.25
CA LEU L 178 -16.64 -87.24 -1.79
C LEU L 178 -17.34 -86.90 -3.09
N THR L 179 -17.06 -87.67 -4.12
CA THR L 179 -17.51 -87.32 -5.45
C THR L 179 -18.68 -88.19 -5.89
N ALA L 180 -19.62 -87.55 -6.58
CA ALA L 180 -20.84 -88.08 -7.16
C ALA L 180 -20.48 -88.53 -8.59
N PRO L 181 -21.43 -88.88 -9.47
CA PRO L 181 -21.40 -90.21 -10.10
C PRO L 181 -20.19 -90.51 -10.96
N ARG L 182 -20.01 -91.80 -11.23
CA ARG L 182 -18.84 -92.34 -11.90
C ARG L 182 -18.90 -92.06 -13.40
N PHE L 183 -17.96 -92.58 -14.18
CA PHE L 183 -18.02 -92.38 -15.62
C PHE L 183 -17.33 -93.51 -16.34
N LEU L 184 -17.59 -93.59 -17.65
CA LEU L 184 -17.07 -94.68 -18.47
C LEU L 184 -15.57 -94.60 -18.65
N LEU L 185 -14.92 -95.76 -18.71
CA LEU L 185 -13.53 -95.82 -19.09
C LEU L 185 -13.33 -96.28 -20.51
N ARG L 186 -14.19 -97.18 -20.97
CA ARG L 186 -13.91 -98.01 -22.14
C ARG L 186 -15.16 -98.16 -22.97
N VAL L 187 -15.03 -97.91 -24.27
CA VAL L 187 -16.10 -98.19 -25.22
C VAL L 187 -16.37 -99.69 -25.20
N PRO L 188 -17.61 -100.12 -25.09
CA PRO L 188 -17.92 -101.54 -25.25
C PRO L 188 -17.58 -102.02 -26.65
N TYR L 189 -17.12 -103.27 -26.72
CA TYR L 189 -16.50 -103.80 -27.92
C TYR L 189 -17.50 -104.01 -29.04
N ASP L 190 -16.98 -104.15 -30.25
CA ASP L 190 -17.77 -104.11 -31.43
C ASP L 190 -16.80 -104.66 -32.46
N PRO L 191 -17.25 -105.20 -33.57
CA PRO L 191 -16.31 -105.61 -34.62
C PRO L 191 -15.56 -104.44 -35.24
N ILE L 192 -16.23 -103.30 -35.34
CA ILE L 192 -15.68 -102.15 -36.04
C ILE L 192 -15.12 -101.12 -35.06
N GLU L 193 -15.91 -100.75 -34.04
CA GLU L 193 -15.64 -99.56 -33.25
C GLU L 193 -14.47 -99.72 -32.30
N ASN L 194 -14.27 -100.89 -31.75
CA ASN L 194 -13.09 -101.11 -30.92
C ASN L 194 -12.73 -102.58 -31.08
N PRO L 195 -11.99 -102.93 -32.13
CA PRO L 195 -11.91 -104.33 -32.54
C PRO L 195 -10.93 -105.12 -31.71
N VAL L 196 -11.02 -106.44 -31.87
CA VAL L 196 -10.14 -107.40 -31.25
C VAL L 196 -9.44 -108.19 -32.35
N LYS L 197 -8.25 -108.68 -32.03
CA LYS L 197 -7.45 -109.38 -33.04
C LYS L 197 -7.84 -110.84 -33.12
N SER L 198 -7.89 -111.34 -34.36
CA SER L 198 -8.06 -112.76 -34.70
C SER L 198 -9.39 -113.35 -34.23
N PHE L 199 -10.37 -112.51 -33.94
CA PHE L 199 -11.65 -113.00 -33.46
C PHE L 199 -12.75 -111.98 -33.72
N ASN L 200 -13.98 -112.46 -33.90
CA ASN L 200 -15.15 -111.59 -34.03
C ASN L 200 -15.91 -111.57 -32.69
N TYR L 201 -15.76 -110.45 -31.98
CA TYR L 201 -16.41 -110.27 -30.69
C TYR L 201 -17.35 -109.08 -30.73
N ALA L 202 -18.56 -109.27 -30.21
CA ALA L 202 -19.58 -108.22 -30.13
C ALA L 202 -20.15 -108.22 -28.73
N GLU L 203 -19.75 -107.25 -27.92
CA GLU L 203 -20.13 -107.24 -26.52
C GLU L 203 -21.59 -106.88 -26.39
N ASN L 204 -22.39 -107.85 -25.98
CA ASN L 204 -23.83 -107.69 -25.85
C ASN L 204 -24.08 -107.15 -24.45
N VAL L 205 -24.06 -105.83 -24.33
CA VAL L 205 -24.39 -105.20 -23.05
C VAL L 205 -25.91 -105.11 -22.94
N SER L 206 -26.44 -105.56 -21.81
CA SER L 206 -27.88 -105.60 -21.57
C SER L 206 -28.41 -104.24 -21.17
N ALA L 207 -29.63 -104.23 -20.65
CA ALA L 207 -30.21 -103.02 -20.07
C ALA L 207 -29.59 -102.67 -18.73
N SER L 208 -29.10 -103.66 -17.97
CA SER L 208 -28.49 -103.40 -16.68
C SER L 208 -27.12 -102.78 -16.91
N HIS L 209 -26.94 -101.56 -16.42
CA HIS L 209 -25.75 -100.82 -16.82
C HIS L 209 -24.54 -101.11 -15.95
N GLU L 210 -24.57 -102.17 -15.15
CA GLU L 210 -23.33 -102.57 -14.50
C GLU L 210 -22.37 -103.26 -15.46
N HIS L 211 -22.80 -103.59 -16.66
CA HIS L 211 -21.95 -104.34 -17.58
C HIS L 211 -20.91 -103.45 -18.21
N TYR L 212 -21.14 -102.15 -18.25
CA TYR L 212 -20.09 -101.21 -18.64
C TYR L 212 -18.97 -101.24 -17.62
N LEU L 213 -17.79 -100.79 -18.04
CA LEU L 213 -16.68 -100.64 -17.11
C LEU L 213 -16.73 -99.24 -16.53
N TRP L 214 -17.16 -99.12 -15.28
CA TRP L 214 -17.21 -97.80 -14.67
C TRP L 214 -15.94 -97.52 -13.88
N GLY L 215 -15.36 -96.37 -14.14
CA GLY L 215 -14.16 -95.99 -13.41
C GLY L 215 -14.48 -95.03 -12.31
N ASN L 216 -13.51 -94.72 -11.47
CA ASN L 216 -13.75 -93.83 -10.34
C ASN L 216 -13.69 -92.39 -10.83
N THR L 217 -14.46 -91.52 -10.17
CA THR L 217 -14.45 -90.10 -10.49
C THR L 217 -13.22 -89.44 -9.93
N ALA L 218 -12.72 -89.95 -8.80
CA ALA L 218 -11.66 -89.27 -8.05
C ALA L 218 -10.36 -89.26 -8.84
N PHE L 219 -10.19 -90.21 -9.75
CA PHE L 219 -9.12 -90.14 -10.71
C PHE L 219 -9.26 -88.94 -11.64
N ALA L 220 -10.47 -88.69 -12.15
CA ALA L 220 -10.65 -87.56 -13.06
C ALA L 220 -10.44 -86.25 -12.33
N PHE L 221 -10.92 -86.17 -11.09
CA PHE L 221 -10.66 -85.01 -10.27
C PHE L 221 -9.17 -84.85 -10.01
N ALA L 222 -8.44 -85.96 -9.93
CA ALA L 222 -7.00 -85.88 -9.74
C ALA L 222 -6.29 -85.43 -11.01
N THR L 223 -6.85 -85.73 -12.18
CA THR L 223 -6.31 -85.16 -13.40
C THR L 223 -6.48 -83.67 -13.41
N ARG L 224 -7.58 -83.18 -12.83
CA ARG L 224 -7.76 -81.74 -12.80
C ARG L 224 -6.82 -81.06 -11.80
N LEU L 225 -6.54 -81.72 -10.67
CA LEU L 225 -5.55 -81.16 -9.74
C LEU L 225 -4.16 -81.13 -10.35
N THR L 226 -3.71 -82.25 -10.91
CA THR L 226 -2.33 -82.33 -11.37
C THR L 226 -2.11 -81.52 -12.63
N ASP L 227 -3.12 -81.45 -13.50
CA ASP L 227 -3.00 -80.59 -14.68
C ASP L 227 -2.99 -79.12 -14.32
N SER L 228 -3.82 -78.73 -13.35
CA SER L 228 -3.83 -77.34 -12.92
C SER L 228 -2.49 -76.96 -12.29
N PHE L 229 -1.88 -77.91 -11.59
CA PHE L 229 -0.56 -77.65 -11.01
C PHE L 229 0.51 -77.60 -12.08
N ALA L 230 0.34 -78.38 -13.15
CA ALA L 230 1.34 -78.37 -14.21
C ALA L 230 1.28 -77.08 -15.00
N LYS L 231 0.08 -76.52 -15.13
CA LYS L 231 0.02 -75.23 -15.81
C LYS L 231 0.50 -74.10 -14.90
N TYR L 232 0.03 -74.06 -13.66
CA TYR L 232 0.05 -72.82 -12.91
C TYR L 232 0.74 -72.87 -11.56
N ARG L 233 1.39 -73.99 -11.21
CA ARG L 233 2.12 -74.20 -9.96
C ARG L 233 1.25 -74.03 -8.71
N TRP L 234 -0.06 -74.15 -8.84
CA TRP L 234 -0.98 -74.14 -7.73
C TRP L 234 -2.16 -75.01 -8.11
N CYS L 235 -3.09 -75.22 -7.20
CA CYS L 235 -4.33 -75.89 -7.56
C CYS L 235 -5.59 -75.17 -7.12
N PRO L 236 -5.87 -73.94 -7.60
CA PRO L 236 -7.20 -73.39 -7.35
C PRO L 236 -8.14 -73.55 -8.53
N ASN L 237 -7.63 -74.01 -9.67
CA ASN L 237 -8.39 -73.96 -10.91
C ASN L 237 -8.91 -75.35 -11.26
N ILE L 238 -9.98 -75.75 -10.57
CA ILE L 238 -10.59 -77.04 -10.83
C ILE L 238 -12.10 -76.94 -10.93
N ILE L 239 -12.63 -75.74 -11.10
CA ILE L 239 -14.06 -75.53 -10.86
C ILE L 239 -14.86 -74.93 -11.99
N GLY L 240 -14.56 -75.27 -13.23
CA GLY L 240 -15.35 -74.69 -14.30
C GLY L 240 -15.30 -75.42 -15.61
N PRO L 241 -16.21 -75.08 -16.51
CA PRO L 241 -16.04 -75.51 -17.90
C PRO L 241 -14.88 -74.82 -18.57
N GLN L 242 -14.48 -73.65 -18.09
CA GLN L 242 -13.37 -72.93 -18.70
C GLN L 242 -12.28 -72.54 -17.73
N SER L 243 -12.55 -72.53 -16.43
CA SER L 243 -11.54 -72.07 -15.49
C SER L 243 -10.48 -73.13 -15.25
N GLY L 244 -10.74 -74.36 -15.64
CA GLY L 244 -9.73 -75.39 -15.56
C GLY L 244 -10.30 -76.75 -15.25
N GLY L 245 -11.53 -76.78 -14.77
CA GLY L 245 -12.09 -78.02 -14.30
C GLY L 245 -12.70 -78.90 -15.36
N ALA L 246 -12.55 -78.52 -16.63
CA ALA L 246 -13.17 -79.27 -17.70
C ALA L 246 -12.44 -80.58 -17.92
N VAL L 247 -13.14 -81.69 -17.76
CA VAL L 247 -12.61 -83.01 -18.08
C VAL L 247 -13.09 -83.35 -19.47
N GLU L 248 -12.18 -83.34 -20.44
CA GLU L 248 -12.53 -83.56 -21.83
C GLU L 248 -12.37 -85.02 -22.19
N ASP L 249 -12.81 -85.35 -23.40
CA ASP L 249 -12.59 -86.64 -24.06
C ASP L 249 -13.17 -87.80 -23.27
N LEU L 250 -14.48 -87.88 -23.19
CA LEU L 250 -15.04 -89.10 -22.62
C LEU L 250 -15.60 -90.00 -23.70
N PRO L 251 -15.55 -91.32 -23.49
CA PRO L 251 -16.03 -92.25 -24.51
C PRO L 251 -17.55 -92.26 -24.60
N VAL L 252 -18.06 -92.38 -25.82
CA VAL L 252 -19.49 -92.46 -26.06
C VAL L 252 -19.83 -93.87 -26.48
N HIS L 253 -21.12 -94.16 -26.50
CA HIS L 253 -21.57 -95.48 -26.95
C HIS L 253 -22.95 -95.30 -27.58
N VAL L 254 -22.97 -95.09 -28.89
CA VAL L 254 -24.23 -94.94 -29.61
C VAL L 254 -24.82 -96.31 -29.83
N PHE L 255 -25.99 -96.57 -29.24
CA PHE L 255 -26.58 -97.88 -29.36
C PHE L 255 -28.06 -97.74 -29.68
N GLU L 256 -28.60 -98.78 -30.30
CA GLU L 256 -29.97 -98.72 -30.82
C GLU L 256 -30.99 -98.78 -29.69
N SER L 257 -31.84 -97.76 -29.63
CA SER L 257 -32.90 -97.64 -28.63
C SER L 257 -34.17 -98.28 -29.20
N MET L 258 -35.35 -97.98 -28.69
CA MET L 258 -36.60 -98.51 -29.24
C MET L 258 -36.94 -97.87 -30.57
N GLY L 259 -36.22 -98.27 -31.62
CA GLY L 259 -36.42 -97.75 -32.95
C GLY L 259 -35.48 -96.64 -33.35
N ALA L 260 -35.02 -95.83 -32.41
CA ALA L 260 -34.14 -94.72 -32.73
C ALA L 260 -32.75 -94.97 -32.18
N LEU L 261 -31.85 -94.03 -32.42
CA LEU L 261 -30.54 -94.04 -31.80
C LEU L 261 -30.59 -93.15 -30.57
N GLN L 262 -29.71 -93.44 -29.62
CA GLN L 262 -29.46 -92.53 -28.52
C GLN L 262 -28.04 -92.76 -28.04
N SER L 263 -27.47 -91.72 -27.44
CA SER L 263 -26.15 -91.82 -26.87
C SER L 263 -26.27 -92.28 -25.44
N LYS L 264 -25.57 -93.38 -25.10
CA LYS L 264 -25.45 -93.71 -23.70
C LYS L 264 -24.53 -92.70 -23.04
N ILE L 265 -25.01 -92.13 -21.96
CA ILE L 265 -24.32 -91.00 -21.33
C ILE L 265 -23.03 -91.50 -20.69
N PRO L 266 -21.93 -90.78 -20.84
CA PRO L 266 -20.67 -91.25 -20.24
C PRO L 266 -20.68 -91.26 -18.73
N THR L 267 -21.24 -90.25 -18.10
CA THR L 267 -21.59 -90.39 -16.70
C THR L 267 -22.88 -91.18 -16.62
N GLU L 268 -23.25 -91.63 -15.44
CA GLU L 268 -24.44 -92.47 -15.34
C GLU L 268 -25.71 -91.68 -15.61
N VAL L 269 -25.75 -90.42 -15.21
CA VAL L 269 -26.91 -89.59 -15.46
C VAL L 269 -26.47 -88.23 -15.96
N LEU L 270 -27.42 -87.55 -16.60
CA LEU L 270 -27.34 -86.14 -16.90
C LEU L 270 -27.91 -85.42 -15.69
N ILE L 271 -27.02 -84.93 -14.84
CA ILE L 271 -27.46 -84.22 -13.65
C ILE L 271 -27.95 -82.83 -14.06
N THR L 272 -29.22 -82.56 -13.82
CA THR L 272 -29.74 -81.22 -14.07
C THR L 272 -29.20 -80.25 -13.03
N ASP L 273 -29.26 -78.97 -13.34
CA ASP L 273 -28.46 -77.99 -12.60
C ASP L 273 -28.99 -77.76 -11.20
N ARG L 274 -30.30 -77.93 -11.00
CA ARG L 274 -30.82 -77.89 -9.65
C ARG L 274 -30.30 -79.06 -8.84
N LYS L 275 -30.20 -80.23 -9.47
CA LYS L 275 -29.66 -81.39 -8.78
C LYS L 275 -28.18 -81.23 -8.50
N GLU L 276 -27.48 -80.50 -9.38
CA GLU L 276 -26.07 -80.24 -9.15
C GLU L 276 -25.87 -79.31 -7.97
N PHE L 277 -26.68 -78.25 -7.89
CA PHE L 277 -26.51 -77.31 -6.79
C PHE L 277 -26.90 -77.96 -5.48
N GLU L 278 -27.82 -78.92 -5.51
CA GLU L 278 -28.14 -79.64 -4.30
C GLU L 278 -26.99 -80.54 -3.87
N LEU L 279 -26.36 -81.23 -4.84
CA LEU L 279 -25.19 -82.03 -4.50
C LEU L 279 -24.03 -81.16 -4.05
N ALA L 280 -24.00 -79.91 -4.49
CA ALA L 280 -22.95 -79.01 -4.04
C ALA L 280 -23.21 -78.54 -2.63
N GLU L 281 -24.47 -78.39 -2.26
CA GLU L 281 -24.76 -77.99 -0.89
C GLU L 281 -24.59 -79.12 0.10
N GLU L 282 -24.66 -80.36 -0.38
CA GLU L 282 -24.47 -81.49 0.52
C GLU L 282 -23.02 -81.89 0.67
N GLY L 283 -22.11 -81.16 0.03
CA GLY L 283 -20.70 -81.47 0.13
C GLY L 283 -20.20 -82.50 -0.84
N PHE L 284 -20.79 -82.57 -2.02
CA PHE L 284 -20.37 -83.56 -3.01
C PHE L 284 -19.90 -82.83 -4.26
N ILE L 285 -19.02 -83.48 -5.01
CA ILE L 285 -18.46 -82.93 -6.23
C ILE L 285 -19.19 -83.61 -7.38
N ALA L 286 -20.08 -82.89 -8.04
CA ALA L 286 -20.92 -83.50 -9.05
C ALA L 286 -20.21 -83.44 -10.39
N LEU L 287 -19.81 -84.58 -10.91
CA LEU L 287 -19.34 -84.66 -12.29
C LEU L 287 -20.53 -84.52 -13.21
N THR L 288 -20.66 -83.37 -13.86
CA THR L 288 -21.83 -83.09 -14.69
C THR L 288 -21.52 -83.27 -16.16
N MET L 289 -22.34 -84.08 -16.82
CA MET L 289 -22.21 -84.31 -18.23
C MET L 289 -22.75 -83.11 -18.97
N ARG L 290 -22.07 -82.71 -20.03
CA ARG L 290 -22.59 -81.69 -20.93
C ARG L 290 -23.39 -82.36 -22.04
N LYS L 291 -24.71 -82.15 -22.02
CA LYS L 291 -25.62 -82.88 -22.90
C LYS L 291 -25.34 -82.59 -24.36
N GLY L 292 -25.27 -83.65 -25.16
CA GLY L 292 -24.99 -83.52 -26.57
C GLY L 292 -23.53 -83.43 -26.91
N SER L 293 -22.66 -83.60 -25.92
CA SER L 293 -21.23 -83.60 -26.17
C SER L 293 -20.66 -84.89 -25.65
N ASP L 294 -19.34 -84.98 -25.61
CA ASP L 294 -18.63 -86.05 -24.94
C ASP L 294 -17.72 -85.48 -23.86
N ASN L 295 -18.11 -84.35 -23.30
CA ASN L 295 -17.29 -83.60 -22.38
C ASN L 295 -18.06 -83.44 -21.07
N ALA L 296 -17.33 -83.37 -19.96
CA ALA L 296 -17.96 -83.24 -18.67
C ALA L 296 -17.26 -82.15 -17.87
N ALA L 297 -17.86 -81.76 -16.76
CA ALA L 297 -17.31 -80.64 -16.02
C ALA L 297 -17.71 -80.71 -14.55
N PHE L 298 -16.85 -80.17 -13.72
CA PHE L 298 -17.13 -79.93 -12.31
C PHE L 298 -17.65 -78.51 -12.19
N PHE L 299 -18.96 -78.35 -12.00
CA PHE L 299 -19.46 -77.01 -11.73
C PHE L 299 -19.13 -76.56 -10.33
N SER L 300 -18.78 -77.48 -9.44
CA SER L 300 -18.55 -77.15 -8.04
C SER L 300 -17.62 -78.18 -7.46
N ALA L 301 -16.81 -77.75 -6.49
CA ALA L 301 -15.88 -78.64 -5.80
C ALA L 301 -15.91 -78.33 -4.31
N ASN L 302 -17.09 -78.31 -3.71
CA ASN L 302 -17.18 -78.14 -2.27
C ASN L 302 -16.58 -79.33 -1.54
N SER L 303 -16.22 -79.11 -0.27
CA SER L 303 -15.80 -80.19 0.62
C SER L 303 -16.95 -80.55 1.54
N ILE L 304 -16.67 -81.42 2.50
CA ILE L 304 -17.73 -82.06 3.28
C ILE L 304 -18.36 -81.10 4.27
N GLN L 305 -17.58 -80.18 4.82
CA GLN L 305 -17.98 -79.50 6.05
C GLN L 305 -19.16 -78.57 5.84
N LYS L 306 -20.11 -78.67 6.72
CA LYS L 306 -21.35 -77.92 6.63
C LYS L 306 -21.07 -76.45 6.83
N PRO L 307 -21.45 -75.60 5.89
CA PRO L 307 -21.18 -74.18 6.02
C PRO L 307 -22.04 -73.59 7.12
N LYS L 308 -21.39 -72.97 8.09
CA LYS L 308 -22.10 -72.50 9.29
C LYS L 308 -22.99 -71.31 8.99
N VAL L 309 -23.98 -71.11 9.85
CA VAL L 309 -24.85 -69.94 9.83
C VAL L 309 -24.55 -69.09 11.06
N PHE L 310 -24.27 -67.81 10.84
CA PHE L 310 -23.96 -66.86 11.90
C PHE L 310 -25.05 -65.80 11.94
N PRO L 311 -25.18 -65.02 13.01
CA PRO L 311 -26.24 -64.00 13.05
C PRO L 311 -26.03 -62.95 11.98
N ASN L 312 -27.12 -62.36 11.51
CA ASN L 312 -27.05 -61.43 10.38
C ASN L 312 -26.72 -60.02 10.88
N THR L 313 -25.48 -59.87 11.31
CA THR L 313 -24.91 -58.56 11.60
C THR L 313 -23.75 -58.35 10.66
N LYS L 314 -22.97 -57.29 10.89
CA LYS L 314 -21.77 -57.06 10.09
C LYS L 314 -20.71 -58.10 10.39
N GLU L 315 -20.40 -58.28 11.68
CA GLU L 315 -19.41 -59.25 12.09
C GLU L 315 -19.85 -60.68 11.78
N GLY L 316 -21.17 -60.92 11.82
CA GLY L 316 -21.66 -62.24 11.49
C GLY L 316 -21.48 -62.58 10.02
N LYS L 317 -21.66 -61.62 9.13
CA LYS L 317 -21.46 -61.94 7.74
C LYS L 317 -19.99 -62.03 7.39
N GLU L 318 -19.11 -61.32 8.11
CA GLU L 318 -17.70 -61.54 7.90
C GLU L 318 -17.29 -62.94 8.34
N ALA L 319 -17.81 -63.39 9.47
CA ALA L 319 -17.39 -64.69 9.97
C ALA L 319 -17.99 -65.82 9.13
N GLU L 320 -19.19 -65.62 8.58
CA GLU L 320 -19.70 -66.58 7.61
C GLU L 320 -18.88 -66.58 6.34
N THR L 321 -18.40 -65.40 5.93
CA THR L 321 -17.60 -65.30 4.72
C THR L 321 -16.31 -66.08 4.87
N ASN L 322 -15.69 -65.97 6.04
CA ASN L 322 -14.46 -66.70 6.27
C ASN L 322 -14.74 -68.19 6.36
N TYR L 323 -15.89 -68.53 6.93
CA TYR L 323 -16.14 -69.93 7.16
C TYR L 323 -16.56 -70.63 5.88
N LYS L 324 -17.11 -69.91 4.90
CA LYS L 324 -17.36 -70.55 3.61
C LYS L 324 -16.15 -70.48 2.70
N LEU L 325 -15.20 -69.59 2.99
CA LEU L 325 -13.93 -69.71 2.28
C LEU L 325 -13.16 -70.93 2.75
N GLY L 326 -13.28 -71.27 4.03
CA GLY L 326 -12.49 -72.37 4.55
C GLY L 326 -12.93 -73.72 4.03
N THR L 327 -14.20 -73.86 3.70
CA THR L 327 -14.72 -75.20 3.46
C THR L 327 -14.81 -75.58 1.99
N GLN L 328 -14.06 -74.94 1.10
CA GLN L 328 -14.08 -75.34 -0.30
C GLN L 328 -12.67 -75.66 -0.75
N LEU L 329 -12.53 -76.78 -1.46
CA LEU L 329 -11.21 -77.26 -1.87
C LEU L 329 -10.38 -76.32 -2.75
N PRO L 330 -10.90 -75.53 -3.69
CA PRO L 330 -10.01 -74.63 -4.44
C PRO L 330 -9.43 -73.49 -3.64
N TYR L 331 -9.72 -73.39 -2.35
CA TYR L 331 -9.02 -72.50 -1.46
C TYR L 331 -8.15 -73.26 -0.48
N MET L 332 -8.58 -74.46 -0.09
CA MET L 332 -7.76 -75.27 0.78
C MET L 332 -6.55 -75.81 0.06
N MET L 333 -6.57 -75.85 -1.27
CA MET L 333 -5.33 -76.21 -1.93
C MET L 333 -4.33 -75.05 -1.89
N ILE L 334 -4.83 -73.82 -1.88
CA ILE L 334 -3.97 -72.67 -1.67
C ILE L 334 -3.34 -72.71 -0.28
N ILE L 335 -4.14 -73.01 0.73
CA ILE L 335 -3.60 -73.05 2.09
C ILE L 335 -2.72 -74.27 2.30
N ASN L 336 -2.98 -75.35 1.56
CA ASN L 336 -2.08 -76.50 1.63
C ASN L 336 -0.72 -76.17 1.04
N ARG L 337 -0.69 -75.44 -0.07
CA ARG L 337 0.60 -75.11 -0.67
C ARG L 337 1.35 -74.08 0.15
N LEU L 338 0.64 -73.16 0.80
CA LEU L 338 1.33 -72.27 1.73
C LEU L 338 1.83 -73.01 2.95
N ALA L 339 1.09 -74.01 3.43
CA ALA L 339 1.55 -74.76 4.59
C ALA L 339 2.79 -75.56 4.24
N HIS L 340 2.85 -76.08 3.01
CA HIS L 340 4.01 -76.84 2.60
C HIS L 340 5.22 -75.95 2.40
N TYR L 341 5.05 -74.79 1.78
CA TYR L 341 6.21 -73.91 1.62
C TYR L 341 6.66 -73.34 2.96
N VAL L 342 5.74 -73.11 3.88
CA VAL L 342 6.12 -72.56 5.17
C VAL L 342 6.89 -73.59 5.99
N LYS L 343 6.46 -74.84 5.94
CA LYS L 343 7.21 -75.88 6.62
C LYS L 343 8.58 -76.09 6.00
N VAL L 344 8.62 -76.26 4.68
CA VAL L 344 9.85 -76.68 4.02
C VAL L 344 10.87 -75.54 4.01
N LEU L 345 10.42 -74.32 3.73
CA LEU L 345 11.37 -73.21 3.79
C LEU L 345 11.70 -72.79 5.21
N GLN L 346 10.73 -72.84 6.13
CA GLN L 346 11.05 -72.39 7.48
C GLN L 346 11.69 -73.51 8.30
N ARG L 347 12.10 -74.62 7.69
CA ARG L 347 13.08 -75.45 8.36
C ARG L 347 14.50 -75.05 8.01
N GLU L 348 14.68 -74.29 6.93
CA GLU L 348 16.04 -73.95 6.56
C GLU L 348 16.54 -72.73 7.31
N GLN L 349 15.69 -72.09 8.10
CA GLN L 349 16.12 -70.92 8.84
C GLN L 349 16.35 -71.19 10.31
N ILE L 350 16.14 -72.42 10.77
CA ILE L 350 16.44 -72.76 12.16
C ILE L 350 17.94 -72.64 12.38
N GLY L 351 18.33 -71.67 13.19
CA GLY L 351 19.73 -71.39 13.40
C GLY L 351 20.21 -70.10 12.79
N ALA L 352 19.32 -69.29 12.24
CA ALA L 352 19.74 -67.98 11.80
C ALA L 352 19.41 -66.94 12.85
N TRP L 353 20.25 -65.90 12.91
CA TRP L 353 20.10 -64.85 13.91
C TRP L 353 18.87 -64.03 13.56
N LYS L 354 17.74 -64.40 14.14
CA LYS L 354 16.46 -63.78 13.82
C LYS L 354 15.88 -63.12 15.05
N GLU L 355 15.31 -61.95 14.86
CA GLU L 355 14.47 -61.35 15.87
C GLU L 355 13.01 -61.49 15.47
N ARG L 356 12.14 -60.81 16.23
CA ARG L 356 10.71 -60.85 15.93
C ARG L 356 10.40 -60.11 14.63
N GLN L 357 10.80 -58.85 14.54
CA GLN L 357 10.62 -58.07 13.33
C GLN L 357 11.42 -58.61 12.17
N ASP L 358 12.42 -59.45 12.42
CA ASP L 358 13.03 -60.20 11.33
C ASP L 358 12.03 -61.13 10.69
N LEU L 359 11.22 -61.83 11.49
CA LEU L 359 10.23 -62.70 10.87
C LEU L 359 9.11 -61.90 10.24
N GLU L 360 8.79 -60.72 10.78
CA GLU L 360 7.81 -59.90 10.08
C GLU L 360 8.33 -59.46 8.72
N ARG L 361 9.60 -59.08 8.66
CA ARG L 361 10.14 -58.56 7.41
C ARG L 361 10.35 -59.69 6.41
N GLU L 362 10.84 -60.83 6.87
CA GLU L 362 11.15 -61.91 5.94
C GLU L 362 9.90 -62.65 5.50
N LEU L 363 8.89 -62.73 6.35
CA LEU L 363 7.66 -63.35 5.88
C LEU L 363 6.86 -62.40 5.00
N ASN L 364 6.90 -61.10 5.28
CA ASN L 364 6.16 -60.18 4.42
C ASN L 364 6.83 -60.05 3.06
N SER L 365 8.15 -59.99 3.02
CA SER L 365 8.83 -60.04 1.74
C SER L 365 8.78 -61.42 1.12
N TRP L 366 8.48 -62.44 1.93
CA TRP L 366 8.29 -63.78 1.37
C TRP L 366 6.95 -63.90 0.69
N ILE L 367 5.94 -63.21 1.23
CA ILE L 367 4.58 -63.40 0.76
C ILE L 367 4.19 -62.30 -0.22
N LYS L 368 5.03 -61.28 -0.40
CA LYS L 368 4.81 -60.35 -1.52
C LYS L 368 5.11 -61.00 -2.85
N GLN L 369 5.72 -62.18 -2.83
CA GLN L 369 5.78 -63.04 -4.00
C GLN L 369 4.39 -63.42 -4.49
N TYR L 370 3.44 -63.64 -3.58
CA TYR L 370 2.17 -64.23 -3.98
C TYR L 370 1.01 -63.26 -3.89
N VAL L 371 1.27 -61.97 -3.84
CA VAL L 371 0.21 -60.97 -3.75
C VAL L 371 0.01 -60.34 -5.12
N ALA L 372 -1.21 -60.38 -5.63
CA ALA L 372 -1.53 -59.73 -6.89
C ALA L 372 -2.59 -58.68 -6.60
N ASP L 373 -2.16 -57.50 -6.18
CA ASP L 373 -3.08 -56.48 -5.66
C ASP L 373 -3.19 -55.27 -6.56
N GLN L 374 -3.13 -55.46 -7.86
CA GLN L 374 -3.34 -54.34 -8.75
C GLN L 374 -4.83 -54.07 -8.91
N GLU L 375 -5.16 -53.23 -9.89
CA GLU L 375 -6.55 -52.85 -10.07
C GLU L 375 -7.34 -53.97 -10.69
N ASN L 376 -6.81 -54.57 -11.73
CA ASN L 376 -7.57 -55.57 -12.46
C ASN L 376 -6.62 -56.53 -13.13
N PRO L 377 -6.10 -57.53 -12.42
CA PRO L 377 -5.18 -58.46 -13.05
C PRO L 377 -5.94 -59.44 -13.92
N PRO L 378 -5.37 -59.86 -15.03
CA PRO L 378 -6.04 -60.84 -15.89
C PRO L 378 -6.03 -62.22 -15.27
N ALA L 379 -6.64 -63.17 -15.96
CA ALA L 379 -6.96 -64.46 -15.36
C ALA L 379 -5.71 -65.29 -15.06
N ASP L 380 -4.66 -65.12 -15.85
CA ASP L 380 -3.46 -65.92 -15.66
C ASP L 380 -2.66 -65.47 -14.45
N VAL L 381 -2.52 -64.16 -14.29
CA VAL L 381 -1.76 -63.63 -13.15
C VAL L 381 -2.51 -63.88 -11.86
N ARG L 382 -3.84 -63.88 -11.92
CA ARG L 382 -4.61 -64.39 -10.80
C ARG L 382 -4.42 -65.88 -10.63
N SER L 383 -4.14 -66.62 -11.69
CA SER L 383 -4.04 -68.05 -11.56
C SER L 383 -2.74 -68.46 -10.89
N ARG L 384 -1.68 -67.69 -11.10
CA ARG L 384 -0.40 -68.08 -10.51
C ARG L 384 0.00 -67.24 -9.31
N ARG L 385 -0.75 -66.20 -8.98
CA ARG L 385 -0.56 -65.46 -7.73
C ARG L 385 -1.92 -65.41 -7.06
N PRO L 386 -2.25 -66.42 -6.28
CA PRO L 386 -3.65 -66.61 -5.94
C PRO L 386 -4.17 -65.67 -4.86
N LEU L 387 -3.35 -65.27 -3.90
CA LEU L 387 -3.87 -64.57 -2.73
C LEU L 387 -3.72 -63.06 -2.91
N ARG L 388 -4.75 -62.31 -2.53
CA ARG L 388 -4.76 -60.89 -2.85
C ARG L 388 -4.19 -60.05 -1.71
N ALA L 389 -4.43 -60.46 -0.48
CA ALA L 389 -3.88 -59.73 0.65
C ALA L 389 -3.20 -60.70 1.60
N ALA L 390 -2.27 -60.18 2.39
CA ALA L 390 -1.65 -60.99 3.41
C ALA L 390 -1.29 -60.11 4.58
N ARG L 391 -1.72 -60.53 5.77
CA ARG L 391 -1.47 -59.81 7.00
C ARG L 391 -0.81 -60.75 7.99
N ILE L 392 0.43 -60.48 8.33
CA ILE L 392 1.24 -61.39 9.14
C ILE L 392 1.54 -60.73 10.47
N GLU L 393 1.27 -61.43 11.56
CA GLU L 393 1.64 -60.96 12.87
C GLU L 393 2.61 -61.95 13.49
N VAL L 394 3.73 -61.46 13.98
CA VAL L 394 4.75 -62.29 14.59
C VAL L 394 4.92 -61.87 16.03
N MET L 395 4.73 -62.82 16.95
CA MET L 395 4.87 -62.56 18.37
C MET L 395 5.79 -63.62 18.98
N ASP L 396 6.28 -63.32 20.17
CA ASP L 396 7.21 -64.21 20.86
C ASP L 396 6.43 -65.10 21.81
N VAL L 397 6.90 -66.33 21.97
CA VAL L 397 6.45 -67.15 23.07
C VAL L 397 7.24 -66.66 24.28
N GLU L 398 6.54 -65.99 25.21
CA GLU L 398 7.22 -65.35 26.33
C GLU L 398 7.78 -66.39 27.29
N GLY L 399 9.01 -66.19 27.71
CA GLY L 399 9.63 -67.13 28.60
C GLY L 399 10.09 -68.41 27.94
N ASN L 400 10.19 -68.41 26.62
CA ASN L 400 10.70 -69.56 25.88
C ASN L 400 11.43 -69.03 24.67
N PRO L 401 12.71 -68.69 24.82
CA PRO L 401 13.32 -67.68 23.95
C PRO L 401 13.61 -68.21 22.57
N GLY L 402 13.46 -67.33 21.59
CA GLY L 402 13.60 -67.69 20.21
C GLY L 402 12.31 -68.15 19.56
N TRP L 403 11.48 -68.88 20.28
CA TRP L 403 10.25 -69.45 19.75
C TRP L 403 9.28 -68.36 19.38
N TYR L 404 8.96 -68.27 18.10
CA TYR L 404 8.14 -67.19 17.58
C TYR L 404 6.77 -67.74 17.20
N GLN L 405 5.76 -66.89 17.28
CA GLN L 405 4.37 -67.32 17.11
C GLN L 405 3.75 -66.46 16.02
N VAL L 406 3.36 -67.08 14.92
CA VAL L 406 3.03 -66.35 13.70
C VAL L 406 1.61 -66.65 13.29
N SER L 407 0.86 -65.62 12.94
CA SER L 407 -0.45 -65.77 12.32
C SER L 407 -0.38 -65.25 10.89
N LEU L 408 -0.58 -66.14 9.93
CA LEU L 408 -0.53 -65.80 8.52
C LEU L 408 -1.92 -65.95 7.95
N SER L 409 -2.52 -64.82 7.60
CA SER L 409 -3.91 -64.76 7.17
C SER L 409 -3.97 -64.23 5.75
N VAL L 410 -4.61 -64.96 4.85
CA VAL L 410 -4.67 -64.59 3.45
C VAL L 410 -6.10 -64.36 3.02
N ARG L 411 -6.27 -63.66 1.90
CA ARG L 411 -7.58 -63.40 1.30
C ARG L 411 -7.50 -63.74 -0.17
N PRO L 412 -8.00 -64.89 -0.59
CA PRO L 412 -7.77 -65.34 -1.95
C PRO L 412 -8.67 -64.60 -2.93
N HIS L 413 -8.38 -64.80 -4.21
CA HIS L 413 -9.29 -64.31 -5.23
C HIS L 413 -10.57 -65.11 -5.22
N PHE L 414 -11.69 -64.41 -5.16
CA PHE L 414 -12.98 -65.06 -5.20
C PHE L 414 -13.26 -65.54 -6.60
N LYS L 415 -13.60 -66.81 -6.72
CA LYS L 415 -13.95 -67.35 -8.02
C LYS L 415 -15.46 -67.39 -8.15
N TYR L 416 -15.95 -67.07 -9.34
CA TYR L 416 -17.37 -66.79 -9.60
C TYR L 416 -18.19 -68.06 -9.46
N MET L 417 -18.95 -68.17 -8.36
CA MET L 417 -19.71 -69.38 -8.11
C MET L 417 -21.17 -69.12 -7.79
N GLY L 418 -21.85 -68.35 -8.61
CA GLY L 418 -23.30 -68.25 -8.51
C GLY L 418 -23.74 -66.80 -8.45
N ALA L 419 -24.89 -66.54 -9.07
CA ALA L 419 -25.45 -65.20 -9.04
C ALA L 419 -26.95 -65.31 -9.26
N ASN L 420 -27.68 -64.29 -8.81
CA ASN L 420 -29.09 -64.16 -9.10
C ASN L 420 -29.32 -62.97 -10.01
N PHE L 421 -30.19 -63.13 -11.00
CA PHE L 421 -30.48 -62.06 -11.93
C PHE L 421 -31.95 -61.70 -11.88
N GLU L 422 -32.21 -60.40 -11.92
CA GLU L 422 -33.56 -59.87 -12.02
C GLU L 422 -33.59 -58.93 -13.21
N LEU L 423 -34.48 -59.15 -14.15
CA LEU L 423 -34.59 -58.32 -15.34
C LEU L 423 -35.91 -57.57 -15.33
N SER L 424 -35.94 -56.40 -15.98
CA SER L 424 -37.15 -55.61 -16.02
C SER L 424 -37.14 -54.66 -17.20
N LEU L 425 -38.17 -54.70 -18.01
CA LEU L 425 -38.35 -53.70 -19.05
C LEU L 425 -38.74 -52.39 -18.38
N VAL L 426 -38.25 -51.28 -18.93
CA VAL L 426 -38.60 -49.96 -18.41
C VAL L 426 -38.38 -48.94 -19.52
N GLY L 427 -39.15 -47.86 -19.50
CA GLY L 427 -38.87 -46.70 -20.31
C GLY L 427 -37.97 -45.77 -19.52
N ARG L 428 -37.76 -44.55 -20.03
CA ARG L 428 -37.24 -43.40 -19.30
C ARG L 428 -35.77 -43.55 -18.87
N LEU L 429 -35.13 -44.70 -19.13
CA LEU L 429 -33.81 -44.96 -18.59
C LEU L 429 -32.74 -44.21 -19.37
N ASP L 430 -31.74 -43.72 -18.65
CA ASP L 430 -30.60 -43.03 -19.26
C ASP L 430 -29.71 -44.02 -19.99
N SER A 1 -76.66 -31.35 -29.27
CA SER A 1 -75.36 -31.21 -28.62
C SER A 1 -74.61 -30.05 -29.22
N LYS A 2 -73.47 -29.73 -28.60
CA LYS A 2 -72.65 -28.62 -29.06
C LYS A 2 -71.18 -28.96 -29.25
N GLU A 3 -70.69 -30.07 -28.70
CA GLU A 3 -69.30 -30.44 -28.82
C GLU A 3 -69.01 -31.37 -29.98
N GLY A 4 -70.01 -31.58 -30.85
CA GLY A 4 -69.82 -32.57 -31.88
C GLY A 4 -69.89 -33.96 -31.25
N SER A 5 -69.33 -34.91 -31.98
CA SER A 5 -69.26 -36.28 -31.48
C SER A 5 -67.99 -36.92 -32.03
N VAL A 6 -67.63 -38.04 -31.42
CA VAL A 6 -66.48 -38.81 -31.83
C VAL A 6 -66.90 -40.26 -32.02
N ALA A 7 -66.05 -41.02 -32.67
CA ALA A 7 -66.23 -42.46 -32.72
C ALA A 7 -65.74 -43.06 -31.41
N PRO A 8 -66.10 -44.30 -31.10
CA PRO A 8 -65.40 -44.99 -30.02
C PRO A 8 -63.94 -45.19 -30.39
N LYS A 9 -63.09 -45.25 -29.36
CA LYS A 9 -61.65 -45.13 -29.51
C LYS A 9 -61.09 -46.33 -30.27
N GLU A 10 -60.25 -46.03 -31.24
CA GLU A 10 -59.65 -47.03 -32.10
C GLU A 10 -58.14 -46.96 -31.94
N ARG A 11 -57.41 -47.66 -32.80
CA ARG A 11 -55.96 -47.53 -32.85
C ARG A 11 -55.54 -46.13 -33.30
N ILE A 12 -56.22 -45.57 -34.29
CA ILE A 12 -55.90 -44.26 -34.81
C ILE A 12 -57.12 -43.38 -34.62
N ASN A 13 -57.08 -42.50 -33.62
CA ASN A 13 -58.19 -41.59 -33.37
C ASN A 13 -57.97 -40.31 -34.15
N ILE A 14 -58.87 -40.02 -35.08
CA ILE A 14 -58.83 -38.77 -35.82
C ILE A 14 -60.14 -38.05 -35.62
N LYS A 15 -60.07 -36.85 -35.06
CA LYS A 15 -61.21 -35.98 -34.92
C LYS A 15 -60.77 -34.58 -35.26
N TYR A 16 -61.71 -33.75 -35.66
CA TYR A 16 -61.41 -32.38 -36.03
C TYR A 16 -61.99 -31.44 -34.99
N ILE A 17 -61.16 -30.54 -34.51
CA ILE A 17 -61.57 -29.51 -33.56
C ILE A 17 -61.42 -28.16 -34.24
N PRO A 18 -61.99 -27.11 -33.68
CA PRO A 18 -61.60 -25.78 -34.15
C PRO A 18 -60.17 -25.52 -33.71
N ALA A 19 -59.26 -25.66 -34.66
CA ALA A 19 -57.86 -25.75 -34.34
C ALA A 19 -57.21 -24.40 -34.15
N THR A 20 -58.01 -23.33 -34.10
CA THR A 20 -57.48 -22.02 -33.81
C THR A 20 -56.91 -21.97 -32.41
N GLY A 21 -57.51 -22.70 -31.49
CA GLY A 21 -57.03 -22.82 -30.13
C GLY A 21 -57.09 -21.50 -29.40
N ASP A 22 -58.07 -20.68 -29.79
CA ASP A 22 -58.11 -19.30 -29.33
C ASP A 22 -58.62 -19.28 -27.90
N ALA A 23 -57.68 -19.44 -26.98
CA ALA A 23 -57.96 -19.14 -25.58
C ALA A 23 -58.21 -17.66 -25.45
N GLN A 24 -59.03 -17.30 -24.44
CA GLN A 24 -59.54 -15.95 -24.21
C GLN A 24 -60.26 -15.41 -25.44
N ALA A 25 -61.08 -16.26 -26.05
CA ALA A 25 -61.98 -15.87 -27.13
C ALA A 25 -63.36 -16.39 -26.81
N GLU A 26 -64.33 -15.48 -26.70
CA GLU A 26 -65.70 -15.83 -26.45
C GLU A 26 -66.58 -15.18 -27.49
N ALA A 27 -67.76 -15.73 -27.72
CA ALA A 27 -68.63 -15.33 -28.79
C ALA A 27 -69.76 -14.49 -28.22
N GLU A 28 -70.06 -13.39 -28.89
CA GLU A 28 -71.20 -12.55 -28.56
C GLU A 28 -71.88 -12.10 -29.84
N VAL A 29 -73.21 -12.05 -29.82
CA VAL A 29 -73.92 -11.41 -30.91
C VAL A 29 -73.82 -9.91 -30.70
N GLU A 30 -73.62 -9.16 -31.79
CA GLU A 30 -73.71 -7.72 -31.71
C GLU A 30 -75.10 -7.32 -31.26
N LEU A 31 -75.20 -6.83 -30.05
CA LEU A 31 -76.48 -6.64 -29.42
C LEU A 31 -77.23 -5.52 -30.12
N PRO A 32 -78.52 -5.68 -30.37
CA PRO A 32 -79.27 -4.65 -31.07
C PRO A 32 -79.52 -3.46 -30.17
N LEU A 33 -79.37 -2.27 -30.74
CA LEU A 33 -79.72 -1.03 -30.05
C LEU A 33 -81.24 -0.90 -30.07
N LYS A 34 -81.88 -1.61 -29.15
CA LYS A 34 -83.33 -1.77 -29.24
C LYS A 34 -84.03 -0.55 -28.67
N THR A 35 -84.37 0.38 -29.55
CA THR A 35 -85.05 1.60 -29.15
C THR A 35 -86.50 1.28 -28.84
N LEU A 36 -86.96 1.73 -27.69
CA LEU A 36 -88.33 1.47 -27.26
C LEU A 36 -89.10 2.77 -27.34
N VAL A 37 -89.71 3.02 -28.49
CA VAL A 37 -90.49 4.24 -28.68
C VAL A 37 -91.78 4.10 -27.92
N VAL A 38 -92.01 5.00 -26.97
CA VAL A 38 -93.20 5.00 -26.13
C VAL A 38 -93.94 6.31 -26.34
N GLY A 39 -95.16 6.24 -26.84
CA GLY A 39 -95.92 7.45 -27.05
C GLY A 39 -97.38 7.13 -27.29
N ASP A 40 -98.19 8.18 -27.30
CA ASP A 40 -99.64 8.05 -27.48
C ASP A 40 -99.90 7.67 -28.93
N PHE A 41 -100.37 6.45 -29.12
CA PHE A 41 -100.50 5.86 -30.44
C PHE A 41 -101.91 5.41 -30.78
N LYS A 42 -102.86 5.57 -29.88
CA LYS A 42 -104.25 5.23 -30.14
C LYS A 42 -105.13 6.31 -29.53
N GLY A 43 -106.37 6.40 -30.01
CA GLY A 43 -107.20 7.50 -29.65
C GLY A 43 -107.90 7.40 -28.32
N HIS A 44 -107.52 6.46 -27.48
CA HIS A 44 -108.27 6.22 -26.26
C HIS A 44 -107.38 5.53 -25.23
N ALA A 45 -107.83 5.57 -24.00
CA ALA A 45 -107.20 4.80 -22.94
C ALA A 45 -107.65 3.35 -23.02
N GLU A 46 -106.75 2.45 -22.69
CA GLU A 46 -107.09 1.04 -22.60
C GLU A 46 -107.16 0.60 -21.15
N GLN A 47 -108.18 -0.19 -20.84
CA GLN A 47 -108.36 -0.68 -19.48
C GLN A 47 -107.32 -1.72 -19.10
N THR A 48 -106.64 -2.30 -20.09
CA THR A 48 -105.69 -3.37 -19.84
C THR A 48 -104.49 -2.82 -19.09
N PRO A 49 -104.07 -3.45 -17.98
CA PRO A 49 -102.97 -2.91 -17.19
C PRO A 49 -101.66 -2.98 -17.95
N LEU A 50 -100.68 -2.22 -17.46
CA LEU A 50 -99.51 -1.92 -18.26
C LEU A 50 -98.61 -3.13 -18.40
N GLU A 51 -98.64 -4.03 -17.43
CA GLU A 51 -97.79 -5.21 -17.49
C GLU A 51 -98.29 -6.23 -18.49
N GLU A 52 -99.55 -6.16 -18.91
CA GLU A 52 -100.10 -7.21 -19.76
C GLU A 52 -100.10 -6.84 -21.24
N ARG A 53 -100.19 -5.56 -21.59
CA ARG A 53 -100.14 -5.20 -22.99
C ARG A 53 -98.73 -5.41 -23.52
N ALA A 54 -98.61 -5.69 -24.81
CA ALA A 54 -97.37 -6.20 -25.36
C ALA A 54 -96.68 -5.19 -26.26
N THR A 55 -95.37 -5.36 -26.41
CA THR A 55 -94.60 -4.55 -27.34
C THR A 55 -94.84 -5.05 -28.77
N VAL A 56 -94.71 -4.14 -29.71
CA VAL A 56 -94.96 -4.43 -31.12
C VAL A 56 -93.70 -4.16 -31.90
N THR A 57 -93.13 -5.21 -32.47
CA THR A 57 -91.93 -5.05 -33.29
C THR A 57 -92.31 -4.36 -34.59
N VAL A 58 -91.57 -3.32 -34.94
CA VAL A 58 -91.82 -2.53 -36.13
C VAL A 58 -90.55 -2.50 -36.96
N ASP A 59 -90.65 -2.87 -38.22
CA ASP A 59 -89.56 -2.54 -39.13
C ASP A 59 -90.16 -1.83 -40.34
N LYS A 60 -89.32 -1.63 -41.35
CA LYS A 60 -89.81 -1.06 -42.58
C LYS A 60 -90.70 -2.03 -43.32
N ASN A 61 -90.54 -3.33 -43.08
CA ASN A 61 -91.20 -4.33 -43.88
C ASN A 61 -92.58 -4.68 -43.39
N ASN A 62 -92.97 -4.25 -42.19
CA ASN A 62 -94.35 -4.48 -41.81
C ASN A 62 -95.02 -3.28 -41.15
N PHE A 63 -94.61 -2.05 -41.46
CA PHE A 63 -95.16 -0.89 -40.78
C PHE A 63 -96.62 -0.68 -41.13
N GLU A 64 -96.97 -0.93 -42.38
CA GLU A 64 -98.39 -0.89 -42.75
C GLU A 64 -99.15 -2.03 -42.10
N ALA A 65 -98.47 -3.14 -41.83
CA ALA A 65 -99.12 -4.22 -41.10
C ALA A 65 -99.27 -3.87 -39.63
N VAL A 66 -98.36 -3.06 -39.11
CA VAL A 66 -98.46 -2.64 -37.70
C VAL A 66 -99.59 -1.64 -37.53
N MET A 67 -99.68 -0.67 -38.44
CA MET A 67 -100.82 0.24 -38.39
C MET A 67 -102.11 -0.49 -38.73
N ARG A 68 -102.03 -1.57 -39.51
CA ARG A 68 -103.22 -2.33 -39.85
C ARG A 68 -103.74 -3.09 -38.64
N GLU A 69 -102.84 -3.77 -37.91
CA GLU A 69 -103.28 -4.54 -36.76
C GLU A 69 -103.57 -3.66 -35.56
N SER A 70 -103.11 -2.42 -35.58
CA SER A 70 -103.28 -1.55 -34.42
C SER A 70 -104.73 -1.16 -34.21
N GLU A 71 -105.53 -1.16 -35.29
CA GLU A 71 -106.95 -0.80 -35.30
C GLU A 71 -107.16 0.60 -34.77
N LEU A 72 -106.59 1.59 -35.46
CA LEU A 72 -106.63 2.97 -35.05
C LEU A 72 -108.05 3.50 -35.14
N LYS A 73 -108.32 4.58 -34.41
CA LYS A 73 -109.65 5.14 -34.35
C LYS A 73 -109.58 6.55 -33.80
N ILE A 74 -110.38 7.45 -34.36
CA ILE A 74 -110.65 8.75 -33.79
C ILE A 74 -112.14 9.01 -33.89
N THR A 75 -112.77 9.32 -32.77
CA THR A 75 -114.18 9.66 -32.72
C THR A 75 -114.34 11.01 -32.02
N ALA A 76 -114.67 12.05 -32.78
CA ALA A 76 -114.64 13.40 -32.22
C ALA A 76 -115.62 14.30 -32.95
N THR A 77 -115.58 15.58 -32.58
CA THR A 77 -116.53 16.58 -33.03
C THR A 77 -115.76 17.79 -33.54
N VAL A 78 -116.14 18.30 -34.71
CA VAL A 78 -115.53 19.49 -35.29
C VAL A 78 -116.61 20.54 -35.56
N LYS A 79 -116.15 21.78 -35.75
CA LYS A 79 -117.05 22.84 -36.19
C LYS A 79 -117.42 22.65 -37.65
N ASN A 80 -118.72 22.76 -37.95
CA ASN A 80 -119.23 22.49 -39.29
C ASN A 80 -119.37 23.80 -40.05
N LYS A 81 -118.69 23.90 -41.20
CA LYS A 81 -118.66 25.12 -41.99
C LYS A 81 -119.24 24.95 -43.39
N LEU A 82 -120.26 24.10 -43.54
CA LEU A 82 -120.99 23.99 -44.80
C LEU A 82 -122.20 24.90 -44.85
N THR A 83 -122.37 25.78 -43.87
CA THR A 83 -123.50 26.68 -43.78
C THR A 83 -123.05 27.92 -43.01
N ASP A 84 -124.02 28.68 -42.50
CA ASP A 84 -123.70 29.92 -41.82
C ASP A 84 -124.14 29.92 -40.35
N ASP A 85 -123.87 28.84 -39.63
CA ASP A 85 -124.31 28.69 -38.25
C ASP A 85 -123.11 28.30 -37.38
N GLU A 86 -123.00 28.92 -36.22
CA GLU A 86 -121.90 28.62 -35.29
C GLU A 86 -122.17 27.34 -34.50
N ASN A 87 -123.41 27.12 -34.07
CA ASN A 87 -123.77 25.98 -33.26
C ASN A 87 -123.77 24.68 -34.04
N ALA A 88 -123.78 24.74 -35.37
CA ALA A 88 -123.81 23.56 -36.20
C ALA A 88 -122.46 22.86 -36.11
N GLU A 89 -122.47 21.64 -35.59
CA GLU A 89 -121.26 20.86 -35.41
C GLU A 89 -121.33 19.63 -36.28
N LEU A 90 -120.18 19.10 -36.65
CA LEU A 90 -120.12 17.91 -37.48
C LEU A 90 -119.48 16.79 -36.70
N PRO A 91 -120.21 15.77 -36.32
CA PRO A 91 -119.56 14.60 -35.71
C PRO A 91 -118.89 13.75 -36.78
N VAL A 92 -117.67 13.29 -36.49
CA VAL A 92 -116.93 12.43 -37.40
C VAL A 92 -116.64 11.12 -36.69
N GLU A 93 -116.55 10.06 -37.49
CA GLU A 93 -116.22 8.71 -37.01
C GLU A 93 -115.31 8.08 -38.06
N LEU A 94 -114.02 8.01 -37.78
CA LEU A 94 -113.05 7.60 -38.77
C LEU A 94 -112.49 6.22 -38.46
N ASN A 95 -111.88 5.61 -39.47
CA ASN A 95 -111.13 4.37 -39.31
C ASN A 95 -109.86 4.46 -40.14
N PHE A 96 -108.75 4.06 -39.54
CA PHE A 96 -107.44 4.29 -40.12
C PHE A 96 -106.73 2.96 -40.27
N LYS A 97 -106.04 2.78 -41.39
CA LYS A 97 -105.30 1.55 -41.60
C LYS A 97 -103.85 1.77 -41.99
N SER A 98 -103.53 2.82 -42.74
CA SER A 98 -102.15 3.11 -43.09
C SER A 98 -102.00 4.60 -43.25
N LEU A 99 -100.81 5.04 -43.66
CA LEU A 99 -100.56 6.47 -43.72
C LEU A 99 -101.16 7.11 -44.95
N ALA A 100 -101.80 6.33 -45.82
CA ALA A 100 -102.65 6.95 -46.82
C ALA A 100 -103.91 7.54 -46.20
N ASP A 101 -104.34 7.00 -45.05
CA ASP A 101 -105.64 7.38 -44.49
C ASP A 101 -105.63 8.75 -43.81
N PHE A 102 -104.49 9.42 -43.74
CA PHE A 102 -104.47 10.76 -43.16
C PHE A 102 -104.53 11.84 -44.23
N ALA A 103 -104.53 11.45 -45.50
CA ALA A 103 -104.67 12.38 -46.60
C ALA A 103 -106.09 12.92 -46.64
N PRO A 104 -106.33 14.07 -47.29
CA PRO A 104 -107.71 14.56 -47.41
C PRO A 104 -108.55 13.74 -48.36
N ASP A 105 -107.96 12.84 -49.13
CA ASP A 105 -108.76 11.96 -49.98
C ASP A 105 -109.54 10.97 -49.15
N ALA A 106 -108.84 10.18 -48.33
CA ALA A 106 -109.51 9.17 -47.52
C ALA A 106 -110.35 9.80 -46.42
N VAL A 107 -109.90 10.94 -45.89
CA VAL A 107 -110.72 11.67 -44.92
C VAL A 107 -111.96 12.22 -45.61
N ALA A 108 -111.82 12.60 -46.88
CA ALA A 108 -112.98 13.04 -47.65
C ALA A 108 -113.92 11.87 -47.93
N SER A 109 -113.40 10.65 -47.94
CA SER A 109 -114.27 9.50 -48.15
C SER A 109 -114.92 9.03 -46.85
N GLN A 110 -114.27 9.23 -45.71
CA GLN A 110 -114.78 8.65 -44.48
C GLN A 110 -115.75 9.55 -43.73
N VAL A 111 -116.03 10.75 -44.24
CA VAL A 111 -117.08 11.55 -43.64
C VAL A 111 -118.14 11.76 -44.72
N PRO A 112 -119.35 11.20 -44.55
CA PRO A 112 -120.35 11.26 -45.64
C PRO A 112 -120.84 12.66 -45.96
N GLU A 113 -120.78 13.56 -44.98
CA GLU A 113 -121.14 14.95 -45.22
C GLU A 113 -120.14 15.68 -46.10
N LEU A 114 -118.98 15.08 -46.33
CA LEU A 114 -118.09 15.51 -47.39
C LEU A 114 -118.10 14.59 -48.60
N LYS A 115 -118.40 13.31 -48.40
CA LYS A 115 -118.38 12.35 -49.50
C LYS A 115 -119.48 12.65 -50.51
N LYS A 116 -120.65 13.08 -50.01
CA LYS A 116 -121.73 13.48 -50.89
C LYS A 116 -121.38 14.73 -51.67
N LEU A 117 -120.53 15.59 -51.12
CA LEU A 117 -120.11 16.78 -51.85
C LEU A 117 -119.02 16.46 -52.86
N ILE A 118 -118.19 15.45 -52.58
CA ILE A 118 -117.22 15.01 -53.59
C ILE A 118 -117.95 14.38 -54.77
N GLU A 119 -118.95 13.55 -54.48
CA GLU A 119 -119.71 12.92 -55.56
C GLU A 119 -120.55 13.95 -56.31
N LEU A 120 -121.07 14.96 -55.60
CA LEU A 120 -121.83 16.02 -56.25
C LEU A 120 -120.91 16.88 -57.11
N ARG A 121 -119.67 17.05 -56.67
CA ARG A 121 -118.67 17.70 -57.50
C ARG A 121 -118.38 16.86 -58.74
N GLU A 122 -118.42 15.53 -58.59
CA GLU A 122 -118.23 14.67 -59.74
C GLU A 122 -119.45 14.70 -60.67
N ALA A 123 -120.61 15.08 -60.14
CA ALA A 123 -121.76 15.32 -61.00
C ALA A 123 -121.63 16.65 -61.74
N LEU A 124 -121.04 17.65 -61.10
CA LEU A 124 -120.93 18.96 -61.74
C LEU A 124 -119.79 18.99 -62.75
N VAL A 125 -118.75 18.18 -62.56
CA VAL A 125 -117.64 18.16 -63.51
C VAL A 125 -118.03 17.40 -64.77
N ALA A 126 -118.68 16.24 -64.62
CA ALA A 126 -119.07 15.43 -65.77
C ALA A 126 -120.19 16.09 -66.59
N LEU A 127 -121.06 16.86 -65.94
CA LEU A 127 -122.14 17.64 -66.55
C LEU A 127 -123.12 16.79 -67.36
N ASN B 1 -122.43 29.56 -69.78
CA ASN B 1 -123.01 28.36 -69.20
C ASN B 1 -121.95 27.55 -68.47
N LYS B 2 -120.87 27.22 -69.21
CA LYS B 2 -119.79 26.42 -68.65
C LYS B 2 -119.06 27.16 -67.55
N SER B 3 -118.91 28.48 -67.71
CA SER B 3 -118.21 29.29 -66.74
C SER B 3 -118.97 29.36 -65.43
N LEU B 4 -120.31 29.28 -65.49
CA LEU B 4 -121.09 29.25 -64.27
C LEU B 4 -120.92 27.91 -63.56
N VAL B 5 -120.77 26.83 -64.32
CA VAL B 5 -120.49 25.52 -63.73
C VAL B 5 -119.14 25.53 -63.05
N ASP B 6 -118.15 26.18 -63.68
CA ASP B 6 -116.82 26.26 -63.07
C ASP B 6 -116.82 27.14 -61.83
N GLN B 7 -117.64 28.20 -61.82
CA GLN B 7 -117.78 29.01 -60.61
C GLN B 7 -118.43 28.22 -59.49
N MET B 8 -119.37 27.34 -59.83
CA MET B 8 -119.93 26.44 -58.82
C MET B 8 -118.89 25.44 -58.33
N LEU B 9 -117.94 25.07 -59.20
CA LEU B 9 -116.85 24.18 -58.77
C LEU B 9 -115.90 24.90 -57.82
N VAL B 10 -115.63 26.18 -58.06
CA VAL B 10 -114.73 26.94 -57.18
C VAL B 10 -115.38 27.17 -55.82
N GLU B 11 -116.68 27.51 -55.82
CA GLU B 11 -117.37 27.71 -54.54
C GLU B 11 -117.52 26.39 -53.78
N LEU B 12 -117.77 25.29 -54.50
CA LEU B 12 -117.90 24.01 -53.83
C LEU B 12 -116.57 23.54 -53.27
N ASP B 13 -115.47 23.81 -53.98
CA ASP B 13 -114.15 23.50 -53.45
C ASP B 13 -113.81 24.37 -52.25
N LYS B 14 -114.37 25.59 -52.21
CA LYS B 14 -114.24 26.40 -51.01
C LYS B 14 -115.01 25.79 -49.85
N LYS B 15 -116.11 25.12 -50.14
CA LYS B 15 -116.88 24.49 -49.06
C LYS B 15 -116.18 23.24 -48.53
N ILE B 16 -115.77 22.35 -49.43
CA ILE B 16 -115.17 21.09 -48.99
C ILE B 16 -113.78 21.33 -48.39
N SER B 17 -113.03 22.28 -48.97
CA SER B 17 -111.75 22.64 -48.37
C SER B 17 -111.94 23.38 -47.06
N ALA B 18 -113.05 24.12 -46.93
CA ALA B 18 -113.33 24.81 -45.68
C ALA B 18 -113.63 23.83 -44.55
N GLN B 19 -114.30 22.73 -44.85
CA GLN B 19 -114.52 21.72 -43.82
C GLN B 19 -113.27 20.90 -43.57
N MET B 20 -112.53 20.59 -44.62
CA MET B 20 -111.35 19.73 -44.52
C MET B 20 -110.27 20.41 -43.71
N ASP B 21 -110.21 21.75 -43.79
CA ASP B 21 -109.34 22.51 -42.90
C ASP B 21 -109.73 22.33 -41.44
N GLU B 22 -111.02 22.09 -41.16
CA GLU B 22 -111.43 21.92 -39.78
C GLU B 22 -111.17 20.49 -39.29
N ILE B 23 -111.28 19.51 -40.16
CA ILE B 23 -111.00 18.14 -39.72
C ILE B 23 -109.50 17.95 -39.53
N LEU B 24 -108.69 18.38 -40.50
CA LEU B 24 -107.27 18.12 -40.41
C LEU B 24 -106.56 18.94 -39.34
N HIS B 25 -107.19 19.98 -38.82
CA HIS B 25 -106.58 20.74 -37.74
C HIS B 25 -107.12 20.32 -36.39
N ASN B 26 -107.78 19.18 -36.31
CA ASN B 26 -108.29 18.68 -35.04
C ASN B 26 -107.14 18.23 -34.16
N SER B 27 -107.24 18.57 -32.88
CA SER B 27 -106.10 18.41 -31.98
C SER B 27 -105.79 16.95 -31.71
N GLN B 28 -106.83 16.14 -31.47
CA GLN B 28 -106.63 14.71 -31.34
C GLN B 28 -106.13 14.11 -32.64
N PHE B 29 -106.59 14.66 -33.77
CA PHE B 29 -106.13 14.17 -35.06
C PHE B 29 -104.71 14.62 -35.32
N GLN B 30 -104.33 15.77 -34.77
CA GLN B 30 -102.93 16.15 -34.88
C GLN B 30 -102.06 15.30 -33.97
N ALA B 31 -102.64 14.78 -32.88
CA ALA B 31 -101.87 13.89 -32.02
C ALA B 31 -101.63 12.55 -32.69
N MET B 32 -102.68 12.00 -33.31
CA MET B 32 -102.54 10.72 -34.00
C MET B 32 -101.65 10.85 -35.21
N GLU B 33 -101.91 11.85 -36.05
CA GLU B 33 -101.16 12.03 -37.29
C GLU B 33 -99.73 12.42 -36.99
N SER B 34 -99.53 13.21 -35.95
CA SER B 34 -98.19 13.59 -35.56
C SER B 34 -97.39 12.41 -35.05
N ALA B 35 -98.03 11.57 -34.24
CA ALA B 35 -97.34 10.42 -33.68
C ALA B 35 -96.99 9.41 -34.74
N TRP B 36 -97.94 9.09 -35.61
CA TRP B 36 -97.66 8.05 -36.59
C TRP B 36 -96.82 8.55 -37.74
N ARG B 37 -97.10 9.74 -38.26
CA ARG B 37 -96.32 10.22 -39.38
C ARG B 37 -94.91 10.57 -38.94
N GLY B 38 -94.79 11.11 -37.73
CA GLY B 38 -93.47 11.28 -37.15
C GLY B 38 -92.79 9.94 -36.90
N LEU B 39 -93.58 8.92 -36.60
CA LEU B 39 -93.01 7.61 -36.36
C LEU B 39 -92.44 7.03 -37.63
N LYS B 40 -93.12 7.22 -38.77
CA LYS B 40 -92.53 6.74 -40.01
C LYS B 40 -91.33 7.59 -40.39
N LEU B 41 -91.33 8.87 -40.01
CA LEU B 41 -90.18 9.71 -40.25
C LEU B 41 -88.96 9.21 -39.47
N PHE B 42 -89.16 8.67 -38.29
CA PHE B 42 -88.07 8.02 -37.59
C PHE B 42 -87.72 6.69 -38.24
N VAL B 43 -88.72 5.93 -38.69
CA VAL B 43 -88.48 4.55 -39.09
C VAL B 43 -87.69 4.48 -40.38
N ASP B 44 -88.12 5.21 -41.41
CA ASP B 44 -87.50 5.02 -42.71
C ASP B 44 -86.12 5.64 -42.83
N ARG B 45 -85.69 6.45 -41.86
CA ARG B 45 -84.36 7.04 -41.90
C ARG B 45 -83.32 6.18 -41.20
N THR B 46 -83.74 5.10 -40.57
CA THR B 46 -82.80 4.20 -39.94
C THR B 46 -82.43 3.10 -40.93
N ASP B 47 -81.68 2.11 -40.45
CA ASP B 47 -81.18 1.05 -41.34
C ASP B 47 -81.29 -0.28 -40.61
N PHE B 48 -82.39 -1.00 -40.83
CA PHE B 48 -82.68 -2.21 -40.06
C PHE B 48 -81.93 -3.41 -40.57
N ARG B 49 -81.19 -3.29 -41.65
CA ARG B 49 -80.28 -4.36 -42.02
C ARG B 49 -78.95 -4.27 -41.30
N GLU B 50 -78.81 -3.37 -40.33
CA GLU B 50 -77.63 -3.33 -39.48
C GLU B 50 -77.97 -3.55 -38.02
N ASN B 51 -78.91 -4.46 -37.74
CA ASN B 51 -79.25 -4.90 -36.38
C ASN B 51 -79.77 -3.78 -35.51
N ASN B 52 -80.88 -3.19 -35.89
CA ASN B 52 -81.60 -2.24 -35.05
C ASN B 52 -83.04 -2.66 -34.97
N LYS B 53 -83.60 -2.63 -33.76
CA LYS B 53 -85.01 -2.93 -33.65
C LYS B 53 -85.70 -1.81 -32.91
N VAL B 54 -86.85 -1.40 -33.43
CA VAL B 54 -87.64 -0.41 -32.75
C VAL B 54 -88.96 -1.05 -32.36
N GLU B 55 -89.27 -0.96 -31.08
CA GLU B 55 -90.48 -1.54 -30.55
C GLU B 55 -91.41 -0.42 -30.11
N ILE B 56 -92.69 -0.73 -30.12
CA ILE B 56 -93.74 0.24 -29.89
C ILE B 56 -94.55 -0.22 -28.71
N LEU B 57 -94.78 0.67 -27.75
CA LEU B 57 -95.69 0.37 -26.66
C LEU B 57 -96.60 1.57 -26.43
N HIS B 58 -97.89 1.38 -26.68
CA HIS B 58 -98.87 2.45 -26.55
C HIS B 58 -99.09 2.81 -25.10
N VAL B 59 -98.51 3.91 -24.66
CA VAL B 59 -98.67 4.35 -23.28
C VAL B 59 -98.96 5.85 -23.30
N THR B 60 -100.01 6.28 -22.62
CA THR B 60 -100.18 7.70 -22.38
C THR B 60 -99.60 8.05 -21.02
N LYS B 61 -99.39 9.35 -20.78
CA LYS B 61 -98.67 9.80 -19.60
C LYS B 61 -99.43 9.46 -18.32
N ASP B 62 -100.75 9.47 -18.39
CA ASP B 62 -101.56 9.31 -17.19
C ASP B 62 -101.50 7.87 -16.69
N GLU B 63 -101.15 6.93 -17.56
CA GLU B 63 -100.97 5.59 -17.03
C GLU B 63 -99.51 5.26 -16.74
N LEU B 64 -98.56 6.10 -17.15
CA LEU B 64 -97.25 6.00 -16.54
C LEU B 64 -97.28 6.49 -15.10
N LEU B 65 -98.02 7.57 -14.87
CA LEU B 65 -98.08 8.10 -13.50
C LEU B 65 -98.99 7.26 -12.63
N GLU B 66 -100.15 6.86 -13.15
CA GLU B 66 -101.03 5.96 -12.42
C GLU B 66 -100.38 4.60 -12.22
N ASP B 67 -99.57 4.19 -13.20
CA ASP B 67 -98.88 2.90 -13.08
C ASP B 67 -97.78 2.94 -12.04
N PHE B 68 -96.91 3.93 -12.13
CA PHE B 68 -95.81 4.05 -11.18
C PHE B 68 -96.30 4.30 -9.76
N GLU B 69 -97.34 5.10 -9.59
CA GLU B 69 -97.87 5.28 -8.24
C GLU B 69 -98.63 4.05 -7.77
N PHE B 70 -99.23 3.31 -8.70
CA PHE B 70 -99.91 2.08 -8.30
C PHE B 70 -98.90 0.99 -8.01
N ALA B 71 -97.73 1.10 -8.60
CA ALA B 71 -96.66 0.16 -8.28
C ALA B 71 -96.07 0.50 -6.92
N PRO B 72 -95.67 -0.51 -6.15
CA PRO B 72 -95.19 -0.24 -4.79
C PRO B 72 -93.83 0.43 -4.76
N GLU B 73 -93.12 0.32 -5.88
CA GLU B 73 -91.84 0.97 -6.05
C GLU B 73 -91.61 1.13 -7.55
N THR B 74 -90.38 1.44 -7.94
CA THR B 74 -90.09 1.46 -9.36
C THR B 74 -89.83 0.06 -9.88
N ALA B 75 -89.50 -0.87 -9.00
CA ALA B 75 -88.96 -2.15 -9.42
C ALA B 75 -90.02 -3.20 -9.68
N GLN B 76 -91.29 -2.85 -9.65
CA GLN B 76 -92.33 -3.83 -9.95
C GLN B 76 -93.40 -3.28 -10.86
N SER B 77 -93.12 -2.17 -11.55
CA SER B 77 -94.13 -1.61 -12.43
C SER B 77 -94.23 -2.43 -13.71
N GLY B 78 -95.12 -2.00 -14.60
CA GLY B 78 -95.22 -2.66 -15.89
C GLY B 78 -94.04 -2.34 -16.77
N LEU B 79 -93.67 -1.07 -16.86
CA LEU B 79 -92.64 -0.65 -17.80
C LEU B 79 -91.27 -1.15 -17.37
N TYR B 80 -91.09 -1.38 -16.08
CA TYR B 80 -89.87 -2.01 -15.61
C TYR B 80 -89.81 -3.46 -16.04
N LYS B 81 -90.96 -4.08 -16.26
CA LYS B 81 -90.98 -5.47 -16.72
C LYS B 81 -90.85 -5.53 -18.24
N HIS B 82 -91.22 -4.47 -18.95
CA HIS B 82 -91.01 -4.51 -20.40
C HIS B 82 -89.61 -4.09 -20.79
N VAL B 83 -88.96 -3.28 -19.95
CA VAL B 83 -87.63 -2.79 -20.27
C VAL B 83 -86.58 -3.66 -19.60
N TYR B 84 -86.67 -3.79 -18.28
CA TYR B 84 -85.61 -4.47 -17.53
C TYR B 84 -85.77 -5.98 -17.57
N SER B 85 -86.91 -6.48 -17.11
CA SER B 85 -87.03 -7.90 -16.79
C SER B 85 -87.18 -8.75 -18.03
N ALA B 86 -87.89 -8.25 -19.04
CA ALA B 86 -87.95 -8.99 -20.30
C ALA B 86 -86.76 -8.72 -21.18
N GLY B 87 -85.92 -7.78 -20.81
CA GLY B 87 -84.75 -7.45 -21.58
C GLY B 87 -83.45 -7.76 -20.87
N TYR B 88 -82.91 -6.72 -20.22
CA TYR B 88 -81.52 -6.67 -19.77
C TYR B 88 -81.18 -7.75 -18.78
N GLY B 89 -82.11 -8.08 -17.90
CA GLY B 89 -81.80 -9.03 -16.85
C GLY B 89 -82.41 -10.40 -17.08
N GLN B 90 -82.73 -10.73 -18.32
CA GLN B 90 -83.30 -12.02 -18.67
C GLN B 90 -82.22 -12.85 -19.35
N PHE B 91 -82.15 -14.13 -18.99
CA PHE B 91 -81.15 -15.02 -19.56
C PHE B 91 -81.38 -15.17 -21.06
N GLY B 92 -80.50 -14.56 -21.84
CA GLY B 92 -80.55 -14.66 -23.27
C GLY B 92 -81.21 -13.51 -23.99
N GLY B 93 -81.81 -12.58 -23.28
CA GLY B 93 -82.49 -11.46 -23.89
C GLY B 93 -81.53 -10.43 -24.43
N GLU B 94 -82.07 -9.28 -24.80
CA GLU B 94 -81.28 -8.23 -25.42
C GLU B 94 -81.54 -6.94 -24.67
N PRO B 95 -80.54 -6.11 -24.51
CA PRO B 95 -80.73 -4.91 -23.68
C PRO B 95 -81.46 -3.80 -24.42
N VAL B 96 -82.16 -2.95 -23.67
CA VAL B 96 -82.78 -1.77 -24.26
C VAL B 96 -81.74 -0.67 -24.39
N GLY B 97 -81.53 -0.21 -25.61
CA GLY B 97 -80.44 0.74 -25.84
C GLY B 97 -80.83 2.15 -25.49
N ALA B 98 -82.03 2.57 -25.87
CA ALA B 98 -82.51 3.91 -25.61
C ALA B 98 -84.03 3.89 -25.58
N ILE B 99 -84.61 4.87 -24.90
CA ILE B 99 -86.06 5.00 -24.81
C ILE B 99 -86.42 6.38 -25.31
N ILE B 100 -87.33 6.43 -26.25
CA ILE B 100 -87.75 7.68 -26.87
C ILE B 100 -89.18 7.95 -26.46
N GLY B 101 -89.42 9.09 -25.83
CA GLY B 101 -90.73 9.45 -25.37
C GLY B 101 -91.40 10.42 -26.30
N ASN B 102 -92.53 10.00 -26.87
CA ASN B 102 -93.32 10.88 -27.72
C ASN B 102 -94.30 11.64 -26.84
N TYR B 103 -93.74 12.43 -25.94
CA TYR B 103 -94.51 13.17 -24.96
C TYR B 103 -94.16 14.64 -25.06
N ALA B 104 -94.82 15.43 -24.23
CA ALA B 104 -94.45 16.83 -24.02
C ALA B 104 -94.57 17.12 -22.52
N PHE B 105 -93.55 17.76 -21.96
CA PHE B 105 -93.46 17.89 -20.52
C PHE B 105 -93.68 19.33 -20.08
N THR B 106 -94.43 19.50 -19.01
CA THR B 106 -94.77 20.77 -18.41
C THR B 106 -94.07 20.84 -17.07
N PRO B 107 -94.06 21.98 -16.36
CA PRO B 107 -93.55 21.95 -14.99
C PRO B 107 -94.53 21.41 -13.96
N SER B 108 -95.59 20.73 -14.38
CA SER B 108 -96.55 20.21 -13.42
C SER B 108 -95.94 19.04 -12.65
N THR B 109 -96.29 18.99 -11.36
CA THR B 109 -95.83 17.94 -10.46
C THR B 109 -96.03 16.51 -10.97
N PRO B 110 -97.11 16.16 -11.71
CA PRO B 110 -97.10 14.83 -12.36
C PRO B 110 -95.95 14.62 -13.35
N ASP B 111 -95.55 15.65 -14.09
CA ASP B 111 -94.49 15.45 -15.07
C ASP B 111 -93.14 15.31 -14.41
N MET B 112 -92.89 16.03 -13.33
CA MET B 112 -91.59 15.93 -12.70
C MET B 112 -91.50 14.67 -11.84
N LYS B 113 -92.62 14.20 -11.33
CA LYS B 113 -92.58 12.87 -10.70
C LYS B 113 -92.36 11.80 -11.75
N LEU B 114 -92.91 12.00 -12.95
CA LEU B 114 -92.65 11.10 -14.06
C LEU B 114 -91.18 11.07 -14.43
N LEU B 115 -90.52 12.22 -14.43
CA LEU B 115 -89.10 12.19 -14.80
C LEU B 115 -88.22 11.69 -13.67
N GLN B 116 -88.66 11.82 -12.41
CA GLN B 116 -87.89 11.18 -11.35
C GLN B 116 -87.94 9.67 -11.50
N TYR B 117 -89.12 9.15 -11.76
CA TYR B 117 -89.24 7.71 -11.89
C TYR B 117 -88.57 7.18 -13.15
N MET B 118 -88.66 7.90 -14.26
CA MET B 118 -87.98 7.43 -15.47
C MET B 118 -86.48 7.63 -15.37
N GLY B 119 -86.04 8.52 -14.50
CA GLY B 119 -84.65 8.52 -14.12
C GLY B 119 -84.27 7.25 -13.39
N ALA B 120 -85.18 6.73 -12.56
CA ALA B 120 -84.88 5.49 -11.85
C ALA B 120 -84.86 4.29 -12.80
N LEU B 121 -85.82 4.24 -13.72
CA LEU B 121 -85.86 3.15 -14.71
C LEU B 121 -84.63 3.20 -15.61
N GLY B 122 -84.26 4.41 -16.03
CA GLY B 122 -83.04 4.55 -16.78
C GLY B 122 -81.80 4.22 -15.97
N ALA B 123 -81.92 4.28 -14.64
CA ALA B 123 -80.79 3.88 -13.81
C ALA B 123 -80.63 2.37 -13.77
N MET B 124 -81.71 1.65 -13.51
CA MET B 124 -81.54 0.22 -13.34
C MET B 124 -81.53 -0.51 -14.66
N ALA B 125 -81.91 0.15 -15.75
CA ALA B 125 -81.96 -0.57 -17.00
C ALA B 125 -81.02 -0.02 -18.07
N HIS B 126 -80.25 1.04 -17.74
CA HIS B 126 -79.28 1.66 -18.63
C HIS B 126 -79.87 2.09 -19.95
N ALA B 127 -80.97 2.85 -19.88
CA ALA B 127 -81.64 3.31 -21.05
C ALA B 127 -81.89 4.79 -20.87
N PRO B 128 -81.29 5.64 -21.69
CA PRO B 128 -81.57 7.07 -21.60
C PRO B 128 -82.97 7.37 -22.11
N PHE B 129 -83.66 8.23 -21.41
CA PHE B 129 -85.01 8.64 -21.77
C PHE B 129 -84.95 9.99 -22.44
N ILE B 130 -85.53 10.10 -23.63
CA ILE B 130 -85.52 11.32 -24.41
C ILE B 130 -86.96 11.74 -24.65
N SER B 131 -87.24 13.03 -24.51
CA SER B 131 -88.61 13.48 -24.69
C SER B 131 -88.59 14.91 -25.22
N SER B 132 -89.72 15.59 -25.13
CA SER B 132 -89.81 16.96 -25.61
C SER B 132 -90.26 17.90 -24.52
N VAL B 133 -89.59 19.03 -24.47
CA VAL B 133 -90.02 20.17 -23.68
C VAL B 133 -91.11 20.88 -24.43
N GLY B 134 -92.25 21.02 -23.77
CA GLY B 134 -93.39 21.69 -24.35
C GLY B 134 -93.22 23.19 -24.34
N PRO B 135 -94.10 23.90 -25.03
CA PRO B 135 -93.98 25.36 -25.09
C PRO B 135 -94.18 26.05 -23.76
N GLU B 136 -95.04 25.53 -22.87
CA GLU B 136 -95.25 26.26 -21.63
C GLU B 136 -94.24 25.91 -20.56
N PHE B 137 -93.18 25.19 -20.91
CA PHE B 137 -92.16 24.91 -19.91
C PHE B 137 -91.27 26.11 -19.68
N PHE B 138 -91.23 27.04 -20.63
CA PHE B 138 -90.38 28.20 -20.51
C PHE B 138 -91.16 29.41 -20.03
N GLY B 139 -92.46 29.25 -19.83
CA GLY B 139 -93.32 30.33 -19.38
C GLY B 139 -94.00 31.11 -20.47
N ILE B 140 -93.95 30.64 -21.72
CA ILE B 140 -94.47 31.40 -22.83
C ILE B 140 -95.54 30.61 -23.55
N ASP B 141 -96.13 31.24 -24.57
CA ASP B 141 -97.25 30.64 -25.29
C ASP B 141 -96.79 29.51 -26.19
N SER B 142 -96.00 29.85 -27.19
CA SER B 142 -95.47 28.88 -28.14
C SER B 142 -94.05 29.27 -28.44
N PHE B 143 -93.37 28.44 -29.23
CA PHE B 143 -91.93 28.57 -29.37
C PHE B 143 -91.49 29.76 -30.18
N GLU B 144 -92.41 30.51 -30.77
CA GLU B 144 -91.98 31.61 -31.59
C GLU B 144 -91.66 32.87 -30.81
N GLU B 145 -91.33 32.78 -29.53
CA GLU B 145 -90.82 33.91 -28.78
C GLU B 145 -89.48 33.62 -28.09
N LEU B 146 -88.77 32.59 -28.49
CA LEU B 146 -87.39 32.44 -28.03
C LEU B 146 -86.45 33.55 -28.49
N PRO B 147 -86.64 34.23 -29.62
CA PRO B 147 -85.94 35.52 -29.77
C PRO B 147 -86.47 36.63 -28.89
N ASN B 148 -87.60 36.44 -28.21
CA ASN B 148 -88.14 37.54 -27.42
C ASN B 148 -87.96 37.34 -25.92
N ILE B 149 -87.35 36.26 -25.47
CA ILE B 149 -87.06 36.09 -24.05
C ILE B 149 -85.66 36.60 -23.77
N LYS B 150 -85.53 37.50 -22.80
CA LYS B 150 -84.26 38.17 -22.57
C LYS B 150 -83.22 37.27 -21.94
N ASP B 151 -83.61 36.43 -20.97
CA ASP B 151 -82.61 35.65 -20.26
C ASP B 151 -83.23 34.39 -19.67
N LEU B 152 -82.69 33.22 -20.02
CA LEU B 152 -83.27 31.97 -19.53
C LEU B 152 -82.71 31.60 -18.17
N LYS B 153 -81.44 31.92 -17.91
CA LYS B 153 -80.83 31.58 -16.63
C LYS B 153 -81.49 32.32 -15.50
N SER B 154 -81.95 33.55 -15.76
CA SER B 154 -82.70 34.27 -14.73
C SER B 154 -84.18 33.94 -14.78
N THR B 155 -84.65 33.30 -15.86
CA THR B 155 -86.03 32.84 -15.88
C THR B 155 -86.21 31.64 -14.96
N PHE B 156 -85.25 30.72 -14.95
CA PHE B 156 -85.44 29.50 -14.18
C PHE B 156 -85.18 29.65 -12.69
N GLU B 157 -85.09 30.86 -12.14
CA GLU B 157 -84.97 30.96 -10.69
C GLU B 157 -86.30 31.19 -9.99
N SER B 158 -87.40 31.24 -10.74
CA SER B 158 -88.70 31.47 -10.14
C SER B 158 -89.13 30.27 -9.30
N PRO B 159 -89.95 30.48 -8.27
CA PRO B 159 -90.43 29.34 -7.49
C PRO B 159 -91.40 28.43 -8.22
N LYS B 160 -91.76 28.75 -9.46
CA LYS B 160 -92.48 27.78 -10.27
C LYS B 160 -91.62 26.56 -10.58
N TYR B 161 -90.32 26.75 -10.70
CA TYR B 161 -89.43 25.73 -11.23
C TYR B 161 -88.62 25.04 -10.14
N THR B 162 -89.08 25.12 -8.89
CA THR B 162 -88.33 24.59 -7.76
C THR B 162 -88.19 23.09 -7.86
N LYS B 163 -89.23 22.43 -8.35
CA LYS B 163 -89.15 20.99 -8.53
C LYS B 163 -88.17 20.63 -9.65
N TRP B 164 -88.11 21.45 -10.69
CA TRP B 164 -87.17 21.21 -11.78
C TRP B 164 -85.73 21.35 -11.34
N ARG B 165 -85.43 22.40 -10.57
CA ARG B 165 -84.07 22.52 -10.05
C ARG B 165 -83.80 21.48 -8.99
N SER B 166 -84.84 20.92 -8.39
CA SER B 166 -84.59 19.75 -7.57
C SER B 166 -84.37 18.51 -8.43
N LEU B 167 -84.76 18.56 -9.71
CA LEU B 167 -84.60 17.38 -10.56
C LEU B 167 -83.23 17.33 -11.20
N ARG B 168 -82.68 18.47 -11.63
CA ARG B 168 -81.37 18.46 -12.25
C ARG B 168 -80.27 18.04 -11.31
N GLU B 169 -80.37 18.39 -10.04
CA GLU B 169 -79.33 18.04 -9.10
C GLU B 169 -79.36 16.58 -8.69
N SER B 170 -80.40 15.85 -9.06
CA SER B 170 -80.47 14.45 -8.68
C SER B 170 -79.45 13.65 -9.45
N GLU B 171 -79.02 12.53 -8.88
CA GLU B 171 -77.98 11.75 -9.51
C GLU B 171 -78.49 10.89 -10.64
N ASP B 172 -79.81 10.84 -10.86
CA ASP B 172 -80.34 10.09 -11.99
C ASP B 172 -80.64 10.97 -13.19
N ALA B 173 -80.22 12.22 -13.19
CA ALA B 173 -80.47 13.05 -14.35
C ALA B 173 -79.43 12.86 -15.44
N ARG B 174 -78.53 11.90 -15.29
CA ARG B 174 -77.69 11.51 -16.42
C ARG B 174 -78.50 10.82 -17.51
N TYR B 175 -79.64 10.26 -17.17
CA TYR B 175 -80.37 9.38 -18.05
C TYR B 175 -81.57 10.03 -18.70
N LEU B 176 -81.74 11.33 -18.55
CA LEU B 176 -82.82 12.05 -19.19
C LEU B 176 -82.23 13.04 -20.16
N GLY B 177 -82.96 13.32 -21.22
CA GLY B 177 -82.62 14.43 -22.06
C GLY B 177 -83.90 15.02 -22.59
N LEU B 178 -84.12 16.31 -22.37
CA LEU B 178 -85.33 16.94 -22.84
C LEU B 178 -84.97 17.85 -23.99
N THR B 179 -85.72 17.74 -25.08
CA THR B 179 -85.35 18.43 -26.31
C THR B 179 -86.23 19.64 -26.56
N ALA B 180 -85.59 20.68 -27.05
CA ALA B 180 -86.13 21.98 -27.44
C ALA B 180 -86.53 21.86 -28.91
N PRO B 181 -86.89 22.95 -29.63
CA PRO B 181 -88.20 23.01 -30.30
C PRO B 181 -88.45 21.96 -31.36
N ARG B 182 -89.73 21.80 -31.69
CA ARG B 182 -90.23 20.76 -32.57
C ARG B 182 -89.90 21.09 -34.02
N PHE B 183 -90.39 20.29 -34.97
CA PHE B 183 -90.15 20.60 -36.37
C PHE B 183 -91.25 20.02 -37.24
N LEU B 184 -91.31 20.49 -38.48
CA LEU B 184 -92.37 20.10 -39.40
C LEU B 184 -92.25 18.66 -39.84
N LEU B 185 -93.39 18.02 -40.04
CA LEU B 185 -93.41 16.70 -40.66
C LEU B 185 -93.84 16.75 -42.10
N ARG B 186 -94.74 17.66 -42.44
CA ARG B 186 -95.53 17.57 -43.65
C ARG B 186 -95.70 18.95 -44.27
N VAL B 187 -95.40 19.04 -45.56
CA VAL B 187 -95.68 20.25 -46.31
C VAL B 187 -97.19 20.49 -46.31
N PRO B 188 -97.64 21.70 -45.98
CA PRO B 188 -99.07 22.00 -46.12
C PRO B 188 -99.50 21.90 -47.58
N TYR B 189 -100.74 21.44 -47.77
CA TYR B 189 -101.23 21.02 -49.08
C TYR B 189 -101.44 22.20 -50.01
N ASP B 190 -101.53 21.89 -51.29
CA ASP B 190 -101.49 22.87 -52.31
C ASP B 190 -101.98 22.08 -53.52
N PRO B 191 -102.50 22.71 -54.55
CA PRO B 191 -102.86 21.95 -55.75
C PRO B 191 -101.66 21.34 -56.46
N ILE B 192 -100.54 22.04 -56.42
CA ILE B 192 -99.35 21.64 -57.15
C ILE B 192 -98.35 20.94 -56.26
N GLU B 193 -98.02 21.54 -55.11
CA GLU B 193 -96.83 21.17 -54.35
C GLU B 193 -97.00 19.84 -53.61
N ASN B 194 -98.19 19.53 -53.14
CA ASN B 194 -98.41 18.23 -52.53
C ASN B 194 -99.85 17.86 -52.80
N PRO B 195 -100.15 17.32 -53.97
CA PRO B 195 -101.54 17.29 -54.42
C PRO B 195 -102.34 16.17 -53.79
N VAL B 196 -103.65 16.26 -53.98
CA VAL B 196 -104.61 15.27 -53.54
C VAL B 196 -105.35 14.76 -54.77
N LYS B 197 -105.83 13.52 -54.68
CA LYS B 197 -106.48 12.90 -55.82
C LYS B 197 -107.96 13.26 -55.88
N SER B 198 -108.43 13.52 -57.10
CA SER B 198 -109.83 13.73 -57.46
C SER B 198 -110.46 14.94 -56.78
N PHE B 199 -109.66 15.88 -56.29
CA PHE B 199 -110.19 17.04 -55.61
C PHE B 199 -109.18 18.20 -55.66
N ASN B 200 -109.68 19.43 -55.64
CA ASN B 200 -108.84 20.62 -55.53
C ASN B 200 -108.86 21.12 -54.09
N TYR B 201 -107.76 20.88 -53.38
CA TYR B 201 -107.62 21.31 -51.99
C TYR B 201 -106.45 22.26 -51.83
N ALA B 202 -106.68 23.36 -51.12
CA ALA B 202 -105.66 24.36 -50.85
C ALA B 202 -105.70 24.68 -49.37
N GLU B 203 -104.74 24.16 -48.61
CA GLU B 203 -104.78 24.30 -47.17
C GLU B 203 -104.45 25.72 -46.77
N ASN B 204 -105.44 26.42 -46.26
CA ASN B 204 -105.32 27.82 -45.88
C ASN B 204 -104.82 27.84 -44.45
N VAL B 205 -103.51 27.82 -44.29
CA VAL B 205 -102.92 27.93 -42.96
C VAL B 205 -102.86 29.41 -42.58
N SER B 206 -103.36 29.73 -41.39
CA SER B 206 -103.43 31.10 -40.91
C SER B 206 -102.09 31.58 -40.39
N ALA B 207 -102.12 32.70 -39.67
CA ALA B 207 -100.93 33.18 -38.97
C ALA B 207 -100.61 32.36 -37.74
N SER B 208 -101.60 31.73 -37.11
CA SER B 208 -101.36 30.90 -35.93
C SER B 208 -100.70 29.61 -36.38
N HIS B 209 -99.49 29.36 -35.89
CA HIS B 209 -98.72 28.26 -36.46
C HIS B 209 -99.01 26.92 -35.83
N GLU B 210 -100.08 26.79 -35.06
CA GLU B 210 -100.49 25.46 -34.65
C GLU B 210 -101.12 24.66 -35.77
N HIS B 211 -101.43 25.30 -36.90
CA HIS B 211 -102.13 24.61 -37.96
C HIS B 211 -101.21 23.70 -38.75
N TYR B 212 -99.92 23.95 -38.71
CA TYR B 212 -98.95 23.01 -39.23
C TYR B 212 -98.98 21.72 -38.42
N LEU B 213 -98.50 20.65 -39.03
CA LEU B 213 -98.34 19.39 -38.30
C LEU B 213 -96.96 19.37 -37.69
N TRP B 214 -96.88 19.57 -36.37
CA TRP B 214 -95.59 19.54 -35.72
C TRP B 214 -95.30 18.16 -35.16
N GLY B 215 -94.11 17.65 -35.48
CA GLY B 215 -93.74 16.36 -34.96
C GLY B 215 -92.81 16.49 -33.79
N ASN B 216 -92.50 15.39 -33.13
CA ASN B 216 -91.65 15.45 -31.95
C ASN B 216 -90.20 15.50 -32.39
N THR B 217 -89.36 16.16 -31.59
CA THR B 217 -87.94 16.23 -31.86
C THR B 217 -87.25 14.93 -31.51
N ALA B 218 -87.78 14.24 -30.49
CA ALA B 218 -87.11 13.07 -29.93
C ALA B 218 -87.04 11.94 -30.92
N PHE B 219 -87.97 11.91 -31.88
CA PHE B 219 -87.85 11.01 -33.01
C PHE B 219 -86.63 11.34 -33.85
N ALA B 220 -86.39 12.62 -34.14
CA ALA B 220 -85.24 12.97 -34.98
C ALA B 220 -83.94 12.65 -34.26
N PHE B 221 -83.92 12.91 -32.95
CA PHE B 221 -82.77 12.54 -32.16
C PHE B 221 -82.57 11.03 -32.16
N ALA B 222 -83.68 10.29 -32.23
CA ALA B 222 -83.58 8.84 -32.28
C ALA B 222 -83.07 8.36 -33.65
N THR B 223 -83.37 9.11 -34.72
CA THR B 223 -82.75 8.80 -35.99
C THR B 223 -81.25 8.98 -35.93
N ARG B 224 -80.81 9.97 -35.15
CA ARG B 224 -79.37 10.18 -35.05
C ARG B 224 -78.70 9.09 -34.21
N LEU B 225 -79.37 8.61 -33.16
CA LEU B 225 -78.82 7.48 -32.41
C LEU B 225 -78.75 6.23 -33.25
N THR B 226 -79.84 5.85 -33.90
CA THR B 226 -79.89 4.57 -34.58
C THR B 226 -79.03 4.59 -35.85
N ASP B 227 -78.96 5.73 -36.53
CA ASP B 227 -78.08 5.83 -37.69
C ASP B 227 -76.62 5.79 -37.29
N SER B 228 -76.27 6.44 -36.17
CA SER B 228 -74.90 6.40 -35.73
C SER B 228 -74.50 4.99 -35.33
N PHE B 229 -75.46 4.24 -34.76
CA PHE B 229 -75.18 2.85 -34.42
C PHE B 229 -75.07 1.98 -35.65
N ALA B 230 -75.82 2.31 -36.69
CA ALA B 230 -75.78 1.51 -37.90
C ALA B 230 -74.47 1.73 -38.64
N LYS B 231 -73.92 2.94 -38.54
CA LYS B 231 -72.62 3.13 -39.16
C LYS B 231 -71.51 2.53 -38.32
N TYR B 232 -71.51 2.78 -37.02
CA TYR B 232 -70.28 2.66 -36.24
C TYR B 232 -70.36 1.73 -35.05
N ARG B 233 -71.48 1.02 -34.84
CA ARG B 233 -71.70 0.09 -33.73
C ARG B 233 -71.58 0.73 -32.35
N TRP B 234 -71.72 2.04 -32.26
CA TRP B 234 -71.76 2.76 -31.00
C TRP B 234 -72.65 3.96 -31.21
N CYS B 235 -72.90 4.73 -30.15
CA CYS B 235 -73.60 6.00 -30.32
C CYS B 235 -72.90 7.18 -29.65
N PRO B 236 -71.66 7.54 -30.04
CA PRO B 236 -71.16 8.82 -29.54
C PRO B 236 -71.31 9.95 -30.56
N ASN B 237 -71.73 9.63 -31.78
CA ASN B 237 -71.67 10.60 -32.87
C ASN B 237 -73.06 11.16 -33.16
N ILE B 238 -73.48 12.07 -32.31
CA ILE B 238 -74.79 12.70 -32.48
C ILE B 238 -74.71 14.21 -32.33
N ILE B 239 -73.52 14.79 -32.38
CA ILE B 239 -73.35 16.14 -31.89
C ILE B 239 -72.75 17.15 -32.85
N GLY B 240 -73.03 17.06 -34.13
CA GLY B 240 -72.45 18.03 -35.02
C GLY B 240 -73.15 18.19 -36.35
N PRO B 241 -72.80 19.24 -37.07
CA PRO B 241 -73.20 19.32 -38.47
C PRO B 241 -72.46 18.30 -39.33
N GLN B 242 -71.29 17.84 -38.88
CA GLN B 242 -70.55 16.86 -39.65
C GLN B 242 -70.15 15.63 -38.88
N SER B 243 -70.18 15.67 -37.55
CA SER B 243 -69.72 14.52 -36.78
C SER B 243 -70.76 13.42 -36.76
N GLY B 244 -72.00 13.72 -37.13
CA GLY B 244 -73.00 12.69 -37.25
C GLY B 244 -74.38 13.18 -36.89
N GLY B 245 -74.45 14.32 -36.21
CA GLY B 245 -75.72 14.76 -35.68
C GLY B 245 -76.58 15.53 -36.65
N ALA B 246 -76.16 15.60 -37.91
CA ALA B 246 -76.90 16.39 -38.88
C ALA B 246 -78.19 15.68 -39.27
N VAL B 247 -79.31 16.33 -39.01
CA VAL B 247 -80.61 15.84 -39.45
C VAL B 247 -80.93 16.55 -40.75
N GLU B 248 -80.87 15.81 -41.86
CA GLU B 248 -81.07 16.40 -43.18
C GLU B 248 -82.51 16.28 -43.60
N ASP B 249 -82.82 16.91 -44.73
CA ASP B 249 -84.08 16.78 -45.45
C ASP B 249 -85.29 17.21 -44.60
N LEU B 250 -85.40 18.48 -44.31
CA LEU B 250 -86.63 18.91 -43.68
C LEU B 250 -87.52 19.64 -44.68
N PRO B 251 -88.84 19.53 -44.52
CA PRO B 251 -89.76 20.17 -45.47
C PRO B 251 -89.80 21.67 -45.29
N VAL B 252 -89.91 22.39 -46.40
CA VAL B 252 -90.00 23.84 -46.41
C VAL B 252 -91.41 24.22 -46.80
N HIS B 253 -91.73 25.50 -46.61
CA HIS B 253 -93.04 25.98 -47.01
C HIS B 253 -92.88 27.46 -47.40
N VAL B 254 -92.64 27.70 -48.66
CA VAL B 254 -92.49 29.06 -49.15
C VAL B 254 -93.88 29.67 -49.31
N PHE B 255 -94.17 30.72 -48.54
CA PHE B 255 -95.49 31.30 -48.59
C PHE B 255 -95.37 32.80 -48.65
N GLU B 256 -96.40 33.44 -49.19
CA GLU B 256 -96.36 34.88 -49.47
C GLU B 256 -96.47 35.69 -48.20
N SER B 257 -95.47 36.52 -47.96
CA SER B 257 -95.40 37.39 -46.79
C SER B 257 -96.04 38.74 -47.15
N MET B 258 -95.79 39.82 -46.43
CA MET B 258 -96.33 41.14 -46.76
C MET B 258 -95.67 41.71 -48.01
N GLY B 259 -96.02 41.17 -49.17
CA GLY B 259 -95.47 41.61 -50.44
C GLY B 259 -94.35 40.77 -50.96
N ALA B 260 -93.54 40.16 -50.10
CA ALA B 260 -92.40 39.38 -50.52
C ALA B 260 -92.64 37.90 -50.22
N LEU B 261 -91.68 37.07 -50.59
CA LEU B 261 -91.67 35.68 -50.20
C LEU B 261 -90.83 35.53 -48.95
N GLN B 262 -91.12 34.49 -48.18
CA GLN B 262 -90.23 34.07 -47.12
C GLN B 262 -90.44 32.59 -46.89
N SER B 263 -89.40 31.94 -46.38
CA SER B 263 -89.48 30.54 -46.03
C SER B 263 -89.99 30.40 -44.62
N LYS B 264 -91.07 29.65 -44.45
CA LYS B 264 -91.44 29.27 -43.09
C LYS B 264 -90.43 28.28 -42.57
N ILE B 265 -89.89 28.57 -41.40
CA ILE B 265 -88.76 27.81 -40.87
C ILE B 265 -89.26 26.41 -40.48
N PRO B 266 -88.51 25.37 -40.80
CA PRO B 266 -88.96 24.01 -40.44
C PRO B 266 -89.01 23.76 -38.95
N THR B 267 -88.03 24.23 -38.19
CA THR B 267 -88.21 24.33 -36.76
C THR B 267 -89.03 25.58 -36.50
N GLU B 268 -89.52 25.73 -35.27
CA GLU B 268 -90.38 26.87 -34.99
C GLU B 268 -89.61 28.18 -35.03
N VAL B 269 -88.37 28.16 -34.59
CA VAL B 269 -87.56 29.36 -34.61
C VAL B 269 -86.18 29.04 -35.15
N LEU B 270 -85.51 30.10 -35.58
CA LEU B 270 -84.08 30.10 -35.86
C LEU B 270 -83.41 30.46 -34.55
N ILE B 271 -82.92 29.45 -33.85
CA ILE B 271 -82.25 29.68 -32.58
C ILE B 271 -80.86 30.26 -32.86
N THR B 272 -80.62 31.48 -32.40
CA THR B 272 -79.29 32.04 -32.51
C THR B 272 -78.34 31.35 -31.56
N ASP B 273 -77.04 31.49 -31.82
CA ASP B 273 -76.07 30.60 -31.20
C ASP B 273 -75.89 30.88 -29.72
N ARG B 274 -76.08 32.13 -29.30
CA ARG B 274 -76.09 32.41 -27.88
C ARG B 274 -77.27 31.74 -27.21
N LYS B 275 -78.42 31.73 -27.88
CA LYS B 275 -79.59 31.06 -27.33
C LYS B 275 -79.40 29.56 -27.30
N GLU B 276 -78.64 29.04 -28.26
CA GLU B 276 -78.36 27.61 -28.27
C GLU B 276 -77.45 27.22 -27.12
N PHE B 277 -76.40 28.02 -26.88
CA PHE B 277 -75.50 27.69 -25.79
C PHE B 277 -76.18 27.83 -24.44
N GLU B 278 -77.16 28.73 -24.36
CA GLU B 278 -77.92 28.81 -23.12
C GLU B 278 -78.81 27.60 -22.93
N LEU B 279 -79.45 27.14 -24.01
CA LEU B 279 -80.24 25.91 -23.90
C LEU B 279 -79.36 24.71 -23.64
N ALA B 280 -78.09 24.78 -24.04
CA ALA B 280 -77.19 23.68 -23.75
C ALA B 280 -76.76 23.70 -22.30
N GLU B 281 -76.65 24.88 -21.71
CA GLU B 281 -76.27 24.93 -20.29
C GLU B 281 -77.44 24.57 -19.39
N GLU B 282 -78.67 24.70 -19.88
CA GLU B 282 -79.82 24.35 -19.07
C GLU B 282 -80.18 22.89 -19.17
N GLY B 283 -79.41 22.11 -19.94
CA GLY B 283 -79.70 20.71 -20.08
C GLY B 283 -80.69 20.36 -21.17
N PHE B 284 -80.75 21.14 -22.23
CA PHE B 284 -81.70 20.89 -23.30
C PHE B 284 -80.93 20.64 -24.59
N ILE B 285 -81.55 19.90 -25.50
CA ILE B 285 -80.95 19.56 -26.78
C ILE B 285 -81.62 20.47 -27.81
N ALA B 286 -80.91 21.47 -28.29
CA ALA B 286 -81.50 22.47 -29.15
C ALA B 286 -81.39 22.00 -30.60
N LEU B 287 -82.52 21.68 -31.21
CA LEU B 287 -82.55 21.44 -32.64
C LEU B 287 -82.40 22.79 -33.34
N THR B 288 -81.25 23.05 -33.93
CA THR B 288 -80.97 24.34 -34.54
C THR B 288 -81.11 24.29 -36.04
N MET B 289 -81.92 25.19 -36.57
CA MET B 289 -82.11 25.30 -38.00
C MET B 289 -80.90 25.99 -38.60
N ARG B 290 -80.46 25.50 -39.75
CA ARG B 290 -79.43 26.19 -40.51
C ARG B 290 -80.09 27.15 -41.48
N LYS B 291 -79.91 28.45 -41.24
CA LYS B 291 -80.64 29.48 -41.97
C LYS B 291 -80.31 29.46 -43.45
N GLY B 292 -81.35 29.51 -44.28
CA GLY B 292 -81.17 29.48 -45.70
C GLY B 292 -81.05 28.11 -46.29
N SER B 293 -81.23 27.07 -45.47
CA SER B 293 -81.18 25.72 -45.96
C SER B 293 -82.48 25.04 -45.58
N ASP B 294 -82.54 23.73 -45.77
CA ASP B 294 -83.61 22.90 -45.27
C ASP B 294 -83.06 21.84 -44.34
N ASN B 295 -81.94 22.14 -43.70
CA ASN B 295 -81.20 21.19 -42.90
C ASN B 295 -81.09 21.71 -41.47
N ALA B 296 -81.03 20.81 -40.52
CA ALA B 296 -80.94 21.22 -39.13
C ALA B 296 -79.86 20.40 -38.43
N ALA B 297 -79.50 20.81 -37.22
CA ALA B 297 -78.39 20.17 -36.56
C ALA B 297 -78.51 20.30 -35.05
N PHE B 298 -77.97 19.31 -34.35
CA PHE B 298 -77.78 19.34 -32.91
C PHE B 298 -76.37 19.87 -32.66
N PHE B 299 -76.24 21.12 -32.26
CA PHE B 299 -74.92 21.60 -31.87
C PHE B 299 -74.50 21.04 -30.51
N SER B 300 -75.44 20.53 -29.73
CA SER B 300 -75.12 20.06 -28.39
C SER B 300 -76.16 19.01 -28.00
N ALA B 301 -75.74 18.07 -27.17
CA ALA B 301 -76.62 17.03 -26.67
C ALA B 301 -76.35 16.80 -25.20
N ASN B 302 -76.37 17.86 -24.41
CA ASN B 302 -76.24 17.70 -22.97
C ASN B 302 -77.44 16.97 -22.38
N SER B 303 -77.25 16.40 -21.19
CA SER B 303 -78.33 15.83 -20.43
C SER B 303 -78.74 16.79 -19.32
N ILE B 304 -79.64 16.33 -18.44
CA ILE B 304 -80.31 17.23 -17.53
C ILE B 304 -79.39 17.69 -16.40
N GLN B 305 -78.46 16.85 -15.97
CA GLN B 305 -77.82 17.03 -14.67
C GLN B 305 -76.92 18.24 -14.65
N LYS B 306 -77.05 19.03 -13.63
CA LYS B 306 -76.33 20.28 -13.48
C LYS B 306 -74.86 19.99 -13.29
N PRO B 307 -74.00 20.55 -14.13
CA PRO B 307 -72.57 20.28 -14.01
C PRO B 307 -72.04 20.96 -12.76
N LYS B 308 -71.43 20.16 -11.88
CA LYS B 308 -70.99 20.65 -10.58
C LYS B 308 -69.82 21.60 -10.68
N VAL B 309 -69.66 22.43 -9.66
CA VAL B 309 -68.51 23.31 -9.50
C VAL B 309 -67.69 22.82 -8.32
N PHE B 310 -66.40 22.60 -8.55
CA PHE B 310 -65.47 22.13 -7.53
C PHE B 310 -64.43 23.21 -7.28
N PRO B 311 -63.68 23.17 -6.17
CA PRO B 311 -62.69 24.22 -5.94
C PRO B 311 -61.59 24.21 -6.99
N ASN B 312 -61.02 25.39 -7.25
CA ASN B 312 -60.07 25.53 -8.33
C ASN B 312 -58.66 25.14 -7.86
N THR B 313 -58.49 23.84 -7.64
CA THR B 313 -57.19 23.25 -7.42
C THR B 313 -56.92 22.27 -8.55
N LYS B 314 -55.86 21.48 -8.42
CA LYS B 314 -55.58 20.45 -9.41
C LYS B 314 -56.60 19.33 -9.33
N GLU B 315 -56.81 18.80 -8.12
CA GLU B 315 -57.77 17.74 -7.91
C GLU B 315 -59.19 18.21 -8.18
N GLY B 316 -59.46 19.48 -7.92
CA GLY B 316 -60.78 20.02 -8.20
C GLY B 316 -61.09 20.08 -9.68
N LYS B 317 -60.11 20.43 -10.50
CA LYS B 317 -60.38 20.47 -11.92
C LYS B 317 -60.44 19.08 -12.52
N GLU B 318 -59.73 18.10 -11.94
CA GLU B 318 -59.92 16.73 -12.40
C GLU B 318 -61.32 16.23 -12.06
N ALA B 319 -61.81 16.56 -10.87
CA ALA B 319 -63.10 16.03 -10.49
C ALA B 319 -64.22 16.75 -11.24
N GLU B 320 -64.04 18.02 -11.58
CA GLU B 320 -64.99 18.68 -12.48
C GLU B 320 -64.93 18.09 -13.87
N THR B 321 -63.74 17.70 -14.32
CA THR B 321 -63.59 17.13 -15.65
C THR B 321 -64.35 15.81 -15.74
N ASN B 322 -64.25 15.00 -14.69
CA ASN B 322 -64.96 13.74 -14.70
C ASN B 322 -66.46 13.98 -14.60
N TYR B 323 -66.84 15.01 -13.86
CA TYR B 323 -68.25 15.20 -13.62
C TYR B 323 -68.93 15.82 -14.83
N LYS B 324 -68.19 16.54 -15.68
CA LYS B 324 -68.82 16.99 -16.92
C LYS B 324 -68.69 15.97 -18.02
N LEU B 325 -67.78 14.98 -17.88
CA LEU B 325 -67.87 13.86 -18.80
C LEU B 325 -69.07 12.99 -18.51
N GLY B 326 -69.45 12.90 -17.24
CA GLY B 326 -70.54 12.00 -16.89
C GLY B 326 -71.89 12.51 -17.37
N THR B 327 -72.05 13.81 -17.48
CA THR B 327 -73.38 14.35 -17.66
C THR B 327 -73.73 14.68 -19.11
N GLN B 328 -73.07 14.11 -20.09
CA GLN B 328 -73.42 14.35 -21.48
C GLN B 328 -73.71 13.04 -22.18
N LEU B 329 -74.80 13.01 -22.93
CA LEU B 329 -75.24 11.78 -23.58
C LEU B 329 -74.26 11.12 -24.55
N PRO B 330 -73.46 11.81 -25.36
CA PRO B 330 -72.53 11.07 -26.24
C PRO B 330 -71.39 10.38 -25.51
N TYR B 331 -71.34 10.45 -24.19
CA TYR B 331 -70.45 9.61 -23.40
C TYR B 331 -71.22 8.59 -22.61
N MET B 332 -72.43 8.93 -22.18
CA MET B 332 -73.25 7.94 -21.49
C MET B 332 -73.75 6.87 -22.43
N MET B 333 -73.75 7.11 -23.73
CA MET B 333 -74.06 6.00 -24.61
C MET B 333 -72.89 5.04 -24.71
N ILE B 334 -71.67 5.55 -24.57
CA ILE B 334 -70.51 4.66 -24.49
C ILE B 334 -70.58 3.82 -23.23
N ILE B 335 -70.91 4.43 -22.10
CA ILE B 335 -70.97 3.66 -20.86
C ILE B 335 -72.18 2.73 -20.84
N ASN B 336 -73.25 3.10 -21.54
CA ASN B 336 -74.37 2.19 -21.67
C ASN B 336 -74.00 0.95 -22.47
N ARG B 337 -73.25 1.13 -23.56
CA ARG B 337 -72.88 -0.04 -24.36
C ARG B 337 -71.85 -0.89 -23.64
N LEU B 338 -70.96 -0.29 -22.85
CA LEU B 338 -70.09 -1.12 -22.04
C LEU B 338 -70.84 -1.84 -20.94
N ALA B 339 -71.87 -1.21 -20.37
CA ALA B 339 -72.63 -1.87 -19.33
C ALA B 339 -73.40 -3.04 -19.91
N HIS B 340 -73.89 -2.90 -21.14
CA HIS B 340 -74.61 -3.98 -21.77
C HIS B 340 -73.70 -5.13 -22.15
N TYR B 341 -72.53 -4.84 -22.70
CA TYR B 341 -71.61 -5.93 -23.02
C TYR B 341 -71.06 -6.60 -21.78
N VAL B 342 -70.88 -5.85 -20.70
CA VAL B 342 -70.35 -6.44 -19.48
C VAL B 342 -71.39 -7.34 -18.82
N LYS B 343 -72.65 -6.94 -18.85
CA LYS B 343 -73.69 -7.81 -18.33
C LYS B 343 -73.85 -9.06 -19.18
N VAL B 344 -73.99 -8.87 -20.49
CA VAL B 344 -74.36 -9.98 -21.37
C VAL B 344 -73.21 -10.97 -21.53
N LEU B 345 -71.99 -10.46 -21.69
CA LEU B 345 -70.86 -11.38 -21.76
C LEU B 345 -70.47 -11.94 -20.40
N GLN B 346 -70.57 -11.15 -19.34
CA GLN B 346 -70.15 -11.68 -18.04
C GLN B 346 -71.27 -12.48 -17.37
N ARG B 347 -72.35 -12.79 -18.09
CA ARG B 347 -73.19 -13.89 -17.61
C ARG B 347 -72.74 -15.22 -18.20
N GLU B 348 -71.95 -15.19 -19.25
CA GLU B 348 -71.56 -16.47 -19.85
C GLU B 348 -70.35 -17.06 -19.16
N GLN B 349 -69.75 -16.35 -18.23
CA GLN B 349 -68.59 -16.89 -17.54
C GLN B 349 -68.90 -17.37 -16.13
N ILE B 350 -70.15 -17.27 -15.68
CA ILE B 350 -70.50 -17.81 -14.38
C ILE B 350 -70.36 -19.31 -14.41
N GLY B 351 -69.40 -19.83 -13.65
CA GLY B 351 -69.10 -21.24 -13.68
C GLY B 351 -67.79 -21.58 -14.33
N ALA B 352 -66.99 -20.59 -14.69
CA ALA B 352 -65.66 -20.91 -15.16
C ALA B 352 -64.65 -20.76 -14.04
N TRP B 353 -63.60 -21.57 -14.09
CA TRP B 353 -62.58 -21.58 -13.05
C TRP B 353 -61.77 -20.29 -13.17
N LYS B 354 -62.18 -19.28 -12.41
CA LYS B 354 -61.58 -17.97 -12.48
C LYS B 354 -60.95 -17.59 -11.16
N GLU B 355 -59.79 -16.98 -11.22
CA GLU B 355 -59.24 -16.31 -10.05
C GLU B 355 -59.41 -14.81 -10.20
N ARG B 356 -58.76 -14.07 -9.29
CA ARG B 356 -58.82 -12.62 -9.34
C ARG B 356 -58.07 -12.08 -10.54
N GLN B 357 -56.79 -12.44 -10.66
CA GLN B 357 -55.98 -12.03 -11.80
C GLN B 357 -56.47 -12.63 -13.11
N ASP B 358 -57.30 -13.67 -13.04
CA ASP B 358 -58.01 -14.10 -14.24
C ASP B 358 -58.95 -13.01 -14.74
N LEU B 359 -59.69 -12.37 -13.83
CA LEU B 359 -60.55 -11.30 -14.29
C LEU B 359 -59.78 -10.07 -14.69
N GLU B 360 -58.61 -9.83 -14.08
CA GLU B 360 -57.78 -8.74 -14.57
C GLU B 360 -57.31 -9.01 -15.99
N ARG B 361 -56.90 -10.24 -16.26
CA ARG B 361 -56.34 -10.54 -17.56
C ARG B 361 -57.44 -10.60 -18.63
N GLU B 362 -58.58 -11.18 -18.28
CA GLU B 362 -59.62 -11.34 -19.29
C GLU B 362 -60.38 -10.05 -19.52
N LEU B 363 -60.50 -9.20 -18.51
CA LEU B 363 -61.15 -7.93 -18.79
C LEU B 363 -60.19 -6.96 -19.48
N ASN B 364 -58.89 -7.03 -19.18
CA ASN B 364 -57.96 -6.14 -19.87
C ASN B 364 -57.79 -6.56 -21.32
N SER B 365 -57.70 -7.86 -21.58
CA SER B 365 -57.69 -8.31 -22.97
C SER B 365 -59.07 -8.17 -23.60
N TRP B 366 -60.12 -8.04 -22.79
CA TRP B 366 -61.44 -7.77 -23.34
C TRP B 366 -61.56 -6.34 -23.79
N ILE B 367 -60.91 -5.43 -23.07
CA ILE B 367 -61.12 -4.01 -23.30
C ILE B 367 -60.00 -3.43 -24.17
N LYS B 368 -58.96 -4.22 -24.46
CA LYS B 368 -58.01 -3.79 -25.49
C LYS B 368 -58.62 -3.87 -26.88
N GLN B 369 -59.79 -4.50 -27.00
CA GLN B 369 -60.63 -4.37 -28.17
C GLN B 369 -61.01 -2.91 -28.44
N TYR B 370 -61.28 -2.14 -27.39
CA TYR B 370 -61.89 -0.84 -27.57
C TYR B 370 -60.94 0.31 -27.26
N VAL B 371 -59.65 0.08 -27.22
CA VAL B 371 -58.67 1.12 -26.92
C VAL B 371 -58.02 1.56 -28.21
N ALA B 372 -58.07 2.84 -28.50
CA ALA B 372 -57.40 3.39 -29.69
C ALA B 372 -56.38 4.40 -29.18
N ASP B 373 -55.20 3.92 -28.80
CA ASP B 373 -54.22 4.76 -28.10
C ASP B 373 -52.98 5.04 -28.94
N GLN B 374 -53.14 5.19 -30.24
CA GLN B 374 -52.00 5.59 -31.06
C GLN B 374 -51.76 7.08 -30.94
N GLU B 375 -50.89 7.58 -31.83
CA GLU B 375 -50.54 8.99 -31.75
C GLU B 375 -51.66 9.86 -32.27
N ASN B 376 -52.23 9.50 -33.39
CA ASN B 376 -53.22 10.36 -34.00
C ASN B 376 -54.15 9.52 -34.86
N PRO B 377 -55.15 8.87 -34.28
CA PRO B 377 -56.05 8.06 -35.08
C PRO B 377 -57.02 8.94 -35.84
N PRO B 378 -57.39 8.56 -37.05
CA PRO B 378 -58.37 9.36 -37.80
C PRO B 378 -59.77 9.21 -37.22
N ALA B 379 -60.71 9.92 -37.84
CA ALA B 379 -62.03 10.11 -37.22
C ALA B 379 -62.83 8.82 -37.17
N ASP B 380 -62.61 7.92 -38.12
CA ASP B 380 -63.41 6.70 -38.16
C ASP B 380 -62.96 5.72 -37.09
N VAL B 381 -61.65 5.55 -36.92
CA VAL B 381 -61.14 4.63 -35.92
C VAL B 381 -61.43 5.15 -34.52
N ARG B 382 -61.47 6.46 -34.36
CA ARG B 382 -62.02 7.01 -33.13
C ARG B 382 -63.51 6.78 -33.03
N SER B 383 -64.21 6.67 -34.17
CA SER B 383 -65.66 6.53 -34.08
C SER B 383 -66.05 5.13 -33.66
N ARG B 384 -65.25 4.13 -34.03
CA ARG B 384 -65.62 2.76 -33.68
C ARG B 384 -64.81 2.16 -32.55
N ARG B 385 -63.80 2.87 -32.06
CA ARG B 385 -63.07 2.49 -30.84
C ARG B 385 -63.08 3.71 -29.95
N PRO B 386 -64.11 3.88 -29.14
CA PRO B 386 -64.33 5.21 -28.57
C PRO B 386 -63.45 5.54 -27.40
N LEU B 387 -63.04 4.58 -26.58
CA LEU B 387 -62.39 4.90 -25.32
C LEU B 387 -60.88 4.80 -25.48
N ARG B 388 -60.15 5.76 -24.91
CA ARG B 388 -58.72 5.85 -25.18
C ARG B 388 -57.90 5.11 -24.14
N ALA B 389 -58.34 5.12 -22.89
CA ALA B 389 -57.63 4.40 -21.84
C ALA B 389 -58.61 3.55 -21.06
N ALA B 390 -58.09 2.52 -20.43
CA ALA B 390 -58.91 1.71 -19.55
C ALA B 390 -58.06 1.17 -18.43
N ARG B 391 -58.51 1.38 -17.21
CA ARG B 391 -57.81 0.94 -16.01
C ARG B 391 -58.77 0.10 -15.17
N ILE B 392 -58.48 -1.19 -15.05
CA ILE B 392 -59.39 -2.13 -14.41
C ILE B 392 -58.75 -2.64 -13.15
N GLU B 393 -59.49 -2.57 -12.05
CA GLU B 393 -59.04 -3.16 -10.80
C GLU B 393 -60.03 -4.23 -10.38
N VAL B 394 -59.53 -5.42 -10.08
CA VAL B 394 -60.36 -6.55 -9.68
C VAL B 394 -59.97 -6.95 -8.27
N MET B 395 -60.93 -6.93 -7.37
CA MET B 395 -60.73 -7.31 -5.99
C MET B 395 -61.76 -8.34 -5.57
N ASP B 396 -61.48 -9.03 -4.48
CA ASP B 396 -62.38 -10.07 -3.98
C ASP B 396 -63.31 -9.48 -2.93
N VAL B 397 -64.54 -10.00 -2.89
CA VAL B 397 -65.39 -9.75 -1.75
C VAL B 397 -64.91 -10.72 -0.68
N GLU B 398 -64.29 -10.19 0.37
CA GLU B 398 -63.66 -11.04 1.38
C GLU B 398 -64.70 -11.77 2.20
N GLY B 399 -64.48 -13.06 2.41
CA GLY B 399 -65.45 -13.83 3.15
C GLY B 399 -66.69 -14.19 2.38
N ASN B 400 -66.66 -14.06 1.06
CA ASN B 400 -67.78 -14.46 0.21
C ASN B 400 -67.20 -14.96 -1.08
N PRO B 401 -66.83 -16.24 -1.14
CA PRO B 401 -65.79 -16.68 -2.08
C PRO B 401 -66.27 -16.74 -3.51
N GLY B 402 -65.38 -16.40 -4.42
CA GLY B 402 -65.70 -16.30 -5.82
C GLY B 402 -66.17 -14.93 -6.25
N TRP B 403 -66.94 -14.25 -5.42
CA TRP B 403 -67.54 -12.96 -5.75
C TRP B 403 -66.45 -11.91 -5.91
N TYR B 404 -66.33 -11.39 -7.11
CA TYR B 404 -65.26 -10.47 -7.45
C TYR B 404 -65.83 -9.06 -7.61
N GLN B 405 -65.01 -8.07 -7.32
CA GLN B 405 -65.45 -6.68 -7.28
C GLN B 405 -64.58 -5.87 -8.21
N VAL B 406 -65.17 -5.30 -9.25
CA VAL B 406 -64.42 -4.76 -10.37
C VAL B 406 -64.75 -3.29 -10.54
N SER B 407 -63.72 -2.47 -10.73
CA SER B 407 -63.88 -1.08 -11.12
C SER B 407 -63.33 -0.90 -12.53
N LEU B 408 -64.20 -0.56 -13.46
CA LEU B 408 -63.83 -0.35 -14.84
C LEU B 408 -63.98 1.11 -15.17
N SER B 409 -62.85 1.80 -15.38
CA SER B 409 -62.82 3.23 -15.57
C SER B 409 -62.25 3.55 -16.94
N VAL B 410 -62.98 4.33 -17.74
CA VAL B 410 -62.57 4.62 -19.10
C VAL B 410 -62.36 6.11 -19.26
N ARG B 411 -61.64 6.48 -20.32
CA ARG B 411 -61.39 7.88 -20.68
C ARG B 411 -61.70 8.05 -22.15
N PRO B 412 -62.85 8.59 -22.50
CA PRO B 412 -63.26 8.60 -23.91
C PRO B 412 -62.51 9.65 -24.69
N HIS B 413 -62.66 9.59 -26.01
CA HIS B 413 -62.17 10.67 -26.85
C HIS B 413 -63.00 11.91 -26.63
N PHE B 414 -62.33 13.01 -26.37
CA PHE B 414 -63.00 14.28 -26.20
C PHE B 414 -63.46 14.80 -27.55
N LYS B 415 -64.73 15.13 -27.64
CA LYS B 415 -65.24 15.69 -28.87
C LYS B 415 -65.31 17.20 -28.75
N TYR B 416 -64.97 17.89 -29.83
CA TYR B 416 -64.71 19.34 -29.84
C TYR B 416 -66.00 20.11 -29.58
N MET B 417 -66.16 20.66 -28.38
CA MET B 417 -67.39 21.34 -28.04
C MET B 417 -67.18 22.73 -27.47
N GLY B 418 -66.40 23.56 -28.13
CA GLY B 418 -66.33 24.96 -27.79
C GLY B 418 -64.90 25.42 -27.60
N ALA B 419 -64.63 26.66 -28.01
CA ALA B 419 -63.31 27.23 -27.84
C ALA B 419 -63.45 28.74 -27.81
N ASN B 420 -62.46 29.40 -27.22
CA ASN B 420 -62.35 30.85 -27.25
C ASN B 420 -61.14 31.24 -28.07
N PHE B 421 -61.29 32.26 -28.90
CA PHE B 421 -60.20 32.73 -29.74
C PHE B 421 -59.87 34.17 -29.43
N GLU B 422 -58.59 34.47 -29.39
CA GLU B 422 -58.08 35.82 -29.25
C GLU B 422 -57.10 36.06 -30.38
N LEU B 423 -57.33 37.11 -31.16
CA LEU B 423 -56.47 37.43 -32.29
C LEU B 423 -55.75 38.74 -32.03
N SER B 424 -54.57 38.89 -32.63
CA SER B 424 -53.79 40.11 -32.44
C SER B 424 -52.81 40.31 -33.58
N LEU B 425 -52.86 41.48 -34.21
CA LEU B 425 -51.84 41.84 -35.16
C LEU B 425 -50.56 42.14 -34.41
N VAL B 426 -49.42 41.77 -34.99
CA VAL B 426 -48.12 42.05 -34.39
C VAL B 426 -47.07 42.04 -35.49
N GLY B 427 -46.02 42.81 -35.30
CA GLY B 427 -44.82 42.69 -36.12
C GLY B 427 -43.90 41.68 -35.46
N ARG B 428 -42.66 41.59 -35.98
CA ARG B 428 -41.51 40.96 -35.30
C ARG B 428 -41.66 39.44 -35.14
N LEU B 429 -42.77 38.84 -35.54
CA LEU B 429 -43.02 37.44 -35.25
C LEU B 429 -42.23 36.53 -36.18
N ASP B 430 -41.73 35.43 -35.63
CA ASP B 430 -41.01 34.43 -36.40
C ASP B 430 -41.95 33.66 -37.29
N SER C 1 -66.21 53.44 -21.94
CA SER C 1 -65.44 52.32 -21.45
C SER C 1 -64.05 52.33 -22.05
N LYS C 2 -63.20 51.45 -21.56
CA LYS C 2 -61.83 51.35 -22.05
C LYS C 2 -61.39 49.95 -22.42
N GLU C 3 -62.10 48.90 -21.99
CA GLU C 3 -61.71 47.53 -22.28
C GLU C 3 -62.38 46.98 -23.53
N GLY C 4 -63.07 47.82 -24.29
CA GLY C 4 -63.85 47.30 -25.37
C GLY C 4 -65.07 46.58 -24.82
N SER C 5 -65.63 45.71 -25.65
CA SER C 5 -66.76 44.90 -25.24
C SER C 5 -66.69 43.57 -25.96
N VAL C 6 -67.46 42.62 -25.45
CA VAL C 6 -67.54 41.29 -26.03
C VAL C 6 -69.01 40.96 -26.25
N ALA C 7 -69.26 39.93 -27.02
CA ALA C 7 -70.58 39.36 -27.13
C ALA C 7 -70.84 38.49 -25.92
N PRO C 8 -72.09 38.12 -25.64
CA PRO C 8 -72.32 37.04 -24.68
C PRO C 8 -71.75 35.75 -25.22
N LYS C 9 -71.36 34.86 -24.30
CA LYS C 9 -70.53 33.70 -24.61
C LYS C 9 -71.31 32.71 -25.49
N GLU C 10 -70.62 32.26 -26.53
CA GLU C 10 -71.20 31.35 -27.51
C GLU C 10 -70.37 30.07 -27.51
N ARG C 11 -70.63 29.21 -28.48
CA ARG C 11 -69.78 28.05 -28.70
C ARG C 11 -68.36 28.44 -29.12
N ILE C 12 -68.24 29.42 -29.99
CA ILE C 12 -66.94 29.87 -30.48
C ILE C 12 -66.80 31.34 -30.09
N ASN C 13 -66.01 31.63 -29.06
CA ASN C 13 -65.78 32.99 -28.65
C ASN C 13 -64.57 33.54 -29.38
N ILE C 14 -64.79 34.58 -30.18
CA ILE C 14 -63.70 35.27 -30.86
C ILE C 14 -63.74 36.73 -30.47
N LYS C 15 -62.67 37.20 -29.86
CA LYS C 15 -62.49 38.59 -29.55
C LYS C 15 -61.06 38.97 -29.87
N TYR C 16 -60.83 40.24 -30.11
CA TYR C 16 -59.50 40.71 -30.44
C TYR C 16 -58.96 41.55 -29.30
N ILE C 17 -57.76 41.24 -28.86
CA ILE C 17 -57.06 41.99 -27.82
C ILE C 17 -55.84 42.61 -28.44
N PRO C 18 -55.21 43.56 -27.76
CA PRO C 18 -53.87 43.95 -28.20
C PRO C 18 -52.92 42.82 -27.93
N ALA C 19 -52.60 42.08 -28.98
CA ALA C 19 -51.95 40.79 -28.82
C ALA C 19 -50.46 40.90 -28.65
N THR C 20 -49.95 42.11 -28.45
CA THR C 20 -48.53 42.29 -28.15
C THR C 20 -48.18 41.64 -26.82
N GLY C 21 -49.11 41.68 -25.87
CA GLY C 21 -48.95 41.03 -24.60
C GLY C 21 -47.84 41.66 -23.79
N ASP C 22 -47.62 42.95 -24.02
CA ASP C 22 -46.45 43.63 -23.49
C ASP C 22 -46.68 43.89 -22.01
N ALA C 23 -46.33 42.89 -21.22
CA ALA C 23 -46.19 43.11 -19.79
C ALA C 23 -45.04 44.06 -19.54
N GLN C 24 -45.14 44.80 -18.43
CA GLN C 24 -44.21 45.89 -18.08
C GLN C 24 -44.13 46.94 -19.19
N ALA C 25 -45.29 47.29 -19.74
CA ALA C 25 -45.41 48.39 -20.68
C ALA C 25 -46.56 49.28 -20.25
N GLU C 26 -46.26 50.53 -19.99
CA GLU C 26 -47.25 51.51 -19.58
C GLU C 26 -47.15 52.71 -20.50
N ALA C 27 -48.22 53.46 -20.60
CA ALA C 27 -48.33 54.56 -21.56
C ALA C 27 -48.16 55.87 -20.82
N GLU C 28 -47.38 56.77 -21.39
CA GLU C 28 -47.22 58.13 -20.88
C GLU C 28 -47.21 59.09 -22.06
N VAL C 29 -47.82 60.24 -21.88
CA VAL C 29 -47.65 61.32 -22.85
C VAL C 29 -46.30 61.95 -22.58
N GLU C 30 -45.57 62.30 -23.65
CA GLU C 30 -44.36 63.09 -23.48
C GLU C 30 -44.72 64.42 -22.86
N LEU C 31 -44.32 64.60 -21.62
CA LEU C 31 -44.79 65.72 -20.82
C LEU C 31 -44.22 67.01 -21.39
N PRO C 32 -45.02 68.06 -21.49
CA PRO C 32 -44.51 69.30 -22.05
C PRO C 32 -43.60 70.00 -21.07
N LEU C 33 -42.50 70.54 -21.58
CA LEU C 33 -41.60 71.38 -20.79
C LEU C 33 -42.25 72.75 -20.64
N LYS C 34 -43.18 72.83 -19.69
CA LYS C 34 -44.05 74.00 -19.62
C LYS C 34 -43.34 75.14 -18.92
N THR C 35 -42.72 76.01 -19.70
CA THR C 35 -42.02 77.15 -19.17
C THR C 35 -43.02 78.19 -18.71
N LEU C 36 -42.84 78.68 -17.49
CA LEU C 36 -43.75 79.65 -16.91
C LEU C 36 -43.03 80.98 -16.85
N VAL C 37 -43.13 81.77 -17.90
CA VAL C 37 -42.48 83.07 -17.95
C VAL C 37 -43.25 84.02 -17.04
N VAL C 38 -42.57 84.54 -16.03
CA VAL C 38 -43.16 85.46 -15.07
C VAL C 38 -42.40 86.77 -15.12
N GLY C 39 -43.09 87.84 -15.49
CA GLY C 39 -42.42 89.13 -15.53
C GLY C 39 -43.44 90.24 -15.64
N ASP C 40 -42.94 91.47 -15.48
CA ASP C 40 -43.78 92.66 -15.51
C ASP C 40 -44.27 92.88 -16.95
N PHE C 41 -45.57 92.70 -17.13
CA PHE C 41 -46.16 92.67 -18.46
C PHE C 41 -47.26 93.70 -18.66
N LYS C 42 -47.59 94.49 -17.66
CA LYS C 42 -48.59 95.53 -17.76
C LYS C 42 -48.10 96.76 -17.02
N GLY C 43 -48.65 97.90 -17.35
CA GLY C 43 -48.11 99.14 -16.84
C GLY C 43 -48.53 99.52 -15.44
N HIS C 44 -49.14 98.60 -14.70
CA HIS C 44 -49.72 98.98 -13.42
C HIS C 44 -49.84 97.75 -12.53
N ALA C 45 -50.03 98.00 -11.24
CA ALA C 45 -50.36 96.95 -10.32
C ALA C 45 -51.84 96.61 -10.41
N GLU C 46 -52.15 95.34 -10.24
CA GLU C 46 -53.54 94.91 -10.19
C GLU C 46 -53.93 94.57 -8.76
N GLN C 47 -55.13 95.01 -8.38
CA GLN C 47 -55.62 94.75 -7.04
C GLN C 47 -55.99 93.29 -6.83
N THR C 48 -56.16 92.55 -7.92
CA THR C 48 -56.61 91.16 -7.82
C THR C 48 -55.51 90.31 -7.19
N PRO C 49 -55.84 89.50 -6.19
CA PRO C 49 -54.79 88.73 -5.49
C PRO C 49 -54.20 87.67 -6.39
N LEU C 50 -53.05 87.16 -5.98
CA LEU C 50 -52.21 86.41 -6.90
C LEU C 50 -52.81 85.04 -7.20
N GLU C 51 -53.58 84.49 -6.27
CA GLU C 51 -54.17 83.18 -6.49
C GLU C 51 -55.32 83.21 -7.49
N GLU C 52 -55.90 84.39 -7.75
CA GLU C 52 -57.09 84.44 -8.59
C GLU C 52 -56.79 84.80 -10.03
N ARG C 53 -55.74 85.56 -10.30
CA ARG C 53 -55.42 85.89 -11.69
C ARG C 53 -54.89 84.63 -12.38
N ALA C 54 -55.09 84.56 -13.69
CA ALA C 54 -54.92 83.30 -14.41
C ALA C 54 -53.71 83.34 -15.33
N THR C 55 -53.20 82.15 -15.64
CA THR C 55 -52.13 82.01 -16.61
C THR C 55 -52.69 82.14 -18.01
N VAL C 56 -51.86 82.61 -18.92
CA VAL C 56 -52.26 82.85 -20.30
C VAL C 56 -51.39 81.99 -21.20
N THR C 57 -52.01 81.06 -21.90
CA THR C 57 -51.28 80.21 -22.83
C THR C 57 -50.89 81.05 -24.04
N VAL C 58 -49.62 80.98 -24.41
CA VAL C 58 -49.09 81.73 -25.54
C VAL C 58 -48.42 80.77 -26.49
N ASP C 59 -48.82 80.82 -27.76
CA ASP C 59 -48.00 80.18 -28.76
C ASP C 59 -47.70 81.19 -29.86
N LYS C 60 -47.12 80.70 -30.94
CA LYS C 60 -46.89 81.56 -32.09
C LYS C 60 -48.18 81.93 -32.77
N ASN C 61 -49.21 81.11 -32.62
CA ASN C 61 -50.43 81.26 -33.39
C ASN C 61 -51.43 82.21 -32.76
N ASN C 62 -51.23 82.61 -31.51
CA ASN C 62 -52.12 83.64 -30.98
C ASN C 62 -51.41 84.72 -30.18
N PHE C 63 -50.14 85.03 -30.47
CA PHE C 63 -49.41 86.00 -29.67
C PHE C 63 -49.97 87.39 -29.85
N GLU C 64 -50.39 87.73 -31.06
CA GLU C 64 -51.07 89.00 -31.26
C GLU C 64 -52.44 89.01 -30.60
N ALA C 65 -53.05 87.83 -30.46
CA ALA C 65 -54.30 87.77 -29.72
C ALA C 65 -54.05 87.88 -28.23
N VAL C 66 -52.87 87.44 -27.77
CA VAL C 66 -52.56 87.57 -26.35
C VAL C 66 -52.26 89.01 -26.00
N MET C 67 -51.49 89.69 -26.84
CA MET C 67 -51.27 91.12 -26.62
C MET C 67 -52.55 91.89 -26.83
N ARG C 68 -53.44 91.38 -27.68
CA ARG C 68 -54.72 92.05 -27.91
C ARG C 68 -55.62 91.96 -26.68
N GLU C 69 -55.74 90.78 -26.11
CA GLU C 69 -56.62 90.61 -24.96
C GLU C 69 -55.99 91.15 -23.69
N SER C 70 -54.68 91.39 -23.70
CA SER C 70 -54.00 91.82 -22.48
C SER C 70 -54.40 93.24 -22.09
N GLU C 71 -54.82 94.05 -23.06
CA GLU C 71 -55.22 95.45 -22.90
C GLU C 71 -54.10 96.26 -22.27
N LEU C 72 -52.99 96.37 -22.97
CA LEU C 72 -51.80 97.05 -22.49
C LEU C 72 -52.07 98.54 -22.39
N LYS C 73 -51.26 99.21 -21.58
CA LYS C 73 -51.45 100.63 -21.34
C LYS C 73 -50.19 101.20 -20.73
N ILE C 74 -49.83 102.42 -21.15
CA ILE C 74 -48.82 103.23 -20.48
C ILE C 74 -49.36 104.64 -20.40
N THR C 75 -49.39 105.20 -19.20
CA THR C 75 -49.81 106.57 -18.98
C THR C 75 -48.72 107.29 -18.19
N ALA C 76 -48.00 108.20 -18.85
CA ALA C 76 -46.82 108.78 -18.23
C ALA C 76 -46.54 110.17 -18.79
N THR C 77 -45.42 110.72 -18.36
CA THR C 77 -45.03 112.10 -18.66
C THR C 77 -43.59 112.11 -19.18
N VAL C 78 -43.37 112.85 -20.27
CA VAL C 78 -42.04 113.00 -20.86
C VAL C 78 -41.68 114.47 -20.94
N LYS C 79 -40.39 114.73 -21.12
CA LYS C 79 -39.92 116.09 -21.40
C LYS C 79 -40.30 116.48 -22.82
N ASN C 80 -40.86 117.68 -22.97
CA ASN C 80 -41.38 118.16 -24.26
C ASN C 80 -40.32 119.02 -24.92
N LYS C 81 -39.91 118.64 -26.14
CA LYS C 81 -38.85 119.33 -26.85
C LYS C 81 -39.32 119.91 -28.19
N LEU C 82 -40.56 120.37 -28.27
CA LEU C 82 -41.03 121.09 -29.43
C LEU C 82 -40.86 122.60 -29.30
N THR C 83 -40.18 123.06 -28.26
CA THR C 83 -39.97 124.48 -28.00
C THR C 83 -38.66 124.62 -27.23
N ASP C 84 -38.49 125.76 -26.57
CA ASP C 84 -37.25 126.03 -25.86
C ASP C 84 -37.45 126.23 -24.36
N ASP C 85 -38.24 125.36 -23.73
CA ASP C 85 -38.57 125.49 -22.32
C ASP C 85 -38.30 124.16 -21.62
N GLU C 86 -37.68 124.23 -20.43
CA GLU C 86 -37.39 123.02 -19.66
C GLU C 86 -38.61 122.51 -18.90
N ASN C 87 -39.42 123.41 -18.35
CA ASN C 87 -40.58 123.04 -17.56
C ASN C 87 -41.71 122.50 -18.41
N ALA C 88 -41.68 122.69 -19.73
CA ALA C 88 -42.73 122.23 -20.61
C ALA C 88 -42.65 120.71 -20.71
N GLU C 89 -43.69 120.04 -20.26
CA GLU C 89 -43.75 118.59 -20.25
C GLU C 89 -44.87 118.15 -21.17
N LEU C 90 -44.74 116.94 -21.70
CA LEU C 90 -45.74 116.40 -22.59
C LEU C 90 -46.39 115.18 -21.95
N PRO C 91 -47.62 115.25 -21.54
CA PRO C 91 -48.30 114.04 -21.07
C PRO C 91 -48.71 113.15 -22.25
N VAL C 92 -48.49 111.84 -22.12
CA VAL C 92 -48.87 110.90 -23.16
C VAL C 92 -49.84 109.90 -22.55
N GLU C 93 -50.72 109.39 -23.41
CA GLU C 93 -51.72 108.37 -23.05
C GLU C 93 -51.82 107.41 -24.23
N LEU C 94 -51.22 106.23 -24.09
CA LEU C 94 -51.09 105.32 -25.21
C LEU C 94 -52.00 104.11 -25.04
N ASN C 95 -52.24 103.41 -26.14
CA ASN C 95 -52.92 102.12 -26.13
C ASN C 95 -52.22 101.19 -27.09
N PHE C 96 -51.99 99.96 -26.65
CA PHE C 96 -51.14 99.03 -27.36
C PHE C 96 -51.93 97.77 -27.66
N LYS C 97 -51.75 97.23 -28.86
CA LYS C 97 -52.44 96.00 -29.21
C LYS C 97 -51.53 94.92 -29.75
N SER C 98 -50.46 95.27 -30.48
CA SER C 98 -49.53 94.28 -30.97
C SER C 98 -48.16 94.93 -31.07
N LEU C 99 -47.19 94.17 -31.59
CA LEU C 99 -45.83 94.69 -31.60
C LEU C 99 -45.60 95.68 -32.73
N ALA C 100 -46.60 95.94 -33.55
CA ALA C 100 -46.51 97.11 -34.42
C ALA C 100 -46.63 98.39 -33.62
N ASP C 101 -47.30 98.36 -32.47
CA ASP C 101 -47.61 99.58 -31.73
C ASP C 101 -46.42 100.18 -31.00
N PHE C 102 -45.27 99.54 -31.02
CA PHE C 102 -44.09 100.11 -30.38
C PHE C 102 -43.20 100.85 -31.37
N ALA C 103 -43.56 100.80 -32.65
CA ALA C 103 -42.84 101.52 -33.68
C ALA C 103 -43.10 103.03 -33.53
N PRO C 104 -42.23 103.88 -34.09
CA PRO C 104 -42.51 105.32 -34.03
C PRO C 104 -43.65 105.76 -34.91
N ASP C 105 -44.15 104.89 -35.79
CA ASP C 105 -45.31 105.24 -36.59
C ASP C 105 -46.56 105.30 -35.73
N ALA C 106 -46.87 104.21 -35.03
CA ALA C 106 -48.07 104.17 -34.21
C ALA C 106 -47.94 105.07 -32.99
N VAL C 107 -46.72 105.20 -32.45
CA VAL C 107 -46.49 106.14 -31.36
C VAL C 107 -46.64 107.56 -31.88
N ALA C 108 -46.27 107.79 -33.13
CA ALA C 108 -46.48 109.10 -33.74
C ALA C 108 -47.96 109.36 -33.98
N SER C 109 -48.75 108.29 -34.10
CA SER C 109 -50.19 108.49 -34.28
C SER C 109 -50.91 108.65 -32.95
N GLN C 110 -50.39 108.05 -31.87
CA GLN C 110 -51.13 108.04 -30.62
C GLN C 110 -50.84 109.24 -29.72
N VAL C 111 -49.96 110.13 -30.13
CA VAL C 111 -49.78 111.37 -29.37
C VAL C 111 -50.15 112.51 -30.31
N PRO C 112 -51.25 113.24 -30.04
CA PRO C 112 -51.72 114.26 -31.00
C PRO C 112 -50.75 115.42 -31.19
N GLU C 113 -49.93 115.71 -30.17
CA GLU C 113 -48.92 116.76 -30.31
C GLU C 113 -47.81 116.36 -31.26
N LEU C 114 -47.74 115.10 -31.65
CA LEU C 114 -46.92 114.67 -32.78
C LEU C 114 -47.74 114.39 -34.02
N LYS C 115 -48.99 113.95 -33.86
CA LYS C 115 -49.84 113.61 -35.00
C LYS C 115 -50.15 114.82 -35.86
N LYS C 116 -50.35 115.97 -35.21
CA LYS C 116 -50.57 117.21 -35.94
C LYS C 116 -49.32 117.64 -36.69
N LEU C 117 -48.13 117.28 -36.19
CA LEU C 117 -46.91 117.61 -36.91
C LEU C 117 -46.64 116.64 -38.05
N ILE C 118 -47.10 115.38 -37.92
CA ILE C 118 -47.00 114.46 -39.05
C ILE C 118 -47.93 114.91 -40.17
N GLU C 119 -49.15 115.32 -39.81
CA GLU C 119 -50.08 115.78 -40.83
C GLU C 119 -49.63 117.11 -41.43
N LEU C 120 -49.01 117.98 -40.61
CA LEU C 120 -48.49 119.24 -41.11
C LEU C 120 -47.30 118.99 -42.03
N ARG C 121 -46.51 117.97 -41.72
CA ARG C 121 -45.46 117.54 -42.63
C ARG C 121 -46.06 117.03 -43.92
N GLU C 122 -47.22 116.36 -43.85
CA GLU C 122 -47.88 115.92 -45.06
C GLU C 122 -48.47 117.09 -45.84
N ALA C 123 -48.73 118.21 -45.16
CA ALA C 123 -49.12 119.42 -45.87
C ALA C 123 -47.92 120.07 -46.55
N LEU C 124 -46.74 119.99 -45.93
CA LEU C 124 -45.57 120.63 -46.51
C LEU C 124 -44.98 119.80 -47.65
N VAL C 125 -45.16 118.47 -47.61
CA VAL C 125 -44.62 117.63 -48.68
C VAL C 125 -45.49 117.75 -49.93
N ALA C 126 -46.82 117.70 -49.77
CA ALA C 126 -47.72 117.78 -50.90
C ALA C 126 -47.74 119.15 -51.56
N LEU C 127 -47.51 120.21 -50.78
CA LEU C 127 -47.38 121.60 -51.22
C LEU C 127 -48.61 122.11 -51.95
N ASN D 1 -37.28 128.25 -53.77
CA ASN D 1 -38.61 128.06 -53.19
C ASN D 1 -38.75 126.65 -52.64
N LYS D 2 -38.51 125.67 -53.50
CA LYS D 2 -38.64 124.26 -53.11
C LYS D 2 -37.62 123.88 -52.06
N SER D 3 -36.41 124.44 -52.18
CA SER D 3 -35.34 124.12 -51.24
C SER D 3 -35.65 124.65 -49.85
N LEU D 4 -36.39 125.75 -49.77
CA LEU D 4 -36.81 126.26 -48.47
C LEU D 4 -37.86 125.35 -47.84
N VAL D 5 -38.74 124.77 -48.68
CA VAL D 5 -39.72 123.80 -48.20
C VAL D 5 -39.01 122.56 -47.68
N ASP D 6 -37.96 122.12 -48.38
CA ASP D 6 -37.21 120.95 -47.92
C ASP D 6 -36.43 121.24 -46.64
N GLN D 7 -35.94 122.47 -46.48
CA GLN D 7 -35.28 122.85 -45.23
C GLN D 7 -36.28 122.86 -44.08
N MET D 8 -37.53 123.27 -44.36
CA MET D 8 -38.57 123.17 -43.34
C MET D 8 -38.90 121.72 -43.03
N LEU D 9 -38.76 120.82 -44.02
CA LEU D 9 -38.96 119.40 -43.76
C LEU D 9 -37.86 118.83 -42.89
N VAL D 10 -36.62 119.27 -43.09
CA VAL D 10 -35.50 118.76 -42.28
C VAL D 10 -35.61 119.27 -40.85
N GLU D 11 -35.97 120.55 -40.68
CA GLU D 11 -36.13 121.08 -39.33
C GLU D 11 -37.33 120.46 -38.62
N LEU D 12 -38.40 120.20 -39.36
CA LEU D 12 -39.58 119.59 -38.75
C LEU D 12 -39.31 118.14 -38.37
N ASP D 13 -38.53 117.43 -39.19
CA ASP D 13 -38.12 116.07 -38.83
C ASP D 13 -37.18 116.08 -37.63
N LYS D 14 -36.42 117.16 -37.45
CA LYS D 14 -35.63 117.31 -36.24
C LYS D 14 -36.53 117.52 -35.04
N LYS D 15 -37.67 118.16 -35.23
CA LYS D 15 -38.58 118.37 -34.10
C LYS D 15 -39.30 117.08 -33.72
N ILE D 16 -39.87 116.38 -34.71
CA ILE D 16 -40.66 115.18 -34.41
C ILE D 16 -39.74 114.04 -33.96
N SER D 17 -38.55 113.95 -34.57
CA SER D 17 -37.59 112.96 -34.10
C SER D 17 -37.03 113.34 -32.74
N ALA D 18 -36.95 114.63 -32.44
CA ALA D 18 -36.47 115.07 -31.14
C ALA D 18 -37.46 114.69 -30.04
N GLN D 19 -38.75 114.74 -30.32
CA GLN D 19 -39.72 114.30 -29.32
C GLN D 19 -39.79 112.79 -29.25
N MET D 20 -39.71 112.13 -30.40
CA MET D 20 -39.84 110.69 -30.47
C MET D 20 -38.70 109.99 -29.76
N ASP D 21 -37.52 110.63 -29.78
CA ASP D 21 -36.41 110.15 -28.95
C ASP D 21 -36.75 110.22 -27.47
N GLU D 22 -37.60 111.16 -27.06
CA GLU D 22 -37.93 111.25 -25.65
C GLU D 22 -39.02 110.26 -25.27
N ILE D 23 -39.94 109.96 -26.18
CA ILE D 23 -40.97 108.98 -25.83
C ILE D 23 -40.39 107.58 -25.83
N LEU D 24 -39.61 107.23 -26.86
CA LEU D 24 -39.11 105.86 -26.96
C LEU D 24 -38.04 105.54 -25.93
N HIS D 25 -37.45 106.54 -25.28
CA HIS D 25 -36.48 106.26 -24.25
C HIS D 25 -37.09 106.34 -22.86
N ASN D 26 -38.42 106.33 -22.77
CA ASN D 26 -39.09 106.36 -21.47
C ASN D 26 -38.89 105.03 -20.76
N SER D 27 -38.62 105.13 -19.46
CA SER D 27 -38.17 103.96 -18.70
C SER D 27 -39.28 102.93 -18.54
N GLN D 28 -40.49 103.39 -18.23
CA GLN D 28 -41.63 102.49 -18.20
C GLN D 28 -41.90 101.91 -19.58
N PHE D 29 -41.68 102.72 -20.62
CA PHE D 29 -41.88 102.25 -21.97
C PHE D 29 -40.79 101.28 -22.38
N GLN D 30 -39.59 101.46 -21.82
CA GLN D 30 -38.55 100.48 -22.06
C GLN D 30 -38.85 99.19 -21.30
N ALA D 31 -39.57 99.29 -20.18
CA ALA D 31 -39.94 98.08 -19.45
C ALA D 31 -40.98 97.29 -20.22
N MET D 32 -42.00 97.98 -20.75
CA MET D 32 -43.03 97.31 -21.51
C MET D 32 -42.49 96.75 -22.82
N GLU D 33 -41.77 97.59 -23.56
CA GLU D 33 -41.26 97.19 -24.87
C GLU D 33 -40.19 96.13 -24.72
N SER D 34 -39.39 96.22 -23.66
CA SER D 34 -38.37 95.21 -23.41
C SER D 34 -38.99 93.89 -23.05
N ALA D 35 -40.03 93.90 -22.22
CA ALA D 35 -40.66 92.67 -21.80
C ALA D 35 -41.38 91.99 -22.95
N TRP D 36 -42.15 92.76 -23.71
CA TRP D 36 -42.91 92.12 -24.77
C TRP D 36 -42.07 91.79 -25.99
N ARG D 37 -41.20 92.69 -26.40
CA ARG D 37 -40.40 92.40 -27.58
C ARG D 37 -39.38 91.31 -27.29
N GLY D 38 -38.83 91.33 -26.07
CA GLY D 38 -38.01 90.21 -25.64
C GLY D 38 -38.82 88.94 -25.53
N LEU D 39 -40.10 89.06 -25.20
CA LEU D 39 -40.94 87.88 -25.09
C LEU D 39 -41.17 87.26 -26.46
N LYS D 40 -41.36 88.08 -27.49
CA LYS D 40 -41.49 87.50 -28.83
C LYS D 40 -40.17 86.93 -29.29
N LEU D 41 -39.06 87.53 -28.85
CA LEU D 41 -37.74 86.99 -29.17
C LEU D 41 -37.55 85.61 -28.58
N PHE D 42 -38.11 85.37 -27.39
CA PHE D 42 -38.11 84.01 -26.86
C PHE D 42 -39.09 83.12 -27.61
N VAL D 43 -40.25 83.66 -27.98
CA VAL D 43 -41.33 82.80 -28.48
C VAL D 43 -41.01 82.27 -29.86
N ASP D 44 -40.60 83.13 -30.79
CA ASP D 44 -40.47 82.65 -32.17
C ASP D 44 -39.24 81.79 -32.40
N ARG D 45 -38.32 81.72 -31.45
CA ARG D 45 -37.14 80.89 -31.62
C ARG D 45 -37.34 79.48 -31.08
N THR D 46 -38.47 79.21 -30.46
CA THR D 46 -38.78 77.88 -29.99
C THR D 46 -39.55 77.13 -31.07
N ASP D 47 -40.02 75.94 -30.74
CA ASP D 47 -40.69 75.09 -31.72
C ASP D 47 -41.89 74.42 -31.06
N PHE D 48 -43.06 75.03 -31.18
CA PHE D 48 -44.24 74.58 -30.46
C PHE D 48 -44.92 73.40 -31.11
N ARG D 49 -44.44 72.95 -32.26
CA ARG D 49 -44.91 71.68 -32.79
C ARG D 49 -44.15 70.49 -32.22
N GLU D 50 -43.29 70.71 -31.23
CA GLU D 50 -42.66 69.61 -30.52
C GLU D 50 -42.99 69.62 -29.03
N ASN D 51 -44.25 69.92 -28.69
CA ASN D 51 -44.80 69.82 -27.33
C ASN D 51 -44.06 70.72 -26.34
N ASN D 52 -44.14 72.02 -26.57
CA ASN D 52 -43.66 73.01 -25.62
C ASN D 52 -44.75 74.02 -25.38
N LYS D 53 -44.99 74.37 -24.13
CA LYS D 53 -45.97 75.40 -23.86
C LYS D 53 -45.33 76.47 -22.99
N VAL D 54 -45.57 77.71 -23.36
CA VAL D 54 -45.10 78.82 -22.54
C VAL D 54 -46.32 79.56 -22.04
N GLU D 55 -46.38 79.73 -20.73
CA GLU D 55 -47.48 80.40 -20.10
C GLU D 55 -46.98 81.69 -19.49
N ILE D 56 -47.89 82.64 -19.38
CA ILE D 56 -47.59 84.00 -18.98
C ILE D 56 -48.38 84.32 -17.74
N LEU D 57 -47.71 84.84 -16.71
CA LEU D 57 -48.42 85.33 -15.54
C LEU D 57 -47.85 86.68 -15.15
N HIS D 58 -48.66 87.72 -15.27
CA HIS D 58 -48.23 89.09 -14.97
C HIS D 58 -48.01 89.26 -13.48
N VAL D 59 -46.76 89.27 -13.05
CA VAL D 59 -46.44 89.47 -11.65
C VAL D 59 -45.30 90.46 -11.56
N THR D 60 -45.45 91.50 -10.75
CA THR D 60 -44.31 92.33 -10.41
C THR D 60 -43.69 91.83 -9.10
N LYS D 61 -42.46 92.28 -8.83
CA LYS D 61 -41.69 91.74 -7.71
C LYS D 61 -42.35 92.05 -6.38
N ASP D 62 -43.00 93.21 -6.29
CA ASP D 62 -43.54 93.66 -5.02
C ASP D 62 -44.74 92.82 -4.60
N GLU D 63 -45.40 92.16 -5.55
CA GLU D 63 -46.45 91.27 -5.12
C GLU D 63 -46.00 89.82 -5.02
N LEU D 64 -44.80 89.48 -5.49
CA LEU D 64 -44.21 88.23 -5.03
C LEU D 64 -43.79 88.34 -3.59
N LEU D 65 -43.23 89.48 -3.20
CA LEU D 65 -42.79 89.61 -1.82
C LEU D 65 -43.96 89.86 -0.89
N GLU D 66 -44.89 90.73 -1.29
CA GLU D 66 -46.10 90.94 -0.51
C GLU D 66 -46.95 89.67 -0.47
N ASP D 67 -46.91 88.89 -1.55
CA ASP D 67 -47.66 87.64 -1.58
C ASP D 67 -47.06 86.59 -0.67
N PHE D 68 -45.76 86.35 -0.80
CA PHE D 68 -45.10 85.36 0.02
C PHE D 68 -45.12 85.72 1.49
N GLU D 69 -44.95 87.00 1.83
CA GLU D 69 -45.04 87.36 3.24
C GLU D 69 -46.48 87.35 3.71
N PHE D 70 -47.44 87.61 2.83
CA PHE D 70 -48.83 87.53 3.24
C PHE D 70 -49.26 86.07 3.37
N ALA D 71 -48.59 85.19 2.64
CA ALA D 71 -48.85 83.76 2.78
C ALA D 71 -48.24 83.25 4.09
N PRO D 72 -48.90 82.31 4.76
CA PRO D 72 -48.40 81.87 6.07
C PRO D 72 -47.15 81.04 5.97
N GLU D 73 -46.89 80.52 4.78
CA GLU D 73 -45.68 79.77 4.49
C GLU D 73 -45.46 79.84 3.00
N THR D 74 -44.57 78.99 2.49
CA THR D 74 -44.43 78.93 1.04
C THR D 74 -45.51 78.07 0.42
N ALA D 75 -46.13 77.21 1.21
CA ALA D 75 -46.97 76.16 0.67
C ALA D 75 -48.42 76.57 0.47
N GLN D 76 -48.76 77.84 0.67
CA GLN D 76 -50.12 78.26 0.44
C GLN D 76 -50.20 79.57 -0.33
N SER D 77 -49.12 79.98 -0.97
CA SER D 77 -49.15 81.23 -1.71
C SER D 77 -49.93 81.06 -3.02
N GLY D 78 -50.03 82.15 -3.76
CA GLY D 78 -50.65 82.07 -5.06
C GLY D 78 -49.80 81.32 -6.07
N LEU D 79 -48.51 81.66 -6.13
CA LEU D 79 -47.64 81.11 -7.16
C LEU D 79 -47.38 79.63 -6.91
N TYR D 80 -47.47 79.20 -5.66
CA TYR D 80 -47.39 77.78 -5.36
C TYR D 80 -48.61 77.05 -5.88
N LYS D 81 -49.74 77.76 -5.99
CA LYS D 81 -50.94 77.12 -6.53
C LYS D 81 -50.97 77.18 -8.05
N HIS D 82 -50.23 78.11 -8.66
CA HIS D 82 -50.18 78.10 -10.12
C HIS D 82 -49.11 77.15 -10.64
N VAL D 83 -48.08 76.91 -9.84
CA VAL D 83 -46.99 76.04 -10.28
C VAL D 83 -47.20 74.63 -9.78
N TYR D 84 -47.34 74.47 -8.47
CA TYR D 84 -47.39 73.14 -7.89
C TYR D 84 -48.78 72.52 -7.99
N SER D 85 -49.78 73.20 -7.43
CA SER D 85 -51.05 72.55 -7.16
C SER D 85 -51.88 72.40 -8.43
N ALA D 86 -51.81 73.37 -9.32
CA ALA D 86 -52.50 73.22 -10.59
C ALA D 86 -51.68 72.43 -11.60
N GLY D 87 -50.43 72.15 -11.27
CA GLY D 87 -49.56 71.40 -12.16
C GLY D 87 -49.18 70.06 -11.61
N TYR D 88 -48.00 70.03 -10.97
CA TYR D 88 -47.24 68.82 -10.69
C TYR D 88 -47.99 67.85 -9.79
N GLY D 89 -48.74 68.38 -8.84
CA GLY D 89 -49.40 67.51 -7.88
C GLY D 89 -50.88 67.36 -8.11
N GLN D 90 -51.34 67.63 -9.32
CA GLN D 90 -52.75 67.50 -9.67
C GLN D 90 -52.93 66.25 -10.50
N PHE D 91 -54.00 65.52 -10.22
CA PHE D 91 -54.27 64.28 -10.95
C PHE D 91 -54.54 64.58 -12.41
N GLY D 92 -53.56 64.23 -13.26
CA GLY D 92 -53.70 64.40 -14.69
C GLY D 92 -53.05 65.63 -15.26
N GLY D 93 -52.54 66.53 -14.43
CA GLY D 93 -51.92 67.75 -14.91
C GLY D 93 -50.55 67.51 -15.51
N GLU D 94 -49.84 68.59 -15.75
CA GLU D 94 -48.55 68.52 -16.40
C GLU D 94 -47.55 69.30 -15.56
N PRO D 95 -46.33 68.85 -15.47
CA PRO D 95 -45.38 69.51 -14.57
C PRO D 95 -44.81 70.78 -15.16
N VAL D 96 -44.42 71.71 -14.29
CA VAL D 96 -43.72 72.91 -14.75
C VAL D 96 -42.24 72.59 -14.93
N GLY D 97 -41.75 72.79 -16.15
CA GLY D 97 -40.40 72.37 -16.46
C GLY D 97 -39.36 73.37 -15.98
N ALA D 98 -39.61 74.66 -16.21
CA ALA D 98 -38.69 75.71 -15.81
C ALA D 98 -39.47 76.99 -15.61
N ILE D 99 -38.91 77.89 -14.83
CA ILE D 99 -39.53 79.19 -14.56
C ILE D 99 -38.54 80.24 -14.94
N ILE D 100 -38.96 81.17 -15.78
CA ILE D 100 -38.10 82.23 -16.27
C ILE D 100 -38.59 83.54 -15.70
N GLY D 101 -37.70 84.25 -14.99
CA GLY D 101 -38.06 85.48 -14.36
C GLY D 101 -37.58 86.66 -15.16
N ASN D 102 -38.51 87.49 -15.61
CA ASN D 102 -38.17 88.71 -16.32
C ASN D 102 -38.00 89.83 -15.30
N TYR D 103 -37.01 89.64 -14.43
CA TYR D 103 -36.75 90.54 -13.33
C TYR D 103 -35.31 90.99 -13.38
N ALA D 104 -34.94 91.85 -12.46
CA ALA D 104 -33.56 92.21 -12.21
C ALA D 104 -33.34 92.28 -10.71
N PHE D 105 -32.27 91.66 -10.22
CA PHE D 105 -32.09 91.47 -8.80
C PHE D 105 -30.95 92.31 -8.27
N THR D 106 -31.17 92.91 -7.11
CA THR D 106 -30.23 93.77 -6.41
C THR D 106 -29.80 93.03 -5.15
N PRO D 107 -28.81 93.51 -4.39
CA PRO D 107 -28.55 92.90 -3.08
C PRO D 107 -29.51 93.32 -1.99
N SER D 108 -30.63 93.95 -2.32
CA SER D 108 -31.56 94.38 -1.28
C SER D 108 -32.25 93.19 -0.65
N THR D 109 -32.45 93.29 0.65
CA THR D 109 -33.11 92.26 1.46
C THR D 109 -34.46 91.78 0.90
N PRO D 110 -35.31 92.61 0.27
CA PRO D 110 -36.46 92.02 -0.44
C PRO D 110 -36.08 91.06 -1.56
N ASP D 111 -34.99 91.33 -2.29
CA ASP D 111 -34.64 90.45 -3.40
C ASP D 111 -34.08 89.12 -2.91
N MET D 112 -33.31 89.15 -1.84
CA MET D 112 -32.74 87.90 -1.36
C MET D 112 -33.76 87.08 -0.58
N LYS D 113 -34.73 87.75 0.04
CA LYS D 113 -35.84 86.97 0.59
C LYS D 113 -36.68 86.37 -0.54
N LEU D 114 -36.79 87.09 -1.66
CA LEU D 114 -37.47 86.55 -2.84
C LEU D 114 -36.75 85.32 -3.36
N LEU D 115 -35.43 85.33 -3.39
CA LEU D 115 -34.74 84.16 -3.92
C LEU D 115 -34.71 83.01 -2.92
N GLN D 116 -34.80 83.30 -1.62
CA GLN D 116 -34.95 82.18 -0.69
C GLN D 116 -36.27 81.49 -0.90
N TYR D 117 -37.33 82.26 -1.06
CA TYR D 117 -38.64 81.65 -1.24
C TYR D 117 -38.77 80.98 -2.60
N MET D 118 -38.20 81.56 -3.66
CA MET D 118 -38.28 80.89 -4.95
C MET D 118 -37.36 79.69 -5.02
N GLY D 119 -36.35 79.66 -4.15
CA GLY D 119 -35.65 78.41 -3.94
C GLY D 119 -36.54 77.36 -3.33
N ALA D 120 -37.44 77.78 -2.43
CA ALA D 120 -38.35 76.80 -1.82
C ALA D 120 -39.38 76.31 -2.82
N LEU D 121 -39.93 77.22 -3.64
CA LEU D 121 -40.89 76.82 -4.66
C LEU D 121 -40.25 75.92 -5.69
N GLY D 122 -39.02 76.26 -6.09
CA GLY D 122 -38.29 75.38 -6.97
C GLY D 122 -37.94 74.06 -6.31
N ALA D 123 -37.93 74.01 -4.99
CA ALA D 123 -37.69 72.75 -4.31
C ALA D 123 -38.92 71.85 -4.37
N MET D 124 -40.08 72.39 -4.02
CA MET D 124 -41.23 71.50 -3.94
C MET D 124 -41.86 71.28 -5.30
N ALA D 125 -41.50 72.06 -6.30
CA ALA D 125 -42.17 71.91 -7.58
C ALA D 125 -41.22 71.52 -8.71
N HIS D 126 -39.93 71.35 -8.42
CA HIS D 126 -38.90 70.93 -9.38
C HIS D 126 -38.85 71.83 -10.60
N ALA D 127 -38.75 73.13 -10.37
CA ALA D 127 -38.71 74.09 -11.43
C ALA D 127 -37.56 75.03 -11.14
N PRO D 128 -36.54 75.04 -11.98
CA PRO D 128 -35.44 75.99 -11.78
C PRO D 128 -35.90 77.39 -12.13
N PHE D 129 -35.48 78.34 -11.30
CA PHE D 129 -35.82 79.74 -11.48
C PHE D 129 -34.64 80.45 -12.08
N ILE D 130 -34.85 81.15 -13.19
CA ILE D 130 -33.80 81.85 -13.91
C ILE D 130 -34.17 83.32 -13.96
N SER D 131 -33.20 84.20 -13.72
CA SER D 131 -33.50 85.61 -13.72
C SER D 131 -32.27 86.37 -14.16
N SER D 132 -32.25 87.67 -13.91
CA SER D 132 -31.12 88.50 -14.32
C SER D 132 -30.52 89.22 -13.13
N VAL D 133 -29.21 89.21 -13.10
CA VAL D 133 -28.42 90.05 -12.21
C VAL D 133 -28.37 91.44 -12.79
N GLY D 134 -28.82 92.41 -12.00
CA GLY D 134 -28.83 93.79 -12.42
C GLY D 134 -27.45 94.38 -12.34
N PRO D 135 -27.29 95.59 -12.88
CA PRO D 135 -25.97 96.22 -12.88
C PRO D 135 -25.46 96.57 -11.50
N GLU D 136 -26.32 96.95 -10.57
CA GLU D 136 -25.79 97.34 -9.26
C GLU D 136 -25.56 96.16 -8.34
N PHE D 137 -25.65 94.94 -8.83
CA PHE D 137 -25.37 93.80 -7.98
C PHE D 137 -23.88 93.62 -7.78
N PHE D 138 -23.07 94.16 -8.69
CA PHE D 138 -21.63 94.00 -8.60
C PHE D 138 -20.97 95.21 -7.97
N GLY D 139 -21.77 96.23 -7.65
CA GLY D 139 -21.26 97.45 -7.04
C GLY D 139 -20.96 98.56 -8.01
N ILE D 140 -21.33 98.43 -9.26
CA ILE D 140 -20.97 99.40 -10.28
C ILE D 140 -22.21 100.01 -10.91
N ASP D 141 -21.97 100.95 -11.82
CA ASP D 141 -23.06 101.69 -12.43
C ASP D 141 -23.81 100.85 -13.45
N SER D 142 -23.13 100.47 -14.51
CA SER D 142 -23.72 99.66 -15.56
C SER D 142 -22.67 98.66 -16.00
N PHE D 143 -23.06 97.77 -16.91
CA PHE D 143 -22.22 96.62 -17.20
C PHE D 143 -20.98 96.95 -17.99
N GLU D 144 -20.80 98.18 -18.43
CA GLU D 144 -19.64 98.47 -19.25
C GLU D 144 -18.39 98.73 -18.44
N GLU D 145 -18.28 98.23 -17.21
CA GLU D 145 -17.03 98.27 -16.46
C GLU D 145 -16.60 96.91 -15.95
N LEU D 146 -17.14 95.82 -16.49
CA LEU D 146 -16.57 94.51 -16.20
C LEU D 146 -15.14 94.32 -16.69
N PRO D 147 -14.65 94.97 -17.76
CA PRO D 147 -13.20 95.04 -17.92
C PRO D 147 -12.49 95.93 -16.93
N ASN D 148 -13.22 96.73 -16.13
CA ASN D 148 -12.54 97.64 -15.23
C ASN D 148 -12.59 97.20 -13.77
N ILE D 149 -13.21 96.07 -13.46
CA ILE D 149 -13.20 95.58 -12.09
C ILE D 149 -12.05 94.60 -11.94
N LYS D 150 -11.19 94.82 -10.95
CA LYS D 150 -9.97 94.04 -10.83
C LYS D 150 -10.22 92.61 -10.37
N ASP D 151 -11.11 92.40 -9.42
CA ASP D 151 -11.28 91.07 -8.86
C ASP D 151 -12.67 90.89 -8.28
N LEU D 152 -13.41 89.89 -8.73
CA LEU D 152 -14.77 89.69 -8.25
C LEU D 152 -14.80 88.86 -6.98
N LYS D 153 -13.88 87.91 -6.85
CA LYS D 153 -13.85 87.05 -5.68
C LYS D 153 -13.52 87.85 -4.43
N SER D 154 -12.71 88.88 -4.57
CA SER D 154 -12.45 89.76 -3.43
C SER D 154 -13.49 90.87 -3.33
N THR D 155 -14.28 91.08 -4.38
CA THR D 155 -15.38 92.03 -4.28
C THR D 155 -16.48 91.48 -3.40
N PHE D 156 -16.80 90.19 -3.55
CA PHE D 156 -17.94 89.65 -2.83
C PHE D 156 -17.66 89.31 -1.36
N GLU D 157 -16.57 89.78 -0.76
CA GLU D 157 -16.40 89.54 0.66
C GLU D 157 -16.87 90.70 1.51
N SER D 158 -17.39 91.76 0.90
CA SER D 158 -17.83 92.92 1.66
C SER D 158 -19.07 92.57 2.47
N PRO D 159 -19.29 93.25 3.60
CA PRO D 159 -20.51 93.00 4.38
C PRO D 159 -21.79 93.47 3.72
N LYS D 160 -21.72 94.08 2.54
CA LYS D 160 -22.93 94.32 1.77
C LYS D 160 -23.55 93.01 1.31
N TYR D 161 -22.72 92.00 1.04
CA TYR D 161 -23.17 90.80 0.36
C TYR D 161 -23.34 89.62 1.32
N THR D 162 -23.48 89.90 2.61
CA THR D 162 -23.55 88.85 3.63
C THR D 162 -24.78 87.99 3.44
N LYS D 163 -25.88 88.61 3.02
CA LYS D 163 -27.08 87.84 2.76
C LYS D 163 -26.92 86.95 1.53
N TRP D 164 -26.19 87.45 0.52
CA TRP D 164 -25.94 86.66 -0.68
C TRP D 164 -25.08 85.45 -0.39
N ARG D 165 -24.02 85.62 0.40
CA ARG D 165 -23.22 84.45 0.75
C ARG D 165 -23.97 83.56 1.73
N SER D 166 -24.97 84.09 2.40
CA SER D 166 -25.84 83.20 3.14
C SER D 166 -26.80 82.49 2.19
N LEU D 167 -26.98 83.00 0.97
CA LEU D 167 -27.93 82.39 0.05
C LEU D 167 -27.28 81.25 -0.75
N ARG D 168 -26.04 81.43 -1.18
CA ARG D 168 -25.38 80.38 -1.95
C ARG D 168 -25.18 79.10 -1.15
N GLU D 169 -24.93 79.20 0.13
CA GLU D 169 -24.68 78.02 0.93
C GLU D 169 -25.94 77.28 1.26
N SER D 170 -27.11 77.84 0.97
CA SER D 170 -28.35 77.14 1.29
C SER D 170 -28.52 75.96 0.36
N GLU D 171 -29.27 74.97 0.83
CA GLU D 171 -29.43 73.76 0.04
C GLU D 171 -30.45 73.91 -1.07
N ASP D 172 -31.16 75.03 -1.14
CA ASP D 172 -32.08 75.26 -2.23
C ASP D 172 -31.50 76.10 -3.35
N ALA D 173 -30.19 76.38 -3.33
CA ALA D 173 -29.62 77.15 -4.41
C ALA D 173 -29.28 76.29 -5.62
N ARG D 174 -29.66 75.02 -5.62
CA ARG D 174 -29.58 74.25 -6.86
C ARG D 174 -30.60 74.74 -7.89
N TYR D 175 -31.65 75.39 -7.44
CA TYR D 175 -32.80 75.67 -8.28
C TYR D 175 -32.84 77.11 -8.75
N LEU D 176 -31.81 77.89 -8.52
CA LEU D 176 -31.74 79.26 -8.99
C LEU D 176 -30.60 79.38 -9.97
N GLY D 177 -30.75 80.27 -10.93
CA GLY D 177 -29.62 80.64 -11.75
C GLY D 177 -29.76 82.09 -12.10
N LEU D 178 -28.77 82.90 -11.78
CA LEU D 178 -28.83 84.32 -12.08
C LEU D 178 -27.89 84.61 -13.22
N THR D 179 -28.36 85.34 -14.22
CA THR D 179 -27.60 85.50 -15.44
C THR D 179 -27.00 86.90 -15.52
N ALA D 180 -25.79 86.95 -16.03
CA ALA D 180 -24.95 88.11 -16.29
C ALA D 180 -25.27 88.57 -17.71
N PRO D 181 -24.52 89.52 -18.33
CA PRO D 181 -25.14 90.75 -18.83
C PRO D 181 -26.19 90.57 -19.92
N ARG D 182 -26.97 91.63 -20.11
CA ARG D 182 -28.14 91.64 -20.97
C ARG D 182 -27.71 91.71 -22.44
N PHE D 183 -28.66 91.83 -23.36
CA PHE D 183 -28.29 91.95 -24.76
C PHE D 183 -29.36 92.73 -25.53
N LEU D 184 -28.99 93.16 -26.73
CA LEU D 184 -29.87 93.99 -27.54
C LEU D 184 -31.06 93.22 -28.08
N LEU D 185 -32.20 93.90 -28.16
CA LEU D 185 -33.35 93.32 -28.85
C LEU D 185 -33.55 93.90 -30.23
N ARG D 186 -33.22 95.17 -30.41
CA ARG D 186 -33.71 95.96 -31.53
C ARG D 186 -32.61 96.86 -32.06
N VAL D 187 -32.40 96.82 -33.36
CA VAL D 187 -31.50 97.77 -34.01
C VAL D 187 -32.05 99.17 -33.82
N PRO D 188 -31.25 100.13 -33.39
CA PRO D 188 -31.70 101.51 -33.35
C PRO D 188 -32.03 102.01 -34.75
N TYR D 189 -33.05 102.86 -34.82
CA TYR D 189 -33.67 103.23 -36.08
C TYR D 189 -32.78 104.12 -36.92
N ASP D 190 -33.10 104.20 -38.20
CA ASP D 190 -32.25 104.79 -39.17
C ASP D 190 -33.20 104.96 -40.35
N PRO D 191 -32.93 105.85 -41.28
CA PRO D 191 -33.78 105.93 -42.47
C PRO D 191 -33.71 104.69 -43.35
N ILE D 192 -32.54 104.07 -43.39
CA ILE D 192 -32.30 102.94 -44.28
C ILE D 192 -32.39 101.62 -43.54
N GLU D 193 -31.68 101.50 -42.41
CA GLU D 193 -31.41 100.20 -41.81
C GLU D 193 -32.61 99.58 -41.13
N ASN D 194 -33.49 100.39 -40.55
CA ASN D 194 -34.71 99.84 -39.99
C ASN D 194 -35.75 100.94 -40.09
N PRO D 195 -36.38 101.07 -41.26
CA PRO D 195 -37.13 102.29 -41.55
C PRO D 195 -38.49 102.33 -40.88
N VAL D 196 -39.08 103.53 -40.91
CA VAL D 196 -40.41 103.79 -40.42
C VAL D 196 -41.24 104.32 -41.59
N LYS D 197 -42.54 104.10 -41.51
CA LYS D 197 -43.43 104.49 -42.60
C LYS D 197 -43.86 105.94 -42.47
N SER D 198 -43.89 106.62 -43.61
CA SER D 198 -44.42 107.98 -43.80
C SER D 198 -43.69 109.04 -42.99
N PHE D 199 -42.47 108.76 -42.55
CA PHE D 199 -41.71 109.72 -41.76
C PHE D 199 -40.22 109.44 -41.85
N ASN D 200 -39.41 110.48 -41.71
CA ASN D 200 -37.95 110.34 -41.64
C ASN D 200 -37.51 110.44 -40.18
N TYR D 201 -37.16 109.29 -39.61
CA TYR D 201 -36.69 109.22 -38.24
C TYR D 201 -35.28 108.67 -38.16
N ALA D 202 -34.45 109.33 -37.37
CA ALA D 202 -33.05 108.92 -37.17
C ALA D 202 -32.78 108.93 -35.67
N GLU D 203 -32.73 107.75 -35.06
CA GLU D 203 -32.62 107.67 -33.61
C GLU D 203 -31.21 108.06 -33.19
N ASN D 204 -31.12 109.20 -32.53
CA ASN D 204 -29.84 109.75 -32.09
C ASN D 204 -29.54 109.16 -30.73
N VAL D 205 -28.90 108.01 -30.73
CA VAL D 205 -28.49 107.40 -29.47
C VAL D 205 -27.18 108.04 -29.02
N SER D 206 -27.13 108.47 -27.76
CA SER D 206 -25.98 109.17 -27.21
C SER D 206 -24.88 108.20 -26.83
N ALA D 207 -23.93 108.69 -26.05
CA ALA D 207 -22.90 107.83 -25.46
C ALA D 207 -23.44 106.99 -24.31
N SER D 208 -24.47 107.44 -23.62
CA SER D 208 -25.05 106.68 -22.51
C SER D 208 -25.84 105.53 -23.10
N HIS D 209 -25.44 104.30 -22.77
CA HIS D 209 -25.99 103.16 -23.49
C HIS D 209 -27.29 102.66 -22.89
N GLU D 210 -27.95 103.41 -22.02
CA GLU D 210 -29.28 103.03 -21.63
C GLU D 210 -30.31 103.32 -22.71
N HIS D 211 -29.93 104.04 -23.76
CA HIS D 211 -30.90 104.43 -24.77
C HIS D 211 -31.24 103.28 -25.69
N TYR D 212 -30.36 102.29 -25.80
CA TYR D 212 -30.69 101.06 -26.48
C TYR D 212 -31.80 100.33 -25.74
N LEU D 213 -32.49 99.46 -26.45
CA LEU D 213 -33.49 98.60 -25.81
C LEU D 213 -32.80 97.33 -25.36
N TRP D 214 -32.57 97.21 -24.06
CA TRP D 214 -31.94 96.01 -23.55
C TRP D 214 -32.97 94.98 -23.10
N GLY D 215 -32.82 93.76 -23.58
CA GLY D 215 -33.74 92.72 -23.18
C GLY D 215 -33.14 91.85 -22.12
N ASN D 216 -33.92 90.95 -21.54
CA ASN D 216 -33.43 90.11 -20.47
C ASN D 216 -32.66 88.95 -21.08
N THR D 217 -31.66 88.46 -20.34
CA THR D 217 -30.88 87.31 -20.78
C THR D 217 -31.65 86.03 -20.57
N ALA D 218 -32.50 86.01 -19.53
CA ALA D 218 -33.15 84.78 -19.10
C ALA D 218 -34.12 84.28 -20.16
N PHE D 219 -34.63 85.17 -21.00
CA PHE D 219 -35.35 84.76 -22.18
C PHE D 219 -34.47 83.99 -23.14
N ALA D 220 -33.25 84.46 -23.40
CA ALA D 220 -32.37 83.77 -24.34
C ALA D 220 -31.98 82.41 -23.79
N PHE D 221 -31.72 82.34 -22.48
CA PHE D 221 -31.46 81.07 -21.83
C PHE D 221 -32.67 80.15 -21.93
N ALA D 222 -33.87 80.73 -21.92
CA ALA D 222 -35.06 79.92 -22.07
C ALA D 222 -35.23 79.42 -23.50
N THR D 223 -34.75 80.18 -24.49
CA THR D 223 -34.73 79.65 -25.85
C THR D 223 -33.81 78.46 -25.94
N ARG D 224 -32.71 78.48 -25.18
CA ARG D 224 -31.82 77.33 -25.22
C ARG D 224 -32.40 76.11 -24.52
N LEU D 225 -33.15 76.31 -23.43
CA LEU D 225 -33.84 75.19 -22.80
C LEU D 225 -34.89 74.59 -23.70
N THR D 226 -35.77 75.43 -24.25
CA THR D 226 -36.91 74.91 -24.99
C THR D 226 -36.48 74.34 -26.34
N ASP D 227 -35.47 74.94 -26.97
CA ASP D 227 -34.95 74.37 -28.21
C ASP D 227 -34.24 73.06 -27.98
N SER D 228 -33.49 72.95 -26.89
CA SER D 228 -32.83 71.69 -26.59
C SER D 228 -33.85 70.60 -26.31
N PHE D 229 -34.97 70.97 -25.68
CA PHE D 229 -36.01 69.99 -25.44
C PHE D 229 -36.73 69.62 -26.72
N ALA D 230 -36.85 70.56 -27.66
CA ALA D 230 -37.53 70.26 -28.91
C ALA D 230 -36.68 69.35 -29.78
N LYS D 231 -35.37 69.47 -29.69
CA LYS D 231 -34.54 68.54 -30.44
C LYS D 231 -34.49 67.18 -29.76
N TYR D 232 -34.26 67.14 -28.46
CA TYR D 232 -33.74 65.94 -27.83
C TYR D 232 -34.56 65.39 -26.67
N ARG D 233 -35.73 65.96 -26.39
CA ARG D 233 -36.64 65.55 -25.31
C ARG D 233 -36.01 65.59 -23.92
N TRP D 234 -34.95 66.36 -23.75
CA TRP D 234 -34.33 66.59 -22.46
C TRP D 234 -33.74 67.99 -22.49
N CYS D 235 -33.19 68.46 -21.39
CA CYS D 235 -32.45 69.71 -21.40
C CYS D 235 -31.07 69.63 -20.75
N PRO D 236 -30.14 68.80 -21.27
CA PRO D 236 -28.77 68.95 -20.76
C PRO D 236 -27.89 69.76 -21.69
N ASN D 237 -28.39 70.12 -22.87
CA ASN D 237 -27.53 70.69 -23.91
C ASN D 237 -27.76 72.19 -24.01
N ILE D 238 -27.18 72.91 -23.07
CA ILE D 238 -27.29 74.36 -23.07
C ILE D 238 -25.95 75.05 -22.84
N ILE D 239 -24.85 74.32 -22.99
CA ILE D 239 -23.59 74.79 -22.46
C ILE D 239 -22.42 74.90 -23.43
N GLY D 240 -22.67 75.26 -24.68
CA GLY D 240 -21.55 75.36 -25.58
C GLY D 240 -21.79 76.20 -26.81
N PRO D 241 -20.70 76.52 -27.50
CA PRO D 241 -20.86 77.07 -28.85
C PRO D 241 -21.38 76.05 -29.83
N GLN D 242 -21.18 74.75 -29.54
CA GLN D 242 -21.65 73.72 -30.45
C GLN D 242 -22.51 72.67 -29.78
N SER D 243 -22.47 72.55 -28.46
CA SER D 243 -23.22 71.48 -27.81
C SER D 243 -24.70 71.81 -27.72
N GLY D 244 -25.06 73.07 -27.95
CA GLY D 244 -26.46 73.42 -28.00
C GLY D 244 -26.74 74.81 -27.45
N GLY D 245 -25.78 75.36 -26.71
CA GLY D 245 -26.02 76.60 -26.02
C GLY D 245 -25.81 77.83 -26.85
N ALA D 246 -25.55 77.68 -28.14
CA ALA D 246 -25.26 78.82 -28.98
C ALA D 246 -26.52 79.62 -29.25
N VAL D 247 -26.53 80.88 -28.84
CA VAL D 247 -27.62 81.79 -29.16
C VAL D 247 -27.18 82.58 -30.38
N GLU D 248 -27.80 82.31 -31.51
CA GLU D 248 -27.41 82.92 -32.76
C GLU D 248 -28.25 84.16 -33.03
N ASP D 249 -27.87 84.88 -34.09
CA ASP D 249 -28.63 85.99 -34.66
C ASP D 249 -28.86 87.12 -33.67
N LEU D 250 -27.81 87.82 -33.29
CA LEU D 250 -28.06 89.01 -32.51
C LEU D 250 -27.90 90.27 -33.36
N PRO D 251 -28.65 91.32 -33.05
CA PRO D 251 -28.57 92.54 -33.86
C PRO D 251 -27.29 93.31 -33.59
N VAL D 252 -26.75 93.90 -34.65
CA VAL D 252 -25.55 94.71 -34.56
C VAL D 252 -25.93 96.16 -34.77
N HIS D 253 -24.98 97.04 -34.48
CA HIS D 253 -25.23 98.46 -34.71
C HIS D 253 -23.88 99.12 -35.03
N VAL D 254 -23.56 99.19 -36.31
CA VAL D 254 -22.33 99.81 -36.74
C VAL D 254 -22.50 101.32 -36.70
N PHE D 255 -21.74 101.99 -35.86
CA PHE D 255 -21.91 103.43 -35.72
C PHE D 255 -20.55 104.09 -35.72
N GLU D 256 -20.52 105.37 -36.11
CA GLU D 256 -19.27 106.09 -36.31
C GLU D 256 -18.61 106.42 -34.99
N SER D 257 -17.37 105.95 -34.83
CA SER D 257 -16.58 106.19 -33.63
C SER D 257 -15.75 107.46 -33.85
N MET D 258 -14.67 107.69 -33.10
CA MET D 258 -13.82 108.86 -33.30
C MET D 258 -13.00 108.74 -34.59
N GLY D 259 -13.66 108.92 -35.73
CA GLY D 259 -13.02 108.83 -37.01
C GLY D 259 -13.18 107.49 -37.71
N ALA D 260 -13.29 106.40 -36.98
CA ALA D 260 -13.40 105.09 -37.57
C ALA D 260 -14.79 104.52 -37.32
N LEU D 261 -15.02 103.32 -37.85
CA LEU D 261 -16.21 102.56 -37.53
C LEU D 261 -15.89 101.61 -36.40
N GLN D 262 -16.93 101.24 -35.65
CA GLN D 262 -16.83 100.13 -34.72
C GLN D 262 -18.21 99.54 -34.54
N SER D 263 -18.25 98.26 -34.19
CA SER D 263 -19.49 97.59 -33.91
C SER D 263 -19.85 97.78 -32.45
N LYS D 264 -21.04 98.30 -32.20
CA LYS D 264 -21.53 98.27 -30.83
C LYS D 264 -21.88 96.84 -30.48
N ILE D 265 -21.34 96.37 -29.37
CA ILE D 265 -21.42 94.96 -29.01
C ILE D 265 -22.86 94.64 -28.64
N PRO D 266 -23.40 93.50 -29.10
CA PRO D 266 -24.78 93.17 -28.76
C PRO D 266 -25.01 92.90 -27.29
N THR D 267 -24.10 92.20 -26.63
CA THR D 267 -24.09 92.23 -25.18
C THR D 267 -23.42 93.53 -24.76
N GLU D 268 -23.52 93.86 -23.47
CA GLU D 268 -22.98 95.14 -23.05
C GLU D 268 -21.46 95.15 -23.10
N VAL D 269 -20.84 94.01 -22.80
CA VAL D 269 -19.39 93.93 -22.86
C VAL D 269 -18.97 92.66 -23.56
N LEU D 270 -17.74 92.66 -24.02
CA LEU D 270 -17.02 91.48 -24.46
C LEU D 270 -16.34 90.92 -23.21
N ILE D 271 -16.97 89.91 -22.62
CA ILE D 271 -16.40 89.30 -21.44
C ILE D 271 -15.22 88.43 -21.83
N THR D 272 -14.03 88.79 -21.34
CA THR D 272 -12.87 87.94 -21.58
C THR D 272 -12.98 86.67 -20.77
N ASP D 273 -12.21 85.65 -21.18
CA ASP D 273 -12.47 84.29 -20.72
C ASP D 273 -12.12 84.10 -19.26
N ARG D 274 -11.14 84.84 -18.76
CA ARG D 274 -10.88 84.81 -17.33
C ARG D 274 -12.05 85.40 -16.56
N LYS D 275 -12.65 86.47 -17.09
CA LYS D 275 -13.80 87.06 -16.45
C LYS D 275 -15.00 86.13 -16.53
N GLU D 276 -15.09 85.34 -17.59
CA GLU D 276 -16.18 84.39 -17.71
C GLU D 276 -16.03 83.26 -16.70
N PHE D 277 -14.82 82.75 -16.52
CA PHE D 277 -14.63 81.67 -15.56
C PHE D 277 -14.84 82.16 -14.15
N GLU D 278 -14.55 83.43 -13.90
CA GLU D 278 -14.84 83.98 -12.58
C GLU D 278 -16.34 84.11 -12.36
N LEU D 279 -17.08 84.55 -13.38
CA LEU D 279 -18.53 84.60 -13.24
C LEU D 279 -19.13 83.21 -13.14
N ALA D 280 -18.43 82.21 -13.68
CA ALA D 280 -18.92 80.85 -13.56
C ALA D 280 -18.67 80.31 -12.16
N GLU D 281 -17.58 80.74 -11.53
CA GLU D 281 -17.33 80.27 -10.17
C GLU D 281 -18.22 80.97 -9.16
N GLU D 282 -18.73 82.14 -9.49
CA GLU D 282 -19.61 82.85 -8.57
C GLU D 282 -21.05 82.44 -8.71
N GLY D 283 -21.35 81.49 -9.60
CA GLY D 283 -22.71 81.04 -9.79
C GLY D 283 -23.52 81.86 -10.77
N PHE D 284 -22.90 82.44 -11.77
CA PHE D 284 -23.60 83.25 -12.75
C PHE D 284 -23.45 82.63 -14.12
N ILE D 285 -24.41 82.90 -14.99
CA ILE D 285 -24.40 82.38 -16.35
C ILE D 285 -23.99 83.53 -17.25
N ALA D 286 -22.77 83.49 -17.75
CA ALA D 286 -22.22 84.60 -18.50
C ALA D 286 -22.58 84.45 -19.96
N LEU D 287 -23.43 85.33 -20.46
CA LEU D 287 -23.67 85.41 -21.89
C LEU D 287 -22.44 86.05 -22.53
N THR D 288 -21.65 85.27 -23.24
CA THR D 288 -20.40 85.76 -23.80
C THR D 288 -20.53 86.03 -25.28
N MET D 289 -20.17 87.25 -25.66
CA MET D 289 -20.19 87.65 -27.05
C MET D 289 -18.99 87.04 -27.74
N ARG D 290 -19.20 86.55 -28.96
CA ARG D 290 -18.10 86.12 -29.81
C ARG D 290 -17.62 87.28 -30.64
N LYS D 291 -16.40 87.76 -30.35
CA LYS D 291 -15.89 88.98 -30.94
C LYS D 291 -15.75 88.88 -32.45
N GLY D 292 -16.25 89.89 -33.15
CA GLY D 292 -16.21 89.91 -34.58
C GLY D 292 -17.34 89.18 -35.25
N SER D 293 -18.30 88.71 -34.47
CA SER D 293 -19.46 88.05 -35.04
C SER D 293 -20.70 88.78 -34.54
N ASP D 294 -21.85 88.20 -34.80
CA ASP D 294 -23.11 88.62 -34.22
C ASP D 294 -23.74 87.50 -33.41
N ASN D 295 -22.90 86.62 -32.88
CA ASN D 295 -23.34 85.41 -32.23
C ASN D 295 -22.82 85.40 -30.80
N ALA D 296 -23.56 84.78 -29.91
CA ALA D 296 -23.14 84.73 -28.51
C ALA D 296 -23.28 83.31 -27.98
N ALA D 297 -22.74 83.07 -26.81
CA ALA D 297 -22.72 81.71 -26.31
C ALA D 297 -22.65 81.69 -24.79
N PHE D 298 -23.23 80.65 -24.21
CA PHE D 298 -23.07 80.31 -22.80
C PHE D 298 -21.91 79.34 -22.69
N PHE D 299 -20.75 79.81 -22.24
CA PHE D 299 -19.68 78.87 -21.97
C PHE D 299 -19.93 78.06 -20.71
N SER D 300 -20.84 78.51 -19.86
CA SER D 300 -21.06 77.84 -18.59
C SER D 300 -22.48 78.15 -18.13
N ALA D 301 -23.07 77.21 -17.41
CA ALA D 301 -24.41 77.38 -16.88
C ALA D 301 -24.46 76.86 -15.45
N ASN D 302 -23.53 77.30 -14.61
CA ASN D 302 -23.59 76.93 -13.20
C ASN D 302 -24.82 77.52 -12.51
N SER D 303 -25.19 76.92 -11.39
CA SER D 303 -26.24 77.47 -10.53
C SER D 303 -25.59 78.16 -9.34
N ILE D 304 -26.42 78.58 -8.39
CA ILE D 304 -25.98 79.51 -7.36
C ILE D 304 -25.11 78.81 -6.33
N GLN D 305 -25.36 77.53 -6.05
CA GLN D 305 -24.86 76.92 -4.82
C GLN D 305 -23.36 76.75 -4.84
N LYS D 306 -22.73 77.14 -3.77
CA LYS D 306 -21.29 77.12 -3.65
C LYS D 306 -20.79 75.69 -3.63
N PRO D 307 -19.89 75.36 -4.54
CA PRO D 307 -19.39 73.98 -4.60
C PRO D 307 -18.53 73.71 -3.38
N LYS D 308 -18.89 72.67 -2.63
CA LYS D 308 -18.23 72.39 -1.35
C LYS D 308 -16.82 71.87 -1.55
N VAL D 309 -16.01 72.02 -0.50
CA VAL D 309 -14.67 71.46 -0.42
C VAL D 309 -14.66 70.37 0.63
N PHE D 310 -14.20 69.18 0.24
CA PHE D 310 -14.13 68.03 1.12
C PHE D 310 -12.67 67.64 1.30
N PRO D 311 -12.31 66.85 2.32
CA PRO D 311 -10.90 66.50 2.49
C PRO D 311 -10.36 65.70 1.32
N ASN D 312 -9.07 65.82 1.06
CA ASN D 312 -8.48 65.21 -0.13
C ASN D 312 -8.10 63.75 0.18
N THR D 313 -9.13 62.92 0.30
CA THR D 313 -8.98 61.48 0.34
C THR D 313 -9.70 60.91 -0.86
N LYS D 314 -9.85 59.59 -0.89
CA LYS D 314 -10.60 58.95 -1.96
C LYS D 314 -12.09 59.25 -1.83
N GLU D 315 -12.63 59.02 -0.63
CA GLU D 315 -14.04 59.28 -0.36
C GLU D 315 -14.36 60.77 -0.45
N GLY D 316 -13.39 61.61 -0.10
CA GLY D 316 -13.59 63.04 -0.19
C GLY D 316 -13.72 63.51 -1.62
N LYS D 317 -12.92 62.95 -2.52
CA LYS D 317 -13.06 63.39 -3.90
C LYS D 317 -14.29 62.81 -4.56
N GLU D 318 -14.77 61.64 -4.11
CA GLU D 318 -16.05 61.18 -4.61
C GLU D 318 -17.18 62.07 -4.16
N ALA D 319 -17.13 62.50 -2.90
CA ALA D 319 -18.24 63.31 -2.40
C ALA D 319 -18.20 64.72 -2.99
N GLU D 320 -17.01 65.24 -3.27
CA GLU D 320 -16.93 66.49 -4.02
C GLU D 320 -17.43 66.32 -5.44
N THR D 321 -17.16 65.16 -6.04
CA THR D 321 -17.60 64.91 -7.41
C THR D 321 -19.12 64.91 -7.48
N ASN D 322 -19.76 64.29 -6.49
CA ASN D 322 -21.20 64.27 -6.48
C ASN D 322 -21.75 65.65 -6.20
N TYR D 323 -21.04 66.40 -5.37
CA TYR D 323 -21.60 67.68 -4.98
C TYR D 323 -21.41 68.72 -6.07
N LYS D 324 -20.43 68.55 -6.95
CA LYS D 324 -20.37 69.48 -8.08
C LYS D 324 -21.22 68.99 -9.24
N LEU D 325 -21.59 67.70 -9.26
CA LEU D 325 -22.62 67.32 -10.22
C LEU D 325 -23.97 67.88 -9.84
N GLY D 326 -24.24 67.99 -8.54
CA GLY D 326 -25.55 68.45 -8.12
C GLY D 326 -25.80 69.91 -8.41
N THR D 327 -24.76 70.71 -8.44
CA THR D 327 -24.98 72.15 -8.44
C THR D 327 -24.89 72.79 -9.81
N GLN D 328 -25.06 72.05 -10.89
CA GLN D 328 -25.04 72.66 -12.21
C GLN D 328 -26.32 72.33 -12.95
N LEU D 329 -26.92 73.34 -13.56
CA LEU D 329 -28.21 73.19 -14.22
C LEU D 329 -28.30 72.14 -15.33
N PRO D 330 -27.30 71.89 -16.20
CA PRO D 330 -27.49 70.83 -17.20
C PRO D 330 -27.49 69.43 -16.65
N TYR D 331 -27.39 69.25 -15.35
CA TYR D 331 -27.66 67.98 -14.71
C TYR D 331 -28.92 68.01 -13.89
N MET D 332 -29.23 69.17 -13.31
CA MET D 332 -30.48 69.29 -12.58
C MET D 332 -31.68 69.30 -13.51
N MET D 333 -31.49 69.57 -14.79
CA MET D 333 -32.61 69.39 -15.69
C MET D 333 -32.86 67.92 -15.96
N ILE D 334 -31.79 67.11 -15.94
CA ILE D 334 -31.96 65.67 -16.04
C ILE D 334 -32.71 65.14 -14.83
N ILE D 335 -32.35 65.60 -13.63
CA ILE D 335 -33.02 65.11 -12.44
C ILE D 335 -34.44 65.68 -12.33
N ASN D 336 -34.67 66.87 -12.89
CA ASN D 336 -36.02 67.39 -12.92
C ASN D 336 -36.91 66.55 -13.83
N ARG D 337 -36.39 66.13 -14.99
CA ARG D 337 -37.22 65.32 -15.87
C ARG D 337 -37.43 63.91 -15.33
N LEU D 338 -36.45 63.37 -14.62
CA LEU D 338 -36.72 62.10 -13.95
C LEU D 338 -37.70 62.25 -12.81
N ALA D 339 -37.66 63.38 -12.10
CA ALA D 339 -38.62 63.57 -11.01
C ALA D 339 -40.02 63.71 -11.56
N HIS D 340 -40.15 64.35 -12.72
CA HIS D 340 -41.46 64.50 -13.32
C HIS D 340 -42.01 63.19 -13.86
N TYR D 341 -41.17 62.40 -14.52
CA TYR D 341 -41.65 61.11 -15.01
C TYR D 341 -41.94 60.16 -13.86
N VAL D 342 -41.18 60.23 -12.78
CA VAL D 342 -41.41 59.33 -11.66
C VAL D 342 -42.70 59.69 -10.94
N LYS D 343 -42.99 60.98 -10.79
CA LYS D 343 -44.27 61.37 -10.21
C LYS D 343 -45.43 60.97 -11.10
N VAL D 344 -45.36 61.36 -12.38
CA VAL D 344 -46.52 61.23 -13.26
C VAL D 344 -46.78 59.76 -13.60
N LEU D 345 -45.73 58.99 -13.87
CA LEU D 345 -45.95 57.57 -14.12
C LEU D 345 -46.22 56.79 -12.85
N GLN D 346 -45.58 57.13 -11.74
CA GLN D 346 -45.81 56.34 -10.53
C GLN D 346 -47.05 56.82 -9.78
N ARG D 347 -47.88 57.68 -10.38
CA ARG D 347 -49.24 57.78 -9.87
C ARG D 347 -50.17 56.81 -10.56
N GLU D 348 -49.77 56.27 -11.71
CA GLU D 348 -50.68 55.38 -12.40
C GLU D 348 -50.57 53.96 -11.90
N GLN D 349 -49.64 53.69 -10.99
CA GLN D 349 -49.51 52.34 -10.47
C GLN D 349 -50.07 52.18 -9.07
N ILE D 350 -50.60 53.24 -8.47
CA ILE D 350 -51.24 53.12 -7.17
C ILE D 350 -52.46 52.24 -7.30
N GLY D 351 -52.40 51.08 -6.68
CA GLY D 351 -53.47 50.11 -6.81
C GLY D 351 -53.11 48.89 -7.62
N ALA D 352 -51.86 48.75 -8.01
CA ALA D 352 -51.48 47.52 -8.66
C ALA D 352 -50.81 46.59 -7.65
N TRP D 353 -50.98 45.28 -7.87
CA TRP D 353 -50.46 44.27 -6.95
C TRP D 353 -48.95 44.25 -7.09
N LYS D 354 -48.27 45.01 -6.24
CA LYS D 354 -46.83 45.17 -6.31
C LYS D 354 -46.18 44.66 -5.05
N GLU D 355 -45.07 43.98 -5.20
CA GLU D 355 -44.20 43.70 -4.09
C GLU D 355 -42.97 44.61 -4.14
N ARG D 356 -42.01 44.32 -3.26
CA ARG D 356 -40.78 45.10 -3.23
C ARG D 356 -39.95 44.87 -4.49
N GLN D 357 -39.62 43.63 -4.77
CA GLN D 357 -38.88 43.28 -5.97
C GLN D 357 -39.66 43.55 -7.24
N ASP D 358 -40.98 43.73 -7.15
CA ASP D 358 -41.72 44.27 -8.27
C ASP D 358 -41.27 45.69 -8.59
N LEU D 359 -41.07 46.52 -7.57
CA LEU D 359 -40.59 47.86 -7.88
C LEU D 359 -39.14 47.86 -8.30
N GLU D 360 -38.34 46.91 -7.81
CA GLU D 360 -36.98 46.82 -8.34
C GLU D 360 -36.99 46.45 -9.81
N ARG D 361 -37.86 45.52 -10.19
CA ARG D 361 -37.85 45.04 -11.57
C ARG D 361 -38.47 46.08 -12.50
N GLU D 362 -39.54 46.74 -12.06
CA GLU D 362 -40.21 47.66 -12.94
C GLU D 362 -39.49 49.00 -13.02
N LEU D 363 -38.80 49.40 -11.96
CA LEU D 363 -38.03 50.62 -12.10
C LEU D 363 -36.72 50.37 -12.85
N ASN D 364 -36.13 49.19 -12.70
CA ASN D 364 -34.90 48.93 -13.45
C ASN D 364 -35.18 48.76 -14.93
N SER D 365 -36.27 48.06 -15.26
CA SER D 365 -36.67 48.00 -16.66
C SER D 365 -37.26 49.33 -17.13
N TRP D 366 -37.65 50.19 -16.19
CA TRP D 366 -38.11 51.52 -16.57
C TRP D 366 -36.93 52.40 -16.92
N ILE D 367 -35.81 52.22 -16.25
CA ILE D 367 -34.69 53.13 -16.38
C ILE D 367 -33.64 52.57 -17.33
N LYS D 368 -33.80 51.33 -17.78
CA LYS D 368 -32.97 50.86 -18.89
C LYS D 368 -33.36 51.51 -20.20
N GLN D 369 -34.49 52.21 -20.22
CA GLN D 369 -34.82 53.14 -21.29
C GLN D 369 -33.76 54.24 -21.42
N TYR D 370 -33.22 54.72 -20.31
CA TYR D 370 -32.40 55.92 -20.36
C TYR D 370 -30.93 55.64 -20.10
N VAL D 371 -30.48 54.41 -20.22
CA VAL D 371 -29.08 54.08 -19.98
C VAL D 371 -28.40 53.88 -21.32
N ALA D 372 -27.31 54.62 -21.54
CA ALA D 372 -26.52 54.46 -22.75
C ALA D 372 -25.12 54.03 -22.31
N ASP D 373 -24.93 52.73 -22.10
CA ASP D 373 -23.71 52.23 -21.48
C ASP D 373 -22.85 51.41 -22.43
N GLN D 374 -22.80 51.79 -23.70
CA GLN D 374 -21.91 51.12 -24.61
C GLN D 374 -20.50 51.65 -24.46
N GLU D 375 -19.64 51.27 -25.40
CA GLU D 375 -18.25 51.66 -25.29
C GLU D 375 -18.07 53.13 -25.64
N ASN D 376 -18.67 53.57 -26.70
CA ASN D 376 -18.44 54.93 -27.15
C ASN D 376 -19.65 55.40 -27.94
N PRO D 377 -20.70 55.87 -27.27
CA PRO D 377 -21.87 56.32 -28.01
C PRO D 377 -21.61 57.69 -28.61
N PRO D 378 -22.14 57.98 -29.79
CA PRO D 378 -21.95 59.30 -30.38
C PRO D 378 -22.77 60.36 -29.66
N ALA D 379 -22.65 61.60 -30.13
CA ALA D 379 -23.15 62.73 -29.35
C ALA D 379 -24.66 62.77 -29.28
N ASP D 380 -25.35 62.25 -30.29
CA ASP D 380 -26.79 62.31 -30.31
C ASP D 380 -27.41 61.31 -29.34
N VAL D 381 -26.88 60.09 -29.33
CA VAL D 381 -27.42 59.06 -28.45
C VAL D 381 -27.10 59.40 -27.01
N ARG D 382 -25.98 60.07 -26.77
CA ARG D 382 -25.76 60.67 -25.46
C ARG D 382 -26.72 61.81 -25.20
N SER D 383 -27.17 62.49 -26.25
CA SER D 383 -28.03 63.64 -26.02
C SER D 383 -29.44 63.22 -25.62
N ARG D 384 -29.90 62.09 -26.12
CA ARG D 384 -31.26 61.68 -25.82
C ARG D 384 -31.35 60.55 -24.81
N ARG D 385 -30.23 59.97 -24.41
CA ARG D 385 -30.17 59.01 -23.29
C ARG D 385 -29.11 59.51 -22.34
N PRO D 386 -29.47 60.38 -21.43
CA PRO D 386 -28.44 61.16 -20.76
C PRO D 386 -27.68 60.43 -19.68
N LEU D 387 -28.31 59.50 -18.97
CA LEU D 387 -27.67 58.95 -17.77
C LEU D 387 -26.99 57.62 -18.11
N ARG D 388 -25.79 57.41 -17.58
CA ARG D 388 -25.00 56.26 -18.00
C ARG D 388 -25.21 55.07 -17.10
N ALA D 389 -25.41 55.29 -15.81
CA ALA D 389 -25.66 54.19 -14.90
C ALA D 389 -26.88 54.51 -14.04
N ALA D 390 -27.50 53.46 -13.53
CA ALA D 390 -28.60 53.66 -12.61
C ALA D 390 -28.61 52.51 -11.62
N ARG D 391 -28.65 52.85 -10.34
CA ARG D 391 -28.67 51.88 -9.27
C ARG D 391 -29.86 52.18 -8.37
N ILE D 392 -30.83 51.27 -8.34
CA ILE D 392 -32.08 51.50 -7.66
C ILE D 392 -32.18 50.53 -6.49
N GLU D 393 -32.48 51.06 -5.32
CA GLU D 393 -32.76 50.23 -4.16
C GLU D 393 -34.17 50.49 -3.69
N VAL D 394 -34.94 49.41 -3.52
CA VAL D 394 -36.32 49.51 -3.08
C VAL D 394 -36.46 48.80 -1.75
N MET D 395 -36.91 49.52 -0.75
CA MET D 395 -37.12 48.98 0.59
C MET D 395 -38.53 49.31 1.06
N ASP D 396 -38.97 48.58 2.09
CA ASP D 396 -40.30 48.76 2.62
C ASP D 396 -40.27 49.72 3.79
N VAL D 397 -41.32 50.50 3.95
CA VAL D 397 -41.53 51.22 5.19
C VAL D 397 -42.11 50.20 6.15
N GLU D 398 -41.33 49.79 7.15
CA GLU D 398 -41.72 48.70 8.04
C GLU D 398 -42.87 49.13 8.93
N GLY D 399 -43.87 48.27 9.05
CA GLY D 399 -45.01 48.61 9.85
C GLY D 399 -45.96 49.59 9.21
N ASN D 400 -45.86 49.79 7.90
CA ASN D 400 -46.78 50.65 7.17
C ASN D 400 -46.93 50.07 5.78
N PRO D 401 -47.86 49.12 5.62
CA PRO D 401 -47.71 48.12 4.55
C PRO D 401 -48.03 48.69 3.19
N GLY D 402 -47.30 48.21 2.20
CA GLY D 402 -47.39 48.70 0.86
C GLY D 402 -46.46 49.85 0.54
N TRP D 403 -46.24 50.74 1.50
CA TRP D 403 -45.44 51.94 1.31
C TRP D 403 -43.98 51.56 1.07
N TYR D 404 -43.48 51.88 -0.10
CA TYR D 404 -42.16 51.45 -0.51
C TYR D 404 -41.24 52.67 -0.53
N GLN D 405 -39.95 52.43 -0.30
CA GLN D 405 -38.97 53.50 -0.12
C GLN D 405 -37.85 53.28 -1.11
N VAL D 406 -37.67 54.21 -2.04
CA VAL D 406 -36.85 53.97 -3.21
C VAL D 406 -35.74 55.02 -3.26
N SER D 407 -34.52 54.56 -3.53
CA SER D 407 -33.41 55.45 -3.83
C SER D 407 -32.98 55.25 -5.27
N LEU D 408 -33.15 56.28 -6.08
CA LEU D 408 -32.80 56.24 -7.49
C LEU D 408 -31.61 57.15 -7.72
N SER D 409 -30.47 56.55 -8.02
CA SER D 409 -29.20 57.26 -8.15
C SER D 409 -28.67 57.11 -9.56
N VAL D 410 -28.37 58.22 -10.21
CA VAL D 410 -27.93 58.18 -11.60
C VAL D 410 -26.54 58.78 -11.70
N ARG D 411 -25.87 58.47 -12.82
CA ARG D 411 -24.54 59.01 -13.13
C ARG D 411 -24.58 59.54 -14.54
N PRO D 412 -24.68 60.84 -14.74
CA PRO D 412 -24.91 61.37 -16.08
C PRO D 412 -23.63 61.36 -16.89
N HIS D 413 -23.77 61.62 -18.18
CA HIS D 413 -22.61 61.85 -19.01
C HIS D 413 -21.95 63.16 -18.64
N PHE D 414 -20.65 63.10 -18.39
CA PHE D 414 -19.89 64.29 -18.09
C PHE D 414 -19.70 65.11 -19.35
N LYS D 415 -20.05 66.37 -19.28
CA LYS D 415 -19.85 67.25 -20.41
C LYS D 415 -18.58 68.06 -20.20
N TYR D 416 -17.82 68.25 -21.28
CA TYR D 416 -16.45 68.75 -21.25
C TYR D 416 -16.43 70.21 -20.80
N MET D 417 -16.01 70.47 -19.56
CA MET D 417 -16.04 71.83 -19.04
C MET D 417 -14.72 72.27 -18.44
N GLY D 418 -13.63 72.10 -19.15
CA GLY D 418 -12.37 72.70 -18.73
C GLY D 418 -11.25 71.68 -18.68
N ALA D 419 -10.07 72.14 -19.06
CA ALA D 419 -8.90 71.28 -19.01
C ALA D 419 -7.66 72.15 -18.89
N ASN D 420 -6.59 71.55 -18.38
CA ASN D 420 -5.28 72.19 -18.34
C ASN D 420 -4.35 71.45 -19.28
N PHE D 421 -3.55 72.20 -20.03
CA PHE D 421 -2.61 71.61 -20.97
C PHE D 421 -1.20 72.01 -20.62
N GLU D 422 -0.28 71.05 -20.71
CA GLU D 422 1.13 71.29 -20.56
C GLU D 422 1.82 70.71 -21.78
N LEU D 423 2.60 71.53 -22.47
CA LEU D 423 3.29 71.09 -23.67
C LEU D 423 4.80 71.10 -23.44
N SER D 424 5.52 70.25 -24.16
CA SER D 424 6.96 70.17 -24.00
C SER D 424 7.62 69.57 -25.23
N LEU D 425 8.59 70.28 -25.78
CA LEU D 425 9.41 69.70 -26.82
C LEU D 425 10.33 68.66 -26.21
N VAL D 426 10.57 67.58 -26.94
CA VAL D 426 11.48 66.53 -26.47
C VAL D 426 11.98 65.76 -27.69
N GLY D 427 13.18 65.22 -27.58
CA GLY D 427 13.68 64.24 -28.53
C GLY D 427 13.27 62.87 -28.05
N ARG D 428 13.82 61.83 -28.69
CA ARG D 428 13.86 60.45 -28.20
C ARG D 428 12.48 59.78 -28.09
N LEU D 429 11.40 60.49 -28.39
CA LEU D 429 10.07 59.96 -28.14
C LEU D 429 9.66 58.95 -29.21
N ASP D 430 8.98 57.89 -28.77
CA ASP D 430 8.46 56.87 -29.68
C ASP D 430 7.30 57.40 -30.50
N SER E 1 12.36 86.21 -11.52
CA SER E 1 11.79 84.91 -11.17
C SER E 1 12.49 83.81 -11.93
N LYS E 2 12.16 82.58 -11.58
CA LYS E 2 12.77 81.43 -12.23
C LYS E 2 11.77 80.39 -12.72
N GLU E 3 10.52 80.41 -12.26
CA GLU E 3 9.53 79.42 -12.67
C GLU E 3 8.70 79.88 -13.85
N GLY E 4 9.06 80.98 -14.48
CA GLY E 4 8.20 81.53 -15.50
C GLY E 4 6.97 82.13 -14.86
N SER E 5 5.94 82.28 -15.66
CA SER E 5 4.67 82.80 -15.16
C SER E 5 3.54 82.15 -15.94
N VAL E 6 2.34 82.26 -15.40
CA VAL E 6 1.14 81.76 -16.04
C VAL E 6 0.11 82.86 -16.10
N ALA E 7 -0.92 82.65 -16.90
CA ALA E 7 -2.07 83.51 -16.88
C ALA E 7 -2.94 83.14 -15.69
N PRO E 8 -3.88 83.99 -15.29
CA PRO E 8 -4.92 83.53 -14.37
C PRO E 8 -5.75 82.46 -15.04
N LYS E 9 -6.31 81.57 -14.21
CA LYS E 9 -6.90 80.31 -14.67
C LYS E 9 -8.15 80.57 -15.50
N GLU E 10 -8.21 79.90 -16.64
CA GLU E 10 -9.30 80.07 -17.58
C GLU E 10 -9.99 78.71 -17.75
N ARG E 11 -10.88 78.60 -18.73
CA ARG E 11 -11.45 77.33 -19.10
C ARG E 11 -10.40 76.37 -19.66
N ILE E 12 -9.51 76.87 -20.49
CA ILE E 12 -8.47 76.05 -21.09
C ILE E 12 -7.12 76.61 -20.66
N ASN E 13 -6.47 75.96 -19.72
CA ASN E 13 -5.16 76.39 -19.26
C ASN E 13 -4.09 75.73 -20.09
N ILE E 14 -3.31 76.53 -20.81
CA ILE E 14 -2.18 76.03 -21.57
C ILE E 14 -0.94 76.75 -21.10
N LYS E 15 0.02 75.98 -20.61
CA LYS E 15 1.32 76.50 -20.24
C LYS E 15 2.36 75.50 -20.71
N TYR E 16 3.57 75.97 -20.90
CA TYR E 16 4.65 75.12 -21.36
C TYR E 16 5.65 74.94 -20.24
N ILE E 17 5.99 73.70 -19.97
CA ILE E 17 7.01 73.36 -18.97
C ILE E 17 8.16 72.70 -19.70
N PRO E 18 9.31 72.56 -19.05
CA PRO E 18 10.32 71.66 -19.62
C PRO E 18 9.82 70.23 -19.50
N ALA E 19 9.33 69.72 -20.63
CA ALA E 19 8.55 68.50 -20.61
C ALA E 19 9.40 67.26 -20.59
N THR E 20 10.71 67.40 -20.40
CA THR E 20 11.57 66.25 -20.26
C THR E 20 11.21 65.46 -19.01
N GLY E 21 10.79 66.15 -17.96
CA GLY E 21 10.33 65.53 -16.74
C GLY E 21 11.44 64.79 -16.04
N ASP E 22 12.66 65.28 -16.24
CA ASP E 22 13.85 64.57 -15.81
C ASP E 22 13.98 64.70 -14.29
N ALA E 23 13.31 63.80 -13.59
CA ALA E 23 13.58 63.62 -12.18
C ALA E 23 14.99 63.07 -12.02
N GLN E 24 15.60 63.40 -10.88
CA GLN E 24 17.01 63.11 -10.57
C GLN E 24 17.93 63.71 -11.63
N ALA E 25 17.65 64.94 -12.03
CA ALA E 25 18.51 65.71 -12.90
C ALA E 25 18.71 67.09 -12.29
N GLU E 26 19.96 67.43 -12.00
CA GLU E 26 20.30 68.73 -11.43
C GLU E 26 21.38 69.35 -12.30
N ALA E 27 21.48 70.67 -12.24
CA ALA E 27 22.36 71.42 -13.12
C ALA E 27 23.58 71.86 -12.34
N GLU E 28 24.75 71.71 -12.95
CA GLU E 28 26.00 72.19 -12.39
C GLU E 28 26.83 72.80 -13.51
N VAL E 29 27.52 73.88 -13.21
CA VAL E 29 28.51 74.39 -14.14
C VAL E 29 29.75 73.53 -13.99
N GLU E 30 30.40 73.21 -15.11
CA GLU E 30 31.70 72.55 -15.04
C GLU E 30 32.68 73.45 -14.32
N LEU E 31 33.05 73.05 -13.12
CA LEU E 31 33.79 73.91 -12.23
C LEU E 31 35.18 74.15 -12.78
N PRO E 32 35.68 75.37 -12.74
CA PRO E 32 37.01 75.63 -13.29
C PRO E 32 38.09 75.08 -12.39
N LEU E 33 39.10 74.48 -13.00
CA LEU E 33 40.28 74.02 -12.28
C LEU E 33 41.14 75.25 -11.98
N LYS E 34 40.76 75.97 -10.92
CA LYS E 34 41.32 77.29 -10.70
C LYS E 34 42.68 77.18 -10.02
N THR E 35 43.73 77.18 -10.82
CA THR E 35 45.09 77.08 -10.32
C THR E 35 45.49 78.41 -9.70
N LEU E 36 46.00 78.35 -8.49
CA LEU E 36 46.39 79.54 -7.76
C LEU E 36 47.90 79.58 -7.71
N VAL E 37 48.53 80.20 -8.70
CA VAL E 37 49.97 80.31 -8.76
C VAL E 37 50.41 81.32 -7.72
N VAL E 38 51.23 80.88 -6.77
CA VAL E 38 51.73 81.73 -5.70
C VAL E 38 53.24 81.74 -5.78
N GLY E 39 53.81 82.91 -6.01
CA GLY E 39 55.26 83.00 -6.06
C GLY E 39 55.71 84.45 -5.99
N ASP E 40 57.02 84.62 -5.83
CA ASP E 40 57.63 85.94 -5.72
C ASP E 40 57.55 86.64 -7.06
N PHE E 41 56.73 87.68 -7.11
CA PHE E 41 56.39 88.34 -8.36
C PHE E 41 56.71 89.82 -8.38
N LYS E 42 57.25 90.38 -7.31
CA LYS E 42 57.64 91.78 -7.24
C LYS E 42 58.96 91.87 -6.50
N GLY E 43 59.67 92.96 -6.71
CA GLY E 43 61.01 93.06 -6.20
C GLY E 43 61.14 93.44 -4.75
N HIS E 44 60.06 93.41 -3.98
CA HIS E 44 60.10 93.93 -2.63
C HIS E 44 59.00 93.31 -1.80
N ALA E 45 59.14 93.43 -0.49
CA ALA E 45 58.07 93.07 0.41
C ALA E 45 57.04 94.19 0.46
N GLU E 46 55.79 93.80 0.62
CA GLU E 46 54.72 94.76 0.80
C GLU E 46 54.23 94.74 2.24
N GLN E 47 54.01 95.94 2.79
CA GLN E 47 53.57 96.06 4.16
C GLN E 47 52.12 95.62 4.33
N THR E 48 51.37 95.53 3.23
CA THR E 48 49.96 95.20 3.31
C THR E 48 49.79 93.76 3.77
N PRO E 49 48.93 93.50 4.76
CA PRO E 49 48.81 92.14 5.29
C PRO E 49 48.19 91.21 4.28
N LEU E 50 48.33 89.92 4.53
CA LEU E 50 48.09 88.93 3.49
C LEU E 50 46.61 88.79 3.18
N GLU E 51 45.76 89.06 4.17
CA GLU E 51 44.32 88.94 3.95
C GLU E 51 43.75 90.07 3.09
N GLU E 52 44.46 91.18 2.95
CA GLU E 52 43.90 92.33 2.27
C GLU E 52 44.34 92.44 0.82
N ARG E 53 45.54 91.95 0.47
CA ARG E 53 45.95 92.01 -0.93
C ARG E 53 45.14 91.02 -1.74
N ALA E 54 44.93 91.31 -3.02
CA ALA E 54 43.94 90.63 -3.81
C ALA E 54 44.57 89.72 -4.87
N THR E 55 43.80 88.72 -5.29
CA THR E 55 44.21 87.86 -6.38
C THR E 55 44.01 88.58 -7.70
N VAL E 56 44.82 88.22 -8.68
CA VAL E 56 44.81 88.85 -9.99
C VAL E 56 44.50 87.79 -11.02
N THR E 57 43.37 87.94 -11.69
CA THR E 57 43.00 87.00 -12.74
C THR E 57 43.89 87.24 -13.95
N VAL E 58 44.47 86.17 -14.46
CA VAL E 58 45.37 86.23 -15.61
C VAL E 58 44.86 85.30 -16.68
N ASP E 59 44.69 85.82 -17.88
CA ASP E 59 44.54 84.91 -19.01
C ASP E 59 45.54 85.31 -20.07
N LYS E 60 45.40 84.69 -21.24
CA LYS E 60 46.25 85.06 -22.37
C LYS E 60 45.90 86.45 -22.87
N ASN E 61 44.67 86.90 -22.64
CA ASN E 61 44.19 88.11 -23.27
C ASN E 61 44.51 89.36 -22.48
N ASN E 62 44.97 89.25 -21.24
CA ASN E 62 45.41 90.45 -20.56
C ASN E 62 46.71 90.29 -19.80
N PHE E 63 47.62 89.39 -20.21
CA PHE E 63 48.83 89.16 -19.45
C PHE E 63 49.75 90.36 -19.49
N GLU E 64 49.81 91.04 -20.63
CA GLU E 64 50.56 92.28 -20.69
C GLU E 64 49.89 93.37 -19.88
N ALA E 65 48.57 93.29 -19.73
CA ALA E 65 47.89 94.23 -18.86
C ALA E 65 48.13 93.89 -17.40
N VAL E 66 48.35 92.61 -17.09
CA VAL E 66 48.64 92.23 -15.72
C VAL E 66 50.04 92.65 -15.33
N MET E 67 51.01 92.43 -16.22
CA MET E 67 52.35 92.94 -15.95
C MET E 67 52.38 94.46 -15.98
N ARG E 68 51.46 95.07 -16.74
CA ARG E 68 51.40 96.52 -16.79
C ARG E 68 50.89 97.10 -15.48
N GLU E 69 49.80 96.53 -14.95
CA GLU E 69 49.24 97.06 -13.72
C GLU E 69 50.04 96.63 -12.50
N SER E 70 50.91 95.63 -12.65
CA SER E 70 51.64 95.13 -11.50
C SER E 70 52.67 96.12 -10.99
N GLU E 71 53.14 97.02 -11.87
CA GLU E 71 54.15 98.04 -11.59
C GLU E 71 55.42 97.41 -11.05
N LEU E 72 56.06 96.59 -11.87
CA LEU E 72 57.26 95.86 -11.49
C LEU E 72 58.41 96.83 -11.29
N LYS E 73 59.42 96.38 -10.54
CA LYS E 73 60.55 97.23 -10.21
C LYS E 73 61.68 96.36 -9.72
N ILE E 74 62.91 96.71 -10.11
CA ILE E 74 64.13 96.17 -9.52
C ILE E 74 65.07 97.34 -9.31
N THR E 75 65.56 97.49 -8.09
CA THR E 75 66.54 98.52 -7.75
C THR E 75 67.71 97.84 -7.06
N ALA E 76 68.86 97.76 -7.76
CA ALA E 76 69.96 96.97 -7.24
C ALA E 76 71.29 97.50 -7.76
N THR E 77 72.35 96.76 -7.42
CA THR E 77 73.72 97.16 -7.70
C THR E 77 74.45 96.01 -8.39
N VAL E 78 75.18 96.31 -9.46
CA VAL E 78 75.97 95.33 -10.18
C VAL E 78 77.43 95.78 -10.23
N LYS E 79 78.30 94.83 -10.54
CA LYS E 79 79.70 95.14 -10.80
C LYS E 79 79.83 95.84 -12.16
N ASN E 80 80.59 96.94 -12.17
CA ASN E 80 80.71 97.78 -13.36
C ASN E 80 81.99 97.40 -14.10
N LYS E 81 81.85 97.00 -15.37
CA LYS E 81 82.97 96.53 -16.18
C LYS E 81 83.22 97.39 -17.41
N LEU E 82 82.99 98.68 -17.33
CA LEU E 82 83.36 99.61 -18.40
C LEU E 82 84.75 100.20 -18.21
N THR E 83 85.50 99.72 -17.23
CA THR E 83 86.82 100.22 -16.91
C THR E 83 87.62 99.08 -16.29
N ASP E 84 88.71 99.42 -15.60
CA ASP E 84 89.57 98.40 -15.03
C ASP E 84 89.66 98.49 -13.51
N ASP E 85 88.53 98.65 -12.84
CA ASP E 85 88.49 98.82 -11.39
C ASP E 85 87.50 97.84 -10.79
N GLU E 86 87.88 97.19 -9.70
CA GLU E 86 87.00 96.24 -9.02
C GLU E 86 85.95 96.94 -8.16
N ASN E 87 86.32 98.01 -7.46
CA ASN E 87 85.43 98.72 -6.57
C ASN E 87 84.37 99.53 -7.31
N ALA E 88 84.54 99.75 -8.60
CA ALA E 88 83.60 100.53 -9.40
C ALA E 88 82.33 99.71 -9.57
N GLU E 89 81.23 100.21 -9.04
CA GLU E 89 79.96 99.53 -9.11
C GLU E 89 79.00 100.38 -9.91
N LEU E 90 78.01 99.73 -10.51
CA LEU E 90 77.01 100.43 -11.30
C LEU E 90 75.65 100.28 -10.66
N PRO E 91 75.09 101.32 -10.10
CA PRO E 91 73.70 101.25 -9.62
C PRO E 91 72.73 101.29 -10.79
N VAL E 92 71.71 100.43 -10.76
CA VAL E 92 70.68 100.41 -11.79
C VAL E 92 69.35 100.66 -11.13
N GLU E 93 68.44 101.27 -11.90
CA GLU E 93 67.07 101.55 -11.49
C GLU E 93 66.17 101.31 -12.69
N LEU E 94 65.46 100.19 -12.68
CA LEU E 94 64.72 99.76 -13.85
C LEU E 94 63.22 99.90 -13.64
N ASN E 95 62.48 99.90 -14.75
CA ASN E 95 61.03 99.83 -14.72
C ASN E 95 60.55 98.88 -15.80
N PHE E 96 59.62 98.01 -15.45
CA PHE E 96 59.23 96.90 -16.30
C PHE E 96 57.74 96.99 -16.57
N LYS E 97 57.37 96.70 -17.81
CA LYS E 97 55.95 96.72 -18.15
C LYS E 97 55.46 95.46 -18.83
N SER E 98 56.29 94.82 -19.66
CA SER E 98 55.89 93.57 -20.31
C SER E 98 57.14 92.74 -20.53
N LEU E 99 56.97 91.61 -21.19
CA LEU E 99 58.11 90.70 -21.34
C LEU E 99 59.07 91.14 -22.43
N ALA E 100 58.77 92.24 -23.12
CA ALA E 100 59.81 92.84 -23.93
C ALA E 100 60.88 93.50 -23.06
N ASP E 101 60.54 93.91 -21.84
CA ASP E 101 61.43 94.70 -21.01
C ASP E 101 62.56 93.90 -20.40
N PHE E 102 62.58 92.59 -20.57
CA PHE E 102 63.69 91.79 -20.05
C PHE E 102 64.76 91.52 -21.10
N ALA E 103 64.52 91.97 -22.33
CA ALA E 103 65.50 91.84 -23.39
C ALA E 103 66.66 92.80 -23.13
N PRO E 104 67.83 92.55 -23.75
CA PRO E 104 68.93 93.50 -23.59
C PRO E 104 68.72 94.82 -24.31
N ASP E 105 67.70 94.91 -25.17
CA ASP E 105 67.41 96.18 -25.81
C ASP E 105 66.85 97.17 -24.81
N ALA E 106 65.76 96.80 -24.15
CA ALA E 106 65.14 97.72 -23.20
C ALA E 106 65.99 97.89 -21.96
N VAL E 107 66.72 96.85 -21.55
CA VAL E 107 67.67 96.99 -20.45
C VAL E 107 68.81 97.90 -20.86
N ALA E 108 69.18 97.85 -22.15
CA ALA E 108 70.20 98.77 -22.65
C ALA E 108 69.67 100.20 -22.70
N SER E 109 68.34 100.36 -22.79
CA SER E 109 67.78 101.70 -22.79
C SER E 109 67.58 102.23 -21.38
N GLN E 110 67.34 101.36 -20.41
CA GLN E 110 66.97 101.83 -19.08
C GLN E 110 68.16 102.07 -18.16
N VAL E 111 69.37 101.81 -18.62
CA VAL E 111 70.54 102.19 -17.83
C VAL E 111 71.33 103.21 -18.66
N PRO E 112 71.41 104.47 -18.24
CA PRO E 112 72.04 105.50 -19.07
C PRO E 112 73.52 105.29 -19.31
N GLU E 113 74.20 104.59 -18.39
CA GLU E 113 75.61 104.28 -18.58
C GLU E 113 75.82 103.24 -19.67
N LEU E 114 74.76 102.59 -20.13
CA LEU E 114 74.79 101.83 -21.36
C LEU E 114 74.12 102.54 -22.52
N LYS E 115 73.11 103.37 -22.24
CA LYS E 115 72.36 104.07 -23.29
C LYS E 115 73.25 105.04 -24.04
N LYS E 116 74.15 105.71 -23.32
CA LYS E 116 75.09 106.61 -23.96
C LYS E 116 76.09 105.85 -24.82
N LEU E 117 76.39 104.60 -24.48
CA LEU E 117 77.27 103.80 -25.32
C LEU E 117 76.55 103.23 -26.52
N ILE E 118 75.24 102.97 -26.41
CA ILE E 118 74.49 102.57 -27.59
C ILE E 118 74.38 103.72 -28.57
N GLU E 119 74.12 104.92 -28.06
CA GLU E 119 74.04 106.09 -28.93
C GLU E 119 75.41 106.44 -29.52
N LEU E 120 76.47 106.25 -28.73
CA LEU E 120 77.83 106.50 -29.23
C LEU E 120 78.20 105.47 -30.28
N ARG E 121 77.71 104.24 -30.12
CA ARG E 121 77.87 103.24 -31.16
C ARG E 121 77.11 103.65 -32.41
N GLU E 122 75.95 104.30 -32.23
CA GLU E 122 75.21 104.80 -33.39
C GLU E 122 75.91 105.99 -34.02
N ALA E 123 76.76 106.68 -33.26
CA ALA E 123 77.60 107.72 -33.86
C ALA E 123 78.75 107.10 -34.64
N LEU E 124 79.28 105.98 -34.17
CA LEU E 124 80.42 105.36 -34.85
C LEU E 124 79.98 104.58 -36.08
N VAL E 125 78.76 104.07 -36.09
CA VAL E 125 78.29 103.32 -37.26
C VAL E 125 77.93 104.28 -38.39
N ALA E 126 77.22 105.36 -38.08
CA ALA E 126 76.81 106.33 -39.11
C ALA E 126 77.98 107.10 -39.68
N LEU E 127 79.03 107.34 -38.88
CA LEU E 127 80.29 107.99 -39.26
C LEU E 127 80.09 109.39 -39.82
N ASN F 1 91.09 103.00 -42.60
CA ASN F 1 90.26 103.97 -41.89
C ASN F 1 88.97 103.32 -41.39
N LYS F 2 88.24 102.72 -42.33
CA LYS F 2 86.97 102.09 -42.00
C LYS F 2 87.17 100.88 -41.10
N SER F 3 88.26 100.15 -41.32
CA SER F 3 88.53 98.96 -40.53
C SER F 3 88.86 99.31 -39.08
N LEU F 4 89.44 100.50 -38.86
CA LEU F 4 89.68 100.95 -37.50
C LEU F 4 88.37 101.31 -36.81
N VAL F 5 87.42 101.87 -37.57
CA VAL F 5 86.10 102.16 -37.02
C VAL F 5 85.39 100.88 -36.65
N ASP F 6 85.53 99.84 -37.48
CA ASP F 6 84.90 98.55 -37.18
C ASP F 6 85.57 97.87 -35.98
N GLN F 7 86.88 98.05 -35.83
CA GLN F 7 87.55 97.52 -34.64
C GLN F 7 87.08 98.24 -33.38
N MET F 8 86.80 99.54 -33.49
CA MET F 8 86.20 100.26 -32.37
C MET F 8 84.77 99.78 -32.09
N LEU F 9 84.07 99.33 -33.14
CA LEU F 9 82.74 98.76 -32.93
C LEU F 9 82.81 97.41 -32.22
N VAL F 10 83.82 96.59 -32.54
CA VAL F 10 83.96 95.29 -31.89
C VAL F 10 84.36 95.46 -30.43
N GLU F 11 85.29 96.38 -30.16
CA GLU F 11 85.68 96.63 -28.77
C GLU F 11 84.55 97.26 -27.96
N LEU F 12 83.77 98.14 -28.59
CA LEU F 12 82.66 98.77 -27.88
C LEU F 12 81.55 97.76 -27.60
N ASP F 13 81.32 96.83 -28.54
CA ASP F 13 80.36 95.75 -28.30
C ASP F 13 80.86 94.81 -27.22
N LYS F 14 82.18 94.67 -27.08
CA LYS F 14 82.72 93.92 -25.95
C LYS F 14 82.45 94.65 -24.65
N LYS F 15 82.44 95.98 -24.68
CA LYS F 15 82.17 96.71 -23.44
C LYS F 15 80.71 96.64 -23.05
N ILE F 16 79.80 96.90 -23.99
CA ILE F 16 78.37 96.92 -23.67
C ILE F 16 77.87 95.52 -23.40
N SER F 17 78.36 94.52 -24.13
CA SER F 17 78.01 93.14 -23.83
C SER F 17 78.63 92.69 -22.52
N ALA F 18 79.80 93.23 -22.18
CA ALA F 18 80.44 92.89 -20.91
C ALA F 18 79.63 93.39 -19.73
N GLN F 19 79.01 94.57 -19.86
CA GLN F 19 78.17 95.05 -18.77
C GLN F 19 76.82 94.34 -18.77
N MET F 20 76.28 94.08 -19.97
CA MET F 20 74.96 93.49 -20.08
C MET F 20 74.96 92.06 -19.54
N ASP F 21 76.09 91.37 -19.66
CA ASP F 21 76.25 90.09 -18.99
C ASP F 21 76.17 90.22 -17.48
N GLU F 22 76.54 91.38 -16.93
CA GLU F 22 76.48 91.53 -15.50
C GLU F 22 75.07 91.92 -15.04
N ILE F 23 74.34 92.67 -15.85
CA ILE F 23 72.98 93.01 -15.44
C ILE F 23 72.07 91.81 -15.57
N LEU F 24 72.15 91.10 -16.71
CA LEU F 24 71.21 90.00 -16.92
C LEU F 24 71.49 88.79 -16.05
N HIS F 25 72.66 88.70 -15.42
CA HIS F 25 72.93 87.60 -14.52
C HIS F 25 72.70 88.00 -13.07
N ASN F 26 72.02 89.12 -12.83
CA ASN F 26 71.73 89.55 -11.47
C ASN F 26 70.71 88.62 -10.85
N SER F 27 70.93 88.27 -9.58
CA SER F 27 70.17 87.21 -8.93
C SER F 27 68.72 87.61 -8.71
N GLN F 28 68.50 88.85 -8.23
CA GLN F 28 67.15 89.36 -8.12
C GLN F 28 66.50 89.48 -9.49
N PHE F 29 67.29 89.83 -10.50
CA PHE F 29 66.76 89.93 -11.85
C PHE F 29 66.48 88.56 -12.42
N GLN F 30 67.24 87.55 -12.00
CA GLN F 30 66.92 86.20 -12.40
C GLN F 30 65.67 85.72 -11.68
N ALA F 31 65.41 86.25 -10.49
CA ALA F 31 64.19 85.86 -9.78
C ALA F 31 62.97 86.45 -10.47
N MET F 32 63.04 87.73 -10.84
CA MET F 32 61.92 88.38 -11.51
C MET F 32 61.71 87.78 -12.89
N GLU F 33 62.78 87.68 -13.67
CA GLU F 33 62.68 87.22 -15.04
C GLU F 33 62.30 85.74 -15.07
N SER F 34 62.80 84.98 -14.11
CA SER F 34 62.45 83.57 -14.03
C SER F 34 61.00 83.39 -13.68
N ALA F 35 60.50 84.18 -12.73
CA ALA F 35 59.12 84.04 -12.30
C ALA F 35 58.15 84.47 -13.39
N TRP F 36 58.42 85.60 -14.04
CA TRP F 36 57.45 86.06 -15.02
C TRP F 36 57.58 85.34 -16.34
N ARG F 37 58.80 85.09 -16.81
CA ARG F 37 58.94 84.41 -18.08
C ARG F 37 58.52 82.96 -17.96
N GLY F 38 58.83 82.34 -16.82
CA GLY F 38 58.28 81.03 -16.54
C GLY F 38 56.78 81.05 -16.41
N LEU F 39 56.24 82.18 -15.92
CA LEU F 39 54.79 82.29 -15.78
C LEU F 39 54.13 82.33 -17.14
N LYS F 40 54.72 83.04 -18.10
CA LYS F 40 54.14 83.03 -19.44
C LYS F 40 54.31 81.67 -20.08
N LEU F 41 55.40 80.97 -19.74
CA LEU F 41 55.59 79.62 -20.23
C LEU F 41 54.50 78.67 -19.74
N PHE F 42 54.03 78.89 -18.51
CA PHE F 42 52.87 78.14 -18.05
C PHE F 42 51.59 78.62 -18.73
N VAL F 43 51.46 79.93 -18.93
CA VAL F 43 50.18 80.50 -19.35
C VAL F 43 49.85 80.11 -20.79
N ASP F 44 50.79 80.31 -21.72
CA ASP F 44 50.43 80.14 -23.12
C ASP F 44 50.30 78.68 -23.53
N ARG F 45 50.72 77.74 -22.70
CA ARG F 45 50.60 76.33 -23.04
C ARG F 45 49.29 75.73 -22.55
N THR F 46 48.49 76.48 -21.82
CA THR F 46 47.19 76.01 -21.39
C THR F 46 46.14 76.44 -22.42
N ASP F 47 44.87 76.20 -22.09
CA ASP F 47 43.79 76.46 -23.04
C ASP F 47 42.62 77.07 -22.27
N PHE F 48 42.55 78.40 -22.23
CA PHE F 48 41.57 79.08 -21.40
C PHE F 48 40.20 79.16 -22.03
N ARG F 49 40.04 78.67 -23.25
CA ARG F 49 38.71 78.51 -23.78
C ARG F 49 38.07 77.18 -23.36
N GLU F 50 38.70 76.43 -22.47
CA GLU F 50 38.09 75.25 -21.89
C GLU F 50 37.94 75.35 -20.38
N ASN F 51 37.58 76.54 -19.88
CA ASN F 51 37.23 76.80 -18.48
C ASN F 51 38.39 76.50 -17.53
N ASN F 52 39.48 77.24 -17.68
CA ASN F 52 40.59 77.21 -16.74
C ASN F 52 40.91 78.62 -16.33
N LYS F 53 41.10 78.84 -15.05
CA LYS F 53 41.50 80.16 -14.62
C LYS F 53 42.76 80.05 -13.77
N VAL F 54 43.71 80.92 -14.04
CA VAL F 54 44.90 80.97 -13.23
C VAL F 54 44.94 82.33 -12.55
N GLU F 55 45.08 82.30 -11.24
CA GLU F 55 45.11 83.51 -10.45
C GLU F 55 46.48 83.66 -9.85
N ILE F 56 46.85 84.90 -9.58
CA ILE F 56 48.18 85.26 -9.15
C ILE F 56 48.07 85.95 -7.81
N LEU F 57 48.87 85.51 -6.85
CA LEU F 57 48.95 86.22 -5.58
C LEU F 57 50.41 86.35 -5.19
N HIS F 58 50.91 87.59 -5.16
CA HIS F 58 52.29 87.88 -4.84
C HIS F 58 52.59 87.59 -3.38
N VAL F 59 53.22 86.47 -3.10
CA VAL F 59 53.58 86.12 -1.73
C VAL F 59 55.01 85.64 -1.72
N THR F 60 55.85 86.18 -0.85
CA THR F 60 57.14 85.58 -0.60
C THR F 60 57.04 84.65 0.59
N LYS F 61 58.06 83.79 0.75
CA LYS F 61 57.99 82.72 1.75
C LYS F 61 57.95 83.27 3.16
N ASP F 62 58.62 84.40 3.38
CA ASP F 62 58.76 84.94 4.73
C ASP F 62 57.43 85.49 5.24
N GLU F 63 56.52 85.83 4.33
CA GLU F 63 55.22 86.23 4.84
C GLU F 63 54.20 85.11 4.81
N LEU F 64 54.51 83.96 4.19
CA LEU F 64 53.73 82.78 4.52
C LEU F 64 54.06 82.28 5.91
N LEU F 65 55.33 82.34 6.28
CA LEU F 65 55.69 81.86 7.60
C LEU F 65 55.32 82.87 8.68
N GLU F 66 55.59 84.15 8.42
CA GLU F 66 55.18 85.19 9.35
C GLU F 66 53.66 85.28 9.43
N ASP F 67 52.99 84.98 8.32
CA ASP F 67 51.53 85.01 8.30
C ASP F 67 50.94 83.85 9.08
N PHE F 68 51.39 82.64 8.80
CA PHE F 68 50.87 81.47 9.48
C PHE F 68 51.19 81.48 10.97
N GLU F 69 52.39 81.94 11.34
CA GLU F 69 52.67 82.02 12.76
C GLU F 69 51.95 83.19 13.41
N PHE F 70 51.67 84.25 12.65
CA PHE F 70 50.90 85.35 13.21
C PHE F 70 49.44 84.98 13.31
N ALA F 71 49.00 84.04 12.48
CA ALA F 71 47.65 83.53 12.57
C ALA F 71 47.53 82.60 13.77
N PRO F 72 46.39 82.59 14.46
CA PRO F 72 46.28 81.79 15.68
C PRO F 72 46.20 80.31 15.40
N GLU F 73 45.86 79.97 14.16
CA GLU F 73 45.82 78.60 13.70
C GLU F 73 45.98 78.63 12.20
N THR F 74 45.68 77.51 11.55
CA THR F 74 45.68 77.53 10.09
C THR F 74 44.39 78.10 9.56
N ALA F 75 43.34 78.10 10.37
CA ALA F 75 42.00 78.36 9.87
C ALA F 75 41.62 79.84 9.86
N GLN F 76 42.54 80.73 10.16
CA GLN F 76 42.21 82.15 10.12
C GLN F 76 43.29 82.96 9.43
N SER F 77 44.18 82.33 8.69
CA SER F 77 45.23 83.07 8.02
C SER F 77 44.68 83.81 6.80
N GLY F 78 45.56 84.54 6.13
CA GLY F 78 45.16 85.20 4.91
C GLY F 78 44.93 84.21 3.77
N LEU F 79 45.87 83.29 3.59
CA LEU F 79 45.82 82.39 2.44
C LEU F 79 44.68 81.40 2.58
N TYR F 80 44.28 81.10 3.81
CA TYR F 80 43.09 80.28 4.02
C TYR F 80 41.85 81.03 3.61
N LYS F 81 41.88 82.36 3.67
CA LYS F 81 40.73 83.14 3.23
C LYS F 81 40.73 83.37 1.73
N HIS F 82 41.90 83.29 1.09
CA HIS F 82 41.89 83.42 -0.37
C HIS F 82 41.61 82.10 -1.05
N VAL F 83 41.94 80.99 -0.39
CA VAL F 83 41.74 79.68 -0.99
C VAL F 83 40.42 79.08 -0.55
N TYR F 84 40.22 78.97 0.77
CA TYR F 84 39.07 78.26 1.28
C TYR F 84 37.82 79.15 1.30
N SER F 85 37.91 80.28 2.01
CA SER F 85 36.71 81.01 2.39
C SER F 85 36.15 81.80 1.22
N ALA F 86 37.01 82.34 0.38
CA ALA F 86 36.51 83.01 -0.81
C ALA F 86 36.24 82.04 -1.94
N GLY F 87 36.62 80.78 -1.78
CA GLY F 87 36.41 79.79 -2.80
C GLY F 87 35.44 78.71 -2.37
N TYR F 88 36.03 77.61 -1.87
CA TYR F 88 35.37 76.32 -1.74
C TYR F 88 34.16 76.37 -0.81
N GLY F 89 34.25 77.14 0.24
CA GLY F 89 33.19 77.15 1.23
C GLY F 89 32.31 78.38 1.17
N GLN F 90 32.28 79.05 0.03
CA GLN F 90 31.46 80.24 -0.16
C GLN F 90 30.29 79.88 -1.03
N PHE F 91 29.10 80.37 -0.67
CA PHE F 91 27.89 80.07 -1.42
C PHE F 91 28.00 80.63 -2.83
N GLY F 92 28.18 79.74 -3.80
CA GLY F 92 28.23 80.11 -5.20
C GLY F 92 29.62 80.25 -5.77
N GLY F 93 30.67 80.16 -4.96
CA GLY F 93 32.02 80.30 -5.44
C GLY F 93 32.49 79.09 -6.20
N GLU F 94 33.78 79.06 -6.47
CA GLU F 94 34.38 77.99 -7.27
C GLU F 94 35.56 77.42 -6.51
N PRO F 95 35.79 76.13 -6.58
CA PRO F 95 36.85 75.54 -5.77
C PRO F 95 38.22 75.77 -6.35
N VAL F 96 39.24 75.80 -5.49
CA VAL F 96 40.62 75.86 -5.96
C VAL F 96 41.08 74.46 -6.33
N GLY F 97 41.49 74.29 -7.58
CA GLY F 97 41.81 72.95 -8.06
C GLY F 97 43.21 72.51 -7.66
N ALA F 98 44.18 73.40 -7.78
CA ALA F 98 45.56 73.09 -7.44
C ALA F 98 46.27 74.38 -7.09
N ILE F 99 47.35 74.26 -6.34
CA ILE F 99 48.15 75.41 -5.93
C ILE F 99 49.56 75.14 -6.37
N ILE F 100 50.14 76.07 -7.10
CA ILE F 100 51.48 75.92 -7.64
C ILE F 100 52.38 76.93 -6.95
N GLY F 101 53.44 76.44 -6.31
CA GLY F 101 54.33 77.29 -5.57
C GLY F 101 55.59 77.57 -6.36
N ASN F 102 55.82 78.84 -6.67
CA ASN F 102 57.03 79.24 -7.35
C ASN F 102 58.10 79.53 -6.30
N TYR F 103 58.45 78.49 -5.56
CA TYR F 103 59.37 78.58 -4.45
C TYR F 103 60.49 77.59 -4.64
N ALA F 104 61.44 77.59 -3.72
CA ALA F 104 62.44 76.56 -3.62
C ALA F 104 62.64 76.22 -2.15
N PHE F 105 62.65 74.93 -1.82
CA PHE F 105 62.60 74.50 -0.44
C PHE F 105 63.91 73.88 0.00
N THR F 106 64.33 74.22 1.21
CA THR F 106 65.56 73.77 1.84
C THR F 106 65.16 72.88 3.00
N PRO F 107 66.06 72.17 3.66
CA PRO F 107 65.68 71.48 4.89
C PRO F 107 65.59 72.38 6.12
N SER F 108 65.55 73.69 5.95
CA SER F 108 65.48 74.58 7.10
C SER F 108 64.11 74.49 7.75
N THR F 109 64.11 74.55 9.07
CA THR F 109 62.90 74.50 9.89
C THR F 109 61.80 75.49 9.47
N PRO F 110 62.08 76.71 8.99
CA PRO F 110 60.98 77.48 8.38
C PRO F 110 60.32 76.81 7.17
N ASP F 111 61.09 76.10 6.34
CA ASP F 111 60.49 75.50 5.16
C ASP F 111 59.65 74.30 5.51
N MET F 112 60.07 73.52 6.49
CA MET F 112 59.29 72.33 6.84
C MET F 112 58.08 72.70 7.69
N LYS F 113 58.17 73.80 8.44
CA LYS F 113 56.94 74.29 9.07
C LYS F 113 55.99 74.85 8.02
N LEU F 114 56.54 75.44 6.96
CA LEU F 114 55.72 75.89 5.84
C LEU F 114 55.01 74.73 5.18
N LEU F 115 55.69 73.60 4.99
CA LEU F 115 55.02 72.49 4.34
C LEU F 115 54.06 71.76 5.26
N GLN F 116 54.27 71.81 6.58
CA GLN F 116 53.24 71.27 7.46
C GLN F 116 51.98 72.08 7.37
N TYR F 117 52.11 73.40 7.38
CA TYR F 117 50.92 74.23 7.31
C TYR F 117 50.25 74.18 5.94
N MET F 118 51.02 74.11 4.86
CA MET F 118 50.38 74.01 3.55
C MET F 118 49.83 72.62 3.32
N GLY F 119 50.32 71.63 4.06
CA GLY F 119 49.60 70.38 4.12
C GLY F 119 48.25 70.54 4.78
N ALA F 120 48.17 71.41 5.80
CA ALA F 120 46.88 71.61 6.46
C ALA F 120 45.90 72.39 5.56
N LEU F 121 46.41 73.40 4.85
CA LEU F 121 45.57 74.16 3.92
C LEU F 121 45.10 73.28 2.78
N GLY F 122 46.00 72.45 2.27
CA GLY F 122 45.60 71.49 1.27
C GLY F 122 44.64 70.45 1.81
N ALA F 123 44.63 70.25 3.13
CA ALA F 123 43.67 69.32 3.70
C ALA F 123 42.28 69.94 3.74
N MET F 124 42.15 71.15 4.24
CA MET F 124 40.80 71.68 4.42
C MET F 124 40.27 72.28 3.13
N ALA F 125 41.13 72.49 2.13
CA ALA F 125 40.64 73.13 0.93
C ALA F 125 40.76 72.28 -0.32
N HIS F 126 41.28 71.05 -0.19
CA HIS F 126 41.42 70.08 -1.28
C HIS F 126 42.21 70.65 -2.45
N ALA F 127 43.39 71.19 -2.16
CA ALA F 127 44.21 71.76 -3.18
C ALA F 127 45.61 71.21 -2.97
N PRO F 128 46.13 70.44 -3.92
CA PRO F 128 47.49 69.96 -3.80
C PRO F 128 48.47 71.09 -4.02
N PHE F 129 49.51 71.12 -3.20
CA PHE F 129 50.55 72.13 -3.27
C PHE F 129 51.75 71.54 -3.97
N ILE F 130 52.23 72.22 -5.01
CA ILE F 130 53.35 71.76 -5.80
C ILE F 130 54.44 72.82 -5.74
N SER F 131 55.68 72.40 -5.57
CA SER F 131 56.76 73.38 -5.46
C SER F 131 58.03 72.76 -6.00
N SER F 132 59.17 73.36 -5.70
CA SER F 132 60.44 72.87 -6.18
C SER F 132 61.38 72.56 -5.03
N VAL F 133 62.04 71.44 -5.15
CA VAL F 133 63.17 71.07 -4.31
C VAL F 133 64.39 71.81 -4.83
N GLY F 134 65.01 72.58 -3.94
CA GLY F 134 66.19 73.32 -4.28
C GLY F 134 67.41 72.43 -4.33
N PRO F 135 68.52 72.98 -4.84
CA PRO F 135 69.73 72.16 -4.95
C PRO F 135 70.31 71.73 -3.62
N GLU F 136 70.21 72.54 -2.57
CA GLU F 136 70.84 72.12 -1.32
C GLU F 136 69.94 71.22 -0.49
N PHE F 137 68.84 70.74 -1.03
CA PHE F 137 68.01 69.82 -0.28
C PHE F 137 68.62 68.43 -0.27
N PHE F 138 69.47 68.13 -1.22
CA PHE F 138 70.07 66.81 -1.31
C PHE F 138 71.45 66.78 -0.71
N GLY F 139 71.93 67.93 -0.23
CA GLY F 139 73.24 68.02 0.37
C GLY F 139 74.35 68.45 -0.56
N ILE F 140 74.03 68.87 -1.78
CA ILE F 140 75.03 69.16 -2.78
C ILE F 140 74.93 70.60 -3.23
N ASP F 141 75.85 70.99 -4.11
CA ASP F 141 75.93 72.37 -4.56
C ASP F 141 74.81 72.71 -5.52
N SER F 142 74.81 72.07 -6.68
CA SER F 142 73.79 72.29 -7.69
C SER F 142 73.46 70.95 -8.30
N PHE F 143 72.48 70.94 -9.19
CA PHE F 143 71.90 69.69 -9.64
C PHE F 143 72.81 68.89 -10.55
N GLU F 144 73.95 69.41 -10.95
CA GLU F 144 74.77 68.66 -11.87
C GLU F 144 75.65 67.63 -11.19
N GLU F 145 75.29 67.13 -10.02
CA GLU F 145 75.96 65.99 -9.42
C GLU F 145 75.01 64.87 -9.02
N LEU F 146 73.79 64.85 -9.55
CA LEU F 146 72.95 63.66 -9.39
C LEU F 146 73.51 62.41 -10.05
N PRO F 147 74.29 62.46 -11.14
CA PRO F 147 75.09 61.27 -11.47
C PRO F 147 76.24 60.99 -10.51
N ASN F 148 76.56 61.91 -9.61
CA ASN F 148 77.70 61.68 -8.74
C ASN F 148 77.32 61.31 -7.31
N ILE F 149 76.04 61.25 -6.98
CA ILE F 149 75.63 60.81 -5.64
C ILE F 149 75.37 59.32 -5.69
N LYS F 150 76.00 58.57 -4.79
CA LYS F 150 75.96 57.13 -4.85
C LYS F 150 74.61 56.56 -4.43
N ASP F 151 73.99 57.10 -3.40
CA ASP F 151 72.75 56.50 -2.90
C ASP F 151 71.91 57.54 -2.16
N LEU F 152 70.66 57.72 -2.59
CA LEU F 152 69.81 58.72 -1.97
C LEU F 152 69.09 58.18 -0.74
N LYS F 153 68.74 56.89 -0.77
CA LYS F 153 68.04 56.28 0.35
C LYS F 153 68.91 56.25 1.60
N SER F 154 70.21 56.10 1.42
CA SER F 154 71.12 56.17 2.55
C SER F 154 71.55 57.60 2.83
N THR F 155 71.31 58.52 1.90
CA THR F 155 71.58 59.92 2.17
C THR F 155 70.56 60.49 3.14
N PHE F 156 69.29 60.12 2.96
CA PHE F 156 68.24 60.74 3.78
C PHE F 156 68.13 60.15 5.19
N GLU F 157 69.08 59.38 5.68
CA GLU F 157 68.99 58.93 7.06
C GLU F 157 69.76 59.81 8.02
N SER F 158 70.41 60.86 7.53
CA SER F 158 71.19 61.74 8.39
C SER F 158 70.28 62.52 9.32
N PRO F 159 70.77 62.91 10.50
CA PRO F 159 69.95 63.73 11.39
C PRO F 159 69.69 65.15 10.91
N LYS F 160 70.25 65.54 9.76
CA LYS F 160 69.83 66.79 9.15
C LYS F 160 68.38 66.71 8.69
N TYR F 161 67.92 65.54 8.29
CA TYR F 161 66.64 65.40 7.60
C TYR F 161 65.56 64.83 8.50
N THR F 162 65.74 64.93 9.82
CA THR F 162 64.82 64.34 10.78
C THR F 162 63.45 64.99 10.69
N LYS F 163 63.42 66.29 10.43
CA LYS F 163 62.15 66.96 10.28
C LYS F 163 61.46 66.52 8.99
N TRP F 164 62.23 66.27 7.93
CA TRP F 164 61.66 65.82 6.67
C TRP F 164 61.05 64.43 6.80
N ARG F 165 61.74 63.51 7.47
CA ARG F 165 61.15 62.20 7.67
C ARG F 165 60.02 62.27 8.68
N SER F 166 59.98 63.32 9.49
CA SER F 166 58.77 63.52 10.27
C SER F 166 57.67 64.10 9.41
N LEU F 167 58.01 64.66 8.24
CA LEU F 167 56.98 65.28 7.41
C LEU F 167 56.32 64.26 6.48
N ARG F 168 57.10 63.32 5.92
CA ARG F 168 56.51 62.34 5.03
C ARG F 168 55.52 61.43 5.73
N GLU F 169 55.75 61.10 6.98
CA GLU F 169 54.87 60.20 7.68
C GLU F 169 53.59 60.87 8.13
N SER F 170 53.48 62.18 8.00
CA SER F 170 52.26 62.85 8.42
C SER F 170 51.14 62.53 7.46
N GLU F 171 49.91 62.60 7.96
CA GLU F 171 48.78 62.23 7.13
C GLU F 171 48.37 63.31 6.15
N ASP F 172 48.99 64.50 6.22
CA ASP F 172 48.70 65.54 5.25
C ASP F 172 49.71 65.59 4.12
N ALA F 173 50.60 64.61 4.01
CA ALA F 173 51.54 64.65 2.91
C ALA F 173 50.96 64.08 1.63
N ARG F 174 49.67 63.75 1.60
CA ARG F 174 49.02 63.47 0.33
C ARG F 174 48.92 64.69 -0.55
N TYR F 175 48.96 65.88 0.05
CA TYR F 175 48.61 67.10 -0.65
C TYR F 175 49.82 67.93 -1.04
N LEU F 176 51.02 67.40 -0.88
CA LEU F 176 52.23 68.08 -1.28
C LEU F 176 52.89 67.29 -2.39
N GLY F 177 53.58 67.99 -3.27
CA GLY F 177 54.45 67.31 -4.20
C GLY F 177 55.63 68.21 -4.46
N LEU F 178 56.83 67.72 -4.21
CA LEU F 178 58.01 68.53 -4.43
C LEU F 178 58.74 68.01 -5.66
N THR F 179 59.10 68.90 -6.55
CA THR F 179 59.62 68.49 -7.84
C THR F 179 61.12 68.69 -7.92
N ALA F 180 61.77 67.73 -8.56
CA ALA F 180 63.19 67.63 -8.86
C ALA F 180 63.41 68.32 -10.21
N PRO F 181 64.59 68.22 -10.86
CA PRO F 181 65.34 69.44 -11.22
C PRO F 181 64.64 70.38 -12.19
N ARG F 182 65.16 71.61 -12.23
CA ARG F 182 64.57 72.71 -12.96
C ARG F 182 64.82 72.57 -14.47
N PHE F 183 64.44 73.56 -15.27
CA PHE F 183 64.72 73.47 -16.69
C PHE F 183 64.82 74.87 -17.29
N LEU F 184 65.37 74.92 -18.50
CA LEU F 184 65.62 76.19 -19.16
C LEU F 184 64.35 76.89 -19.59
N LEU F 185 64.35 78.21 -19.52
CA LEU F 185 63.28 79.00 -20.09
C LEU F 185 63.65 79.62 -21.42
N ARG F 186 64.92 80.00 -21.57
CA ARG F 186 65.32 80.96 -22.58
C ARG F 186 66.66 80.54 -23.18
N VAL F 187 66.71 80.50 -24.50
CA VAL F 187 67.97 80.28 -25.21
C VAL F 187 68.90 81.44 -24.88
N PRO F 188 70.15 81.18 -24.50
CA PRO F 188 71.11 82.26 -24.33
C PRO F 188 71.36 82.97 -25.67
N TYR F 189 71.57 84.28 -25.57
CA TYR F 189 71.56 85.15 -26.73
C TYR F 189 72.77 84.93 -27.62
N ASP F 190 72.65 85.42 -28.85
CA ASP F 190 73.58 85.10 -29.88
C ASP F 190 73.23 86.14 -30.93
N PRO F 191 74.13 86.48 -31.85
CA PRO F 191 73.75 87.40 -32.93
C PRO F 191 72.70 86.81 -33.86
N ILE F 192 72.75 85.51 -34.07
CA ILE F 192 71.89 84.85 -35.04
C ILE F 192 70.71 84.16 -34.36
N GLU F 193 70.98 83.36 -33.33
CA GLU F 193 70.01 82.40 -32.83
C GLU F 193 68.87 83.03 -32.04
N ASN F 194 69.14 84.10 -31.33
CA ASN F 194 68.06 84.82 -30.66
C ASN F 194 68.48 86.27 -30.60
N PRO F 195 68.25 87.03 -31.67
CA PRO F 195 68.93 88.31 -31.82
C PRO F 195 68.28 89.41 -30.99
N VAL F 196 69.03 90.52 -30.91
CA VAL F 196 68.58 91.74 -30.24
C VAL F 196 68.61 92.86 -31.28
N LYS F 197 67.75 93.85 -31.06
CA LYS F 197 67.63 94.93 -32.02
C LYS F 197 68.67 96.01 -31.77
N SER F 198 69.23 96.53 -32.87
CA SER F 198 70.12 97.68 -32.92
C SER F 198 71.42 97.50 -32.15
N PHE F 199 71.80 96.25 -31.87
CA PHE F 199 73.02 95.99 -31.12
C PHE F 199 73.54 94.59 -31.40
N ASN F 200 74.84 94.39 -31.30
CA ASN F 200 75.46 93.07 -31.40
C ASN F 200 75.79 92.57 -30.01
N TYR F 201 74.98 91.61 -29.54
CA TYR F 201 75.17 91.01 -28.23
C TYR F 201 75.42 89.52 -28.33
N ALA F 202 76.42 89.03 -27.62
CA ALA F 202 76.78 87.62 -27.59
C ALA F 202 76.94 87.20 -26.14
N GLU F 203 75.96 86.50 -25.60
CA GLU F 203 75.97 86.17 -24.18
C GLU F 203 77.01 85.12 -23.89
N ASN F 204 78.06 85.53 -23.19
CA ASN F 204 79.19 84.66 -22.88
C ASN F 204 78.83 83.94 -21.59
N VAL F 205 78.17 82.80 -21.72
CA VAL F 205 77.87 81.99 -20.55
C VAL F 205 79.08 81.13 -20.22
N SER F 206 79.50 81.16 -18.97
CA SER F 206 80.69 80.45 -18.50
C SER F 206 80.42 78.98 -18.30
N ALA F 207 81.34 78.31 -17.61
CA ALA F 207 81.12 76.93 -17.19
C ALA F 207 80.13 76.82 -16.04
N SER F 208 80.01 77.85 -15.20
CA SER F 208 79.09 77.82 -14.09
C SER F 208 77.68 78.00 -14.63
N HIS F 209 76.83 76.99 -14.41
CA HIS F 209 75.56 76.98 -15.11
C HIS F 209 74.48 77.77 -14.40
N GLU F 210 74.82 78.60 -13.42
CA GLU F 210 73.81 79.50 -12.90
C GLU F 210 73.53 80.66 -13.85
N HIS F 211 74.33 80.83 -14.89
CA HIS F 211 74.16 81.98 -15.76
C HIS F 211 72.99 81.80 -16.71
N TYR F 212 72.58 80.57 -16.95
CA TYR F 212 71.33 80.31 -17.65
C TYR F 212 70.15 80.80 -16.83
N LEU F 213 69.04 81.05 -17.50
CA LEU F 213 67.80 81.40 -16.79
C LEU F 213 67.06 80.11 -16.49
N TRP F 214 67.09 79.69 -15.24
CA TRP F 214 66.38 78.48 -14.88
C TRP F 214 64.99 78.80 -14.35
N GLY F 215 64.00 78.12 -14.90
CA GLY F 215 62.64 78.33 -14.46
C GLY F 215 62.20 77.24 -13.52
N ASN F 216 61.04 77.39 -12.90
CA ASN F 216 60.59 76.41 -11.94
C ASN F 216 59.96 75.24 -12.68
N THR F 217 60.06 74.05 -12.09
CA THR F 217 59.45 72.86 -12.67
C THR F 217 57.95 72.85 -12.44
N ALA F 218 57.52 73.44 -11.31
CA ALA F 218 56.13 73.33 -10.88
C ALA F 218 55.20 74.04 -11.85
N PHE F 219 55.71 75.02 -12.58
CA PHE F 219 54.96 75.58 -13.69
C PHE F 219 54.73 74.56 -14.78
N ALA F 220 55.76 73.78 -15.15
CA ALA F 220 55.58 72.80 -16.21
C ALA F 220 54.61 71.71 -15.79
N PHE F 221 54.71 71.30 -14.52
CA PHE F 221 53.75 70.35 -13.98
C PHE F 221 52.34 70.93 -13.98
N ALA F 222 52.25 72.24 -13.80
CA ALA F 222 50.95 72.88 -13.86
C ALA F 222 50.40 72.96 -15.28
N THR F 223 51.29 73.05 -16.28
CA THR F 223 50.83 72.94 -17.65
C THR F 223 50.26 71.56 -17.91
N ARG F 224 50.83 70.54 -17.28
CA ARG F 224 50.30 69.20 -17.48
C ARG F 224 48.96 69.00 -16.79
N LEU F 225 48.78 69.60 -15.60
CA LEU F 225 47.47 69.55 -14.95
C LEU F 225 46.40 70.27 -15.76
N THR F 226 46.67 71.51 -16.17
CA THR F 226 45.63 72.31 -16.80
C THR F 226 45.34 71.82 -18.21
N ASP F 227 46.37 71.34 -18.92
CA ASP F 227 46.13 70.77 -20.24
C ASP F 227 45.35 69.47 -20.16
N SER F 228 45.65 68.64 -19.17
CA SER F 228 44.90 67.40 -19.01
C SER F 228 43.45 67.69 -18.67
N PHE F 229 43.22 68.75 -17.90
CA PHE F 229 41.84 69.12 -17.59
C PHE F 229 41.14 69.71 -18.80
N ALA F 230 41.88 70.40 -19.67
CA ALA F 230 41.26 70.99 -20.85
C ALA F 230 40.90 69.91 -21.85
N LYS F 231 41.66 68.84 -21.90
CA LYS F 231 41.26 67.75 -22.79
C LYS F 231 40.13 66.94 -22.19
N TYR F 232 40.23 66.57 -20.93
CA TYR F 232 39.46 65.43 -20.43
C TYR F 232 38.59 65.72 -19.21
N ARG F 233 38.49 66.97 -18.77
CA ARG F 233 37.69 67.41 -17.62
C ARG F 233 38.07 66.72 -16.31
N TRP F 234 39.27 66.18 -16.22
CA TRP F 234 39.81 65.61 -15.00
C TRP F 234 41.30 65.80 -15.03
N CYS F 235 41.99 65.44 -13.97
CA CYS F 235 43.46 65.43 -14.00
C CYS F 235 44.09 64.13 -13.52
N PRO F 236 43.84 62.98 -14.19
CA PRO F 236 44.66 61.82 -13.83
C PRO F 236 45.80 61.59 -14.81
N ASN F 237 45.84 62.35 -15.91
CA ASN F 237 46.75 62.03 -17.01
C ASN F 237 47.93 63.00 -17.01
N ILE F 238 48.86 62.74 -16.10
CA ILE F 238 50.05 63.57 -16.01
C ILE F 238 51.33 62.73 -15.90
N ILE F 239 51.24 61.44 -16.22
CA ILE F 239 52.31 60.54 -15.81
C ILE F 239 52.97 59.72 -16.90
N GLY F 240 53.14 60.27 -18.09
CA GLY F 240 53.78 59.47 -19.10
C GLY F 240 54.37 60.24 -20.25
N PRO F 241 55.19 59.57 -21.05
CA PRO F 241 55.56 60.14 -22.34
C PRO F 241 54.40 60.19 -23.31
N GLN F 242 53.39 59.34 -23.11
CA GLN F 242 52.25 59.33 -24.00
C GLN F 242 50.91 59.45 -23.31
N SER F 243 50.85 59.20 -22.00
CA SER F 243 49.55 59.22 -21.32
C SER F 243 49.10 60.64 -21.05
N GLY F 244 49.99 61.62 -21.17
CA GLY F 244 49.59 63.00 -21.05
C GLY F 244 50.66 63.86 -20.40
N GLY F 245 51.61 63.22 -19.75
CA GLY F 245 52.58 63.97 -18.97
C GLY F 245 53.74 64.52 -19.76
N ALA F 246 53.73 64.37 -21.07
CA ALA F 246 54.85 64.80 -21.88
C ALA F 246 54.89 66.32 -21.97
N VAL F 247 55.98 66.90 -21.49
CA VAL F 247 56.21 68.34 -21.64
C VAL F 247 57.10 68.51 -22.86
N GLU F 248 56.54 69.04 -23.92
CA GLU F 248 57.25 69.17 -25.18
C GLU F 248 57.89 70.54 -25.29
N ASP F 249 58.69 70.72 -26.34
CA ASP F 249 59.25 71.99 -26.77
C ASP F 249 60.12 72.64 -25.70
N LEU F 250 61.26 72.04 -25.41
CA LEU F 250 62.18 72.76 -24.55
C LEU F 250 63.34 73.35 -25.34
N PRO F 251 63.86 74.50 -24.90
CA PRO F 251 64.95 75.14 -25.65
C PRO F 251 66.27 74.40 -25.49
N VAL F 252 67.02 74.36 -26.58
CA VAL F 252 68.33 73.73 -26.59
C VAL F 252 69.39 74.81 -26.69
N HIS F 253 70.63 74.42 -26.45
CA HIS F 253 71.73 75.36 -26.58
C HIS F 253 72.97 74.58 -27.01
N VAL F 254 73.17 74.50 -28.32
CA VAL F 254 74.33 73.81 -28.85
C VAL F 254 75.55 74.71 -28.73
N PHE F 255 76.52 74.29 -27.93
CA PHE F 255 77.68 75.14 -27.71
C PHE F 255 78.94 74.30 -27.83
N GLU F 256 80.05 74.97 -28.15
CA GLU F 256 81.30 74.29 -28.46
C GLU F 256 81.94 73.72 -27.20
N SER F 257 82.16 72.42 -27.21
CA SER F 257 82.77 71.71 -26.10
C SER F 257 84.29 71.66 -26.34
N MET F 258 85.05 70.78 -25.72
CA MET F 258 86.49 70.65 -25.95
C MET F 258 86.77 70.05 -27.33
N GLY F 259 86.59 70.84 -28.38
CA GLY F 259 86.81 70.41 -29.74
C GLY F 259 85.57 69.96 -30.48
N ALA F 260 84.58 69.42 -29.78
CA ALA F 260 83.38 68.93 -30.43
C ALA F 260 82.19 69.80 -30.06
N LEU F 261 81.04 69.45 -30.61
CA LEU F 261 79.78 70.06 -30.20
C LEU F 261 79.14 69.16 -29.16
N GLN F 262 78.31 69.77 -28.32
CA GLN F 262 77.42 69.02 -27.46
C GLN F 262 76.20 69.88 -27.17
N SER F 263 75.10 69.23 -26.86
CA SER F 263 73.88 69.91 -26.48
C SER F 263 73.89 70.13 -24.99
N LYS F 264 73.74 71.38 -24.57
CA LYS F 264 73.48 71.62 -23.16
C LYS F 264 72.08 71.16 -22.85
N ILE F 265 71.97 70.32 -21.84
CA ILE F 265 70.71 69.64 -21.53
C ILE F 265 69.71 70.66 -21.03
N PRO F 266 68.45 70.61 -21.47
CA PRO F 266 67.46 71.58 -20.99
C PRO F 266 67.14 71.46 -19.52
N THR F 267 67.01 70.26 -19.00
CA THR F 267 67.05 70.07 -17.57
C THR F 267 68.52 70.10 -17.16
N GLU F 268 68.78 70.20 -15.85
CA GLU F 268 70.16 70.31 -15.43
C GLU F 268 70.94 69.03 -15.65
N VAL F 269 70.29 67.89 -15.49
CA VAL F 269 70.94 66.62 -15.72
C VAL F 269 70.03 65.71 -16.52
N LEU F 270 70.66 64.71 -17.12
CA LEU F 270 69.99 63.55 -17.69
C LEU F 270 69.87 62.55 -16.56
N ILE F 271 68.69 62.49 -15.96
CA ILE F 271 68.47 61.55 -14.87
C ILE F 271 68.31 60.15 -15.45
N THR F 272 69.22 59.26 -15.08
CA THR F 272 69.08 57.87 -15.49
C THR F 272 67.92 57.21 -14.74
N ASP F 273 67.44 56.11 -15.28
CA ASP F 273 66.13 55.60 -14.87
C ASP F 273 66.18 55.00 -13.47
N ARG F 274 67.31 54.47 -13.05
CA ARG F 274 67.44 54.06 -11.66
C ARG F 274 67.37 55.27 -10.73
N LYS F 275 67.97 56.38 -11.14
CA LYS F 275 67.91 57.59 -10.34
C LYS F 275 66.51 58.16 -10.33
N GLU F 276 65.77 57.97 -11.41
CA GLU F 276 64.38 58.43 -11.45
C GLU F 276 63.52 57.62 -10.52
N PHE F 277 63.68 56.30 -10.52
CA PHE F 277 62.86 55.48 -9.64
C PHE F 277 63.20 55.72 -8.18
N GLU F 278 64.45 56.09 -7.91
CA GLU F 278 64.79 56.45 -6.54
C GLU F 278 64.15 57.77 -6.14
N LEU F 279 64.14 58.75 -7.05
CA LEU F 279 63.45 60.00 -6.74
C LEU F 279 61.95 59.80 -6.65
N ALA F 280 61.43 58.76 -7.31
CA ALA F 280 60.02 58.49 -7.20
C ALA F 280 59.69 57.83 -5.87
N GLU F 281 60.62 57.03 -5.34
CA GLU F 281 60.36 56.41 -4.05
C GLU F 281 60.53 57.40 -2.92
N GLU F 282 61.28 58.48 -3.12
CA GLU F 282 61.46 59.46 -2.08
C GLU F 282 60.38 60.51 -2.07
N GLY F 283 59.40 60.39 -2.96
CA GLY F 283 58.32 61.36 -3.02
C GLY F 283 58.60 62.58 -3.86
N PHE F 284 59.40 62.46 -4.89
CA PHE F 284 59.74 63.59 -5.74
C PHE F 284 59.26 63.32 -7.15
N ILE F 285 58.99 64.39 -7.90
CA ILE F 285 58.52 64.29 -9.27
C ILE F 285 59.72 64.62 -10.15
N ALA F 286 60.29 63.63 -10.78
CA ALA F 286 61.51 63.81 -11.53
C ALA F 286 61.18 64.22 -12.96
N LEU F 287 61.50 65.46 -13.31
CA LEU F 287 61.44 65.87 -14.69
C LEU F 287 62.60 65.23 -15.44
N THR F 288 62.31 64.24 -16.27
CA THR F 288 63.35 63.49 -16.94
C THR F 288 63.52 63.93 -18.39
N MET F 289 64.73 64.28 -18.74
CA MET F 289 65.05 64.67 -20.10
C MET F 289 65.12 63.42 -20.95
N ARG F 290 64.58 63.51 -22.16
CA ARG F 290 64.74 62.44 -23.15
C ARG F 290 65.98 62.73 -23.97
N LYS F 291 67.00 61.89 -23.81
CA LYS F 291 68.32 62.13 -24.38
C LYS F 291 68.27 62.15 -25.90
N GLY F 292 68.89 63.17 -26.48
CA GLY F 292 68.91 63.32 -27.91
C GLY F 292 67.70 64.01 -28.48
N SER F 293 66.81 64.50 -27.63
CA SER F 293 65.66 65.23 -28.09
C SER F 293 65.66 66.60 -27.41
N ASP F 294 64.57 67.32 -27.57
CA ASP F 294 64.32 68.54 -26.83
C ASP F 294 63.04 68.41 -26.01
N ASN F 295 62.71 67.19 -25.62
CA ASN F 295 61.45 66.88 -24.99
C ASN F 295 61.74 66.25 -23.63
N ALA F 296 60.84 66.45 -22.69
CA ALA F 296 61.03 65.90 -21.36
C ALA F 296 59.73 65.25 -20.90
N ALA F 297 59.81 64.51 -19.80
CA ALA F 297 58.66 63.76 -19.38
C ALA F 297 58.70 63.49 -17.88
N PHE F 298 57.52 63.38 -17.29
CA PHE F 298 57.32 62.92 -15.93
C PHE F 298 57.07 61.42 -15.99
N PHE F 299 58.07 60.61 -15.66
CA PHE F 299 57.81 59.18 -15.56
C PHE F 299 57.00 58.83 -14.33
N SER F 300 56.94 59.73 -13.35
CA SER F 300 56.27 59.43 -12.10
C SER F 300 55.83 60.74 -11.47
N ALA F 301 54.72 60.68 -10.73
CA ALA F 301 54.20 61.85 -10.04
C ALA F 301 53.75 61.46 -8.65
N ASN F 302 54.61 60.78 -7.89
CA ASN F 302 54.29 60.46 -6.51
C ASN F 302 54.17 61.73 -5.66
N SER F 303 53.49 61.62 -4.54
CA SER F 303 53.44 62.66 -3.54
C SER F 303 54.38 62.32 -2.39
N ILE F 304 54.33 63.13 -1.34
CA ILE F 304 55.37 63.08 -0.32
C ILE F 304 55.23 61.85 0.57
N GLN F 305 54.01 61.40 0.82
CA GLN F 305 53.74 60.51 1.95
C GLN F 305 54.36 59.14 1.75
N LYS F 306 55.03 58.66 2.76
CA LYS F 306 55.74 57.41 2.71
C LYS F 306 54.76 56.27 2.60
N PRO F 307 54.91 55.43 1.58
CA PRO F 307 53.97 54.33 1.40
C PRO F 307 54.18 53.30 2.49
N LYS F 308 53.12 53.00 3.23
CA LYS F 308 53.23 52.13 4.39
C LYS F 308 53.49 50.68 4.02
N VAL F 309 54.05 49.94 4.98
CA VAL F 309 54.24 48.51 4.87
C VAL F 309 53.32 47.81 5.86
N PHE F 310 52.52 46.88 5.35
CA PHE F 310 51.57 46.12 6.17
C PHE F 310 51.99 44.66 6.16
N PRO F 311 51.49 43.83 7.09
CA PRO F 311 51.90 42.42 7.09
C PRO F 311 51.46 41.71 5.82
N ASN F 312 52.22 40.70 5.42
CA ASN F 312 51.98 40.02 4.14
C ASN F 312 50.91 38.94 4.33
N THR F 313 49.69 39.38 4.53
CA THR F 313 48.52 38.52 4.48
C THR F 313 47.63 39.01 3.33
N LYS F 314 46.43 38.46 3.25
CA LYS F 314 45.48 38.93 2.25
C LYS F 314 44.99 40.33 2.57
N GLU F 315 44.52 40.53 3.81
CA GLU F 315 44.05 41.83 4.25
C GLU F 315 45.17 42.86 4.27
N GLY F 316 46.39 42.41 4.55
CA GLY F 316 47.52 43.32 4.55
C GLY F 316 47.85 43.84 3.17
N LYS F 317 47.75 43.00 2.16
CA LYS F 317 48.04 43.49 0.83
C LYS F 317 46.91 44.34 0.29
N GLU F 318 45.67 44.10 0.73
CA GLU F 318 44.60 45.03 0.35
C GLU F 318 44.82 46.39 0.98
N ALA F 319 45.23 46.41 2.24
CA ALA F 319 45.38 47.70 2.90
C ALA F 319 46.60 48.45 2.39
N GLU F 320 47.66 47.73 2.00
CA GLU F 320 48.77 48.39 1.30
C GLU F 320 48.34 48.90 -0.05
N THR F 321 47.47 48.16 -0.74
CA THR F 321 47.01 48.58 -2.05
C THR F 321 46.25 49.90 -1.95
N ASN F 322 45.40 50.00 -0.93
CA ASN F 322 44.65 51.23 -0.76
C ASN F 322 45.58 52.36 -0.35
N TYR F 323 46.59 52.03 0.44
CA TYR F 323 47.43 53.09 0.95
C TYR F 323 48.40 53.60 -0.10
N LYS F 324 48.73 52.78 -1.09
CA LYS F 324 49.54 53.33 -2.18
C LYS F 324 48.68 53.96 -3.26
N LEU F 325 47.38 53.64 -3.29
CA LEU F 325 46.51 54.44 -4.15
C LEU F 325 46.33 55.83 -3.59
N GLY F 326 46.30 55.96 -2.26
CA GLY F 326 46.04 57.25 -1.68
C GLY F 326 47.16 58.24 -1.87
N THR F 327 48.39 57.75 -1.97
CA THR F 327 49.52 58.66 -1.88
C THR F 327 50.10 59.08 -3.21
N GLN F 328 49.36 58.99 -4.30
CA GLN F 328 49.87 59.43 -5.58
C GLN F 328 48.92 60.45 -6.19
N LEU F 329 49.50 61.56 -6.67
CA LEU F 329 48.69 62.66 -7.19
C LEU F 329 47.73 62.35 -8.33
N PRO F 330 48.02 61.48 -9.32
CA PRO F 330 46.99 61.23 -10.35
C PRO F 330 45.78 60.46 -9.87
N TYR F 331 45.70 60.12 -8.60
CA TYR F 331 44.48 59.62 -8.00
C TYR F 331 43.89 60.64 -7.04
N MET F 332 44.73 61.41 -6.37
CA MET F 332 44.21 62.44 -5.50
C MET F 332 43.60 63.59 -6.28
N MET F 333 43.92 63.72 -7.56
CA MET F 333 43.19 64.70 -8.34
C MET F 333 41.79 64.21 -8.65
N ILE F 334 41.62 62.89 -8.79
CA ILE F 334 40.30 62.32 -8.94
C ILE F 334 39.48 62.55 -7.69
N ILE F 335 40.07 62.32 -6.52
CA ILE F 335 39.33 62.50 -5.28
C ILE F 335 39.10 63.98 -4.98
N ASN F 336 40.01 64.84 -5.45
CA ASN F 336 39.77 66.27 -5.30
C ASN F 336 38.59 66.72 -6.15
N ARG F 337 38.46 66.21 -7.37
CA ARG F 337 37.34 66.63 -8.20
C ARG F 337 36.02 66.04 -7.71
N LEU F 338 36.05 64.83 -7.14
CA LEU F 338 34.84 64.33 -6.51
C LEU F 338 34.49 65.11 -5.26
N ALA F 339 35.49 65.56 -4.50
CA ALA F 339 35.18 66.33 -3.31
C ALA F 339 34.59 67.68 -3.68
N HIS F 340 35.06 68.25 -4.79
CA HIS F 340 34.52 69.52 -5.22
C HIS F 340 33.11 69.39 -5.76
N TYR F 341 32.84 68.36 -6.56
CA TYR F 341 31.48 68.19 -7.05
C TYR F 341 30.52 67.82 -5.93
N VAL F 342 30.99 67.07 -4.94
CA VAL F 342 30.12 66.67 -3.85
C VAL F 342 29.78 67.87 -2.97
N LYS F 343 30.75 68.75 -2.72
CA LYS F 343 30.45 69.96 -1.98
C LYS F 343 29.51 70.87 -2.75
N VAL F 344 29.86 71.16 -4.00
CA VAL F 344 29.15 72.19 -4.75
C VAL F 344 27.74 71.72 -5.13
N LEU F 345 27.61 70.47 -5.55
CA LEU F 345 26.27 69.98 -5.85
C LEU F 345 25.47 69.66 -4.60
N GLN F 346 26.11 69.14 -3.56
CA GLN F 346 25.33 68.80 -2.37
C GLN F 346 25.12 70.01 -1.46
N ARG F 347 25.44 71.22 -1.92
CA ARG F 347 24.85 72.38 -1.26
C ARG F 347 23.52 72.77 -1.89
N GLU F 348 23.25 72.29 -3.09
CA GLU F 348 22.01 72.71 -3.73
C GLU F 348 20.84 71.84 -3.31
N GLN F 349 21.09 70.80 -2.53
CA GLN F 349 20.00 69.95 -2.09
C GLN F 349 19.61 70.17 -0.65
N ILE F 350 20.26 71.09 0.06
CA ILE F 350 19.86 71.40 1.42
C ILE F 350 18.48 72.02 1.39
N GLY F 351 17.51 71.31 1.93
CA GLY F 351 16.14 71.75 1.88
C GLY F 351 15.25 70.94 0.97
N ALA F 352 15.75 69.84 0.43
CA ALA F 352 14.87 68.98 -0.32
C ALA F 352 14.43 67.81 0.56
N TRP F 353 13.21 67.33 0.31
CA TRP F 353 12.62 66.26 1.10
C TRP F 353 13.35 64.98 0.78
N LYS F 354 14.36 64.67 1.60
CA LYS F 354 15.22 63.53 1.36
C LYS F 354 15.13 62.56 2.52
N GLU F 355 15.11 61.29 2.20
CA GLU F 355 15.31 60.27 3.20
C GLU F 355 16.72 59.68 3.06
N ARG F 356 16.97 58.60 3.79
CA ARG F 356 18.27 57.94 3.72
C ARG F 356 18.48 57.27 2.37
N GLN F 357 17.56 56.39 1.99
CA GLN F 357 17.62 55.73 0.70
C GLN F 357 17.44 56.70 -0.45
N ASP F 358 16.93 57.90 -0.20
CA ASP F 358 17.01 58.95 -1.20
C ASP F 358 18.46 59.31 -1.51
N LEU F 359 19.30 59.44 -0.48
CA LEU F 359 20.69 59.74 -0.77
C LEU F 359 21.40 58.55 -1.36
N GLU F 360 21.00 57.33 -1.00
CA GLU F 360 21.60 56.18 -1.69
C GLU F 360 21.25 56.19 -3.17
N ARG F 361 20.00 56.51 -3.49
CA ARG F 361 19.59 56.44 -4.88
C ARG F 361 20.15 57.60 -5.68
N GLU F 362 20.18 58.79 -5.09
CA GLU F 362 20.63 59.95 -5.85
C GLU F 362 22.14 60.00 -5.94
N LEU F 363 22.85 59.49 -4.95
CA LEU F 363 24.29 59.46 -5.11
C LEU F 363 24.73 58.31 -6.01
N ASN F 364 24.01 57.18 -5.99
CA ASN F 364 24.40 56.10 -6.89
C ASN F 364 24.08 56.43 -8.33
N SER F 365 22.93 57.06 -8.57
CA SER F 365 22.66 57.54 -9.92
C SER F 365 23.50 58.77 -10.24
N TRP F 366 24.05 59.43 -9.24
CA TRP F 366 24.97 60.54 -9.49
C TRP F 366 26.32 60.01 -9.93
N ILE F 367 26.73 58.88 -9.40
CA ILE F 367 28.09 58.40 -9.61
C ILE F 367 28.13 57.34 -10.70
N LYS F 368 26.95 56.90 -11.19
CA LYS F 368 26.96 56.09 -12.41
C LYS F 368 27.31 56.92 -13.64
N GLN F 369 27.34 58.24 -13.48
CA GLN F 369 27.97 59.12 -14.46
C GLN F 369 29.44 58.79 -14.66
N TYR F 370 30.14 58.42 -13.60
CA TYR F 370 31.60 58.33 -13.68
C TYR F 370 32.11 56.90 -13.60
N VAL F 371 31.27 55.91 -13.83
CA VAL F 371 31.68 54.51 -13.77
C VAL F 371 31.86 54.00 -15.19
N ALA F 372 33.03 53.47 -15.49
CA ALA F 372 33.27 52.86 -16.79
C ALA F 372 33.61 51.39 -16.54
N ASP F 373 32.59 50.55 -16.42
CA ASP F 373 32.78 49.17 -15.97
C ASP F 373 32.50 48.16 -17.05
N GLN F 374 32.83 48.46 -18.29
CA GLN F 374 32.69 47.47 -19.34
C GLN F 374 33.86 46.50 -19.31
N GLU F 375 33.95 45.70 -20.37
CA GLU F 375 35.00 44.69 -20.40
C GLU F 375 36.35 45.32 -20.69
N ASN F 376 36.41 46.19 -21.65
CA ASN F 376 37.69 46.73 -22.06
C ASN F 376 37.49 48.10 -22.67
N PRO F 377 37.36 49.16 -21.87
CA PRO F 377 37.15 50.47 -22.45
C PRO F 377 38.46 51.01 -23.00
N PRO F 378 38.42 51.75 -24.10
CA PRO F 378 39.65 52.33 -24.64
C PRO F 378 40.16 53.48 -23.77
N ALA F 379 41.29 54.06 -24.19
CA ALA F 379 42.02 54.95 -23.30
C ALA F 379 41.28 56.26 -23.06
N ASP F 380 40.48 56.71 -24.01
CA ASP F 380 39.81 57.99 -23.87
C ASP F 380 38.64 57.89 -22.88
N VAL F 381 37.85 56.82 -22.99
CA VAL F 381 36.71 56.64 -22.11
C VAL F 381 37.18 56.36 -20.69
N ARG F 382 38.33 55.71 -20.56
CA ARG F 382 38.97 55.67 -19.25
C ARG F 382 39.48 57.03 -18.83
N SER F 383 39.82 57.89 -19.78
CA SER F 383 40.40 59.18 -19.39
C SER F 383 39.32 60.12 -18.86
N ARG F 384 38.10 60.00 -19.37
CA ARG F 384 37.07 60.93 -18.93
C ARG F 384 36.06 60.31 -17.98
N ARG F 385 36.13 59.01 -17.74
CA ARG F 385 35.34 58.35 -16.68
C ARG F 385 36.32 57.57 -15.84
N PRO F 386 36.91 58.20 -14.84
CA PRO F 386 38.12 57.63 -14.26
C PRO F 386 37.88 56.47 -13.31
N LEU F 387 36.78 56.45 -12.58
CA LEU F 387 36.63 55.48 -11.50
C LEU F 387 35.83 54.28 -11.97
N ARG F 388 36.26 53.08 -11.59
CA ARG F 388 35.66 51.89 -12.16
C ARG F 388 34.54 51.35 -11.30
N ALA F 389 34.65 51.47 -9.99
CA ALA F 389 33.59 51.01 -9.11
C ALA F 389 33.25 52.11 -8.11
N ALA F 390 32.04 52.05 -7.58
CA ALA F 390 31.67 52.98 -6.53
C ALA F 390 30.69 52.29 -5.62
N ARG F 391 30.99 52.34 -4.32
CA ARG F 391 30.15 51.74 -3.30
C ARG F 391 29.82 52.78 -2.26
N ILE F 392 28.55 53.15 -2.17
CA ILE F 392 28.11 54.26 -1.34
C ILE F 392 27.25 53.72 -0.21
N GLU F 393 27.56 54.09 1.01
CA GLU F 393 26.73 53.77 2.15
C GLU F 393 26.25 55.05 2.79
N VAL F 394 24.94 55.14 2.99
CA VAL F 394 24.33 56.32 3.59
C VAL F 394 23.66 55.92 4.89
N MET F 395 24.06 56.55 5.98
CA MET F 395 23.51 56.29 7.30
C MET F 395 23.09 57.59 7.94
N ASP F 396 22.27 57.48 8.97
CA ASP F 396 21.74 58.65 9.66
C ASP F 396 22.61 58.95 10.87
N VAL F 397 22.75 60.23 11.18
CA VAL F 397 23.29 60.61 12.48
C VAL F 397 22.12 60.47 13.44
N GLU F 398 22.18 59.48 14.32
CA GLU F 398 21.06 59.16 15.19
C GLU F 398 20.85 60.25 16.23
N GLY F 399 19.61 60.66 16.42
CA GLY F 399 19.34 61.70 17.37
C GLY F 399 19.70 63.08 16.89
N ASN F 400 19.91 63.27 15.59
CA ASN F 400 20.18 64.58 15.01
C ASN F 400 19.57 64.58 13.63
N PRO F 401 18.29 64.91 13.52
CA PRO F 401 17.48 64.42 12.40
C PRO F 401 17.79 65.15 11.11
N GLY F 402 17.73 64.40 10.02
CA GLY F 402 18.09 64.90 8.72
C GLY F 402 19.54 64.72 8.37
N TRP F 403 20.44 64.86 9.33
CA TRP F 403 21.88 64.80 9.11
C TRP F 403 22.28 63.39 8.69
N TYR F 404 22.79 63.27 7.48
CA TYR F 404 23.10 61.98 6.90
C TYR F 404 24.60 61.80 6.84
N GLN F 405 25.05 60.55 6.91
CA GLN F 405 26.47 60.24 7.04
C GLN F 405 26.84 59.28 5.91
N VAL F 406 27.71 59.71 5.02
CA VAL F 406 27.91 59.03 3.75
C VAL F 406 29.37 58.62 3.62
N SER F 407 29.59 57.38 3.20
CA SER F 407 30.92 56.90 2.83
C SER F 407 30.93 56.62 1.32
N LEU F 408 31.73 57.37 0.59
CA LEU F 408 31.84 57.24 -0.85
C LEU F 408 33.22 56.70 -1.17
N SER F 409 33.29 55.46 -1.62
CA SER F 409 34.54 54.76 -1.85
C SER F 409 34.66 54.39 -3.32
N VAL F 410 35.76 54.78 -3.95
CA VAL F 410 35.93 54.56 -5.38
C VAL F 410 37.15 53.68 -5.61
N ARG F 411 37.21 53.09 -6.81
CA ARG F 411 38.34 52.26 -7.24
C ARG F 411 38.75 52.73 -8.61
N PRO F 412 39.82 53.50 -8.73
CA PRO F 412 40.15 54.13 -10.01
C PRO F 412 40.77 53.13 -10.96
N HIS F 413 40.90 53.54 -12.20
CA HIS F 413 41.68 52.76 -13.15
C HIS F 413 43.15 52.81 -12.80
N PHE F 414 43.75 51.64 -12.70
CA PHE F 414 45.17 51.56 -12.42
C PHE F 414 45.96 51.96 -13.65
N LYS F 415 46.87 52.89 -13.48
CA LYS F 415 47.71 53.29 -14.59
C LYS F 415 49.05 52.59 -14.48
N TYR F 416 49.58 52.17 -15.63
CA TYR F 416 50.71 51.24 -15.72
C TYR F 416 51.99 51.91 -15.21
N MET F 417 52.44 51.52 -14.01
CA MET F 417 53.60 52.17 -13.42
C MET F 417 54.66 51.18 -12.96
N GLY F 418 55.06 50.25 -13.79
CA GLY F 418 56.22 49.43 -13.49
C GLY F 418 55.90 47.95 -13.63
N ALA F 419 56.89 47.22 -14.11
CA ALA F 419 56.74 45.77 -14.24
C ALA F 419 58.11 45.14 -14.22
N ASN F 420 58.14 43.86 -13.86
CA ASN F 420 59.36 43.07 -13.95
C ASN F 420 59.19 42.00 -15.01
N PHE F 421 60.22 41.80 -15.82
CA PHE F 421 60.17 40.81 -16.88
C PHE F 421 61.24 39.76 -16.68
N GLU F 422 60.87 38.52 -16.92
CA GLU F 422 61.79 37.39 -16.92
C GLU F 422 61.62 36.66 -18.24
N LEU F 423 62.71 36.48 -18.98
CA LEU F 423 62.67 35.82 -20.27
C LEU F 423 63.44 34.52 -20.20
N SER F 424 63.06 33.57 -21.04
CA SER F 424 63.73 32.26 -21.05
C SER F 424 63.52 31.56 -22.38
N LEU F 425 64.62 31.15 -23.00
CA LEU F 425 64.51 30.29 -24.16
C LEU F 425 64.09 28.91 -23.71
N VAL F 426 63.27 28.24 -24.51
CA VAL F 426 62.83 26.89 -24.20
C VAL F 426 62.40 26.22 -25.51
N GLY F 427 62.54 24.90 -25.56
CA GLY F 427 61.93 24.10 -26.61
C GLY F 427 60.55 23.69 -26.16
N ARG F 428 59.91 22.79 -26.91
CA ARG F 428 58.75 22.00 -26.49
C ARG F 428 57.48 22.83 -26.27
N LEU F 429 57.54 24.15 -26.41
CA LEU F 429 56.42 25.00 -26.03
C LEU F 429 55.32 24.96 -27.10
N ASP F 430 54.07 24.97 -26.64
CA ASP F 430 52.92 25.00 -27.53
C ASP F 430 52.79 26.37 -28.19
N SER G 1 80.51 34.19 -8.46
CA SER G 1 79.11 33.98 -8.11
C SER G 1 78.51 32.93 -9.00
N LYS G 2 77.28 32.55 -8.69
CA LYS G 2 76.58 31.53 -9.46
C LYS G 2 75.17 31.92 -9.88
N GLU G 3 74.57 32.94 -9.29
CA GLU G 3 73.21 33.35 -9.63
C GLU G 3 73.17 34.44 -10.68
N GLY G 4 74.30 34.75 -11.29
CA GLY G 4 74.32 35.89 -12.18
C GLY G 4 74.23 37.17 -11.36
N SER G 5 73.83 38.23 -12.03
CA SER G 5 73.64 39.51 -11.37
C SER G 5 72.50 40.25 -12.05
N VAL G 6 72.00 41.26 -11.37
CA VAL G 6 70.94 42.11 -11.90
C VAL G 6 71.38 43.56 -11.78
N ALA G 7 70.66 44.43 -12.47
CA ALA G 7 70.83 45.85 -12.28
C ALA G 7 70.09 46.26 -11.01
N PRO G 8 70.35 47.44 -10.46
CA PRO G 8 69.44 47.99 -9.45
C PRO G 8 68.09 48.24 -10.07
N LYS G 9 67.05 48.17 -9.23
CA LYS G 9 65.66 48.10 -9.69
C LYS G 9 65.24 49.40 -10.36
N GLU G 10 64.61 49.26 -11.51
CA GLU G 10 64.20 50.39 -12.32
C GLU G 10 62.68 50.32 -12.48
N ARG G 11 62.13 51.15 -13.35
CA ARG G 11 60.73 51.04 -13.72
C ARG G 11 60.42 49.74 -14.43
N ILE G 12 61.29 49.32 -15.34
CA ILE G 12 61.10 48.09 -16.10
C ILE G 12 62.27 47.17 -15.80
N ASN G 13 62.04 46.16 -14.97
CA ASN G 13 63.08 45.20 -14.63
C ASN G 13 63.04 44.06 -15.63
N ILE G 14 64.11 43.89 -16.38
CA ILE G 14 64.25 42.77 -17.30
C ILE G 14 65.51 42.01 -16.93
N LYS G 15 65.34 40.74 -16.58
CA LYS G 15 66.44 39.84 -16.34
C LYS G 15 66.10 38.51 -16.98
N TYR G 16 67.12 37.74 -17.29
CA TYR G 16 66.91 36.43 -17.90
C TYR G 16 67.28 35.35 -16.92
N ILE G 17 66.38 34.39 -16.75
CA ILE G 17 66.62 33.23 -15.90
C ILE G 17 66.62 32.01 -16.79
N PRO G 18 67.08 30.88 -16.28
CA PRO G 18 66.82 29.64 -17.00
C PRO G 18 65.33 29.33 -16.90
N ALA G 19 64.63 29.62 -17.98
CA ALA G 19 63.19 29.68 -17.94
C ALA G 19 62.54 28.33 -18.09
N THR G 20 63.33 27.26 -18.04
CA THR G 20 62.77 25.92 -18.05
C THR G 20 61.91 25.67 -16.82
N GLY G 21 62.32 26.26 -15.69
CA GLY G 21 61.57 26.19 -14.46
C GLY G 21 61.51 24.77 -13.93
N ASP G 22 62.55 24.00 -14.24
CA ASP G 22 62.53 22.57 -13.98
C ASP G 22 62.74 22.33 -12.49
N ALA G 23 61.63 22.38 -11.76
CA ALA G 23 61.63 21.88 -10.41
C ALA G 23 61.87 20.38 -10.43
N GLN G 24 62.48 19.88 -9.35
CA GLN G 24 62.94 18.49 -9.22
C GLN G 24 63.91 18.13 -10.34
N ALA G 25 64.82 19.05 -10.65
CA ALA G 25 65.92 18.80 -11.57
C ALA G 25 67.21 19.25 -10.91
N GLU G 26 68.14 18.32 -10.75
CA GLU G 26 69.44 18.60 -10.16
C GLU G 26 70.51 18.10 -11.11
N ALA G 27 71.70 18.66 -11.00
CA ALA G 27 72.78 18.40 -11.93
C ALA G 27 73.79 17.48 -11.27
N GLU G 28 74.23 16.48 -12.02
CA GLU G 28 75.29 15.58 -11.58
C GLU G 28 76.22 15.32 -12.76
N VAL G 29 77.51 15.24 -12.48
CA VAL G 29 78.43 14.76 -13.49
C VAL G 29 78.32 13.24 -13.54
N GLU G 30 78.36 12.67 -14.73
CA GLU G 30 78.45 11.22 -14.85
C GLU G 30 79.72 10.75 -14.20
N LEU G 31 79.58 10.08 -13.07
CA LEU G 31 80.71 9.77 -12.23
C LEU G 31 81.61 8.76 -12.92
N PRO G 32 82.92 8.94 -12.89
CA PRO G 32 83.81 8.01 -13.56
C PRO G 32 83.89 6.70 -12.81
N LEU G 33 83.87 5.60 -13.56
CA LEU G 33 84.09 4.28 -13.01
C LEU G 33 85.59 4.12 -12.74
N LYS G 34 86.03 4.68 -11.63
CA LYS G 34 87.45 4.82 -11.39
C LYS G 34 88.05 3.52 -10.89
N THR G 35 88.57 2.73 -11.81
CA THR G 35 89.18 1.45 -11.46
C THR G 35 90.53 1.70 -10.83
N LEU G 36 90.76 1.08 -9.68
CA LEU G 36 92.00 1.26 -8.95
C LEU G 36 92.80 -0.02 -9.06
N VAL G 37 93.63 -0.12 -10.09
CA VAL G 37 94.44 -1.30 -10.30
C VAL G 37 95.57 -1.29 -9.28
N VAL G 38 95.61 -2.33 -8.44
CA VAL G 38 96.61 -2.46 -7.39
C VAL G 38 97.38 -3.74 -7.64
N GLY G 39 98.68 -3.61 -7.87
CA GLY G 39 99.49 -4.80 -8.09
C GLY G 39 100.96 -4.47 -8.00
N ASP G 40 101.77 -5.52 -7.99
CA ASP G 40 103.22 -5.40 -7.87
C ASP G 40 103.76 -4.81 -9.16
N PHE G 41 104.25 -3.58 -9.06
CA PHE G 41 104.63 -2.80 -10.23
C PHE G 41 106.08 -2.33 -10.22
N LYS G 42 106.84 -2.64 -9.18
CA LYS G 42 108.24 -2.29 -9.10
C LYS G 42 109.00 -3.46 -8.50
N GLY G 43 110.30 -3.48 -8.73
CA GLY G 43 111.07 -4.65 -8.37
C GLY G 43 111.48 -4.75 -6.93
N HIS G 44 110.92 -3.94 -6.05
CA HIS G 44 111.41 -3.88 -4.68
C HIS G 44 110.32 -3.34 -3.77
N ALA G 45 110.52 -3.57 -2.48
CA ALA G 45 109.68 -2.95 -1.47
C ALA G 45 110.13 -1.51 -1.25
N GLU G 46 109.16 -0.66 -0.97
CA GLU G 46 109.45 0.72 -0.62
C GLU G 46 109.21 0.95 0.86
N GLN G 47 110.15 1.66 1.49
CA GLN G 47 110.04 1.95 2.91
C GLN G 47 108.93 2.93 3.22
N THR G 48 108.47 3.66 2.21
CA THR G 48 107.47 4.70 2.42
C THR G 48 106.14 4.07 2.83
N PRO G 49 105.50 4.55 3.90
CA PRO G 49 104.27 3.90 4.37
C PRO G 49 103.14 4.09 3.38
N LEU G 50 102.10 3.29 3.55
CA LEU G 50 101.12 3.13 2.49
C LEU G 50 100.24 4.37 2.35
N GLU G 51 100.07 5.11 3.45
CA GLU G 51 99.23 6.30 3.38
C GLU G 51 99.90 7.46 2.66
N GLU G 52 101.22 7.43 2.50
CA GLU G 52 101.92 8.57 1.93
C GLU G 52 102.21 8.43 0.45
N ARG G 53 102.39 7.21 -0.06
CA ARG G 53 102.63 7.06 -1.49
C ARG G 53 101.34 7.36 -2.25
N ALA G 54 101.49 7.83 -3.48
CA ALA G 54 100.38 8.44 -4.18
C ALA G 54 99.90 7.58 -5.34
N THR G 55 98.65 7.79 -5.73
CA THR G 55 98.09 7.13 -6.90
C THR G 55 98.59 7.83 -8.16
N VAL G 56 98.67 7.08 -9.24
CA VAL G 56 99.20 7.57 -10.51
C VAL G 56 98.11 7.43 -11.55
N THR G 57 97.66 8.56 -12.07
CA THR G 57 96.65 8.53 -13.12
C THR G 57 97.29 8.03 -14.40
N VAL G 58 96.65 7.06 -15.05
CA VAL G 58 97.15 6.47 -16.27
C VAL G 58 96.07 6.56 -17.32
N ASP G 59 96.40 7.12 -18.47
CA ASP G 59 95.54 6.94 -19.62
C ASP G 59 96.37 6.40 -20.77
N LYS G 60 95.75 6.37 -21.95
CA LYS G 60 96.49 5.96 -23.14
C LYS G 60 97.49 7.03 -23.53
N ASN G 61 97.26 8.27 -23.14
CA ASN G 61 98.06 9.37 -23.64
C ASN G 61 99.32 9.63 -22.83
N ASN G 62 99.46 9.03 -21.66
CA ASN G 62 100.74 9.17 -20.98
C ASN G 62 101.27 7.87 -20.37
N PHE G 63 100.94 6.71 -20.94
CA PHE G 63 101.37 5.46 -20.33
C PHE G 63 102.87 5.28 -20.42
N GLU G 64 103.47 5.71 -21.53
CA GLU G 64 104.92 5.69 -21.59
C GLU G 64 105.53 6.73 -20.66
N ALA G 65 104.79 7.79 -20.37
CA ALA G 65 105.28 8.74 -19.38
C ALA G 65 105.13 8.17 -17.97
N VAL G 66 104.14 7.30 -17.76
CA VAL G 66 103.97 6.70 -16.45
C VAL G 66 105.06 5.66 -16.20
N MET G 67 105.34 4.83 -17.20
CA MET G 67 106.46 3.90 -17.07
C MET G 67 107.78 4.65 -17.03
N ARG G 68 107.83 5.83 -17.64
CA ARG G 68 109.06 6.63 -17.61
C ARG G 68 109.32 7.19 -16.23
N GLU G 69 108.29 7.76 -15.61
CA GLU G 69 108.46 8.36 -14.29
C GLU G 69 108.52 7.31 -13.20
N SER G 70 108.09 6.09 -13.49
CA SER G 70 108.05 5.06 -12.45
C SER G 70 109.43 4.62 -12.02
N GLU G 71 110.43 4.77 -12.90
CA GLU G 71 111.82 4.39 -12.68
C GLU G 71 111.94 2.91 -12.33
N LEU G 72 111.54 2.06 -13.26
CA LEU G 72 111.52 0.63 -13.06
C LEU G 72 112.94 0.10 -12.93
N LYS G 73 113.07 -1.08 -12.33
CA LYS G 73 114.38 -1.66 -12.09
C LYS G 73 114.21 -3.14 -11.77
N ILE G 74 115.12 -3.95 -12.29
CA ILE G 74 115.29 -5.35 -11.87
C ILE G 74 116.78 -5.60 -11.72
N THR G 75 117.16 -6.08 -10.54
CA THR G 75 118.55 -6.45 -10.27
C THR G 75 118.57 -7.88 -9.76
N ALA G 76 119.07 -8.81 -10.57
CA ALA G 76 118.95 -10.22 -10.23
C ALA G 76 120.07 -11.02 -10.87
N THR G 77 119.97 -12.34 -10.70
CA THR G 77 121.00 -13.28 -11.10
C THR G 77 120.37 -14.39 -11.92
N VAL G 78 120.99 -14.74 -13.06
CA VAL G 78 120.53 -15.82 -13.91
C VAL G 78 121.64 -16.84 -14.10
N LYS G 79 121.26 -18.02 -14.56
CA LYS G 79 122.23 -19.03 -14.96
C LYS G 79 122.88 -18.62 -16.29
N ASN G 80 124.22 -18.71 -16.33
CA ASN G 80 124.99 -18.26 -17.49
C ASN G 80 125.29 -19.44 -18.38
N LYS G 81 124.86 -19.37 -19.65
CA LYS G 81 125.01 -20.46 -20.60
C LYS G 81 125.85 -20.09 -21.81
N LEU G 82 126.87 -19.25 -21.63
CA LEU G 82 127.83 -18.97 -22.69
C LEU G 82 129.04 -19.88 -22.63
N THR G 83 129.02 -20.89 -21.77
CA THR G 83 130.12 -21.82 -21.59
C THR G 83 129.55 -23.15 -21.12
N ASP G 84 130.41 -23.99 -20.54
CA ASP G 84 129.97 -25.31 -20.12
C ASP G 84 130.12 -25.53 -18.62
N ASP G 85 129.68 -24.56 -17.81
CA ASP G 85 129.83 -24.63 -16.36
C ASP G 85 128.49 -24.34 -15.71
N GLU G 86 128.15 -25.13 -14.68
CA GLU G 86 126.89 -24.94 -13.97
C GLU G 86 126.98 -23.80 -12.96
N ASN G 87 128.11 -23.67 -12.27
CA ASN G 87 128.28 -22.65 -11.24
C ASN G 87 128.43 -21.25 -11.81
N ALA G 88 128.69 -21.13 -13.10
CA ALA G 88 128.87 -19.83 -13.74
C ALA G 88 127.53 -19.13 -13.81
N GLU G 89 127.41 -18.00 -13.13
CA GLU G 89 126.18 -17.25 -13.09
C GLU G 89 126.41 -15.90 -13.73
N LEU G 90 125.34 -15.31 -14.25
CA LEU G 90 125.43 -14.01 -14.89
C LEU G 90 124.62 -13.00 -14.10
N PRO G 91 125.26 -12.06 -13.43
CA PRO G 91 124.49 -10.98 -12.81
C PRO G 91 124.03 -9.97 -13.84
N VAL G 92 122.77 -9.54 -13.75
CA VAL G 92 122.22 -8.54 -14.65
C VAL G 92 121.77 -7.34 -13.83
N GLU G 93 121.82 -6.17 -14.46
CA GLU G 93 121.38 -4.91 -13.88
C GLU G 93 120.69 -4.12 -14.99
N LEU G 94 119.37 -4.08 -14.96
CA LEU G 94 118.62 -3.51 -16.05
C LEU G 94 117.98 -2.18 -15.66
N ASN G 95 117.59 -1.42 -16.67
CA ASN G 95 116.79 -0.21 -16.48
C ASN G 95 115.72 -0.15 -17.56
N PHE G 96 114.51 0.17 -17.14
CA PHE G 96 113.34 0.05 -17.99
C PHE G 96 112.67 1.40 -18.10
N LYS G 97 112.20 1.74 -19.29
CA LYS G 97 111.50 3.00 -19.46
C LYS G 97 110.17 2.87 -20.16
N SER G 98 110.01 1.94 -21.10
CA SER G 98 108.74 1.74 -21.76
C SER G 98 108.65 0.27 -22.16
N LEU G 99 107.56 -0.07 -22.86
CA LEU G 99 107.36 -1.48 -23.18
C LEU G 99 108.20 -1.94 -24.35
N ALA G 100 108.99 -1.06 -24.95
CA ALA G 100 110.03 -1.53 -25.84
C ALA G 100 111.15 -2.23 -25.07
N ASP G 101 111.34 -1.88 -23.79
CA ASP G 101 112.49 -2.35 -23.05
C ASP G 101 112.37 -3.80 -22.59
N PHE G 102 111.25 -4.46 -22.84
CA PHE G 102 111.13 -5.86 -22.49
C PHE G 102 111.43 -6.78 -23.67
N ALA G 103 111.67 -6.21 -24.83
CA ALA G 103 112.04 -6.97 -26.01
C ALA G 103 113.46 -7.53 -25.83
N PRO G 104 113.83 -8.57 -26.59
CA PRO G 104 115.21 -9.06 -26.50
C PRO G 104 116.23 -8.12 -27.14
N ASP G 105 115.78 -7.11 -27.86
CA ASP G 105 116.72 -6.14 -28.40
C ASP G 105 117.31 -5.28 -27.29
N ALA G 106 116.45 -4.60 -26.53
CA ALA G 106 116.93 -3.74 -25.47
C ALA G 106 117.53 -4.53 -24.33
N VAL G 107 117.01 -5.73 -24.06
CA VAL G 107 117.62 -6.61 -23.07
C VAL G 107 118.98 -7.07 -23.57
N ALA G 108 119.11 -7.25 -24.89
CA ALA G 108 120.41 -7.60 -25.45
C ALA G 108 121.36 -6.42 -25.37
N SER G 109 120.83 -5.20 -25.30
CA SER G 109 121.71 -4.05 -25.17
C SER G 109 122.09 -3.78 -23.72
N GLN G 110 121.23 -4.14 -22.77
CA GLN G 110 121.46 -3.76 -21.39
C GLN G 110 122.29 -4.76 -20.61
N VAL G 111 122.67 -5.87 -21.21
CA VAL G 111 123.60 -6.78 -20.54
C VAL G 111 124.86 -6.84 -21.40
N PRO G 112 126.00 -6.32 -20.92
CA PRO G 112 127.19 -6.24 -21.77
C PRO G 112 127.76 -7.59 -22.19
N GLU G 113 127.52 -8.63 -21.39
CA GLU G 113 127.95 -9.97 -21.75
C GLU G 113 127.14 -10.54 -22.91
N LEU G 114 126.05 -9.90 -23.28
CA LEU G 114 125.39 -10.16 -24.54
C LEU G 114 125.63 -9.08 -25.58
N LYS G 115 125.86 -7.83 -25.14
CA LYS G 115 126.05 -6.73 -26.07
C LYS G 115 127.34 -6.90 -26.86
N LYS G 116 128.38 -7.41 -26.21
CA LYS G 116 129.63 -7.69 -26.91
C LYS G 116 129.46 -8.81 -27.93
N LEU G 117 128.54 -9.74 -27.68
CA LEU G 117 128.29 -10.79 -28.66
C LEU G 117 127.41 -10.32 -29.80
N ILE G 118 126.53 -9.35 -29.55
CA ILE G 118 125.78 -8.76 -30.65
C ILE G 118 126.70 -7.97 -31.55
N GLU G 119 127.63 -7.20 -30.96
CA GLU G 119 128.58 -6.44 -31.76
C GLU G 119 129.57 -7.36 -32.47
N LEU G 120 129.94 -8.46 -31.83
CA LEU G 120 130.84 -9.43 -32.45
C LEU G 120 130.13 -10.14 -33.60
N ARG G 121 128.82 -10.36 -33.44
CA ARG G 121 128.02 -10.86 -34.54
C ARG G 121 127.97 -9.86 -35.68
N GLU G 122 127.95 -8.56 -35.33
CA GLU G 122 127.99 -7.54 -36.37
C GLU G 122 129.36 -7.45 -37.02
N ALA G 123 130.40 -7.92 -36.34
CA ALA G 123 131.71 -8.04 -36.97
C ALA G 123 131.74 -9.25 -37.90
N LEU G 124 131.05 -10.33 -37.55
CA LEU G 124 131.09 -11.53 -38.39
C LEU G 124 130.18 -11.39 -39.60
N VAL G 125 129.11 -10.60 -39.50
CA VAL G 125 128.21 -10.42 -40.63
C VAL G 125 128.84 -9.50 -41.67
N ALA G 126 129.43 -8.38 -41.23
CA ALA G 126 130.03 -7.43 -42.15
C ALA G 126 131.29 -7.96 -42.82
N LEU G 127 132.03 -8.84 -42.12
CA LEU G 127 133.23 -9.55 -42.61
C LEU G 127 134.33 -8.61 -43.07
N ASN H 1 134.32 -20.88 -47.41
CA ASN H 1 134.76 -19.77 -46.56
C ASN H 1 133.55 -19.06 -45.96
N LYS H 2 132.65 -18.62 -46.83
CA LYS H 2 131.47 -17.89 -46.39
C LYS H 2 130.54 -18.77 -45.58
N SER H 3 130.46 -20.05 -45.96
CA SER H 3 129.57 -20.98 -45.27
C SER H 3 130.07 -21.26 -43.86
N LEU H 4 131.38 -21.19 -43.64
CA LEU H 4 131.91 -21.34 -42.30
C LEU H 4 131.58 -20.12 -41.45
N VAL H 5 131.56 -18.93 -42.07
CA VAL H 5 131.16 -17.72 -41.35
C VAL H 5 129.69 -17.81 -40.97
N ASP H 6 128.86 -18.34 -41.86
CA ASP H 6 127.43 -18.50 -41.56
C ASP H 6 127.19 -19.55 -40.48
N GLN H 7 128.02 -20.61 -40.46
CA GLN H 7 127.93 -21.59 -39.39
C GLN H 7 128.33 -20.98 -38.05
N MET H 8 129.30 -20.07 -38.07
CA MET H 8 129.63 -19.35 -36.84
C MET H 8 128.50 -18.39 -36.43
N LEU H 9 127.74 -17.89 -37.41
CA LEU H 9 126.58 -17.07 -37.08
C LEU H 9 125.46 -17.89 -36.45
N VAL H 10 125.27 -19.13 -36.93
CA VAL H 10 124.22 -19.99 -36.37
C VAL H 10 124.59 -20.42 -34.95
N GLU H 11 125.86 -20.78 -34.74
CA GLU H 11 126.29 -21.17 -33.40
C GLU H 11 126.27 -19.99 -32.43
N LEU H 12 126.63 -18.80 -32.92
CA LEU H 12 126.62 -17.62 -32.07
C LEU H 12 125.19 -17.22 -31.71
N ASP H 13 124.26 -17.37 -32.66
CA ASP H 13 122.85 -17.12 -32.38
C ASP H 13 122.30 -18.15 -31.40
N LYS H 14 122.85 -19.37 -31.42
CA LYS H 14 122.50 -20.35 -30.40
C LYS H 14 123.00 -19.92 -29.04
N LYS H 15 124.15 -19.23 -29.00
CA LYS H 15 124.66 -18.79 -27.71
C LYS H 15 123.86 -17.62 -27.16
N ILE H 16 123.61 -16.60 -27.98
CA ILE H 16 122.92 -15.41 -27.49
C ILE H 16 121.46 -15.71 -27.23
N SER H 17 120.85 -16.54 -28.07
CA SER H 17 119.47 -16.98 -27.81
C SER H 17 119.41 -17.90 -26.59
N ALA H 18 120.48 -18.66 -26.36
CA ALA H 18 120.52 -19.53 -25.19
C ALA H 18 120.56 -18.74 -23.90
N GLN H 19 121.28 -17.61 -23.90
CA GLN H 19 121.27 -16.77 -22.70
C GLN H 19 119.98 -15.97 -22.58
N MET H 20 119.47 -15.50 -23.72
CA MET H 20 118.27 -14.65 -23.72
C MET H 20 117.06 -15.43 -23.26
N ASP H 21 117.04 -16.73 -23.53
CA ASP H 21 116.02 -17.60 -22.96
C ASP H 21 116.11 -17.65 -21.44
N GLU H 22 117.31 -17.45 -20.89
CA GLU H 22 117.43 -17.50 -19.44
C GLU H 22 117.06 -16.17 -18.80
N ILE H 23 117.32 -15.05 -19.49
CA ILE H 23 116.94 -13.77 -18.91
C ILE H 23 115.44 -13.58 -19.01
N LEU H 24 114.85 -13.86 -20.17
CA LEU H 24 113.42 -13.59 -20.33
C LEU H 24 112.54 -14.54 -19.55
N HIS H 25 113.07 -15.67 -19.08
CA HIS H 25 112.26 -16.56 -18.26
C HIS H 25 112.51 -16.35 -16.78
N ASN H 26 113.13 -15.23 -16.40
CA ASN H 26 113.37 -14.94 -15.00
C ASN H 26 112.06 -14.60 -14.32
N SER H 27 111.89 -15.13 -13.10
CA SER H 27 110.60 -15.09 -12.43
C SER H 27 110.23 -13.68 -12.01
N GLN H 28 111.19 -12.93 -11.47
CA GLN H 28 110.94 -11.52 -11.17
C GLN H 28 110.70 -10.74 -12.44
N PHE H 29 111.39 -11.11 -13.52
CA PHE H 29 111.19 -10.44 -14.79
C PHE H 29 109.85 -10.83 -15.40
N GLN H 30 109.39 -12.04 -15.11
CA GLN H 30 108.05 -12.38 -15.55
C GLN H 30 107.00 -11.65 -14.71
N ALA H 31 107.34 -11.30 -13.47
CA ALA H 31 106.40 -10.55 -12.66
C ALA H 31 106.29 -9.12 -13.16
N MET H 32 107.42 -8.49 -13.48
CA MET H 32 107.41 -7.13 -13.98
C MET H 32 106.77 -7.06 -15.36
N GLU H 33 107.22 -7.94 -16.27
CA GLU H 33 106.73 -7.92 -17.64
C GLU H 33 105.28 -8.33 -17.69
N SER H 34 104.88 -9.26 -16.83
CA SER H 34 103.50 -9.68 -16.79
C SER H 34 102.61 -8.57 -16.28
N ALA H 35 103.06 -7.86 -15.24
CA ALA H 35 102.25 -6.81 -14.66
C ALA H 35 102.11 -5.64 -15.62
N TRP H 36 103.21 -5.21 -16.23
CA TRP H 36 103.11 -4.04 -17.07
C TRP H 36 102.53 -4.35 -18.43
N ARG H 37 102.93 -5.45 -19.05
CA ARG H 37 102.39 -5.75 -20.36
C ARG H 37 100.92 -6.14 -20.27
N GLY H 38 100.56 -6.86 -19.20
CA GLY H 38 99.16 -7.08 -18.93
C GLY H 38 98.43 -5.79 -18.62
N LEU H 39 99.13 -4.83 -18.03
CA LEU H 39 98.50 -3.56 -17.73
C LEU H 39 98.18 -2.79 -18.99
N LYS H 40 99.09 -2.83 -19.98
CA LYS H 40 98.75 -2.16 -21.23
C LYS H 40 97.66 -2.93 -21.97
N LEU H 41 97.61 -4.25 -21.78
CA LEU H 41 96.53 -5.03 -22.37
C LEU H 41 95.18 -4.64 -21.79
N PHE H 42 95.14 -4.27 -20.51
CA PHE H 42 93.91 -3.71 -19.97
C PHE H 42 93.68 -2.29 -20.47
N VAL H 43 94.75 -1.50 -20.58
CA VAL H 43 94.56 -0.07 -20.83
C VAL H 43 94.05 0.20 -22.23
N ASP H 44 94.69 -0.38 -23.25
CA ASP H 44 94.33 0.01 -24.61
C ASP H 44 93.01 -0.57 -25.09
N ARG H 45 92.41 -1.50 -24.35
CA ARG H 45 91.14 -2.06 -24.74
C ARG H 45 89.97 -1.30 -24.15
N THR H 46 90.23 -0.33 -23.28
CA THR H 46 89.16 0.49 -22.74
C THR H 46 88.99 1.72 -23.61
N ASP H 47 88.15 2.66 -23.15
CA ASP H 47 87.82 3.83 -23.95
C ASP H 47 87.75 5.04 -23.03
N PHE H 48 88.87 5.77 -22.93
CA PHE H 48 88.98 6.84 -21.95
C PHE H 48 88.34 8.13 -22.41
N ARG H 49 87.82 8.17 -23.63
CA ARG H 49 86.99 9.29 -24.02
C ARG H 49 85.54 9.12 -23.59
N GLU H 50 85.23 8.09 -22.81
CA GLU H 50 83.90 7.95 -22.23
C GLU H 50 83.94 7.94 -20.71
N ASN H 51 84.78 8.79 -20.12
CA ASN H 51 84.86 9.04 -18.68
C ASN H 51 85.19 7.78 -17.88
N ASN H 52 86.38 7.25 -18.12
CA ASN H 52 86.91 6.17 -17.31
C ASN H 52 88.32 6.55 -16.87
N LYS H 53 88.62 6.33 -15.60
CA LYS H 53 89.97 6.60 -15.15
C LYS H 53 90.51 5.36 -14.47
N VAL H 54 91.75 5.03 -14.81
CA VAL H 54 92.41 3.93 -14.13
C VAL H 54 93.60 4.49 -13.39
N GLU H 55 93.66 4.21 -12.10
CA GLU H 55 94.73 4.68 -11.27
C GLU H 55 95.57 3.50 -10.82
N ILE H 56 96.81 3.78 -10.53
CA ILE H 56 97.82 2.78 -10.25
C ILE H 56 98.37 3.05 -8.86
N LEU H 57 98.42 2.03 -8.02
CA LEU H 57 99.08 2.14 -6.73
C LEU H 57 99.95 0.92 -6.51
N HIS H 58 101.26 1.12 -6.46
CA HIS H 58 102.22 0.03 -6.30
C HIS H 58 102.14 -0.53 -4.89
N VAL H 59 101.49 -1.69 -4.75
CA VAL H 59 101.39 -2.33 -3.44
C VAL H 59 101.69 -3.80 -3.62
N THR H 60 102.60 -4.35 -2.82
CA THR H 60 102.73 -5.79 -2.77
C THR H 60 101.89 -6.32 -1.61
N LYS H 61 101.66 -7.64 -1.61
CA LYS H 61 100.74 -8.25 -0.66
C LYS H 61 101.21 -8.11 0.77
N ASP H 62 102.52 -8.14 0.96
CA ASP H 62 103.07 -8.16 2.31
C ASP H 62 102.88 -6.81 2.99
N GLU H 63 102.70 -5.75 2.22
CA GLU H 63 102.40 -4.49 2.89
C GLU H 63 100.91 -4.19 2.92
N LEU H 64 100.07 -4.95 2.22
CA LEU H 64 98.66 -4.91 2.56
C LEU H 64 98.42 -5.61 3.89
N LEU H 65 99.12 -6.72 4.12
CA LEU H 65 98.90 -7.44 5.36
C LEU H 65 99.60 -6.75 6.52
N GLU H 66 100.84 -6.30 6.30
CA GLU H 66 101.55 -5.54 7.32
C GLU H 66 100.85 -4.20 7.57
N ASP H 67 100.25 -3.64 6.53
CA ASP H 67 99.53 -2.38 6.69
C ASP H 67 98.25 -2.55 7.47
N PHE H 68 97.43 -3.51 7.07
CA PHE H 68 96.16 -3.75 7.76
C PHE H 68 96.37 -4.20 9.18
N GLU H 69 97.35 -5.04 9.45
CA GLU H 69 97.60 -5.41 10.83
C GLU H 69 98.24 -4.29 11.62
N PHE H 70 99.00 -3.42 10.95
CA PHE H 70 99.58 -2.29 11.64
C PHE H 70 98.52 -1.22 11.89
N ALA H 71 97.47 -1.23 11.07
CA ALA H 71 96.35 -0.33 11.29
C ALA H 71 95.50 -0.85 12.45
N PRO H 72 94.94 0.03 13.26
CA PRO H 72 94.21 -0.42 14.45
C PRO H 72 92.88 -1.06 14.10
N GLU H 73 92.40 -0.79 12.90
CA GLU H 73 91.20 -1.39 12.38
C GLU H 73 91.28 -1.32 10.86
N THR H 74 90.15 -1.54 10.19
CA THR H 74 90.15 -1.36 8.75
C THR H 74 89.98 0.10 8.40
N ALA H 75 89.47 0.91 9.33
CA ALA H 75 89.01 2.23 9.00
C ALA H 75 90.09 3.31 9.09
N GLN H 76 91.33 2.93 9.34
CA GLN H 76 92.39 3.93 9.39
C GLN H 76 93.63 3.49 8.64
N SER H 77 93.52 2.51 7.76
CA SER H 77 94.68 2.07 7.02
C SER H 77 95.02 3.06 5.92
N GLY H 78 96.08 2.75 5.19
CA GLY H 78 96.43 3.58 4.04
C GLY H 78 95.45 3.42 2.91
N LEU H 79 95.12 2.18 2.57
CA LEU H 79 94.31 1.92 1.39
C LEU H 79 92.87 2.38 1.60
N TYR H 80 92.44 2.41 2.86
CA TYR H 80 91.14 2.98 3.16
C TYR H 80 91.14 4.48 2.94
N LYS H 81 92.31 5.11 3.04
CA LYS H 81 92.39 6.55 2.80
C LYS H 81 92.58 6.85 1.32
N HIS H 82 93.09 5.88 0.54
CA HIS H 82 93.18 6.14 -0.89
C HIS H 82 91.89 5.79 -1.60
N VAL H 83 91.10 4.89 -1.06
CA VAL H 83 89.86 4.47 -1.70
C VAL H 83 88.68 5.24 -1.12
N TYR H 84 88.51 5.19 0.18
CA TYR H 84 87.32 5.76 0.80
C TYR H 84 87.46 7.26 1.01
N SER H 85 88.48 7.68 1.76
CA SER H 85 88.51 9.02 2.30
C SER H 85 88.90 10.05 1.25
N ALA H 86 89.79 9.68 0.35
CA ALA H 86 90.09 10.60 -0.75
C ALA H 86 89.11 10.48 -1.89
N GLY H 87 88.22 9.51 -1.83
CA GLY H 87 87.23 9.31 -2.86
C GLY H 87 85.82 9.53 -2.39
N TYR H 88 85.18 8.42 -2.02
CA TYR H 88 83.72 8.33 -1.87
C TYR H 88 83.18 9.27 -0.82
N GLY H 89 83.91 9.45 0.27
CA GLY H 89 83.39 10.24 1.36
C GLY H 89 84.01 11.61 1.46
N GLN H 90 84.56 12.12 0.37
CA GLN H 90 85.17 13.44 0.33
C GLN H 90 84.24 14.37 -0.41
N PHE H 91 84.08 15.59 0.09
CA PHE H 91 83.21 16.56 -0.52
C PHE H 91 83.72 16.93 -1.90
N GLY H 92 83.03 16.45 -2.93
CA GLY H 92 83.35 16.76 -4.30
C GLY H 92 84.17 15.72 -5.03
N GLY H 93 84.62 14.68 -4.34
CA GLY H 93 85.43 13.64 -4.97
C GLY H 93 84.61 12.73 -5.84
N GLU H 94 85.23 11.64 -6.25
CA GLU H 94 84.60 10.70 -7.16
C GLU H 94 84.72 9.30 -6.58
N PRO H 95 83.72 8.48 -6.74
CA PRO H 95 83.76 7.17 -6.08
C PRO H 95 84.64 6.17 -6.80
N VAL H 96 85.19 5.21 -6.07
CA VAL H 96 85.93 4.12 -6.68
C VAL H 96 84.95 3.07 -7.17
N GLY H 97 84.99 2.78 -8.48
CA GLY H 97 83.99 1.90 -9.05
C GLY H 97 84.32 0.44 -8.83
N ALA H 98 85.58 0.07 -9.02
CA ALA H 98 86.01 -1.31 -8.87
C ALA H 98 87.50 -1.31 -8.54
N ILE H 99 87.94 -2.39 -7.91
CA ILE H 99 89.34 -2.55 -7.54
C ILE H 99 89.82 -3.85 -8.16
N ILE H 100 90.91 -3.77 -8.89
CA ILE H 100 91.45 -4.93 -9.59
C ILE H 100 92.77 -5.27 -8.95
N GLY H 101 92.90 -6.51 -8.46
CA GLY H 101 94.09 -6.94 -7.79
C GLY H 101 94.95 -7.78 -8.70
N ASN H 102 96.16 -7.29 -8.97
CA ASN H 102 97.12 -8.05 -9.76
C ASN H 102 97.92 -8.94 -8.82
N TYR H 103 97.21 -9.86 -8.19
CA TYR H 103 97.77 -10.74 -7.19
C TYR H 103 97.47 -12.18 -7.56
N ALA H 104 97.96 -13.10 -6.75
CA ALA H 104 97.58 -14.49 -6.81
C ALA H 104 97.40 -15.01 -5.39
N PHE H 105 96.30 -15.70 -5.14
CA PHE H 105 95.93 -16.04 -3.78
C PHE H 105 96.06 -17.54 -3.52
N THR H 106 96.59 -17.87 -2.36
CA THR H 106 96.82 -19.23 -1.90
C THR H 106 95.87 -19.48 -0.74
N PRO H 107 95.73 -20.70 -0.22
CA PRO H 107 94.95 -20.87 1.01
C PRO H 107 95.70 -20.50 2.28
N SER H 108 96.81 -19.78 2.18
CA SER H 108 97.56 -19.41 3.38
C SER H 108 96.79 -18.36 4.17
N THR H 109 96.87 -18.51 5.49
CA THR H 109 96.23 -17.59 6.43
C THR H 109 96.51 -16.10 6.20
N PRO H 110 97.71 -15.66 5.75
CA PRO H 110 97.81 -14.26 5.30
C PRO H 110 96.88 -13.89 4.15
N ASP H 111 96.65 -14.80 3.20
CA ASP H 111 95.81 -14.45 2.07
C ASP H 111 94.35 -14.36 2.45
N MET H 112 93.90 -15.24 3.33
CA MET H 112 92.50 -15.21 3.71
C MET H 112 92.21 -14.09 4.70
N LYS H 113 93.20 -13.72 5.50
CA LYS H 113 93.02 -12.49 6.28
C LYS H 113 93.01 -11.27 5.38
N LEU H 114 93.79 -11.32 4.30
CA LEU H 114 93.74 -10.24 3.31
C LEU H 114 92.37 -10.14 2.66
N LEU H 115 91.74 -11.27 2.35
CA LEU H 115 90.43 -11.17 1.72
C LEU H 115 89.33 -10.82 2.71
N GLN H 116 89.50 -11.14 4.00
CA GLN H 116 88.52 -10.66 4.96
C GLN H 116 88.59 -9.14 5.05
N TYR H 117 89.80 -8.60 5.10
CA TYR H 117 89.91 -7.16 5.22
C TYR H 117 89.50 -6.44 3.94
N MET H 118 89.83 -6.99 2.77
CA MET H 118 89.40 -6.34 1.54
C MET H 118 87.91 -6.53 1.31
N GLY H 119 87.32 -7.54 1.94
CA GLY H 119 85.88 -7.57 2.02
C GLY H 119 85.34 -6.41 2.84
N ALA H 120 86.06 -6.03 3.90
CA ALA H 120 85.60 -4.90 4.70
C ALA H 120 85.76 -3.58 3.96
N LEU H 121 86.88 -3.41 3.26
CA LEU H 121 87.10 -2.19 2.48
C LEU H 121 86.08 -2.10 1.35
N GLY H 122 85.82 -3.21 0.69
CA GLY H 122 84.77 -3.23 -0.31
C GLY H 122 83.40 -2.99 0.29
N ALA H 123 83.24 -3.26 1.58
CA ALA H 123 81.97 -2.97 2.23
C ALA H 123 81.78 -1.48 2.45
N MET H 124 82.78 -0.82 3.03
CA MET H 124 82.57 0.58 3.37
C MET H 124 82.79 1.49 2.18
N ALA H 125 83.39 0.99 1.12
CA ALA H 125 83.68 1.89 0.00
C ALA H 125 82.99 1.50 -1.29
N HIS H 126 82.19 0.43 -1.29
CA HIS H 126 81.42 -0.04 -2.43
C HIS H 126 82.28 -0.29 -3.65
N ALA H 127 83.34 -1.06 -3.47
CA ALA H 127 84.24 -1.35 -4.54
C ALA H 127 84.48 -2.85 -4.53
N PRO H 128 84.06 -3.56 -5.57
CA PRO H 128 84.34 -4.99 -5.62
C PRO H 128 85.81 -5.23 -5.90
N PHE H 129 86.36 -6.21 -5.20
CA PHE H 129 87.76 -6.57 -5.34
C PHE H 129 87.85 -7.82 -6.20
N ILE H 130 88.66 -7.76 -7.24
CA ILE H 130 88.82 -8.86 -8.19
C ILE H 130 90.29 -9.25 -8.19
N SER H 131 90.56 -10.56 -8.19
CA SER H 131 91.94 -10.99 -8.15
C SER H 131 92.04 -12.33 -8.86
N SER H 132 93.15 -13.04 -8.66
CA SER H 132 93.35 -14.32 -9.31
C SER H 132 93.59 -15.41 -8.29
N VAL H 133 92.94 -16.53 -8.54
CA VAL H 133 93.21 -17.79 -7.86
C VAL H 133 94.45 -18.39 -8.48
N GLY H 134 95.44 -18.64 -7.63
CA GLY H 134 96.67 -19.23 -8.06
C GLY H 134 96.52 -20.72 -8.30
N PRO H 135 97.54 -21.33 -8.89
CA PRO H 135 97.45 -22.77 -9.18
C PRO H 135 97.39 -23.65 -7.95
N GLU H 136 98.04 -23.28 -6.86
CA GLU H 136 98.02 -24.19 -5.71
C GLU H 136 96.80 -23.98 -4.83
N PHE H 137 95.82 -23.20 -5.28
CA PHE H 137 94.62 -23.05 -4.47
C PHE H 137 93.73 -24.27 -4.60
N PHE H 138 93.89 -25.03 -5.66
CA PHE H 138 93.05 -26.20 -5.89
C PHE H 138 93.73 -27.47 -5.44
N GLY H 139 94.96 -27.37 -4.97
CA GLY H 139 95.73 -28.51 -4.51
C GLY H 139 96.63 -29.14 -5.55
N ILE H 140 96.82 -28.49 -6.70
CA ILE H 140 97.57 -29.09 -7.79
C ILE H 140 98.75 -28.21 -8.15
N ASP H 141 99.54 -28.70 -9.11
CA ASP H 141 100.76 -28.02 -9.50
C ASP H 141 100.47 -26.76 -10.30
N SER H 142 99.92 -26.94 -11.49
CA SER H 142 99.57 -25.83 -12.36
C SER H 142 98.24 -26.16 -12.99
N PHE H 143 97.72 -25.21 -13.77
CA PHE H 143 96.34 -25.29 -14.22
C PHE H 143 96.09 -26.35 -15.26
N GLU H 144 97.12 -27.01 -15.76
CA GLU H 144 96.87 -27.99 -16.80
C GLU H 144 96.43 -29.33 -16.29
N GLU H 145 95.84 -29.42 -15.10
CA GLU H 145 95.21 -30.65 -14.64
C GLU H 145 93.76 -30.45 -14.20
N LEU H 146 93.12 -29.35 -14.59
CA LEU H 146 91.68 -29.24 -14.39
C LEU H 146 90.87 -30.27 -15.18
N PRO H 147 91.29 -30.78 -16.34
CA PRO H 147 90.66 -32.02 -16.82
C PRO H 147 91.01 -33.25 -16.01
N ASN H 148 91.98 -33.19 -15.11
CA ASN H 148 92.37 -34.38 -14.38
C ASN H 148 91.89 -34.42 -12.94
N ILE H 149 91.19 -33.40 -12.47
CA ILE H 149 90.62 -33.44 -11.12
C ILE H 149 89.20 -33.95 -11.22
N LYS H 150 88.89 -34.99 -10.43
CA LYS H 150 87.61 -35.67 -10.56
C LYS H 150 86.45 -34.85 -10.02
N ASP H 151 86.63 -34.17 -8.89
CA ASP H 151 85.49 -33.48 -8.29
C ASP H 151 85.96 -32.33 -7.41
N LEU H 152 85.48 -31.12 -7.68
CA LEU H 152 85.93 -29.96 -6.92
C LEU H 152 85.12 -29.78 -5.64
N LYS H 153 83.83 -30.11 -5.70
CA LYS H 153 82.96 -29.94 -4.54
C LYS H 153 83.40 -30.87 -3.40
N SER H 154 83.91 -32.04 -3.74
CA SER H 154 84.45 -32.91 -2.71
C SER H 154 85.91 -32.60 -2.41
N THR H 155 86.57 -31.83 -3.26
CA THR H 155 87.92 -31.39 -2.95
C THR H 155 87.89 -30.35 -1.85
N PHE H 156 86.95 -29.42 -1.89
CA PHE H 156 86.96 -28.32 -0.93
C PHE H 156 86.42 -28.68 0.44
N GLU H 157 86.23 -29.95 0.77
CA GLU H 157 85.82 -30.27 2.14
C GLU H 157 86.99 -30.61 3.05
N SER H 158 88.22 -30.57 2.54
CA SER H 158 89.37 -30.91 3.35
C SER H 158 89.61 -29.85 4.42
N PRO H 159 90.20 -30.22 5.55
CA PRO H 159 90.51 -29.21 6.58
C PRO H 159 91.59 -28.22 6.20
N LYS H 160 92.19 -28.36 5.02
CA LYS H 160 93.06 -27.30 4.51
C LYS H 160 92.25 -26.04 4.23
N TYR H 161 90.99 -26.19 3.82
CA TYR H 161 90.22 -25.08 3.28
C TYR H 161 89.20 -24.55 4.26
N THR H 162 89.40 -24.82 5.56
CA THR H 162 88.44 -24.45 6.58
C THR H 162 88.30 -22.94 6.68
N LYS H 163 89.41 -22.23 6.50
CA LYS H 163 89.34 -20.78 6.52
C LYS H 163 88.60 -20.24 5.30
N TRP H 164 88.76 -20.90 4.15
CA TRP H 164 88.06 -20.49 2.94
C TRP H 164 86.56 -20.69 3.07
N ARG H 165 86.12 -21.83 3.61
CA ARG H 165 84.70 -22.00 3.81
C ARG H 165 84.20 -21.12 4.94
N SER H 166 85.09 -20.67 5.81
CA SER H 166 84.67 -19.63 6.73
C SER H 166 84.60 -18.28 6.02
N LEU H 167 85.25 -18.15 4.86
CA LEU H 167 85.24 -16.85 4.17
C LEU H 167 84.02 -16.68 3.28
N ARG H 168 83.60 -17.74 2.60
CA ARG H 168 82.43 -17.63 1.73
C ARG H 168 81.15 -17.33 2.49
N GLU H 169 81.01 -17.85 3.68
CA GLU H 169 79.79 -17.63 4.43
C GLU H 169 79.73 -16.25 5.05
N SER H 170 80.81 -15.48 5.00
CA SER H 170 80.78 -14.16 5.59
C SER H 170 79.91 -13.24 4.75
N GLU H 171 79.37 -12.21 5.40
CA GLU H 171 78.46 -11.32 4.69
C GLU H 171 79.18 -10.32 3.82
N ASP H 172 80.51 -10.25 3.88
CA ASP H 172 81.25 -9.37 3.00
C ASP H 172 81.79 -10.06 1.76
N ALA H 173 81.40 -11.30 1.50
CA ALA H 173 81.88 -11.96 0.30
C ALA H 173 81.09 -11.59 -0.93
N ARG H 174 80.16 -10.64 -0.83
CA ARG H 174 79.57 -10.08 -2.03
C ARG H 174 80.56 -9.26 -2.83
N TYR H 175 81.61 -8.78 -2.19
CA TYR H 175 82.48 -7.78 -2.76
C TYR H 175 83.80 -8.34 -3.26
N LEU H 176 83.94 -9.66 -3.26
CA LEU H 176 85.14 -10.29 -3.77
C LEU H 176 84.78 -11.13 -4.98
N GLY H 177 85.71 -11.26 -5.89
CA GLY H 177 85.56 -12.23 -6.95
C GLY H 177 86.93 -12.76 -7.29
N LEU H 178 87.12 -14.06 -7.20
CA LEU H 178 88.40 -14.64 -7.52
C LEU H 178 88.31 -15.36 -8.84
N THR H 179 89.25 -15.12 -9.73
CA THR H 179 89.13 -15.61 -11.09
C THR H 179 90.06 -16.78 -11.33
N ALA H 180 89.55 -17.74 -12.09
CA ALA H 180 90.19 -18.97 -12.55
C ALA H 180 90.87 -18.65 -13.88
N PRO H 181 91.37 -19.62 -14.66
CA PRO H 181 92.80 -19.61 -15.04
C PRO H 181 93.24 -18.41 -15.88
N ARG H 182 94.56 -18.23 -15.92
CA ARG H 182 95.20 -17.07 -16.53
C ARG H 182 95.18 -17.19 -18.05
N PHE H 183 95.84 -16.26 -18.75
CA PHE H 183 95.89 -16.36 -20.20
C PHE H 183 97.13 -15.68 -20.73
N LEU H 184 97.44 -15.97 -21.99
CA LEU H 184 98.66 -15.47 -22.62
C LEU H 184 98.60 -13.98 -22.86
N LEU H 185 99.75 -13.32 -22.72
CA LEU H 185 99.88 -11.94 -23.13
C LEU H 185 100.59 -11.78 -24.45
N ARG H 186 101.55 -12.65 -24.73
CA ARG H 186 102.57 -12.39 -25.73
C ARG H 186 102.87 -13.67 -26.50
N VAL H 187 102.85 -13.57 -27.82
CA VAL H 187 103.29 -14.67 -28.68
C VAL H 187 104.76 -14.93 -28.40
N PRO H 188 105.16 -16.17 -28.18
CA PRO H 188 106.60 -16.47 -28.06
C PRO H 188 107.31 -16.16 -29.38
N TYR H 189 108.55 -15.71 -29.25
CA TYR H 189 109.28 -15.11 -30.35
C TYR H 189 109.70 -16.14 -31.38
N ASP H 190 110.04 -15.64 -32.57
CA ASP H 190 110.21 -16.48 -33.71
C ASP H 190 110.92 -15.52 -34.66
N PRO H 191 111.65 -16.01 -35.65
CA PRO H 191 112.24 -15.08 -36.63
C PRO H 191 111.19 -14.36 -37.47
N ILE H 192 110.09 -15.03 -37.75
CA ILE H 192 109.07 -14.51 -38.64
C ILE H 192 107.89 -13.93 -37.87
N GLU H 193 107.35 -14.69 -36.92
CA GLU H 193 106.04 -14.41 -36.36
C GLU H 193 106.02 -13.22 -35.43
N ASN H 194 107.09 -12.99 -34.69
CA ASN H 194 107.17 -11.80 -33.87
C ASN H 194 108.64 -11.42 -33.78
N PRO H 195 109.16 -10.73 -34.77
CA PRO H 195 110.61 -10.64 -34.93
C PRO H 195 111.25 -9.64 -34.00
N VAL H 196 112.57 -9.73 -33.93
CA VAL H 196 113.41 -8.82 -33.16
C VAL H 196 114.38 -8.15 -34.13
N LYS H 197 114.81 -6.94 -33.77
CA LYS H 197 115.67 -6.17 -34.65
C LYS H 197 117.13 -6.55 -34.47
N SER H 198 117.84 -6.63 -35.60
CA SER H 198 119.29 -6.81 -35.69
C SER H 198 119.79 -8.12 -35.08
N PHE H 199 118.92 -9.10 -34.91
CA PHE H 199 119.31 -10.37 -34.32
C PHE H 199 118.36 -11.48 -34.73
N ASN H 200 118.86 -12.71 -34.78
CA ASN H 200 118.03 -13.89 -35.02
C ASN H 200 117.78 -14.59 -33.70
N TYR H 201 116.55 -14.44 -33.20
CA TYR H 201 116.14 -15.06 -31.95
C TYR H 201 114.98 -16.01 -32.16
N ALA H 202 115.08 -17.20 -31.59
CA ALA H 202 114.03 -18.22 -31.67
C ALA H 202 113.78 -18.76 -30.27
N GLU H 203 112.67 -18.33 -29.66
CA GLU H 203 112.42 -18.68 -28.27
C GLU H 203 112.05 -20.14 -28.15
N ASN H 204 112.93 -20.92 -27.56
CA ASN H 204 112.76 -22.36 -27.42
C ASN H 204 111.98 -22.58 -26.14
N VAL H 205 110.66 -22.56 -26.25
CA VAL H 205 109.83 -22.86 -25.10
C VAL H 205 109.70 -24.37 -24.95
N SER H 206 109.95 -24.87 -23.75
CA SER H 206 109.95 -26.30 -23.46
C SER H 206 108.54 -26.83 -23.30
N ALA H 207 108.45 -28.04 -22.76
CA ALA H 207 107.15 -28.60 -22.39
C ALA H 207 106.57 -27.96 -21.14
N SER H 208 107.41 -27.45 -20.24
CA SER H 208 106.93 -26.80 -19.03
C SER H 208 106.36 -25.44 -19.40
N HIS H 209 105.07 -25.24 -19.13
CA HIS H 209 104.41 -24.07 -19.69
C HIS H 209 104.55 -22.84 -18.82
N GLU H 210 105.45 -22.84 -17.85
CA GLU H 210 105.73 -21.58 -17.17
C GLU H 210 106.57 -20.64 -18.01
N HIS H 211 107.12 -21.11 -19.13
CA HIS H 211 108.01 -20.29 -19.93
C HIS H 211 107.25 -19.25 -20.73
N TYR H 212 105.97 -19.49 -20.99
CA TYR H 212 105.12 -18.46 -21.56
C TYR H 212 104.96 -17.31 -20.59
N LEU H 213 104.60 -16.15 -21.12
CA LEU H 213 104.28 -15.02 -20.25
C LEU H 213 102.80 -15.05 -19.93
N TRP H 214 102.47 -15.46 -18.71
CA TRP H 214 101.07 -15.50 -18.33
C TRP H 214 100.65 -14.21 -17.63
N GLY H 215 99.54 -13.64 -18.11
CA GLY H 215 99.06 -12.43 -17.50
C GLY H 215 97.91 -12.71 -16.57
N ASN H 216 97.46 -11.72 -15.83
CA ASN H 216 96.39 -11.94 -14.86
C ASN H 216 95.06 -11.90 -15.59
N THR H 217 94.09 -12.66 -15.07
CA THR H 217 92.75 -12.66 -15.64
C THR H 217 92.00 -11.42 -15.24
N ALA H 218 92.30 -10.89 -14.05
CA ALA H 218 91.51 -9.81 -13.47
C ALA H 218 91.63 -8.53 -14.28
N PHE H 219 92.73 -8.39 -15.01
CA PHE H 219 92.83 -7.33 -16.00
C PHE H 219 91.80 -7.52 -17.11
N ALA H 220 91.64 -8.74 -17.63
CA ALA H 220 90.70 -8.94 -18.72
C ALA H 220 89.27 -8.72 -18.24
N PHE H 221 88.98 -9.17 -17.02
CA PHE H 221 87.69 -8.90 -16.42
C PHE H 221 87.48 -7.39 -16.24
N ALA H 222 88.57 -6.67 -15.98
CA ALA H 222 88.46 -5.22 -15.84
C ALA H 222 88.23 -4.54 -17.19
N THR H 223 88.74 -5.14 -18.28
CA THR H 223 88.40 -4.63 -19.60
C THR H 223 86.92 -4.80 -19.85
N ARG H 224 86.33 -5.89 -19.35
CA ARG H 224 84.91 -6.08 -19.56
C ARG H 224 84.07 -5.13 -18.72
N LEU H 225 84.51 -4.81 -17.50
CA LEU H 225 83.81 -3.80 -16.71
C LEU H 225 83.89 -2.42 -17.36
N THR H 226 85.08 -1.98 -17.72
CA THR H 226 85.25 -0.61 -18.19
C THR H 226 84.66 -0.43 -19.58
N ASP H 227 84.75 -1.46 -20.43
CA ASP H 227 84.11 -1.38 -21.75
C ASP H 227 82.60 -1.38 -21.64
N SER H 228 82.05 -2.18 -20.73
CA SER H 228 80.60 -2.17 -20.56
C SER H 228 80.13 -0.83 -20.04
N PHE H 229 80.94 -0.19 -19.20
CA PHE H 229 80.57 1.14 -18.71
C PHE H 229 80.71 2.18 -19.80
N ALA H 230 81.66 2.00 -20.71
CA ALA H 230 81.84 2.96 -21.77
C ALA H 230 80.72 2.86 -22.78
N LYS H 231 80.17 1.67 -22.98
CA LYS H 231 79.03 1.59 -23.87
C LYS H 231 77.76 2.08 -23.18
N TYR H 232 77.50 1.64 -21.96
CA TYR H 232 76.15 1.67 -21.43
C TYR H 232 75.97 2.40 -20.13
N ARG H 233 77.01 3.06 -19.60
CA ARG H 233 77.00 3.82 -18.34
C ARG H 233 76.62 2.99 -17.13
N TRP H 234 76.75 1.68 -17.20
CA TRP H 234 76.55 0.79 -16.07
C TRP H 234 77.47 -0.39 -16.28
N CYS H 235 77.52 -1.31 -15.32
CA CYS H 235 78.25 -2.55 -15.51
C CYS H 235 77.45 -3.81 -15.18
N PRO H 236 76.33 -4.09 -15.87
CA PRO H 236 75.75 -5.42 -15.67
C PRO H 236 76.11 -6.39 -16.78
N ASN H 237 76.76 -5.90 -17.83
CA ASN H 237 76.93 -6.70 -19.04
C ASN H 237 78.36 -7.23 -19.13
N ILE H 238 78.62 -8.26 -18.35
CA ILE H 238 79.94 -8.88 -18.35
C ILE H 238 79.87 -10.40 -18.43
N ILE H 239 78.71 -10.94 -18.80
CA ILE H 239 78.46 -12.36 -18.56
C ILE H 239 78.08 -13.20 -19.76
N GLY H 240 78.62 -12.92 -20.94
CA GLY H 240 78.25 -13.75 -22.05
C GLY H 240 79.20 -13.72 -23.22
N PRO H 241 79.01 -14.66 -24.14
CA PRO H 241 79.67 -14.53 -25.43
C PRO H 241 79.12 -13.39 -26.26
N GLN H 242 77.88 -12.98 -26.00
CA GLN H 242 77.29 -11.90 -26.75
C GLN H 242 76.73 -10.78 -25.90
N SER H 243 76.49 -11.02 -24.61
CA SER H 243 75.87 -9.98 -23.79
C SER H 243 76.88 -8.91 -23.39
N GLY H 244 78.16 -9.16 -23.57
CA GLY H 244 79.15 -8.15 -23.33
C GLY H 244 80.44 -8.71 -22.77
N GLY H 245 80.38 -9.93 -22.26
CA GLY H 245 81.52 -10.47 -21.56
C GLY H 245 82.57 -11.10 -22.44
N ALA H 246 82.42 -10.99 -23.75
CA ALA H 246 83.35 -11.64 -24.66
C ALA H 246 84.67 -10.90 -24.67
N VAL H 247 85.74 -11.59 -24.30
CA VAL H 247 87.09 -11.06 -24.40
C VAL H 247 87.67 -11.58 -25.70
N GLU H 248 87.83 -10.70 -26.68
CA GLU H 248 88.28 -11.08 -27.99
C GLU H 248 89.79 -10.93 -28.10
N ASP H 249 90.32 -11.39 -29.23
CA ASP H 249 91.71 -11.18 -29.65
C ASP H 249 92.72 -11.74 -28.66
N LEU H 250 92.79 -13.05 -28.54
CA LEU H 250 93.88 -13.58 -27.74
C LEU H 250 94.97 -14.16 -28.63
N PRO H 251 96.22 -14.10 -28.19
CA PRO H 251 97.32 -14.61 -29.03
C PRO H 251 97.34 -16.14 -29.06
N VAL H 252 97.68 -16.67 -30.22
CA VAL H 252 97.80 -18.11 -30.42
C VAL H 252 99.26 -18.46 -30.58
N HIS H 253 99.55 -19.74 -30.50
CA HIS H 253 100.92 -20.20 -30.71
C HIS H 253 100.87 -21.60 -31.32
N VAL H 254 100.89 -21.65 -32.65
CA VAL H 254 100.85 -22.92 -33.34
C VAL H 254 102.25 -23.52 -33.31
N PHE H 255 102.39 -24.66 -32.66
CA PHE H 255 103.72 -25.25 -32.53
C PHE H 255 103.62 -26.74 -32.83
N GLU H 256 104.77 -27.30 -33.24
CA GLU H 256 104.80 -28.68 -33.72
C GLU H 256 104.66 -29.67 -32.58
N SER H 257 103.64 -30.52 -32.67
CA SER H 257 103.35 -31.54 -31.68
C SER H 257 104.08 -32.83 -32.10
N MET H 258 103.70 -34.01 -31.61
CA MET H 258 104.31 -35.27 -32.02
C MET H 258 103.92 -35.64 -33.44
N GLY H 259 104.50 -34.95 -34.42
CA GLY H 259 104.22 -35.19 -35.82
C GLY H 259 103.20 -34.27 -36.42
N ALA H 260 102.24 -33.78 -35.66
CA ALA H 260 101.20 -32.92 -36.18
C ALA H 260 101.35 -31.51 -35.64
N LEU H 261 100.46 -30.63 -36.07
CA LEU H 261 100.36 -29.30 -35.49
C LEU H 261 99.28 -29.32 -34.43
N GLN H 262 99.40 -28.42 -33.47
CA GLN H 262 98.30 -28.13 -32.56
C GLN H 262 98.44 -26.70 -32.08
N SER H 263 97.32 -26.12 -31.69
CA SER H 263 97.31 -24.78 -31.14
C SER H 263 97.52 -24.86 -29.65
N LYS H 264 98.54 -24.16 -29.15
CA LYS H 264 98.62 -23.99 -27.71
C LYS H 264 97.51 -23.06 -27.27
N ILE H 265 96.75 -23.52 -26.29
CA ILE H 265 95.53 -22.83 -25.88
C ILE H 265 95.91 -21.51 -25.21
N PRO H 266 95.23 -20.41 -25.51
CA PRO H 266 95.58 -19.14 -24.88
C PRO H 266 95.33 -19.11 -23.39
N THR H 267 94.23 -19.66 -22.91
CA THR H 267 94.12 -19.96 -21.51
C THR H 267 94.88 -21.25 -21.26
N GLU H 268 95.12 -21.59 -20.00
CA GLU H 268 95.93 -22.77 -19.73
C GLU H 268 95.21 -24.05 -20.10
N VAL H 269 93.90 -24.08 -19.92
CA VAL H 269 93.12 -25.25 -20.29
C VAL H 269 91.87 -24.84 -21.03
N LEU H 270 91.32 -25.80 -21.74
CA LEU H 270 89.98 -25.74 -22.30
C LEU H 270 89.06 -26.28 -21.21
N ILE H 271 88.43 -25.37 -20.48
CA ILE H 271 87.51 -25.79 -19.43
C ILE H 271 86.23 -26.28 -20.06
N THR H 272 85.91 -27.56 -19.83
CA THR H 272 84.65 -28.09 -20.29
C THR H 272 83.51 -27.52 -19.45
N ASP H 273 82.29 -27.59 -19.99
CA ASP H 273 81.20 -26.79 -19.46
C ASP H 273 80.73 -27.28 -18.10
N ARG H 274 80.85 -28.58 -17.84
CA ARG H 274 80.58 -29.07 -16.50
C ARG H 274 81.60 -28.53 -15.52
N LYS H 275 82.86 -28.43 -15.93
CA LYS H 275 83.88 -27.87 -15.07
C LYS H 275 83.67 -26.38 -14.86
N GLU H 276 83.11 -25.72 -15.87
CA GLU H 276 82.81 -24.30 -15.72
C GLU H 276 81.69 -24.07 -14.74
N PHE H 277 80.62 -24.87 -14.83
CA PHE H 277 79.51 -24.70 -13.91
C PHE H 277 79.92 -25.04 -12.48
N GLU H 278 80.86 -25.96 -12.33
CA GLU H 278 81.37 -26.24 -10.99
C GLU H 278 82.19 -25.08 -10.46
N LEU H 279 83.03 -24.47 -11.31
CA LEU H 279 83.76 -23.29 -10.86
C LEU H 279 82.82 -22.12 -10.61
N ALA H 280 81.67 -22.11 -11.26
CA ALA H 280 80.71 -21.04 -11.01
C ALA H 280 79.99 -21.27 -9.69
N GLU H 281 79.78 -22.53 -9.31
CA GLU H 281 79.14 -22.78 -8.03
C GLU H 281 80.09 -22.57 -6.87
N GLU H 282 81.39 -22.65 -7.11
CA GLU H 282 82.36 -22.43 -6.04
C GLU H 282 82.71 -20.98 -5.86
N GLY H 283 82.10 -20.09 -6.63
CA GLY H 283 82.40 -18.68 -6.52
C GLY H 283 83.58 -18.19 -7.32
N PHE H 284 83.86 -18.81 -8.45
CA PHE H 284 85.00 -18.42 -9.27
C PHE H 284 84.50 -17.98 -10.63
N ILE H 285 85.28 -17.12 -11.28
CA ILE H 285 84.94 -16.60 -12.59
C ILE H 285 85.81 -17.35 -13.59
N ALA H 286 85.23 -18.26 -14.33
CA ALA H 286 86.00 -19.12 -15.20
C ALA H 286 86.17 -18.46 -16.56
N LEU H 287 87.39 -18.07 -16.88
CA LEU H 287 87.71 -17.63 -18.23
C LEU H 287 87.72 -18.85 -19.13
N THR H 288 86.71 -19.00 -19.97
CA THR H 288 86.58 -20.19 -20.80
C THR H 288 87.02 -19.92 -22.23
N MET H 289 87.92 -20.75 -22.71
CA MET H 289 88.40 -20.65 -24.06
C MET H 289 87.35 -21.23 -24.99
N ARG H 290 87.14 -20.58 -26.12
CA ARG H 290 86.29 -21.13 -27.17
C ARG H 290 87.15 -21.95 -28.11
N LYS H 291 86.94 -23.26 -28.11
CA LYS H 291 87.82 -24.20 -28.81
C LYS H 291 87.79 -23.96 -30.31
N GLY H 292 88.97 -23.91 -30.91
CA GLY H 292 89.08 -23.66 -32.33
C GLY H 292 89.06 -22.21 -32.71
N SER H 293 89.06 -21.31 -31.75
CA SER H 293 89.09 -19.90 -32.03
C SER H 293 90.28 -19.31 -31.30
N ASP H 294 90.35 -17.98 -31.29
CA ASP H 294 91.29 -17.25 -30.46
C ASP H 294 90.54 -16.32 -29.51
N ASN H 295 89.33 -16.70 -29.16
CA ASN H 295 88.43 -15.86 -28.39
C ASN H 295 88.05 -16.58 -27.12
N ALA H 296 87.78 -15.83 -26.07
CA ALA H 296 87.42 -16.44 -24.80
C ALA H 296 86.22 -15.71 -24.22
N ALA H 297 85.63 -16.29 -23.17
CA ALA H 297 84.40 -15.73 -22.66
C ALA H 297 84.22 -16.09 -21.20
N PHE H 298 83.54 -15.20 -20.48
CA PHE H 298 83.06 -15.44 -19.13
C PHE H 298 81.64 -15.96 -19.24
N PHE H 299 81.45 -17.27 -19.07
CA PHE H 299 80.08 -17.78 -19.02
C PHE H 299 79.39 -17.41 -17.71
N SER H 300 80.14 -17.04 -16.69
CA SER H 300 79.57 -16.76 -15.39
C SER H 300 80.48 -15.80 -14.66
N ALA H 301 79.89 -14.99 -13.79
CA ALA H 301 80.65 -14.03 -12.99
C ALA H 301 80.09 -14.02 -11.58
N ASN H 302 79.96 -15.18 -10.96
CA ASN H 302 79.54 -15.23 -9.56
C ASN H 302 80.58 -14.62 -8.65
N SER H 303 80.15 -14.22 -7.46
CA SER H 303 81.05 -13.78 -6.41
C SER H 303 81.24 -14.90 -5.40
N ILE H 304 81.94 -14.58 -4.31
CA ILE H 304 82.43 -15.62 -3.41
C ILE H 304 81.32 -16.23 -2.57
N GLN H 305 80.30 -15.43 -2.22
CA GLN H 305 79.42 -15.80 -1.11
C GLN H 305 78.54 -16.99 -1.45
N LYS H 306 78.48 -17.93 -0.55
CA LYS H 306 77.77 -19.16 -0.73
C LYS H 306 76.28 -18.89 -0.80
N PRO H 307 75.62 -19.30 -1.87
CA PRO H 307 74.19 -19.04 -2.00
C PRO H 307 73.42 -19.87 -1.00
N LYS H 308 72.64 -19.21 -0.15
CA LYS H 308 71.96 -19.87 0.95
C LYS H 308 70.84 -20.79 0.48
N VAL H 309 70.49 -21.74 1.33
CA VAL H 309 69.35 -22.62 1.12
C VAL H 309 68.30 -22.30 2.17
N PHE H 310 67.08 -22.02 1.72
CA PHE H 310 65.96 -21.69 2.59
C PHE H 310 64.91 -22.78 2.47
N PRO H 311 63.95 -22.89 3.40
CA PRO H 311 62.95 -23.95 3.28
C PRO H 311 62.09 -23.78 2.04
N ASN H 312 61.60 -24.89 1.50
CA ASN H 312 60.87 -24.85 0.23
C ASN H 312 59.40 -24.51 0.47
N THR H 313 59.17 -23.27 0.84
CA THR H 313 57.83 -22.69 0.87
C THR H 313 57.79 -21.55 -0.13
N LYS H 314 56.72 -20.78 -0.10
CA LYS H 314 56.62 -19.61 -0.96
C LYS H 314 57.59 -18.52 -0.52
N GLU H 315 57.54 -18.18 0.77
CA GLU H 315 58.43 -17.18 1.33
C GLU H 315 59.88 -17.62 1.27
N GLY H 316 60.11 -18.93 1.39
CA GLY H 316 61.47 -19.43 1.31
C GLY H 316 62.08 -19.28 -0.07
N LYS H 317 61.28 -19.50 -1.10
CA LYS H 317 61.84 -19.34 -2.44
C LYS H 317 61.98 -17.87 -2.80
N GLU H 318 61.15 -16.99 -2.23
CA GLU H 318 61.42 -15.57 -2.45
C GLU H 318 62.71 -15.14 -1.77
N ALA H 319 62.96 -15.63 -0.57
CA ALA H 319 64.15 -15.20 0.13
C ALA H 319 65.41 -15.81 -0.47
N GLU H 320 65.32 -17.02 -1.02
CA GLU H 320 66.43 -17.55 -1.80
C GLU H 320 66.64 -16.76 -3.07
N THR H 321 65.55 -16.30 -3.69
CA THR H 321 65.68 -15.53 -4.93
C THR H 321 66.41 -14.23 -4.67
N ASN H 322 66.10 -13.58 -3.55
CA ASN H 322 66.78 -12.35 -3.23
C ASN H 322 68.22 -12.62 -2.87
N TYR H 323 68.47 -13.75 -2.22
CA TYR H 323 69.81 -13.99 -1.75
C TYR H 323 70.72 -14.44 -2.88
N LYS H 324 70.18 -15.02 -3.95
CA LYS H 324 71.04 -15.31 -5.09
C LYS H 324 71.12 -14.11 -6.03
N LEU H 325 70.20 -13.16 -5.93
CA LEU H 325 70.44 -11.90 -6.64
C LEU H 325 71.55 -11.12 -6.00
N GLY H 326 71.67 -11.20 -4.68
CA GLY H 326 72.66 -10.39 -4.00
C GLY H 326 74.08 -10.85 -4.26
N THR H 327 74.27 -12.12 -4.53
CA THR H 327 75.64 -12.64 -4.52
C THR H 327 76.26 -12.77 -5.88
N GLN H 328 75.80 -12.05 -6.90
CA GLN H 328 76.43 -12.09 -8.20
C GLN H 328 76.83 -10.70 -8.64
N LEU H 329 78.05 -10.57 -9.14
CA LEU H 329 78.60 -9.26 -9.50
C LEU H 329 77.82 -8.45 -10.54
N PRO H 330 77.21 -9.02 -11.59
CA PRO H 330 76.47 -8.14 -12.50
C PRO H 330 75.19 -7.55 -11.93
N TYR H 331 74.87 -7.81 -10.68
CA TYR H 331 73.84 -7.08 -9.98
C TYR H 331 74.42 -6.19 -8.90
N MET H 332 75.53 -6.61 -8.30
CA MET H 332 76.17 -5.76 -7.32
C MET H 332 76.83 -4.55 -7.97
N MET H 333 77.10 -4.61 -9.26
CA MET H 333 77.57 -3.38 -9.90
C MET H 333 76.42 -2.40 -10.07
N ILE H 334 75.20 -2.91 -10.27
CA ILE H 334 74.03 -2.03 -10.29
C ILE H 334 73.83 -1.37 -8.94
N ILE H 335 73.96 -2.15 -7.87
CA ILE H 335 73.75 -1.57 -6.55
C ILE H 335 74.92 -0.68 -6.14
N ASN H 336 76.12 -0.95 -6.66
CA ASN H 336 77.23 -0.05 -6.43
C ASN H 336 77.01 1.30 -7.11
N ARG H 337 76.49 1.30 -8.33
CA ARG H 337 76.27 2.57 -9.01
C ARG H 337 75.10 3.33 -8.40
N LEU H 338 74.09 2.63 -7.89
CA LEU H 338 73.06 3.34 -7.16
C LEU H 338 73.56 3.88 -5.84
N ALA H 339 74.47 3.16 -5.17
CA ALA H 339 74.99 3.66 -3.92
C ALA H 339 75.85 4.89 -4.16
N HIS H 340 76.57 4.91 -5.27
CA HIS H 340 77.39 6.06 -5.59
C HIS H 340 76.55 7.27 -5.97
N TYR H 341 75.52 7.09 -6.78
CA TYR H 341 74.69 8.23 -7.11
C TYR H 341 73.89 8.72 -5.92
N VAL H 342 73.50 7.81 -5.02
CA VAL H 342 72.72 8.23 -3.85
C VAL H 342 73.60 9.01 -2.89
N LYS H 343 74.84 8.60 -2.71
CA LYS H 343 75.75 9.37 -1.87
C LYS H 343 76.05 10.72 -2.49
N VAL H 344 76.46 10.73 -3.75
CA VAL H 344 76.99 11.95 -4.36
C VAL H 344 75.87 12.96 -4.60
N LEU H 345 74.72 12.50 -5.08
CA LEU H 345 73.61 13.43 -5.24
C LEU H 345 72.95 13.80 -3.92
N GLN H 346 72.83 12.87 -2.98
CA GLN H 346 72.17 13.21 -1.74
C GLN H 346 73.12 13.88 -0.75
N ARG H 347 74.32 14.28 -1.18
CA ARG H 347 75.03 15.29 -0.39
C ARG H 347 74.68 16.69 -0.86
N GLU H 348 74.12 16.83 -2.04
CA GLU H 348 73.85 18.18 -2.52
C GLU H 348 72.51 18.70 -2.00
N GLN H 349 71.75 17.87 -1.32
CA GLN H 349 70.47 18.31 -0.80
C GLN H 349 70.48 18.58 0.69
N ILE H 350 71.61 18.40 1.36
CA ILE H 350 71.70 18.74 2.77
C ILE H 350 71.55 20.23 2.93
N GLY H 351 70.45 20.64 3.54
CA GLY H 351 70.13 22.04 3.67
C GLY H 351 68.97 22.50 2.83
N ALA H 352 68.27 21.59 2.18
CA ALA H 352 67.07 21.99 1.49
C ALA H 352 65.85 21.69 2.36
N TRP H 353 64.82 22.51 2.22
CA TRP H 353 63.61 22.40 3.03
C TRP H 353 62.86 21.15 2.57
N LYS H 354 63.13 20.04 3.23
CA LYS H 354 62.57 18.75 2.84
C LYS H 354 61.69 18.20 3.95
N GLU H 355 60.58 17.62 3.57
CA GLU H 355 59.82 16.80 4.49
C GLU H 355 60.02 15.32 4.16
N ARG H 356 59.23 14.48 4.80
CA ARG H 356 59.32 13.04 4.55
C ARG H 356 58.82 12.70 3.16
N GLN H 357 57.60 13.09 2.85
CA GLN H 357 57.04 12.87 1.53
C GLN H 357 57.76 13.64 0.44
N ASP H 358 58.55 14.65 0.82
CA ASP H 358 59.48 15.24 -0.13
C ASP H 358 60.51 14.22 -0.58
N LEU H 359 61.06 13.44 0.35
CA LEU H 359 62.02 12.43 -0.07
C LEU H 359 61.35 11.29 -0.81
N GLU H 360 60.09 10.98 -0.48
CA GLU H 360 59.40 9.98 -1.28
C GLU H 360 59.21 10.47 -2.71
N ARG H 361 58.85 11.73 -2.88
CA ARG H 361 58.56 12.22 -4.21
C ARG H 361 59.84 12.43 -5.00
N GLU H 362 60.89 12.92 -4.36
CA GLU H 362 62.10 13.22 -5.10
C GLU H 362 62.91 11.97 -5.36
N LEU H 363 62.84 10.97 -4.48
CA LEU H 363 63.54 9.74 -4.82
C LEU H 363 62.77 8.90 -5.81
N ASN H 364 61.43 8.95 -5.78
CA ASN H 364 60.67 8.19 -6.76
C ASN H 364 60.79 8.81 -8.14
N SER H 365 60.74 10.14 -8.22
CA SER H 365 61.00 10.78 -9.49
C SER H 365 62.47 10.72 -9.85
N TRP H 366 63.34 10.44 -8.88
CA TRP H 366 64.75 10.25 -9.18
C TRP H 366 64.98 8.89 -9.80
N ILE H 367 64.21 7.90 -9.37
CA ILE H 367 64.48 6.53 -9.76
C ILE H 367 63.57 6.10 -10.90
N LYS H 368 62.59 6.93 -11.28
CA LYS H 368 61.88 6.68 -12.53
C LYS H 368 62.76 6.95 -13.75
N GLN H 369 63.91 7.56 -13.54
CA GLN H 369 64.97 7.59 -14.53
C GLN H 369 65.43 6.19 -14.92
N TYR H 370 65.48 5.27 -13.96
CA TYR H 370 66.13 3.99 -14.20
C TYR H 370 65.16 2.82 -14.26
N VAL H 371 63.88 3.08 -14.44
CA VAL H 371 62.88 2.02 -14.50
C VAL H 371 62.51 1.78 -15.95
N ALA H 372 62.63 0.55 -16.41
CA ALA H 372 62.21 0.19 -17.76
C ALA H 372 61.13 -0.87 -17.63
N ASP H 373 59.89 -0.43 -17.42
CA ASP H 373 58.80 -1.35 -17.07
C ASP H 373 57.76 -1.48 -18.16
N GLN H 374 58.18 -1.46 -19.42
CA GLN H 374 57.23 -1.70 -20.49
C GLN H 374 56.99 -3.19 -20.66
N GLU H 375 56.34 -3.54 -21.76
CA GLU H 375 55.99 -4.94 -21.95
C GLU H 375 57.21 -5.75 -22.36
N ASN H 376 57.98 -5.25 -23.28
CA ASN H 376 59.09 -6.02 -23.80
C ASN H 376 60.15 -5.07 -24.31
N PRO H 377 61.01 -4.53 -23.46
CA PRO H 377 62.04 -3.62 -23.94
C PRO H 377 63.16 -4.41 -24.60
N PRO H 378 63.76 -3.86 -25.65
CA PRO H 378 64.87 -4.55 -26.30
C PRO H 378 66.13 -4.52 -25.44
N ALA H 379 67.20 -5.15 -25.95
CA ALA H 379 68.35 -5.43 -25.12
C ALA H 379 69.11 -4.18 -24.72
N ASP H 380 69.08 -3.15 -25.55
CA ASP H 380 69.85 -1.94 -25.26
C ASP H 380 69.19 -1.12 -24.16
N VAL H 381 67.86 -0.96 -24.23
CA VAL H 381 67.15 -0.18 -23.24
C VAL H 381 67.16 -0.91 -21.90
N ARG H 382 67.18 -2.23 -21.93
CA ARG H 382 67.48 -2.97 -20.71
C ARG H 382 68.93 -2.77 -20.28
N SER H 383 69.83 -2.51 -21.22
CA SER H 383 71.23 -2.40 -20.83
C SER H 383 71.51 -1.08 -20.14
N ARG H 384 70.78 -0.03 -20.51
CA ARG H 384 71.06 1.27 -19.90
C ARG H 384 70.03 1.70 -18.88
N ARG H 385 68.95 0.95 -18.71
CA ARG H 385 68.00 1.17 -17.62
C ARG H 385 67.84 -0.18 -16.93
N PRO H 386 68.70 -0.48 -15.97
CA PRO H 386 68.82 -1.87 -15.57
C PRO H 386 67.71 -2.36 -14.65
N LEU H 387 67.15 -1.52 -13.80
CA LEU H 387 66.26 -2.02 -12.75
C LEU H 387 64.80 -1.88 -13.19
N ARG H 388 63.99 -2.89 -12.93
CA ARG H 388 62.64 -2.92 -13.49
C ARG H 388 61.62 -2.33 -12.53
N ALA H 389 61.80 -2.53 -11.24
CA ALA H 389 60.89 -1.96 -10.27
C ALA H 389 61.68 -1.24 -9.19
N ALA H 390 61.02 -0.30 -8.52
CA ALA H 390 61.66 0.36 -7.40
C ALA H 390 60.58 0.73 -6.40
N ARG H 391 60.79 0.34 -5.15
CA ARG H 391 59.86 0.63 -4.08
C ARG H 391 60.60 1.31 -2.95
N ILE H 392 60.29 2.58 -2.71
CA ILE H 392 61.04 3.39 -1.77
C ILE H 392 60.15 3.73 -0.59
N GLU H 393 60.66 3.49 0.61
CA GLU H 393 59.96 3.90 1.82
C GLU H 393 60.83 4.88 2.58
N VAL H 394 60.26 6.03 2.94
CA VAL H 394 60.98 7.06 3.65
C VAL H 394 60.31 7.26 5.00
N MET H 395 61.08 7.10 6.07
CA MET H 395 60.58 7.28 7.42
C MET H 395 61.51 8.22 8.18
N ASP H 396 61.01 8.74 9.28
CA ASP H 396 61.76 9.69 10.10
C ASP H 396 62.47 8.95 11.21
N VAL H 397 63.66 9.43 11.56
CA VAL H 397 64.27 9.01 12.81
C VAL H 397 63.58 9.82 13.90
N GLU H 398 62.76 9.15 14.71
CA GLU H 398 61.94 9.85 15.68
C GLU H 398 62.78 10.44 16.79
N GLY H 399 62.51 11.69 17.14
CA GLY H 399 63.29 12.33 18.16
C GLY H 399 64.65 12.77 17.72
N ASN H 400 64.90 12.84 16.42
CA ASN H 400 66.16 13.34 15.89
C ASN H 400 65.84 14.04 14.57
N PRO H 401 65.48 15.32 14.63
CA PRO H 401 64.64 15.90 13.58
C PRO H 401 65.39 16.15 12.30
N GLY H 402 64.70 15.98 11.20
CA GLY H 402 65.30 16.07 9.88
C GLY H 402 65.87 14.78 9.36
N TRP H 403 66.46 13.96 10.23
CA TRP H 403 67.12 12.73 9.83
C TRP H 403 66.11 11.74 9.31
N TYR H 404 66.25 11.39 8.04
CA TYR H 404 65.28 10.55 7.37
C TYR H 404 65.88 9.18 7.12
N GLN H 405 65.04 8.15 7.09
CA GLN H 405 65.48 6.77 7.03
C GLN H 405 64.83 6.12 5.82
N VAL H 406 65.63 5.70 4.86
CA VAL H 406 65.12 5.34 3.54
C VAL H 406 65.49 3.90 3.22
N SER H 407 64.53 3.13 2.71
CA SER H 407 64.80 1.81 2.17
C SER H 407 64.53 1.85 0.67
N LEU H 408 65.58 1.63 -0.10
CA LEU H 408 65.50 1.64 -1.55
C LEU H 408 65.74 0.23 -2.06
N SER H 409 64.68 -0.39 -2.58
CA SER H 409 64.71 -1.78 -2.99
C SER H 409 64.42 -1.89 -4.47
N VAL H 410 65.30 -2.56 -5.21
CA VAL H 410 65.18 -2.65 -6.65
C VAL H 410 65.04 -4.09 -7.08
N ARG H 411 64.55 -4.30 -8.29
CA ARG H 411 64.39 -5.62 -8.89
C ARG H 411 64.99 -5.58 -10.27
N PRO H 412 66.19 -6.08 -10.47
CA PRO H 412 66.88 -5.89 -11.75
C PRO H 412 66.32 -6.81 -12.81
N HIS H 413 66.73 -6.57 -14.05
CA HIS H 413 66.42 -7.49 -15.11
C HIS H 413 67.22 -8.78 -14.92
N PHE H 414 66.52 -9.89 -14.97
CA PHE H 414 67.16 -11.18 -14.84
C PHE H 414 67.89 -11.50 -16.15
N LYS H 415 69.16 -11.83 -16.02
CA LYS H 415 69.91 -12.22 -17.20
C LYS H 415 69.98 -13.74 -17.28
N TYR H 416 69.87 -14.26 -18.50
CA TYR H 416 69.64 -15.68 -18.77
C TYR H 416 70.87 -16.49 -18.37
N MET H 417 70.78 -17.22 -17.26
CA MET H 417 71.94 -17.96 -16.77
C MET H 417 71.62 -19.42 -16.48
N GLY H 418 71.00 -20.13 -17.40
CA GLY H 418 70.89 -21.57 -17.27
C GLY H 418 69.46 -22.02 -17.44
N ALA H 419 69.31 -23.18 -18.08
CA ALA H 419 67.99 -23.76 -18.26
C ALA H 419 68.13 -25.26 -18.42
N ASN H 420 67.05 -25.98 -18.14
CA ASN H 420 66.97 -27.41 -18.41
C ASN H 420 65.95 -27.66 -19.50
N PHE H 421 66.28 -28.54 -20.43
CA PHE H 421 65.40 -28.88 -21.52
C PHE H 421 65.03 -30.33 -21.50
N GLU H 422 63.77 -30.62 -21.76
CA GLU H 422 63.26 -31.97 -21.92
C GLU H 422 62.53 -32.03 -23.25
N LEU H 423 62.93 -32.95 -24.11
CA LEU H 423 62.31 -33.09 -25.42
C LEU H 423 61.57 -34.42 -25.51
N SER H 424 60.55 -34.47 -26.35
CA SER H 424 59.76 -35.68 -26.50
C SER H 424 59.02 -35.70 -27.83
N LEU H 425 59.22 -36.76 -28.59
CA LEU H 425 58.42 -36.97 -29.78
C LEU H 425 57.01 -37.36 -29.34
N VAL H 426 56.02 -36.88 -30.09
CA VAL H 426 54.62 -37.23 -29.80
C VAL H 426 53.82 -37.04 -31.08
N GLY H 427 52.74 -37.81 -31.21
CA GLY H 427 51.73 -37.56 -32.22
C GLY H 427 50.69 -36.65 -31.64
N ARG H 428 49.58 -36.46 -32.36
CA ARG H 428 48.31 -35.92 -31.86
C ARG H 428 48.39 -34.44 -31.44
N LEU H 429 49.57 -33.81 -31.52
CA LEU H 429 49.73 -32.47 -30.98
C LEU H 429 49.13 -31.42 -31.91
N ASP H 430 48.51 -30.41 -31.31
CA ASP H 430 47.95 -29.29 -32.06
C ASP H 430 49.04 -28.41 -32.63
N SER I 1 70.06 -50.64 -15.84
CA SER I 1 69.17 -49.59 -15.35
C SER I 1 67.94 -49.49 -16.21
N LYS I 2 67.00 -48.68 -15.79
CA LYS I 2 65.76 -48.50 -16.52
C LYS I 2 65.37 -47.04 -16.76
N GLU I 3 65.97 -46.08 -16.05
CA GLU I 3 65.62 -44.68 -16.21
C GLU I 3 66.53 -43.96 -17.20
N GLY I 4 67.37 -44.69 -17.91
CA GLY I 4 68.34 -44.03 -18.73
C GLY I 4 69.40 -43.42 -17.85
N SER I 5 70.11 -42.45 -18.41
CA SER I 5 71.12 -41.73 -17.67
C SER I 5 71.17 -40.30 -18.19
N VAL I 6 71.81 -39.44 -17.40
CA VAL I 6 72.00 -38.05 -17.75
C VAL I 6 73.47 -37.70 -17.62
N ALA I 7 73.86 -36.57 -18.17
CA ALA I 7 75.17 -36.02 -17.92
C ALA I 7 75.16 -35.34 -16.58
N PRO I 8 76.33 -35.04 -16.00
CA PRO I 8 76.35 -34.11 -14.86
C PRO I 8 75.88 -32.74 -15.31
N LYS I 9 75.30 -31.99 -14.37
CA LYS I 9 74.53 -30.79 -14.67
C LYS I 9 75.44 -29.69 -15.21
N GLU I 10 74.98 -29.09 -16.30
CA GLU I 10 75.73 -28.05 -16.98
C GLU I 10 74.90 -26.78 -16.97
N ARG I 11 75.32 -25.78 -17.74
CA ARG I 11 74.51 -24.59 -17.95
C ARG I 11 73.23 -24.89 -18.70
N ILE I 12 73.30 -25.74 -19.71
CA ILE I 12 72.13 -26.10 -20.51
C ILE I 12 71.94 -27.59 -20.38
N ASN I 13 70.96 -28.02 -19.58
CA ASN I 13 70.67 -29.44 -19.42
C ASN I 13 69.65 -29.85 -20.46
N ILE I 14 70.03 -30.77 -21.34
CA ILE I 14 69.10 -31.33 -22.31
C ILE I 14 69.10 -32.82 -22.14
N LYS I 15 67.92 -33.36 -21.84
CA LYS I 15 67.71 -34.79 -21.78
C LYS I 15 66.38 -35.08 -22.43
N TYR I 16 66.22 -36.30 -22.90
CA TYR I 16 64.99 -36.70 -23.55
C TYR I 16 64.25 -37.69 -22.68
N ILE I 17 62.97 -37.43 -22.44
CA ILE I 17 62.10 -38.31 -21.68
C ILE I 17 61.03 -38.83 -22.62
N PRO I 18 60.29 -39.86 -22.24
CA PRO I 18 59.08 -40.15 -22.99
C PRO I 18 58.07 -39.05 -22.74
N ALA I 19 57.96 -38.17 -23.71
CA ALA I 19 57.28 -36.91 -23.50
C ALA I 19 55.78 -37.02 -23.65
N THR I 20 55.26 -38.24 -23.73
CA THR I 20 53.81 -38.43 -23.75
C THR I 20 53.19 -37.98 -22.44
N GLY I 21 53.91 -38.17 -21.34
CA GLY I 21 53.48 -37.72 -20.04
C GLY I 21 52.24 -38.45 -19.58
N ASP I 22 52.10 -39.68 -20.04
CA ASP I 22 50.86 -40.42 -19.86
C ASP I 22 50.79 -40.89 -18.42
N ALA I 23 50.28 -40.02 -17.57
CA ALA I 23 49.86 -40.44 -16.24
C ALA I 23 48.68 -41.40 -16.37
N GLN I 24 48.57 -42.30 -15.39
CA GLN I 24 47.62 -43.41 -15.39
C GLN I 24 47.78 -44.28 -16.64
N ALA I 25 49.02 -44.57 -17.00
CA ALA I 25 49.35 -45.52 -18.05
C ALA I 25 50.40 -46.48 -17.52
N GLU I 26 50.08 -47.76 -17.51
CA GLU I 26 50.98 -48.79 -17.06
C GLU I 26 51.08 -49.85 -18.15
N ALA I 27 52.17 -50.60 -18.15
CA ALA I 27 52.47 -51.54 -19.21
C ALA I 27 52.19 -52.95 -18.72
N GLU I 28 51.55 -53.74 -19.56
CA GLU I 28 51.31 -55.15 -19.29
C GLU I 28 51.54 -55.93 -20.58
N VAL I 29 52.13 -57.11 -20.45
CA VAL I 29 52.17 -58.02 -21.59
C VAL I 29 50.80 -58.68 -21.68
N GLU I 30 50.30 -58.85 -22.92
CA GLU I 30 49.10 -59.63 -23.12
C GLU I 30 49.35 -61.04 -22.63
N LEU I 31 48.71 -61.41 -21.53
CA LEU I 31 49.03 -62.63 -20.85
C LEU I 31 48.60 -63.82 -21.69
N PRO I 32 49.42 -64.85 -21.79
CA PRO I 32 49.05 -65.99 -22.61
C PRO I 32 47.98 -66.82 -21.94
N LEU I 33 47.01 -67.26 -22.75
CA LEU I 33 45.98 -68.19 -22.29
C LEU I 33 46.61 -69.58 -22.21
N LYS I 34 47.33 -69.81 -21.11
CA LYS I 34 48.18 -70.99 -21.04
C LYS I 34 47.37 -72.22 -20.67
N THR I 35 46.93 -72.95 -21.68
CA THR I 35 46.15 -74.15 -21.46
C THR I 35 47.05 -75.26 -20.98
N LEU I 36 46.65 -75.91 -19.90
CA LEU I 36 47.44 -76.97 -19.31
C LEU I 36 46.74 -78.28 -19.59
N VAL I 37 47.06 -78.92 -20.70
CA VAL I 37 46.45 -80.19 -21.06
C VAL I 37 47.04 -81.27 -20.17
N VAL I 38 46.18 -81.92 -19.40
CA VAL I 38 46.57 -82.98 -18.48
C VAL I 38 45.86 -84.25 -18.88
N GLY I 39 46.62 -85.27 -19.25
CA GLY I 39 46.00 -86.53 -19.63
C GLY I 39 47.04 -87.64 -19.68
N ASP I 40 46.53 -88.86 -19.82
CA ASP I 40 47.38 -90.05 -19.85
C ASP I 40 48.14 -90.06 -21.17
N PHE I 41 49.45 -89.87 -21.07
CA PHE I 41 50.30 -89.66 -22.23
C PHE I 41 51.43 -90.66 -22.36
N LYS I 42 51.57 -91.60 -21.43
CA LYS I 42 52.59 -92.63 -21.49
C LYS I 42 51.96 -93.94 -21.04
N GLY I 43 52.60 -95.04 -21.43
CA GLY I 43 51.98 -96.33 -21.21
C GLY I 43 52.12 -96.91 -19.84
N HIS I 44 52.56 -96.13 -18.85
CA HIS I 44 52.86 -96.69 -17.55
C HIS I 44 52.79 -95.61 -16.50
N ALA I 45 52.72 -96.05 -15.25
CA ALA I 45 52.85 -95.14 -14.12
C ALA I 45 54.31 -94.82 -13.88
N GLU I 46 54.57 -93.60 -13.45
CA GLU I 46 55.90 -93.20 -13.07
C GLU I 46 56.01 -93.07 -11.56
N GLN I 47 57.11 -93.58 -11.01
CA GLN I 47 57.32 -93.53 -9.56
C GLN I 47 57.61 -92.12 -9.09
N THR I 48 57.99 -91.22 -9.99
CA THR I 48 58.39 -89.88 -9.62
C THR I 48 57.17 -89.12 -9.10
N PRO I 49 57.28 -88.46 -7.93
CA PRO I 49 56.11 -87.79 -7.36
C PRO I 49 55.68 -86.60 -8.20
N LEU I 50 54.47 -86.14 -7.95
CA LEU I 50 53.82 -85.25 -8.90
C LEU I 50 54.45 -83.86 -8.88
N GLU I 51 55.01 -83.46 -7.73
CA GLU I 51 55.62 -82.15 -7.64
C GLU I 51 56.94 -82.05 -8.38
N GLU I 52 57.57 -83.17 -8.70
CA GLU I 52 58.92 -83.13 -9.27
C GLU I 52 58.92 -83.27 -10.79
N ARG I 53 57.95 -83.97 -11.37
CA ARG I 53 57.92 -84.07 -12.82
C ARG I 53 57.51 -82.73 -13.42
N ALA I 54 57.97 -82.46 -14.63
CA ALA I 54 57.93 -81.11 -15.17
C ALA I 54 56.92 -81.00 -16.31
N THR I 55 56.47 -79.78 -16.55
CA THR I 55 55.61 -79.48 -17.67
C THR I 55 56.45 -79.40 -18.94
N VAL I 56 55.81 -79.72 -20.06
CA VAL I 56 56.49 -79.76 -21.35
C VAL I 56 55.82 -78.78 -22.28
N THR I 57 56.54 -77.75 -22.69
CA THR I 57 56.00 -76.78 -23.61
C THR I 57 55.88 -77.41 -24.98
N VAL I 58 54.71 -77.27 -25.59
CA VAL I 58 54.42 -77.84 -26.89
C VAL I 58 53.95 -76.74 -27.81
N ASP I 59 54.59 -76.61 -28.96
CA ASP I 59 53.98 -75.81 -30.01
C ASP I 59 53.91 -76.65 -31.28
N LYS I 60 53.56 -76.00 -32.38
CA LYS I 60 53.56 -76.68 -33.66
C LYS I 60 54.99 -76.97 -34.11
N ASN I 61 55.94 -76.19 -33.63
CA ASN I 61 57.29 -76.26 -34.17
C ASN I 61 58.16 -77.30 -33.49
N ASN I 62 57.73 -77.87 -32.38
CA ASN I 62 58.52 -78.98 -31.84
C ASN I 62 57.66 -80.15 -31.37
N PHE I 63 56.49 -80.40 -31.95
CA PHE I 63 55.63 -81.46 -31.47
C PHE I 63 56.24 -82.82 -31.73
N GLU I 64 56.89 -82.99 -32.87
CA GLU I 64 57.61 -84.24 -33.11
C GLU I 64 58.83 -84.34 -32.19
N ALA I 65 59.38 -83.21 -31.77
CA ALA I 65 60.45 -83.27 -30.79
C ALA I 65 59.91 -83.60 -29.42
N VAL I 66 58.67 -83.22 -29.13
CA VAL I 66 58.07 -83.55 -27.84
C VAL I 66 57.73 -85.03 -27.77
N MET I 67 57.14 -85.57 -28.84
CA MET I 67 56.91 -87.00 -28.88
C MET I 67 58.22 -87.77 -28.95
N ARG I 68 59.26 -87.14 -29.50
CA ARG I 68 60.57 -87.79 -29.58
C ARG I 68 61.20 -87.90 -28.20
N GLU I 69 61.19 -86.80 -27.45
CA GLU I 69 61.81 -86.82 -26.13
C GLU I 69 60.95 -87.53 -25.11
N SER I 70 59.67 -87.75 -25.41
CA SER I 70 58.78 -88.35 -24.43
C SER I 70 59.09 -89.81 -24.18
N GLU I 71 59.73 -90.48 -25.16
CA GLU I 71 60.10 -91.89 -25.12
C GLU I 71 58.90 -92.78 -24.85
N LEU I 72 57.94 -92.75 -25.77
CA LEU I 72 56.70 -93.48 -25.65
C LEU I 72 56.96 -94.97 -25.70
N LYS I 73 56.01 -95.75 -25.18
CA LYS I 73 56.18 -97.19 -25.12
C LYS I 73 54.83 -97.83 -24.86
N ILE I 74 54.58 -98.95 -25.53
CA ILE I 74 53.46 -99.84 -25.20
C ILE I 74 54.00 -101.27 -25.22
N THR I 75 53.80 -101.99 -24.14
CA THR I 75 54.19 -103.39 -24.04
C THR I 75 52.96 -104.19 -23.60
N ALA I 76 52.40 -104.99 -24.51
CA ALA I 76 51.13 -105.64 -24.24
C ALA I 76 51.00 -106.91 -25.04
N THR I 77 49.81 -107.53 -24.93
CA THR I 77 49.52 -108.82 -25.50
C THR I 77 48.22 -108.75 -26.29
N VAL I 78 48.23 -109.30 -27.50
CA VAL I 78 47.05 -109.34 -28.36
C VAL I 78 46.74 -110.79 -28.73
N LYS I 79 45.50 -111.00 -29.20
CA LYS I 79 45.13 -112.29 -29.76
C LYS I 79 45.78 -112.48 -31.12
N ASN I 80 46.38 -113.65 -31.32
CA ASN I 80 47.15 -113.95 -32.53
C ASN I 80 46.27 -114.69 -33.52
N LYS I 81 46.10 -114.12 -34.71
CA LYS I 81 45.22 -114.68 -35.73
C LYS I 81 45.94 -115.07 -37.02
N LEU I 82 47.19 -115.53 -36.92
CA LEU I 82 47.90 -116.09 -38.05
C LEU I 82 47.72 -117.59 -38.18
N THR I 83 46.85 -118.19 -37.38
CA THR I 83 46.62 -119.62 -37.37
C THR I 83 45.18 -119.86 -36.91
N ASP I 84 44.90 -121.09 -36.47
CA ASP I 84 43.54 -121.43 -36.07
C ASP I 84 43.45 -121.85 -34.61
N ASP I 85 44.08 -121.09 -33.71
CA ASP I 85 44.12 -121.45 -32.29
C ASP I 85 43.70 -120.22 -31.48
N GLU I 86 42.86 -120.45 -30.46
CA GLU I 86 42.39 -119.37 -29.59
C GLU I 86 43.43 -119.00 -28.54
N ASN I 87 44.13 -119.98 -27.98
CA ASN I 87 45.10 -119.75 -26.93
C ASN I 87 46.38 -119.09 -27.45
N ALA I 88 46.61 -119.11 -28.75
CA ALA I 88 47.80 -118.52 -29.33
C ALA I 88 47.72 -117.01 -29.22
N GLU I 89 48.65 -116.44 -28.47
CA GLU I 89 48.68 -115.01 -28.25
C GLU I 89 49.95 -114.44 -28.85
N LEU I 90 49.91 -113.17 -29.22
CA LEU I 90 51.07 -112.51 -29.79
C LEU I 90 51.55 -111.41 -28.87
N PRO I 91 52.69 -111.56 -28.22
CA PRO I 91 53.25 -110.44 -27.46
C PRO I 91 53.87 -109.40 -28.39
N VAL I 92 53.60 -108.13 -28.12
CA VAL I 92 54.17 -107.04 -28.91
C VAL I 92 54.99 -106.16 -27.99
N GLU I 93 56.01 -105.53 -28.56
CA GLU I 93 56.89 -104.60 -27.86
C GLU I 93 57.21 -103.48 -28.84
N LEU I 94 56.59 -102.33 -28.66
CA LEU I 94 56.67 -101.25 -29.64
C LEU I 94 57.51 -100.10 -29.11
N ASN I 95 57.95 -99.24 -30.03
CA ASN I 95 58.59 -97.99 -29.69
C ASN I 95 58.09 -96.90 -30.62
N PHE I 96 57.76 -95.75 -30.06
CA PHE I 96 57.05 -94.71 -30.79
C PHE I 96 57.87 -93.44 -30.74
N LYS I 97 57.92 -92.73 -31.85
CA LYS I 97 58.65 -91.48 -31.88
C LYS I 97 57.85 -90.31 -32.42
N SER I 98 56.96 -90.53 -33.39
CA SER I 98 56.13 -89.46 -33.92
C SER I 98 54.81 -90.07 -34.37
N LEU I 99 53.96 -89.23 -34.96
CA LEU I 99 52.64 -89.72 -35.32
C LEU I 99 52.64 -90.53 -36.61
N ALA I 100 53.80 -90.69 -37.24
CA ALA I 100 53.91 -91.71 -38.26
C ALA I 100 53.88 -93.10 -37.66
N ASP I 101 54.30 -93.25 -36.41
CA ASP I 101 54.48 -94.57 -35.81
C ASP I 101 53.18 -95.25 -35.42
N PHE I 102 52.04 -94.59 -35.58
CA PHE I 102 50.77 -95.24 -35.28
C PHE I 102 50.11 -95.80 -36.53
N ALA I 103 50.71 -95.58 -37.69
CA ALA I 103 50.23 -96.14 -38.94
C ALA I 103 50.46 -97.65 -38.96
N PRO I 104 49.74 -98.39 -39.80
CA PRO I 104 50.02 -99.83 -39.90
C PRO I 104 51.33 -100.16 -40.59
N ASP I 105 51.97 -99.17 -41.22
CA ASP I 105 53.28 -99.41 -41.81
C ASP I 105 54.34 -99.63 -40.73
N ALA I 106 54.48 -98.65 -39.84
CA ALA I 106 55.50 -98.76 -38.79
C ALA I 106 55.13 -99.82 -37.77
N VAL I 107 53.84 -100.00 -37.51
CA VAL I 107 53.40 -101.09 -36.64
C VAL I 107 53.68 -102.42 -37.32
N ALA I 108 53.56 -102.47 -38.64
CA ALA I 108 53.92 -103.67 -39.37
C ALA I 108 55.42 -103.92 -39.35
N SER I 109 56.20 -102.85 -39.16
CA SER I 109 57.64 -103.04 -39.07
C SER I 109 58.09 -103.41 -37.66
N GLN I 110 57.36 -102.98 -36.63
CA GLN I 110 57.83 -103.15 -35.27
C GLN I 110 57.39 -104.46 -34.63
N VAL I 111 56.61 -105.28 -35.34
CA VAL I 111 56.31 -106.60 -34.82
C VAL I 111 56.88 -107.60 -35.82
N PRO I 112 57.90 -108.38 -35.45
CA PRO I 112 58.57 -109.26 -36.43
C PRO I 112 57.69 -110.36 -36.98
N GLU I 113 56.68 -110.78 -36.20
CA GLU I 113 55.73 -111.78 -36.67
C GLU I 113 54.82 -111.24 -37.78
N LEU I 114 54.81 -109.93 -37.98
CA LEU I 114 54.24 -109.33 -39.17
C LEU I 114 55.29 -108.88 -40.17
N LYS I 115 56.48 -108.50 -39.70
CA LYS I 115 57.52 -108.00 -40.59
C LYS I 115 58.01 -109.08 -41.53
N LYS I 116 58.10 -110.31 -41.03
CA LYS I 116 58.48 -111.43 -41.88
C LYS I 116 57.41 -111.73 -42.92
N LEU I 117 56.14 -111.43 -42.62
CA LEU I 117 55.10 -111.63 -43.61
C LEU I 117 55.05 -110.50 -44.62
N ILE I 118 55.44 -109.28 -44.23
CA ILE I 118 55.56 -108.20 -45.21
C ILE I 118 56.70 -108.50 -46.16
N GLU I 119 57.84 -108.97 -45.63
CA GLU I 119 58.96 -109.30 -46.50
C GLU I 119 58.65 -110.52 -47.37
N LEU I 120 57.90 -111.48 -46.82
CA LEU I 120 57.51 -112.65 -47.61
C LEU I 120 56.52 -112.27 -48.70
N ARG I 121 55.67 -111.27 -48.41
CA ARG I 121 54.82 -110.70 -49.43
C ARG I 121 55.65 -110.02 -50.49
N GLU I 122 56.76 -109.39 -50.09
CA GLU I 122 57.66 -108.77 -51.06
C GLU I 122 58.41 -109.84 -51.87
N ALA I 123 58.54 -111.04 -51.32
CA ALA I 123 59.08 -112.15 -52.11
C ALA I 123 58.05 -112.67 -53.11
N LEU I 124 56.77 -112.66 -52.73
CA LEU I 124 55.75 -113.19 -53.62
C LEU I 124 55.39 -112.19 -54.72
N VAL I 125 55.52 -110.89 -54.45
CA VAL I 125 55.21 -109.89 -55.48
C VAL I 125 56.31 -109.84 -56.53
N ALA I 126 57.58 -109.83 -56.10
CA ALA I 126 58.70 -109.76 -57.03
C ALA I 126 58.86 -111.02 -57.86
N LEU I 127 58.49 -112.18 -57.31
CA LEU I 127 58.47 -113.49 -57.96
C LEU I 127 59.84 -113.90 -58.50
N ASN J 1 49.18 -119.54 -63.42
CA ASN J 1 50.37 -119.46 -62.58
C ASN J 1 50.39 -118.15 -61.80
N LYS J 2 50.30 -117.04 -62.54
CA LYS J 2 50.34 -115.71 -61.94
C LYS J 2 49.11 -115.47 -61.07
N SER J 3 47.97 -115.99 -61.50
CA SER J 3 46.72 -115.80 -60.76
C SER J 3 46.76 -116.53 -59.43
N LEU J 4 47.49 -117.64 -59.37
CA LEU J 4 47.64 -118.33 -58.09
C LEU J 4 48.53 -117.55 -57.15
N VAL J 5 49.54 -116.87 -57.70
CA VAL J 5 50.39 -116.00 -56.89
C VAL J 5 49.59 -114.83 -56.34
N ASP J 6 48.68 -114.28 -57.16
CA ASP J 6 47.85 -113.17 -56.71
C ASP J 6 46.82 -113.64 -55.67
N GLN J 7 46.33 -114.88 -55.79
CA GLN J 7 45.45 -115.42 -54.76
C GLN J 7 46.20 -115.62 -53.45
N MET J 8 47.47 -116.00 -53.53
CA MET J 8 48.29 -116.06 -52.32
C MET J 8 48.54 -114.67 -51.74
N LEU J 9 48.58 -113.64 -52.60
CA LEU J 9 48.70 -112.28 -52.09
C LEU J 9 47.44 -111.82 -51.39
N VAL J 10 46.27 -112.21 -51.90
CA VAL J 10 45.01 -111.82 -51.26
C VAL J 10 44.84 -112.53 -49.92
N GLU J 11 45.17 -113.83 -49.88
CA GLU J 11 45.08 -114.55 -48.62
C GLU J 11 46.10 -114.06 -47.60
N LEU J 12 47.29 -113.70 -48.07
CA LEU J 12 48.32 -113.21 -47.15
C LEU J 12 47.95 -111.83 -46.62
N ASP J 13 47.33 -111.00 -47.47
CA ASP J 13 46.85 -109.69 -47.00
C ASP J 13 45.69 -109.87 -46.03
N LYS J 14 44.92 -110.95 -46.17
CA LYS J 14 43.90 -111.26 -45.18
C LYS J 14 44.55 -111.66 -43.85
N LYS J 15 45.72 -112.29 -43.91
CA LYS J 15 46.38 -112.67 -42.67
C LYS J 15 47.00 -111.46 -41.96
N ILE J 16 47.74 -110.63 -42.70
CA ILE J 16 48.43 -109.50 -42.08
C ILE J 16 47.42 -108.44 -41.66
N SER J 17 46.38 -108.23 -42.48
CA SER J 17 45.32 -107.31 -42.08
C SER J 17 44.51 -107.87 -40.92
N ALA J 18 44.40 -109.19 -40.84
CA ALA J 18 43.68 -109.81 -39.74
C ALA J 18 44.41 -109.61 -38.42
N GLN J 19 45.74 -109.65 -38.44
CA GLN J 19 46.48 -109.37 -37.21
C GLN J 19 46.51 -107.88 -36.91
N MET J 20 46.65 -107.06 -37.94
CA MET J 20 46.78 -105.62 -37.77
C MET J 20 45.50 -105.02 -37.21
N ASP J 21 44.36 -105.63 -37.55
CA ASP J 21 43.11 -105.27 -36.91
C ASP J 21 43.14 -105.55 -35.41
N GLU J 22 43.91 -106.55 -34.99
CA GLU J 22 43.95 -106.85 -33.56
C GLU J 22 44.93 -105.95 -32.83
N ILE J 23 46.02 -105.54 -33.49
CA ILE J 23 46.93 -104.63 -32.80
C ILE J 23 46.33 -103.23 -32.71
N LEU J 24 45.78 -102.73 -33.81
CA LEU J 24 45.30 -101.36 -33.80
C LEU J 24 44.04 -101.18 -32.97
N HIS J 25 43.34 -102.24 -32.62
CA HIS J 25 42.17 -102.11 -31.76
C HIS J 25 42.50 -102.40 -30.32
N ASN J 26 43.78 -102.42 -29.96
CA ASN J 26 44.17 -102.65 -28.57
C ASN J 26 43.81 -101.44 -27.72
N SER J 27 43.29 -101.72 -26.53
CA SER J 27 42.69 -100.67 -25.71
C SER J 27 43.72 -99.69 -25.19
N GLN J 28 44.85 -100.21 -24.71
CA GLN J 28 45.95 -99.33 -24.31
C GLN J 28 46.48 -98.57 -25.52
N PHE J 29 46.49 -99.21 -26.68
CA PHE J 29 46.96 -98.55 -27.89
C PHE J 29 45.94 -97.52 -28.36
N GLN J 30 44.66 -97.76 -28.09
CA GLN J 30 43.68 -96.73 -28.37
C GLN J 30 43.80 -95.59 -27.40
N ALA J 31 44.29 -95.86 -26.19
CA ALA J 31 44.48 -94.77 -25.23
C ALA J 31 45.65 -93.88 -25.65
N MET J 32 46.75 -94.51 -26.05
CA MET J 32 47.92 -93.75 -26.49
C MET J 32 47.63 -93.00 -27.78
N GLU J 33 47.09 -93.71 -28.77
CA GLU J 33 46.85 -93.12 -30.07
C GLU J 33 45.75 -92.07 -29.99
N SER J 34 44.76 -92.30 -29.13
CA SER J 34 43.69 -91.34 -28.96
C SER J 34 44.21 -90.08 -28.29
N ALA J 35 45.06 -90.23 -27.28
CA ALA J 35 45.57 -89.08 -26.55
C ALA J 35 46.50 -88.26 -27.44
N TRP J 36 47.41 -88.91 -28.14
CA TRP J 36 48.37 -88.13 -28.91
C TRP J 36 47.79 -87.62 -30.21
N ARG J 37 47.02 -88.43 -30.92
CA ARG J 37 46.47 -87.98 -32.19
C ARG J 37 45.40 -86.93 -31.93
N GLY J 38 44.62 -87.11 -30.88
CA GLY J 38 43.72 -86.06 -30.46
C GLY J 38 44.47 -84.82 -30.00
N LEU J 39 45.66 -85.01 -29.44
CA LEU J 39 46.44 -83.87 -29.00
C LEU J 39 46.92 -83.06 -30.18
N LYS J 40 47.34 -83.72 -31.27
CA LYS J 40 47.73 -82.95 -32.44
C LYS J 40 46.50 -82.30 -33.08
N LEU J 41 45.34 -82.95 -32.97
CA LEU J 41 44.10 -82.35 -33.46
C LEU J 41 43.78 -81.06 -32.71
N PHE J 42 44.09 -81.01 -31.42
CA PHE J 42 43.96 -79.74 -30.71
C PHE J 42 45.06 -78.76 -31.11
N VAL J 43 46.28 -79.26 -31.32
CA VAL J 43 47.42 -78.37 -31.45
C VAL J 43 47.38 -77.61 -32.78
N ASP J 44 47.18 -78.33 -33.89
CA ASP J 44 47.32 -77.66 -35.17
C ASP J 44 46.15 -76.75 -35.53
N ARG J 45 45.05 -76.80 -34.77
CA ARG J 45 43.91 -75.94 -35.05
C ARG J 45 43.99 -74.64 -34.29
N THR J 46 44.97 -74.48 -33.42
CA THR J 46 45.14 -73.22 -32.70
C THR J 46 46.11 -72.34 -33.49
N ASP J 47 46.49 -71.21 -32.89
CA ASP J 47 47.34 -70.24 -33.59
C ASP J 47 48.36 -69.69 -32.62
N PHE J 48 49.55 -70.30 -32.59
CA PHE J 48 50.55 -69.97 -31.58
C PHE J 48 51.33 -68.72 -31.90
N ARG J 49 51.09 -68.10 -33.05
CA ARG J 49 51.63 -66.78 -33.28
C ARG J 49 50.76 -65.68 -32.70
N GLU J 50 49.72 -66.03 -31.95
CA GLU J 50 48.94 -65.03 -31.23
C GLU J 50 48.97 -65.25 -29.72
N ASN J 51 50.14 -65.62 -29.19
CA ASN J 51 50.41 -65.74 -27.75
C ASN J 51 49.50 -66.77 -27.07
N ASN J 52 49.64 -68.02 -27.47
CA ASN J 52 48.99 -69.12 -26.78
C ASN J 52 50.03 -70.18 -26.48
N LYS J 53 50.01 -70.70 -25.27
CA LYS J 53 50.93 -71.78 -24.97
C LYS J 53 50.16 -72.95 -24.40
N VAL J 54 50.47 -74.13 -24.90
CA VAL J 54 49.87 -75.34 -24.36
C VAL J 54 50.97 -76.17 -23.73
N GLU J 55 50.77 -76.53 -22.49
CA GLU J 55 51.74 -77.30 -21.75
C GLU J 55 51.15 -78.67 -21.45
N ILE J 56 52.03 -79.63 -21.29
CA ILE J 56 51.67 -81.02 -21.18
C ILE J 56 52.21 -81.54 -19.86
N LEU J 57 51.36 -82.19 -19.08
CA LEU J 57 51.81 -82.86 -17.87
C LEU J 57 51.19 -84.24 -17.81
N HIS J 58 52.03 -85.27 -17.91
CA HIS J 58 51.58 -86.65 -17.91
C HIS J 58 51.06 -87.04 -16.54
N VAL J 59 49.75 -87.10 -16.38
CA VAL J 59 49.16 -87.50 -15.11
C VAL J 59 48.04 -88.47 -15.39
N THR J 60 48.04 -89.61 -14.73
CA THR J 60 46.86 -90.47 -14.75
C THR J 60 46.00 -90.16 -13.54
N LYS J 61 44.74 -90.63 -13.58
CA LYS J 61 43.76 -90.25 -12.56
C LYS J 61 44.14 -90.77 -11.19
N ASP J 62 44.77 -91.92 -11.15
CA ASP J 62 45.07 -92.57 -9.88
C ASP J 62 46.14 -91.82 -9.11
N GLU J 63 46.96 -91.04 -9.81
CA GLU J 63 47.90 -90.23 -9.05
C GLU J 63 47.41 -88.80 -8.82
N LEU J 64 46.32 -88.39 -9.46
CA LEU J 64 45.64 -87.20 -8.96
C LEU J 64 44.93 -87.51 -7.66
N LEU J 65 44.32 -88.70 -7.56
CA LEU J 65 43.62 -89.02 -6.34
C LEU J 65 44.59 -89.42 -5.24
N GLU J 66 45.59 -90.22 -5.57
CA GLU J 66 46.63 -90.58 -4.61
C GLU J 66 47.42 -89.35 -4.21
N ASP J 67 47.59 -88.41 -5.14
CA ASP J 67 48.32 -87.19 -4.85
C ASP J 67 47.53 -86.27 -3.92
N PHE J 68 46.29 -85.99 -4.28
CA PHE J 68 45.45 -85.12 -3.47
C PHE J 68 45.19 -85.70 -2.09
N GLU J 69 44.97 -87.00 -1.99
CA GLU J 69 44.78 -87.57 -0.66
C GLU J 69 46.09 -87.65 0.09
N PHE J 70 47.22 -87.79 -0.61
CA PHE J 70 48.50 -87.78 0.08
C PHE J 70 48.87 -86.38 0.50
N ALA J 71 48.34 -85.38 -0.19
CA ALA J 71 48.55 -84.00 0.20
C ALA J 71 47.68 -83.68 1.42
N PRO J 72 48.18 -82.86 2.33
CA PRO J 72 47.43 -82.61 3.57
C PRO J 72 46.20 -81.75 3.33
N GLU J 73 46.19 -81.05 2.22
CA GLU J 73 45.04 -80.26 1.81
C GLU J 73 45.12 -80.11 0.29
N THR J 74 44.35 -79.17 -0.25
CA THR J 74 44.50 -78.89 -1.67
C THR J 74 45.66 -77.97 -1.93
N ALA J 75 46.10 -77.25 -0.91
CA ALA J 75 47.02 -76.15 -1.12
C ALA J 75 48.48 -76.55 -1.09
N GLN J 76 48.79 -77.82 -1.00
CA GLN J 76 50.19 -78.24 -1.02
C GLN J 76 50.43 -79.42 -1.93
N SER J 77 49.51 -79.72 -2.84
CA SER J 77 49.71 -80.84 -3.73
C SER J 77 50.72 -80.49 -4.81
N GLY J 78 50.98 -81.46 -5.68
CA GLY J 78 51.86 -81.20 -6.80
C GLY J 78 51.21 -80.30 -7.83
N LEU J 79 49.96 -80.61 -8.20
CA LEU J 79 49.31 -79.89 -9.28
C LEU J 79 48.99 -78.47 -8.89
N TYR J 80 48.81 -78.23 -7.60
CA TYR J 80 48.66 -76.86 -7.11
C TYR J 80 49.95 -76.08 -7.25
N LYS J 81 51.09 -76.78 -7.25
CA LYS J 81 52.36 -76.11 -7.44
C LYS J 81 52.69 -75.93 -8.91
N HIS J 82 52.11 -76.75 -9.78
CA HIS J 82 52.36 -76.53 -11.20
C HIS J 82 51.40 -75.50 -11.78
N VAL J 83 50.22 -75.36 -11.19
CA VAL J 83 49.22 -74.43 -11.71
C VAL J 83 49.31 -73.11 -10.97
N TYR J 84 49.19 -73.14 -9.65
CA TYR J 84 49.09 -71.92 -8.87
C TYR J 84 50.46 -71.30 -8.61
N SER J 85 51.34 -72.06 -7.96
CA SER J 85 52.53 -71.47 -7.35
C SER J 85 53.59 -71.17 -8.39
N ALA J 86 53.72 -72.00 -9.42
CA ALA J 86 54.64 -71.66 -10.49
C ALA J 86 54.03 -70.74 -11.51
N GLY J 87 52.74 -70.47 -11.40
CA GLY J 87 52.06 -69.60 -12.32
C GLY J 87 51.54 -68.34 -11.67
N TYR J 88 50.27 -68.39 -11.29
CA TYR J 88 49.46 -67.22 -10.99
C TYR J 88 50.00 -66.41 -9.83
N GLY J 89 50.54 -67.07 -8.83
CA GLY J 89 50.98 -66.36 -7.64
C GLY J 89 52.48 -66.22 -7.54
N GLN J 90 53.18 -66.30 -8.67
CA GLN J 90 54.63 -66.16 -8.71
C GLN J 90 54.95 -64.80 -9.29
N PHE J 91 55.93 -64.12 -8.71
CA PHE J 91 56.32 -62.80 -9.16
C PHE J 91 56.87 -62.88 -10.59
N GLY J 92 56.09 -62.40 -11.55
CA GLY J 92 56.51 -62.35 -12.92
C GLY J 92 56.02 -63.49 -13.79
N GLY J 93 55.35 -64.48 -13.22
CA GLY J 93 54.86 -65.62 -13.98
C GLY J 93 53.64 -65.27 -14.80
N GLU J 94 53.00 -66.30 -15.33
CA GLU J 94 51.86 -66.11 -16.21
C GLU J 94 50.73 -67.00 -15.72
N PRO J 95 49.51 -66.53 -15.81
CA PRO J 95 48.41 -67.30 -15.22
C PRO J 95 47.98 -68.47 -16.09
N VAL J 96 47.44 -69.51 -15.47
CA VAL J 96 46.88 -70.62 -16.22
C VAL J 96 45.46 -70.26 -16.66
N GLY J 97 45.22 -70.27 -17.96
CA GLY J 97 43.94 -69.79 -18.46
C GLY J 97 42.85 -70.83 -18.36
N ALA J 98 43.17 -72.07 -18.71
CA ALA J 98 42.20 -73.15 -18.68
C ALA J 98 42.95 -74.46 -18.52
N ILE J 99 42.25 -75.47 -18.00
CA ILE J 99 42.82 -76.79 -17.81
C ILE J 99 41.93 -77.77 -18.53
N ILE J 100 42.54 -78.58 -19.39
CA ILE J 100 41.81 -79.53 -20.20
C ILE J 100 42.19 -80.92 -19.73
N GLY J 101 41.20 -81.71 -19.32
CA GLY J 101 41.44 -83.03 -18.81
C GLY J 101 41.13 -84.08 -19.87
N ASN J 102 42.16 -84.83 -20.24
CA ASN J 102 41.98 -85.93 -21.18
C ASN J 102 41.62 -87.19 -20.38
N TYR J 103 40.49 -87.11 -19.72
CA TYR J 103 40.02 -88.16 -18.82
C TYR J 103 38.62 -88.58 -19.24
N ALA J 104 38.10 -89.57 -18.53
CA ALA J 104 36.69 -89.93 -18.63
C ALA J 104 36.18 -90.21 -17.22
N PHE J 105 35.03 -89.65 -16.88
CA PHE J 105 34.56 -89.67 -15.50
C PHE J 105 33.35 -90.58 -15.35
N THR J 106 33.35 -91.33 -14.27
CA THR J 106 32.30 -92.27 -13.90
C THR J 106 31.62 -91.73 -12.66
N PRO J 107 30.50 -92.28 -12.20
CA PRO J 107 29.98 -91.87 -10.89
C PRO J 107 30.70 -92.46 -9.70
N SER J 108 31.88 -93.05 -9.88
CA SER J 108 32.58 -93.64 -8.76
C SER J 108 33.11 -92.57 -7.83
N THR J 109 33.04 -92.87 -6.54
CA THR J 109 33.52 -91.98 -5.49
C THR J 109 34.95 -91.44 -5.68
N PRO J 110 35.92 -92.19 -6.24
CA PRO J 110 37.18 -91.51 -6.62
C PRO J 110 37.01 -90.40 -7.65
N ASP J 111 36.10 -90.53 -8.60
CA ASP J 111 35.97 -89.49 -9.61
C ASP J 111 35.30 -88.25 -9.06
N MET J 112 34.33 -88.42 -8.17
CA MET J 112 33.65 -87.25 -7.65
C MET J 112 34.49 -86.57 -6.57
N LYS J 113 35.33 -87.32 -5.87
CA LYS J 113 36.30 -86.65 -5.01
C LYS J 113 37.33 -85.92 -5.84
N LEU J 114 37.67 -86.47 -7.00
CA LEU J 114 38.56 -85.78 -7.93
C LEU J 114 37.95 -84.46 -8.41
N LEU J 115 36.65 -84.45 -8.70
CA LEU J 115 36.07 -83.20 -9.17
C LEU J 115 35.82 -82.21 -8.04
N GLN J 116 35.66 -82.68 -6.82
CA GLN J 116 35.60 -81.72 -5.71
C GLN J 116 36.94 -81.02 -5.57
N TYR J 117 38.01 -81.79 -5.61
CA TYR J 117 39.32 -81.18 -5.44
C TYR J 117 39.71 -80.31 -6.63
N MET J 118 39.38 -80.72 -7.85
CA MET J 118 39.71 -79.87 -9.00
C MET J 118 38.80 -78.67 -9.06
N GLY J 119 37.63 -78.74 -8.43
CA GLY J 119 36.88 -77.53 -8.17
C GLY J 119 37.62 -76.59 -7.24
N ALA J 120 38.32 -77.15 -6.26
CA ALA J 120 39.08 -76.29 -5.35
C ALA J 120 40.29 -75.67 -6.04
N LEU J 121 40.99 -76.45 -6.85
CA LEU J 121 42.14 -75.93 -7.59
C LEU J 121 41.71 -74.88 -8.58
N GLY J 122 40.59 -75.13 -9.27
CA GLY J 122 40.02 -74.12 -10.14
C GLY J 122 39.54 -72.90 -9.38
N ALA J 123 39.27 -73.06 -8.09
CA ALA J 123 38.88 -71.90 -7.30
C ALA J 123 40.08 -71.03 -6.97
N MET J 124 41.15 -71.61 -6.48
CA MET J 124 42.25 -70.77 -6.05
C MET J 124 43.14 -70.36 -7.21
N ALA J 125 42.99 -70.99 -8.36
CA ALA J 125 43.90 -70.65 -9.45
C ALA J 125 43.20 -70.09 -10.67
N HIS J 126 41.87 -69.94 -10.63
CA HIS J 126 41.05 -69.38 -11.70
C HIS J 126 41.26 -70.09 -13.02
N ALA J 127 41.14 -71.41 -13.00
CA ALA J 127 41.32 -72.19 -14.18
C ALA J 127 40.15 -73.15 -14.28
N PRO J 128 39.31 -73.03 -15.29
CA PRO J 128 38.22 -73.97 -15.45
C PRO J 128 38.74 -75.32 -15.90
N PHE J 129 38.20 -76.38 -15.32
CA PHE J 129 38.59 -77.74 -15.65
C PHE J 129 37.54 -78.33 -16.57
N ILE J 130 37.99 -78.87 -17.70
CA ILE J 130 37.11 -79.44 -18.70
C ILE J 130 37.51 -80.90 -18.89
N SER J 131 36.52 -81.78 -18.99
CA SER J 131 36.84 -83.18 -19.13
C SER J 131 35.74 -83.85 -19.93
N SER J 132 35.68 -85.18 -19.88
CA SER J 132 34.68 -85.92 -20.61
C SER J 132 33.86 -86.79 -19.68
N VAL J 133 32.57 -86.77 -19.91
CA VAL J 133 31.63 -87.71 -19.33
C VAL J 133 31.72 -89.01 -20.11
N GLY J 134 32.02 -90.08 -19.41
CA GLY J 134 32.13 -91.38 -20.01
C GLY J 134 30.76 -91.98 -20.30
N PRO J 135 30.74 -93.08 -21.03
CA PRO J 135 29.45 -93.68 -21.39
C PRO J 135 28.67 -94.23 -20.21
N GLU J 136 29.35 -94.75 -19.17
CA GLU J 136 28.57 -95.32 -18.08
C GLU J 136 28.14 -94.28 -17.05
N PHE J 137 28.32 -93.00 -17.34
CA PHE J 137 27.85 -92.00 -16.40
C PHE J 137 26.35 -91.83 -16.49
N PHE J 138 25.74 -92.22 -17.59
CA PHE J 138 24.31 -92.05 -17.79
C PHE J 138 23.57 -93.34 -17.49
N GLY J 139 24.29 -94.40 -17.15
CA GLY J 139 23.70 -95.68 -16.85
C GLY J 139 23.61 -96.64 -18.01
N ILE J 140 24.23 -96.34 -19.13
CA ILE J 140 24.08 -97.15 -20.34
C ILE J 140 25.43 -97.67 -20.78
N ASP J 141 25.40 -98.46 -21.85
CA ASP J 141 26.60 -99.13 -22.34
C ASP J 141 27.52 -98.15 -23.05
N SER J 142 27.07 -97.61 -24.16
CA SER J 142 27.84 -96.66 -24.93
C SER J 142 26.87 -95.60 -25.42
N PHE J 143 27.42 -94.59 -26.10
CA PHE J 143 26.65 -93.39 -26.38
C PHE J 143 25.60 -93.57 -27.45
N GLU J 144 25.54 -94.73 -28.08
CA GLU J 144 24.56 -94.88 -29.15
C GLU J 144 23.17 -95.24 -28.65
N GLU J 145 22.82 -94.92 -27.41
CA GLU J 145 21.45 -95.05 -26.94
C GLU J 145 20.90 -93.77 -26.33
N LEU J 146 21.53 -92.63 -26.58
CA LEU J 146 20.89 -91.37 -26.22
C LEU J 146 19.57 -91.09 -26.97
N PRO J 147 19.33 -91.56 -28.19
CA PRO J 147 17.94 -91.59 -28.65
C PRO J 147 17.06 -92.61 -27.95
N ASN J 148 17.61 -93.52 -27.17
CA ASN J 148 16.79 -94.54 -26.55
C ASN J 148 16.54 -94.32 -25.07
N ILE J 149 17.07 -93.27 -24.47
CA ILE J 149 16.78 -92.97 -23.08
C ILE J 149 15.60 -92.01 -23.02
N LYS J 150 14.57 -92.36 -22.26
CA LYS J 150 13.33 -91.59 -22.29
C LYS J 150 13.47 -90.24 -21.58
N ASP J 151 14.15 -90.20 -20.44
CA ASP J 151 14.18 -88.96 -19.68
C ASP J 151 15.43 -88.90 -18.80
N LEU J 152 16.22 -87.84 -18.95
CA LEU J 152 17.47 -87.74 -18.18
C LEU J 152 17.22 -87.11 -16.82
N LYS J 153 16.29 -86.16 -16.74
CA LYS J 153 16.00 -85.48 -15.49
C LYS J 153 15.45 -86.45 -14.46
N SER J 154 14.69 -87.46 -14.92
CA SER J 154 14.22 -88.48 -13.99
C SER J 154 15.23 -89.61 -13.84
N THR J 155 16.23 -89.68 -14.73
CA THR J 155 17.29 -90.64 -14.55
C THR J 155 18.19 -90.24 -13.40
N PHE J 156 18.50 -88.95 -13.30
CA PHE J 156 19.48 -88.53 -12.28
C PHE J 156 18.91 -88.41 -10.87
N GLU J 157 17.72 -88.94 -10.59
CA GLU J 157 17.27 -88.92 -9.20
C GLU J 157 17.58 -90.20 -8.45
N SER J 158 18.22 -91.17 -9.09
CA SER J 158 18.52 -92.43 -8.45
C SER J 158 19.57 -92.23 -7.35
N PRO J 159 19.57 -93.07 -6.32
CA PRO J 159 20.61 -92.95 -5.28
C PRO J 159 22.00 -93.33 -5.74
N LYS J 160 22.17 -93.77 -6.99
CA LYS J 160 23.51 -93.90 -7.52
C LYS J 160 24.19 -92.55 -7.66
N TYR J 161 23.43 -91.50 -7.92
CA TYR J 161 23.98 -90.22 -8.32
C TYR J 161 23.94 -89.20 -7.19
N THR J 162 23.83 -89.66 -5.95
CA THR J 162 23.68 -88.78 -4.80
C THR J 162 24.90 -87.92 -4.61
N LYS J 163 26.08 -88.48 -4.88
CA LYS J 163 27.29 -87.70 -4.77
C LYS J 163 27.36 -86.65 -5.88
N TRP J 164 26.85 -86.97 -7.06
CA TRP J 164 26.84 -86.02 -8.17
C TRP J 164 25.93 -84.84 -7.89
N ARG J 165 24.73 -85.11 -7.36
CA ARG J 165 23.86 -84.00 -7.00
C ARG J 165 24.37 -83.28 -5.78
N SER J 166 25.24 -83.92 -4.99
CA SER J 166 25.93 -83.15 -3.99
C SER J 166 27.05 -82.32 -4.61
N LEU J 167 27.47 -82.67 -5.83
CA LEU J 167 28.57 -81.93 -6.44
C LEU J 167 28.10 -80.68 -7.17
N ARG J 168 26.95 -80.78 -7.86
CA ARG J 168 26.46 -79.61 -8.59
C ARG J 168 26.07 -78.46 -7.67
N GLU J 169 25.57 -78.74 -6.49
CA GLU J 169 25.16 -77.69 -5.60
C GLU J 169 26.32 -77.02 -4.91
N SER J 170 27.53 -77.54 -5.04
CA SER J 170 28.67 -76.92 -4.39
C SER J 170 29.01 -75.62 -5.07
N GLU J 171 29.62 -74.72 -4.33
CA GLU J 171 29.93 -73.42 -4.87
C GLU J 171 31.14 -73.42 -5.77
N ASP J 172 31.87 -74.53 -5.86
CA ASP J 172 33.01 -74.60 -6.78
C ASP J 172 32.66 -75.27 -8.10
N ALA J 173 31.39 -75.51 -8.37
CA ALA J 173 31.06 -76.12 -9.65
C ALA J 173 30.95 -75.09 -10.76
N ARG J 174 31.30 -73.84 -10.51
CA ARG J 174 31.47 -72.90 -11.60
C ARG J 174 32.67 -73.23 -12.46
N TYR J 175 33.62 -73.96 -11.93
CA TYR J 175 34.92 -74.14 -12.55
C TYR J 175 35.08 -75.49 -13.21
N LEU J 176 34.02 -76.28 -13.30
CA LEU J 176 34.08 -77.57 -13.97
C LEU J 176 33.15 -77.52 -15.17
N GLY J 177 33.50 -78.27 -16.20
CA GLY J 177 32.57 -78.50 -17.27
C GLY J 177 32.80 -79.89 -17.79
N LEU J 178 31.78 -80.71 -17.81
CA LEU J 178 31.93 -82.07 -18.29
C LEU J 178 31.22 -82.19 -19.63
N THR J 179 31.90 -82.75 -20.60
CA THR J 179 31.41 -82.74 -21.96
C THR J 179 30.86 -84.09 -22.37
N ALA J 180 29.77 -84.04 -23.12
CA ALA J 180 29.01 -85.14 -23.70
C ALA J 180 29.63 -85.41 -25.08
N PRO J 181 29.03 -86.23 -25.97
CA PRO J 181 29.75 -87.38 -26.51
C PRO J 181 31.00 -87.07 -27.32
N ARG J 182 31.81 -88.10 -27.51
CA ARG J 182 33.13 -88.00 -28.12
C ARG J 182 33.00 -87.84 -29.64
N PHE J 183 34.12 -87.85 -30.36
CA PHE J 183 34.04 -87.77 -31.81
C PHE J 183 35.25 -88.42 -32.44
N LEU J 184 35.14 -88.67 -33.75
CA LEU J 184 36.17 -89.38 -34.48
C LEU J 184 37.44 -88.56 -34.64
N LEU J 185 38.58 -89.23 -34.60
CA LEU J 185 39.83 -88.60 -34.95
C LEU J 185 40.31 -88.96 -36.33
N ARG J 186 40.05 -90.18 -36.76
CA ARG J 186 40.76 -90.81 -37.86
C ARG J 186 39.80 -91.61 -38.73
N VAL J 187 39.86 -91.37 -40.02
CA VAL J 187 39.12 -92.20 -40.98
C VAL J 187 39.65 -93.62 -40.89
N PRO J 188 38.79 -94.62 -40.77
CA PRO J 188 39.25 -96.00 -40.84
C PRO J 188 39.85 -96.30 -42.21
N TYR J 189 40.89 -97.15 -42.19
CA TYR J 189 41.76 -97.34 -43.35
C TYR J 189 41.05 -98.07 -44.47
N ASP J 190 41.64 -97.98 -45.66
CA ASP J 190 41.00 -98.40 -46.85
C ASP J 190 42.16 -98.41 -47.82
N PRO J 191 42.10 -99.15 -48.92
CA PRO J 191 43.17 -99.07 -49.91
C PRO J 191 43.26 -97.72 -50.58
N ILE J 192 42.12 -97.07 -50.78
CA ILE J 192 42.04 -95.82 -51.52
C ILE J 192 41.96 -94.63 -50.60
N GLU J 193 41.04 -94.66 -49.62
CA GLU J 193 40.63 -93.46 -48.90
C GLU J 193 41.67 -92.97 -47.91
N ASN J 194 42.41 -93.86 -47.29
CA ASN J 194 43.49 -93.43 -46.43
C ASN J 194 44.56 -94.50 -46.48
N PRO J 195 45.41 -94.48 -47.49
CA PRO J 195 46.22 -95.65 -47.81
C PRO J 195 47.41 -95.81 -46.91
N VAL J 196 48.00 -97.00 -46.99
CA VAL J 196 49.22 -97.35 -46.29
C VAL J 196 50.29 -97.72 -47.32
N LYS J 197 51.54 -97.52 -46.95
CA LYS J 197 52.63 -97.76 -47.89
C LYS J 197 53.04 -99.23 -47.89
N SER J 198 53.31 -99.74 -49.10
CA SER J 198 53.89 -101.06 -49.36
C SER J 198 53.03 -102.21 -48.89
N PHE J 199 51.74 -101.99 -48.67
CA PHE J 199 50.85 -103.03 -48.19
C PHE J 199 49.41 -102.73 -48.54
N ASN J 200 48.59 -103.77 -48.72
CA ASN J 200 47.15 -103.62 -48.92
C ASN J 200 46.43 -103.92 -47.61
N TYR J 201 45.96 -102.86 -46.96
CA TYR J 201 45.23 -102.98 -45.71
C TYR J 201 43.82 -102.43 -45.84
N ALA J 202 42.86 -103.19 -45.34
CA ALA J 202 41.45 -102.80 -45.36
C ALA J 202 40.88 -103.03 -43.96
N GLU J 203 40.69 -101.94 -43.21
CA GLU J 203 40.29 -102.07 -41.82
C GLU J 203 38.84 -102.50 -41.74
N ASN J 204 38.62 -103.72 -41.29
CA ASN J 204 37.30 -104.31 -41.21
C ASN J 204 36.72 -103.92 -39.86
N VAL J 205 36.07 -102.77 -39.81
CA VAL J 205 35.41 -102.34 -38.59
C VAL J 205 34.05 -103.02 -38.51
N SER J 206 33.76 -103.63 -37.36
CA SER J 206 32.53 -104.38 -37.16
C SER J 206 31.36 -103.47 -36.87
N ALA J 207 30.26 -104.06 -36.37
CA ALA J 207 29.14 -103.28 -35.89
C ALA J 207 29.42 -102.62 -34.54
N SER J 208 30.30 -103.19 -33.73
CA SER J 208 30.63 -102.60 -32.44
C SER J 208 31.51 -101.39 -32.68
N HIS J 209 31.04 -100.22 -32.26
CA HIS J 209 31.71 -99.00 -32.67
C HIS J 209 32.85 -98.61 -31.76
N GLU J 210 33.32 -99.49 -30.89
CA GLU J 210 34.55 -99.19 -30.19
C GLU J 210 35.77 -99.33 -31.08
N HIS J 211 35.63 -99.89 -32.27
CA HIS J 211 36.78 -100.13 -33.12
C HIS J 211 37.28 -98.87 -33.78
N TYR J 212 36.42 -97.87 -33.91
CA TYR J 212 36.86 -96.55 -34.32
C TYR J 212 37.80 -95.96 -33.28
N LEU J 213 38.62 -95.00 -33.70
CA LEU J 213 39.45 -94.26 -32.75
C LEU J 213 38.66 -93.06 -32.27
N TRP J 214 38.17 -93.13 -31.03
CA TRP J 214 37.43 -91.99 -30.50
C TRP J 214 38.34 -91.07 -29.71
N GLY J 215 38.27 -89.78 -30.01
CA GLY J 215 39.08 -88.84 -29.29
C GLY J 215 38.26 -88.12 -28.25
N ASN J 216 38.91 -87.33 -27.41
CA ASN J 216 38.18 -86.64 -26.35
C ASN J 216 37.54 -85.39 -26.91
N THR J 217 36.41 -85.00 -26.34
CA THR J 217 35.71 -83.79 -26.74
C THR J 217 36.41 -82.56 -26.19
N ALA J 218 37.03 -82.71 -25.02
CA ALA J 218 37.57 -81.56 -24.30
C ALA J 218 38.72 -80.92 -25.05
N PHE J 219 39.39 -81.70 -25.90
CA PHE J 219 40.34 -81.12 -26.84
C PHE J 219 39.65 -80.21 -27.84
N ALA J 220 38.52 -80.62 -28.40
CA ALA J 220 37.84 -79.78 -29.37
C ALA J 220 37.32 -78.51 -28.72
N PHE J 221 36.81 -78.64 -27.50
CA PHE J 221 36.39 -77.47 -26.74
C PHE J 221 37.58 -76.56 -26.46
N ALA J 222 38.76 -77.15 -26.30
CA ALA J 222 39.95 -76.35 -26.08
C ALA J 222 40.41 -75.65 -27.35
N THR J 223 40.15 -76.25 -28.52
CA THR J 223 40.38 -75.53 -29.76
C THR J 223 39.49 -74.33 -29.85
N ARG J 224 38.26 -74.44 -29.34
CA ARG J 224 37.37 -73.28 -29.40
C ARG J 224 37.79 -72.19 -28.43
N LEU J 225 38.30 -72.57 -27.25
CA LEU J 225 38.82 -71.55 -26.34
C LEU J 225 40.05 -70.84 -26.92
N THR J 226 41.02 -71.61 -27.39
CA THR J 226 42.28 -70.99 -27.80
C THR J 226 42.12 -70.23 -29.11
N ASP J 227 41.26 -70.71 -30.01
CA ASP J 227 41.00 -69.97 -31.24
C ASP J 227 40.24 -68.68 -30.96
N SER J 228 39.28 -68.74 -30.03
CA SER J 228 38.56 -67.51 -29.70
C SER J 228 39.49 -66.49 -29.07
N PHE J 229 40.45 -66.97 -28.29
CA PHE J 229 41.42 -66.05 -27.70
C PHE J 229 42.38 -65.50 -28.74
N ALA J 230 42.68 -66.30 -29.76
CA ALA J 230 43.59 -65.83 -30.79
C ALA J 230 42.93 -64.80 -31.67
N LYS J 231 41.62 -64.91 -31.87
CA LYS J 231 40.95 -63.86 -32.62
C LYS J 231 40.75 -62.61 -31.77
N TYR J 232 40.26 -62.76 -30.55
CA TYR J 232 39.61 -61.66 -29.87
C TYR J 232 40.17 -61.30 -28.51
N ARG J 233 41.27 -61.92 -28.07
CA ARG J 233 41.94 -61.68 -26.79
C ARG J 233 41.05 -61.92 -25.59
N TRP J 234 39.98 -62.70 -25.74
CA TRP J 234 39.12 -63.10 -24.64
C TRP J 234 38.57 -64.46 -25.01
N CYS J 235 37.82 -65.08 -24.11
CA CYS J 235 37.11 -66.31 -24.45
C CYS J 235 35.63 -66.30 -24.10
N PRO J 236 34.81 -65.39 -24.66
CA PRO J 236 33.37 -65.59 -24.46
C PRO J 236 32.70 -66.25 -25.66
N ASN J 237 33.43 -66.44 -26.75
CA ASN J 237 32.81 -66.83 -28.01
C ASN J 237 33.08 -68.31 -28.29
N ILE J 238 32.32 -69.16 -27.60
CA ILE J 238 32.47 -70.59 -27.78
C ILE J 238 31.12 -71.28 -27.94
N ILE J 239 30.05 -70.52 -28.19
CA ILE J 239 28.71 -71.05 -27.99
C ILE J 239 27.78 -70.99 -29.18
N GLY J 240 28.27 -71.17 -30.40
CA GLY J 240 27.35 -71.13 -31.50
C GLY J 240 27.84 -71.78 -32.77
N PRO J 241 26.93 -71.99 -33.72
CA PRO J 241 27.36 -72.32 -35.07
C PRO J 241 28.05 -71.17 -35.76
N GLN J 242 27.78 -69.94 -35.34
CA GLN J 242 28.41 -68.79 -35.97
C GLN J 242 29.10 -67.86 -34.99
N SER J 243 28.78 -67.94 -33.70
CA SER J 243 29.38 -66.99 -32.77
C SER J 243 30.82 -67.36 -32.44
N GLY J 244 31.24 -68.56 -32.76
CA GLY J 244 32.62 -68.93 -32.60
C GLY J 244 32.80 -70.38 -32.22
N GLY J 245 31.73 -71.01 -31.77
CA GLY J 245 31.85 -72.35 -31.22
C GLY J 245 31.83 -73.45 -32.25
N ALA J 246 31.82 -73.10 -33.53
CA ALA J 246 31.71 -74.11 -34.58
C ALA J 246 33.03 -74.87 -34.69
N VAL J 247 32.97 -76.18 -34.48
CA VAL J 247 34.11 -77.05 -34.71
C VAL J 247 33.94 -77.65 -36.09
N GLU J 248 34.77 -77.22 -37.03
CA GLU J 248 34.64 -77.64 -38.40
C GLU J 248 35.54 -78.84 -38.67
N ASP J 249 35.39 -79.40 -39.88
CA ASP J 249 36.27 -80.41 -40.45
C ASP J 249 36.31 -81.68 -39.60
N LEU J 250 35.22 -82.41 -39.56
CA LEU J 250 35.32 -83.71 -38.92
C LEU J 250 35.35 -84.83 -39.96
N PRO J 251 36.05 -85.92 -39.66
CA PRO J 251 36.15 -87.01 -40.64
C PRO J 251 34.85 -87.80 -40.76
N VAL J 252 34.54 -88.21 -41.98
CA VAL J 252 33.36 -89.01 -42.25
C VAL J 252 33.80 -90.41 -42.60
N HIS J 253 32.83 -91.32 -42.63
CA HIS J 253 33.13 -92.69 -43.00
C HIS J 253 31.89 -93.27 -43.69
N VAL J 254 31.83 -93.15 -44.99
CA VAL J 254 30.71 -93.68 -45.75
C VAL J 254 30.90 -95.18 -45.91
N PHE J 255 30.00 -95.97 -45.34
CA PHE J 255 30.16 -97.41 -45.38
C PHE J 255 28.82 -98.04 -45.75
N GLU J 256 28.90 -99.24 -46.31
CA GLU J 256 27.73 -99.91 -46.86
C GLU J 256 26.82 -100.42 -45.77
N SER J 257 25.57 -99.97 -45.80
CA SER J 257 24.56 -100.36 -44.83
C SER J 257 23.81 -101.57 -45.39
N MET J 258 22.61 -101.90 -44.92
CA MET J 258 21.82 -103.02 -45.46
C MET J 258 21.28 -102.70 -46.85
N GLY J 259 22.16 -102.71 -47.84
CA GLY J 259 21.79 -102.42 -49.21
C GLY J 259 22.07 -101.00 -49.66
N ALA J 260 22.01 -100.03 -48.75
CA ALA J 260 22.22 -98.65 -49.12
C ALA J 260 23.52 -98.14 -48.52
N LEU J 261 23.83 -96.89 -48.81
CA LEU J 261 24.92 -96.20 -48.15
C LEU J 261 24.37 -95.41 -46.97
N GLN J 262 25.23 -95.18 -45.99
CA GLN J 262 24.93 -94.21 -44.95
C GLN J 262 26.24 -93.67 -44.41
N SER J 263 26.19 -92.47 -43.87
CA SER J 263 27.34 -91.86 -43.26
C SER J 263 27.39 -92.27 -41.80
N LYS J 264 28.52 -92.84 -41.39
CA LYS J 264 28.73 -93.01 -39.97
C LYS J 264 28.98 -91.65 -39.35
N ILE J 265 28.21 -91.35 -38.31
CA ILE J 265 28.21 -90.00 -37.74
C ILE J 265 29.54 -89.76 -37.04
N PRO J 266 30.15 -88.58 -37.21
CA PRO J 266 31.43 -88.32 -36.55
C PRO J 266 31.35 -88.27 -35.06
N THR J 267 30.32 -87.66 -34.49
CA THR J 267 30.02 -87.91 -33.09
C THR J 267 29.30 -89.24 -33.01
N GLU J 268 29.14 -89.76 -31.79
CA GLU J 268 28.54 -91.09 -31.67
C GLU J 268 27.06 -91.06 -32.03
N VAL J 269 26.38 -89.98 -31.71
CA VAL J 269 24.97 -89.85 -32.03
C VAL J 269 24.69 -88.49 -32.60
N LEU J 270 23.56 -88.41 -33.31
CA LEU J 270 22.93 -87.16 -33.69
C LEU J 270 22.01 -86.78 -32.54
N ILE J 271 22.48 -85.88 -31.70
CA ILE J 271 21.68 -85.44 -30.58
C ILE J 271 20.60 -84.51 -31.07
N THR J 272 19.34 -84.91 -30.89
CA THR J 272 18.24 -84.03 -31.22
C THR J 272 18.17 -82.88 -30.23
N ASP J 273 17.48 -81.81 -30.62
CA ASP J 273 17.63 -80.54 -29.93
C ASP J 273 16.99 -80.55 -28.55
N ARG J 274 15.93 -81.34 -28.38
CA ARG J 274 15.40 -81.53 -27.04
C ARG J 274 16.39 -82.24 -26.15
N LYS J 275 17.10 -83.22 -26.70
CA LYS J 275 18.11 -83.92 -25.94
C LYS J 275 19.29 -83.01 -25.63
N GLU J 276 19.58 -82.07 -26.54
CA GLU J 276 20.66 -81.12 -26.29
C GLU J 276 20.29 -80.17 -25.16
N PHE J 277 19.05 -79.66 -25.17
CA PHE J 277 18.66 -78.72 -24.12
C PHE J 277 18.59 -79.42 -22.78
N GLU J 278 18.29 -80.72 -22.78
CA GLU J 278 18.31 -81.46 -21.52
C GLU J 278 19.74 -81.63 -21.03
N LEU J 279 20.68 -81.94 -21.93
CA LEU J 279 22.07 -82.03 -21.51
C LEU J 279 22.61 -80.68 -21.10
N ALA J 280 22.02 -79.60 -21.61
CA ALA J 280 22.46 -78.28 -21.20
C ALA J 280 21.93 -77.95 -19.82
N GLU J 281 20.74 -78.45 -19.49
CA GLU J 281 20.21 -78.17 -18.15
C GLU J 281 20.88 -79.03 -17.10
N GLU J 282 21.48 -80.15 -17.49
CA GLU J 282 22.16 -81.00 -16.53
C GLU J 282 23.60 -80.59 -16.31
N GLY J 283 24.04 -79.53 -16.96
CA GLY J 283 25.41 -79.08 -16.81
C GLY J 283 26.41 -79.75 -17.72
N PHE J 284 26.01 -80.17 -18.91
CA PHE J 284 26.91 -80.85 -19.83
C PHE J 284 27.02 -80.02 -21.10
N ILE J 285 28.15 -80.17 -21.79
CA ILE J 285 28.41 -79.47 -23.03
C ILE J 285 28.19 -80.47 -24.15
N ALA J 286 27.10 -80.33 -24.88
CA ALA J 286 26.73 -81.31 -25.87
C ALA J 286 27.37 -80.95 -27.19
N LEU J 287 28.32 -81.76 -27.63
CA LEU J 287 28.84 -81.65 -28.99
C LEU J 287 27.79 -82.17 -29.94
N THR J 288 27.13 -81.27 -30.68
CA THR J 288 26.03 -81.65 -31.54
C THR J 288 26.46 -81.72 -32.99
N MET J 289 26.20 -82.85 -33.61
CA MET J 289 26.50 -83.05 -35.02
C MET J 289 25.46 -82.31 -35.84
N ARG J 290 25.90 -81.67 -36.90
CA ARG J 290 24.98 -81.09 -37.87
C ARG J 290 24.69 -82.12 -38.95
N LYS J 291 23.46 -82.61 -38.98
CA LYS J 291 23.08 -83.74 -39.83
C LYS J 291 23.25 -83.40 -41.30
N GLY J 292 23.88 -84.31 -42.03
CA GLY J 292 24.13 -84.11 -43.44
C GLY J 292 25.37 -83.31 -43.75
N SER J 293 26.15 -82.98 -42.74
CA SER J 293 27.39 -82.25 -42.95
C SER J 293 28.51 -83.07 -42.33
N ASP J 294 29.69 -82.47 -42.27
CA ASP J 294 30.82 -83.01 -41.52
C ASP J 294 31.25 -82.01 -40.45
N ASN J 295 30.31 -81.21 -39.97
CA ASN J 295 30.60 -80.12 -39.06
C ASN J 295 29.80 -80.32 -37.80
N ALA J 296 30.32 -79.84 -36.68
CA ALA J 296 29.64 -79.99 -35.41
C ALA J 296 29.66 -78.66 -34.66
N ALA J 297 28.88 -78.58 -33.59
CA ALA J 297 28.74 -77.31 -32.91
C ALA J 297 28.38 -77.52 -31.45
N PHE J 298 28.80 -76.57 -30.62
CA PHE J 298 28.37 -76.46 -29.25
C PHE J 298 27.20 -75.49 -29.21
N PHE J 299 25.98 -76.01 -29.09
CA PHE J 299 24.85 -75.09 -28.91
C PHE J 299 24.84 -74.48 -27.53
N SER J 300 25.56 -75.06 -26.58
CA SER J 300 25.51 -74.60 -25.20
C SER J 300 26.82 -74.99 -24.53
N ALA J 301 27.23 -74.18 -23.57
CA ALA J 301 28.45 -74.45 -22.80
C ALA J 301 28.20 -74.13 -21.33
N ASN J 302 27.14 -74.69 -20.77
CA ASN J 302 26.90 -74.53 -19.35
C ASN J 302 27.97 -75.22 -18.52
N SER J 303 28.11 -74.80 -17.27
CA SER J 303 28.96 -75.48 -16.31
C SER J 303 28.11 -76.33 -15.38
N ILE J 304 28.75 -76.91 -14.37
CA ILE J 304 28.11 -77.96 -13.58
C ILE J 304 27.04 -77.41 -12.65
N GLN J 305 27.21 -76.19 -12.15
CA GLN J 305 26.47 -75.77 -10.97
C GLN J 305 25.00 -75.56 -11.27
N LYS J 306 24.17 -76.10 -10.41
CA LYS J 306 22.74 -76.09 -10.57
C LYS J 306 22.22 -74.67 -10.46
N PRO J 307 21.52 -74.17 -11.46
CA PRO J 307 21.03 -72.81 -11.41
C PRO J 307 19.92 -72.69 -10.37
N LYS J 308 20.12 -71.79 -9.41
CA LYS J 308 19.21 -71.68 -8.27
C LYS J 308 17.85 -71.13 -8.66
N VAL J 309 16.86 -71.42 -7.83
CA VAL J 309 15.53 -70.85 -7.95
C VAL J 309 15.29 -69.92 -6.78
N PHE J 310 14.90 -68.69 -7.07
CA PHE J 310 14.63 -67.67 -6.06
C PHE J 310 13.16 -67.31 -6.12
N PRO J 311 12.60 -66.66 -5.09
CA PRO J 311 11.17 -66.32 -5.15
C PRO J 311 10.88 -65.34 -6.27
N ASN J 312 9.66 -65.42 -6.80
CA ASN J 312 9.31 -64.62 -7.98
C ASN J 312 8.86 -63.22 -7.56
N THR J 313 9.83 -62.44 -7.10
CA THR J 313 9.64 -61.01 -6.89
C THR J 313 10.59 -60.28 -7.82
N LYS J 314 10.71 -58.97 -7.63
CA LYS J 314 11.67 -58.20 -8.42
C LYS J 314 13.10 -58.54 -8.03
N GLU J 315 13.38 -58.48 -6.73
CA GLU J 315 14.71 -58.81 -6.22
C GLU J 315 15.05 -60.27 -6.47
N GLY J 316 14.05 -61.14 -6.44
CA GLY J 316 14.30 -62.54 -6.70
C GLY J 316 14.72 -62.80 -8.13
N LYS J 317 14.11 -62.11 -9.09
CA LYS J 317 14.51 -62.34 -10.46
C LYS J 317 15.85 -61.68 -10.76
N GLU J 318 16.20 -60.59 -10.05
CA GLU J 318 17.56 -60.08 -10.23
C GLU J 318 18.59 -61.06 -9.68
N ALA J 319 18.30 -61.67 -8.55
CA ALA J 319 19.29 -62.56 -7.96
C ALA J 319 19.39 -63.86 -8.73
N GLU J 320 18.28 -64.32 -9.33
CA GLU J 320 18.38 -65.45 -10.25
C GLU J 320 19.15 -65.07 -11.50
N THR J 321 18.99 -63.84 -11.97
CA THR J 321 19.70 -63.40 -13.16
C THR J 321 21.20 -63.41 -12.93
N ASN J 322 21.62 -62.95 -11.75
CA ASN J 322 23.03 -62.95 -11.45
C ASN J 322 23.53 -64.37 -11.27
N TYR J 323 22.69 -65.22 -10.72
CA TYR J 323 23.16 -66.56 -10.41
C TYR J 323 23.23 -67.42 -11.66
N LYS J 324 22.43 -67.11 -12.69
CA LYS J 324 22.61 -67.85 -13.93
C LYS J 324 23.67 -67.21 -14.82
N LEU J 325 24.02 -65.95 -14.57
CA LEU J 325 25.22 -65.44 -15.24
C LEU J 325 26.47 -66.07 -14.68
N GLY J 326 26.47 -66.38 -13.39
CA GLY J 326 27.68 -66.91 -12.78
C GLY J 326 28.00 -68.32 -13.23
N THR J 327 26.99 -69.09 -13.58
CA THR J 327 27.24 -70.51 -13.75
C THR J 327 27.43 -70.95 -15.19
N GLN J 328 27.80 -70.06 -16.10
CA GLN J 328 28.06 -70.46 -17.47
C GLN J 328 29.46 -70.04 -17.88
N LEU J 329 30.18 -70.97 -18.51
CA LEU J 329 31.57 -70.73 -18.86
C LEU J 329 31.87 -69.53 -19.76
N PRO J 330 31.06 -69.15 -20.76
CA PRO J 330 31.43 -67.97 -21.55
C PRO J 330 31.30 -66.65 -20.80
N TYR J 331 30.93 -66.67 -19.53
CA TYR J 331 31.05 -65.50 -18.69
C TYR J 331 32.13 -65.68 -17.63
N MET J 332 32.33 -66.92 -17.19
CA MET J 332 33.41 -67.16 -16.24
C MET J 332 34.77 -67.05 -16.90
N MET J 333 34.84 -67.14 -18.22
CA MET J 333 36.13 -66.84 -18.84
C MET J 333 36.39 -65.35 -18.84
N ILE J 334 35.33 -64.53 -18.91
CA ILE J 334 35.50 -63.09 -18.77
C ILE J 334 35.99 -62.76 -17.37
N ILE J 335 35.39 -63.39 -16.35
CA ILE J 335 35.81 -63.08 -14.99
C ILE J 335 37.17 -63.69 -14.67
N ASN J 336 37.53 -64.78 -15.34
CA ASN J 336 38.88 -65.31 -15.20
C ASN J 336 39.92 -64.36 -15.77
N ARG J 337 39.64 -63.77 -16.93
CA ARG J 337 40.62 -62.86 -17.51
C ARG J 337 40.70 -61.55 -16.74
N LEU J 338 39.58 -61.09 -16.15
CA LEU J 338 39.68 -59.94 -15.27
C LEU J 338 40.43 -60.27 -13.99
N ALA J 339 40.27 -61.48 -13.47
CA ALA J 339 40.98 -61.85 -12.26
C ALA J 339 42.48 -61.93 -12.53
N HIS J 340 42.84 -62.40 -13.72
CA HIS J 340 44.25 -62.48 -14.07
C HIS J 340 44.86 -61.11 -14.27
N TYR J 341 44.16 -60.21 -14.98
CA TYR J 341 44.72 -58.88 -15.16
C TYR J 341 44.76 -58.10 -13.86
N VAL J 342 43.80 -58.34 -12.97
CA VAL J 342 43.78 -57.61 -11.71
C VAL J 342 44.91 -58.08 -10.80
N LYS J 343 45.18 -59.38 -10.80
CA LYS J 343 46.32 -59.87 -10.02
C LYS J 343 47.63 -59.38 -10.61
N VAL J 344 47.82 -59.56 -11.90
CA VAL J 344 49.13 -59.32 -12.51
C VAL J 344 49.44 -57.83 -12.57
N LEU J 345 48.45 -57.02 -12.93
CA LEU J 345 48.71 -55.58 -12.92
C LEU J 345 48.70 -55.00 -11.51
N GLN J 346 47.85 -55.48 -10.62
CA GLN J 346 47.82 -54.89 -9.29
C GLN J 346 48.89 -55.49 -8.39
N ARG J 347 49.84 -56.26 -8.92
CA ARG J 347 51.08 -56.46 -8.18
C ARG J 347 52.11 -55.41 -8.52
N GLU J 348 51.94 -54.70 -9.63
CA GLU J 348 52.96 -53.72 -10.00
C GLU J 348 52.73 -52.39 -9.31
N GLN J 349 51.64 -52.24 -8.58
CA GLN J 349 51.38 -50.98 -7.91
C GLN J 349 51.64 -51.04 -6.42
N ILE J 350 52.07 -52.19 -5.88
CA ILE J 350 52.42 -52.27 -4.48
C ILE J 350 53.63 -51.41 -4.23
N GLY J 351 53.44 -50.33 -3.47
CA GLY J 351 54.48 -49.38 -3.24
C GLY J 351 54.29 -48.06 -3.92
N ALA J 352 53.13 -47.83 -4.53
CA ALA J 352 52.87 -46.51 -5.05
C ALA J 352 52.01 -45.73 -4.07
N TRP J 353 52.19 -44.42 -4.05
CA TRP J 353 51.49 -43.54 -3.12
C TRP J 353 50.03 -43.47 -3.56
N LYS J 354 49.21 -44.34 -2.98
CA LYS J 354 47.82 -44.46 -3.36
C LYS J 354 46.92 -44.14 -2.19
N GLU J 355 45.85 -43.42 -2.47
CA GLU J 355 44.78 -43.30 -1.52
C GLU J 355 43.60 -44.17 -1.94
N ARG J 356 42.47 -44.00 -1.25
CA ARG J 356 41.28 -44.76 -1.58
C ARG J 356 40.71 -44.34 -2.94
N GLN J 357 40.42 -43.05 -3.08
CA GLN J 357 39.93 -42.52 -4.34
C GLN J 357 40.95 -42.63 -5.46
N ASP J 358 42.22 -42.83 -5.13
CA ASP J 358 43.18 -43.22 -6.15
C ASP J 358 42.82 -44.56 -6.76
N LEU J 359 42.44 -45.54 -5.93
CA LEU J 359 42.05 -46.82 -6.52
C LEU J 359 40.72 -46.72 -7.22
N GLU J 360 39.82 -45.84 -6.77
CA GLU J 360 38.60 -45.66 -7.54
C GLU J 360 38.90 -45.08 -8.91
N ARG J 361 39.80 -44.10 -8.97
CA ARG J 361 40.07 -43.44 -10.23
C ARG J 361 40.87 -44.34 -11.16
N GLU J 362 41.84 -45.06 -10.62
CA GLU J 362 42.70 -45.87 -11.48
C GLU J 362 42.03 -47.15 -11.89
N LEU J 363 41.15 -47.70 -11.06
CA LEU J 363 40.43 -48.87 -11.54
C LEU J 363 39.30 -48.51 -12.48
N ASN J 364 38.67 -47.35 -12.29
CA ASN J 364 37.62 -46.96 -13.21
C ASN J 364 38.19 -46.57 -14.57
N SER J 365 39.31 -45.85 -14.57
CA SER J 365 39.98 -45.60 -15.83
C SER J 365 40.67 -46.84 -16.36
N TRP J 366 40.88 -47.85 -15.51
CA TRP J 366 41.42 -49.11 -15.98
C TRP J 366 40.36 -49.92 -16.69
N ILE J 367 39.12 -49.81 -16.22
CA ILE J 367 38.06 -50.68 -16.71
C ILE J 367 37.22 -49.98 -17.76
N LYS J 368 37.44 -48.68 -17.98
CA LYS J 368 36.84 -48.04 -19.16
C LYS J 368 37.49 -48.50 -20.44
N GLN J 369 38.61 -49.20 -20.34
CA GLN J 369 39.15 -49.97 -21.44
C GLN J 369 38.18 -51.02 -21.94
N TYR J 370 37.42 -51.65 -21.06
CA TYR J 370 36.65 -52.82 -21.44
C TYR J 370 35.16 -52.57 -21.44
N VAL J 371 34.72 -51.32 -21.46
CA VAL J 371 33.30 -51.00 -21.46
C VAL J 371 32.88 -50.61 -22.86
N ALA J 372 31.88 -51.29 -23.40
CA ALA J 372 31.34 -50.94 -24.71
C ALA J 372 29.89 -50.57 -24.52
N ASP J 373 29.63 -49.31 -24.15
CA ASP J 373 28.30 -48.88 -23.72
C ASP J 373 27.65 -47.92 -24.69
N GLN J 374 27.86 -48.11 -25.98
CA GLN J 374 27.16 -47.29 -26.95
C GLN J 374 25.74 -47.82 -27.16
N GLU J 375 25.09 -47.29 -28.19
CA GLU J 375 23.71 -47.68 -28.42
C GLU J 375 23.62 -49.08 -29.00
N ASN J 376 24.44 -49.37 -29.98
CA ASN J 376 24.32 -50.64 -30.66
C ASN J 376 25.67 -51.01 -31.25
N PRO J 377 26.58 -51.58 -30.47
CA PRO J 377 27.87 -51.94 -31.02
C PRO J 377 27.76 -53.20 -31.84
N PRO J 378 28.52 -53.32 -32.92
CA PRO J 378 28.47 -54.54 -33.72
C PRO J 378 29.15 -55.70 -33.02
N ALA J 379 29.14 -56.86 -33.68
CA ALA J 379 29.49 -58.10 -33.00
C ALA J 379 30.96 -58.17 -32.62
N ASP J 380 31.82 -57.52 -33.39
CA ASP J 380 33.25 -57.61 -33.14
C ASP J 380 33.65 -56.77 -31.92
N VAL J 381 33.11 -55.55 -31.84
CA VAL J 381 33.43 -54.67 -30.73
C VAL J 381 32.83 -55.21 -29.44
N ARG J 382 31.70 -55.89 -29.54
CA ARG J 382 31.23 -56.67 -28.40
C ARG J 382 32.14 -57.86 -28.13
N SER J 383 32.81 -58.38 -29.14
CA SER J 383 33.62 -59.57 -28.92
C SER J 383 34.91 -59.24 -28.20
N ARG J 384 35.44 -58.04 -28.43
CA ARG J 384 36.72 -57.71 -27.79
C ARG J 384 36.58 -56.73 -26.63
N ARG J 385 35.39 -56.20 -26.38
CA ARG J 385 35.11 -55.42 -25.18
C ARG J 385 33.88 -56.03 -24.55
N PRO J 386 34.06 -57.04 -23.71
CA PRO J 386 32.92 -57.90 -23.39
C PRO J 386 31.97 -57.31 -22.38
N LEU J 387 32.41 -56.51 -21.43
CA LEU J 387 31.55 -56.13 -20.32
C LEU J 387 30.93 -54.75 -20.58
N ARG J 388 29.65 -54.61 -20.28
CA ARG J 388 28.93 -53.40 -20.68
C ARG J 388 28.94 -52.35 -19.59
N ALA J 389 28.88 -52.76 -18.33
CA ALA J 389 28.93 -51.82 -17.24
C ALA J 389 29.96 -52.27 -16.21
N ALA J 390 30.44 -51.31 -15.43
CA ALA J 390 31.35 -51.66 -14.36
C ALA J 390 31.14 -50.67 -13.23
N ARG J 391 30.93 -51.21 -12.03
CA ARG J 391 30.72 -50.40 -10.84
C ARG J 391 31.70 -50.84 -9.78
N ILE J 392 32.63 -49.96 -9.43
CA ILE J 392 33.73 -50.31 -8.54
C ILE J 392 33.59 -49.53 -7.26
N GLU J 393 33.66 -50.22 -6.14
CA GLU J 393 33.67 -49.57 -4.84
C GLU J 393 34.97 -49.92 -4.14
N VAL J 394 35.67 -48.90 -3.66
CA VAL J 394 36.94 -49.08 -2.97
C VAL J 394 36.79 -48.58 -1.55
N MET J 395 37.06 -49.44 -0.59
CA MET J 395 36.99 -49.11 0.83
C MET J 395 38.27 -49.51 1.51
N ASP J 396 38.49 -48.96 2.70
CA ASP J 396 39.70 -49.23 3.46
C ASP J 396 39.43 -50.35 4.45
N VAL J 397 40.45 -51.16 4.69
CA VAL J 397 40.41 -52.06 5.83
C VAL J 397 40.78 -51.20 7.03
N GLU J 398 39.80 -50.92 7.90
CA GLU J 398 39.99 -49.99 9.00
C GLU J 398 40.95 -50.56 10.03
N GLY J 399 41.89 -49.73 10.47
CA GLY J 399 42.86 -50.21 11.43
C GLY J 399 43.93 -51.10 10.85
N ASN J 400 44.09 -51.11 9.53
CA ASN J 400 45.15 -51.87 8.89
C ASN J 400 45.57 -51.09 7.66
N PRO J 401 46.49 -50.14 7.82
CA PRO J 401 46.55 -48.99 6.91
C PRO J 401 47.14 -49.36 5.56
N GLY J 402 46.62 -48.72 4.53
CA GLY J 402 46.98 -49.02 3.17
C GLY J 402 46.16 -50.09 2.52
N TRP J 403 45.76 -51.12 3.27
CA TRP J 403 45.02 -52.25 2.74
C TRP J 403 43.65 -51.82 2.29
N TYR J 404 43.40 -51.95 0.99
CA TYR J 404 42.18 -51.46 0.40
C TYR J 404 41.29 -52.65 0.02
N GLN J 405 39.99 -52.42 0.03
CA GLN J 405 39.01 -53.50 -0.15
C GLN J 405 38.10 -53.12 -1.30
N VAL J 406 38.13 -53.90 -2.38
CA VAL J 406 37.55 -53.49 -3.65
C VAL J 406 36.49 -54.48 -4.07
N SER J 407 35.34 -53.99 -4.51
CA SER J 407 34.32 -54.80 -5.15
C SER J 407 34.20 -54.38 -6.60
N LEU J 408 34.53 -55.28 -7.50
CA LEU J 408 34.48 -55.02 -8.93
C LEU J 408 33.37 -55.87 -9.53
N SER J 409 32.29 -55.23 -9.95
CA SER J 409 31.10 -55.90 -10.44
C SER J 409 30.85 -55.52 -11.89
N VAL J 410 30.71 -56.52 -12.74
CA VAL J 410 30.55 -56.29 -14.17
C VAL J 410 29.21 -56.83 -14.65
N ARG J 411 28.78 -56.37 -15.81
CA ARG J 411 27.55 -56.82 -16.45
C ARG J 411 27.87 -57.14 -17.89
N PRO J 412 28.04 -58.40 -18.25
CA PRO J 412 28.53 -58.74 -19.59
C PRO J 412 27.44 -58.58 -20.62
N HIS J 413 27.85 -58.66 -21.89
CA HIS J 413 26.88 -58.73 -22.95
C HIS J 413 26.18 -60.08 -22.92
N PHE J 414 24.85 -60.04 -22.94
CA PHE J 414 24.07 -61.25 -22.96
C PHE J 414 24.13 -61.87 -24.35
N LYS J 415 24.50 -63.14 -24.40
CA LYS J 415 24.53 -63.83 -25.66
C LYS J 415 23.25 -64.64 -25.83
N TYR J 416 22.73 -64.67 -27.05
CA TYR J 416 21.39 -65.15 -27.36
C TYR J 416 21.31 -66.66 -27.15
N MET J 417 20.65 -67.08 -26.08
CA MET J 417 20.60 -68.51 -25.77
C MET J 417 19.19 -69.01 -25.50
N GLY J 418 18.26 -68.73 -26.38
CA GLY J 418 16.96 -69.36 -26.32
C GLY J 418 15.83 -68.34 -26.35
N ALA J 419 14.76 -68.72 -27.02
CA ALA J 419 13.59 -67.86 -27.09
C ALA J 419 12.36 -68.72 -27.34
N ASN J 420 11.20 -68.19 -26.97
CA ASN J 420 9.93 -68.81 -27.30
C ASN J 420 9.19 -67.93 -28.29
N PHE J 421 8.57 -68.55 -29.28
CA PHE J 421 7.82 -67.81 -30.29
C PHE J 421 6.37 -68.24 -30.30
N GLU J 422 5.49 -67.27 -30.42
CA GLU J 422 4.07 -67.49 -30.59
C GLU J 422 3.63 -66.73 -31.82
N LEU J 423 3.01 -67.43 -32.78
CA LEU J 423 2.57 -66.81 -34.02
C LEU J 423 1.05 -66.83 -34.08
N SER J 424 0.48 -65.87 -34.80
CA SER J 424 -0.97 -65.80 -34.92
C SER J 424 -1.37 -65.02 -36.16
N LEU J 425 -2.20 -65.62 -36.99
CA LEU J 425 -2.80 -64.88 -38.09
C LEU J 425 -3.84 -63.94 -37.52
N VAL J 426 -3.95 -62.75 -38.12
CA VAL J 426 -4.95 -61.78 -37.69
C VAL J 426 -5.21 -60.83 -38.86
N GLY J 427 -6.42 -60.28 -38.92
CA GLY J 427 -6.73 -59.17 -39.78
C GLY J 427 -6.46 -57.89 -39.04
N ARG J 428 -6.88 -56.75 -39.62
CA ARG J 428 -7.03 -55.46 -38.94
C ARG J 428 -5.71 -54.84 -38.47
N LEU J 429 -4.58 -55.51 -38.65
CA LEU J 429 -3.33 -55.05 -38.06
C LEU J 429 -2.75 -53.89 -38.87
N ASP J 430 -2.17 -52.92 -38.15
CA ASP J 430 -1.50 -51.78 -38.77
C ASP J 430 -0.20 -52.21 -39.42
N SER K 1 -8.52 -83.42 -26.27
CA SER K 1 -8.05 -82.20 -25.63
C SER K 1 -8.59 -80.99 -26.34
N LYS K 2 -8.36 -79.81 -25.76
CA LYS K 2 -8.85 -78.58 -26.34
C LYS K 2 -7.79 -77.49 -26.46
N GLU K 3 -6.65 -77.60 -25.78
CA GLU K 3 -5.61 -76.58 -25.83
C GLU K 3 -4.56 -76.87 -26.87
N GLY K 4 -4.78 -77.87 -27.71
CA GLY K 4 -3.72 -78.26 -28.61
C GLY K 4 -2.64 -78.98 -27.82
N SER K 5 -1.46 -79.02 -28.42
CA SER K 5 -0.31 -79.63 -27.76
C SER K 5 0.94 -78.89 -28.19
N VAL K 6 2.02 -79.10 -27.45
CA VAL K 6 3.31 -78.51 -27.76
C VAL K 6 4.34 -79.62 -27.77
N ALA K 7 5.51 -79.31 -28.31
CA ALA K 7 6.65 -80.18 -28.18
C ALA K 7 7.25 -79.99 -26.80
N PRO K 8 8.11 -80.92 -26.35
CA PRO K 8 8.94 -80.61 -25.18
C PRO K 8 9.87 -79.46 -25.51
N LYS K 9 10.24 -78.71 -24.47
CA LYS K 9 10.89 -77.41 -24.60
C LYS K 9 12.28 -77.57 -25.20
N GLU K 10 12.56 -76.74 -26.19
CA GLU K 10 13.82 -76.78 -26.91
C GLU K 10 14.50 -75.43 -26.74
N ARG K 11 15.57 -75.19 -27.50
CA ARG K 11 16.18 -73.88 -27.55
C ARG K 11 15.26 -72.84 -28.16
N ILE K 12 14.55 -73.20 -29.22
CA ILE K 12 13.65 -72.28 -29.89
C ILE K 12 12.25 -72.88 -29.82
N ASN K 13 11.42 -72.36 -28.94
CA ASN K 13 10.05 -72.83 -28.82
C ASN K 13 9.15 -72.05 -29.75
N ILE K 14 8.54 -72.72 -30.72
CA ILE K 14 7.58 -72.09 -31.61
C ILE K 14 6.28 -72.85 -31.51
N LYS K 15 5.23 -72.16 -31.10
CA LYS K 15 3.89 -72.71 -31.08
C LYS K 15 2.96 -71.63 -31.60
N TYR K 16 1.81 -72.05 -32.10
CA TYR K 16 0.84 -71.12 -32.63
C TYR K 16 -0.37 -71.10 -31.73
N ILE K 17 -0.79 -69.90 -31.35
CA ILE K 17 -1.98 -69.70 -30.54
C ILE K 17 -2.97 -68.92 -31.38
N PRO K 18 -4.23 -68.85 -30.96
CA PRO K 18 -5.11 -67.87 -31.58
C PRO K 18 -4.67 -66.48 -31.16
N ALA K 19 -3.98 -65.82 -32.07
CA ALA K 19 -3.23 -64.63 -31.72
C ALA K 19 -4.08 -63.39 -31.70
N THR K 20 -5.40 -63.54 -31.79
CA THR K 20 -6.30 -62.40 -31.66
C THR K 20 -6.20 -61.81 -30.26
N GLY K 21 -5.99 -62.66 -29.25
CA GLY K 21 -5.79 -62.23 -27.89
C GLY K 21 -7.04 -61.58 -27.34
N ASP K 22 -8.18 -62.03 -27.84
CA ASP K 22 -9.44 -61.36 -27.55
C ASP K 22 -9.87 -61.72 -26.13
N ALA K 23 -9.37 -60.94 -25.19
CA ALA K 23 -9.92 -60.96 -23.85
C ALA K 23 -11.34 -60.42 -23.90
N GLN K 24 -12.16 -60.90 -22.96
CA GLN K 24 -13.61 -60.64 -22.89
C GLN K 24 -14.28 -61.06 -24.19
N ALA K 25 -13.91 -62.23 -24.70
CA ALA K 25 -14.58 -62.85 -25.84
C ALA K 25 -14.88 -64.30 -25.48
N GLU K 26 -16.15 -64.66 -25.50
CA GLU K 26 -16.58 -66.01 -25.22
C GLU K 26 -17.46 -66.50 -26.35
N ALA K 27 -17.55 -67.80 -26.52
CA ALA K 27 -18.22 -68.41 -27.65
C ALA K 27 -19.57 -68.93 -27.20
N GLU K 28 -20.59 -68.67 -28.00
CA GLU K 28 -21.92 -69.22 -27.78
C GLU K 28 -22.50 -69.65 -29.12
N VAL K 29 -23.22 -70.76 -29.13
CA VAL K 29 -24.00 -71.10 -30.30
C VAL K 29 -25.26 -70.26 -30.28
N GLU K 30 -25.67 -69.76 -31.45
CA GLU K 30 -26.97 -69.10 -31.55
C GLU K 30 -28.05 -70.09 -31.17
N LEU K 31 -28.66 -69.86 -30.03
CA LEU K 31 -29.55 -70.83 -29.45
C LEU K 31 -30.81 -70.96 -30.29
N PRO K 32 -31.28 -72.17 -30.54
CA PRO K 32 -32.47 -72.32 -31.36
C PRO K 32 -33.72 -71.90 -30.62
N LEU K 33 -34.60 -71.19 -31.33
CA LEU K 33 -35.91 -70.84 -30.80
C LEU K 33 -36.79 -72.09 -30.86
N LYS K 34 -36.61 -72.96 -29.88
CA LYS K 34 -37.19 -74.28 -29.95
C LYS K 34 -38.66 -74.25 -29.57
N THR K 35 -39.52 -74.12 -30.55
CA THR K 35 -40.95 -74.08 -30.31
C THR K 35 -41.45 -75.48 -29.98
N LEU K 36 -42.20 -75.59 -28.91
CA LEU K 36 -42.71 -76.87 -28.46
C LEU K 36 -44.20 -76.90 -28.71
N VAL K 37 -44.60 -77.35 -29.89
CA VAL K 37 -46.01 -77.42 -30.25
C VAL K 37 -46.63 -78.57 -29.48
N VAL K 38 -47.63 -78.26 -28.66
CA VAL K 38 -48.32 -79.25 -27.85
C VAL K 38 -49.79 -79.23 -28.23
N GLY K 39 -50.29 -80.34 -28.73
CA GLY K 39 -51.69 -80.41 -29.09
C GLY K 39 -52.12 -81.84 -29.32
N ASP K 40 -53.44 -82.01 -29.46
CA ASP K 40 -54.03 -83.33 -29.66
C ASP K 40 -53.68 -83.82 -31.05
N PHE K 41 -52.85 -84.86 -31.08
CA PHE K 41 -52.26 -85.33 -32.33
C PHE K 41 -52.55 -86.79 -32.63
N LYS K 42 -53.28 -87.49 -31.78
CA LYS K 42 -53.66 -88.87 -32.00
C LYS K 42 -55.09 -89.05 -31.55
N GLY K 43 -55.73 -90.10 -32.06
CA GLY K 43 -57.15 -90.25 -31.85
C GLY K 43 -57.56 -90.83 -30.52
N HIS K 44 -56.65 -90.94 -29.56
CA HIS K 44 -56.96 -91.64 -28.34
C HIS K 44 -56.05 -91.17 -27.22
N ALA K 45 -56.45 -91.49 -25.99
CA ALA K 45 -55.58 -91.27 -24.85
C ALA K 45 -54.57 -92.39 -24.76
N GLU K 46 -53.38 -92.04 -24.30
CA GLU K 46 -52.35 -93.04 -24.05
C GLU K 46 -52.17 -93.25 -22.56
N GLN K 47 -52.05 -94.51 -22.16
CA GLN K 47 -51.87 -94.85 -20.76
C GLN K 47 -50.51 -94.45 -20.24
N THR K 48 -49.55 -94.22 -21.14
CA THR K 48 -48.19 -93.93 -20.75
C THR K 48 -48.13 -92.56 -20.05
N PRO K 49 -47.50 -92.47 -18.88
CA PRO K 49 -47.50 -91.20 -18.14
C PRO K 49 -46.70 -90.14 -18.87
N LEU K 50 -46.92 -88.90 -18.45
CA LEU K 50 -46.49 -87.78 -19.28
C LEU K 50 -44.97 -87.62 -19.25
N GLU K 51 -44.33 -88.04 -18.17
CA GLU K 51 -42.89 -87.91 -18.07
C GLU K 51 -42.14 -88.90 -18.96
N GLU K 52 -42.80 -89.97 -19.39
CA GLU K 52 -42.09 -91.02 -20.12
C GLU K 52 -42.24 -90.91 -21.63
N ARG K 53 -43.33 -90.36 -22.14
CA ARG K 53 -43.45 -90.21 -23.57
C ARG K 53 -42.52 -89.12 -24.06
N ALA K 54 -42.06 -89.22 -25.30
CA ALA K 54 -40.93 -88.44 -25.76
C ALA K 54 -41.36 -87.38 -26.78
N THR K 55 -40.53 -86.35 -26.89
CA THR K 55 -40.73 -85.33 -27.90
C THR K 55 -40.26 -85.85 -29.24
N VAL K 56 -40.87 -85.33 -30.30
CA VAL K 56 -40.58 -85.76 -31.66
C VAL K 56 -40.08 -84.58 -32.45
N THR K 57 -38.83 -84.63 -32.89
CA THR K 57 -38.28 -83.57 -33.70
C THR K 57 -38.91 -83.61 -35.08
N VAL K 58 -39.39 -82.47 -35.54
CA VAL K 58 -40.04 -82.35 -36.83
C VAL K 58 -39.34 -81.27 -37.63
N ASP K 59 -38.93 -81.61 -38.84
CA ASP K 59 -38.56 -80.56 -39.77
C ASP K 59 -39.33 -80.77 -41.06
N LYS K 60 -38.97 -80.00 -42.08
CA LYS K 60 -39.57 -80.20 -43.39
C LYS K 60 -39.10 -81.49 -44.01
N ASN K 61 -37.95 -81.98 -43.61
CA ASN K 61 -37.33 -83.10 -44.29
C ASN K 61 -37.78 -84.45 -43.77
N ASN K 62 -38.48 -84.51 -42.65
CA ASN K 62 -39.03 -85.79 -42.26
C ASN K 62 -40.46 -85.73 -41.75
N PHE K 63 -41.27 -84.77 -42.21
CA PHE K 63 -42.62 -84.63 -41.68
C PHE K 63 -43.50 -85.81 -42.08
N GLU K 64 -43.31 -86.30 -43.30
CA GLU K 64 -44.04 -87.51 -43.68
C GLU K 64 -43.50 -88.72 -42.92
N ALA K 65 -42.25 -88.67 -42.49
CA ALA K 65 -41.74 -89.74 -41.66
C ALA K 65 -42.28 -89.62 -40.24
N VAL K 66 -42.57 -88.39 -39.81
CA VAL K 66 -43.14 -88.21 -38.47
C VAL K 66 -44.58 -88.67 -38.44
N MET K 67 -45.36 -88.31 -39.46
CA MET K 67 -46.72 -88.83 -39.54
C MET K 67 -46.72 -90.32 -39.81
N ARG K 68 -45.66 -90.83 -40.44
CA ARG K 68 -45.57 -92.26 -40.69
C ARG K 68 -45.32 -93.03 -39.40
N GLU K 69 -44.37 -92.57 -38.60
CA GLU K 69 -44.05 -93.27 -37.37
C GLU K 69 -45.09 -93.02 -36.28
N SER K 70 -45.92 -91.99 -36.45
CA SER K 70 -46.87 -91.65 -35.41
C SER K 70 -47.97 -92.69 -35.27
N GLU K 71 -48.25 -93.44 -36.34
CA GLU K 71 -49.27 -94.48 -36.42
C GLU K 71 -50.65 -93.92 -36.07
N LEU K 72 -51.11 -92.98 -36.87
CA LEU K 72 -52.37 -92.30 -36.64
C LEU K 72 -53.52 -93.26 -36.81
N LYS K 73 -54.67 -92.91 -36.22
CA LYS K 73 -55.83 -93.79 -36.25
C LYS K 73 -57.06 -92.98 -35.87
N ILE K 74 -58.17 -93.25 -36.55
CA ILE K 74 -59.49 -92.80 -36.15
C ILE K 74 -60.44 -93.96 -36.30
N THR K 75 -61.16 -94.29 -35.24
CA THR K 75 -62.17 -95.33 -35.26
C THR K 75 -63.47 -94.75 -34.72
N ALA K 76 -64.45 -94.55 -35.60
CA ALA K 76 -65.65 -93.83 -35.22
C ALA K 76 -66.84 -94.25 -36.07
N THR K 77 -67.96 -93.57 -35.85
CA THR K 77 -69.24 -93.89 -36.44
C THR K 77 -69.83 -92.64 -37.08
N VAL K 78 -70.33 -92.78 -38.31
CA VAL K 78 -70.98 -91.68 -39.03
C VAL K 78 -72.39 -92.09 -39.42
N LYS K 79 -73.20 -91.10 -39.77
CA LYS K 79 -74.51 -91.35 -40.35
C LYS K 79 -74.36 -91.84 -41.78
N ASN K 80 -75.07 -92.91 -42.11
CA ASN K 80 -74.95 -93.57 -43.41
C ASN K 80 -76.05 -93.06 -44.33
N LYS K 81 -75.67 -92.49 -45.47
CA LYS K 81 -76.61 -91.89 -46.41
C LYS K 81 -76.60 -92.54 -47.79
N LEU K 82 -76.37 -93.85 -47.85
CA LEU K 82 -76.51 -94.60 -49.09
C LEU K 82 -77.89 -95.19 -49.27
N THR K 83 -78.83 -94.85 -48.40
CA THR K 83 -80.19 -95.36 -48.44
C THR K 83 -81.11 -94.32 -47.82
N ASP K 84 -82.31 -94.74 -47.43
CA ASP K 84 -83.29 -93.81 -46.90
C ASP K 84 -83.68 -94.12 -45.45
N ASP K 85 -82.69 -94.39 -44.59
CA ASP K 85 -82.95 -94.77 -43.21
C ASP K 85 -82.10 -93.90 -42.30
N GLU K 86 -82.71 -93.42 -41.20
CA GLU K 86 -82.00 -92.59 -40.23
C GLU K 86 -81.13 -93.42 -39.29
N ASN K 87 -81.62 -94.57 -38.86
CA ASN K 87 -80.92 -95.43 -37.92
C ASN K 87 -79.71 -96.13 -38.54
N ALA K 88 -79.62 -96.16 -39.87
CA ALA K 88 -78.53 -96.83 -40.55
C ALA K 88 -77.26 -96.01 -40.35
N GLU K 89 -76.29 -96.60 -39.68
CA GLU K 89 -75.04 -95.93 -39.39
C GLU K 89 -73.92 -96.67 -40.11
N LEU K 90 -72.84 -95.95 -40.40
CA LEU K 90 -71.70 -96.54 -41.07
C LEU K 90 -70.49 -96.51 -40.15
N PRO K 91 -70.03 -97.64 -39.66
CA PRO K 91 -68.78 -97.65 -38.90
C PRO K 91 -67.58 -97.54 -39.84
N VAL K 92 -66.61 -96.71 -39.48
CA VAL K 92 -65.40 -96.55 -40.27
C VAL K 92 -64.21 -96.92 -39.40
N GLU K 93 -63.17 -97.42 -40.06
CA GLU K 93 -61.90 -97.78 -39.42
C GLU K 93 -60.78 -97.37 -40.38
N LEU K 94 -60.10 -96.28 -40.06
CA LEU K 94 -59.16 -95.69 -40.99
C LEU K 94 -57.72 -95.89 -40.50
N ASN K 95 -56.78 -95.73 -41.42
CA ASN K 95 -55.36 -95.69 -41.09
C ASN K 95 -54.70 -94.60 -41.91
N PHE K 96 -53.87 -93.81 -41.26
CA PHE K 96 -53.33 -92.59 -41.84
C PHE K 96 -51.82 -92.66 -41.82
N LYS K 97 -51.20 -92.21 -42.90
CA LYS K 97 -49.74 -92.19 -42.94
C LYS K 97 -49.15 -90.85 -43.33
N SER K 98 -49.80 -90.09 -44.20
CA SER K 98 -49.31 -88.77 -44.57
C SER K 98 -50.50 -87.89 -44.91
N LEU K 99 -50.22 -86.67 -45.35
CA LEU K 99 -51.31 -85.74 -45.59
C LEU K 99 -52.03 -86.00 -46.90
N ALA K 100 -51.59 -86.99 -47.67
CA ALA K 100 -52.43 -87.46 -48.75
C ALA K 100 -53.64 -88.21 -48.22
N ASP K 101 -53.54 -88.80 -47.03
CA ASP K 101 -54.58 -89.69 -46.52
C ASP K 101 -55.82 -88.97 -46.03
N PHE K 102 -55.83 -87.65 -46.02
CA PHE K 102 -57.02 -86.92 -45.61
C PHE K 102 -57.86 -86.48 -46.80
N ALA K 103 -57.37 -86.75 -48.01
CA ALA K 103 -58.12 -86.45 -49.22
C ALA K 103 -59.30 -87.42 -49.34
N PRO K 104 -60.33 -87.07 -50.14
CA PRO K 104 -61.43 -88.01 -50.34
C PRO K 104 -61.05 -89.21 -51.19
N ASP K 105 -59.89 -89.20 -51.84
CA ASP K 105 -59.45 -90.36 -52.58
C ASP K 105 -59.09 -91.50 -51.64
N ALA K 106 -58.15 -91.25 -50.72
CA ALA K 106 -57.72 -92.30 -49.81
C ALA K 106 -58.81 -92.64 -48.81
N VAL K 107 -59.61 -91.66 -48.41
CA VAL K 107 -60.76 -91.95 -47.55
C VAL K 107 -61.78 -92.77 -48.32
N ALA K 108 -61.89 -92.52 -49.63
CA ALA K 108 -62.77 -93.34 -50.46
C ALA K 108 -62.22 -94.76 -50.61
N SER K 109 -60.90 -94.92 -50.46
CA SER K 109 -60.34 -96.26 -50.54
C SER K 109 -60.41 -96.99 -49.21
N GLN K 110 -60.39 -96.28 -48.09
CA GLN K 110 -60.29 -96.94 -46.80
C GLN K 110 -61.62 -97.29 -46.18
N VAL K 111 -62.73 -96.96 -46.84
CA VAL K 111 -64.02 -97.43 -46.36
C VAL K 111 -64.61 -98.30 -47.47
N PRO K 112 -64.76 -99.61 -47.25
CA PRO K 112 -65.19 -100.50 -48.35
C PRO K 112 -66.61 -100.24 -48.84
N GLU K 113 -67.46 -99.67 -47.98
CA GLU K 113 -68.81 -99.31 -48.40
C GLU K 113 -68.81 -98.12 -49.35
N LEU K 114 -67.70 -97.43 -49.49
CA LEU K 114 -67.48 -96.49 -50.58
C LEU K 114 -66.58 -97.03 -51.67
N LYS K 115 -65.64 -97.91 -51.31
CA LYS K 115 -64.70 -98.46 -52.29
C LYS K 115 -65.39 -99.30 -53.34
N LYS K 116 -66.41 -100.05 -52.91
CA LYS K 116 -67.19 -100.83 -53.86
C LYS K 116 -68.00 -99.94 -54.78
N LEU K 117 -68.38 -98.75 -54.33
CA LEU K 117 -69.09 -97.82 -55.20
C LEU K 117 -68.16 -97.09 -56.14
N ILE K 118 -66.91 -96.87 -55.73
CA ILE K 118 -65.93 -96.31 -56.66
C ILE K 118 -65.61 -97.31 -57.76
N GLU K 119 -65.44 -98.58 -57.38
CA GLU K 119 -65.18 -99.61 -58.39
C GLU K 119 -66.40 -99.85 -59.28
N LEU K 120 -67.60 -99.76 -58.70
CA LEU K 120 -68.81 -99.91 -59.49
C LEU K 120 -69.00 -98.74 -60.43
N ARG K 121 -68.57 -97.55 -60.00
CA ARG K 121 -68.52 -96.40 -60.89
C ARG K 121 -67.51 -96.63 -62.00
N GLU K 122 -66.41 -97.32 -61.70
CA GLU K 122 -65.45 -97.66 -62.74
C GLU K 122 -65.99 -98.73 -63.68
N ALA K 123 -66.96 -99.52 -63.21
CA ALA K 123 -67.65 -100.44 -64.11
C ALA K 123 -68.64 -99.70 -65.01
N LEU K 124 -69.28 -98.64 -64.48
CA LEU K 124 -70.26 -97.93 -65.28
C LEU K 124 -69.60 -96.98 -66.28
N VAL K 125 -68.39 -96.49 -65.96
CA VAL K 125 -67.71 -95.58 -66.89
C VAL K 125 -67.11 -96.37 -68.06
N ALA K 126 -66.47 -97.50 -67.78
CA ALA K 126 -65.86 -98.30 -68.82
C ALA K 126 -66.88 -98.98 -69.73
N LEU K 127 -68.05 -99.31 -69.20
CA LEU K 127 -69.20 -99.88 -69.91
C LEU K 127 -68.87 -101.19 -70.62
N ASN L 1 -79.18 -94.29 -74.58
CA ASN L 1 -78.50 -95.37 -73.87
C ASN L 1 -77.36 -94.82 -73.03
N LYS L 2 -76.46 -94.09 -73.71
CA LYS L 2 -75.28 -93.54 -73.04
C LYS L 2 -75.68 -92.48 -72.03
N SER L 3 -76.72 -91.70 -72.36
CA SER L 3 -77.16 -90.63 -71.47
C SER L 3 -77.76 -91.20 -70.19
N LEU L 4 -78.36 -92.38 -70.27
CA LEU L 4 -78.86 -93.02 -69.06
C LEU L 4 -77.71 -93.51 -68.18
N VAL L 5 -76.62 -93.96 -68.81
CA VAL L 5 -75.43 -94.36 -68.06
C VAL L 5 -74.82 -93.14 -67.36
N ASP L 6 -74.81 -92.00 -68.04
CA ASP L 6 -74.28 -90.77 -67.43
C ASP L 6 -75.18 -90.26 -66.32
N GLN L 7 -76.49 -90.45 -66.45
CA GLN L 7 -77.39 -90.10 -65.35
C GLN L 7 -77.18 -91.00 -64.15
N MET L 8 -76.85 -92.27 -64.39
CA MET L 8 -76.48 -93.16 -63.29
C MET L 8 -75.15 -92.73 -62.67
N LEU L 9 -74.25 -92.16 -63.47
CA LEU L 9 -73.00 -91.63 -62.91
C LEU L 9 -73.24 -90.40 -62.05
N VAL L 10 -74.17 -89.54 -62.44
CA VAL L 10 -74.46 -88.33 -61.65
C VAL L 10 -75.14 -88.72 -60.33
N GLU L 11 -76.09 -89.66 -60.39
CA GLU L 11 -76.75 -90.10 -59.17
C GLU L 11 -75.80 -90.85 -58.25
N LEU L 12 -74.89 -91.64 -58.83
CA LEU L 12 -73.94 -92.38 -58.02
C LEU L 12 -72.92 -91.44 -57.38
N ASP L 13 -72.53 -90.39 -58.10
CA ASP L 13 -71.65 -89.37 -57.52
C ASP L 13 -72.36 -88.59 -56.43
N LYS L 14 -73.68 -88.46 -56.54
CA LYS L 14 -74.45 -87.87 -55.45
C LYS L 14 -74.45 -88.78 -54.23
N LYS L 15 -74.41 -90.10 -54.46
CA LYS L 15 -74.38 -91.02 -53.32
C LYS L 15 -73.02 -91.02 -52.63
N ILE L 16 -71.94 -91.15 -53.41
CA ILE L 16 -70.61 -91.25 -52.81
C ILE L 16 -70.19 -89.90 -52.23
N SER L 17 -70.55 -88.81 -52.91
CA SER L 17 -70.27 -87.48 -52.34
C SER L 17 -71.15 -87.21 -51.13
N ALA L 18 -72.36 -87.80 -51.10
CA ALA L 18 -73.23 -87.63 -49.96
C ALA L 18 -72.67 -88.31 -48.72
N GLN L 19 -72.04 -89.47 -48.90
CA GLN L 19 -71.41 -90.11 -47.74
C GLN L 19 -70.10 -89.44 -47.37
N MET L 20 -69.34 -89.01 -48.38
CA MET L 20 -68.03 -88.42 -48.15
C MET L 20 -68.15 -87.10 -47.42
N ASP L 21 -69.26 -86.38 -47.66
CA ASP L 21 -69.57 -85.20 -46.86
C ASP L 21 -69.78 -85.56 -45.39
N GLU L 22 -70.25 -86.78 -45.11
CA GLU L 22 -70.46 -87.14 -43.72
C GLU L 22 -69.17 -87.61 -43.06
N ILE L 23 -68.29 -88.24 -43.81
CA ILE L 23 -67.03 -88.66 -43.19
C ILE L 23 -66.12 -87.47 -42.96
N LEU L 24 -65.99 -86.60 -43.96
CA LEU L 24 -65.04 -85.49 -43.83
C LEU L 24 -65.51 -84.42 -42.85
N HIS L 25 -66.78 -84.41 -42.47
CA HIS L 25 -67.24 -83.46 -41.48
C HIS L 25 -67.30 -84.05 -40.10
N ASN L 26 -66.66 -85.21 -39.89
CA ASN L 26 -66.65 -85.84 -38.58
C ASN L 26 -65.77 -85.02 -37.63
N SER L 27 -66.26 -84.86 -36.41
CA SER L 27 -65.66 -83.92 -35.47
C SER L 27 -64.28 -84.38 -35.02
N GLN L 28 -64.14 -85.67 -34.70
CA GLN L 28 -62.83 -86.22 -34.39
C GLN L 28 -61.92 -86.14 -35.61
N PHE L 29 -62.49 -86.32 -36.80
CA PHE L 29 -61.70 -86.24 -38.01
C PHE L 29 -61.33 -84.80 -38.31
N GLN L 30 -62.17 -83.86 -37.90
CA GLN L 30 -61.79 -82.47 -38.03
C GLN L 30 -60.72 -82.11 -37.01
N ALA L 31 -60.70 -82.81 -35.88
CA ALA L 31 -59.66 -82.55 -34.90
C ALA L 31 -58.31 -83.05 -35.40
N MET L 32 -58.29 -84.26 -35.97
CA MET L 32 -57.06 -84.82 -36.49
C MET L 32 -56.57 -84.03 -37.70
N GLU L 33 -57.47 -83.81 -38.65
CA GLU L 33 -57.10 -83.14 -39.89
C GLU L 33 -56.74 -81.69 -39.63
N SER L 34 -57.44 -81.06 -38.68
CA SER L 34 -57.13 -79.69 -38.33
C SER L 34 -55.78 -79.58 -37.66
N ALA L 35 -55.47 -80.51 -36.77
CA ALA L 35 -54.21 -80.47 -36.05
C ALA L 35 -53.04 -80.73 -36.98
N TRP L 36 -53.16 -81.76 -37.82
CA TRP L 36 -52.00 -82.08 -38.65
C TRP L 36 -51.87 -81.17 -39.85
N ARG L 37 -52.98 -80.84 -40.51
CA ARG L 37 -52.87 -79.97 -41.68
C ARG L 37 -52.51 -78.56 -41.26
N GLY L 38 -53.05 -78.12 -40.13
CA GLY L 38 -52.59 -76.87 -39.55
C GLY L 38 -51.13 -76.95 -39.13
N LEU L 39 -50.69 -78.13 -38.72
CA LEU L 39 -49.30 -78.27 -38.30
C LEU L 39 -48.37 -78.14 -39.50
N LYS L 40 -48.76 -78.69 -40.65
CA LYS L 40 -47.92 -78.48 -41.83
C LYS L 40 -47.98 -77.04 -42.28
N LEU L 41 -49.12 -76.39 -42.07
CA LEU L 41 -49.23 -74.97 -42.39
C LEU L 41 -48.28 -74.13 -41.55
N PHE L 42 -48.06 -74.53 -40.30
CA PHE L 42 -47.02 -73.88 -39.51
C PHE L 42 -45.63 -74.27 -39.98
N VAL L 43 -45.44 -75.55 -40.35
CA VAL L 43 -44.08 -76.05 -40.58
C VAL L 43 -43.49 -75.46 -41.85
N ASP L 44 -44.22 -75.52 -42.97
CA ASP L 44 -43.59 -75.14 -44.22
C ASP L 44 -43.40 -73.65 -44.39
N ARG L 45 -43.99 -72.82 -43.53
CA ARG L 45 -43.82 -71.38 -43.63
C ARG L 45 -42.65 -70.88 -42.80
N THR L 46 -42.00 -71.75 -42.05
CA THR L 46 -40.82 -71.37 -41.30
C THR L 46 -39.59 -71.65 -42.15
N ASP L 47 -38.41 -71.49 -41.54
CA ASP L 47 -37.15 -71.63 -42.28
C ASP L 47 -36.15 -72.35 -41.40
N PHE L 48 -36.07 -73.67 -41.54
CA PHE L 48 -35.27 -74.49 -40.64
C PHE L 48 -33.80 -74.48 -40.98
N ARG L 49 -33.42 -73.83 -42.06
CA ARG L 49 -32.00 -73.60 -42.29
C ARG L 49 -31.47 -72.37 -41.56
N GLU L 50 -32.28 -71.75 -40.71
CA GLU L 50 -31.82 -70.67 -39.85
C GLU L 50 -31.97 -71.00 -38.37
N ASN L 51 -31.70 -72.25 -38.00
CA ASN L 51 -31.65 -72.71 -36.61
C ASN L 51 -32.97 -72.54 -35.88
N ASN L 52 -34.00 -73.24 -36.35
CA ASN L 52 -35.27 -73.32 -35.65
C ASN L 52 -35.64 -74.78 -35.53
N LYS L 53 -36.08 -75.18 -34.35
CA LYS L 53 -36.55 -76.55 -34.21
C LYS L 53 -37.95 -76.54 -33.63
N VAL L 54 -38.81 -77.35 -34.22
CA VAL L 54 -40.15 -77.50 -33.67
C VAL L 54 -40.30 -78.94 -33.22
N GLU L 55 -40.69 -79.10 -31.97
CA GLU L 55 -40.86 -80.41 -31.39
C GLU L 55 -42.33 -80.62 -31.10
N ILE L 56 -42.72 -81.88 -31.09
CA ILE L 56 -44.10 -82.30 -31.01
C ILE L 56 -44.25 -83.18 -29.78
N LEU L 57 -45.23 -82.87 -28.94
CA LEU L 57 -45.56 -83.74 -27.83
C LEU L 57 -47.07 -83.92 -27.76
N HIS L 58 -47.54 -85.14 -28.01
CA HIS L 58 -48.96 -85.46 -28.03
C HIS L 58 -49.54 -85.38 -26.63
N VAL L 59 -50.23 -84.30 -26.32
CA VAL L 59 -50.86 -84.16 -25.01
C VAL L 59 -52.28 -83.65 -25.22
N THR L 60 -53.25 -84.31 -24.62
CA THR L 60 -54.59 -83.72 -24.55
C THR L 60 -54.74 -82.98 -23.23
N LYS L 61 -55.78 -82.14 -23.17
CA LYS L 61 -55.93 -81.23 -22.02
C LYS L 61 -56.16 -81.98 -20.73
N ASP L 62 -56.84 -83.12 -20.82
CA ASP L 62 -57.24 -83.85 -19.62
C ASP L 62 -56.04 -84.48 -18.94
N GLU L 63 -54.96 -84.70 -19.68
CA GLU L 63 -53.78 -85.20 -19.00
C GLU L 63 -52.79 -84.09 -18.65
N LEU L 64 -52.98 -82.87 -19.15
CA LEU L 64 -52.31 -81.75 -18.50
C LEU L 64 -52.91 -81.47 -17.15
N LEU L 65 -54.23 -81.56 -17.05
CA LEU L 65 -54.85 -81.27 -15.76
C LEU L 65 -54.70 -82.42 -14.80
N GLU L 66 -54.89 -83.66 -15.30
CA GLU L 66 -54.66 -84.84 -14.46
C GLU L 66 -53.18 -84.95 -14.10
N ASP L 67 -52.31 -84.50 -15.00
CA ASP L 67 -50.87 -84.55 -14.72
C ASP L 67 -50.47 -83.53 -13.68
N PHE L 68 -50.87 -82.28 -13.87
CA PHE L 68 -50.52 -81.23 -12.93
C PHE L 68 -51.14 -81.46 -11.56
N GLU L 69 -52.37 -81.95 -11.50
CA GLU L 69 -52.94 -82.24 -10.19
C GLU L 69 -52.33 -83.49 -9.59
N PHE L 70 -51.90 -84.43 -10.42
CA PHE L 70 -51.23 -85.62 -9.89
C PHE L 70 -49.82 -85.28 -9.45
N ALA L 71 -49.25 -84.24 -10.03
CA ALA L 71 -47.95 -83.77 -9.59
C ALA L 71 -48.09 -83.02 -8.27
N PRO L 72 -47.11 -83.14 -7.37
CA PRO L 72 -47.26 -82.53 -6.05
C PRO L 72 -47.14 -81.02 -6.09
N GLU L 73 -46.57 -80.52 -7.17
CA GLU L 73 -46.46 -79.09 -7.41
C GLU L 73 -46.31 -78.90 -8.90
N THR L 74 -45.90 -77.69 -9.30
CA THR L 74 -45.61 -77.51 -10.72
C THR L 74 -44.23 -78.01 -11.06
N ALA L 75 -43.37 -78.15 -10.07
CA ALA L 75 -41.96 -78.35 -10.32
C ALA L 75 -41.57 -79.80 -10.47
N GLN L 76 -42.51 -80.73 -10.49
CA GLN L 76 -42.16 -82.12 -10.69
C GLN L 76 -43.06 -82.82 -11.68
N SER L 77 -43.80 -82.06 -12.49
CA SER L 77 -44.68 -82.69 -13.46
C SER L 77 -43.89 -83.24 -14.63
N GLY L 78 -44.61 -83.86 -15.57
CA GLY L 78 -43.96 -84.33 -16.77
C GLY L 78 -43.52 -83.20 -17.67
N LEU L 79 -44.42 -82.24 -17.91
CA LEU L 79 -44.14 -81.19 -18.88
C LEU L 79 -43.07 -80.24 -18.38
N TYR L 80 -42.94 -80.13 -17.05
CA TYR L 80 -41.83 -79.37 -16.49
C TYR L 80 -40.51 -80.07 -16.74
N LYS L 81 -40.54 -81.39 -16.90
CA LYS L 81 -39.31 -82.12 -17.20
C LYS L 81 -39.01 -82.13 -18.69
N HIS L 82 -40.03 -81.93 -19.53
CA HIS L 82 -39.73 -81.86 -20.96
C HIS L 82 -39.34 -80.44 -21.37
N VAL L 83 -39.81 -79.45 -20.64
CA VAL L 83 -39.50 -78.06 -20.99
C VAL L 83 -38.31 -77.56 -20.20
N TYR L 84 -38.39 -77.63 -18.89
CA TYR L 84 -37.37 -77.04 -18.04
C TYR L 84 -36.14 -77.93 -17.90
N SER L 85 -36.35 -79.15 -17.40
CA SER L 85 -35.24 -79.94 -16.90
C SER L 85 -34.43 -80.57 -18.04
N ALA L 86 -35.10 -80.97 -19.10
CA ALA L 86 -34.37 -81.46 -20.26
C ALA L 86 -33.89 -80.35 -21.16
N GLY L 87 -34.32 -79.12 -20.89
CA GLY L 87 -33.92 -77.99 -21.68
C GLY L 87 -33.08 -76.99 -20.92
N TYR L 88 -33.76 -75.97 -20.40
CA TYR L 88 -33.15 -74.72 -19.94
C TYR L 88 -32.17 -74.92 -18.82
N GLY L 89 -32.45 -75.85 -17.92
CA GLY L 89 -31.60 -76.01 -16.75
C GLY L 89 -30.72 -77.23 -16.82
N GLN L 90 -30.46 -77.74 -18.02
CA GLN L 90 -29.60 -78.89 -18.22
C GLN L 90 -28.27 -78.41 -18.76
N PHE L 91 -27.18 -78.98 -18.26
CA PHE L 91 -25.85 -78.59 -18.69
C PHE L 91 -25.66 -78.94 -20.17
N GLY L 92 -25.66 -77.92 -21.01
CA GLY L 92 -25.42 -78.08 -22.42
C GLY L 92 -26.67 -78.12 -23.28
N GLY L 93 -27.86 -78.12 -22.69
CA GLY L 93 -29.09 -78.18 -23.44
C GLY L 93 -29.41 -76.85 -24.10
N GLU L 94 -30.63 -76.76 -24.61
CA GLU L 94 -31.06 -75.58 -25.35
C GLU L 94 -32.38 -75.12 -24.77
N PRO L 95 -32.60 -73.83 -24.70
CA PRO L 95 -33.82 -73.35 -24.03
C PRO L 95 -35.05 -73.47 -24.90
N VAL L 96 -36.21 -73.59 -24.27
CA VAL L 96 -37.48 -73.58 -25.01
C VAL L 96 -37.88 -72.13 -25.26
N GLY L 97 -38.03 -71.76 -26.53
CA GLY L 97 -38.27 -70.37 -26.86
C GLY L 97 -39.71 -69.97 -26.68
N ALA L 98 -40.63 -70.83 -27.13
CA ALA L 98 -42.05 -70.55 -27.05
C ALA L 98 -42.80 -71.87 -27.03
N ILE L 99 -44.01 -71.83 -26.49
CA ILE L 99 -44.87 -73.02 -26.43
C ILE L 99 -46.17 -72.66 -27.10
N ILE L 100 -46.57 -73.47 -28.05
CA ILE L 100 -47.78 -73.23 -28.83
C ILE L 100 -48.78 -74.31 -28.48
N GLY L 101 -49.96 -73.90 -28.01
CA GLY L 101 -50.96 -74.85 -27.60
C GLY L 101 -52.03 -74.97 -28.65
N ASN L 102 -52.17 -76.18 -29.18
CA ASN L 102 -53.22 -76.47 -30.14
C ASN L 102 -54.47 -76.90 -29.38
N TYR L 103 -54.98 -75.97 -28.58
CA TYR L 103 -56.11 -76.21 -27.71
C TYR L 103 -57.18 -75.17 -27.97
N ALA L 104 -58.29 -75.31 -27.27
CA ALA L 104 -59.31 -74.28 -27.21
C ALA L 104 -59.79 -74.15 -25.78
N PHE L 105 -59.89 -72.92 -25.28
CA PHE L 105 -60.13 -72.71 -23.86
C PHE L 105 -61.51 -72.14 -23.61
N THR L 106 -62.15 -72.66 -22.57
CA THR L 106 -63.48 -72.28 -22.15
C THR L 106 -63.34 -71.57 -20.81
N PRO L 107 -64.38 -70.96 -20.24
CA PRO L 107 -64.27 -70.46 -18.87
C PRO L 107 -64.40 -71.52 -17.80
N SER L 108 -64.31 -72.81 -18.15
CA SER L 108 -64.45 -73.84 -17.14
C SER L 108 -63.24 -73.86 -16.23
N THR L 109 -63.52 -74.12 -14.95
CA THR L 109 -62.49 -74.22 -13.92
C THR L 109 -61.31 -75.14 -14.25
N PRO L 110 -61.47 -76.29 -14.95
CA PRO L 110 -60.26 -76.97 -15.44
C PRO L 110 -59.39 -76.14 -16.37
N ASP L 111 -59.99 -75.31 -17.23
CA ASP L 111 -59.17 -74.55 -18.17
C ASP L 111 -58.43 -73.43 -17.47
N MET L 112 -59.05 -72.79 -16.50
CA MET L 112 -58.38 -71.69 -15.84
C MET L 112 -57.35 -72.19 -14.82
N LYS L 113 -57.57 -73.38 -14.27
CA LYS L 113 -56.50 -73.98 -13.49
C LYS L 113 -55.35 -74.38 -14.40
N LEU L 114 -55.66 -74.82 -15.62
CA LEU L 114 -54.63 -75.11 -16.61
C LEU L 114 -53.81 -73.86 -16.94
N LEU L 115 -54.46 -72.71 -17.09
CA LEU L 115 -53.68 -71.52 -17.43
C LEU L 115 -52.94 -70.96 -16.23
N GLN L 116 -53.41 -71.21 -15.01
CA GLN L 116 -52.59 -70.81 -13.86
C GLN L 116 -51.31 -71.62 -13.83
N TYR L 117 -51.43 -72.93 -14.04
CA TYR L 117 -50.25 -73.76 -13.99
C TYR L 117 -49.32 -73.50 -15.16
N MET L 118 -49.85 -73.28 -16.36
CA MET L 118 -48.97 -72.99 -17.49
C MET L 118 -48.39 -71.59 -17.40
N GLY L 119 -49.03 -70.72 -16.63
CA GLY L 119 -48.37 -69.50 -16.24
C GLY L 119 -47.17 -69.77 -15.35
N ALA L 120 -47.28 -70.77 -14.48
CA ALA L 120 -46.15 -71.10 -13.62
C ALA L 120 -45.01 -71.74 -14.41
N LEU L 121 -45.34 -72.64 -15.34
CA LEU L 121 -44.32 -73.26 -16.18
C LEU L 121 -43.65 -72.24 -17.06
N GLY L 122 -44.44 -71.33 -17.62
CA GLY L 122 -43.86 -70.22 -18.37
C GLY L 122 -43.04 -69.30 -17.51
N ALA L 123 -43.30 -69.30 -16.19
CA ALA L 123 -42.49 -68.48 -15.30
C ALA L 123 -41.13 -69.11 -15.08
N MET L 124 -41.09 -70.39 -14.75
CA MET L 124 -39.79 -70.95 -14.40
C MET L 124 -39.01 -71.36 -15.62
N ALA L 125 -39.63 -71.41 -16.79
CA ALA L 125 -38.90 -71.89 -17.95
C ALA L 125 -38.79 -70.86 -19.06
N HIS L 126 -39.34 -69.66 -18.85
CA HIS L 126 -39.28 -68.54 -19.79
C HIS L 126 -39.80 -68.91 -21.17
N ALA L 127 -41.01 -69.46 -21.20
CA ALA L 127 -41.60 -69.88 -22.43
C ALA L 127 -43.02 -69.34 -22.44
N PRO L 128 -43.36 -68.43 -23.35
CA PRO L 128 -44.72 -67.95 -23.44
C PRO L 128 -45.63 -69.02 -24.01
N PHE L 129 -46.81 -69.15 -23.42
CA PHE L 129 -47.78 -70.13 -23.85
C PHE L 129 -48.84 -69.43 -24.68
N ILE L 130 -49.09 -69.94 -25.88
CA ILE L 130 -50.04 -69.35 -26.81
C ILE L 130 -51.10 -70.40 -27.12
N SER L 131 -52.36 -69.98 -27.13
CA SER L 131 -53.42 -70.94 -27.39
C SER L 131 -54.57 -70.23 -28.08
N SER L 132 -55.74 -70.86 -28.10
CA SER L 132 -56.90 -70.28 -28.76
C SER L 132 -58.05 -70.14 -27.78
N VAL L 133 -58.69 -68.99 -27.87
CA VAL L 133 -59.97 -68.74 -27.22
C VAL L 133 -61.05 -69.37 -28.07
N GLY L 134 -61.82 -70.25 -27.46
CA GLY L 134 -62.89 -70.92 -28.13
C GLY L 134 -64.09 -70.01 -28.30
N PRO L 135 -65.07 -70.46 -29.08
CA PRO L 135 -66.24 -69.62 -29.31
C PRO L 135 -67.09 -69.38 -28.08
N GLU L 136 -67.19 -70.34 -27.16
CA GLU L 136 -68.06 -70.10 -26.02
C GLU L 136 -67.37 -69.34 -24.90
N PHE L 137 -66.18 -68.80 -25.13
CA PHE L 137 -65.54 -68.02 -24.10
C PHE L 137 -66.14 -66.64 -24.00
N PHE L 138 -66.80 -66.18 -25.06
CA PHE L 138 -67.38 -64.85 -25.07
C PHE L 138 -68.86 -64.90 -24.75
N GLY L 139 -69.41 -66.09 -24.57
CA GLY L 139 -70.81 -66.26 -24.26
C GLY L 139 -71.70 -66.52 -25.45
N ILE L 140 -71.15 -66.77 -26.62
CA ILE L 140 -71.93 -66.89 -27.83
C ILE L 140 -71.70 -68.26 -28.46
N ASP L 141 -72.43 -68.49 -29.56
CA ASP L 141 -72.39 -69.80 -30.20
C ASP L 141 -71.10 -70.00 -30.96
N SER L 142 -70.88 -69.21 -31.99
CA SER L 142 -69.68 -69.29 -32.79
C SER L 142 -69.26 -67.88 -33.13
N PHE L 143 -68.12 -67.76 -33.80
CA PHE L 143 -67.48 -66.46 -33.93
C PHE L 143 -68.18 -65.52 -34.88
N GLU L 144 -69.22 -65.96 -35.56
CA GLU L 144 -69.85 -65.08 -36.52
C GLU L 144 -70.86 -64.13 -35.89
N GLU L 145 -70.75 -63.83 -34.59
CA GLU L 145 -71.55 -62.78 -33.98
C GLU L 145 -70.71 -61.73 -33.25
N LEU L 146 -69.42 -61.66 -33.51
CA LEU L 146 -68.64 -60.53 -33.02
C LEU L 146 -69.06 -59.18 -33.59
N PRO L 147 -69.62 -59.05 -34.80
CA PRO L 147 -70.36 -57.82 -35.10
C PRO L 147 -71.67 -57.67 -34.37
N ASN L 148 -72.16 -58.70 -33.69
CA ASN L 148 -73.45 -58.58 -33.04
C ASN L 148 -73.37 -58.45 -31.53
N ILE L 149 -72.18 -58.43 -30.94
CA ILE L 149 -72.06 -58.21 -29.51
C ILE L 149 -71.81 -56.73 -29.27
N LYS L 150 -72.63 -56.12 -28.41
CA LYS L 150 -72.59 -54.67 -28.26
C LYS L 150 -71.35 -54.20 -27.51
N ASP L 151 -70.96 -54.89 -26.45
CA ASP L 151 -69.86 -54.39 -25.64
C ASP L 151 -69.16 -55.54 -24.90
N LEU L 152 -67.84 -55.67 -25.09
CA LEU L 152 -67.13 -56.78 -24.47
C LEU L 152 -66.68 -56.42 -23.05
N LYS L 153 -66.34 -55.16 -22.82
CA LYS L 153 -65.88 -54.72 -21.52
C LYS L 153 -66.98 -54.86 -20.48
N SER L 154 -68.23 -54.66 -20.89
CA SER L 154 -69.34 -54.89 -19.98
C SER L 154 -69.80 -56.34 -20.01
N THR L 155 -69.37 -57.11 -21.00
CA THR L 155 -69.67 -58.54 -20.99
C THR L 155 -68.85 -59.24 -19.93
N PHE L 156 -67.58 -58.89 -19.80
CA PHE L 156 -66.71 -59.62 -18.89
C PHE L 156 -66.88 -59.26 -17.41
N GLU L 157 -67.93 -58.55 -17.02
CA GLU L 157 -68.11 -58.31 -15.60
C GLU L 157 -69.05 -59.32 -14.95
N SER L 158 -69.58 -60.27 -15.70
CA SER L 158 -70.49 -61.25 -15.16
C SER L 158 -69.79 -62.18 -14.18
N PRO L 159 -70.49 -62.73 -13.21
CA PRO L 159 -69.85 -63.68 -12.30
C PRO L 159 -69.48 -65.00 -12.92
N LYS L 160 -69.79 -65.22 -14.20
CA LYS L 160 -69.24 -66.37 -14.89
C LYS L 160 -67.73 -66.25 -15.03
N TYR L 161 -67.21 -65.04 -15.16
CA TYR L 161 -65.83 -64.82 -15.55
C TYR L 161 -64.95 -64.41 -14.37
N THR L 162 -65.41 -64.71 -13.15
CA THR L 162 -64.69 -64.27 -11.95
C THR L 162 -63.33 -64.91 -11.86
N LYS L 163 -63.23 -66.17 -12.29
CA LYS L 163 -61.94 -66.83 -12.29
C LYS L 163 -61.01 -66.22 -13.33
N TRP L 164 -61.57 -65.80 -14.47
CA TRP L 164 -60.77 -65.18 -15.52
C TRP L 164 -60.21 -63.84 -15.07
N ARG L 165 -61.04 -63.01 -14.42
CA ARG L 165 -60.51 -61.75 -13.91
C ARG L 165 -59.60 -61.99 -12.72
N SER L 166 -59.72 -63.14 -12.08
CA SER L 166 -58.69 -63.47 -11.12
C SER L 166 -57.42 -63.93 -11.82
N LEU L 167 -57.52 -64.32 -13.10
CA LEU L 167 -56.33 -64.82 -13.79
C LEU L 167 -55.51 -63.68 -14.41
N ARG L 168 -56.18 -62.67 -14.96
CA ARG L 168 -55.43 -61.57 -15.56
C ARG L 168 -54.62 -60.78 -14.55
N GLU L 169 -55.11 -60.64 -13.33
CA GLU L 169 -54.39 -59.87 -12.35
C GLU L 169 -53.22 -60.61 -11.77
N SER L 170 -53.06 -61.90 -12.06
CA SER L 170 -51.94 -62.63 -11.51
C SER L 170 -50.65 -62.19 -12.17
N GLU L 171 -49.55 -62.35 -11.44
CA GLU L 171 -48.28 -61.89 -11.97
C GLU L 171 -47.68 -62.83 -12.99
N ASP L 172 -48.27 -63.98 -13.22
CA ASP L 172 -47.78 -64.88 -14.25
C ASP L 172 -48.54 -64.76 -15.56
N ALA L 173 -49.40 -63.76 -15.71
CA ALA L 173 -50.11 -63.62 -16.97
C ALA L 173 -49.29 -62.88 -18.01
N ARG L 174 -48.02 -62.57 -17.73
CA ARG L 174 -47.15 -62.11 -18.79
C ARG L 174 -46.85 -63.20 -19.80
N TYR L 175 -46.98 -64.46 -19.40
CA TYR L 175 -46.49 -65.57 -20.18
C TYR L 175 -47.59 -66.31 -20.92
N LEU L 176 -48.80 -65.79 -20.94
CA LEU L 176 -49.90 -66.40 -21.67
C LEU L 176 -50.34 -65.44 -22.75
N GLY L 177 -50.82 -65.98 -23.85
CA GLY L 177 -51.50 -65.17 -24.82
C GLY L 177 -52.60 -66.00 -25.44
N LEU L 178 -53.83 -65.54 -25.37
CA LEU L 178 -54.93 -66.28 -25.93
C LEU L 178 -55.40 -65.58 -27.19
N THR L 179 -55.57 -66.32 -28.27
CA THR L 179 -55.83 -65.72 -29.56
C THR L 179 -57.27 -65.89 -29.97
N ALA L 180 -57.79 -64.83 -30.58
CA ALA L 180 -59.13 -64.67 -31.13
C ALA L 180 -59.06 -65.15 -32.59
N PRO L 181 -60.09 -64.95 -33.44
CA PRO L 181 -60.73 -66.07 -34.11
C PRO L 181 -59.84 -66.88 -35.05
N ARG L 182 -60.32 -68.08 -35.38
CA ARG L 182 -59.58 -69.08 -36.13
C ARG L 182 -59.54 -68.70 -37.61
N PHE L 183 -58.98 -69.57 -38.45
CA PHE L 183 -58.96 -69.28 -39.88
C PHE L 183 -58.93 -70.57 -40.69
N LEU L 184 -59.23 -70.43 -41.98
CA LEU L 184 -59.32 -71.59 -42.86
C LEU L 184 -57.97 -72.24 -43.11
N LEU L 185 -57.98 -73.56 -43.24
CA LEU L 185 -56.80 -74.26 -43.70
C LEU L 185 -56.89 -74.69 -45.15
N ARG L 186 -58.09 -75.03 -45.60
CA ARG L 186 -58.28 -75.81 -46.80
C ARG L 186 -59.47 -75.29 -47.59
N VAL L 187 -59.26 -75.05 -48.87
CA VAL L 187 -60.36 -74.71 -49.78
C VAL L 187 -61.31 -75.90 -49.82
N PRO L 188 -62.61 -75.67 -49.65
CA PRO L 188 -63.57 -76.76 -49.85
C PRO L 188 -63.54 -77.26 -51.29
N TYR L 189 -63.75 -78.56 -51.44
CA TYR L 189 -63.49 -79.26 -52.69
C TYR L 189 -64.50 -78.90 -53.76
N ASP L 190 -64.15 -79.20 -55.00
CA ASP L 190 -64.85 -78.71 -56.13
C ASP L 190 -64.27 -79.60 -57.23
N PRO L 191 -64.97 -79.78 -58.35
CA PRO L 191 -64.36 -80.54 -59.46
C PRO L 191 -63.17 -79.84 -60.06
N ILE L 192 -63.19 -78.52 -60.09
CA ILE L 192 -62.17 -77.74 -60.76
C ILE L 192 -61.15 -77.17 -59.77
N GLU L 193 -61.64 -76.53 -58.70
CA GLU L 193 -60.79 -75.66 -57.88
C GLU L 193 -59.84 -76.42 -56.99
N ASN L 194 -60.22 -77.58 -56.51
CA ASN L 194 -59.28 -78.40 -55.75
C ASN L 194 -59.68 -79.84 -55.98
N PRO L 195 -59.24 -80.44 -57.07
CA PRO L 195 -59.86 -81.68 -57.54
C PRO L 195 -59.37 -82.89 -56.79
N VAL L 196 -60.10 -83.99 -57.00
CA VAL L 196 -59.78 -85.30 -56.46
C VAL L 196 -59.58 -86.26 -57.63
N LYS L 197 -58.77 -87.29 -57.39
CA LYS L 197 -58.44 -88.22 -58.46
C LYS L 197 -59.50 -89.31 -58.59
N SER L 198 -59.82 -89.65 -59.83
CA SER L 198 -60.67 -90.77 -60.24
C SER L 198 -62.10 -90.68 -59.72
N PHE L 199 -62.54 -89.48 -59.34
CA PHE L 199 -63.88 -89.31 -58.82
C PHE L 199 -64.35 -87.88 -58.98
N ASN L 200 -65.67 -87.68 -59.12
CA ASN L 200 -66.27 -86.35 -59.16
C ASN L 200 -66.87 -86.05 -57.78
N TYR L 201 -66.19 -85.18 -57.03
CA TYR L 201 -66.64 -84.78 -55.71
C TYR L 201 -66.89 -83.28 -55.65
N ALA L 202 -68.03 -82.89 -55.09
CA ALA L 202 -68.39 -81.49 -54.93
C ALA L 202 -68.85 -81.29 -53.49
N GLU L 203 -68.01 -80.69 -52.66
CA GLU L 203 -68.31 -80.58 -51.24
C GLU L 203 -69.40 -79.56 -51.03
N ASN L 204 -70.56 -80.05 -50.62
CA ASN L 204 -71.73 -79.22 -50.41
C ASN L 204 -71.67 -78.69 -48.99
N VAL L 205 -71.00 -77.57 -48.80
CA VAL L 205 -70.96 -76.94 -47.50
C VAL L 205 -72.22 -76.12 -47.30
N SER L 206 -72.89 -76.33 -46.16
CA SER L 206 -74.16 -75.68 -45.86
C SER L 206 -73.95 -74.25 -45.39
N ALA L 207 -75.00 -73.68 -44.80
CA ALA L 207 -74.89 -72.38 -44.16
C ALA L 207 -74.16 -72.46 -42.82
N SER L 208 -74.19 -73.60 -42.14
CA SER L 208 -73.51 -73.74 -40.86
C SER L 208 -72.01 -73.86 -41.14
N HIS L 209 -71.24 -72.91 -40.61
CA HIS L 209 -69.85 -72.82 -41.04
C HIS L 209 -68.93 -73.72 -40.24
N GLU L 210 -69.44 -74.67 -39.48
CA GLU L 210 -68.54 -75.66 -38.92
C GLU L 210 -68.06 -76.67 -39.94
N HIS L 211 -68.64 -76.68 -41.14
CA HIS L 211 -68.28 -77.68 -42.12
C HIS L 211 -66.95 -77.39 -42.76
N TYR L 212 -66.51 -76.14 -42.75
CA TYR L 212 -65.15 -75.80 -43.14
C TYR L 212 -64.16 -76.43 -42.18
N LEU L 213 -62.93 -76.60 -42.64
CA LEU L 213 -61.85 -77.05 -41.76
C LEU L 213 -61.21 -75.84 -41.13
N TRP L 214 -61.49 -75.61 -39.85
CA TRP L 214 -60.89 -74.47 -39.18
C TRP L 214 -59.63 -74.88 -38.45
N GLY L 215 -58.55 -74.14 -38.69
CA GLY L 215 -57.31 -74.44 -38.01
C GLY L 215 -57.09 -73.51 -36.86
N ASN L 216 -56.07 -73.76 -36.05
CA ASN L 216 -55.83 -72.94 -34.88
C ASN L 216 -55.09 -71.68 -35.31
N THR L 217 -55.31 -70.60 -34.58
CA THR L 217 -54.62 -69.34 -34.84
C THR L 217 -53.20 -69.40 -34.32
N ALA L 218 -53.00 -70.14 -33.23
CA ALA L 218 -51.73 -70.11 -32.51
C ALA L 218 -50.60 -70.68 -33.37
N PHE L 219 -50.95 -71.54 -34.32
CA PHE L 219 -49.98 -71.95 -35.32
C PHE L 219 -49.56 -70.78 -36.19
N ALA L 220 -50.49 -69.93 -36.64
CA ALA L 220 -50.12 -68.82 -37.49
C ALA L 220 -49.28 -67.81 -36.73
N PHE L 221 -49.64 -67.59 -35.46
CA PHE L 221 -48.82 -66.75 -34.60
C PHE L 221 -47.43 -67.35 -34.41
N ALA L 222 -47.35 -68.67 -34.41
CA ALA L 222 -46.05 -69.32 -34.30
C ALA L 222 -45.23 -69.19 -35.57
N THR L 223 -45.90 -69.13 -36.73
CA THR L 223 -45.18 -68.81 -37.96
C THR L 223 -44.59 -67.42 -37.89
N ARG L 224 -45.30 -66.50 -37.24
CA ARG L 224 -44.75 -65.15 -37.14
C ARG L 224 -43.58 -65.08 -36.17
N LEU L 225 -43.63 -65.85 -35.07
CA LEU L 225 -42.48 -65.91 -34.17
C LEU L 225 -41.26 -66.51 -34.85
N THR L 226 -41.43 -67.68 -35.48
CA THR L 226 -40.27 -68.39 -36.00
C THR L 226 -39.71 -67.71 -37.24
N ASP L 227 -40.58 -67.11 -38.06
CA ASP L 227 -40.09 -66.37 -39.20
C ASP L 227 -39.36 -65.10 -38.78
N SER L 228 -39.87 -64.41 -37.76
CA SER L 228 -39.18 -63.23 -37.28
C SER L 228 -37.82 -63.58 -36.70
N PHE L 229 -37.73 -64.75 -36.07
CA PHE L 229 -36.44 -65.19 -35.55
C PHE L 229 -35.50 -65.60 -36.67
N ALA L 230 -36.05 -66.14 -37.75
CA ALA L 230 -35.20 -66.56 -38.85
C ALA L 230 -34.65 -65.36 -39.59
N LYS L 231 -35.41 -64.27 -39.64
CA LYS L 231 -34.85 -63.08 -40.26
C LYS L 231 -33.88 -62.39 -39.34
N TYR L 232 -34.23 -62.19 -38.08
CA TYR L 232 -33.60 -61.16 -37.27
C TYR L 232 -32.98 -61.63 -35.97
N ARG L 233 -32.96 -62.94 -35.69
CA ARG L 233 -32.40 -63.54 -34.48
C ARG L 233 -33.04 -63.06 -33.19
N TRP L 234 -34.24 -62.51 -33.26
CA TRP L 234 -35.01 -62.12 -32.10
C TRP L 234 -36.47 -62.29 -32.48
N CYS L 235 -37.38 -62.06 -31.52
CA CYS L 235 -38.80 -62.04 -31.85
C CYS L 235 -39.54 -60.81 -31.32
N PRO L 236 -39.17 -59.59 -31.74
CA PRO L 236 -40.07 -58.47 -31.39
C PRO L 236 -40.99 -58.08 -32.54
N ASN L 237 -40.80 -58.67 -33.71
CA ASN L 237 -41.47 -58.19 -34.92
C ASN L 237 -42.62 -59.12 -35.29
N ILE L 238 -43.71 -58.98 -34.57
CA ILE L 238 -44.89 -59.81 -34.84
C ILE L 238 -46.17 -58.98 -34.87
N ILE L 239 -46.05 -57.65 -34.97
CA ILE L 239 -47.18 -56.79 -34.65
C ILE L 239 -47.63 -55.82 -35.72
N GLY L 240 -47.55 -56.18 -36.98
CA GLY L 240 -47.98 -55.24 -37.98
C GLY L 240 -48.32 -55.82 -39.32
N PRO L 241 -48.97 -55.02 -40.16
CA PRO L 241 -49.07 -55.40 -41.57
C PRO L 241 -47.73 -55.33 -42.28
N GLN L 242 -46.79 -54.53 -41.77
CA GLN L 242 -45.50 -54.41 -42.40
C GLN L 242 -44.33 -54.65 -41.47
N SER L 243 -44.54 -54.59 -40.16
CA SER L 243 -43.40 -54.73 -39.25
C SER L 243 -42.99 -56.18 -39.10
N GLY L 244 -43.83 -57.11 -39.54
CA GLY L 244 -43.44 -58.51 -39.54
C GLY L 244 -44.60 -59.43 -39.26
N GLY L 245 -45.68 -58.89 -38.72
CA GLY L 245 -46.76 -59.73 -38.27
C GLY L 245 -47.74 -60.13 -39.35
N ALA L 246 -47.46 -59.81 -40.59
CA ALA L 246 -48.40 -60.08 -41.67
C ALA L 246 -48.40 -61.58 -41.98
N VAL L 247 -49.55 -62.21 -41.82
CA VAL L 247 -49.73 -63.60 -42.23
C VAL L 247 -50.35 -63.58 -43.61
N GLU L 248 -49.58 -63.96 -44.61
CA GLU L 248 -50.02 -63.89 -45.99
C GLU L 248 -50.60 -65.23 -46.42
N ASP L 249 -51.17 -65.23 -47.62
CA ASP L 249 -51.62 -66.42 -48.33
C ASP L 249 -52.68 -67.20 -47.57
N LEU L 250 -53.86 -66.64 -47.43
CA LEU L 250 -54.93 -67.46 -46.88
C LEU L 250 -55.89 -67.92 -47.97
N PRO L 251 -56.48 -69.10 -47.82
CA PRO L 251 -57.38 -69.62 -48.85
C PRO L 251 -58.71 -68.89 -48.85
N VAL L 252 -59.24 -68.67 -50.05
CA VAL L 252 -60.53 -68.03 -50.22
C VAL L 252 -61.53 -69.06 -50.69
N HIS L 253 -62.80 -68.69 -50.66
CA HIS L 253 -63.84 -69.60 -51.13
C HIS L 253 -64.98 -68.74 -51.70
N VAL L 254 -64.91 -68.46 -52.98
CA VAL L 254 -65.95 -67.68 -53.63
C VAL L 254 -67.16 -68.58 -53.88
N PHE L 255 -68.28 -68.26 -53.26
CA PHE L 255 -69.44 -69.12 -53.39
C PHE L 255 -70.66 -68.25 -53.64
N GLU L 256 -71.68 -68.86 -54.26
CA GLU L 256 -72.85 -68.12 -54.71
C GLU L 256 -73.74 -67.73 -53.55
N SER L 257 -73.97 -66.43 -53.41
CA SER L 257 -74.81 -65.88 -52.35
C SER L 257 -76.25 -65.78 -52.88
N MET L 258 -77.13 -64.97 -52.29
CA MET L 258 -78.49 -64.80 -52.80
C MET L 258 -78.51 -63.99 -54.10
N GLY L 259 -78.10 -64.63 -55.18
CA GLY L 259 -78.05 -64.00 -56.48
C GLY L 259 -76.70 -63.48 -56.89
N ALA L 260 -75.87 -63.06 -55.94
CA ALA L 260 -74.58 -62.48 -56.26
C ALA L 260 -73.48 -63.42 -55.78
N LEU L 261 -72.23 -63.01 -56.04
CA LEU L 261 -71.08 -63.70 -55.48
C LEU L 261 -70.67 -62.97 -54.20
N GLN L 262 -70.02 -63.71 -53.32
CA GLN L 262 -69.32 -63.11 -52.20
C GLN L 262 -68.18 -64.02 -51.79
N SER L 263 -67.17 -63.43 -51.19
CA SER L 263 -66.04 -64.18 -50.68
C SER L 263 -66.35 -64.62 -49.26
N LYS L 264 -66.26 -65.93 -49.01
CA LYS L 264 -66.29 -66.36 -47.63
C LYS L 264 -64.98 -65.97 -46.98
N ILE L 265 -65.09 -65.30 -45.85
CA ILE L 265 -63.93 -64.69 -45.21
C ILE L 265 -63.04 -65.78 -44.66
N PRO L 266 -61.72 -65.69 -44.83
CA PRO L 266 -60.83 -66.73 -44.32
C PRO L 266 -60.81 -66.83 -42.82
N THR L 267 -60.79 -65.72 -42.11
CA THR L 267 -61.14 -65.75 -40.69
C THR L 267 -62.65 -65.82 -40.60
N GLU L 268 -63.16 -66.10 -39.40
CA GLU L 268 -64.61 -66.26 -39.28
C GLU L 268 -65.34 -64.95 -39.47
N VAL L 269 -64.74 -63.85 -39.01
CA VAL L 269 -65.35 -62.55 -39.17
C VAL L 269 -64.33 -61.54 -39.65
N LEU L 270 -64.84 -60.46 -40.20
CA LEU L 270 -64.09 -59.24 -40.45
C LEU L 270 -64.21 -58.41 -39.19
N ILE L 271 -63.17 -58.46 -38.35
CA ILE L 271 -63.18 -57.69 -37.13
C ILE L 271 -62.94 -56.24 -37.45
N THR L 272 -63.91 -55.39 -37.14
CA THR L 272 -63.72 -53.96 -37.31
C THR L 272 -62.74 -53.44 -36.25
N ASP L 273 -62.18 -52.26 -36.52
CA ASP L 273 -60.99 -51.84 -35.77
C ASP L 273 -61.31 -51.46 -34.35
N ARG L 274 -62.52 -50.99 -34.09
CA ARG L 274 -62.93 -50.78 -32.71
C ARG L 274 -63.03 -52.11 -31.97
N LYS L 275 -63.53 -53.13 -32.65
CA LYS L 275 -63.61 -54.45 -32.04
C LYS L 275 -62.22 -55.04 -31.83
N GLU L 276 -61.28 -54.70 -32.71
CA GLU L 276 -59.91 -55.18 -32.54
C GLU L 276 -59.27 -54.52 -31.33
N PHE L 277 -59.45 -53.21 -31.17
CA PHE L 277 -58.82 -52.54 -30.04
C PHE L 277 -59.44 -53.00 -28.74
N GLU L 278 -60.71 -53.38 -28.76
CA GLU L 278 -61.33 -53.93 -27.57
C GLU L 278 -60.75 -55.30 -27.25
N LEU L 279 -60.56 -56.15 -28.27
CA LEU L 279 -59.92 -57.43 -28.02
C LEU L 279 -58.47 -57.26 -27.59
N ALA L 280 -57.84 -56.16 -27.98
CA ALA L 280 -56.48 -55.92 -27.55
C ALA L 280 -56.44 -55.47 -26.11
N GLU L 281 -57.46 -54.74 -25.66
CA GLU L 281 -57.49 -54.32 -24.26
C GLU L 281 -57.87 -55.46 -23.34
N GLU L 282 -58.54 -56.48 -23.86
CA GLU L 282 -58.92 -57.61 -23.02
C GLU L 282 -57.83 -58.67 -22.95
N GLY L 283 -56.70 -58.44 -23.60
CA GLY L 283 -55.62 -59.39 -23.58
C GLY L 283 -55.70 -60.48 -24.63
N PHE L 284 -56.28 -60.19 -25.78
CA PHE L 284 -56.42 -61.19 -26.82
C PHE L 284 -55.68 -60.71 -28.06
N ILE L 285 -55.25 -61.67 -28.88
CA ILE L 285 -54.52 -61.38 -30.11
C ILE L 285 -55.51 -61.56 -31.25
N ALA L 286 -55.96 -60.46 -31.83
CA ALA L 286 -57.01 -60.52 -32.83
C ALA L 286 -56.39 -60.72 -34.19
N LEU L 287 -56.62 -61.89 -34.79
CA LEU L 287 -56.28 -62.10 -36.18
C LEU L 287 -57.27 -61.35 -37.04
N THR L 288 -56.83 -60.25 -37.64
CA THR L 288 -57.73 -59.39 -38.39
C THR L 288 -57.59 -59.61 -39.89
N MET L 289 -58.71 -59.88 -40.52
CA MET L 289 -58.75 -60.06 -41.96
C MET L 289 -58.66 -58.71 -42.62
N ARG L 290 -57.89 -58.62 -43.69
CA ARG L 290 -57.87 -57.42 -44.52
C ARG L 290 -58.91 -57.56 -45.61
N LYS L 291 -59.96 -56.74 -45.53
CA LYS L 291 -61.13 -56.88 -46.39
C LYS L 291 -60.78 -56.68 -47.84
N GLY L 292 -61.26 -57.59 -48.69
CA GLY L 292 -60.98 -57.53 -50.10
C GLY L 292 -59.67 -58.15 -50.51
N SER L 293 -58.97 -58.78 -49.58
CA SER L 293 -57.72 -59.44 -49.91
C SER L 293 -57.86 -60.89 -49.45
N ASP L 294 -56.74 -61.60 -49.49
CA ASP L 294 -56.62 -62.92 -48.90
C ASP L 294 -55.54 -62.94 -47.84
N ASN L 295 -55.32 -61.78 -47.21
CA ASN L 295 -54.21 -61.59 -46.30
C ASN L 295 -54.77 -61.16 -44.96
N ALA L 296 -54.08 -61.51 -43.88
CA ALA L 296 -54.53 -61.16 -42.55
C ALA L 296 -53.37 -60.61 -41.75
N ALA L 297 -53.68 -60.03 -40.60
CA ALA L 297 -52.63 -59.36 -39.84
C ALA L 297 -52.98 -59.32 -38.37
N PHE L 298 -51.94 -59.32 -37.55
CA PHE L 298 -52.04 -59.06 -36.12
C PHE L 298 -51.80 -57.57 -35.91
N PHE L 299 -52.85 -56.80 -35.67
CA PHE L 299 -52.64 -55.41 -35.31
C PHE L 299 -52.10 -55.26 -33.90
N SER L 300 -52.22 -56.29 -33.08
CA SER L 300 -51.82 -56.19 -31.69
C SER L 300 -51.49 -57.58 -31.18
N ALA L 301 -50.56 -57.66 -30.24
CA ALA L 301 -50.17 -58.91 -29.64
C ALA L 301 -50.00 -58.73 -28.13
N ASN L 302 -51.01 -58.17 -27.48
CA ASN L 302 -50.98 -58.06 -26.03
C ASN L 302 -51.02 -59.44 -25.37
N SER L 303 -50.57 -59.49 -24.12
CA SER L 303 -50.71 -60.69 -23.30
C SER L 303 -51.86 -60.50 -22.33
N ILE L 304 -52.02 -61.46 -21.42
CA ILE L 304 -53.24 -61.54 -20.63
C ILE L 304 -53.30 -60.46 -19.56
N GLN L 305 -52.15 -60.06 -19.01
CA GLN L 305 -52.14 -59.35 -17.73
C GLN L 305 -52.71 -57.96 -17.85
N LYS L 306 -53.58 -57.63 -16.93
CA LYS L 306 -54.30 -56.37 -16.93
C LYS L 306 -53.33 -55.23 -16.68
N PRO L 307 -53.27 -54.26 -17.58
CA PRO L 307 -52.35 -53.15 -17.39
C PRO L 307 -52.79 -52.29 -16.24
N LYS L 308 -51.89 -52.12 -15.26
CA LYS L 308 -52.24 -51.44 -14.02
C LYS L 308 -52.46 -49.94 -14.23
N VAL L 309 -53.20 -49.33 -13.31
CA VAL L 309 -53.39 -47.90 -13.24
C VAL L 309 -52.68 -47.37 -12.00
N PHE L 310 -51.82 -46.39 -12.18
CA PHE L 310 -51.07 -45.78 -11.10
C PHE L 310 -51.50 -44.32 -10.97
N PRO L 311 -51.20 -43.64 -9.86
CA PRO L 311 -51.63 -42.24 -9.74
C PRO L 311 -50.96 -41.35 -10.77
N ASN L 312 -51.63 -40.29 -11.15
CA ASN L 312 -51.15 -39.44 -12.24
C ASN L 312 -50.16 -38.40 -11.70
N THR L 313 -48.99 -38.89 -11.32
CA THR L 313 -47.85 -38.05 -11.02
C THR L 313 -46.75 -38.38 -12.01
N LYS L 314 -45.56 -37.85 -11.76
CA LYS L 314 -44.42 -38.18 -12.62
C LYS L 314 -43.98 -39.62 -12.41
N GLU L 315 -43.77 -39.99 -11.16
CA GLU L 315 -43.37 -41.36 -10.83
C GLU L 315 -44.46 -42.36 -11.18
N GLY L 316 -45.73 -41.94 -11.09
CA GLY L 316 -46.82 -42.83 -11.45
C GLY L 316 -46.85 -43.13 -12.92
N LYS L 317 -46.56 -42.15 -13.76
CA LYS L 317 -46.58 -42.45 -15.18
C LYS L 317 -45.35 -43.22 -15.60
N GLU L 318 -44.22 -43.06 -14.89
CA GLU L 318 -43.10 -43.94 -15.18
C GLU L 318 -43.41 -45.38 -14.82
N ALA L 319 -44.07 -45.59 -13.68
CA ALA L 319 -44.32 -46.95 -13.25
C ALA L 319 -45.41 -47.60 -14.11
N GLU L 320 -46.37 -46.81 -14.59
CA GLU L 320 -47.31 -47.34 -15.57
C GLU L 320 -46.62 -47.66 -16.89
N THR L 321 -45.64 -46.84 -17.27
CA THR L 321 -44.92 -47.08 -18.51
C THR L 321 -44.16 -48.39 -18.46
N ASN L 322 -43.55 -48.67 -17.31
CA ASN L 322 -42.82 -49.91 -17.17
C ASN L 322 -43.79 -51.07 -17.13
N TYR L 323 -44.94 -50.85 -16.52
CA TYR L 323 -45.85 -51.96 -16.34
C TYR L 323 -46.59 -52.30 -17.62
N LYS L 324 -46.74 -51.34 -18.54
CA LYS L 324 -47.30 -51.71 -19.84
C LYS L 324 -46.23 -52.18 -20.80
N LEU L 325 -44.96 -51.88 -20.53
CA LEU L 325 -43.92 -52.57 -21.30
C LEU L 325 -43.82 -54.02 -20.93
N GLY L 326 -44.08 -54.34 -19.66
CA GLY L 326 -43.91 -55.71 -19.23
C GLY L 326 -44.97 -56.64 -19.78
N THR L 327 -46.15 -56.13 -20.05
CA THR L 327 -47.26 -57.03 -20.32
C THR L 327 -47.55 -57.23 -21.79
N GLN L 328 -46.62 -56.99 -22.68
CA GLN L 328 -46.85 -57.24 -24.09
C GLN L 328 -45.79 -58.18 -24.64
N LEU L 329 -46.24 -59.18 -25.39
CA LEU L 329 -45.33 -60.22 -25.89
C LEU L 329 -44.17 -59.75 -26.76
N PRO L 330 -44.26 -58.75 -27.64
CA PRO L 330 -43.05 -58.37 -28.40
C PRO L 330 -41.97 -57.69 -27.58
N TYR L 331 -42.16 -57.55 -26.28
CA TYR L 331 -41.08 -57.16 -25.39
C TYR L 331 -40.67 -58.31 -24.48
N MET L 332 -41.64 -59.16 -24.12
CA MET L 332 -41.28 -60.31 -23.32
C MET L 332 -40.51 -61.35 -24.13
N MET L 333 -40.57 -61.28 -25.45
CA MET L 333 -39.67 -62.15 -26.20
C MET L 333 -38.25 -61.63 -26.15
N ILE L 334 -38.08 -60.31 -26.06
CA ILE L 334 -36.75 -59.75 -25.85
C ILE L 334 -36.19 -60.17 -24.51
N ILE L 335 -37.03 -60.10 -23.47
CA ILE L 335 -36.53 -60.48 -22.14
C ILE L 335 -36.36 -61.99 -22.02
N ASN L 336 -37.13 -62.76 -22.78
CA ASN L 336 -36.91 -64.20 -22.81
C ASN L 336 -35.57 -64.54 -23.45
N ARG L 337 -35.22 -63.85 -24.54
CA ARG L 337 -33.95 -64.17 -25.18
C ARG L 337 -32.77 -63.67 -24.36
N LEU L 338 -32.93 -62.56 -23.63
CA LEU L 338 -31.87 -62.18 -22.71
C LEU L 338 -31.77 -63.13 -21.54
N ALA L 339 -32.89 -63.68 -21.07
CA ALA L 339 -32.82 -64.62 -19.96
C ALA L 339 -32.14 -65.91 -20.41
N HIS L 340 -32.37 -66.30 -21.65
CA HIS L 340 -31.74 -67.51 -22.16
C HIS L 340 -30.25 -67.32 -22.37
N TYR L 341 -29.85 -66.19 -22.95
CA TYR L 341 -28.41 -65.97 -23.12
C TYR L 341 -27.71 -65.77 -21.79
N VAL L 342 -28.38 -65.18 -20.81
CA VAL L 342 -27.75 -64.95 -19.52
C VAL L 342 -27.57 -66.28 -18.77
N LYS L 343 -28.55 -67.16 -18.87
CA LYS L 343 -28.38 -68.47 -18.26
C LYS L 343 -27.30 -69.27 -18.96
N VAL L 344 -27.38 -69.37 -20.28
CA VAL L 344 -26.53 -70.29 -21.01
C VAL L 344 -25.08 -69.80 -21.03
N LEU L 345 -24.88 -68.50 -21.24
CA LEU L 345 -23.52 -67.99 -21.18
C LEU L 345 -22.99 -67.87 -19.76
N GLN L 346 -23.83 -67.49 -18.80
CA GLN L 346 -23.32 -67.35 -17.44
C GLN L 346 -23.28 -68.67 -16.70
N ARG L 347 -23.48 -69.80 -17.38
CA ARG L 347 -23.01 -71.06 -16.79
C ARG L 347 -21.59 -71.37 -17.20
N GLU L 348 -21.08 -70.73 -18.25
CA GLU L 348 -19.74 -71.06 -18.68
C GLU L 348 -18.69 -70.28 -17.90
N GLN L 349 -19.10 -69.36 -17.06
CA GLN L 349 -18.13 -68.60 -16.29
C GLN L 349 -18.03 -69.04 -14.84
N ILE L 350 -18.80 -70.04 -14.41
CA ILE L 350 -18.67 -70.56 -13.07
C ILE L 350 -17.30 -71.19 -12.92
N GLY L 351 -16.47 -70.58 -12.09
CA GLY L 351 -15.11 -71.02 -11.93
C GLY L 351 -14.08 -70.11 -12.51
N ALA L 352 -14.47 -68.93 -12.98
CA ALA L 352 -13.47 -67.98 -13.40
C ALA L 352 -13.24 -66.96 -12.28
N TRP L 353 -12.00 -66.47 -12.22
CA TRP L 353 -11.58 -65.53 -11.17
C TRP L 353 -12.27 -64.21 -11.43
N LYS L 354 -13.42 -64.01 -10.81
CA LYS L 354 -14.23 -62.83 -11.05
C LYS L 354 -14.39 -62.04 -9.76
N GLU L 355 -14.33 -60.74 -9.88
CA GLU L 355 -14.75 -59.87 -8.80
C GLU L 355 -16.10 -59.25 -9.13
N ARG L 356 -16.51 -58.28 -8.32
CA ARG L 356 -17.78 -57.61 -8.55
C ARG L 356 -17.72 -56.74 -9.80
N GLN L 357 -16.75 -55.83 -9.84
CA GLN L 357 -16.56 -54.99 -11.01
C GLN L 357 -16.14 -55.77 -12.25
N ASP L 358 -15.69 -57.01 -12.07
CA ASP L 358 -15.54 -57.90 -13.21
C ASP L 358 -16.89 -58.18 -13.84
N LEU L 359 -17.91 -58.45 -13.04
CA LEU L 359 -19.23 -58.69 -13.63
C LEU L 359 -19.83 -57.42 -14.18
N GLU L 360 -19.50 -56.26 -13.58
CA GLU L 360 -19.98 -55.02 -14.19
C GLU L 360 -19.35 -54.82 -15.56
N ARG L 361 -18.05 -55.10 -15.68
CA ARG L 361 -17.36 -54.83 -16.93
C ARG L 361 -17.75 -55.86 -17.98
N GLU L 362 -17.87 -57.12 -17.58
CA GLU L 362 -18.15 -58.15 -18.57
C GLU L 362 -19.61 -58.17 -18.98
N LEU L 363 -20.51 -57.80 -18.08
CA LEU L 363 -21.89 -57.73 -18.53
C LEU L 363 -22.15 -56.45 -19.32
N ASN L 364 -21.48 -55.34 -19.00
CA ASN L 364 -21.69 -54.13 -19.77
C ASN L 364 -21.08 -54.26 -21.16
N SER L 365 -19.89 -54.85 -21.26
CA SER L 365 -19.35 -55.15 -22.57
C SER L 365 -20.09 -56.30 -23.24
N TRP L 366 -20.83 -57.09 -22.47
CA TRP L 366 -21.66 -58.12 -23.06
C TRP L 366 -22.90 -57.54 -23.69
N ILE L 367 -23.43 -56.48 -23.08
CA ILE L 367 -24.72 -55.96 -23.48
C ILE L 367 -24.55 -54.75 -24.39
N LYS L 368 -23.32 -54.26 -24.58
CA LYS L 368 -23.10 -53.28 -25.64
C LYS L 368 -23.17 -53.91 -27.02
N GLN L 369 -23.22 -55.23 -27.08
CA GLN L 369 -23.62 -55.95 -28.27
C GLN L 369 -25.03 -55.58 -28.71
N TYR L 370 -25.94 -55.36 -27.78
CA TYR L 370 -27.35 -55.24 -28.12
C TYR L 370 -27.89 -53.83 -27.94
N VAL L 371 -27.03 -52.83 -27.85
CA VAL L 371 -27.47 -51.45 -27.67
C VAL L 371 -27.36 -50.73 -29.00
N ALA L 372 -28.45 -50.13 -29.45
CA ALA L 372 -28.45 -49.35 -30.67
C ALA L 372 -28.85 -47.93 -30.29
N ASP L 373 -27.89 -47.13 -29.83
CA ASP L 373 -28.19 -45.83 -29.23
C ASP L 373 -27.71 -44.66 -30.07
N GLN L 374 -27.78 -44.78 -31.39
CA GLN L 374 -27.44 -43.65 -32.23
C GLN L 374 -28.61 -42.68 -32.30
N GLU L 375 -28.51 -41.73 -33.22
CA GLU L 375 -29.55 -40.71 -33.31
C GLU L 375 -30.80 -41.27 -33.95
N ASN L 376 -30.65 -41.99 -35.03
CA ASN L 376 -31.82 -42.45 -35.76
C ASN L 376 -31.46 -43.71 -36.51
N PRO L 377 -31.49 -44.88 -35.86
CA PRO L 377 -31.16 -46.10 -36.58
C PRO L 377 -32.31 -46.53 -37.45
N PRO L 378 -32.04 -47.11 -38.62
CA PRO L 378 -33.13 -47.58 -39.47
C PRO L 378 -33.79 -48.84 -38.90
N ALA L 379 -34.80 -49.32 -39.62
CA ALA L 379 -35.69 -50.33 -39.03
C ALA L 379 -34.99 -51.67 -38.84
N ASP L 380 -34.02 -51.98 -39.67
CA ASP L 380 -33.36 -53.28 -39.58
C ASP L 380 -32.42 -53.35 -38.38
N VAL L 381 -31.64 -52.29 -38.17
CA VAL L 381 -30.69 -52.26 -37.07
C VAL L 381 -31.45 -52.19 -35.75
N ARG L 382 -32.60 -51.54 -35.75
CA ARG L 382 -33.50 -51.68 -34.61
C ARG L 382 -34.06 -53.08 -34.50
N SER L 383 -34.19 -53.79 -35.61
CA SER L 383 -34.81 -55.10 -35.54
C SER L 383 -33.86 -56.13 -34.96
N ARG L 384 -32.56 -55.97 -35.18
CA ARG L 384 -31.62 -56.95 -34.68
C ARG L 384 -30.82 -56.49 -33.47
N ARG L 385 -30.97 -55.24 -33.06
CA ARG L 385 -30.42 -54.76 -31.79
C ARG L 385 -31.56 -54.10 -31.04
N PRO L 386 -32.33 -54.86 -30.29
CA PRO L 386 -33.63 -54.35 -29.88
C PRO L 386 -33.61 -53.37 -28.75
N LEU L 387 -32.67 -53.47 -27.81
CA LEU L 387 -32.76 -52.67 -26.60
C LEU L 387 -31.89 -51.42 -26.72
N ARG L 388 -32.41 -50.28 -26.26
CA ARG L 388 -31.73 -49.02 -26.52
C ARG L 388 -30.80 -48.64 -25.38
N ALA L 389 -31.18 -48.95 -24.15
CA ALA L 389 -30.32 -48.64 -23.02
C ALA L 389 -30.18 -49.88 -22.14
N ALA L 390 -29.10 -49.92 -21.38
CA ALA L 390 -28.93 -51.00 -20.44
C ALA L 390 -28.16 -50.46 -19.24
N ARG L 391 -28.71 -50.70 -18.05
CA ARG L 391 -28.11 -50.25 -16.81
C ARG L 391 -27.98 -51.45 -15.89
N ILE L 392 -26.74 -51.85 -15.60
CA ILE L 392 -26.47 -53.07 -14.88
C ILE L 392 -25.85 -52.71 -13.54
N GLU L 393 -26.40 -53.26 -12.47
CA GLU L 393 -25.81 -53.12 -11.15
C GLU L 393 -25.44 -54.49 -10.62
N VAL L 394 -24.21 -54.63 -10.17
CA VAL L 394 -23.71 -55.89 -9.65
C VAL L 394 -23.33 -55.70 -8.19
N MET L 395 -23.93 -56.47 -7.31
CA MET L 395 -23.66 -56.41 -5.89
C MET L 395 -23.34 -57.80 -5.37
N ASP L 396 -22.74 -57.86 -4.18
CA ASP L 396 -22.36 -59.12 -3.58
C ASP L 396 -23.44 -59.58 -2.63
N VAL L 397 -23.63 -60.89 -2.54
CA VAL L 397 -24.40 -61.45 -1.45
C VAL L 397 -23.46 -61.48 -0.26
N GLU L 398 -23.71 -60.62 0.72
CA GLU L 398 -22.78 -60.44 1.83
C GLU L 398 -22.78 -61.68 2.72
N GLY L 399 -21.58 -62.12 3.09
CA GLY L 399 -21.49 -63.31 3.91
C GLY L 399 -21.73 -64.60 3.17
N ASN L 400 -21.67 -64.58 1.85
CA ASN L 400 -21.80 -65.79 1.05
C ASN L 400 -20.93 -65.61 -0.18
N PRO L 401 -19.65 -65.93 -0.07
CA PRO L 401 -18.64 -65.31 -0.93
C PRO L 401 -18.68 -65.82 -2.36
N GLY L 402 -18.41 -64.93 -3.29
CA GLY L 402 -18.50 -65.22 -4.69
C GLY L 402 -19.86 -64.97 -5.29
N TRP L 403 -20.93 -65.24 -4.56
CA TRP L 403 -22.28 -65.12 -5.06
C TRP L 403 -22.62 -63.66 -5.33
N TYR L 404 -22.88 -63.36 -6.59
CA TYR L 404 -23.08 -61.98 -7.01
C TYR L 404 -24.54 -61.78 -7.36
N GLN L 405 -25.02 -60.55 -7.18
CA GLN L 405 -26.44 -60.24 -7.30
C GLN L 405 -26.58 -59.12 -8.33
N VAL L 406 -27.26 -59.40 -9.43
CA VAL L 406 -27.22 -58.54 -10.60
C VAL L 406 -28.61 -58.09 -10.95
N SER L 407 -28.76 -56.80 -11.24
CA SER L 407 -30.00 -56.25 -11.80
C SER L 407 -29.72 -55.76 -13.20
N LEU L 408 -30.35 -56.39 -14.18
CA LEU L 408 -30.17 -56.04 -15.58
C LEU L 408 -31.47 -55.44 -16.09
N SER L 409 -31.46 -54.14 -16.35
CA SER L 409 -32.65 -53.40 -16.73
C SER L 409 -32.47 -52.82 -18.12
N VAL L 410 -33.42 -53.09 -19.00
CA VAL L 410 -33.31 -52.67 -20.39
C VAL L 410 -34.46 -51.73 -20.73
N ARG L 411 -34.30 -50.98 -21.82
CA ARG L 411 -35.32 -50.08 -22.34
C ARG L 411 -35.46 -50.34 -23.82
N PRO L 412 -36.46 -51.07 -24.26
CA PRO L 412 -36.52 -51.49 -25.66
C PRO L 412 -36.95 -50.36 -26.56
N HIS L 413 -36.83 -50.59 -27.85
CA HIS L 413 -37.41 -49.65 -28.81
C HIS L 413 -38.92 -49.74 -28.77
N PHE L 414 -39.55 -48.59 -28.63
CA PHE L 414 -41.00 -48.52 -28.63
C PHE L 414 -41.51 -48.72 -30.03
N LYS L 415 -42.43 -49.66 -30.19
CA LYS L 415 -43.03 -49.89 -31.48
C LYS L 415 -44.38 -49.18 -31.55
N TYR L 416 -44.67 -48.58 -32.70
CA TYR L 416 -45.77 -47.64 -32.89
C TYR L 416 -47.11 -48.36 -32.74
N MET L 417 -47.80 -48.15 -31.62
CA MET L 417 -49.05 -48.86 -31.37
C MET L 417 -50.19 -47.93 -30.99
N GLY L 418 -50.43 -46.88 -31.73
CA GLY L 418 -51.63 -46.10 -31.56
C GLY L 418 -51.32 -44.63 -31.41
N ALA L 419 -52.20 -43.80 -31.97
CA ALA L 419 -52.05 -42.36 -31.85
C ALA L 419 -53.40 -41.72 -32.00
N ASN L 420 -53.54 -40.51 -31.49
CA ASN L 420 -54.71 -39.68 -31.69
C ASN L 420 -54.35 -38.48 -32.54
N PHE L 421 -55.21 -38.14 -33.49
CA PHE L 421 -54.96 -37.01 -34.37
C PHE L 421 -56.07 -35.98 -34.23
N GLU L 422 -55.67 -34.72 -34.21
CA GLU L 422 -56.59 -33.60 -34.22
C GLU L 422 -56.17 -32.69 -35.37
N LEU L 423 -57.10 -32.40 -36.27
CA LEU L 423 -56.81 -31.55 -37.42
C LEU L 423 -57.60 -30.25 -37.31
N SER L 424 -57.06 -29.19 -37.91
CA SER L 424 -57.73 -27.90 -37.86
C SER L 424 -57.28 -27.00 -39.01
N LEU L 425 -58.23 -26.50 -39.77
CA LEU L 425 -57.91 -25.47 -40.74
C LEU L 425 -57.61 -24.18 -40.02
N VAL L 426 -56.65 -23.42 -40.53
CA VAL L 426 -56.31 -22.13 -39.95
C VAL L 426 -55.63 -21.28 -41.03
N GLY L 427 -55.78 -19.97 -40.92
CA GLY L 427 -54.98 -19.04 -41.70
C GLY L 427 -53.73 -18.72 -40.92
N ARG L 428 -52.97 -17.72 -41.40
CA ARG L 428 -51.94 -17.02 -40.64
C ARG L 428 -50.72 -17.90 -40.29
N LEU L 429 -50.72 -19.18 -40.63
CA LEU L 429 -49.69 -20.09 -40.17
C LEU L 429 -48.40 -19.91 -40.97
N ASP L 430 -47.27 -20.00 -40.28
CA ASP L 430 -45.96 -19.93 -40.91
C ASP L 430 -45.68 -21.18 -41.72
#